data_6ZN5
#
_entry.id   6ZN5
#
_cell.length_a   1.00
_cell.length_b   1.00
_cell.length_c   1.00
_cell.angle_alpha   90.00
_cell.angle_beta   90.00
_cell.angle_gamma   90.00
#
_symmetry.space_group_name_H-M   'P 1'
#
loop_
_entity.id
_entity.type
_entity.pdbx_description
1 polymer '40S ribosomal protein SA'
2 polymer '40S ribosomal protein S3a'
3 polymer '40S ribosomal protein S2'
4 polymer '40S ribosomal protein S4, X isoform'
5 polymer '40S ribosomal protein S3'
6 polymer '40S ribosomal protein S6'
7 polymer '40S ribosomal protein S7'
8 polymer '40S ribosomal protein S8'
9 polymer '40S ribosomal protein S9'
10 polymer '40S ribosomal protein S5'
11 polymer '40S ribosomal protein S11'
12 polymer '40S ribosomal protein S10'
13 polymer '40S ribosomal protein S13'
14 polymer '40S ribosomal protein S12'
15 polymer '40S ribosomal protein S14'
16 polymer '40S ribosomal protein S15'
17 polymer '40S ribosomal protein S16'
18 polymer '40S ribosomal protein S17'
19 polymer '40S ribosomal protein S18'
20 polymer '40S ribosomal protein S19'
21 polymer '40S ribosomal protein S20'
22 polymer '40S ribosomal protein S15a'
23 polymer '40S ribosomal protein S23'
24 polymer '40S ribosomal protein S24'
25 polymer '40S ribosomal protein S21'
26 polymer '40S ribosomal protein S25'
27 polymer '40S ribosomal protein S27'
28 polymer '40S ribosomal protein S26'
29 polymer '40S ribosomal protein S28'
30 polymer '40S ribosomal protein S30'
31 polymer '40S ribosomal protein S29'
32 polymer 'Ribosomal protein S27a'
33 polymer 'Receptor of activated protein C kinase 1'
34 polymer '18S ribosomal RNA'
35 polymer 'Non-structural protein 1'
36 polymer 'Pre-rRNA-processing protein TSR1 homolog'
37 non-polymer 'ZINC ION'
#
loop_
_entity_poly.entity_id
_entity_poly.type
_entity_poly.pdbx_seq_one_letter_code
_entity_poly.pdbx_strand_id
1 'polypeptide(L)'
;SGALDVLQMKEEDVLKFLAAGTHLGGTNLDFQMEQYIYKRKSDGIYIINLKRTWEKLLLAARAIVAIENPADVSVISSRN
TGQRAVLKFAAATGATPIAGRFTPGTFTNQIQAAFREPRLLVVTDPRADHQPLTEASYVNLPTIALCNTDSPLRYVDIAI
PCNNKGAHSVGLMWWMLAREVLRMRGTISREHPWEVMPDLYFYRDP
;
B
2 'polypeptide(L)'
;VVDPFSKKDWYDVKAPAMFNIRNIGKTLVTRTQGTKIASDGLKGRVFEVSLADLQNDEVAFRKFKLITEDVQGKNCLTNF
HGMDLTRDKMCSMVKKWQTMIEAHVDVKTTDGYLLRLFCVGFTKKRNNQIRKTSYAQHQQVRQIRKKMMEIMTREVQTND
LKEVVNKLIPDSIGKDIEKACQSIYPLHDVFVRKVKMLKKPKFELGKLMELHG
;
C
3 'polypeptide(L)'
;EWMPVTKLGRLVKDMKIKSLEEIYLFSLPIKESEIIDFFLGASLKDEVLKIMPVQKQTRAGQRTRFKAFVAIGDYNGHVG
LGVKCSKEVATAIRGAIILAKLSIVPVRRGYWGNKIGKPHTVPCKVTGRCGSVLVRLIPAPRGTGIVSAPVPKKLLMMAG
IDDCYTSARGCTATLGNFAKATFDAISKTYSYLTPDLWKETVFTKSPYQEFTDHLVKT
;
D
4 'polypeptide(L)'
;ARGPKKHLKRVAAPKHWMLDKLTGVFAPRPSTGPHKLRECLPLIIFLRNRLKYALTGDEVKKICMQRFIKIDGKVRTDIT
YPAGFMDVISIDKTGENFRLIYDTKGRFAVHRITPEEAKYKLCKVRKIFVGTKGIPHLVTHDARTIRYPDPLIKVNDTIQ
IDLETGKITDFIKFDTGNLCMVTGGANLGRIGVITNRERHPGSFDVVHVKDANGNSFATRLSNIFVIGKGNKPWISLPRG
KGIRLTIAEERDKRLAAKQSSG
;
E
5 'polypeptide(L)'
;VQISKKRKFVADGIFKAELNEFLTRELAEDGYSGVEVRVTPTRTEIIILATRTQNVLGEKGRRIRELTAVVQKRFGFPEG
SVELYAEKVATRGLCAIAQAESLRYKLLGGLAVRRACYGVLRFIMESGAKGCEVVVSGKLRGQRAKSMKFVDGLMIHSGD
PVNYYVDTAVRHVLLRQGVLGIKVKIMLPWDPTGKIGPKKPLPDHVSIVEPKDEILPTTPISEQK
;
F
6 'polypeptide(L)'
;MKLNISFPATGCQKLIEVDDERKLRTFYEKRMATEVAADALGEEWKGYVVRISGGNDKQGFPMKQGVLTHGRVRLLLSKG
HSCYRPRRTGERKRKSVRGCIVDANLSVLNLVIVKKGEKDIPGLTDTTVPRRLGPKRASRIRKLFNLSKEDDVRQYVVRK
PLNKEGKKPRTKAPKIQRLVTPRVLQHKRRRIALKKQRTKKNKEEAAEYAKLLAKRMKEAKEKRQEQIAK
;
G
7 'polypeptide(L)'
;IVKPNGEKPDEFESGISQALLELEMNSDLKAQLRELNITAAKEIEVGGGRKAIIIFVPVPQLKSFQKIQVRLVRELEKKF
SGKHVVFIAQRRILPKPTRKSRTKNKQKRPRSRTLTAVHDAILEDLVFPSEIVGKRIRVKLDGSRLIKVHLDKAQQNNVE
HKVETFSGVYKKLTGKDVNFEFPEFQ
;
H
8 'polypeptide(L)'
;GISRDNWHKRRKTGGKRKPYHKKRKYELGRPAANTKIGPRRIHTVRVRGGNKKYRALRLDVGNFSWGSECCTRKTRIIDV
VYNASNNELVRTKTLVKNCIVLIDSTPYRQWYESHYALPLGRKKGAKLTPEEEEILNKKRSKKIQKKYDERKKNAKISSL
LEEQFQQGKLLACIASRPGQCGRADGYVLEGKELEFYLRKIKARK
;
I
9 'polypeptide(L)'
;PVARSWVCRKTYVTPRRPFEKSRLDQELKLIGEYGLRNKREVWRVKFTLAKIRKAARELLTLDEKDPRRLFEGNALLRRL
VRIGVLDEGKMKLDYILGLKIEDFLERRLQTQVFKLGLAKSIHHARVLIRQRHIRVRKQVVNIPSFIVRLDSQKHIDFSL
RSPYGGGRPGRVKRKNAKKG
;
J
10 'polypeptide(L)'
;DIKLFGKWSTDDVQINDISLQDYIAVKEKYAKYLPHSAGRYAAKRFRKAQCPIVERLTNSMMMHGRNNGKKLMTVRIVKH
AFEIIHLLTGENPLQVLVNAIINSGPREDSTRIGRAGTVRRQAVDVSPLRRVNQAIWLLCTGAREAAFRNIKTIAECLAD
ELINAAKGSSNSYAIKKKDELERVAKSNR
;
K
11 'polypeptide(L)'
;ADIQTERAYQKQPTIFQNKKRVLLGETGKEKLPRYYKNIGLGFKTPKEAIEGTYIDKKCPFTGNVSIRGRILSGVVTKMK
MQRTIVIRRDYLHYIRKYNRFEKRHKNMSVHLSPCFRDVQIGDIVTVGECRPLSKTVRFNVLKVTKAAGTK
;
L
12 'polypeptide(L)'
;MPKKNRIAIYELLFKEGVMVAKKDVHMPKHPELADKNVPNLHVMKAMQSLKSRGYVKEQFAWRHFYWYLTNEGIQYLRDY
LHLPPEIVPATLRRS
;
M
13 'polypeptide(L)'
;GRMHAPGKGLSQSALPYRRSVPTWLKLTSDDVKEQIYKLAKKGLTPSQIGVILRDSHGVAQVRFVTGNKILRILKSKGLA
PDLPEDLYHLIKKAVAVRKHLERNRKDKDAKFRLILIESRIHRLARYYKTKRVLPPNWKYESSTASALV
;
N
14 'polypeptide(L)'
;GVMDVNTALQEVLKTALIHDGLARGIREAAKALDKRQAHLCVLASNCDEPMYVKLVEALCAEHQINLIKVDDNKKLGEWV
GLCKIDREGKPRKVVGCSCVVVKDYGKESQAKDVIEEYFKCKK
;
O
15 'polypeptide(L)'
;LGPQVAEGENVFGVCHIFASFNDTFVHVTDLSGKETICRVTGGMKVKADRDESSPYAAMLAAQDVAQRCKELGITALHIK
LRATGGNRTKTPGPGAQSALRALARSGMKIGRIEDVTPIPSDSTRRKGGRRGRRL
;
P
16 'polypeptide(L)'
;FTYRGVDLDQLLDMSYEQLMQLYSARQRRRLNRGLRRKQHSLLKRLRKAKKEAPPMEKPEVVKTHLRDMIILPEMVGSMV
GVYNGKTFNQVEIKPEMIGHYLGEFSITYKPVKHGRPGIG
;
Q
17 'polypeptide(L)'
;QSVQVFGRKKTATAVAHCKRGNGLIKVNGRPLEMIEPRTLQYKLLEPVLLLGKERFAGVDIRVRVKGGGHVAQIYAIRQS
ISKALVAYYQKYVDEASKKEIKDILIQYDRTLLVADPRRCESKKFGGPGARARYQKSYR
;
R
18 'polypeptide(L)'
;GRVRTKTVKKAARVIIEKYYTRLGNDFHTNKRVCEEIAIIPSKKLRNKIAGYVTHLMKRIQRGPVRGISIKLQEEERERR
DNYVPEVSALDQEIIEVDPDTKEMLKLLDFGSLSNLQVTQPTVGMNFKTPRG
;
S
19 'polypeptide(L)'
;LVIPEKFQHILRVLNTNIDGRRKIAFAITAIKGVGRRYAHVVLRKADIDLTKRAGELTEDEVERVITIMQNPRQYKIPDW
FLNRQKDVKDGKYSQVLANGLDNKLREDLERLKKIRAHRGLRHFWGLRVRGQHTKTTGRRGRT
;
T
20 'polypeptide(L)'
;PGVTVKDVNQQEFVRALAAFLKKSGKLKVPEWVDTVKLAKHKELAPYDENWFYTRAASTARHLYLRGGAGVGSMTKIYGG
RQRNGVMPSHFSRGSKSVARRVLQALEGLKMVEKDQDGGRKLTPQGQRDLDRIAGQVAAANKKH
;
U
21 'polypeptide(L)'
;IHRIRITLTSRNVKSLEKVCADLIRGAKEKNLKVKGPVRMPTKTLRITTRKTPCGEGSKTWDRFQMRIHKRLIDLHSPSE
IVKQITSISIEPGVEVEVTIA
;
V
22 'polypeptide(L)'
;VRMNVLADALKSINNAEKRGKRQVLIRPCSKVIVRFLTVMMKHGYIGEFEIIDDHRAGKIVVNLTGRLNKCGVISPRFDV
QLKDLEKWQNNLLPSRQFGFIVLTTSAGIMDHEEARRKHTGGKILGFFF
;
W
23 'polypeptide(L)'
;GKCRGLRTARKLRSHRRDQKWHDKQYKKAHLGTALKANPFGGASHAKGIVLEKVGVEAKQPNSAIRKCVRVQLIKNGKKI
TAFVPNDGCLNFIEENDEVLVAGFGRKGHAVGDIPGVRFKVVKVANVSLLALYKGKKERPR
;
X
24 'polypeptide(L)'
;DTVTIRTRKFMTNRLLQRKQMVIDVLHPGKATVPKTEIREKLAKMYKTTPDVIFVFGFRTHFGGGKTTGFGMIYDSLDYA
KKNEPKHRLARHGLYEKKKTSRKQRKERKNRMKKVRGTAKANVG
;
Y
25 'polypeptide(L)'
;MQNDAGEFVDLYVPRKCSASNRIIGAKDHASIQMNVAEVDKVTGRFNGQFKTYAICGAIRRMGESDDSILRLAKADGIVS
KN
;
Z
26 'polypeptide(L)' DKLNNLVLFDKATYDKLCKEVPNYKLITPAVVSERLKIRGSLARAALQELLSKGLIKLVSKHRAQVIYTRNT a
27 'polypeptide(L)'
;PLAKDLLHPSPEEEKRKHKKKRLVQSPNSYFMDVKCPGCYKITTVFSHAQTVVLCVGCSTVLCQPTGGKARLTEGCSFRR
KQ
;
b
28 'polypeptide(L)'
;TKKRRNNGRAKKGRGHVQPIRCTNCARCVPKDKAIKKFVIRNIVEAAAVRDISEASVFDAYVLPKLYVKLHYCVSCAIHS
KVVRNRSREARKDRTPPPRFR
;
c
29 'polypeptide(L)' PIKLARVTKVLGRTGSQGQCTQVRVEFMDDTSRSIIRNVKGPVREGDVLTLLESEREARRL d
30 'polypeptide(L)' GSLARAGKVRGQTPKVAKQEKKKKKTGRAKRRMQYNRRFVNVVPTFGKKKGPNANS e
31 'polypeptide(L)' HQQLYWSHPRKFGQGSRSCRVCSNRHGLIRKYGLNMCRQCFRQYAKDIGFIKLD f
32 'polypeptide(L)' KKRKKKSCTTPKKNKHKRKKVKLAVLKYYKVDENGKISRLRRECPSDECGAGVFMASHFDRHYCGKCCLTYC g
33 'polypeptide(L)'
;TEQMTLRGTLKGHNGWVTQIATTPQFPDMILSASRDKTIIMWKLTRDETNYGIPQRALRGHSHFVSDVVISSDGQFALSG
SWDGTLRLWDLTTGTTTRRFVGHTKDVLSVAFSSDNRQIVSGSRDKTIKLWNTLGVCKYTVQDESHSEWVSCVRFSPNSS
NPIIVSCGWDKLVKVWNLANCKLKTNHIGHTGYLNTVTVSPDGSLCASGGKDGQAMLWDLNEGKHLYTLDGGDIINALCF
SPNRYWLCAATGPSIKIWDLEGKIIVDELKQEVISTSSKAEPPQCTSLAWSADGQTLFAGYTDNLVRVWQVTIG
;
j
34 'polyribonucleotide'
;UACCUGGUUGAUCCUGCCAGUAGCAUAUGCUUGUCUCAAAGAUUAAGCCAUGCAUGUCUAAGUACGCACGGCCGGUACAG
UGAAACUGCGAAUGGCUCAUUAAAUCAGUUAUGGUUCCUUUGGUCGCUCGCUCCUCUCCUACUUGGAUAACUGUGGUAAU
UCUAGAGCUAAUACAUGCCGACGGGCGCUGACCCCCUUCGCGGGGGGGAUGCGUGCAUUUAUCAGAUCAAAACCAACCCG
GUCAGCCCCUCUCCGGCCCCGGCCGGGGGGCGGGCCGCGGCGGCUUUGGUGACUCUAGAUAACCUCGGGCCGAUCGCACG
CCCCCCGUGGCGGCGACGACCCAUUCGAACGUCUGCCCUAUCAACUUUCGAUGGUAGUCGCCGUGCCUACCAUGGUGACC
ACGGGUGACGGGGAAUCAGGGUUCGAUUCCGGAGAGGGAGCCUGAGAAACGGCUACCACAUCCAAGGAAGGCAGCAGGCG
CGCAAAUUACCCACUCCCGACCCGGGGAGGUAGUGACGAAAAAUAACAAUACAGGACUCUUUCGAGGCCCUGUAAUUGGA
AUGAGUCCACUUUAAAUCCUUUAACGAGGAUCCAUUGGAGGGCAAGUCUGGUGCCAGCAGCCGCGGUAAUUCCAGCUCCA
AUAGCGUAUAUUAAAGUUGCUGCAGUUAAAAAGCUCGUAGUUGGAUCUUGGGAGCGGGCGGGCGGUCCGCCGCGAGGCGA
GCCACCGCCCGUCCCCGCCCCUUGCCUCUCGGCGCCCCCUCGAUGCUCUUAGCUGAGUGUCCCGCGGGGCCCGAAGCGUU
UACUUUGAAAAAAUUAGAGUGUUCAAAGCAGGCCCGAGCCGCCUGGAUACCGCAGCUAGGAAUAAUGGAAUAGGACCGCG
GUUCUAUUUUGUUGGUUUUCGGAACUGAGGCCAUGAUUAAGAGGGACGGCCGGGGGCAUUCGUAUUGCGCCGCUAGAGGU
GAAAUUCUUGGACCGGCGCAAGACGGACCAGAGCGAAAGCAUUUGCCAAGAAUGUUUUCAUUAAUCAAGAACGAAAGUCG
GAGGUUCGAAGACGAUCAGAUACCGUCGUAGUUCCGACCAUAAACGAUGCCGACCGGCGAUGCGGCGGCGUUAUUCCCAU
GACCCGCCGGGCAGCUUCCGGGAAACCAAAGUCUUUGGGUUCCGGGGGGAGUAUGGUUGCAAAGCUGAAACUUAAAGGAA
UUGACGGAAGGGCACCACCAGGAGUGGAGCCUGCGGCUUAAUUUGACUCAACACGGGAAACCUCACCCGGCCCGGACACG
GACAGGAUUGACAGAUUGAUAGCUCUUUCUCGAUUCCGUGGGUGGUGGUGCAUGGCCGUUCUUAGUUGGUGGAGCGAUUU
GUCUGGUUAAUUCCGAUAACGAACGAGACUCUGGCAUGCUAACUAGUUACGCGACCCCCGAGCGGUCGGCGUCCCCCAAC
UUCUUAGAGGGACAAGUGGCGUUCAGCCACCCGAGAUUGAGCAAUAACAGGUCUGUGAUGCCCUUAGAUGUCCGGGGCUG
CACGCGCGCUACACUGACUGGCUCAGCGUGUGCCUACCCUACGCCGGCAGGCGCGGGUAACCCGUUGAACCCCAUUCGUG
AUGGGGAUCGGGGAUUGCAAUUAUUCCCCAUGAACGAGGAAUUCCCAGUAAGUGCGGGUCAUAAGCUUGCGUUGAUUAAG
UCCCUGCCCUUUGUACACACCGCCCGUCGCUACUACCGAUUGGAUGGUUUAGUGAGGCCCUCGGAUCGGCCCCGCCGGGG
UCGGCCCACGCCCUGGCGGAGCGCUGAGAAGACGGUCGAACUUGACUAUCUAGAGGAAGUAAAAGUCGUAACAAGGUUUC
CGUAGGUGAACCUGCGGAAGGAUCAUUA
;
2
35 'polypeptide(L)'
;MESLVPGFNEKTHVQLSLPVLQVRDVLVRGFGDSVEEVLSEARQHLKDGTCGLVEVEKGVLPQLEQPYVFIKRSDARTAP
HGHVMVELVAELEGIQYGRSGETLGVLVPHVGEIPVAYRKVLLRKNGNKGAGGHSYGADLKSFDLGDELGTDPYEDFQEN
WNTKHSSGVTRELMRELNGG
;
i
36 'polypeptide(L)'
;MAAHRPGPLKQQNKAHKGGRHRGRGSAQRDGKGRLALKTLSKKVRKELSRVDQRHRASQLRKQKKEAVLAEKRQLGGKDG
PPHQVLVVPLHSRISLPEAMQLLQDRDTGTVHLNELGNTQNFMLLCPRLKHRWFFTSARPGDLHVVLDMAKVADTILFLL
DPLEGWDSTGDYCLSCLFAQGLPTYTLAVQGISGLPLKKQIDTRKKLSKAVEKRFPHDKLLLLDTQQEAGMLLRQLANQK
QQHLAFRDRRAYLFAHAVDFVPSEENNLVGTLKISGYVRGQTLNVNRLLHIVGYGDFQMKQIDAPGDPFPLNPRGIKPQK
DPDMAMEICATDAVDDMEEGLKVLMKADPGRQESLQAEVIPDPMEGEQTWPTEEELSEAKDFLKESSKVVKKVPKGTSSY
QAEWILDGGSQSGGEGDEYEYDDMEHEDFMEEESQDESSEEEEEYETMTIGESVHDDLYDKKVDEEAEAKMLEKYKQERL
EEMFPDEVDTPRDVAARIRFQKYRGLKSFRTSPWDPKENLPQDYARIFQFQNFTNTRKSIFKEVEEKEVEGAEVGWYVTL
HVSEVPVSVVECFRQGTPLIAFSLLPHEQKMSVLNMVVRRDPGNTEPVKAKEELIFHCGFRRFRASPLFSQHTAADKHKL
QRFLTADMALVATVYAPITFPPASVLLFKQKSNGMHSLIATGHLMSVDPDRMVIKRVVLSGHPFKIFTKMAVVRYMFFNR
EDVLWFKPVELRTKWGRRGHIKEPLGTHGHMKCSFDGKLKSQDTVLMNLYKRVFPKWTYDPYVPEPVPWLKSEISSTVPQ
GGME
;
u
#
loop_
_chem_comp.id
_chem_comp.type
_chem_comp.name
_chem_comp.formula
A RNA linking ADENOSINE-5'-MONOPHOSPHATE 'C10 H14 N5 O7 P'
C RNA linking CYTIDINE-5'-MONOPHOSPHATE 'C9 H14 N3 O8 P'
G RNA linking GUANOSINE-5'-MONOPHOSPHATE 'C10 H14 N5 O8 P'
U RNA linking URIDINE-5'-MONOPHOSPHATE 'C9 H13 N2 O9 P'
ZN non-polymer 'ZINC ION' 'Zn 2'
#
# COMPACT_ATOMS: atom_id res chain seq x y z
N SER A 1 56.93 17.26 -20.98
CA SER A 1 58.33 17.55 -21.32
C SER A 1 59.12 17.99 -20.11
N GLY A 2 59.62 17.04 -19.33
CA GLY A 2 60.20 17.34 -18.03
C GLY A 2 61.54 18.02 -18.09
N ALA A 3 61.54 19.29 -18.51
CA ALA A 3 62.71 20.14 -18.74
C ALA A 3 63.66 19.55 -19.76
N LEU A 4 63.17 18.69 -20.64
CA LEU A 4 63.98 18.11 -21.70
C LEU A 4 63.94 19.02 -22.91
N ASP A 5 65.11 19.37 -23.41
CA ASP A 5 65.20 20.24 -24.58
C ASP A 5 64.90 19.54 -25.88
N VAL A 6 64.75 18.22 -25.88
CA VAL A 6 64.37 17.52 -27.08
C VAL A 6 62.88 17.69 -27.35
N LEU A 7 62.10 17.89 -26.30
CA LEU A 7 60.65 17.92 -26.37
C LEU A 7 60.08 19.32 -26.30
N GLN A 8 60.93 20.35 -26.32
CA GLN A 8 60.45 21.71 -26.16
C GLN A 8 59.82 22.21 -27.44
N MET A 9 58.99 23.25 -27.30
CA MET A 9 58.24 23.77 -28.44
C MET A 9 59.15 24.57 -29.35
N LYS A 10 59.12 24.24 -30.64
CA LYS A 10 60.01 24.87 -31.58
C LYS A 10 59.35 26.09 -32.22
N GLU A 11 60.11 26.77 -33.06
CA GLU A 11 59.62 28.00 -33.65
C GLU A 11 58.54 27.77 -34.70
N GLU A 12 58.55 26.62 -35.37
CA GLU A 12 57.60 26.36 -36.43
C GLU A 12 56.23 25.99 -35.87
N ASP A 13 56.19 25.28 -34.74
CA ASP A 13 54.94 24.83 -34.16
C ASP A 13 54.11 25.98 -33.64
N VAL A 14 54.76 27.04 -33.16
CA VAL A 14 54.01 28.20 -32.72
C VAL A 14 53.44 28.95 -33.90
N LEU A 15 54.15 28.94 -35.03
CA LEU A 15 53.59 29.53 -36.24
C LEU A 15 52.38 28.77 -36.71
N LYS A 16 52.40 27.44 -36.56
CA LYS A 16 51.23 26.65 -36.88
C LYS A 16 50.07 26.95 -35.94
N PHE A 17 50.36 27.06 -34.63
CA PHE A 17 49.32 27.34 -33.64
C PHE A 17 48.67 28.70 -33.89
N LEU A 18 49.47 29.71 -34.18
CA LEU A 18 48.94 31.03 -34.43
C LEU A 18 48.29 31.16 -35.79
N ALA A 19 48.71 30.35 -36.77
CA ALA A 19 48.07 30.39 -38.07
C ALA A 19 46.73 29.68 -38.05
N ALA A 20 46.58 28.66 -37.20
CA ALA A 20 45.28 28.02 -37.08
C ALA A 20 44.41 28.75 -36.08
N GLY A 21 45.01 29.35 -35.06
CA GLY A 21 44.25 30.05 -34.06
C GLY A 21 43.88 29.23 -32.86
N THR A 22 44.73 28.27 -32.47
CA THR A 22 44.44 27.47 -31.29
C THR A 22 44.51 28.27 -30.01
N HIS A 23 45.21 29.39 -30.02
CA HIS A 23 45.40 30.18 -28.82
C HIS A 23 44.18 31.02 -28.47
N LEU A 24 43.16 31.07 -29.32
CA LEU A 24 42.00 31.93 -29.10
C LEU A 24 40.84 31.12 -28.56
N GLY A 25 40.57 31.25 -27.29
CA GLY A 25 39.47 30.55 -26.66
C GLY A 25 38.15 31.25 -26.90
N GLY A 26 37.16 30.90 -26.11
CA GLY A 26 35.82 31.38 -26.28
C GLY A 26 35.61 32.73 -25.64
N THR A 27 34.36 33.01 -25.33
CA THR A 27 33.98 34.24 -24.64
C THR A 27 33.53 33.99 -23.21
N ASN A 28 33.71 32.77 -22.73
CA ASN A 28 33.44 32.41 -21.35
C ASN A 28 34.61 31.61 -20.82
N LEU A 29 34.60 31.35 -19.53
CA LEU A 29 35.65 30.55 -18.91
C LEU A 29 35.01 29.66 -17.88
N ASP A 30 35.30 28.37 -17.94
CA ASP A 30 34.93 27.52 -16.84
C ASP A 30 35.88 27.75 -15.69
N PHE A 31 35.44 27.48 -14.47
CA PHE A 31 36.31 27.70 -13.34
C PHE A 31 37.38 26.63 -13.21
N GLN A 32 37.20 25.50 -13.88
CA GLN A 32 38.23 24.48 -13.92
C GLN A 32 39.38 24.90 -14.83
N MET A 33 39.09 25.73 -15.83
CA MET A 33 40.02 26.02 -16.91
C MET A 33 40.74 27.34 -16.74
N GLU A 34 40.63 27.98 -15.58
CA GLU A 34 41.31 29.26 -15.36
C GLU A 34 42.80 29.08 -15.20
N GLN A 35 43.25 27.84 -14.98
CA GLN A 35 44.67 27.55 -14.85
C GLN A 35 45.38 27.68 -16.17
N TYR A 36 44.68 27.42 -17.27
CA TYR A 36 45.27 27.38 -18.59
C TYR A 36 45.11 28.68 -19.34
N ILE A 37 44.70 29.72 -18.69
CA ILE A 37 44.41 30.94 -19.41
C ILE A 37 45.59 31.88 -19.24
N TYR A 38 45.76 32.79 -20.19
CA TYR A 38 46.75 33.84 -20.05
C TYR A 38 46.10 35.13 -19.59
N LYS A 39 45.18 35.67 -20.39
CA LYS A 39 44.44 36.86 -20.02
C LYS A 39 43.24 36.99 -20.96
N ARG A 40 42.33 37.86 -20.58
CA ARG A 40 41.19 38.23 -21.41
C ARG A 40 41.49 39.58 -22.03
N LYS A 41 41.38 39.66 -23.34
CA LYS A 41 41.62 40.93 -24.01
C LYS A 41 40.31 41.69 -24.15
N SER A 42 40.32 42.77 -24.92
CA SER A 42 39.07 43.38 -25.33
C SER A 42 38.40 42.48 -26.35
N ASP A 43 37.11 42.71 -26.54
CA ASP A 43 36.19 41.85 -27.30
C ASP A 43 36.17 40.42 -26.74
N GLY A 44 36.37 40.30 -25.43
CA GLY A 44 36.00 39.12 -24.68
C GLY A 44 36.79 37.84 -24.84
N ILE A 45 37.54 37.70 -25.93
CA ILE A 45 38.11 36.41 -26.29
C ILE A 45 39.31 36.14 -25.40
N TYR A 46 39.23 35.06 -24.63
CA TYR A 46 40.34 34.66 -23.79
C TYR A 46 41.47 34.14 -24.64
N ILE A 47 42.70 34.43 -24.24
CA ILE A 47 43.88 34.01 -24.97
C ILE A 47 44.45 32.81 -24.25
N ILE A 48 44.38 31.64 -24.87
CA ILE A 48 44.84 30.42 -24.23
C ILE A 48 46.36 30.40 -24.22
N ASN A 49 46.94 30.16 -23.05
CA ASN A 49 48.38 30.01 -22.92
C ASN A 49 48.85 28.83 -23.76
N LEU A 50 50.00 28.99 -24.40
CA LEU A 50 50.50 27.95 -25.30
C LEU A 50 51.65 27.15 -24.73
N LYS A 51 52.36 27.64 -23.72
CA LYS A 51 53.26 26.75 -23.02
C LYS A 51 52.51 25.76 -22.16
N ARG A 52 51.29 26.11 -21.75
CA ARG A 52 50.48 25.14 -21.04
C ARG A 52 49.90 24.10 -21.98
N THR A 53 49.55 24.51 -23.20
CA THR A 53 48.96 23.60 -24.18
C THR A 53 49.96 22.53 -24.61
N TRP A 54 51.19 22.93 -24.88
CA TRP A 54 52.21 22.00 -25.34
C TRP A 54 52.60 21.00 -24.26
N GLU A 55 52.41 21.34 -22.99
CA GLU A 55 52.69 20.36 -21.96
C GLU A 55 51.55 19.39 -21.77
N LYS A 56 50.33 19.75 -22.16
CA LYS A 56 49.24 18.80 -22.02
C LYS A 56 49.14 17.85 -23.19
N LEU A 57 49.65 18.24 -24.36
CA LEU A 57 49.80 17.28 -25.44
C LEU A 57 50.84 16.24 -25.08
N LEU A 58 51.98 16.68 -24.58
CA LEU A 58 53.05 15.76 -24.27
C LEU A 58 52.78 14.95 -23.00
N LEU A 59 51.87 15.39 -22.15
CA LEU A 59 51.37 14.49 -21.12
C LEU A 59 50.46 13.45 -21.75
N ALA A 60 49.61 13.86 -22.68
CA ALA A 60 48.63 12.96 -23.25
C ALA A 60 49.29 11.97 -24.19
N ALA A 61 50.32 12.40 -24.90
CA ALA A 61 51.05 11.50 -25.77
C ALA A 61 51.80 10.44 -24.98
N ARG A 62 52.28 10.77 -23.78
CA ARG A 62 52.85 9.75 -22.91
C ARG A 62 51.80 8.75 -22.48
N ALA A 63 50.57 9.22 -22.27
CA ALA A 63 49.47 8.34 -21.88
C ALA A 63 49.13 7.37 -23.00
N ILE A 64 49.10 7.86 -24.23
CA ILE A 64 48.78 7.01 -25.37
C ILE A 64 49.93 6.05 -25.66
N VAL A 65 51.17 6.51 -25.52
CA VAL A 65 52.32 5.66 -25.78
C VAL A 65 52.45 4.56 -24.72
N ALA A 66 52.06 4.84 -23.48
CA ALA A 66 52.19 3.85 -22.42
C ALA A 66 51.17 2.73 -22.51
N ILE A 67 50.32 2.70 -23.51
CA ILE A 67 49.47 1.55 -23.80
C ILE A 67 50.20 0.65 -24.78
N GLU A 68 50.25 -0.64 -24.47
CA GLU A 68 50.95 -1.57 -25.34
C GLU A 68 50.20 -1.79 -26.64
N ASN A 69 48.99 -2.31 -26.54
CA ASN A 69 48.15 -2.62 -27.69
C ASN A 69 47.71 -1.33 -28.33
N PRO A 70 48.18 -0.99 -29.54
CA PRO A 70 47.87 0.33 -30.10
C PRO A 70 46.43 0.50 -30.50
N ALA A 71 45.66 -0.58 -30.57
CA ALA A 71 44.26 -0.53 -30.95
C ALA A 71 43.35 -0.60 -29.73
N ASP A 72 43.85 -0.29 -28.54
CA ASP A 72 42.99 -0.13 -27.38
C ASP A 72 42.61 1.32 -27.11
N VAL A 73 43.27 2.27 -27.72
CA VAL A 73 42.82 3.65 -27.66
C VAL A 73 41.61 3.79 -28.57
N SER A 74 40.58 4.48 -28.09
CA SER A 74 39.36 4.67 -28.86
C SER A 74 39.15 6.15 -29.04
N VAL A 75 39.03 6.58 -30.28
CA VAL A 75 39.18 7.96 -30.68
C VAL A 75 37.86 8.43 -31.27
N ILE A 76 37.27 9.47 -30.68
CA ILE A 76 35.85 9.72 -30.83
C ILE A 76 35.61 11.17 -31.20
N SER A 77 34.79 11.41 -32.23
CA SER A 77 34.24 12.73 -32.49
C SER A 77 32.84 12.61 -33.06
N SER A 78 31.97 13.52 -32.63
CA SER A 78 30.57 13.54 -33.03
C SER A 78 30.21 14.74 -33.88
N ARG A 79 30.76 15.91 -33.58
CA ARG A 79 30.73 17.02 -34.52
C ARG A 79 31.57 16.67 -35.75
N ASN A 80 31.16 17.20 -36.89
CA ASN A 80 31.84 16.85 -38.13
C ASN A 80 33.14 17.60 -38.34
N THR A 81 33.47 18.57 -37.48
CA THR A 81 34.76 19.22 -37.59
C THR A 81 35.91 18.35 -37.14
N GLY A 82 35.64 17.25 -36.46
CA GLY A 82 36.70 16.37 -36.05
C GLY A 82 36.49 14.95 -36.55
N GLN A 83 35.67 14.77 -37.58
CA GLN A 83 35.42 13.43 -38.09
C GLN A 83 36.42 13.00 -39.15
N ARG A 84 37.00 13.93 -39.91
CA ARG A 84 38.12 13.56 -40.75
C ARG A 84 39.40 13.47 -39.94
N ALA A 85 39.52 14.33 -38.92
CA ALA A 85 40.73 14.38 -38.12
C ALA A 85 40.92 13.16 -37.25
N VAL A 86 39.89 12.35 -37.07
CA VAL A 86 39.95 11.18 -36.23
C VAL A 86 40.22 9.91 -37.02
N LEU A 87 39.65 9.81 -38.22
CA LEU A 87 39.97 8.69 -39.10
C LEU A 87 41.40 8.73 -39.59
N LYS A 88 42.00 9.91 -39.65
CA LYS A 88 43.38 10.03 -40.07
C LYS A 88 44.36 9.92 -38.91
N PHE A 89 43.91 10.24 -37.70
CA PHE A 89 44.72 10.00 -36.52
C PHE A 89 44.81 8.52 -36.24
N ALA A 90 43.68 7.83 -36.32
CA ALA A 90 43.64 6.39 -36.10
C ALA A 90 44.28 5.60 -37.23
N ALA A 91 44.44 6.20 -38.40
CA ALA A 91 45.10 5.50 -39.49
C ALA A 91 46.60 5.45 -39.26
N ALA A 92 47.20 6.57 -38.89
CA ALA A 92 48.64 6.60 -38.70
C ALA A 92 49.04 6.03 -37.35
N THR A 93 48.20 6.16 -36.34
CA THR A 93 48.58 5.63 -35.03
C THR A 93 48.26 4.17 -34.89
N GLY A 94 46.99 3.81 -35.00
CA GLY A 94 46.62 2.42 -34.89
C GLY A 94 45.39 2.25 -34.05
N ALA A 95 44.80 3.36 -33.65
CA ALA A 95 43.70 3.35 -32.69
C ALA A 95 42.40 2.93 -33.38
N THR A 96 41.30 3.00 -32.64
CA THR A 96 40.00 2.56 -33.14
C THR A 96 39.07 3.74 -33.15
N PRO A 97 38.61 4.22 -34.30
CA PRO A 97 37.77 5.42 -34.31
C PRO A 97 36.27 5.15 -34.22
N ILE A 98 35.57 6.08 -33.58
CA ILE A 98 34.11 6.15 -33.65
C ILE A 98 33.76 7.57 -34.10
N ALA A 99 33.73 7.79 -35.40
CA ALA A 99 33.37 9.09 -35.93
C ALA A 99 31.91 9.05 -36.34
N GLY A 100 31.18 10.08 -35.98
CA GLY A 100 29.75 10.06 -36.25
C GLY A 100 28.94 9.99 -34.98
N ARG A 101 27.99 9.08 -34.93
CA ARG A 101 27.06 8.98 -33.83
C ARG A 101 27.48 7.81 -32.93
N PHE A 102 27.74 8.10 -31.67
CA PHE A 102 28.06 7.09 -30.66
C PHE A 102 26.74 6.63 -30.09
N THR A 103 26.30 5.44 -30.47
CA THR A 103 25.09 4.92 -29.88
C THR A 103 25.38 4.50 -28.45
N PRO A 104 24.49 4.79 -27.51
CA PRO A 104 24.79 4.51 -26.12
C PRO A 104 24.74 3.03 -25.83
N GLY A 105 25.53 2.62 -24.87
CA GLY A 105 25.64 1.23 -24.57
C GLY A 105 26.74 0.54 -25.31
N THR A 106 27.57 1.30 -26.02
CA THR A 106 28.72 0.75 -26.71
C THR A 106 29.71 0.17 -25.71
N PHE A 107 29.86 0.80 -24.55
CA PHE A 107 30.81 0.31 -23.56
C PHE A 107 30.16 -0.50 -22.44
N THR A 108 28.85 -0.45 -22.26
CA THR A 108 28.17 -1.18 -21.20
C THR A 108 27.47 -2.44 -21.66
N ASN A 109 26.67 -2.37 -22.72
CA ASN A 109 25.83 -3.48 -23.15
C ASN A 109 26.68 -4.50 -23.89
N GLN A 110 27.04 -5.57 -23.22
CA GLN A 110 27.94 -6.58 -23.79
C GLN A 110 27.26 -7.46 -24.82
N ILE A 111 25.94 -7.41 -24.92
CA ILE A 111 25.16 -8.16 -25.90
C ILE A 111 25.16 -7.50 -27.27
N GLN A 112 25.36 -6.18 -27.31
CA GLN A 112 25.29 -5.37 -28.51
C GLN A 112 26.29 -5.78 -29.59
N ALA A 113 26.04 -5.26 -30.79
CA ALA A 113 26.91 -5.52 -31.93
C ALA A 113 28.17 -4.67 -31.88
N ALA A 114 28.04 -3.40 -31.51
CA ALA A 114 29.16 -2.48 -31.50
C ALA A 114 29.83 -2.42 -30.15
N PHE A 115 29.83 -3.51 -29.40
CA PHE A 115 30.48 -3.55 -28.10
C PHE A 115 31.99 -3.60 -28.28
N ARG A 116 32.69 -2.74 -27.58
CA ARG A 116 34.13 -2.83 -27.48
C ARG A 116 34.53 -2.29 -26.13
N GLU A 117 35.75 -2.64 -25.71
CA GLU A 117 36.26 -2.32 -24.38
C GLU A 117 37.62 -1.66 -24.50
N PRO A 118 37.65 -0.34 -24.62
CA PRO A 118 38.93 0.35 -24.75
C PRO A 118 39.66 0.44 -23.42
N ARG A 119 40.92 0.83 -23.50
CA ARG A 119 41.71 1.11 -22.32
C ARG A 119 41.91 2.59 -22.09
N LEU A 120 41.61 3.42 -23.08
CA LEU A 120 41.74 4.86 -22.97
C LEU A 120 40.87 5.48 -24.02
N LEU A 121 40.22 6.58 -23.66
CA LEU A 121 39.31 7.28 -24.54
C LEU A 121 39.89 8.64 -24.87
N VAL A 122 39.84 8.99 -26.15
CA VAL A 122 40.18 10.34 -26.60
C VAL A 122 38.95 10.89 -27.28
N VAL A 123 38.38 11.95 -26.72
CA VAL A 123 37.23 12.59 -27.33
C VAL A 123 37.68 13.96 -27.80
N THR A 124 36.78 14.72 -28.38
CA THR A 124 37.12 15.97 -29.04
C THR A 124 36.44 17.18 -28.46
N ASP A 125 35.32 17.02 -27.82
CA ASP A 125 34.58 18.18 -27.36
C ASP A 125 33.64 17.76 -26.24
N PRO A 126 34.07 17.81 -24.97
CA PRO A 126 33.23 17.27 -23.88
C PRO A 126 31.88 17.94 -23.68
N ARG A 127 31.64 19.13 -24.23
CA ARG A 127 30.25 19.60 -24.32
C ARG A 127 29.46 18.71 -25.24
N ALA A 128 30.03 18.39 -26.41
CA ALA A 128 29.27 17.78 -27.49
C ALA A 128 29.11 16.28 -27.28
N ASP A 129 30.22 15.56 -27.24
CA ASP A 129 30.14 14.13 -27.02
C ASP A 129 30.37 13.82 -25.54
N HIS A 130 29.36 14.18 -24.77
CA HIS A 130 29.32 13.80 -23.37
C HIS A 130 28.90 12.37 -23.16
N GLN A 131 28.25 11.77 -24.13
CA GLN A 131 27.71 10.44 -23.94
C GLN A 131 28.81 9.38 -23.93
N PRO A 132 29.90 9.48 -24.71
CA PRO A 132 31.05 8.64 -24.39
C PRO A 132 31.76 9.00 -23.10
N LEU A 133 31.54 10.19 -22.53
CA LEU A 133 32.19 10.51 -21.26
C LEU A 133 31.49 9.88 -20.09
N THR A 134 30.17 10.04 -19.99
CA THR A 134 29.48 9.48 -18.84
C THR A 134 29.44 7.97 -18.90
N GLU A 135 29.56 7.38 -20.08
CA GLU A 135 29.59 5.94 -20.22
C GLU A 135 30.95 5.36 -19.94
N ALA A 136 31.97 6.19 -19.93
CA ALA A 136 33.29 5.74 -19.50
C ALA A 136 33.33 5.53 -18.01
N SER A 137 32.56 6.26 -17.26
CA SER A 137 32.58 6.18 -15.82
C SER A 137 31.83 4.98 -15.28
N TYR A 138 31.41 4.07 -16.13
CA TYR A 138 30.89 2.79 -15.72
C TYR A 138 31.90 1.66 -15.92
N VAL A 139 32.93 1.88 -16.72
CA VAL A 139 33.81 0.81 -17.18
C VAL A 139 35.28 1.16 -16.98
N ASN A 140 35.56 2.18 -16.15
CA ASN A 140 36.90 2.58 -15.70
C ASN A 140 37.80 3.04 -16.85
N LEU A 141 37.36 4.06 -17.59
CA LEU A 141 38.15 4.54 -18.72
C LEU A 141 38.79 5.88 -18.45
N PRO A 142 40.12 5.99 -18.48
CA PRO A 142 40.75 7.31 -18.44
C PRO A 142 40.48 8.07 -19.72
N THR A 143 40.51 9.40 -19.64
CA THR A 143 39.96 10.19 -20.74
C THR A 143 40.75 11.45 -21.03
N ILE A 144 41.25 11.57 -22.25
CA ILE A 144 41.75 12.81 -22.83
C ILE A 144 40.59 13.52 -23.52
N ALA A 145 40.51 14.84 -23.41
CA ALA A 145 39.54 15.59 -24.19
C ALA A 145 40.14 16.89 -24.67
N LEU A 146 40.04 17.17 -25.96
CA LEU A 146 40.54 18.41 -26.53
C LEU A 146 39.62 19.53 -26.09
N CYS A 147 39.97 20.24 -25.04
CA CYS A 147 39.00 21.06 -24.33
C CYS A 147 39.14 22.56 -24.62
N ASN A 148 38.01 23.23 -24.80
CA ASN A 148 37.97 24.68 -24.93
C ASN A 148 37.93 25.29 -23.55
N THR A 149 37.89 26.62 -23.47
CA THR A 149 37.84 27.26 -22.17
C THR A 149 36.49 27.09 -21.51
N ASP A 150 35.41 27.22 -22.26
CA ASP A 150 34.07 26.97 -21.74
C ASP A 150 33.65 25.56 -22.13
N SER A 151 34.24 24.59 -21.47
CA SER A 151 33.84 23.21 -21.65
C SER A 151 34.20 22.45 -20.39
N PRO A 152 33.26 21.78 -19.76
CA PRO A 152 33.42 21.35 -18.37
C PRO A 152 34.15 20.03 -18.21
N LEU A 153 34.93 19.96 -17.14
CA LEU A 153 35.99 18.98 -16.97
C LEU A 153 35.58 17.78 -16.15
N ARG A 154 34.32 17.46 -16.14
CA ARG A 154 33.84 16.31 -15.40
C ARG A 154 34.11 15.06 -16.20
N TYR A 155 34.77 14.09 -15.56
CA TYR A 155 35.21 12.79 -16.05
C TYR A 155 36.38 12.83 -17.02
N VAL A 156 36.85 14.00 -17.42
CA VAL A 156 38.05 14.04 -18.22
C VAL A 156 39.25 13.89 -17.30
N ASP A 157 40.37 13.46 -17.85
CA ASP A 157 41.51 13.20 -17.00
C ASP A 157 42.72 14.05 -17.31
N ILE A 158 43.03 14.26 -18.59
CA ILE A 158 44.01 15.26 -18.99
C ILE A 158 43.51 16.04 -20.19
N ALA A 159 42.87 17.17 -19.95
CA ALA A 159 42.16 17.92 -20.99
C ALA A 159 43.04 19.02 -21.53
N ILE A 160 43.42 18.88 -22.79
CA ILE A 160 44.28 19.80 -23.53
C ILE A 160 43.56 21.11 -23.78
N PRO A 161 44.11 22.24 -23.35
CA PRO A 161 43.44 23.52 -23.57
C PRO A 161 43.64 24.06 -24.98
N CYS A 162 42.78 23.69 -25.90
CA CYS A 162 42.89 24.18 -27.27
C CYS A 162 41.64 24.97 -27.61
N ASN A 163 41.52 25.34 -28.87
CA ASN A 163 40.32 25.99 -29.41
C ASN A 163 39.64 24.96 -30.28
N ASN A 164 38.62 24.29 -29.75
CA ASN A 164 37.97 23.22 -30.50
C ASN A 164 36.74 23.68 -31.25
N LYS A 165 36.70 24.93 -31.68
CA LYS A 165 35.57 25.37 -32.49
C LYS A 165 35.95 25.56 -33.94
N GLY A 166 37.11 26.12 -34.23
CA GLY A 166 37.51 26.33 -35.60
C GLY A 166 38.01 25.04 -36.24
N ALA A 167 37.76 24.93 -37.54
CA ALA A 167 38.01 23.67 -38.23
C ALA A 167 39.49 23.39 -38.43
N HIS A 168 40.31 24.44 -38.51
CA HIS A 168 41.74 24.23 -38.65
C HIS A 168 42.38 23.90 -37.31
N SER A 169 41.89 24.52 -36.25
CA SER A 169 42.46 24.34 -34.93
C SER A 169 42.18 22.97 -34.34
N VAL A 170 41.18 22.26 -34.84
CA VAL A 170 40.95 20.90 -34.38
C VAL A 170 41.88 19.93 -35.10
N GLY A 171 41.97 20.08 -36.42
CA GLY A 171 42.83 19.23 -37.21
C GLY A 171 44.29 19.38 -36.87
N LEU A 172 44.71 20.59 -36.50
CA LEU A 172 46.10 20.76 -36.11
C LEU A 172 46.39 20.10 -34.77
N MET A 173 45.42 20.09 -33.85
CA MET A 173 45.67 19.46 -32.55
C MET A 173 45.72 17.96 -32.69
N TRP A 174 44.88 17.39 -33.54
CA TRP A 174 44.98 15.96 -33.82
C TRP A 174 46.26 15.63 -34.55
N TRP A 175 46.73 16.54 -35.41
CA TRP A 175 48.00 16.35 -36.10
C TRP A 175 49.17 16.36 -35.13
N MET A 176 49.14 17.26 -34.15
CA MET A 176 50.22 17.33 -33.17
C MET A 176 50.22 16.10 -32.28
N LEU A 177 49.03 15.62 -31.90
CA LEU A 177 48.97 14.42 -31.08
C LEU A 177 49.44 13.19 -31.83
N ALA A 178 49.10 13.08 -33.12
CA ALA A 178 49.60 11.98 -33.94
C ALA A 178 51.11 12.05 -34.12
N ARG A 179 51.62 13.27 -34.35
CA ARG A 179 53.05 13.45 -34.53
C ARG A 179 53.81 13.06 -33.27
N GLU A 180 53.34 13.50 -32.11
CA GLU A 180 54.09 13.23 -30.89
C GLU A 180 53.94 11.78 -30.44
N VAL A 181 52.81 11.15 -30.74
CA VAL A 181 52.68 9.73 -30.44
C VAL A 181 53.62 8.91 -31.31
N LEU A 182 53.73 9.26 -32.60
CA LEU A 182 54.62 8.51 -33.47
C LEU A 182 56.09 8.78 -33.17
N ARG A 183 56.42 10.01 -32.79
CA ARG A 183 57.81 10.37 -32.51
C ARG A 183 58.28 9.74 -31.22
N MET A 184 57.45 9.81 -30.18
CA MET A 184 57.80 9.21 -28.89
C MET A 184 57.78 7.69 -28.95
N ARG A 185 57.16 7.11 -29.96
CA ARG A 185 57.24 5.68 -30.20
C ARG A 185 58.48 5.38 -31.01
N GLY A 186 58.57 4.20 -31.59
CA GLY A 186 59.77 3.89 -32.32
C GLY A 186 59.87 4.42 -33.74
N THR A 187 58.86 5.09 -34.27
CA THR A 187 58.84 5.43 -35.68
C THR A 187 59.69 6.67 -35.99
N ILE A 188 59.46 7.28 -37.16
CA ILE A 188 60.39 8.28 -37.69
C ILE A 188 60.40 9.53 -36.81
N SER A 189 61.60 9.94 -36.40
CA SER A 189 61.92 10.73 -35.22
C SER A 189 62.14 12.21 -35.55
N ARG A 190 62.73 12.94 -34.60
CA ARG A 190 62.65 14.38 -34.42
C ARG A 190 63.53 15.20 -35.34
N GLU A 191 64.31 14.59 -36.24
CA GLU A 191 65.21 15.42 -37.03
C GLU A 191 64.45 16.09 -38.17
N HIS A 192 63.95 15.31 -39.11
CA HIS A 192 63.26 15.86 -40.25
C HIS A 192 61.78 16.00 -39.92
N PRO A 193 61.10 17.04 -40.42
CA PRO A 193 59.70 17.22 -40.07
C PRO A 193 58.83 16.18 -40.74
N TRP A 194 57.64 16.00 -40.18
CA TRP A 194 56.72 14.98 -40.64
C TRP A 194 56.18 15.35 -42.01
N GLU A 195 56.34 14.44 -42.97
CA GLU A 195 55.94 14.69 -44.35
C GLU A 195 54.44 14.59 -44.56
N VAL A 196 53.69 14.15 -43.56
CA VAL A 196 52.23 14.21 -43.60
C VAL A 196 51.81 15.62 -43.25
N MET A 197 51.27 16.34 -44.22
CA MET A 197 50.90 17.73 -44.00
C MET A 197 49.73 17.82 -43.05
N PRO A 198 49.66 18.87 -42.23
CA PRO A 198 48.51 19.04 -41.34
C PRO A 198 47.24 19.42 -42.06
N ASP A 199 47.30 19.78 -43.33
CA ASP A 199 46.08 20.07 -44.09
C ASP A 199 45.32 18.81 -44.48
N LEU A 200 45.91 17.64 -44.24
CA LEU A 200 45.19 16.40 -44.43
C LEU A 200 44.09 16.23 -43.39
N TYR A 201 44.28 16.81 -42.21
CA TYR A 201 43.38 16.60 -41.09
C TYR A 201 42.29 17.65 -40.99
N PHE A 202 42.09 18.46 -42.02
CA PHE A 202 41.15 19.56 -41.89
C PHE A 202 39.78 19.13 -42.38
N TYR A 203 38.79 19.97 -42.14
CA TYR A 203 37.40 19.66 -42.47
C TYR A 203 37.00 20.35 -43.77
N ARG A 204 36.39 19.58 -44.66
CA ARG A 204 36.15 19.96 -46.05
C ARG A 204 34.70 20.42 -46.20
N ASP A 205 34.49 21.71 -46.27
CA ASP A 205 33.09 22.12 -46.41
C ASP A 205 32.72 22.21 -47.88
N PRO A 206 31.57 21.63 -48.29
CA PRO A 206 31.08 21.74 -49.67
C PRO A 206 30.69 23.17 -50.04
N VAL B 1 -42.18 67.39 -38.24
CA VAL B 1 -42.79 67.68 -39.52
C VAL B 1 -42.02 68.78 -40.24
N VAL B 2 -41.20 69.50 -39.47
CA VAL B 2 -40.39 70.59 -40.00
C VAL B 2 -38.92 70.18 -39.92
N ASP B 3 -38.19 70.46 -41.00
CA ASP B 3 -36.74 70.26 -41.00
C ASP B 3 -36.11 71.37 -40.17
N PRO B 4 -35.37 71.04 -39.10
CA PRO B 4 -34.70 72.10 -38.33
C PRO B 4 -33.47 72.66 -39.01
N PHE B 5 -33.01 72.06 -40.11
CA PHE B 5 -31.81 72.51 -40.79
C PHE B 5 -32.09 73.52 -41.88
N SER B 6 -33.30 74.08 -41.92
CA SER B 6 -33.57 75.24 -42.76
C SER B 6 -33.27 76.54 -42.05
N LYS B 7 -33.41 76.55 -40.72
CA LYS B 7 -33.17 77.75 -39.91
C LYS B 7 -31.72 77.86 -39.46
N LYS B 8 -30.85 76.98 -39.92
CA LYS B 8 -29.44 77.00 -39.56
C LYS B 8 -28.65 77.77 -40.60
N ASP B 9 -27.70 78.58 -40.14
CA ASP B 9 -26.84 79.32 -41.05
C ASP B 9 -25.38 79.08 -40.69
N TRP B 10 -24.53 79.15 -41.70
CA TRP B 10 -23.14 78.76 -41.59
C TRP B 10 -22.26 79.95 -41.25
N TYR B 11 -21.06 79.66 -40.76
CA TYR B 11 -20.07 80.66 -40.43
C TYR B 11 -18.68 80.11 -40.73
N ASP B 12 -17.76 81.00 -41.02
CA ASP B 12 -16.38 80.64 -41.31
C ASP B 12 -15.54 80.88 -40.06
N VAL B 13 -15.04 79.81 -39.46
CA VAL B 13 -14.17 79.93 -38.31
C VAL B 13 -12.77 80.27 -38.78
N LYS B 14 -12.31 81.46 -38.43
CA LYS B 14 -11.07 82.03 -38.94
C LYS B 14 -10.01 81.98 -37.86
N ALA B 15 -8.94 81.24 -38.12
CA ALA B 15 -7.84 81.11 -37.17
C ALA B 15 -7.10 82.44 -37.03
N PRO B 16 -6.37 82.64 -35.93
CA PRO B 16 -5.49 83.80 -35.83
C PRO B 16 -4.33 83.73 -36.82
N ALA B 17 -3.60 84.85 -36.90
CA ALA B 17 -2.60 85.04 -37.93
C ALA B 17 -1.25 84.44 -37.59
N MET B 18 -1.20 83.48 -36.67
CA MET B 18 0.06 82.89 -36.25
C MET B 18 0.48 81.72 -37.13
N PHE B 19 -0.32 81.37 -38.12
CA PHE B 19 -0.17 80.16 -38.91
C PHE B 19 -0.16 80.50 -40.40
N ASN B 20 -0.25 79.47 -41.23
CA ASN B 20 -0.36 79.63 -42.68
C ASN B 20 -1.76 79.38 -43.22
N ILE B 21 -2.54 78.52 -42.57
CA ILE B 21 -3.93 78.28 -42.95
C ILE B 21 -4.81 79.13 -42.04
N ARG B 22 -5.64 79.98 -42.66
CA ARG B 22 -6.43 80.96 -41.93
C ARG B 22 -7.87 80.48 -41.66
N ASN B 23 -8.53 79.98 -42.69
CA ASN B 23 -9.88 79.43 -42.55
C ASN B 23 -9.78 77.92 -42.40
N ILE B 24 -10.42 77.38 -41.37
CA ILE B 24 -10.23 75.98 -40.98
C ILE B 24 -11.47 75.13 -41.19
N GLY B 25 -12.65 75.72 -41.35
CA GLY B 25 -13.84 74.91 -41.54
C GLY B 25 -15.10 75.75 -41.38
N LYS B 26 -16.19 75.06 -41.05
CA LYS B 26 -17.50 75.67 -40.92
C LYS B 26 -18.08 75.37 -39.54
N THR B 27 -19.23 75.97 -39.27
CA THR B 27 -19.99 75.65 -38.08
C THR B 27 -21.46 75.93 -38.36
N LEU B 28 -22.32 75.43 -37.48
CA LEU B 28 -23.76 75.59 -37.61
C LEU B 28 -24.36 76.20 -36.35
N VAL B 29 -25.33 77.08 -36.56
CA VAL B 29 -26.05 77.75 -35.49
C VAL B 29 -27.39 78.18 -36.08
N THR B 30 -28.42 78.21 -35.24
CA THR B 30 -29.69 78.71 -35.72
C THR B 30 -29.66 80.24 -35.77
N ARG B 31 -30.65 80.81 -36.45
CA ARG B 31 -30.75 82.26 -36.53
C ARG B 31 -31.25 82.83 -35.21
N THR B 32 -31.11 84.14 -35.06
CA THR B 32 -31.62 84.81 -33.88
C THR B 32 -33.13 84.95 -33.97
N GLN B 33 -33.81 84.74 -32.85
CA GLN B 33 -35.25 84.82 -32.76
C GLN B 33 -35.69 85.96 -31.87
N GLY B 34 -34.93 87.05 -31.85
CA GLY B 34 -35.28 88.19 -31.01
C GLY B 34 -34.93 88.08 -29.54
N THR B 35 -35.37 87.01 -28.88
CA THR B 35 -35.06 86.84 -27.47
C THR B 35 -33.60 86.44 -27.26
N LYS B 36 -33.07 85.57 -28.12
CA LYS B 36 -31.67 85.18 -28.06
C LYS B 36 -30.98 85.59 -29.34
N ILE B 37 -29.66 85.71 -29.26
CA ILE B 37 -28.83 86.17 -30.38
C ILE B 37 -27.83 85.06 -30.69
N ALA B 38 -27.62 84.80 -31.99
CA ALA B 38 -26.79 83.68 -32.43
C ALA B 38 -25.32 83.83 -32.05
N SER B 39 -24.86 85.06 -31.79
CA SER B 39 -23.49 85.25 -31.33
C SER B 39 -23.28 84.65 -29.95
N ASP B 40 -24.29 84.74 -29.09
CA ASP B 40 -24.25 84.04 -27.81
C ASP B 40 -24.28 82.53 -28.00
N GLY B 41 -24.98 82.05 -29.03
CA GLY B 41 -24.99 80.63 -29.30
C GLY B 41 -23.65 80.11 -29.79
N LEU B 42 -22.93 80.94 -30.56
CA LEU B 42 -21.61 80.56 -31.04
C LEU B 42 -20.49 81.07 -30.16
N LYS B 43 -20.80 81.62 -28.99
CA LYS B 43 -19.79 82.10 -28.06
C LYS B 43 -18.90 80.97 -27.52
N GLY B 44 -19.47 80.05 -26.76
CA GLY B 44 -18.66 79.04 -26.11
C GLY B 44 -18.37 77.83 -26.97
N ARG B 45 -17.74 78.04 -28.13
CA ARG B 45 -17.43 76.95 -29.03
C ARG B 45 -15.93 76.74 -29.12
N VAL B 46 -15.46 75.58 -28.68
CA VAL B 46 -14.05 75.23 -28.75
C VAL B 46 -13.83 74.42 -30.02
N PHE B 47 -12.61 74.45 -30.52
CA PHE B 47 -12.27 73.83 -31.80
C PHE B 47 -10.91 73.13 -31.67
N GLU B 48 -10.95 71.83 -31.49
CA GLU B 48 -9.75 71.05 -31.21
C GLU B 48 -9.15 70.55 -32.53
N VAL B 49 -8.66 71.50 -33.30
CA VAL B 49 -8.12 71.23 -34.63
C VAL B 49 -6.62 70.96 -34.52
N SER B 50 -6.14 69.99 -35.28
CA SER B 50 -4.75 69.60 -35.17
C SER B 50 -3.85 70.61 -35.87
N LEU B 51 -2.54 70.39 -35.75
CA LEU B 51 -1.56 71.34 -36.25
C LEU B 51 -1.29 71.18 -37.74
N ALA B 52 -1.44 69.97 -38.28
CA ALA B 52 -1.24 69.78 -39.71
C ALA B 52 -2.34 70.45 -40.54
N ASP B 53 -3.48 70.76 -39.92
CA ASP B 53 -4.52 71.54 -40.57
C ASP B 53 -4.28 73.04 -40.47
N LEU B 54 -3.32 73.48 -39.66
CA LEU B 54 -3.01 74.89 -39.51
C LEU B 54 -1.68 75.27 -40.12
N GLN B 55 -0.69 74.39 -40.07
CA GLN B 55 0.58 74.55 -40.77
C GLN B 55 0.80 73.33 -41.64
N ASN B 56 1.61 73.50 -42.69
CA ASN B 56 1.67 72.47 -43.72
C ASN B 56 2.75 71.42 -43.45
N ASP B 57 3.98 71.82 -43.17
CA ASP B 57 5.11 70.90 -43.12
C ASP B 57 5.42 70.43 -41.70
N GLU B 58 4.58 70.76 -40.73
CA GLU B 58 4.89 70.47 -39.34
C GLU B 58 4.52 69.03 -38.98
N VAL B 59 4.48 68.75 -37.69
CA VAL B 59 4.06 67.46 -37.18
C VAL B 59 2.53 67.45 -37.09
N ALA B 60 1.96 66.25 -36.92
CA ALA B 60 0.52 66.10 -36.86
C ALA B 60 0.01 65.65 -35.50
N PHE B 61 0.88 65.24 -34.60
CA PHE B 61 0.47 64.67 -33.33
C PHE B 61 0.33 65.71 -32.23
N ARG B 62 0.09 66.95 -32.58
CA ARG B 62 -0.19 68.00 -31.62
C ARG B 62 -1.55 68.61 -31.93
N LYS B 63 -2.24 69.06 -30.89
CA LYS B 63 -3.56 69.63 -31.05
C LYS B 63 -3.58 71.03 -30.47
N PHE B 64 -4.70 71.72 -30.66
CA PHE B 64 -4.83 73.10 -30.22
C PHE B 64 -6.32 73.39 -30.05
N LYS B 65 -6.77 73.47 -28.81
CA LYS B 65 -8.15 73.88 -28.54
C LYS B 65 -8.25 75.39 -28.78
N LEU B 66 -9.24 75.79 -29.58
CA LEU B 66 -9.39 77.18 -29.99
C LEU B 66 -10.81 77.64 -29.67
N ILE B 67 -10.95 78.47 -28.67
CA ILE B 67 -12.24 79.08 -28.38
C ILE B 67 -12.46 80.23 -29.35
N THR B 68 -13.66 80.31 -29.90
CA THR B 68 -14.03 81.45 -30.72
C THR B 68 -14.72 82.50 -29.85
N GLU B 69 -14.45 83.76 -30.12
CA GLU B 69 -15.07 84.80 -29.32
C GLU B 69 -15.60 85.97 -30.14
N ASP B 70 -15.10 86.21 -31.35
CA ASP B 70 -15.62 87.27 -32.21
C ASP B 70 -16.30 86.68 -33.44
N VAL B 71 -17.49 87.19 -33.73
CA VAL B 71 -18.20 86.92 -34.97
C VAL B 71 -18.23 88.22 -35.76
N GLN B 72 -17.92 88.14 -37.06
CA GLN B 72 -17.80 89.33 -37.89
C GLN B 72 -18.62 89.19 -39.16
N GLY B 73 -19.80 88.57 -39.07
CA GLY B 73 -20.66 88.49 -40.23
C GLY B 73 -20.15 87.54 -41.29
N LYS B 74 -20.31 86.22 -41.06
CA LYS B 74 -19.75 85.10 -41.83
C LYS B 74 -18.24 85.01 -41.63
N ASN B 75 -17.75 85.59 -40.54
CA ASN B 75 -16.35 85.50 -40.14
C ASN B 75 -16.31 85.28 -38.63
N CYS B 76 -15.90 84.09 -38.21
CA CYS B 76 -15.77 83.77 -36.79
C CYS B 76 -14.29 83.81 -36.42
N LEU B 77 -13.90 84.83 -35.66
CA LEU B 77 -12.52 84.97 -35.21
C LEU B 77 -12.34 84.19 -33.91
N THR B 78 -11.33 83.34 -33.88
CA THR B 78 -11.09 82.49 -32.72
C THR B 78 -9.76 82.83 -32.07
N ASN B 79 -9.65 82.40 -30.80
CA ASN B 79 -8.50 82.67 -29.96
C ASN B 79 -7.94 81.34 -29.48
N PHE B 80 -6.63 81.33 -29.21
CA PHE B 80 -6.01 80.14 -28.64
C PHE B 80 -6.53 79.87 -27.24
N HIS B 81 -6.90 78.62 -26.97
CA HIS B 81 -7.34 78.23 -25.65
C HIS B 81 -6.39 77.25 -24.99
N GLY B 82 -6.14 76.09 -25.60
CA GLY B 82 -5.32 75.10 -24.96
C GLY B 82 -4.49 74.26 -25.90
N MET B 83 -3.74 73.31 -25.36
CA MET B 83 -2.87 72.48 -26.17
C MET B 83 -2.89 71.07 -25.62
N ASP B 84 -2.62 70.10 -26.49
CA ASP B 84 -2.68 68.71 -26.11
C ASP B 84 -1.91 67.88 -27.12
N LEU B 85 -1.30 66.81 -26.64
CA LEU B 85 -0.77 65.78 -27.52
C LEU B 85 -1.90 64.80 -27.84
N THR B 86 -1.81 64.18 -29.00
CA THR B 86 -2.78 63.16 -29.34
C THR B 86 -2.54 61.90 -28.53
N ARG B 87 -3.60 61.12 -28.34
CA ARG B 87 -3.52 59.95 -27.48
C ARG B 87 -2.92 58.73 -28.16
N ASP B 88 -2.42 58.86 -29.38
CA ASP B 88 -1.61 57.80 -29.94
C ASP B 88 -0.12 58.05 -29.72
N LYS B 89 0.31 59.31 -29.82
CA LYS B 89 1.70 59.64 -29.55
C LYS B 89 2.04 59.44 -28.08
N MET B 90 1.06 59.70 -27.21
CA MET B 90 1.25 59.54 -25.77
C MET B 90 1.50 58.09 -25.41
N CYS B 91 0.62 57.21 -25.86
CA CYS B 91 0.80 55.79 -25.59
C CYS B 91 1.93 55.18 -26.42
N SER B 92 2.36 55.84 -27.49
CA SER B 92 3.55 55.40 -28.20
C SER B 92 4.82 55.75 -27.46
N MET B 93 4.80 56.84 -26.69
CA MET B 93 6.00 57.26 -25.98
C MET B 93 6.32 56.32 -24.82
N VAL B 94 5.31 55.92 -24.06
CA VAL B 94 5.48 55.18 -22.82
C VAL B 94 5.90 53.75 -23.11
N LYS B 95 7.20 53.47 -23.03
CA LYS B 95 7.69 52.11 -23.08
C LYS B 95 7.79 51.59 -21.66
N LYS B 96 8.49 50.47 -21.48
CA LYS B 96 8.58 49.86 -20.16
C LYS B 96 9.86 50.21 -19.42
N TRP B 97 11.02 50.09 -20.03
CA TRP B 97 12.25 50.02 -19.26
C TRP B 97 12.95 51.37 -19.11
N GLN B 98 12.17 52.43 -18.89
CA GLN B 98 12.70 53.76 -18.71
C GLN B 98 11.80 54.53 -17.75
N THR B 99 12.27 55.68 -17.30
CA THR B 99 11.55 56.50 -16.35
C THR B 99 10.73 57.54 -17.09
N MET B 100 9.64 57.99 -16.48
CA MET B 100 8.88 59.12 -16.97
C MET B 100 8.99 60.26 -15.97
N ILE B 101 9.35 61.44 -16.47
CA ILE B 101 9.59 62.61 -15.62
C ILE B 101 8.50 63.63 -15.92
N GLU B 102 7.65 63.90 -14.93
CA GLU B 102 6.51 64.77 -15.06
C GLU B 102 6.78 66.08 -14.34
N ALA B 103 6.18 67.16 -14.85
CA ALA B 103 6.33 68.47 -14.25
C ALA B 103 5.20 69.36 -14.71
N HIS B 104 4.82 70.33 -13.88
CA HIS B 104 3.83 71.33 -14.25
C HIS B 104 4.01 72.57 -13.41
N VAL B 105 3.75 73.73 -14.01
CA VAL B 105 3.79 75.01 -13.33
C VAL B 105 2.55 75.81 -13.67
N ASP B 106 2.19 76.72 -12.78
CA ASP B 106 1.14 77.72 -13.04
C ASP B 106 1.86 79.03 -13.33
N VAL B 107 2.27 79.18 -14.57
CA VAL B 107 3.08 80.31 -14.99
C VAL B 107 2.16 81.38 -15.57
N LYS B 108 2.61 82.63 -15.52
CA LYS B 108 1.79 83.79 -15.83
C LYS B 108 2.42 84.58 -16.97
N THR B 109 1.63 84.92 -17.97
CA THR B 109 2.10 85.74 -19.07
C THR B 109 2.03 87.22 -18.70
N THR B 110 2.66 88.06 -19.54
CA THR B 110 2.77 89.47 -19.22
C THR B 110 1.45 90.22 -19.34
N ASP B 111 0.49 89.69 -20.09
CA ASP B 111 -0.83 90.33 -20.19
C ASP B 111 -1.81 89.81 -19.14
N GLY B 112 -1.46 88.75 -18.44
CA GLY B 112 -2.32 88.22 -17.40
C GLY B 112 -3.00 86.90 -17.70
N TYR B 113 -2.49 86.14 -18.67
CA TYR B 113 -3.18 84.93 -19.12
C TYR B 113 -2.56 83.75 -18.38
N LEU B 114 -3.23 83.32 -17.32
CA LEU B 114 -2.70 82.33 -16.38
C LEU B 114 -2.73 80.95 -17.02
N LEU B 115 -1.62 80.56 -17.63
CA LEU B 115 -1.53 79.26 -18.28
C LEU B 115 -1.20 78.18 -17.26
N ARG B 116 -0.99 76.96 -17.76
CA ARG B 116 -0.54 75.85 -16.92
C ARG B 116 0.26 74.91 -17.81
N LEU B 117 1.57 74.96 -17.69
CA LEU B 117 2.47 74.25 -18.60
C LEU B 117 2.79 72.87 -18.02
N PHE B 118 2.05 71.86 -18.45
CA PHE B 118 2.40 70.49 -18.12
C PHE B 118 3.64 70.07 -18.90
N CYS B 119 4.23 68.94 -18.50
CA CYS B 119 5.45 68.48 -19.15
C CYS B 119 5.58 66.98 -18.97
N VAL B 120 6.51 66.41 -19.75
CA VAL B 120 6.76 64.97 -19.73
C VAL B 120 8.14 64.75 -20.35
N GLY B 121 8.90 63.83 -19.77
CA GLY B 121 10.18 63.45 -20.33
C GLY B 121 10.50 62.00 -20.01
N PHE B 122 11.39 61.43 -20.82
CA PHE B 122 11.76 60.01 -20.69
C PHE B 122 13.26 59.87 -20.83
N THR B 123 13.83 58.89 -20.16
CA THR B 123 15.27 58.71 -20.26
C THR B 123 15.62 57.98 -21.55
N LYS B 124 16.88 58.12 -21.96
CA LYS B 124 17.35 57.59 -23.25
C LYS B 124 18.34 56.47 -23.02
N LYS B 125 18.00 55.28 -23.50
CA LYS B 125 18.98 54.20 -23.58
C LYS B 125 20.02 54.56 -24.62
N ARG B 126 21.29 54.34 -24.30
CA ARG B 126 22.39 54.81 -25.13
C ARG B 126 22.52 53.96 -26.40
N ASN B 127 23.47 54.33 -27.24
CA ASN B 127 23.68 53.61 -28.50
C ASN B 127 24.42 52.30 -28.28
N ASN B 128 25.35 52.25 -27.32
CA ASN B 128 26.10 51.03 -27.05
C ASN B 128 25.73 50.41 -25.72
N GLN B 129 24.63 50.82 -25.12
CA GLN B 129 24.24 50.33 -23.80
C GLN B 129 23.81 48.87 -23.90
N ILE B 130 24.66 47.97 -23.41
CA ILE B 130 24.29 46.57 -23.31
C ILE B 130 23.23 46.38 -22.24
N ARG B 131 23.25 47.22 -21.21
CA ARG B 131 22.34 47.10 -20.06
C ARG B 131 20.89 47.27 -20.47
N LYS B 132 20.01 46.53 -19.81
CA LYS B 132 18.66 46.33 -20.33
C LYS B 132 17.78 47.55 -20.12
N THR B 133 17.77 48.12 -18.93
CA THR B 133 16.93 49.25 -18.62
C THR B 133 17.77 50.51 -18.48
N SER B 134 17.08 51.65 -18.45
CA SER B 134 17.72 52.92 -18.10
C SER B 134 16.75 53.68 -17.21
N TYR B 135 16.80 53.43 -15.92
CA TYR B 135 16.08 54.25 -14.97
C TYR B 135 17.02 55.34 -14.45
N ALA B 136 16.49 56.19 -13.60
CA ALA B 136 17.27 57.24 -13.00
C ALA B 136 16.95 57.31 -11.52
N GLN B 137 17.94 57.70 -10.72
CA GLN B 137 17.74 57.79 -9.30
C GLN B 137 16.90 59.02 -8.97
N HIS B 138 16.49 59.10 -7.70
CA HIS B 138 15.44 60.04 -7.33
C HIS B 138 15.91 61.48 -7.37
N GLN B 139 17.15 61.75 -6.93
CA GLN B 139 17.65 63.11 -7.05
C GLN B 139 18.00 63.46 -8.49
N GLN B 140 18.12 62.48 -9.37
CA GLN B 140 18.28 62.79 -10.78
C GLN B 140 16.96 63.25 -11.37
N VAL B 141 15.88 62.52 -11.10
CA VAL B 141 14.57 62.92 -11.62
C VAL B 141 13.95 64.06 -10.84
N ARG B 142 14.56 64.47 -9.72
CA ARG B 142 14.19 65.72 -9.07
C ARG B 142 14.99 66.89 -9.61
N GLN B 143 16.15 66.64 -10.18
CA GLN B 143 16.95 67.69 -10.77
C GLN B 143 16.55 67.97 -12.21
N ILE B 144 16.06 66.96 -12.92
CA ILE B 144 15.50 67.20 -14.24
C ILE B 144 14.21 68.00 -14.13
N ARG B 145 13.37 67.63 -13.17
CA ARG B 145 12.14 68.37 -12.90
C ARG B 145 12.43 69.76 -12.39
N LYS B 146 13.56 69.94 -11.69
CA LYS B 146 13.96 71.27 -11.26
C LYS B 146 14.35 72.13 -12.46
N LYS B 147 15.05 71.55 -13.41
CA LYS B 147 15.41 72.30 -14.61
C LYS B 147 14.27 72.41 -15.61
N MET B 148 13.19 71.65 -15.42
CA MET B 148 12.03 71.80 -16.30
C MET B 148 11.18 72.98 -15.87
N MET B 149 10.85 73.06 -14.58
CA MET B 149 10.10 74.17 -14.05
C MET B 149 10.87 75.48 -14.09
N GLU B 150 12.18 75.44 -14.26
CA GLU B 150 12.94 76.65 -14.51
C GLU B 150 12.66 77.17 -15.92
N ILE B 151 12.76 76.30 -16.93
CA ILE B 151 12.72 76.78 -18.29
C ILE B 151 11.28 77.08 -18.73
N MET B 152 10.29 76.29 -18.27
CA MET B 152 8.93 76.64 -18.64
C MET B 152 8.29 77.62 -17.66
N THR B 153 9.09 78.30 -16.87
CA THR B 153 8.71 79.56 -16.26
C THR B 153 9.51 80.72 -16.78
N ARG B 154 10.73 80.50 -17.27
CA ARG B 154 11.49 81.59 -17.86
C ARG B 154 11.28 81.74 -19.36
N GLU B 155 10.49 80.88 -19.97
CA GLU B 155 10.12 81.08 -21.37
C GLU B 155 8.72 81.63 -21.54
N VAL B 156 7.95 81.77 -20.47
CA VAL B 156 6.58 82.25 -20.53
C VAL B 156 6.43 83.62 -19.87
N GLN B 157 7.06 83.79 -18.70
CA GLN B 157 6.88 85.01 -17.90
C GLN B 157 7.44 86.25 -18.58
N THR B 158 8.34 86.08 -19.55
CA THR B 158 8.89 87.21 -20.27
C THR B 158 8.03 87.66 -21.44
N ASN B 159 6.94 86.94 -21.74
CA ASN B 159 6.15 87.21 -22.93
C ASN B 159 4.66 87.11 -22.62
N ASP B 160 3.86 87.52 -23.60
CA ASP B 160 2.42 87.24 -23.62
C ASP B 160 2.11 86.22 -24.70
N LEU B 161 0.82 85.97 -24.95
CA LEU B 161 0.40 84.92 -25.87
C LEU B 161 0.72 85.18 -27.33
N LYS B 162 1.37 86.28 -27.67
CA LYS B 162 1.96 86.44 -28.99
C LYS B 162 3.03 85.37 -29.17
N GLU B 163 4.10 85.47 -28.39
CA GLU B 163 5.31 84.71 -28.65
C GLU B 163 5.26 83.29 -28.12
N VAL B 164 4.38 83.00 -27.16
CA VAL B 164 4.34 81.68 -26.55
C VAL B 164 3.86 80.64 -27.55
N VAL B 165 2.84 80.99 -28.34
CA VAL B 165 2.38 80.03 -29.35
C VAL B 165 3.29 80.03 -30.57
N ASN B 166 4.11 81.07 -30.78
CA ASN B 166 5.14 80.95 -31.80
C ASN B 166 6.24 80.01 -31.35
N LYS B 167 6.52 79.97 -30.05
CA LYS B 167 7.43 78.96 -29.53
C LYS B 167 6.81 77.57 -29.57
N LEU B 168 5.50 77.49 -29.42
CA LEU B 168 4.82 76.20 -29.34
C LEU B 168 4.65 75.52 -30.69
N ILE B 169 4.88 76.22 -31.80
CA ILE B 169 4.73 75.59 -33.11
C ILE B 169 5.91 74.65 -33.41
N PRO B 170 7.18 75.03 -33.29
CA PRO B 170 8.22 74.00 -33.41
C PRO B 170 8.55 73.31 -32.12
N ASP B 171 7.86 73.68 -31.03
CA ASP B 171 8.07 73.15 -29.68
C ASP B 171 9.52 73.35 -29.23
N SER B 172 9.91 74.62 -29.12
CA SER B 172 11.26 74.97 -28.71
C SER B 172 11.52 74.72 -27.23
N ILE B 173 10.46 74.54 -26.45
CA ILE B 173 10.61 74.29 -25.01
C ILE B 173 11.29 72.95 -24.77
N GLY B 174 10.79 71.90 -25.42
CA GLY B 174 11.40 70.59 -25.24
C GLY B 174 12.78 70.49 -25.85
N LYS B 175 12.99 71.16 -26.99
CA LYS B 175 14.30 71.20 -27.62
C LYS B 175 15.30 72.04 -26.81
N ASP B 176 14.83 72.88 -25.90
CA ASP B 176 15.75 73.45 -24.94
C ASP B 176 15.90 72.60 -23.70
N ILE B 177 14.86 71.85 -23.33
CA ILE B 177 14.94 71.01 -22.12
C ILE B 177 15.98 69.91 -22.31
N GLU B 178 15.92 69.21 -23.44
CA GLU B 178 16.89 68.13 -23.67
C GLU B 178 18.31 68.68 -23.86
N LYS B 179 18.44 69.82 -24.54
CA LYS B 179 19.76 70.40 -24.77
C LYS B 179 20.34 70.97 -23.49
N ALA B 180 19.49 71.42 -22.56
CA ALA B 180 20.00 71.91 -21.29
C ALA B 180 20.28 70.77 -20.32
N CYS B 181 19.54 69.68 -20.43
CA CYS B 181 19.54 68.65 -19.41
C CYS B 181 20.13 67.35 -19.94
N GLN B 182 20.96 67.43 -20.97
CA GLN B 182 21.83 66.30 -21.29
C GLN B 182 22.79 65.99 -20.14
N SER B 183 23.24 67.02 -19.43
CA SER B 183 24.31 66.89 -18.45
C SER B 183 23.85 66.34 -17.10
N ILE B 184 22.61 65.88 -16.99
CA ILE B 184 22.11 65.23 -15.78
C ILE B 184 21.81 63.76 -16.03
N TYR B 185 20.89 63.49 -16.94
CA TYR B 185 20.54 62.18 -17.40
C TYR B 185 20.03 62.51 -18.80
N PRO B 186 20.48 61.80 -19.83
CA PRO B 186 20.02 62.09 -21.19
C PRO B 186 18.53 61.82 -21.36
N LEU B 187 17.76 62.88 -21.55
CA LEU B 187 16.36 62.75 -21.85
C LEU B 187 16.18 62.31 -23.30
N HIS B 188 15.06 61.63 -23.56
CA HIS B 188 14.86 60.96 -24.83
C HIS B 188 13.82 61.66 -25.69
N ASP B 189 12.60 61.81 -25.20
CA ASP B 189 11.53 62.35 -26.03
C ASP B 189 10.66 63.23 -25.13
N VAL B 190 11.04 64.50 -25.03
CA VAL B 190 10.48 65.42 -24.04
C VAL B 190 9.62 66.46 -24.75
N PHE B 191 8.41 66.64 -24.23
CA PHE B 191 7.47 67.60 -24.81
C PHE B 191 6.80 68.38 -23.70
N VAL B 192 5.94 69.31 -24.09
CA VAL B 192 4.88 69.82 -23.23
C VAL B 192 3.62 69.08 -23.63
N ARG B 193 3.04 68.32 -22.70
CA ARG B 193 1.99 67.40 -23.10
C ARG B 193 0.61 68.04 -23.03
N LYS B 194 0.48 69.17 -22.33
CA LYS B 194 -0.81 69.82 -22.20
C LYS B 194 -0.57 71.25 -21.76
N VAL B 195 -1.40 72.16 -22.27
CA VAL B 195 -1.44 73.54 -21.80
C VAL B 195 -2.91 73.87 -21.50
N LYS B 196 -3.21 74.13 -20.25
CA LYS B 196 -4.57 74.49 -19.89
C LYS B 196 -4.68 76.00 -19.88
N MET B 197 -5.80 76.52 -19.36
CA MET B 197 -6.07 77.94 -19.39
C MET B 197 -6.90 78.28 -18.16
N LEU B 198 -6.26 78.81 -17.12
CA LEU B 198 -6.92 78.89 -15.82
C LEU B 198 -7.90 80.05 -15.74
N LYS B 199 -7.43 81.27 -15.91
CA LYS B 199 -8.32 82.42 -15.81
C LYS B 199 -7.85 83.51 -16.77
N LYS B 200 -8.81 84.24 -17.32
CA LYS B 200 -8.56 85.23 -18.36
C LYS B 200 -9.11 86.58 -17.94
N PRO B 201 -8.34 87.66 -18.11
CA PRO B 201 -8.90 89.01 -17.99
C PRO B 201 -9.94 89.30 -19.07
N LYS B 202 -10.59 90.44 -18.90
CA LYS B 202 -11.74 90.80 -19.72
C LYS B 202 -11.30 91.14 -21.13
N PHE B 203 -12.14 90.80 -22.11
CA PHE B 203 -11.75 90.86 -23.51
C PHE B 203 -11.70 92.30 -24.01
N GLU B 204 -10.68 92.58 -24.82
CA GLU B 204 -10.55 93.86 -25.51
C GLU B 204 -10.60 93.58 -27.00
N LEU B 205 -11.37 94.39 -27.73
CA LEU B 205 -11.71 94.06 -29.11
C LEU B 205 -10.53 94.31 -30.03
N GLY B 206 -9.81 95.41 -29.84
CA GLY B 206 -8.71 95.75 -30.72
C GLY B 206 -7.49 94.86 -30.58
N LYS B 207 -7.39 94.13 -29.46
CA LYS B 207 -6.24 93.26 -29.28
C LYS B 207 -6.34 92.03 -30.16
N LEU B 208 -7.55 91.46 -30.28
CA LEU B 208 -7.74 90.29 -31.14
C LEU B 208 -7.64 90.65 -32.61
N MET B 209 -7.87 91.92 -32.95
CA MET B 209 -7.57 92.43 -34.29
C MET B 209 -6.09 92.31 -34.61
N GLU B 210 -5.22 92.55 -33.62
CA GLU B 210 -3.79 92.37 -33.84
C GLU B 210 -3.42 90.90 -33.98
N LEU B 211 -4.17 90.01 -33.35
CA LEU B 211 -3.88 88.58 -33.46
C LEU B 211 -4.34 88.00 -34.79
N HIS B 212 -5.18 88.70 -35.54
CA HIS B 212 -5.56 88.26 -36.87
C HIS B 212 -4.94 89.09 -37.98
N GLY B 213 -4.42 90.28 -37.65
CA GLY B 213 -3.74 91.11 -38.62
C GLY B 213 -4.62 91.72 -39.69
N GLU C 1 27.39 -24.37 -22.90
CA GLU C 1 28.81 -24.17 -22.67
C GLU C 1 29.15 -22.67 -22.65
N TRP C 2 30.08 -22.30 -21.79
CA TRP C 2 30.45 -20.90 -21.62
C TRP C 2 31.30 -20.43 -22.79
N MET C 3 30.86 -19.35 -23.42
CA MET C 3 31.71 -18.61 -24.35
C MET C 3 31.79 -17.18 -23.87
N PRO C 4 32.94 -16.74 -23.37
CA PRO C 4 33.02 -15.44 -22.73
C PRO C 4 32.98 -14.31 -23.75
N VAL C 5 32.25 -13.25 -23.41
CA VAL C 5 32.02 -12.14 -24.31
C VAL C 5 32.75 -10.89 -23.87
N THR C 6 33.50 -10.93 -22.79
CA THR C 6 34.28 -9.79 -22.34
C THR C 6 35.76 -10.14 -22.30
N LYS C 7 36.61 -9.11 -22.15
CA LYS C 7 38.04 -9.36 -21.98
C LYS C 7 38.31 -10.05 -20.67
N LEU C 8 37.52 -9.76 -19.65
CA LEU C 8 37.74 -10.38 -18.35
C LEU C 8 37.32 -11.83 -18.37
N GLY C 9 36.28 -12.17 -19.12
CA GLY C 9 35.89 -13.56 -19.22
C GLY C 9 36.91 -14.40 -19.99
N ARG C 10 37.47 -13.84 -21.07
CA ARG C 10 38.50 -14.53 -21.82
C ARG C 10 39.76 -14.72 -21.00
N LEU C 11 39.99 -13.86 -20.02
CA LEU C 11 41.16 -14.01 -19.17
C LEU C 11 40.90 -15.02 -18.07
N VAL C 12 39.70 -15.01 -17.50
CA VAL C 12 39.38 -15.92 -16.42
C VAL C 12 39.26 -17.34 -16.92
N LYS C 13 38.59 -17.53 -18.05
CA LYS C 13 38.40 -18.86 -18.62
C LYS C 13 39.72 -19.51 -19.03
N ASP C 14 40.69 -18.72 -19.45
CA ASP C 14 41.98 -19.24 -19.86
C ASP C 14 42.98 -19.29 -18.70
N MET C 15 42.48 -19.32 -17.47
CA MET C 15 43.26 -19.51 -16.23
C MET C 15 44.27 -18.41 -15.98
N LYS C 16 44.11 -17.24 -16.61
CA LYS C 16 45.15 -16.24 -16.52
C LYS C 16 45.05 -15.38 -15.27
N ILE C 17 43.91 -15.42 -14.59
CA ILE C 17 43.71 -14.68 -13.35
C ILE C 17 43.46 -15.69 -12.25
N LYS C 18 44.27 -15.65 -11.21
CA LYS C 18 44.33 -16.74 -10.24
C LYS C 18 43.43 -16.56 -9.03
N SER C 19 42.75 -15.42 -8.90
CA SER C 19 41.86 -15.20 -7.77
C SER C 19 40.80 -14.18 -8.15
N LEU C 20 39.80 -14.06 -7.29
CA LEU C 20 38.80 -13.00 -7.44
C LEU C 20 39.31 -11.69 -6.90
N GLU C 21 40.35 -11.72 -6.07
CA GLU C 21 40.85 -10.52 -5.44
C GLU C 21 41.63 -9.65 -6.40
N GLU C 22 42.08 -10.17 -7.54
CA GLU C 22 42.67 -9.31 -8.55
C GLU C 22 41.60 -8.45 -9.21
N ILE C 23 40.45 -9.05 -9.51
CA ILE C 23 39.32 -8.35 -10.07
C ILE C 23 38.73 -7.39 -9.06
N TYR C 24 38.87 -7.67 -7.77
CA TYR C 24 38.47 -6.67 -6.78
C TYR C 24 39.50 -5.57 -6.60
N LEU C 25 40.78 -5.88 -6.73
CA LEU C 25 41.83 -4.89 -6.52
C LEU C 25 41.81 -3.84 -7.60
N PHE C 26 41.56 -4.25 -8.83
CA PHE C 26 41.50 -3.27 -9.90
C PHE C 26 40.10 -2.79 -10.18
N SER C 27 39.17 -3.07 -9.27
CA SER C 27 37.85 -2.46 -9.17
C SER C 27 36.99 -2.67 -10.41
N LEU C 28 37.25 -3.69 -11.17
CA LEU C 28 36.62 -3.87 -12.46
C LEU C 28 35.22 -4.42 -12.29
N PRO C 29 34.30 -4.06 -13.17
CA PRO C 29 32.96 -4.64 -13.12
C PRO C 29 32.94 -6.04 -13.68
N ILE C 30 32.01 -6.84 -13.15
CA ILE C 30 31.80 -8.22 -13.58
C ILE C 30 30.47 -8.28 -14.30
N LYS C 31 30.50 -8.74 -15.55
CA LYS C 31 29.32 -8.78 -16.38
C LYS C 31 28.84 -10.19 -16.69
N GLU C 32 29.59 -11.21 -16.30
CA GLU C 32 29.25 -12.60 -16.56
C GLU C 32 29.29 -13.37 -15.26
N SER C 33 28.21 -14.10 -14.97
CA SER C 33 28.11 -14.80 -13.69
C SER C 33 28.99 -16.02 -13.61
N GLU C 34 29.49 -16.51 -14.74
CA GLU C 34 30.34 -17.68 -14.73
C GLU C 34 31.74 -17.36 -14.25
N ILE C 35 32.12 -16.10 -14.13
CA ILE C 35 33.36 -15.76 -13.44
C ILE C 35 33.24 -16.08 -11.96
N ILE C 36 32.12 -15.72 -11.35
CA ILE C 36 31.89 -16.04 -9.95
C ILE C 36 31.72 -17.55 -9.77
N ASP C 37 31.09 -18.20 -10.74
CA ASP C 37 31.03 -19.66 -10.70
C ASP C 37 32.40 -20.30 -10.88
N PHE C 38 33.31 -19.64 -11.59
CA PHE C 38 34.64 -20.20 -11.78
C PHE C 38 35.46 -20.09 -10.51
N PHE C 39 35.39 -18.94 -9.84
CA PHE C 39 36.23 -18.75 -8.67
C PHE C 39 35.61 -19.36 -7.43
N LEU C 40 34.44 -18.87 -7.02
CA LEU C 40 33.87 -19.36 -5.76
C LEU C 40 33.14 -20.68 -6.00
N GLY C 41 32.04 -20.64 -6.74
CA GLY C 41 31.48 -21.85 -7.30
C GLY C 41 30.87 -22.85 -6.34
N ALA C 42 31.62 -23.91 -6.07
CA ALA C 42 31.15 -25.04 -5.28
C ALA C 42 31.08 -24.76 -3.80
N SER C 43 31.54 -23.59 -3.35
CA SER C 43 31.41 -23.17 -1.97
C SER C 43 30.35 -22.11 -1.76
N LEU C 44 29.67 -21.68 -2.81
CA LEU C 44 28.64 -20.67 -2.69
C LEU C 44 27.32 -21.32 -2.33
N LYS C 45 26.51 -20.58 -1.57
CA LYS C 45 25.19 -21.05 -1.14
C LYS C 45 24.22 -19.89 -1.11
N ASP C 46 23.02 -20.11 -1.61
CA ASP C 46 22.01 -19.07 -1.71
C ASP C 46 20.77 -19.39 -0.89
N GLU C 47 20.04 -18.32 -0.57
CA GLU C 47 18.75 -18.41 0.11
C GLU C 47 17.82 -17.35 -0.44
N VAL C 48 16.63 -17.76 -0.88
CA VAL C 48 15.62 -16.81 -1.26
C VAL C 48 15.05 -16.18 0.00
N LEU C 49 14.99 -14.86 0.02
CA LEU C 49 14.59 -14.15 1.22
C LEU C 49 13.13 -13.78 1.24
N LYS C 50 12.55 -13.49 0.09
CA LYS C 50 11.18 -13.04 0.00
C LYS C 50 10.76 -13.17 -1.45
N ILE C 51 9.53 -13.61 -1.67
CA ILE C 51 8.88 -13.57 -2.97
C ILE C 51 7.75 -12.56 -2.87
N MET C 52 7.85 -11.48 -3.62
CA MET C 52 6.95 -10.34 -3.43
C MET C 52 6.09 -10.12 -4.67
N PRO C 53 4.77 -10.30 -4.59
CA PRO C 53 3.91 -9.98 -5.74
C PRO C 53 3.67 -8.48 -5.86
N VAL C 54 3.90 -7.94 -7.06
CA VAL C 54 3.64 -6.54 -7.38
C VAL C 54 2.68 -6.49 -8.55
N GLN C 55 1.89 -5.42 -8.60
CA GLN C 55 0.70 -5.39 -9.46
C GLN C 55 0.58 -4.06 -10.18
N LYS C 56 0.68 -4.08 -11.50
CA LYS C 56 0.45 -2.90 -12.31
C LYS C 56 -0.99 -2.85 -12.76
N GLN C 57 -1.63 -1.73 -12.49
CA GLN C 57 -2.99 -1.55 -12.96
C GLN C 57 -3.00 -1.36 -14.47
N THR C 58 -3.78 -2.18 -15.15
CA THR C 58 -4.19 -1.94 -16.51
C THR C 58 -5.70 -1.78 -16.54
N ARG C 59 -6.20 -1.50 -17.74
CA ARG C 59 -7.62 -1.36 -18.03
C ARG C 59 -8.35 -2.69 -18.06
N ALA C 60 -7.65 -3.80 -18.03
CA ALA C 60 -8.25 -5.12 -18.04
C ALA C 60 -7.94 -5.88 -16.75
N GLY C 61 -7.75 -5.16 -15.66
CA GLY C 61 -7.51 -5.84 -14.41
C GLY C 61 -6.24 -5.38 -13.73
N GLN C 62 -5.46 -6.33 -13.27
CA GLN C 62 -4.15 -6.07 -12.71
C GLN C 62 -3.18 -7.04 -13.35
N ARG C 63 -2.01 -6.54 -13.69
CA ARG C 63 -0.96 -7.38 -14.22
C ARG C 63 0.02 -7.69 -13.12
N THR C 64 0.33 -8.96 -12.92
CA THR C 64 1.03 -9.38 -11.73
C THR C 64 2.40 -9.95 -12.09
N ARG C 65 3.42 -9.39 -11.49
CA ARG C 65 4.75 -9.93 -11.53
C ARG C 65 5.17 -10.25 -10.11
N PHE C 66 6.26 -10.99 -9.97
CA PHE C 66 6.73 -11.46 -8.68
C PHE C 66 8.20 -11.14 -8.54
N LYS C 67 8.56 -10.30 -7.57
CA LYS C 67 9.96 -10.05 -7.28
C LYS C 67 10.49 -11.06 -6.29
N ALA C 68 11.74 -11.46 -6.48
CA ALA C 68 12.41 -12.39 -5.60
C ALA C 68 13.69 -11.76 -5.08
N PHE C 69 13.87 -11.76 -3.77
CA PHE C 69 15.07 -11.24 -3.14
C PHE C 69 15.96 -12.42 -2.75
N VAL C 70 17.12 -12.53 -3.38
CA VAL C 70 17.99 -13.68 -3.21
C VAL C 70 19.31 -13.20 -2.60
N ALA C 71 19.61 -13.69 -1.41
CA ALA C 71 20.91 -13.51 -0.80
C ALA C 71 21.77 -14.69 -1.15
N ILE C 72 23.08 -14.49 -1.13
CA ILE C 72 24.02 -15.50 -1.60
C ILE C 72 25.34 -15.21 -0.93
N GLY C 73 26.20 -16.20 -0.88
CA GLY C 73 27.55 -15.92 -0.48
C GLY C 73 28.27 -17.16 -0.02
N ASP C 74 29.53 -16.95 0.31
CA ASP C 74 30.41 -17.98 0.78
C ASP C 74 30.70 -17.70 2.23
N TYR C 75 30.33 -18.61 3.11
CA TYR C 75 30.61 -18.47 4.52
C TYR C 75 32.12 -18.49 4.71
N ASN C 76 32.64 -17.41 5.32
CA ASN C 76 34.00 -16.82 5.42
C ASN C 76 34.36 -15.85 4.31
N GLY C 77 33.52 -15.66 3.32
CA GLY C 77 33.98 -14.85 2.23
C GLY C 77 33.25 -13.57 1.91
N HIS C 78 32.31 -13.77 0.99
CA HIS C 78 31.76 -12.78 0.11
C HIS C 78 30.25 -12.86 0.19
N VAL C 79 29.55 -11.83 -0.26
CA VAL C 79 28.10 -11.79 -0.21
C VAL C 79 27.53 -11.04 -1.41
N GLY C 80 26.37 -11.51 -1.88
CA GLY C 80 25.64 -10.80 -2.89
C GLY C 80 24.18 -10.67 -2.50
N LEU C 81 23.47 -9.84 -3.27
CA LEU C 81 22.06 -9.61 -3.00
C LEU C 81 21.42 -9.15 -4.29
N GLY C 82 20.49 -9.93 -4.82
CA GLY C 82 19.89 -9.62 -6.10
C GLY C 82 18.38 -9.66 -6.06
N VAL C 83 17.77 -8.81 -6.89
CA VAL C 83 16.33 -8.66 -6.98
C VAL C 83 15.95 -8.76 -8.45
N LYS C 84 15.17 -9.77 -8.82
CA LYS C 84 14.63 -9.84 -10.16
C LYS C 84 13.13 -9.99 -10.08
N CYS C 85 12.45 -9.40 -11.04
CA CYS C 85 11.00 -9.36 -11.09
C CYS C 85 10.54 -9.87 -12.44
N SER C 86 9.61 -10.81 -12.45
CA SER C 86 9.20 -11.46 -13.67
C SER C 86 7.77 -11.95 -13.55
N LYS C 87 7.28 -12.57 -14.61
CA LYS C 87 5.93 -13.09 -14.69
C LYS C 87 5.79 -14.47 -14.07
N GLU C 88 6.88 -15.20 -13.97
CA GLU C 88 6.95 -16.53 -13.40
C GLU C 88 7.84 -16.45 -12.18
N VAL C 89 7.55 -17.22 -11.13
CA VAL C 89 8.43 -17.11 -9.97
C VAL C 89 9.73 -17.86 -10.17
N ALA C 90 9.77 -18.91 -10.99
CA ALA C 90 11.03 -19.60 -11.19
C ALA C 90 11.97 -18.77 -12.05
N THR C 91 11.43 -18.02 -12.98
CA THR C 91 12.25 -17.14 -13.82
C THR C 91 12.79 -15.99 -13.00
N ALA C 92 11.98 -15.47 -12.09
CA ALA C 92 12.44 -14.41 -11.19
C ALA C 92 13.52 -14.91 -10.26
N ILE C 93 13.37 -16.13 -9.75
CA ILE C 93 14.38 -16.68 -8.85
C ILE C 93 15.69 -16.91 -9.59
N ARG C 94 15.64 -17.38 -10.84
CA ARG C 94 16.88 -17.65 -11.57
C ARG C 94 17.58 -16.36 -11.99
N GLY C 95 16.82 -15.36 -12.43
CA GLY C 95 17.41 -14.07 -12.73
C GLY C 95 17.94 -13.37 -11.49
N ALA C 96 17.32 -13.60 -10.35
CA ALA C 96 17.79 -13.02 -9.12
C ALA C 96 19.02 -13.73 -8.60
N ILE C 97 19.19 -15.01 -8.88
CA ILE C 97 20.42 -15.68 -8.48
C ILE C 97 21.58 -15.24 -9.37
N ILE C 98 21.31 -14.97 -10.65
CA ILE C 98 22.35 -14.37 -11.51
C ILE C 98 22.73 -12.99 -11.02
N LEU C 99 21.73 -12.16 -10.71
CA LEU C 99 22.01 -10.81 -10.23
C LEU C 99 22.69 -10.81 -8.88
N ALA C 100 22.42 -11.80 -8.04
CA ALA C 100 23.08 -11.88 -6.75
C ALA C 100 24.50 -12.43 -6.86
N LYS C 101 24.78 -13.23 -7.88
CA LYS C 101 26.17 -13.61 -8.14
C LYS C 101 26.97 -12.46 -8.68
N LEU C 102 26.36 -11.57 -9.46
CA LEU C 102 27.17 -10.52 -10.05
C LEU C 102 27.49 -9.40 -9.07
N SER C 103 26.69 -9.23 -8.03
CA SER C 103 26.92 -8.21 -7.00
C SER C 103 27.61 -8.80 -5.80
N ILE C 104 28.68 -9.52 -5.98
CA ILE C 104 29.40 -10.16 -4.89
C ILE C 104 30.50 -9.20 -4.45
N VAL C 105 30.52 -8.86 -3.17
CA VAL C 105 31.54 -7.95 -2.63
C VAL C 105 32.39 -8.74 -1.64
N PRO C 106 33.63 -8.31 -1.37
CA PRO C 106 34.39 -8.87 -0.26
C PRO C 106 34.12 -8.12 1.03
N VAL C 107 34.11 -8.84 2.15
CA VAL C 107 33.90 -8.18 3.44
C VAL C 107 35.20 -8.22 4.22
N ARG C 108 35.52 -7.11 4.85
CA ARG C 108 36.69 -6.99 5.69
C ARG C 108 36.28 -7.37 7.08
N ARG C 109 37.04 -8.23 7.72
CA ARG C 109 36.71 -8.71 9.05
C ARG C 109 37.88 -8.43 9.97
N GLY C 110 37.58 -7.88 11.13
CA GLY C 110 38.61 -7.51 12.08
C GLY C 110 38.43 -8.21 13.40
N TYR C 111 39.05 -7.70 14.44
CA TYR C 111 39.00 -8.28 15.77
C TYR C 111 38.33 -7.29 16.71
N TRP C 112 37.77 -7.80 17.80
CA TRP C 112 37.17 -6.91 18.77
C TRP C 112 38.21 -6.32 19.70
N GLY C 113 38.87 -7.17 20.45
CA GLY C 113 39.84 -6.69 21.40
C GLY C 113 41.24 -7.08 20.98
N ASN C 114 41.74 -8.16 21.54
CA ASN C 114 43.07 -8.61 21.22
C ASN C 114 43.07 -9.43 19.94
N LYS C 115 44.20 -9.38 19.22
CA LYS C 115 44.29 -9.87 17.86
C LYS C 115 44.94 -11.25 17.85
N ILE C 116 44.14 -12.27 18.18
CA ILE C 116 44.62 -13.62 18.38
C ILE C 116 43.86 -14.56 17.46
N GLY C 117 44.55 -15.18 16.53
CA GLY C 117 43.94 -16.20 15.69
C GLY C 117 43.48 -15.65 14.36
N LYS C 118 42.21 -15.85 14.05
CA LYS C 118 41.59 -15.37 12.83
C LYS C 118 40.59 -14.28 13.16
N PRO C 119 40.22 -13.43 12.20
CA PRO C 119 39.21 -12.41 12.48
C PRO C 119 37.84 -13.03 12.69
N HIS C 120 37.02 -12.30 13.42
CA HIS C 120 35.68 -12.76 13.72
C HIS C 120 34.60 -11.72 13.52
N THR C 121 34.90 -10.43 13.56
CA THR C 121 33.84 -9.45 13.61
C THR C 121 34.06 -8.35 12.59
N VAL C 122 33.26 -7.29 12.66
CA VAL C 122 33.41 -6.11 11.82
C VAL C 122 34.66 -5.38 12.31
N PRO C 123 35.41 -4.70 11.45
CA PRO C 123 36.58 -3.95 11.96
C PRO C 123 36.23 -2.71 12.76
N CYS C 124 35.22 -1.96 12.35
CA CYS C 124 34.82 -0.77 13.10
C CYS C 124 33.30 -0.76 13.14
N LYS C 125 32.72 0.38 13.44
CA LYS C 125 31.29 0.57 13.38
C LYS C 125 30.96 1.13 12.01
N VAL C 126 30.29 0.35 11.17
CA VAL C 126 29.89 0.80 9.85
C VAL C 126 28.39 0.91 9.82
N THR C 127 27.88 1.88 9.05
CA THR C 127 26.45 2.01 8.86
C THR C 127 26.08 1.84 7.39
N GLY C 128 24.80 1.65 7.14
CA GLY C 128 24.34 1.45 5.78
C GLY C 128 22.89 1.81 5.66
N ARG C 129 22.53 2.46 4.58
CA ARG C 129 21.22 3.05 4.48
C ARG C 129 20.54 2.71 3.17
N CYS C 130 19.21 2.55 3.21
CA CYS C 130 18.41 2.41 1.98
C CYS C 130 16.99 2.88 2.29
N GLY C 131 16.73 4.15 2.00
CA GLY C 131 15.41 4.73 2.07
C GLY C 131 14.69 4.64 3.39
N SER C 132 15.17 5.37 4.41
CA SER C 132 14.65 5.34 5.78
C SER C 132 14.75 3.97 6.41
N VAL C 133 15.87 3.31 6.20
CA VAL C 133 16.30 2.20 7.03
C VAL C 133 17.79 2.45 7.25
N LEU C 134 18.18 2.72 8.48
CA LEU C 134 19.58 2.64 8.83
C LEU C 134 19.85 1.28 9.43
N VAL C 135 21.00 0.71 9.11
CA VAL C 135 21.55 -0.44 9.82
C VAL C 135 22.92 -0.02 10.29
N ARG C 136 23.22 -0.30 11.56
CA ARG C 136 24.55 -0.11 12.08
C ARG C 136 25.06 -1.46 12.56
N LEU C 137 26.29 -1.77 12.24
CA LEU C 137 27.00 -2.91 12.80
C LEU C 137 28.01 -2.42 13.82
N ILE C 138 28.18 -3.16 14.90
CA ILE C 138 29.13 -2.81 15.96
C ILE C 138 29.99 -4.05 16.17
N PRO C 139 31.29 -3.94 16.42
CA PRO C 139 32.10 -5.15 16.67
C PRO C 139 31.79 -5.79 18.01
N ALA C 140 31.82 -7.11 18.07
CA ALA C 140 31.43 -7.86 19.25
C ALA C 140 32.53 -8.80 19.69
N PRO C 141 32.58 -9.16 20.98
CA PRO C 141 33.60 -10.09 21.47
C PRO C 141 33.46 -11.47 20.86
N ARG C 142 34.50 -12.28 21.04
CA ARG C 142 34.58 -13.58 20.37
C ARG C 142 33.56 -14.52 20.96
N GLY C 143 32.49 -14.77 20.21
CA GLY C 143 31.54 -15.79 20.61
C GLY C 143 30.15 -15.33 20.96
N THR C 144 29.83 -14.07 20.74
CA THR C 144 28.50 -13.59 21.07
C THR C 144 27.48 -13.86 19.98
N GLY C 145 27.91 -14.23 18.79
CA GLY C 145 26.98 -14.51 17.72
C GLY C 145 26.53 -13.22 17.09
N ILE C 146 25.72 -13.34 16.06
CA ILE C 146 25.09 -12.16 15.49
C ILE C 146 23.89 -11.83 16.36
N VAL C 147 23.91 -10.66 16.98
CA VAL C 147 22.81 -10.17 17.79
C VAL C 147 22.04 -9.22 16.89
N SER C 148 21.02 -9.72 16.21
CA SER C 148 20.35 -8.95 15.19
C SER C 148 18.99 -9.56 14.89
N ALA C 149 18.24 -8.83 14.05
CA ALA C 149 16.99 -9.26 13.47
C ALA C 149 17.22 -10.48 12.57
N PRO C 150 16.16 -11.24 12.27
CA PRO C 150 16.35 -12.43 11.44
C PRO C 150 16.74 -12.18 10.00
N VAL C 151 16.41 -11.03 9.42
CA VAL C 151 16.62 -10.77 7.99
C VAL C 151 18.05 -10.32 7.71
N PRO C 152 18.68 -9.40 8.46
CA PRO C 152 20.12 -9.20 8.26
C PRO C 152 21.00 -10.31 8.78
N LYS C 153 20.46 -11.24 9.55
CA LYS C 153 21.27 -12.30 10.12
C LYS C 153 21.71 -13.29 9.07
N LYS C 154 20.86 -13.56 8.07
CA LYS C 154 21.23 -14.42 6.97
C LYS C 154 22.39 -13.85 6.18
N LEU C 155 22.35 -12.54 5.87
CA LEU C 155 23.42 -11.89 5.15
C LEU C 155 24.71 -11.84 5.96
N LEU C 156 24.60 -11.58 7.26
CA LEU C 156 25.82 -11.50 8.06
C LEU C 156 26.44 -12.88 8.28
N MET C 157 25.63 -13.94 8.34
CA MET C 157 26.20 -15.28 8.43
C MET C 157 26.82 -15.70 7.11
N MET C 158 26.17 -15.38 5.99
CA MET C 158 26.75 -15.67 4.68
C MET C 158 28.02 -14.90 4.40
N ALA C 159 28.21 -13.75 5.05
CA ALA C 159 29.44 -13.00 4.89
C ALA C 159 30.62 -13.69 5.55
N GLY C 160 30.40 -14.46 6.59
CA GLY C 160 31.48 -14.96 7.40
C GLY C 160 31.72 -14.19 8.67
N ILE C 161 30.92 -13.19 8.98
CA ILE C 161 30.99 -12.55 10.29
C ILE C 161 30.42 -13.52 11.31
N ASP C 162 31.17 -13.77 12.37
CA ASP C 162 30.75 -14.72 13.37
C ASP C 162 30.02 -14.05 14.52
N ASP C 163 30.26 -12.77 14.75
CA ASP C 163 29.70 -12.06 15.90
C ASP C 163 29.72 -10.56 15.68
N CYS C 164 28.61 -9.93 16.02
CA CYS C 164 28.34 -8.55 15.66
C CYS C 164 27.13 -8.05 16.42
N TYR C 165 27.20 -6.86 16.97
CA TYR C 165 26.04 -6.18 17.49
C TYR C 165 25.44 -5.31 16.40
N THR C 166 24.13 -5.15 16.43
CA THR C 166 23.43 -4.50 15.34
C THR C 166 22.39 -3.56 15.91
N SER C 167 21.96 -2.58 15.11
CA SER C 167 20.82 -1.75 15.41
C SER C 167 20.24 -1.23 14.10
N ALA C 168 18.92 -1.24 14.01
CA ALA C 168 18.20 -0.74 12.84
C ALA C 168 17.14 0.25 13.26
N ARG C 169 17.21 1.46 12.73
CA ARG C 169 16.15 2.44 12.74
C ARG C 169 15.43 2.40 11.40
N GLY C 170 14.17 2.76 11.39
CA GLY C 170 13.45 2.98 10.17
C GLY C 170 12.40 1.91 9.97
N CYS C 171 11.69 2.02 8.85
CA CYS C 171 10.66 1.03 8.54
C CYS C 171 11.32 -0.23 8.05
N THR C 172 11.74 -1.07 9.00
CA THR C 172 12.44 -2.27 8.63
C THR C 172 11.51 -3.38 8.18
N ALA C 173 10.21 -3.18 8.25
CA ALA C 173 9.26 -4.16 7.73
C ALA C 173 9.35 -4.31 6.22
N THR C 174 9.69 -3.26 5.50
CA THR C 174 9.93 -3.40 4.07
C THR C 174 11.25 -4.12 3.88
N LEU C 175 11.16 -5.42 3.59
CA LEU C 175 12.32 -6.31 3.69
C LEU C 175 13.37 -6.03 2.65
N GLY C 176 12.99 -5.50 1.49
CA GLY C 176 14.00 -5.21 0.48
C GLY C 176 14.93 -4.11 0.90
N ASN C 177 14.39 -3.08 1.57
CA ASN C 177 15.20 -1.97 2.07
C ASN C 177 16.05 -2.37 3.25
N PHE C 178 15.59 -3.32 4.06
CA PHE C 178 16.36 -3.81 5.19
C PHE C 178 17.45 -4.77 4.72
N ALA C 179 17.18 -5.56 3.70
CA ALA C 179 18.24 -6.35 3.09
C ALA C 179 19.25 -5.47 2.39
N LYS C 180 18.79 -4.45 1.68
CA LYS C 180 19.66 -3.58 0.93
C LYS C 180 20.33 -2.53 1.77
N ALA C 181 20.18 -2.56 3.09
CA ALA C 181 20.91 -1.66 3.96
C ALA C 181 21.97 -2.37 4.77
N THR C 182 21.71 -3.59 5.22
CA THR C 182 22.79 -4.39 5.79
C THR C 182 23.77 -4.88 4.74
N PHE C 183 23.37 -5.00 3.48
CA PHE C 183 24.33 -5.27 2.43
C PHE C 183 25.21 -4.05 2.19
N ASP C 184 24.63 -2.86 2.31
CA ASP C 184 25.39 -1.63 2.19
C ASP C 184 26.35 -1.44 3.37
N ALA C 185 25.97 -1.89 4.56
CA ALA C 185 26.87 -1.75 5.70
C ALA C 185 28.04 -2.70 5.61
N ILE C 186 27.85 -3.90 5.07
CA ILE C 186 28.94 -4.84 4.91
C ILE C 186 29.65 -4.65 3.60
N SER C 187 29.32 -3.61 2.86
CA SER C 187 30.13 -3.19 1.73
C SER C 187 31.13 -2.13 2.12
N LYS C 188 30.87 -1.41 3.19
CA LYS C 188 31.71 -0.32 3.62
C LYS C 188 32.82 -0.77 4.54
N THR C 189 32.94 -2.07 4.78
CA THR C 189 34.06 -2.57 5.55
C THR C 189 35.37 -2.41 4.79
N TYR C 190 35.34 -2.55 3.48
CA TYR C 190 36.48 -2.40 2.59
C TYR C 190 36.54 -1.05 1.91
N SER C 191 35.99 -0.04 2.51
CA SER C 191 36.22 1.30 2.04
C SER C 191 36.37 2.22 3.22
N TYR C 192 36.85 1.69 4.32
CA TYR C 192 37.04 2.47 5.52
C TYR C 192 38.52 2.43 5.86
N LEU C 193 39.14 3.61 5.93
CA LEU C 193 40.56 3.74 6.14
C LEU C 193 40.86 3.67 7.62
N THR C 194 41.27 2.53 8.06
CA THR C 194 41.84 2.29 9.37
C THR C 194 43.35 2.51 9.30
N PRO C 195 44.01 2.83 10.41
CA PRO C 195 45.44 3.17 10.35
C PRO C 195 46.39 2.04 9.97
N ASP C 196 45.95 0.81 9.76
CA ASP C 196 46.87 -0.14 9.15
C ASP C 196 46.90 -0.05 7.63
N LEU C 197 45.85 0.51 7.04
CA LEU C 197 45.80 0.78 5.61
C LEU C 197 46.35 2.16 5.27
N TRP C 198 47.29 2.66 6.07
CA TRP C 198 47.89 3.96 5.82
C TRP C 198 49.20 3.85 5.04
N LYS C 199 49.70 2.64 4.83
CA LYS C 199 50.91 2.45 4.05
C LYS C 199 50.67 2.88 2.62
N GLU C 200 51.70 3.46 2.00
CA GLU C 200 51.58 3.96 0.64
C GLU C 200 51.42 2.81 -0.33
N THR C 201 50.48 2.95 -1.26
CA THR C 201 50.14 1.85 -2.14
C THR C 201 51.21 1.63 -3.21
N VAL C 202 51.63 0.38 -3.34
CA VAL C 202 52.54 -0.04 -4.40
C VAL C 202 51.72 -0.62 -5.55
N PHE C 203 51.85 -0.01 -6.72
CA PHE C 203 50.99 -0.32 -7.85
C PHE C 203 51.54 -1.48 -8.66
N THR C 204 50.64 -2.31 -9.15
CA THR C 204 50.98 -3.37 -10.10
C THR C 204 50.09 -3.25 -11.32
N LYS C 205 50.39 -4.07 -12.32
CA LYS C 205 49.74 -3.95 -13.62
C LYS C 205 48.31 -4.46 -13.55
N SER C 206 47.43 -3.78 -14.27
CA SER C 206 46.06 -4.23 -14.46
C SER C 206 46.06 -5.56 -15.21
N PRO C 207 45.02 -6.38 -15.04
CA PRO C 207 44.94 -7.60 -15.85
C PRO C 207 44.85 -7.34 -17.33
N TYR C 208 44.25 -6.23 -17.73
CA TYR C 208 44.16 -5.89 -19.13
C TYR C 208 45.50 -5.45 -19.69
N GLN C 209 46.39 -4.95 -18.84
CA GLN C 209 47.71 -4.54 -19.27
C GLN C 209 48.72 -5.66 -19.15
N GLU C 210 48.56 -6.54 -18.17
CA GLU C 210 49.52 -7.62 -17.99
C GLU C 210 49.38 -8.68 -19.07
N PHE C 211 48.17 -8.91 -19.55
CA PHE C 211 47.90 -9.93 -20.55
C PHE C 211 47.38 -9.31 -21.83
N THR C 212 48.01 -8.22 -22.25
CA THR C 212 47.65 -7.53 -23.48
C THR C 212 48.18 -8.22 -24.71
N ASP C 213 49.06 -9.20 -24.55
CA ASP C 213 49.63 -9.95 -25.65
C ASP C 213 48.93 -11.28 -25.89
N HIS C 214 48.33 -11.85 -24.86
CA HIS C 214 47.43 -12.98 -25.01
C HIS C 214 46.05 -12.55 -25.49
N LEU C 215 45.66 -11.31 -25.23
CA LEU C 215 44.33 -10.84 -25.56
C LEU C 215 44.21 -10.34 -26.99
N VAL C 216 45.28 -10.39 -27.78
CA VAL C 216 45.17 -10.16 -29.22
C VAL C 216 45.20 -11.46 -30.00
N LYS C 217 45.57 -12.57 -29.38
CA LYS C 217 45.46 -13.88 -30.03
C LYS C 217 44.01 -14.29 -30.24
N THR C 218 43.09 -13.72 -29.49
CA THR C 218 41.69 -14.07 -29.60
C THR C 218 40.92 -12.98 -30.33
N ALA D 1 11.42 4.33 70.68
CA ALA D 1 11.07 3.55 71.83
C ALA D 1 10.88 4.45 73.02
N ARG D 2 10.61 3.84 74.17
CA ARG D 2 10.49 4.54 75.43
C ARG D 2 11.51 3.87 76.33
N GLY D 3 12.69 4.40 76.48
CA GLY D 3 13.62 3.72 77.36
C GLY D 3 14.38 2.64 76.64
N PRO D 4 15.43 2.14 77.27
CA PRO D 4 16.50 1.46 76.51
C PRO D 4 16.20 0.05 76.04
N LYS D 5 16.85 -0.32 74.94
CA LYS D 5 16.71 -1.63 74.31
C LYS D 5 17.50 -2.68 75.05
N LYS D 6 16.92 -3.87 75.14
CA LYS D 6 17.53 -4.98 75.84
C LYS D 6 17.81 -6.17 74.95
N HIS D 7 17.49 -6.13 73.67
CA HIS D 7 17.73 -7.22 72.76
C HIS D 7 18.67 -6.76 71.65
N LEU D 8 19.31 -7.74 71.03
CA LEU D 8 20.13 -7.51 69.87
C LEU D 8 19.74 -8.54 68.84
N LYS D 9 19.37 -8.10 67.65
CA LYS D 9 19.16 -9.05 66.59
C LYS D 9 20.49 -9.58 66.08
N ARG D 10 20.44 -10.68 65.37
CA ARG D 10 21.66 -11.38 64.98
C ARG D 10 22.32 -10.72 63.79
N VAL D 11 21.55 -10.29 62.81
CA VAL D 11 22.13 -9.68 61.64
C VAL D 11 22.69 -8.31 62.00
N ALA D 12 22.04 -7.59 62.91
CA ALA D 12 22.53 -6.36 63.47
C ALA D 12 23.70 -6.54 64.44
N ALA D 13 24.35 -7.68 64.63
CA ALA D 13 25.47 -7.84 65.53
C ALA D 13 26.73 -7.28 64.90
N PRO D 14 27.81 -7.09 65.66
CA PRO D 14 29.09 -6.75 65.03
C PRO D 14 29.58 -7.88 64.13
N LYS D 15 30.18 -7.47 63.02
CA LYS D 15 30.58 -8.39 61.97
C LYS D 15 31.69 -9.30 62.44
N HIS D 16 32.55 -8.79 63.30
CA HIS D 16 33.72 -9.56 63.72
C HIS D 16 33.39 -10.65 64.72
N TRP D 17 32.18 -10.69 65.27
CA TRP D 17 31.83 -11.81 66.13
C TRP D 17 31.66 -13.09 65.34
N MET D 18 31.33 -12.99 64.06
CA MET D 18 31.25 -14.09 63.11
C MET D 18 30.17 -15.09 63.52
N LEU D 19 28.99 -14.57 63.79
CA LEU D 19 27.81 -15.37 64.06
C LEU D 19 27.14 -15.69 62.76
N ASP D 20 26.75 -16.94 62.58
CA ASP D 20 26.18 -17.34 61.32
C ASP D 20 24.73 -16.90 61.23
N LYS D 21 24.13 -17.13 60.08
CA LYS D 21 22.81 -16.58 59.84
C LYS D 21 21.70 -17.38 60.49
N LEU D 22 21.82 -18.69 60.59
CA LEU D 22 20.66 -19.55 60.72
C LEU D 22 20.47 -20.14 62.11
N THR D 23 21.21 -19.66 63.10
CA THR D 23 21.13 -20.25 64.42
C THR D 23 20.03 -19.63 65.27
N GLY D 24 19.69 -18.37 65.03
CA GLY D 24 18.63 -17.78 65.80
C GLY D 24 18.28 -16.41 65.26
N VAL D 25 17.27 -15.82 65.86
CA VAL D 25 16.97 -14.43 65.55
C VAL D 25 17.87 -13.49 66.34
N PHE D 26 18.21 -13.84 67.57
CA PHE D 26 18.90 -12.92 68.46
C PHE D 26 20.36 -13.29 68.67
N ALA D 27 21.15 -12.27 68.97
CA ALA D 27 22.57 -12.28 69.26
C ALA D 27 22.80 -11.90 70.72
N PRO D 28 23.96 -12.17 71.31
CA PRO D 28 24.07 -12.10 72.76
C PRO D 28 23.90 -10.77 73.47
N ARG D 29 23.86 -9.60 72.83
CA ARG D 29 23.54 -8.31 73.48
C ARG D 29 24.41 -7.98 74.70
N PRO D 30 25.62 -7.45 74.52
CA PRO D 30 26.54 -7.31 75.63
C PRO D 30 25.99 -6.43 76.74
N SER D 31 26.34 -6.80 77.97
CA SER D 31 25.98 -6.00 79.11
C SER D 31 26.74 -4.69 79.06
N THR D 32 26.24 -3.69 79.76
CA THR D 32 27.00 -2.46 79.89
C THR D 32 28.25 -2.74 80.72
N GLY D 33 29.35 -2.17 80.31
CA GLY D 33 30.56 -2.37 81.04
C GLY D 33 31.63 -1.39 80.66
N PRO D 34 32.88 -1.85 80.66
CA PRO D 34 33.97 -0.96 80.28
C PRO D 34 34.02 -0.62 78.81
N HIS D 35 33.45 -1.45 77.93
CA HIS D 35 33.64 -1.28 76.50
C HIS D 35 32.33 -1.00 75.81
N LYS D 36 32.43 -0.23 74.72
CA LYS D 36 31.36 -0.06 73.76
C LYS D 36 30.89 -1.40 73.23
N LEU D 37 29.60 -1.51 72.93
CA LEU D 37 29.12 -2.82 72.51
C LEU D 37 29.50 -3.16 71.08
N ARG D 38 29.99 -2.20 70.33
CA ARG D 38 30.51 -2.48 69.01
C ARG D 38 31.98 -2.86 69.04
N GLU D 39 32.64 -2.64 70.17
CA GLU D 39 34.08 -2.77 70.33
C GLU D 39 34.45 -3.88 71.30
N CYS D 40 33.61 -4.89 71.45
CA CYS D 40 33.83 -5.86 72.51
C CYS D 40 33.52 -7.23 72.00
N LEU D 41 33.92 -8.21 72.81
CA LEU D 41 33.61 -9.62 72.57
C LEU D 41 33.00 -10.15 73.84
N PRO D 42 31.72 -10.51 73.85
CA PRO D 42 31.11 -11.04 75.07
C PRO D 42 31.73 -12.37 75.46
N LEU D 43 31.58 -12.70 76.74
CA LEU D 43 32.22 -13.90 77.25
C LEU D 43 31.53 -15.16 76.76
N ILE D 44 30.30 -15.06 76.27
CA ILE D 44 29.63 -16.23 75.73
C ILE D 44 30.21 -16.60 74.35
N ILE D 45 30.66 -15.61 73.59
CA ILE D 45 31.25 -15.89 72.30
C ILE D 45 32.68 -16.38 72.44
N PHE D 46 33.37 -15.96 73.49
CA PHE D 46 34.72 -16.47 73.68
C PHE D 46 34.71 -17.92 74.15
N LEU D 47 33.69 -18.34 74.88
CA LEU D 47 33.70 -19.70 75.36
C LEU D 47 33.04 -20.67 74.39
N ARG D 48 31.90 -20.31 73.83
CA ARG D 48 31.16 -21.22 72.98
C ARG D 48 31.69 -21.22 71.55
N ASN D 49 31.92 -20.04 70.98
CA ASN D 49 32.20 -19.93 69.56
C ASN D 49 33.67 -20.04 69.23
N ARG D 50 34.53 -19.39 70.00
CA ARG D 50 35.95 -19.36 69.69
C ARG D 50 36.68 -20.56 70.26
N LEU D 51 36.55 -20.78 71.55
CA LEU D 51 37.31 -21.81 72.24
C LEU D 51 36.70 -23.19 72.12
N LYS D 52 35.42 -23.28 71.75
CA LYS D 52 34.66 -24.53 71.64
C LYS D 52 34.62 -25.31 72.95
N TYR D 53 34.75 -24.63 74.08
CA TYR D 53 34.60 -25.29 75.36
C TYR D 53 33.15 -25.67 75.60
N ALA D 54 32.27 -24.70 75.52
CA ALA D 54 30.85 -24.95 75.67
C ALA D 54 30.23 -25.34 74.34
N LEU D 55 28.99 -25.77 74.39
CA LEU D 55 28.26 -26.09 73.18
C LEU D 55 26.94 -25.36 73.06
N THR D 56 26.35 -24.91 74.15
CA THR D 56 25.13 -24.12 74.12
C THR D 56 25.28 -22.92 75.04
N GLY D 57 24.36 -22.01 74.94
CA GLY D 57 24.29 -20.87 75.84
C GLY D 57 23.75 -21.15 77.22
N ASP D 58 23.61 -22.42 77.58
CA ASP D 58 23.44 -22.84 78.96
C ASP D 58 24.72 -23.40 79.55
N GLU D 59 25.58 -23.98 78.74
CA GLU D 59 26.86 -24.42 79.27
C GLU D 59 27.79 -23.27 79.59
N VAL D 60 27.65 -22.12 78.93
CA VAL D 60 28.42 -20.95 79.33
C VAL D 60 27.97 -20.49 80.71
N LYS D 61 26.68 -20.59 81.00
CA LYS D 61 26.18 -20.33 82.34
C LYS D 61 26.75 -21.31 83.35
N LYS D 62 26.78 -22.60 82.99
CA LYS D 62 27.32 -23.60 83.90
C LYS D 62 28.83 -23.48 84.09
N ILE D 63 29.55 -22.91 83.13
CA ILE D 63 30.98 -22.70 83.31
C ILE D 63 31.26 -21.47 84.14
N CYS D 64 30.61 -20.35 83.82
CA CYS D 64 30.82 -19.11 84.55
C CYS D 64 30.29 -19.17 85.97
N MET D 65 29.35 -20.05 86.25
CA MET D 65 28.77 -20.09 87.58
C MET D 65 29.58 -20.90 88.56
N GLN D 66 30.56 -21.67 88.09
CA GLN D 66 31.52 -22.30 88.98
C GLN D 66 32.66 -21.36 89.33
N ARG D 67 32.57 -20.10 88.90
CA ARG D 67 33.53 -19.03 89.17
C ARG D 67 34.92 -19.40 88.64
N PHE D 68 34.94 -20.01 87.47
CA PHE D 68 36.17 -20.49 86.85
C PHE D 68 36.82 -19.45 85.95
N ILE D 69 36.25 -18.26 85.83
CA ILE D 69 36.66 -17.33 84.79
C ILE D 69 36.94 -15.98 85.42
N LYS D 70 38.17 -15.49 85.22
CA LYS D 70 38.59 -14.19 85.73
C LYS D 70 38.89 -13.30 84.53
N ILE D 71 38.22 -12.16 84.46
CA ILE D 71 38.47 -11.17 83.42
C ILE D 71 39.12 -9.98 84.08
N ASP D 72 40.40 -9.76 83.73
CA ASP D 72 41.30 -8.82 84.38
C ASP D 72 41.44 -9.11 85.87
N GLY D 73 41.60 -10.38 86.21
CA GLY D 73 41.85 -10.77 87.57
C GLY D 73 40.69 -10.65 88.53
N LYS D 74 39.50 -10.35 88.05
CA LYS D 74 38.30 -10.36 88.87
C LYS D 74 37.32 -11.36 88.28
N VAL D 75 36.67 -12.13 89.14
CA VAL D 75 35.85 -13.24 88.71
C VAL D 75 34.55 -12.70 88.14
N ARG D 76 34.18 -13.18 86.96
CA ARG D 76 33.03 -12.66 86.24
C ARG D 76 31.97 -13.73 86.09
N THR D 77 30.79 -13.48 86.64
CA THR D 77 29.65 -14.37 86.56
C THR D 77 28.55 -13.83 85.67
N ASP D 78 28.91 -12.98 84.71
CA ASP D 78 28.01 -12.54 83.66
C ASP D 78 28.56 -13.07 82.35
N ILE D 79 27.73 -13.76 81.58
CA ILE D 79 28.18 -14.37 80.34
C ILE D 79 28.22 -13.39 79.19
N THR D 80 27.59 -12.22 79.35
CA THR D 80 27.59 -11.18 78.34
C THR D 80 28.35 -9.95 78.80
N TYR D 81 29.29 -10.13 79.71
CA TYR D 81 30.20 -9.11 80.13
C TYR D 81 31.08 -8.72 78.96
N PRO D 82 31.12 -7.47 78.55
CA PRO D 82 31.92 -7.11 77.39
C PRO D 82 33.41 -7.09 77.67
N ALA D 83 34.12 -8.12 77.24
CA ALA D 83 35.56 -8.06 77.26
C ALA D 83 36.01 -7.34 75.99
N GLY D 84 36.97 -6.45 76.13
CA GLY D 84 37.43 -5.67 75.01
C GLY D 84 38.92 -5.80 74.83
N PHE D 85 39.51 -4.75 74.29
CA PHE D 85 40.91 -4.75 73.89
C PHE D 85 41.82 -4.75 75.11
N MET D 86 42.87 -5.56 75.05
CA MET D 86 43.92 -5.71 76.07
C MET D 86 43.39 -6.27 77.39
N ASP D 87 42.29 -7.02 77.33
CA ASP D 87 41.72 -7.63 78.53
C ASP D 87 42.27 -9.03 78.69
N VAL D 88 42.66 -9.39 79.91
CA VAL D 88 43.31 -10.67 80.18
C VAL D 88 42.28 -11.62 80.75
N ILE D 89 42.15 -12.78 80.14
CA ILE D 89 41.20 -13.79 80.56
C ILE D 89 41.99 -14.96 81.13
N SER D 90 41.91 -15.16 82.43
CA SER D 90 42.65 -16.20 83.14
C SER D 90 41.69 -17.32 83.50
N ILE D 91 41.90 -18.48 82.93
CA ILE D 91 41.18 -19.68 83.34
C ILE D 91 42.18 -20.56 84.08
N ASP D 92 41.93 -20.76 85.37
CA ASP D 92 42.92 -21.42 86.21
C ASP D 92 42.69 -22.91 86.36
N LYS D 93 41.49 -23.40 86.08
CA LYS D 93 41.22 -24.83 86.17
C LYS D 93 41.96 -25.60 85.08
N THR D 94 42.11 -25.01 83.89
CA THR D 94 42.87 -25.63 82.82
C THR D 94 44.32 -25.15 82.77
N GLY D 95 44.57 -23.87 83.04
CA GLY D 95 45.91 -23.34 83.06
C GLY D 95 46.26 -22.38 81.94
N GLU D 96 45.28 -21.95 81.16
CA GLU D 96 45.56 -21.07 80.04
C GLU D 96 45.38 -19.62 80.42
N ASN D 97 45.94 -18.74 79.59
CA ASN D 97 45.74 -17.32 79.75
C ASN D 97 45.67 -16.71 78.36
N PHE D 98 44.68 -15.86 78.14
CA PHE D 98 44.49 -15.20 76.85
C PHE D 98 44.55 -13.70 77.03
N ARG D 99 44.85 -13.01 75.94
CA ARG D 99 44.71 -11.57 75.86
C ARG D 99 43.94 -11.27 74.58
N LEU D 100 43.01 -10.34 74.66
CA LEU D 100 42.22 -9.98 73.50
C LEU D 100 42.96 -8.91 72.72
N ILE D 101 43.60 -9.31 71.65
CA ILE D 101 44.24 -8.38 70.73
C ILE D 101 43.61 -8.63 69.36
N TYR D 102 43.43 -7.57 68.59
CA TYR D 102 42.99 -7.71 67.21
C TYR D 102 44.05 -8.38 66.37
N ASP D 103 43.61 -9.11 65.36
CA ASP D 103 44.53 -9.64 64.36
C ASP D 103 44.40 -8.79 63.10
N THR D 104 45.08 -9.22 62.04
CA THR D 104 45.28 -8.38 60.85
C THR D 104 44.02 -8.17 60.04
N LYS D 105 42.92 -8.87 60.35
CA LYS D 105 41.73 -8.87 59.50
C LYS D 105 40.53 -8.21 60.17
N GLY D 106 40.73 -7.48 61.25
CA GLY D 106 39.68 -6.70 61.83
C GLY D 106 38.81 -7.42 62.83
N ARG D 107 39.21 -8.59 63.30
CA ARG D 107 38.48 -9.34 64.31
C ARG D 107 39.37 -9.49 65.53
N PHE D 108 38.87 -10.19 66.54
CA PHE D 108 39.69 -10.56 67.68
C PHE D 108 40.45 -11.85 67.32
N ALA D 109 41.10 -12.46 68.31
CA ALA D 109 41.80 -13.70 68.07
C ALA D 109 42.00 -14.43 69.37
N VAL D 110 42.05 -15.76 69.30
CA VAL D 110 42.47 -16.59 70.42
C VAL D 110 43.98 -16.47 70.53
N HIS D 111 44.46 -15.64 71.45
CA HIS D 111 45.88 -15.38 71.61
C HIS D 111 46.28 -15.90 72.99
N ARG D 112 46.74 -17.15 73.05
CA ARG D 112 47.17 -17.73 74.31
C ARG D 112 48.45 -17.05 74.77
N ILE D 113 48.53 -16.79 76.07
CA ILE D 113 49.62 -16.00 76.61
C ILE D 113 50.13 -16.63 77.90
N THR D 114 51.36 -16.33 78.24
CA THR D 114 52.05 -16.88 79.38
C THR D 114 51.58 -16.19 80.67
N PRO D 115 51.36 -16.95 81.75
CA PRO D 115 50.95 -16.32 83.02
C PRO D 115 51.97 -15.40 83.66
N GLU D 116 53.19 -15.32 83.15
CA GLU D 116 54.09 -14.28 83.57
C GLU D 116 53.77 -12.95 82.94
N GLU D 117 53.09 -12.95 81.79
CA GLU D 117 52.66 -11.71 81.16
C GLU D 117 51.27 -11.29 81.61
N ALA D 118 50.50 -12.21 82.17
CA ALA D 118 49.11 -11.95 82.49
C ALA D 118 48.92 -11.13 83.75
N LYS D 119 49.98 -10.62 84.35
CA LYS D 119 49.87 -9.80 85.53
C LYS D 119 49.76 -8.32 85.20
N TYR D 120 49.80 -7.96 83.92
CA TYR D 120 49.70 -6.56 83.55
C TYR D 120 48.93 -6.43 82.25
N LYS D 121 48.49 -5.22 81.99
CA LYS D 121 47.84 -4.86 80.74
C LYS D 121 48.15 -3.41 80.46
N LEU D 122 47.99 -3.00 79.21
CA LEU D 122 48.14 -1.61 78.85
C LEU D 122 46.77 -0.97 78.70
N CYS D 123 46.71 0.32 79.00
CA CYS D 123 45.53 1.12 78.75
C CYS D 123 45.94 2.39 78.05
N LYS D 124 44.99 3.05 77.42
CA LYS D 124 45.22 4.31 76.73
C LYS D 124 44.49 5.41 77.49
N VAL D 125 45.19 6.51 77.74
CA VAL D 125 44.64 7.60 78.53
C VAL D 125 43.66 8.41 77.67
N ARG D 126 42.49 8.71 78.22
CA ARG D 126 41.42 9.32 77.44
C ARG D 126 41.02 10.70 77.91
N LYS D 127 41.00 10.96 79.21
CA LYS D 127 40.81 12.31 79.70
C LYS D 127 41.47 12.45 81.06
N ILE D 128 42.11 13.60 81.27
CA ILE D 128 42.84 13.88 82.50
C ILE D 128 42.29 15.18 83.07
N PHE D 129 41.85 15.13 84.32
CA PHE D 129 41.16 16.23 84.95
C PHE D 129 41.57 16.29 86.40
N VAL D 130 41.54 17.48 86.97
CA VAL D 130 41.80 17.66 88.38
C VAL D 130 40.48 17.90 89.08
N GLY D 131 40.50 17.85 90.39
CA GLY D 131 39.28 18.06 91.15
C GLY D 131 39.43 17.53 92.55
N THR D 132 38.41 17.83 93.36
CA THR D 132 38.21 17.28 94.71
C THR D 132 39.41 17.57 95.62
N LYS D 133 39.57 18.87 95.91
CA LYS D 133 40.72 19.43 96.64
C LYS D 133 42.03 19.20 95.88
N GLY D 134 41.99 19.39 94.57
CA GLY D 134 43.18 19.38 93.75
C GLY D 134 43.90 18.05 93.64
N ILE D 135 43.17 17.00 93.29
CA ILE D 135 43.72 15.65 93.16
C ILE D 135 43.56 15.23 91.71
N PRO D 136 44.62 14.88 90.99
CA PRO D 136 44.51 14.57 89.58
C PRO D 136 44.12 13.12 89.30
N HIS D 137 43.42 12.93 88.19
CA HIS D 137 42.89 11.63 87.82
C HIS D 137 43.25 11.31 86.38
N LEU D 138 43.17 10.02 86.06
CA LEU D 138 43.14 9.53 84.70
C LEU D 138 41.77 8.96 84.44
N VAL D 139 41.43 8.83 83.17
CA VAL D 139 40.36 7.94 82.74
C VAL D 139 40.90 7.19 81.54
N THR D 140 40.94 5.88 81.62
CA THR D 140 41.41 5.08 80.52
C THR D 140 40.23 4.56 79.70
N HIS D 141 40.53 3.80 78.67
CA HIS D 141 39.50 3.26 77.80
C HIS D 141 38.74 2.08 78.40
N ASP D 142 39.07 1.66 79.61
CA ASP D 142 38.31 0.66 80.35
C ASP D 142 37.46 1.28 81.43
N ALA D 143 37.34 2.60 81.42
CA ALA D 143 36.79 3.46 82.47
C ALA D 143 37.56 3.37 83.78
N ARG D 144 38.72 2.72 83.81
CA ARG D 144 39.56 2.68 84.99
C ARG D 144 40.07 4.08 85.29
N THR D 145 39.70 4.60 86.45
CA THR D 145 40.27 5.86 86.90
C THR D 145 41.35 5.61 87.93
N ILE D 146 42.52 6.17 87.68
CA ILE D 146 43.71 5.97 88.50
C ILE D 146 44.10 7.33 89.01
N ARG D 147 43.65 7.69 90.21
CA ARG D 147 44.05 8.97 90.75
C ARG D 147 45.50 8.93 91.21
N TYR D 148 46.09 10.12 91.31
CA TYR D 148 47.51 10.41 91.41
C TYR D 148 48.28 9.71 90.28
N PRO D 149 48.23 10.21 89.07
CA PRO D 149 49.09 9.68 88.02
C PRO D 149 50.42 10.40 88.00
N ASP D 150 51.32 9.92 87.15
CA ASP D 150 52.57 10.63 86.91
C ASP D 150 52.26 11.93 86.18
N PRO D 151 52.88 13.05 86.57
CA PRO D 151 52.63 14.32 85.86
C PRO D 151 53.01 14.31 84.39
N LEU D 152 53.82 13.38 83.92
CA LEU D 152 54.17 13.31 82.51
C LEU D 152 53.26 12.37 81.73
N ILE D 153 52.10 12.03 82.26
CA ILE D 153 51.09 11.32 81.50
C ILE D 153 50.10 12.34 80.97
N LYS D 154 49.90 12.35 79.66
CA LYS D 154 48.93 13.26 79.06
C LYS D 154 47.93 12.45 78.25
N VAL D 155 47.11 13.10 77.46
CA VAL D 155 46.08 12.42 76.71
C VAL D 155 46.72 11.75 75.49
N ASN D 156 46.19 10.58 75.12
CA ASN D 156 46.55 9.69 74.00
C ASN D 156 47.83 8.92 74.24
N ASP D 157 48.32 8.83 75.47
CA ASP D 157 49.51 8.05 75.73
C ASP D 157 49.11 6.63 76.12
N THR D 158 50.04 5.86 76.68
CA THR D 158 49.74 4.51 77.12
C THR D 158 50.39 4.28 78.46
N ILE D 159 49.61 3.80 79.42
CA ILE D 159 50.12 3.41 80.71
C ILE D 159 50.25 1.90 80.73
N GLN D 160 50.87 1.37 81.77
CA GLN D 160 50.89 -0.07 81.99
C GLN D 160 50.37 -0.35 83.38
N ILE D 161 49.27 -1.02 83.46
CA ILE D 161 48.54 -1.23 84.70
C ILE D 161 49.00 -2.54 85.31
N ASP D 162 49.26 -2.54 86.61
CA ASP D 162 49.41 -3.80 87.32
C ASP D 162 48.02 -4.29 87.72
N LEU D 163 47.69 -5.54 87.37
CA LEU D 163 46.32 -6.01 87.46
C LEU D 163 45.94 -6.56 88.82
N GLU D 164 46.90 -6.81 89.70
CA GLU D 164 46.56 -7.24 91.05
C GLU D 164 46.33 -6.08 91.98
N THR D 165 46.95 -4.93 91.69
CA THR D 165 46.87 -3.76 92.55
C THR D 165 46.12 -2.60 91.93
N GLY D 166 46.09 -2.49 90.61
CA GLY D 166 45.42 -1.39 89.96
C GLY D 166 46.26 -0.17 89.67
N LYS D 167 47.56 -0.22 89.95
CA LYS D 167 48.41 0.96 89.89
C LYS D 167 49.26 0.97 88.64
N ILE D 168 49.71 2.16 88.25
CA ILE D 168 50.53 2.34 87.08
C ILE D 168 51.97 2.00 87.42
N THR D 169 52.65 1.29 86.53
CA THR D 169 54.05 0.96 86.73
C THR D 169 54.98 1.82 85.88
N ASP D 170 54.79 1.83 84.56
CA ASP D 170 55.51 2.76 83.69
C ASP D 170 54.70 2.97 82.43
N PHE D 171 55.01 4.04 81.70
CA PHE D 171 54.17 4.47 80.61
C PHE D 171 54.99 4.70 79.35
N ILE D 172 54.29 4.91 78.24
CA ILE D 172 54.83 5.35 76.96
C ILE D 172 54.08 6.61 76.58
N LYS D 173 54.77 7.56 75.95
CA LYS D 173 54.12 8.79 75.52
C LYS D 173 53.81 8.75 74.03
N PHE D 174 52.91 9.63 73.62
CA PHE D 174 52.59 9.79 72.20
C PHE D 174 53.69 10.59 71.51
N ASP D 175 54.41 9.96 70.61
CA ASP D 175 55.46 10.63 69.86
C ASP D 175 55.52 10.02 68.48
N THR D 176 56.40 10.55 67.64
CA THR D 176 56.74 9.83 66.42
C THR D 176 57.68 8.69 66.77
N GLY D 177 57.81 7.75 65.84
CA GLY D 177 58.71 6.64 66.06
C GLY D 177 58.25 5.59 67.04
N ASN D 178 57.03 5.69 67.57
CA ASN D 178 56.50 4.70 68.49
C ASN D 178 55.65 3.69 67.75
N LEU D 179 55.67 2.46 68.25
CA LEU D 179 54.95 1.36 67.65
C LEU D 179 53.50 1.41 68.08
N CYS D 180 52.58 1.39 67.13
CA CYS D 180 51.17 1.56 67.46
C CYS D 180 50.32 0.50 66.78
N MET D 181 49.20 0.15 67.42
CA MET D 181 48.18 -0.71 66.84
C MET D 181 46.92 0.11 66.56
N VAL D 182 46.30 -0.13 65.43
CA VAL D 182 45.06 0.53 65.06
C VAL D 182 43.89 -0.26 65.61
N THR D 183 43.05 0.37 66.43
CA THR D 183 41.92 -0.28 67.08
C THR D 183 40.58 0.18 66.54
N GLY D 184 40.51 0.56 65.27
CA GLY D 184 39.23 0.92 64.69
C GLY D 184 39.34 1.41 63.27
N GLY D 185 38.33 1.10 62.44
CA GLY D 185 38.35 1.56 61.08
C GLY D 185 38.61 0.45 60.09
N ALA D 186 39.21 0.78 58.94
CA ALA D 186 39.49 -0.20 57.91
C ALA D 186 40.93 -0.69 57.96
N ASN D 187 41.76 -0.07 58.79
CA ASN D 187 43.12 -0.52 59.02
C ASN D 187 43.25 -1.16 60.38
N LEU D 188 42.16 -1.72 60.88
CA LEU D 188 42.10 -2.22 62.24
C LEU D 188 42.97 -3.45 62.38
N GLY D 189 43.60 -3.58 63.54
CA GLY D 189 44.49 -4.69 63.81
C GLY D 189 45.86 -4.60 63.20
N ARG D 190 46.22 -3.48 62.60
CA ARG D 190 47.50 -3.31 61.93
C ARG D 190 48.50 -2.63 62.84
N ILE D 191 49.75 -3.09 62.77
CA ILE D 191 50.81 -2.63 63.65
C ILE D 191 51.84 -1.88 62.83
N GLY D 192 52.12 -0.64 63.21
CA GLY D 192 53.20 0.07 62.55
C GLY D 192 53.72 1.21 63.40
N VAL D 193 54.75 1.82 62.90
CA VAL D 193 55.48 2.89 63.56
C VAL D 193 54.84 4.22 63.20
N ILE D 194 54.68 5.10 64.18
CA ILE D 194 54.08 6.40 63.91
C ILE D 194 55.07 7.23 63.11
N THR D 195 54.65 7.64 61.92
CA THR D 195 55.46 8.49 61.05
C THR D 195 55.22 9.96 61.32
N ASN D 196 53.96 10.34 61.47
CA ASN D 196 53.53 11.71 61.30
C ASN D 196 52.15 11.83 61.91
N ARG D 197 51.84 13.01 62.42
CA ARG D 197 50.53 13.26 63.01
C ARG D 197 50.09 14.64 62.55
N GLU D 198 49.13 14.69 61.65
CA GLU D 198 48.65 15.96 61.12
C GLU D 198 47.50 16.49 61.95
N ARG D 199 47.60 17.75 62.32
CA ARG D 199 46.65 18.38 63.22
C ARG D 199 45.57 19.09 62.43
N HIS D 200 44.32 18.91 62.84
CA HIS D 200 43.18 19.58 62.22
C HIS D 200 42.32 20.17 63.33
N PRO D 201 42.57 21.41 63.71
CA PRO D 201 41.98 21.95 64.94
C PRO D 201 40.52 22.26 64.74
N GLY D 202 39.67 21.67 65.56
CA GLY D 202 38.25 21.66 65.35
C GLY D 202 37.75 20.44 64.61
N SER D 203 38.62 19.49 64.34
CA SER D 203 38.30 18.24 63.67
C SER D 203 39.29 17.21 64.18
N PHE D 204 39.49 16.15 63.43
CA PHE D 204 40.24 14.99 63.91
C PHE D 204 41.67 14.97 63.42
N ASP D 205 42.60 14.64 64.32
CA ASP D 205 43.99 14.45 63.93
C ASP D 205 44.12 13.18 63.12
N VAL D 206 44.93 13.24 62.07
CA VAL D 206 45.24 12.10 61.24
C VAL D 206 46.67 11.68 61.52
N VAL D 207 46.89 10.39 61.76
CA VAL D 207 48.16 9.88 62.23
C VAL D 207 48.68 8.90 61.21
N HIS D 208 49.65 9.30 60.41
CA HIS D 208 50.20 8.42 59.38
C HIS D 208 51.13 7.41 60.02
N VAL D 209 50.93 6.15 59.69
CA VAL D 209 51.63 5.01 60.29
C VAL D 209 52.40 4.31 59.19
N LYS D 210 53.54 3.70 59.55
CA LYS D 210 54.38 3.00 58.59
C LYS D 210 54.59 1.57 59.04
N ASP D 211 54.41 0.62 58.12
CA ASP D 211 54.51 -0.80 58.44
C ASP D 211 55.96 -1.20 58.70
N ALA D 212 56.16 -2.49 58.98
CA ALA D 212 57.48 -3.09 59.00
C ALA D 212 57.90 -3.62 57.64
N ASN D 213 57.03 -3.52 56.64
CA ASN D 213 57.39 -3.82 55.26
C ASN D 213 57.44 -2.58 54.39
N GLY D 214 56.96 -1.44 54.87
CA GLY D 214 56.93 -0.21 54.11
C GLY D 214 55.55 0.27 53.74
N ASN D 215 54.50 -0.48 54.09
CA ASN D 215 53.15 -0.11 53.74
C ASN D 215 52.64 1.00 54.66
N SER D 216 52.56 2.22 54.13
CA SER D 216 52.05 3.33 54.91
C SER D 216 50.53 3.33 54.90
N PHE D 217 49.94 3.71 56.03
CA PHE D 217 48.51 3.94 56.11
C PHE D 217 48.26 5.07 57.08
N ALA D 218 47.03 5.58 57.09
CA ALA D 218 46.64 6.63 58.00
C ALA D 218 45.36 6.24 58.71
N THR D 219 45.13 6.83 59.88
CA THR D 219 43.87 6.70 60.61
C THR D 219 43.56 8.04 61.24
N ARG D 220 42.39 8.12 61.85
CA ARG D 220 42.14 9.20 62.79
C ARG D 220 42.89 8.92 64.07
N LEU D 221 42.96 9.92 64.94
CA LEU D 221 43.79 9.77 66.13
C LEU D 221 43.18 8.83 67.15
N SER D 222 41.85 8.71 67.17
CA SER D 222 41.21 7.91 68.20
C SER D 222 41.35 6.43 67.96
N ASN D 223 41.69 6.02 66.75
CA ASN D 223 41.97 4.63 66.45
C ASN D 223 43.43 4.30 66.57
N ILE D 224 44.15 4.92 67.49
CA ILE D 224 45.59 4.74 67.61
C ILE D 224 45.90 4.35 69.04
N PHE D 225 46.62 3.25 69.21
CA PHE D 225 46.96 2.70 70.52
C PHE D 225 48.46 2.49 70.54
N VAL D 226 49.18 3.22 71.37
CA VAL D 226 50.64 3.09 71.40
C VAL D 226 50.99 1.82 72.17
N ILE D 227 51.61 0.87 71.48
CA ILE D 227 51.95 -0.41 72.07
C ILE D 227 53.37 -0.43 72.61
N GLY D 228 54.35 0.07 71.86
CA GLY D 228 55.72 -0.01 72.27
C GLY D 228 56.42 1.32 72.16
N LYS D 229 57.49 1.45 72.95
CA LYS D 229 58.47 2.51 72.78
C LYS D 229 59.48 2.07 71.74
N GLY D 230 59.68 2.89 70.72
CA GLY D 230 60.56 2.50 69.65
C GLY D 230 59.88 1.51 68.73
N ASN D 231 60.42 0.30 68.63
CA ASN D 231 59.81 -0.74 67.80
C ASN D 231 59.56 -2.01 68.57
N LYS D 232 59.72 -2.00 69.88
CA LYS D 232 59.62 -3.21 70.66
C LYS D 232 58.28 -3.24 71.35
N PRO D 233 57.41 -4.20 71.03
CA PRO D 233 56.09 -4.23 71.66
C PRO D 233 56.18 -4.68 73.11
N TRP D 234 55.48 -3.95 73.98
CA TRP D 234 55.47 -4.28 75.40
C TRP D 234 54.48 -5.37 75.73
N ILE D 235 53.71 -5.84 74.75
CA ILE D 235 52.90 -7.02 74.87
C ILE D 235 53.32 -7.96 73.75
N SER D 236 52.90 -9.21 73.85
CA SER D 236 53.13 -10.11 72.74
C SER D 236 52.17 -9.79 71.61
N LEU D 237 52.45 -10.35 70.45
CA LEU D 237 51.68 -10.13 69.24
C LEU D 237 51.14 -11.46 68.75
N PRO D 238 50.09 -11.46 67.90
CA PRO D 238 49.56 -12.73 67.41
C PRO D 238 50.45 -13.43 66.40
N ARG D 239 49.92 -14.50 65.81
CA ARG D 239 50.68 -15.34 64.88
C ARG D 239 51.15 -14.55 63.67
N GLY D 240 50.23 -13.82 63.04
CA GLY D 240 50.64 -12.75 62.17
C GLY D 240 51.04 -11.54 63.00
N LYS D 241 51.97 -10.76 62.47
CA LYS D 241 52.59 -9.70 63.26
C LYS D 241 51.96 -8.35 62.99
N GLY D 242 50.65 -8.29 62.82
CA GLY D 242 49.99 -7.02 62.57
C GLY D 242 50.22 -6.47 61.20
N ILE D 243 50.61 -7.31 60.25
CA ILE D 243 51.00 -6.90 58.92
C ILE D 243 50.04 -7.53 57.93
N ARG D 244 49.24 -6.71 57.29
CA ARG D 244 48.13 -7.18 56.47
C ARG D 244 48.65 -7.59 55.11
N LEU D 245 48.42 -8.85 54.75
CA LEU D 245 48.77 -9.35 53.45
C LEU D 245 47.66 -9.05 52.47
N THR D 246 48.04 -8.59 51.28
CA THR D 246 47.09 -8.48 50.20
C THR D 246 46.63 -9.85 49.77
N ILE D 247 45.46 -9.91 49.12
CA ILE D 247 44.79 -11.18 48.89
C ILE D 247 45.52 -12.06 47.90
N ALA D 248 46.37 -11.48 47.06
CA ALA D 248 47.16 -12.28 46.12
C ALA D 248 48.19 -13.11 46.86
N GLU D 249 49.02 -12.45 47.66
CA GLU D 249 50.00 -13.19 48.45
C GLU D 249 49.36 -13.95 49.60
N GLU D 250 48.18 -13.53 50.06
CA GLU D 250 47.43 -14.35 51.01
C GLU D 250 46.95 -15.64 50.38
N ARG D 251 46.71 -15.63 49.07
CA ARG D 251 46.44 -16.86 48.34
C ARG D 251 47.71 -17.69 48.13
N ASP D 252 48.81 -17.00 47.82
CA ASP D 252 50.08 -17.67 47.59
C ASP D 252 50.56 -18.41 48.82
N LYS D 253 50.28 -17.85 50.00
CA LYS D 253 50.63 -18.52 51.25
C LYS D 253 49.89 -19.83 51.41
N ARG D 254 48.63 -19.89 50.98
CA ARG D 254 47.88 -21.13 51.09
C ARG D 254 48.32 -22.14 50.06
N LEU D 255 48.47 -21.71 48.81
CA LEU D 255 48.80 -22.65 47.75
C LEU D 255 50.27 -23.05 47.76
N ALA D 256 51.09 -22.41 48.58
CA ALA D 256 52.43 -22.91 48.86
C ALA D 256 52.53 -23.63 50.19
N ALA D 257 51.61 -23.38 51.12
CA ALA D 257 51.65 -24.07 52.40
C ALA D 257 50.97 -25.42 52.37
N LYS D 258 50.12 -25.69 51.38
CA LYS D 258 49.57 -27.03 51.22
C LYS D 258 50.59 -28.00 50.66
N GLN D 259 51.68 -27.50 50.08
CA GLN D 259 52.69 -28.34 49.46
C GLN D 259 53.73 -28.85 50.45
N SER D 260 53.54 -28.61 51.74
CA SER D 260 54.34 -29.20 52.80
C SER D 260 53.73 -30.47 53.36
N SER D 261 52.67 -30.98 52.71
CA SER D 261 51.89 -32.10 53.20
C SER D 261 52.39 -33.43 52.62
N GLY D 262 51.93 -34.51 53.24
CA GLY D 262 52.31 -35.85 52.81
C GLY D 262 52.23 -36.86 53.93
N VAL E 1 -25.82 -49.48 -58.92
CA VAL E 1 -26.14 -48.11 -59.32
C VAL E 1 -25.05 -47.17 -58.82
N GLN E 2 -24.70 -46.21 -59.67
CA GLN E 2 -23.72 -45.20 -59.29
C GLN E 2 -24.43 -44.05 -58.59
N ILE E 3 -23.69 -42.98 -58.33
CA ILE E 3 -24.15 -41.87 -57.52
C ILE E 3 -23.62 -40.58 -58.17
N SER E 4 -24.11 -39.45 -57.69
CA SER E 4 -23.67 -38.17 -58.23
C SER E 4 -22.22 -37.90 -57.89
N LYS E 5 -21.58 -37.04 -58.68
CA LYS E 5 -20.24 -36.60 -58.35
C LYS E 5 -20.23 -35.68 -57.16
N LYS E 6 -21.31 -34.92 -56.94
CA LYS E 6 -21.40 -34.11 -55.74
C LYS E 6 -21.59 -34.95 -54.50
N ARG E 7 -22.33 -36.05 -54.61
CA ARG E 7 -22.50 -36.90 -53.44
C ARG E 7 -21.28 -37.77 -53.18
N LYS E 8 -20.57 -38.18 -54.22
CA LYS E 8 -19.49 -39.15 -54.06
C LYS E 8 -18.30 -38.54 -53.34
N PHE E 9 -18.07 -37.25 -53.53
CA PHE E 9 -16.97 -36.58 -52.86
C PHE E 9 -17.33 -36.12 -51.46
N VAL E 10 -18.61 -36.01 -51.16
CA VAL E 10 -19.02 -35.68 -49.79
C VAL E 10 -19.16 -36.93 -48.95
N ALA E 11 -19.68 -38.02 -49.53
CA ALA E 11 -19.69 -39.31 -48.84
C ALA E 11 -18.29 -39.88 -48.66
N ASP E 12 -17.34 -39.50 -49.51
CA ASP E 12 -15.95 -39.85 -49.29
C ASP E 12 -15.40 -39.16 -48.07
N GLY E 13 -15.88 -37.95 -47.78
CA GLY E 13 -15.37 -37.21 -46.64
C GLY E 13 -15.86 -37.77 -45.33
N ILE E 14 -17.14 -38.13 -45.27
CA ILE E 14 -17.76 -38.59 -44.03
C ILE E 14 -17.28 -39.98 -43.67
N PHE E 15 -16.73 -40.71 -44.64
CA PHE E 15 -16.05 -41.96 -44.31
C PHE E 15 -14.83 -41.68 -43.46
N LYS E 16 -13.93 -40.84 -43.97
CA LYS E 16 -12.68 -40.54 -43.27
C LYS E 16 -12.87 -39.67 -42.04
N ALA E 17 -14.05 -39.05 -41.87
CA ALA E 17 -14.27 -38.35 -40.62
C ALA E 17 -14.66 -39.32 -39.51
N GLU E 18 -15.54 -40.26 -39.82
CA GLU E 18 -15.97 -41.24 -38.83
C GLU E 18 -14.87 -42.24 -38.53
N LEU E 19 -14.12 -42.62 -39.56
CA LEU E 19 -12.98 -43.51 -39.37
C LEU E 19 -11.95 -42.89 -38.44
N ASN E 20 -11.62 -41.62 -38.68
CA ASN E 20 -10.64 -40.93 -37.85
C ASN E 20 -11.16 -40.71 -36.45
N GLU E 21 -12.44 -40.36 -36.29
CA GLU E 21 -12.95 -40.14 -34.94
C GLU E 21 -13.04 -41.44 -34.16
N PHE E 22 -13.37 -42.54 -34.84
CA PHE E 22 -13.38 -43.84 -34.18
C PHE E 22 -11.98 -44.24 -33.76
N LEU E 23 -10.99 -44.03 -34.62
CA LEU E 23 -9.64 -44.44 -34.26
C LEU E 23 -9.04 -43.52 -33.21
N THR E 24 -9.47 -42.26 -33.16
CA THR E 24 -9.12 -41.37 -32.05
C THR E 24 -9.65 -41.92 -30.74
N ARG E 25 -10.96 -42.23 -30.71
CA ARG E 25 -11.57 -42.79 -29.50
C ARG E 25 -10.98 -44.14 -29.10
N GLU E 26 -10.48 -44.90 -30.07
CA GLU E 26 -9.87 -46.18 -29.77
C GLU E 26 -8.45 -46.00 -29.25
N LEU E 27 -7.56 -45.46 -30.08
CA LEU E 27 -6.13 -45.46 -29.81
C LEU E 27 -5.62 -44.12 -29.30
N ALA E 28 -6.46 -43.32 -28.63
CA ALA E 28 -5.99 -42.05 -28.10
C ALA E 28 -4.93 -42.23 -27.03
N GLU E 29 -4.98 -43.31 -26.26
CA GLU E 29 -3.95 -43.60 -25.28
C GLU E 29 -2.93 -44.61 -25.80
N ASP E 30 -2.80 -44.72 -27.13
CA ASP E 30 -1.75 -45.47 -27.78
C ASP E 30 -0.95 -44.60 -28.74
N GLY E 31 -1.05 -43.28 -28.60
CA GLY E 31 -0.26 -42.36 -29.40
C GLY E 31 -0.67 -42.25 -30.85
N TYR E 32 -1.96 -42.32 -31.13
CA TYR E 32 -2.43 -42.29 -32.51
C TYR E 32 -2.34 -40.88 -33.07
N SER E 33 -2.03 -40.78 -34.35
CA SER E 33 -1.93 -39.47 -35.00
C SER E 33 -2.99 -39.27 -36.08
N GLY E 34 -3.06 -40.13 -37.09
CA GLY E 34 -4.02 -39.91 -38.15
C GLY E 34 -4.14 -41.14 -39.00
N VAL E 35 -4.89 -41.01 -40.09
CA VAL E 35 -5.04 -42.07 -41.06
C VAL E 35 -4.75 -41.55 -42.44
N GLU E 36 -4.56 -42.47 -43.37
CA GLU E 36 -4.26 -42.15 -44.77
C GLU E 36 -4.87 -43.24 -45.61
N VAL E 37 -5.91 -42.91 -46.36
CA VAL E 37 -6.71 -43.89 -47.08
C VAL E 37 -6.34 -43.82 -48.55
N ARG E 38 -5.74 -44.89 -49.06
CA ARG E 38 -5.39 -45.00 -50.47
C ARG E 38 -6.23 -46.11 -51.09
N VAL E 39 -6.92 -45.79 -52.18
CA VAL E 39 -7.84 -46.72 -52.83
C VAL E 39 -7.19 -47.25 -54.09
N THR E 40 -6.97 -48.55 -54.14
CA THR E 40 -6.55 -49.28 -55.31
C THR E 40 -7.77 -49.89 -55.99
N PRO E 41 -7.66 -50.30 -57.25
CA PRO E 41 -8.74 -51.10 -57.84
C PRO E 41 -8.89 -52.47 -57.21
N THR E 42 -7.86 -52.97 -56.54
CA THR E 42 -7.95 -54.25 -55.83
C THR E 42 -8.60 -54.08 -54.47
N ARG E 43 -8.04 -53.18 -53.65
CA ARG E 43 -8.46 -53.02 -52.27
C ARG E 43 -8.45 -51.55 -51.91
N THR E 44 -8.92 -51.24 -50.70
CA THR E 44 -8.81 -49.89 -50.15
C THR E 44 -7.87 -49.97 -48.95
N GLU E 45 -6.74 -49.26 -49.02
CA GLU E 45 -5.69 -49.36 -48.03
C GLU E 45 -5.81 -48.22 -47.03
N ILE E 46 -5.77 -48.57 -45.74
CA ILE E 46 -5.86 -47.61 -44.65
C ILE E 46 -4.57 -47.68 -43.84
N ILE E 47 -3.81 -46.59 -43.84
CA ILE E 47 -2.53 -46.55 -43.15
C ILE E 47 -2.73 -45.78 -41.85
N ILE E 48 -2.62 -46.47 -40.72
CA ILE E 48 -2.69 -45.82 -39.42
C ILE E 48 -1.29 -45.32 -39.06
N LEU E 49 -1.21 -44.09 -38.58
CA LEU E 49 0.04 -43.57 -38.03
C LEU E 49 -0.02 -43.63 -36.52
N ALA E 50 1.11 -43.94 -35.90
CA ALA E 50 1.17 -44.03 -34.45
C ALA E 50 2.60 -43.79 -34.02
N THR E 51 2.76 -43.47 -32.73
CA THR E 51 4.11 -43.27 -32.21
C THR E 51 4.85 -44.59 -32.07
N ARG E 52 4.32 -45.51 -31.28
CA ARG E 52 4.87 -46.85 -31.14
C ARG E 52 3.90 -47.82 -31.78
N THR E 53 4.18 -48.22 -33.02
CA THR E 53 3.31 -49.13 -33.73
C THR E 53 3.37 -50.52 -33.14
N GLN E 54 4.53 -50.92 -32.64
CA GLN E 54 4.75 -52.30 -32.21
C GLN E 54 3.98 -52.65 -30.94
N ASN E 55 3.39 -51.66 -30.27
CA ASN E 55 2.49 -51.88 -29.15
C ASN E 55 1.05 -51.58 -29.53
N VAL E 56 0.74 -51.50 -30.82
CA VAL E 56 -0.61 -51.29 -31.31
C VAL E 56 -1.17 -52.56 -31.94
N LEU E 57 -0.35 -53.33 -32.65
CA LEU E 57 -0.84 -54.52 -33.35
C LEU E 57 -1.20 -55.67 -32.41
N GLY E 58 -0.84 -55.57 -31.13
CA GLY E 58 -1.07 -56.68 -30.23
C GLY E 58 0.15 -57.57 -30.20
N GLU E 59 -0.03 -58.88 -30.38
CA GLU E 59 1.10 -59.80 -30.50
C GLU E 59 1.00 -60.54 -31.84
N LYS E 60 2.03 -60.35 -32.67
CA LYS E 60 2.13 -60.91 -34.03
C LYS E 60 0.93 -60.56 -34.90
N GLY E 61 0.36 -59.37 -34.69
CA GLY E 61 -0.79 -58.95 -35.45
C GLY E 61 -2.10 -59.53 -34.95
N ARG E 62 -2.42 -59.30 -33.69
CA ARG E 62 -3.69 -59.74 -33.10
C ARG E 62 -4.72 -58.64 -33.04
N ARG E 63 -4.30 -57.44 -32.67
CA ARG E 63 -5.23 -56.31 -32.60
C ARG E 63 -5.50 -55.70 -33.96
N ILE E 64 -4.65 -55.98 -34.95
CA ILE E 64 -4.89 -55.40 -36.27
C ILE E 64 -6.03 -56.14 -36.97
N ARG E 65 -6.25 -57.42 -36.65
CA ARG E 65 -7.31 -58.13 -37.33
C ARG E 65 -8.67 -57.79 -36.75
N GLU E 66 -8.76 -57.48 -35.45
CA GLU E 66 -10.02 -57.02 -34.88
C GLU E 66 -10.42 -55.68 -35.45
N LEU E 67 -9.44 -54.80 -35.65
CA LEU E 67 -9.73 -53.49 -36.22
C LEU E 67 -10.13 -53.61 -37.69
N THR E 68 -9.44 -54.44 -38.47
CA THR E 68 -9.84 -54.56 -39.87
C THR E 68 -11.04 -55.47 -40.07
N ALA E 69 -11.50 -56.15 -39.03
CA ALA E 69 -12.77 -56.83 -39.09
C ALA E 69 -13.93 -55.95 -38.65
N VAL E 70 -13.68 -55.01 -37.75
CA VAL E 70 -14.70 -54.02 -37.41
C VAL E 70 -14.92 -53.04 -38.53
N VAL E 71 -13.85 -52.49 -39.12
CA VAL E 71 -14.04 -51.50 -40.17
C VAL E 71 -14.50 -52.10 -41.48
N GLN E 72 -14.51 -53.42 -41.60
CA GLN E 72 -15.20 -54.02 -42.72
C GLN E 72 -16.69 -54.14 -42.44
N LYS E 73 -17.03 -54.53 -41.22
CA LYS E 73 -18.42 -54.79 -40.86
C LYS E 73 -19.23 -53.53 -40.62
N ARG E 74 -18.58 -52.42 -40.26
CA ARG E 74 -19.33 -51.20 -40.00
C ARG E 74 -19.67 -50.48 -41.30
N PHE E 75 -18.67 -50.27 -42.16
CA PHE E 75 -18.89 -49.57 -43.40
C PHE E 75 -19.31 -50.50 -44.53
N GLY E 76 -19.50 -51.79 -44.23
CA GLY E 76 -20.23 -52.69 -45.07
C GLY E 76 -19.48 -53.27 -46.25
N PHE E 77 -18.47 -52.57 -46.77
CA PHE E 77 -17.83 -53.01 -48.00
C PHE E 77 -16.97 -54.24 -47.74
N PRO E 78 -17.02 -55.26 -48.62
CA PRO E 78 -16.85 -56.65 -48.17
C PRO E 78 -15.45 -57.07 -47.79
N GLU E 79 -15.32 -58.33 -47.38
CA GLU E 79 -14.06 -58.87 -46.90
C GLU E 79 -13.05 -59.01 -48.04
N GLY E 80 -11.77 -58.97 -47.67
CA GLY E 80 -10.73 -59.00 -48.66
C GLY E 80 -10.61 -57.73 -49.47
N SER E 81 -11.15 -56.63 -48.97
CA SER E 81 -11.09 -55.35 -49.67
C SER E 81 -10.50 -54.27 -48.79
N VAL E 82 -10.53 -54.48 -47.48
CA VAL E 82 -9.96 -53.54 -46.54
C VAL E 82 -8.80 -54.21 -45.81
N GLU E 83 -7.78 -53.42 -45.50
CA GLU E 83 -6.58 -53.90 -44.82
C GLU E 83 -5.89 -52.72 -44.16
N LEU E 84 -5.49 -52.90 -42.90
CA LEU E 84 -4.90 -51.83 -42.13
C LEU E 84 -3.41 -52.03 -41.96
N TYR E 85 -2.66 -50.95 -42.10
CA TYR E 85 -1.23 -50.97 -41.84
C TYR E 85 -0.99 -50.16 -40.58
N ALA E 86 0.29 -50.02 -40.19
CA ALA E 86 0.62 -49.22 -39.01
C ALA E 86 2.04 -48.68 -39.20
N GLU E 87 2.15 -47.45 -39.66
CA GLU E 87 3.44 -46.80 -39.82
C GLU E 87 3.67 -45.83 -38.68
N LYS E 88 4.89 -45.33 -38.60
CA LYS E 88 5.33 -44.50 -37.47
C LYS E 88 5.44 -43.05 -37.89
N VAL E 89 5.05 -42.13 -37.00
CA VAL E 89 5.23 -40.71 -37.25
C VAL E 89 6.71 -40.37 -37.08
N ALA E 90 7.19 -39.50 -37.96
CA ALA E 90 8.63 -39.32 -38.12
C ALA E 90 9.23 -38.56 -36.95
N THR E 91 8.80 -37.32 -36.75
CA THR E 91 9.23 -36.51 -35.62
C THR E 91 8.05 -36.38 -34.68
N ARG E 92 8.12 -37.11 -33.58
CA ARG E 92 7.03 -37.17 -32.61
C ARG E 92 6.81 -35.83 -31.94
N GLY E 93 7.89 -35.09 -31.69
CA GLY E 93 7.80 -33.77 -31.12
C GLY E 93 7.47 -32.65 -32.08
N LEU E 94 6.74 -32.94 -33.15
CA LEU E 94 6.26 -31.90 -34.04
C LEU E 94 4.75 -31.92 -34.17
N CYS E 95 4.15 -33.09 -34.30
CA CYS E 95 2.72 -33.16 -34.56
C CYS E 95 1.99 -32.95 -33.26
N ALA E 96 1.02 -32.04 -33.28
CA ALA E 96 0.29 -31.62 -32.09
C ALA E 96 -0.78 -32.61 -31.71
N ILE E 97 -1.10 -33.54 -32.59
CA ILE E 97 -2.09 -34.54 -32.26
C ILE E 97 -1.47 -35.65 -31.41
N ALA E 98 -0.15 -35.77 -31.43
CA ALA E 98 0.51 -36.66 -30.48
C ALA E 98 0.84 -35.97 -29.18
N GLN E 99 0.93 -34.64 -29.18
CA GLN E 99 1.30 -33.92 -27.99
C GLN E 99 0.12 -33.51 -27.13
N ALA E 100 -1.09 -33.62 -27.62
CA ALA E 100 -2.23 -33.42 -26.73
C ALA E 100 -2.66 -34.72 -26.07
N GLU E 101 -2.41 -35.87 -26.70
CA GLU E 101 -2.74 -37.13 -26.05
C GLU E 101 -1.65 -37.58 -25.10
N SER E 102 -0.40 -37.17 -25.35
CA SER E 102 0.65 -37.42 -24.37
C SER E 102 0.45 -36.55 -23.15
N LEU E 103 0.02 -35.31 -23.35
CA LEU E 103 -0.24 -34.42 -22.24
C LEU E 103 -1.45 -34.84 -21.42
N ARG E 104 -2.47 -35.40 -22.06
CA ARG E 104 -3.61 -35.93 -21.33
C ARG E 104 -3.24 -37.16 -20.52
N TYR E 105 -2.39 -38.02 -21.08
CA TYR E 105 -1.92 -39.18 -20.33
C TYR E 105 -0.99 -38.78 -19.19
N LYS E 106 -0.23 -37.70 -19.36
CA LYS E 106 0.59 -37.20 -18.27
C LYS E 106 -0.28 -36.62 -17.16
N LEU E 107 -1.36 -35.93 -17.53
CA LEU E 107 -2.21 -35.32 -16.53
C LEU E 107 -3.05 -36.33 -15.78
N LEU E 108 -3.55 -37.36 -16.48
CA LEU E 108 -4.42 -38.34 -15.84
C LEU E 108 -3.67 -39.17 -14.83
N GLY E 109 -2.38 -39.39 -15.05
CA GLY E 109 -1.52 -40.13 -14.16
C GLY E 109 -1.03 -39.36 -12.96
N GLY E 110 -1.70 -38.24 -12.64
CA GLY E 110 -1.39 -37.48 -11.45
C GLY E 110 -0.09 -36.71 -11.51
N LEU E 111 -0.01 -35.74 -12.41
CA LEU E 111 1.14 -34.84 -12.47
C LEU E 111 0.60 -33.42 -12.55
N ALA E 112 1.29 -32.50 -11.87
CA ALA E 112 0.84 -31.11 -11.78
C ALA E 112 0.91 -30.45 -13.14
N VAL E 113 -0.05 -29.56 -13.41
CA VAL E 113 -0.26 -29.11 -14.77
C VAL E 113 0.85 -28.17 -15.24
N ARG E 114 1.46 -27.42 -14.32
CA ARG E 114 2.61 -26.58 -14.70
C ARG E 114 3.79 -27.44 -15.13
N ARG E 115 4.13 -28.45 -14.34
CA ARG E 115 5.26 -29.30 -14.67
C ARG E 115 4.97 -30.16 -15.89
N ALA E 116 3.72 -30.63 -16.03
CA ALA E 116 3.37 -31.48 -17.16
C ALA E 116 3.31 -30.73 -18.46
N CYS E 117 2.94 -29.45 -18.45
CA CYS E 117 3.03 -28.69 -19.69
C CYS E 117 4.46 -28.28 -20.02
N TYR E 118 5.28 -28.02 -19.00
CA TYR E 118 6.67 -27.69 -19.25
C TYR E 118 7.44 -28.85 -19.86
N GLY E 119 7.14 -30.09 -19.46
CA GLY E 119 7.84 -31.23 -20.05
C GLY E 119 7.55 -31.40 -21.53
N VAL E 120 6.27 -31.28 -21.90
CA VAL E 120 5.87 -31.36 -23.31
C VAL E 120 6.46 -30.21 -24.10
N LEU E 121 6.45 -29.00 -23.53
CA LEU E 121 6.96 -27.83 -24.23
C LEU E 121 8.45 -27.91 -24.49
N ARG E 122 9.22 -28.42 -23.52
CA ARG E 122 10.65 -28.55 -23.73
C ARG E 122 10.97 -29.66 -24.72
N PHE E 123 10.14 -30.71 -24.77
CA PHE E 123 10.31 -31.73 -25.80
C PHE E 123 10.06 -31.16 -27.20
N ILE E 124 8.96 -30.42 -27.38
CA ILE E 124 8.60 -29.92 -28.70
C ILE E 124 9.28 -28.63 -29.05
N MET E 125 10.12 -28.10 -28.19
CA MET E 125 11.08 -27.10 -28.62
C MET E 125 12.45 -27.68 -28.90
N GLU E 126 12.84 -28.74 -28.17
CA GLU E 126 14.07 -29.44 -28.50
C GLU E 126 13.99 -30.10 -29.87
N SER E 127 12.81 -30.60 -30.23
CA SER E 127 12.67 -31.28 -31.51
C SER E 127 12.60 -30.35 -32.71
N GLY E 128 12.94 -29.08 -32.56
CA GLY E 128 13.23 -28.23 -33.70
C GLY E 128 12.09 -27.40 -34.21
N ALA E 129 10.95 -27.42 -33.55
CA ALA E 129 9.84 -26.55 -33.94
C ALA E 129 10.20 -25.11 -33.66
N LYS E 130 9.78 -24.22 -34.55
CA LYS E 130 10.22 -22.84 -34.44
C LYS E 130 9.51 -22.08 -33.33
N GLY E 131 8.52 -22.68 -32.67
CA GLY E 131 7.87 -22.11 -31.52
C GLY E 131 6.60 -22.86 -31.23
N CYS E 132 6.11 -22.81 -30.01
CA CYS E 132 4.89 -23.53 -29.68
C CYS E 132 4.09 -22.73 -28.67
N GLU E 133 2.92 -23.25 -28.32
CA GLU E 133 1.99 -22.59 -27.43
C GLU E 133 1.01 -23.62 -26.89
N VAL E 134 1.01 -23.84 -25.58
CA VAL E 134 0.17 -24.85 -24.93
C VAL E 134 -0.73 -24.14 -23.94
N VAL E 135 -2.03 -24.36 -24.05
CA VAL E 135 -3.03 -23.71 -23.20
C VAL E 135 -3.84 -24.79 -22.52
N VAL E 136 -3.91 -24.74 -21.19
CA VAL E 136 -4.74 -25.65 -20.42
C VAL E 136 -5.78 -24.83 -19.68
N SER E 137 -7.03 -24.91 -20.11
CA SER E 137 -8.11 -24.15 -19.49
C SER E 137 -8.93 -25.08 -18.64
N GLY E 138 -9.38 -24.59 -17.50
CA GLY E 138 -10.23 -25.35 -16.64
C GLY E 138 -9.99 -24.95 -15.20
N LYS E 139 -10.61 -25.70 -14.30
CA LYS E 139 -10.50 -25.43 -12.88
C LYS E 139 -9.42 -26.32 -12.27
N LEU E 140 -8.18 -26.02 -12.67
CA LEU E 140 -7.00 -26.77 -12.27
C LEU E 140 -6.69 -26.69 -10.78
N ARG E 141 -7.27 -25.72 -10.06
CA ARG E 141 -7.19 -25.64 -8.60
C ARG E 141 -8.26 -24.67 -8.14
N GLY E 142 -9.20 -25.16 -7.32
CA GLY E 142 -10.25 -24.29 -6.84
C GLY E 142 -11.54 -24.44 -7.63
N GLN E 143 -12.46 -23.50 -7.38
CA GLN E 143 -13.79 -23.58 -7.95
C GLN E 143 -14.06 -22.58 -9.06
N ARG E 144 -13.45 -21.41 -9.03
CA ARG E 144 -13.38 -20.56 -10.23
C ARG E 144 -12.32 -21.14 -11.17
N ALA E 145 -12.59 -21.10 -12.46
CA ALA E 145 -11.75 -21.77 -13.45
C ALA E 145 -10.96 -20.76 -14.25
N LYS E 146 -9.65 -20.80 -14.09
CA LYS E 146 -8.73 -19.94 -14.80
C LYS E 146 -8.23 -20.67 -16.05
N SER E 147 -7.16 -20.19 -16.66
CA SER E 147 -6.51 -20.84 -17.77
C SER E 147 -5.02 -20.83 -17.53
N MET E 148 -4.27 -21.35 -18.48
CA MET E 148 -2.82 -21.21 -18.50
C MET E 148 -2.41 -20.79 -19.89
N LYS E 149 -1.16 -20.39 -20.03
CA LYS E 149 -0.58 -19.98 -21.31
C LYS E 149 0.90 -20.33 -21.26
N PHE E 150 1.24 -21.45 -21.81
CA PHE E 150 2.63 -21.90 -21.83
C PHE E 150 3.13 -21.77 -23.25
N VAL E 151 3.95 -20.76 -23.48
CA VAL E 151 4.30 -20.31 -24.82
C VAL E 151 5.82 -20.23 -24.89
N ASP E 152 6.34 -20.38 -26.10
CA ASP E 152 7.76 -20.26 -26.38
C ASP E 152 7.94 -20.09 -27.89
N GLY E 153 8.98 -19.33 -28.26
CA GLY E 153 9.30 -19.16 -29.66
C GLY E 153 8.34 -18.26 -30.44
N LEU E 154 8.37 -18.45 -31.75
CA LEU E 154 7.50 -17.73 -32.68
C LEU E 154 6.17 -18.44 -32.85
N MET E 155 5.15 -17.67 -33.24
CA MET E 155 3.81 -18.22 -33.36
C MET E 155 2.98 -17.27 -34.20
N ILE E 156 2.49 -17.75 -35.34
CA ILE E 156 1.76 -16.95 -36.30
C ILE E 156 0.27 -17.20 -36.10
N HIS E 157 -0.51 -16.15 -36.08
CA HIS E 157 -1.93 -16.24 -35.84
C HIS E 157 -2.76 -15.92 -37.05
N SER E 158 -2.38 -14.92 -37.84
CA SER E 158 -3.24 -14.41 -38.90
C SER E 158 -2.68 -14.74 -40.27
N GLY E 159 -3.54 -14.57 -41.26
CA GLY E 159 -3.16 -14.82 -42.63
C GLY E 159 -3.45 -16.22 -43.06
N ASP E 160 -3.03 -16.50 -44.25
CA ASP E 160 -3.06 -17.83 -44.86
C ASP E 160 -1.96 -18.81 -44.43
N PRO E 161 -0.72 -18.42 -44.10
CA PRO E 161 0.26 -19.41 -43.60
C PRO E 161 -0.10 -20.14 -42.32
N VAL E 162 -1.17 -19.77 -41.65
CA VAL E 162 -1.69 -20.52 -40.51
C VAL E 162 -2.10 -21.92 -40.93
N ASN E 163 -2.49 -22.12 -42.18
CA ASN E 163 -2.97 -23.41 -42.65
C ASN E 163 -1.88 -24.44 -42.74
N TYR E 164 -0.66 -24.06 -43.13
CA TYR E 164 0.40 -25.02 -43.34
C TYR E 164 1.57 -24.89 -42.39
N TYR E 165 1.81 -23.75 -41.75
CA TYR E 165 2.94 -23.63 -40.84
C TYR E 165 2.63 -23.97 -39.40
N VAL E 166 1.50 -23.56 -38.85
CA VAL E 166 1.17 -23.86 -37.46
C VAL E 166 0.21 -25.03 -37.45
N ASP E 167 0.46 -25.98 -36.54
CA ASP E 167 -0.24 -27.25 -36.45
C ASP E 167 -0.97 -27.29 -35.11
N THR E 168 -2.30 -27.21 -35.13
CA THR E 168 -3.06 -27.11 -33.91
C THR E 168 -3.80 -28.42 -33.61
N ALA E 169 -4.18 -28.58 -32.34
CA ALA E 169 -4.90 -29.76 -31.87
C ALA E 169 -5.52 -29.45 -30.52
N VAL E 170 -6.76 -29.89 -30.32
CA VAL E 170 -7.53 -29.63 -29.11
C VAL E 170 -8.04 -30.96 -28.57
N ARG E 171 -7.75 -31.26 -27.31
CA ARG E 171 -8.22 -32.50 -26.68
C ARG E 171 -8.84 -32.21 -25.32
N HIS E 172 -9.46 -33.24 -24.75
CA HIS E 172 -10.13 -33.17 -23.46
C HIS E 172 -9.44 -34.07 -22.45
N VAL E 173 -9.59 -33.70 -21.18
CA VAL E 173 -9.18 -34.53 -20.04
C VAL E 173 -10.38 -34.62 -19.12
N LEU E 174 -10.64 -35.80 -18.58
CA LEU E 174 -11.58 -35.89 -17.47
C LEU E 174 -10.81 -36.17 -16.19
N LEU E 175 -10.74 -35.19 -15.31
CA LEU E 175 -10.10 -35.33 -14.03
C LEU E 175 -11.11 -35.80 -12.99
N ARG E 176 -10.74 -35.68 -11.72
CA ARG E 176 -11.67 -35.96 -10.63
C ARG E 176 -12.80 -34.96 -10.61
N GLN E 177 -12.45 -33.68 -10.69
CA GLN E 177 -13.37 -32.59 -10.39
C GLN E 177 -14.13 -32.10 -11.61
N GLY E 178 -13.69 -32.45 -12.81
CA GLY E 178 -14.32 -31.91 -14.00
C GLY E 178 -13.42 -32.13 -15.20
N VAL E 179 -13.64 -31.30 -16.22
CA VAL E 179 -13.01 -31.45 -17.52
C VAL E 179 -11.98 -30.35 -17.69
N LEU E 180 -10.83 -30.69 -18.26
CA LEU E 180 -9.91 -29.70 -18.80
C LEU E 180 -9.81 -29.84 -20.31
N GLY E 181 -9.51 -28.72 -20.97
CA GLY E 181 -9.17 -28.71 -22.37
C GLY E 181 -7.69 -28.48 -22.52
N ILE E 182 -7.11 -29.00 -23.60
CA ILE E 182 -5.70 -28.86 -23.90
C ILE E 182 -5.59 -28.44 -25.36
N LYS E 183 -5.06 -27.25 -25.61
CA LYS E 183 -4.86 -26.77 -26.96
C LYS E 183 -3.37 -26.62 -27.18
N VAL E 184 -2.86 -27.27 -28.22
CA VAL E 184 -1.44 -27.31 -28.50
C VAL E 184 -1.24 -26.85 -29.93
N LYS E 185 -0.50 -25.76 -30.11
CA LYS E 185 -0.13 -25.26 -31.43
C LYS E 185 1.35 -25.44 -31.63
N ILE E 186 1.76 -25.87 -32.81
CA ILE E 186 3.17 -26.05 -33.13
C ILE E 186 3.46 -25.30 -34.40
N MET E 187 4.29 -24.27 -34.33
CA MET E 187 4.77 -23.65 -35.56
C MET E 187 5.90 -24.49 -36.13
N LEU E 188 5.68 -25.11 -37.27
CA LEU E 188 6.64 -25.95 -37.93
C LEU E 188 7.71 -25.11 -38.62
N PRO E 189 8.90 -25.64 -38.84
CA PRO E 189 9.91 -24.87 -39.54
C PRO E 189 9.95 -25.13 -41.04
N TRP E 190 10.90 -24.47 -41.71
CA TRP E 190 11.22 -24.57 -43.13
C TRP E 190 11.99 -25.86 -43.39
N ASP E 191 12.94 -25.85 -44.34
CA ASP E 191 13.69 -26.99 -44.88
C ASP E 191 12.77 -27.87 -45.71
N PRO E 192 12.62 -27.52 -47.03
CA PRO E 192 11.83 -28.32 -47.99
C PRO E 192 11.92 -29.82 -47.85
N THR E 193 10.78 -30.50 -47.97
CA THR E 193 10.49 -31.69 -47.18
C THR E 193 11.33 -32.89 -47.57
N GLY E 194 12.52 -32.95 -47.01
CA GLY E 194 13.16 -34.21 -46.71
C GLY E 194 12.73 -34.59 -45.29
N LYS E 195 11.45 -35.01 -45.17
CA LYS E 195 10.62 -35.54 -44.06
C LYS E 195 9.96 -34.52 -43.13
N ILE E 196 10.23 -33.22 -43.21
CA ILE E 196 9.90 -32.31 -42.12
C ILE E 196 9.52 -30.94 -42.66
N GLY E 197 8.47 -30.35 -42.07
CA GLY E 197 8.11 -28.98 -42.33
C GLY E 197 7.43 -28.74 -43.67
N PRO E 198 6.94 -27.53 -43.90
CA PRO E 198 6.47 -27.16 -45.23
C PRO E 198 7.62 -26.88 -46.19
N LYS E 199 7.27 -26.79 -47.47
CA LYS E 199 8.23 -26.51 -48.53
C LYS E 199 8.51 -25.02 -48.65
N LYS E 200 7.49 -24.24 -48.96
CA LYS E 200 7.64 -22.83 -49.27
C LYS E 200 7.93 -22.01 -48.02
N PRO E 201 8.65 -20.91 -48.16
CA PRO E 201 8.89 -20.02 -47.01
C PRO E 201 7.67 -19.16 -46.73
N LEU E 202 7.77 -18.41 -45.64
CA LEU E 202 6.75 -17.46 -45.25
C LEU E 202 6.66 -16.36 -46.32
N PRO E 203 5.50 -15.71 -46.45
CA PRO E 203 5.31 -14.77 -47.54
C PRO E 203 6.01 -13.43 -47.37
N ASP E 204 6.65 -13.18 -46.24
CA ASP E 204 7.42 -11.96 -46.05
C ASP E 204 8.90 -12.22 -45.92
N HIS E 205 9.33 -13.48 -45.95
CA HIS E 205 10.73 -13.81 -45.77
C HIS E 205 11.44 -13.76 -47.12
N VAL E 206 12.06 -12.63 -47.42
CA VAL E 206 12.82 -12.45 -48.64
C VAL E 206 14.26 -12.87 -48.37
N SER E 207 14.73 -13.86 -49.11
CA SER E 207 16.12 -14.26 -49.07
C SER E 207 16.84 -13.65 -50.26
N ILE E 208 18.12 -13.36 -50.08
CA ILE E 208 18.94 -12.72 -51.09
C ILE E 208 20.19 -13.55 -51.29
N VAL E 209 20.47 -13.92 -52.54
CA VAL E 209 21.65 -14.72 -52.87
C VAL E 209 22.90 -13.89 -52.65
N GLU E 210 23.81 -14.41 -51.84
CA GLU E 210 25.05 -13.73 -51.55
C GLU E 210 25.93 -13.70 -52.79
N PRO E 211 26.35 -12.52 -53.25
CA PRO E 211 27.12 -12.44 -54.50
C PRO E 211 28.57 -12.89 -54.29
N LYS E 212 29.00 -13.83 -55.12
CA LYS E 212 30.42 -13.93 -55.41
C LYS E 212 30.80 -12.66 -56.15
N ASP E 213 31.86 -12.01 -55.70
CA ASP E 213 32.27 -10.73 -56.25
C ASP E 213 32.70 -10.87 -57.71
N GLU E 214 32.33 -9.89 -58.51
CA GLU E 214 32.83 -9.80 -59.87
C GLU E 214 34.32 -9.51 -59.80
N ILE E 215 35.13 -10.38 -60.41
CA ILE E 215 36.57 -10.17 -60.43
C ILE E 215 36.89 -8.95 -61.29
N LEU E 216 37.91 -8.22 -60.90
CA LEU E 216 38.14 -6.91 -61.48
C LEU E 216 38.80 -7.05 -62.85
N PRO E 217 38.19 -6.56 -63.92
CA PRO E 217 38.78 -6.67 -65.26
C PRO E 217 39.79 -5.54 -65.48
N THR E 218 41.06 -5.91 -65.59
CA THR E 218 42.14 -4.93 -65.58
C THR E 218 42.66 -4.57 -66.95
N THR E 219 42.94 -5.55 -67.80
CA THR E 219 43.51 -5.33 -69.12
C THR E 219 42.83 -6.27 -70.10
N PRO E 220 42.60 -5.84 -71.36
CA PRO E 220 41.88 -6.70 -72.30
C PRO E 220 42.68 -7.91 -72.75
N ILE E 221 42.32 -9.08 -72.23
CA ILE E 221 42.94 -10.34 -72.58
C ILE E 221 42.02 -11.05 -73.56
N SER E 222 42.53 -11.31 -74.76
CA SER E 222 41.78 -12.03 -75.78
C SER E 222 42.16 -13.50 -75.71
N GLU E 223 41.35 -14.29 -75.01
CA GLU E 223 41.65 -15.71 -74.82
C GLU E 223 41.03 -16.49 -75.96
N GLN E 224 41.84 -16.86 -76.94
CA GLN E 224 41.39 -17.64 -78.09
C GLN E 224 41.46 -19.12 -77.74
N LYS E 225 40.31 -19.70 -77.39
CA LYS E 225 40.27 -21.12 -77.06
C LYS E 225 39.22 -21.85 -77.90
N MET F 1 -31.35 -4.63 108.65
CA MET F 1 -30.17 -4.14 109.36
C MET F 1 -29.55 -5.23 110.21
N LYS F 2 -28.23 -5.31 110.16
CA LYS F 2 -27.47 -6.21 110.99
C LYS F 2 -26.39 -5.40 111.70
N LEU F 3 -25.90 -5.92 112.81
CA LEU F 3 -24.82 -5.29 113.55
C LEU F 3 -23.69 -6.31 113.73
N ASN F 4 -22.48 -5.93 113.33
CA ASN F 4 -21.32 -6.80 113.48
C ASN F 4 -20.54 -6.33 114.71
N ILE F 5 -21.07 -6.68 115.87
CA ILE F 5 -20.58 -6.13 117.13
C ILE F 5 -19.36 -6.91 117.57
N SER F 6 -18.28 -6.19 117.90
CA SER F 6 -17.00 -6.80 118.22
C SER F 6 -16.46 -6.24 119.52
N PHE F 7 -16.11 -7.11 120.46
CA PHE F 7 -15.56 -6.65 121.72
C PHE F 7 -14.06 -6.82 121.67
N PRO F 8 -13.28 -5.73 121.70
CA PRO F 8 -11.85 -5.85 121.41
C PRO F 8 -11.03 -6.45 122.54
N ALA F 9 -11.51 -6.44 123.76
CA ALA F 9 -10.70 -6.98 124.84
C ALA F 9 -10.75 -8.50 124.88
N THR F 10 -11.94 -9.08 124.72
CA THR F 10 -12.07 -10.52 124.63
C THR F 10 -11.84 -11.04 123.22
N GLY F 11 -11.78 -10.17 122.23
CA GLY F 11 -11.52 -10.54 120.86
C GLY F 11 -12.54 -11.48 120.23
N CYS F 12 -13.82 -11.22 120.43
CA CYS F 12 -14.88 -12.03 119.84
C CYS F 12 -15.86 -11.13 119.11
N GLN F 13 -16.16 -11.48 117.87
CA GLN F 13 -17.17 -10.77 117.11
C GLN F 13 -18.50 -11.49 117.24
N LYS F 14 -19.56 -10.79 116.89
CA LYS F 14 -20.88 -11.38 116.84
C LYS F 14 -21.73 -10.58 115.87
N LEU F 15 -22.50 -11.30 115.05
CA LEU F 15 -23.44 -10.68 114.12
C LEU F 15 -24.83 -10.76 114.74
N ILE F 16 -25.38 -9.63 115.11
CA ILE F 16 -26.66 -9.57 115.78
C ILE F 16 -27.65 -8.88 114.85
N GLU F 17 -28.63 -9.63 114.36
CA GLU F 17 -29.61 -9.08 113.45
C GLU F 17 -30.71 -8.39 114.24
N VAL F 18 -30.98 -7.13 113.88
CA VAL F 18 -32.02 -6.33 114.51
C VAL F 18 -32.97 -5.87 113.42
N ASP F 19 -34.24 -6.25 113.54
CA ASP F 19 -35.27 -5.80 112.61
C ASP F 19 -36.31 -5.06 113.44
N ASP F 20 -36.06 -3.77 113.64
CA ASP F 20 -36.99 -2.86 114.30
C ASP F 20 -36.70 -1.47 113.77
N GLU F 21 -37.34 -0.49 114.34
CA GLU F 21 -36.95 0.89 114.12
C GLU F 21 -36.48 1.57 115.40
N ARG F 22 -37.17 1.31 116.51
CA ARG F 22 -36.85 1.97 117.77
C ARG F 22 -35.52 1.53 118.34
N LYS F 23 -35.04 0.35 117.95
CA LYS F 23 -33.72 -0.07 118.39
C LYS F 23 -32.62 0.67 117.64
N LEU F 24 -32.91 1.18 116.44
CA LEU F 24 -31.91 1.85 115.63
C LEU F 24 -32.19 3.35 115.48
N ARG F 25 -33.14 3.89 116.22
CA ARG F 25 -33.44 5.31 116.10
C ARG F 25 -32.34 6.17 116.71
N THR F 26 -31.60 5.62 117.68
CA THR F 26 -30.49 6.37 118.26
C THR F 26 -29.30 6.44 117.32
N PHE F 27 -29.24 5.58 116.31
CA PHE F 27 -28.08 5.49 115.45
C PHE F 27 -28.16 6.37 114.22
N TYR F 28 -29.30 6.98 113.96
CA TYR F 28 -29.44 7.72 112.72
C TYR F 28 -28.77 9.07 112.84
N GLU F 29 -28.37 9.62 111.69
CA GLU F 29 -27.74 10.94 111.54
C GLU F 29 -26.47 11.07 112.38
N LYS F 30 -25.76 9.99 112.60
CA LYS F 30 -24.48 10.01 113.31
C LYS F 30 -23.36 9.71 112.33
N ARG F 31 -22.17 10.19 112.64
CA ARG F 31 -21.03 9.92 111.78
C ARG F 31 -20.34 8.64 112.20
N MET F 32 -19.37 8.22 111.39
CA MET F 32 -18.50 7.13 111.80
C MET F 32 -17.61 7.58 112.94
N ALA F 33 -17.26 6.62 113.80
CA ALA F 33 -16.34 6.81 114.93
C ALA F 33 -16.82 7.89 115.89
N THR F 34 -18.07 7.77 116.33
CA THR F 34 -18.57 8.56 117.43
C THR F 34 -19.20 7.62 118.44
N GLU F 35 -19.01 7.94 119.73
CA GLU F 35 -19.39 7.03 120.81
C GLU F 35 -20.83 7.32 121.20
N VAL F 36 -21.74 6.47 120.75
CA VAL F 36 -23.14 6.61 121.12
C VAL F 36 -23.44 5.59 122.21
N ALA F 37 -24.59 5.78 122.86
CA ALA F 37 -25.01 4.92 123.97
C ALA F 37 -25.92 3.84 123.43
N ALA F 38 -25.40 2.63 123.31
CA ALA F 38 -26.17 1.49 122.80
C ALA F 38 -27.00 0.94 123.94
N ASP F 39 -28.09 1.64 124.23
CA ASP F 39 -28.96 1.29 125.35
C ASP F 39 -30.32 0.79 124.91
N ALA F 40 -30.87 1.33 123.83
CA ALA F 40 -32.19 0.96 123.36
C ALA F 40 -32.19 -0.30 122.51
N LEU F 41 -31.09 -1.06 122.49
CA LEU F 41 -31.08 -2.29 121.74
C LEU F 41 -31.81 -3.42 122.45
N GLY F 42 -31.84 -3.40 123.77
CA GLY F 42 -32.52 -4.46 124.50
C GLY F 42 -32.36 -4.29 125.99
N GLU F 43 -32.54 -5.39 126.71
CA GLU F 43 -32.52 -5.38 128.17
C GLU F 43 -31.13 -5.59 128.73
N GLU F 44 -30.24 -6.24 127.98
CA GLU F 44 -28.88 -6.53 128.43
C GLU F 44 -27.88 -5.48 128.01
N TRP F 45 -28.33 -4.40 127.38
CA TRP F 45 -27.48 -3.35 126.83
C TRP F 45 -27.48 -2.12 127.70
N LYS F 46 -27.47 -2.28 129.03
CA LYS F 46 -27.72 -1.14 129.91
C LYS F 46 -26.55 -0.18 129.96
N GLY F 47 -25.39 -0.65 130.40
CA GLY F 47 -24.28 0.26 130.60
C GLY F 47 -23.29 0.30 129.46
N TYR F 48 -23.71 -0.14 128.28
CA TYR F 48 -22.82 -0.24 127.13
C TYR F 48 -22.90 1.02 126.29
N VAL F 49 -21.76 1.64 126.03
CA VAL F 49 -21.66 2.63 124.96
C VAL F 49 -20.79 2.02 123.87
N VAL F 50 -21.06 2.43 122.64
CA VAL F 50 -20.61 1.72 121.45
C VAL F 50 -20.30 2.75 120.38
N ARG F 51 -19.14 2.64 119.72
CA ARG F 51 -18.83 3.52 118.61
C ARG F 51 -19.12 2.87 117.27
N ILE F 52 -19.45 3.71 116.30
CA ILE F 52 -19.89 3.25 114.98
C ILE F 52 -18.65 3.24 114.10
N SER F 53 -18.07 2.07 113.87
CA SER F 53 -16.78 2.03 113.21
C SER F 53 -16.88 1.97 111.70
N GLY F 54 -17.99 1.51 111.16
CA GLY F 54 -18.12 1.46 109.72
C GLY F 54 -19.44 0.89 109.30
N GLY F 55 -19.52 0.51 108.03
CA GLY F 55 -20.73 -0.11 107.54
C GLY F 55 -20.80 -0.25 106.04
N ASN F 56 -21.74 -1.05 105.57
CA ASN F 56 -21.98 -1.22 104.14
C ASN F 56 -23.37 -0.72 103.84
N ASP F 57 -23.63 -0.41 102.58
CA ASP F 57 -24.97 0.00 102.22
C ASP F 57 -25.73 -1.19 101.64
N LYS F 58 -26.90 -0.94 101.07
CA LYS F 58 -27.74 -2.03 100.60
C LYS F 58 -27.22 -2.69 99.34
N GLN F 59 -26.37 -2.02 98.57
CA GLN F 59 -25.80 -2.61 97.37
C GLN F 59 -24.39 -3.10 97.58
N GLY F 60 -23.88 -3.06 98.80
CA GLY F 60 -22.61 -3.67 99.14
C GLY F 60 -21.45 -2.72 99.24
N PHE F 61 -21.65 -1.44 99.01
CA PHE F 61 -20.54 -0.51 98.96
C PHE F 61 -20.19 -0.05 100.36
N PRO F 62 -18.91 -0.07 100.73
CA PRO F 62 -18.53 0.25 102.11
C PRO F 62 -18.63 1.73 102.39
N MET F 63 -18.57 2.05 103.69
CA MET F 63 -18.60 3.42 104.15
C MET F 63 -17.17 3.93 104.32
N LYS F 64 -17.01 5.24 104.19
CA LYS F 64 -15.71 5.86 104.35
C LYS F 64 -15.84 7.02 105.34
N GLN F 65 -14.73 7.40 105.97
CA GLN F 65 -14.78 8.31 107.09
C GLN F 65 -14.85 9.77 106.68
N GLY F 66 -14.24 10.13 105.57
CA GLY F 66 -14.20 11.53 105.20
C GLY F 66 -15.48 12.10 104.63
N VAL F 67 -16.17 11.30 103.82
CA VAL F 67 -17.27 11.81 103.00
C VAL F 67 -18.48 12.06 103.86
N LEU F 68 -18.98 13.29 103.85
CA LEU F 68 -20.12 13.71 104.66
C LEU F 68 -21.42 13.66 103.87
N THR F 69 -21.59 12.68 102.99
CA THR F 69 -22.76 12.59 102.12
C THR F 69 -23.70 11.53 102.68
N HIS F 70 -25.00 11.77 102.52
CA HIS F 70 -26.01 10.79 102.93
C HIS F 70 -26.11 9.60 102.00
N GLY F 71 -25.62 9.71 100.77
CA GLY F 71 -25.74 8.60 99.84
C GLY F 71 -24.43 8.11 99.29
N ARG F 72 -24.41 7.71 98.03
CA ARG F 72 -23.23 7.21 97.38
C ARG F 72 -22.56 8.31 96.57
N VAL F 73 -21.25 8.18 96.38
CA VAL F 73 -20.48 9.15 95.63
C VAL F 73 -19.32 8.42 94.98
N ARG F 74 -18.98 8.80 93.75
CA ARG F 74 -17.75 8.33 93.14
C ARG F 74 -16.58 9.16 93.67
N LEU F 75 -15.47 8.48 93.96
CA LEU F 75 -14.24 9.13 94.38
C LEU F 75 -13.09 8.48 93.65
N LEU F 76 -12.06 9.27 93.35
CA LEU F 76 -10.84 8.73 92.75
C LEU F 76 -9.86 8.38 93.86
N LEU F 77 -9.66 7.09 94.09
CA LEU F 77 -8.90 6.59 95.21
C LEU F 77 -7.52 6.14 94.75
N SER F 78 -6.49 6.57 95.47
CA SER F 78 -5.10 6.23 95.29
C SER F 78 -4.66 5.26 96.39
N LYS F 79 -3.36 5.07 96.54
CA LYS F 79 -2.82 4.21 97.58
C LYS F 79 -2.86 4.92 98.93
N GLY F 80 -3.21 4.20 99.98
CA GLY F 80 -3.27 4.74 101.30
C GLY F 80 -4.66 5.17 101.70
N HIS F 81 -5.61 5.00 100.80
CA HIS F 81 -7.00 5.27 101.05
C HIS F 81 -7.66 3.99 101.55
N SER F 82 -8.95 4.09 101.84
CA SER F 82 -9.75 2.95 102.20
C SER F 82 -10.50 2.46 100.97
N CYS F 83 -11.15 1.32 101.10
CA CYS F 83 -12.06 0.74 100.12
C CYS F 83 -11.40 0.43 98.78
N TYR F 84 -10.06 0.34 98.75
CA TYR F 84 -9.33 0.14 97.52
C TYR F 84 -7.92 -0.30 97.84
N ARG F 85 -7.45 -1.38 97.21
CA ARG F 85 -6.03 -1.66 97.22
C ARG F 85 -5.53 -1.76 95.78
N PRO F 86 -4.42 -1.10 95.46
CA PRO F 86 -3.95 -1.07 94.08
C PRO F 86 -3.29 -2.36 93.67
N ARG F 87 -3.28 -2.59 92.37
CA ARG F 87 -2.56 -3.70 91.81
C ARG F 87 -1.27 -3.28 91.13
N ARG F 88 -1.11 -2.00 90.84
CA ARG F 88 0.10 -1.47 90.25
C ARG F 88 0.52 -0.25 91.01
N THR F 89 1.80 0.05 90.95
CA THR F 89 2.32 1.22 91.62
C THR F 89 1.82 2.48 90.94
N GLY F 90 1.14 3.33 91.70
CA GLY F 90 0.64 4.55 91.14
C GLY F 90 -0.66 4.40 90.41
N GLU F 91 -1.26 3.23 90.49
CA GLU F 91 -2.56 3.01 89.88
C GLU F 91 -3.64 3.54 90.80
N ARG F 92 -4.48 4.41 90.26
CA ARG F 92 -5.53 5.07 90.99
C ARG F 92 -6.82 4.81 90.26
N LYS F 93 -7.73 4.09 90.90
CA LYS F 93 -8.99 3.69 90.29
C LYS F 93 -10.11 4.53 90.88
N ARG F 94 -11.10 4.88 90.07
CA ARG F 94 -12.28 5.53 90.59
C ARG F 94 -13.29 4.47 90.98
N LYS F 95 -13.71 4.49 92.24
CA LYS F 95 -14.69 3.55 92.76
C LYS F 95 -15.82 4.34 93.40
N SER F 96 -16.94 3.68 93.65
CA SER F 96 -18.05 4.32 94.33
C SER F 96 -18.11 3.88 95.78
N VAL F 97 -18.51 4.80 96.64
CA VAL F 97 -18.31 4.73 98.08
C VAL F 97 -19.48 5.43 98.75
N ARG F 98 -20.03 4.81 99.80
CA ARG F 98 -21.10 5.37 100.60
C ARG F 98 -20.53 6.27 101.70
N GLY F 99 -21.22 7.39 101.97
CA GLY F 99 -20.77 8.37 102.93
C GLY F 99 -20.81 7.90 104.38
N CYS F 100 -20.49 8.82 105.29
CA CYS F 100 -20.23 8.43 106.66
C CYS F 100 -21.43 8.57 107.58
N ILE F 101 -22.53 9.15 107.13
CA ILE F 101 -23.67 9.41 107.98
C ILE F 101 -24.62 8.23 107.93
N VAL F 102 -24.99 7.71 109.11
CA VAL F 102 -25.75 6.47 109.18
C VAL F 102 -27.20 6.73 108.79
N ASP F 103 -27.76 5.81 107.99
CA ASP F 103 -29.15 5.90 107.57
C ASP F 103 -29.89 4.60 107.81
N ALA F 104 -31.07 4.48 107.24
CA ALA F 104 -31.77 3.21 107.15
C ALA F 104 -31.41 2.46 105.88
N ASN F 105 -30.51 3.00 105.06
CA ASN F 105 -30.13 2.38 103.82
C ASN F 105 -28.88 1.52 103.95
N LEU F 106 -28.65 0.95 105.12
CA LEU F 106 -27.46 0.14 105.34
C LEU F 106 -27.85 -1.31 105.51
N SER F 107 -26.86 -2.17 105.36
CA SER F 107 -27.02 -3.59 105.62
C SER F 107 -26.32 -4.03 106.89
N VAL F 108 -25.11 -3.55 107.12
CA VAL F 108 -24.32 -3.92 108.28
C VAL F 108 -23.87 -2.64 108.97
N LEU F 109 -23.95 -2.62 110.29
CA LEU F 109 -23.33 -1.57 111.08
C LEU F 109 -22.25 -2.23 111.92
N ASN F 110 -20.99 -2.03 111.55
CA ASN F 110 -19.90 -2.50 112.36
C ASN F 110 -19.87 -1.70 113.65
N LEU F 111 -19.93 -2.39 114.78
CA LEU F 111 -19.99 -1.72 116.07
C LEU F 111 -18.89 -2.26 116.96
N VAL F 112 -18.33 -1.36 117.76
CA VAL F 112 -17.24 -1.68 118.68
C VAL F 112 -17.69 -1.29 120.08
N ILE F 113 -17.81 -2.27 120.96
CA ILE F 113 -18.14 -1.97 122.35
C ILE F 113 -16.93 -1.40 123.04
N VAL F 114 -16.89 -0.09 123.24
CA VAL F 114 -15.69 0.50 123.83
C VAL F 114 -15.75 0.48 125.35
N LYS F 115 -16.92 0.30 125.94
CA LYS F 115 -17.08 0.36 127.38
C LYS F 115 -18.06 -0.72 127.83
N LYS F 116 -17.61 -1.59 128.71
CA LYS F 116 -18.47 -2.61 129.26
C LYS F 116 -19.35 -2.02 130.34
N GLY F 117 -20.59 -2.50 130.42
CA GLY F 117 -21.52 -2.03 131.41
C GLY F 117 -21.44 -2.84 132.68
N GLU F 118 -22.50 -3.58 132.99
CA GLU F 118 -22.55 -4.40 134.19
C GLU F 118 -22.95 -5.84 133.93
N LYS F 119 -23.48 -6.17 132.76
CA LYS F 119 -23.97 -7.51 132.47
C LYS F 119 -22.96 -8.26 131.61
N ASP F 120 -23.34 -9.46 131.21
CA ASP F 120 -22.52 -10.28 130.33
C ASP F 120 -23.37 -10.80 129.19
N ILE F 121 -23.01 -10.41 127.98
CA ILE F 121 -23.70 -10.86 126.77
C ILE F 121 -23.12 -12.23 126.43
N PRO F 122 -23.95 -13.25 126.19
CA PRO F 122 -23.40 -14.62 126.07
C PRO F 122 -22.60 -14.87 124.81
N GLY F 123 -22.84 -14.13 123.74
CA GLY F 123 -22.07 -14.34 122.53
C GLY F 123 -20.69 -13.74 122.54
N LEU F 124 -20.45 -12.75 123.40
CA LEU F 124 -19.22 -11.98 123.34
C LEU F 124 -18.33 -12.15 124.57
N THR F 125 -18.84 -11.81 125.74
CA THR F 125 -17.97 -11.39 126.82
C THR F 125 -17.39 -12.53 127.65
N ASP F 126 -18.14 -13.63 127.80
CA ASP F 126 -17.74 -14.64 128.78
C ASP F 126 -16.54 -15.45 128.31
N THR F 127 -16.40 -15.65 127.00
CA THR F 127 -15.19 -16.30 126.51
C THR F 127 -14.03 -15.31 126.53
N THR F 128 -12.82 -15.85 126.41
CA THR F 128 -11.64 -15.03 126.18
C THR F 128 -10.75 -15.72 125.17
N VAL F 129 -10.17 -14.92 124.27
CA VAL F 129 -9.35 -15.48 123.21
C VAL F 129 -7.90 -15.55 123.69
N PRO F 130 -7.17 -16.60 123.33
CA PRO F 130 -5.71 -16.52 123.44
C PRO F 130 -5.15 -15.65 122.35
N ARG F 131 -4.70 -14.45 122.70
CA ARG F 131 -4.09 -13.58 121.71
C ARG F 131 -2.74 -14.16 121.33
N ARG F 132 -2.75 -14.97 120.28
CA ARG F 132 -1.59 -15.69 119.80
C ARG F 132 -0.54 -14.73 119.27
N LEU F 133 0.64 -15.29 118.96
CA LEU F 133 1.76 -14.56 118.39
C LEU F 133 2.22 -13.40 119.27
N GLY F 134 2.93 -13.71 120.35
CA GLY F 134 3.57 -12.69 121.15
C GLY F 134 4.63 -11.87 120.42
N PRO F 135 5.32 -10.99 121.15
CA PRO F 135 6.23 -10.05 120.49
C PRO F 135 7.50 -10.72 120.00
N LYS F 136 8.03 -10.15 118.91
CA LYS F 136 9.14 -10.72 118.15
C LYS F 136 10.36 -9.83 118.12
N ARG F 137 10.18 -8.52 118.03
CA ARG F 137 11.29 -7.59 118.13
C ARG F 137 11.75 -7.50 119.56
N ALA F 138 13.08 -7.46 119.77
CA ALA F 138 13.66 -7.57 121.10
C ALA F 138 13.38 -6.35 121.98
N SER F 139 12.97 -5.23 121.41
CA SER F 139 12.56 -4.12 122.24
C SER F 139 11.13 -4.29 122.72
N ARG F 140 10.29 -4.97 121.95
CA ARG F 140 8.92 -5.18 122.38
C ARG F 140 8.81 -6.26 123.44
N ILE F 141 9.82 -7.10 123.59
CA ILE F 141 9.84 -8.04 124.70
C ILE F 141 10.00 -7.30 126.02
N ARG F 142 10.94 -6.35 126.07
CA ARG F 142 11.20 -5.61 127.28
C ARG F 142 10.12 -4.60 127.61
N LYS F 143 9.25 -4.27 126.66
CA LYS F 143 8.13 -3.39 126.98
C LYS F 143 6.97 -4.17 127.60
N LEU F 144 6.91 -5.47 127.35
CA LEU F 144 5.86 -6.29 127.93
C LEU F 144 6.31 -6.99 129.21
N PHE F 145 7.60 -7.25 129.37
CA PHE F 145 8.07 -8.00 130.53
C PHE F 145 8.93 -7.18 131.49
N ASN F 146 9.30 -5.95 131.12
CA ASN F 146 10.05 -5.02 131.94
C ASN F 146 11.41 -5.60 132.37
N LEU F 147 12.24 -5.82 131.36
CA LEU F 147 13.60 -6.26 131.56
C LEU F 147 14.56 -5.07 131.52
N SER F 148 15.68 -5.23 132.21
CA SER F 148 16.75 -4.24 132.19
C SER F 148 17.73 -4.63 131.08
N LYS F 149 18.94 -4.09 131.10
CA LYS F 149 19.93 -4.44 130.10
C LYS F 149 20.49 -5.84 130.32
N GLU F 150 20.82 -6.18 131.56
CA GLU F 150 21.54 -7.42 131.86
C GLU F 150 20.67 -8.67 131.80
N ASP F 151 19.35 -8.52 131.67
CA ASP F 151 18.49 -9.68 131.50
C ASP F 151 18.60 -10.19 130.07
N ASP F 152 18.70 -11.50 129.92
CA ASP F 152 18.69 -12.10 128.59
C ASP F 152 17.27 -12.05 128.05
N VAL F 153 17.11 -11.46 126.86
CA VAL F 153 15.79 -11.35 126.26
C VAL F 153 15.28 -12.71 125.85
N ARG F 154 16.18 -13.60 125.43
CA ARG F 154 15.79 -14.93 125.02
C ARG F 154 15.39 -15.82 126.18
N GLN F 155 15.51 -15.34 127.42
CA GLN F 155 14.91 -16.03 128.55
C GLN F 155 13.41 -15.84 128.60
N TYR F 156 12.92 -14.73 128.05
CA TYR F 156 11.53 -14.34 128.23
C TYR F 156 10.78 -14.37 126.91
N VAL F 157 11.20 -15.21 125.98
CA VAL F 157 10.51 -15.30 124.71
C VAL F 157 9.32 -16.22 124.87
N VAL F 158 8.25 -15.93 124.16
CA VAL F 158 7.02 -16.71 124.27
C VAL F 158 7.07 -17.82 123.24
N ARG F 159 6.68 -19.01 123.67
CA ARG F 159 6.72 -20.19 122.83
C ARG F 159 5.30 -20.67 122.58
N LYS F 160 4.96 -20.85 121.32
CA LYS F 160 3.62 -21.27 120.95
C LYS F 160 3.43 -22.74 121.32
N PRO F 161 2.45 -23.08 122.13
CA PRO F 161 2.25 -24.49 122.51
C PRO F 161 1.58 -25.28 121.40
N LEU F 162 2.36 -25.78 120.47
CA LEU F 162 1.83 -26.42 119.29
C LEU F 162 1.48 -27.88 119.56
N ASN F 163 0.34 -28.33 119.05
CA ASN F 163 -0.11 -29.69 119.28
C ASN F 163 -1.07 -30.13 118.17
N LYS F 164 -0.84 -31.33 117.65
CA LYS F 164 -1.74 -31.95 116.70
C LYS F 164 -1.70 -33.44 116.91
N GLU F 165 -2.84 -34.09 116.74
CA GLU F 165 -2.93 -35.54 116.83
C GLU F 165 -2.13 -36.20 115.70
N GLY F 166 -1.67 -37.42 115.97
CA GLY F 166 -0.82 -38.11 115.04
C GLY F 166 0.59 -37.57 114.92
N LYS F 167 0.97 -36.63 115.77
CA LYS F 167 2.29 -36.02 115.72
C LYS F 167 2.82 -35.81 117.13
N LYS F 168 4.14 -35.69 117.22
CA LYS F 168 4.77 -35.40 118.49
C LYS F 168 4.40 -33.99 118.96
N PRO F 169 4.39 -33.75 120.28
CA PRO F 169 4.23 -32.39 120.77
C PRO F 169 5.47 -31.57 120.44
N ARG F 170 5.28 -30.48 119.71
CA ARG F 170 6.35 -29.60 119.28
C ARG F 170 6.10 -28.22 119.88
N THR F 171 7.17 -27.46 120.06
CA THR F 171 7.09 -26.13 120.64
C THR F 171 7.85 -25.16 119.76
N LYS F 172 7.17 -24.13 119.27
CA LYS F 172 7.71 -23.25 118.26
C LYS F 172 7.90 -21.85 118.83
N ALA F 173 9.09 -21.28 118.61
CA ALA F 173 9.45 -19.97 119.11
C ALA F 173 9.88 -19.09 117.96
N PRO F 174 9.57 -17.79 118.00
CA PRO F 174 9.96 -16.91 116.89
C PRO F 174 11.46 -16.67 116.84
N LYS F 175 11.88 -16.04 115.76
CA LYS F 175 13.25 -15.59 115.61
C LYS F 175 13.31 -14.15 116.08
N ILE F 176 14.15 -13.88 117.08
CA ILE F 176 14.27 -12.53 117.64
C ILE F 176 15.03 -11.66 116.67
N GLN F 177 14.39 -10.61 116.19
CA GLN F 177 15.06 -9.61 115.39
C GLN F 177 15.46 -8.45 116.28
N ARG F 178 16.46 -7.68 115.83
CA ARG F 178 17.15 -6.65 116.60
C ARG F 178 17.73 -7.22 117.87
N LEU F 179 18.51 -8.28 117.73
CA LEU F 179 19.23 -8.89 118.85
C LEU F 179 20.72 -8.64 118.67
N VAL F 180 21.40 -8.33 119.75
CA VAL F 180 22.83 -8.05 119.64
C VAL F 180 23.58 -9.38 119.66
N THR F 181 23.63 -10.02 118.52
CA THR F 181 24.31 -11.25 118.22
C THR F 181 25.80 -10.97 118.11
N PRO F 182 26.66 -11.93 118.50
CA PRO F 182 28.09 -11.80 118.18
C PRO F 182 28.40 -11.56 116.72
N ARG F 183 27.58 -12.08 115.80
CA ARG F 183 27.72 -11.75 114.39
C ARG F 183 27.39 -10.30 114.13
N VAL F 184 26.31 -9.79 114.73
CA VAL F 184 25.84 -8.42 114.52
C VAL F 184 26.90 -7.43 114.96
N LEU F 185 27.52 -7.69 116.10
CA LEU F 185 28.55 -6.81 116.62
C LEU F 185 29.85 -6.90 115.83
N GLN F 186 30.12 -8.06 115.24
CA GLN F 186 31.30 -8.22 114.42
C GLN F 186 31.20 -7.42 113.13
N HIS F 187 29.99 -7.24 112.62
CA HIS F 187 29.81 -6.49 111.39
C HIS F 187 30.06 -5.01 111.60
N LYS F 188 29.72 -4.47 112.77
CA LYS F 188 30.03 -3.08 113.04
C LYS F 188 31.52 -2.86 113.18
N ARG F 189 32.24 -3.88 113.67
CA ARG F 189 33.69 -3.80 113.71
C ARG F 189 34.28 -3.82 112.32
N ARG F 190 33.64 -4.52 111.39
CA ARG F 190 34.21 -4.72 110.06
C ARG F 190 34.18 -3.44 109.26
N ARG F 191 33.05 -2.75 109.23
CA ARG F 191 33.00 -1.56 108.40
C ARG F 191 33.69 -0.37 109.04
N ILE F 192 33.96 -0.43 110.33
CA ILE F 192 34.84 0.56 110.94
C ILE F 192 36.27 0.29 110.52
N ALA F 193 36.63 -0.98 110.36
CA ALA F 193 37.96 -1.32 109.88
C ALA F 193 38.17 -0.88 108.44
N LEU F 194 37.11 -0.88 107.63
CA LEU F 194 37.21 -0.37 106.27
C LEU F 194 37.28 1.14 106.24
N LYS F 195 36.94 1.83 107.31
CA LYS F 195 37.18 3.27 107.36
C LYS F 195 38.65 3.56 107.60
N LYS F 196 39.32 2.73 108.39
CA LYS F 196 40.72 2.97 108.66
C LYS F 196 41.58 2.65 107.45
N GLN F 197 41.20 1.63 106.69
CA GLN F 197 41.96 1.29 105.49
C GLN F 197 41.79 2.33 104.40
N ARG F 198 40.64 2.97 104.32
CA ARG F 198 40.47 4.05 103.35
C ARG F 198 41.20 5.31 103.78
N THR F 199 41.38 5.53 105.07
CA THR F 199 42.22 6.60 105.54
C THR F 199 43.69 6.22 105.52
N LYS F 200 43.98 4.91 105.51
CA LYS F 200 45.37 4.47 105.38
C LYS F 200 45.93 4.81 104.00
N LYS F 201 45.16 4.55 102.95
CA LYS F 201 45.66 4.78 101.60
C LYS F 201 45.76 6.26 101.27
N ASN F 202 44.79 7.06 101.72
CA ASN F 202 44.82 8.50 101.48
C ASN F 202 45.97 9.20 102.17
N LYS F 203 46.54 8.60 103.22
CA LYS F 203 47.77 9.10 103.79
C LYS F 203 48.98 8.62 103.01
N GLU F 204 48.92 7.45 102.39
CA GLU F 204 50.06 6.89 101.69
C GLU F 204 50.04 7.11 100.19
N GLU F 205 48.87 7.18 99.55
CA GLU F 205 48.86 7.54 98.13
C GLU F 205 49.22 8.99 97.94
N ALA F 206 48.72 9.86 98.81
CA ALA F 206 48.99 11.29 98.71
C ALA F 206 50.39 11.66 99.15
N ALA F 207 51.11 10.75 99.81
CA ALA F 207 52.48 11.03 100.16
C ALA F 207 53.42 10.77 99.00
N GLU F 208 53.13 9.71 98.22
CA GLU F 208 54.00 9.35 97.10
C GLU F 208 53.90 10.36 95.98
N TYR F 209 52.70 10.88 95.73
CA TYR F 209 52.57 11.94 94.75
C TYR F 209 53.20 13.23 95.24
N ALA F 210 53.23 13.45 96.55
CA ALA F 210 53.99 14.58 97.08
C ALA F 210 55.48 14.38 96.88
N LYS F 211 55.93 13.14 96.81
CA LYS F 211 57.31 12.84 96.49
C LYS F 211 57.55 12.91 94.99
N LEU F 212 56.60 12.41 94.21
CA LEU F 212 56.75 12.35 92.77
C LEU F 212 56.65 13.72 92.13
N LEU F 213 55.89 14.62 92.74
CA LEU F 213 55.83 15.99 92.24
C LEU F 213 57.11 16.75 92.55
N ALA F 214 57.88 16.30 93.55
CA ALA F 214 59.16 16.94 93.85
C ALA F 214 60.19 16.67 92.77
N LYS F 215 60.27 15.43 92.29
CA LYS F 215 61.19 15.11 91.20
C LYS F 215 60.78 15.81 89.91
N ARG F 216 59.50 15.77 89.59
CA ARG F 216 59.00 16.39 88.37
C ARG F 216 58.88 17.90 88.46
N MET F 217 59.10 18.48 89.63
CA MET F 217 59.27 19.93 89.72
C MET F 217 60.74 20.33 89.71
N LYS F 218 61.60 19.54 90.35
CA LYS F 218 63.02 19.83 90.36
C LYS F 218 63.64 19.64 88.98
N GLU F 219 63.17 18.65 88.23
CA GLU F 219 63.71 18.46 86.89
C GLU F 219 63.28 19.55 85.93
N ALA F 220 62.04 20.05 86.08
CA ALA F 220 61.61 21.20 85.30
C ALA F 220 62.38 22.46 85.68
N LYS F 221 62.68 22.62 86.97
CA LYS F 221 63.50 23.73 87.42
C LYS F 221 64.92 23.64 86.87
N GLU F 222 65.47 22.43 86.80
CA GLU F 222 66.79 22.26 86.20
C GLU F 222 66.78 22.42 84.68
N LYS F 223 65.65 22.14 84.02
CA LYS F 223 65.56 22.48 82.61
C LYS F 223 65.44 23.98 82.39
N ARG F 224 64.83 24.69 83.35
CA ARG F 224 64.71 26.15 83.25
C ARG F 224 66.07 26.82 83.22
N GLN F 225 67.01 26.31 84.00
CA GLN F 225 68.31 26.97 84.15
C GLN F 225 69.20 26.80 82.93
N GLU F 226 68.81 25.97 81.96
CA GLU F 226 69.57 25.85 80.72
C GLU F 226 68.93 26.59 79.55
N GLN F 227 67.65 26.96 79.65
CA GLN F 227 67.01 27.73 78.59
C GLN F 227 66.88 29.21 78.92
N ILE F 228 66.82 29.59 80.20
CA ILE F 228 66.83 31.02 80.52
C ILE F 228 68.25 31.55 80.45
N ALA F 229 69.24 30.74 80.81
CA ALA F 229 70.63 31.18 80.75
C ALA F 229 71.11 31.30 79.31
N LYS F 230 70.76 30.35 78.45
CA LYS F 230 71.19 30.37 77.07
C LYS F 230 70.12 30.96 76.16
N ILE G 1 79.79 54.08 33.18
CA ILE G 1 79.43 53.62 31.84
C ILE G 1 78.72 52.27 31.95
N VAL G 2 79.20 51.42 32.85
CA VAL G 2 78.55 50.14 33.14
C VAL G 2 77.89 50.25 34.51
N LYS G 3 76.58 50.18 34.53
CA LYS G 3 75.81 50.18 35.77
C LYS G 3 75.18 48.80 35.89
N PRO G 4 75.73 47.91 36.70
CA PRO G 4 75.02 46.66 37.00
C PRO G 4 74.12 46.85 38.20
N ASN G 5 73.06 46.04 38.23
CA ASN G 5 72.10 46.09 39.33
C ASN G 5 72.68 45.59 40.64
N GLY G 6 73.72 44.75 40.58
CA GLY G 6 74.43 44.30 41.77
C GLY G 6 75.86 44.78 41.89
N GLU G 7 76.29 45.72 41.02
CA GLU G 7 77.63 46.32 41.02
C GLU G 7 78.73 45.27 40.86
N LYS G 8 78.55 44.40 39.87
CA LYS G 8 79.46 43.28 39.61
C LYS G 8 80.10 43.45 38.24
N PRO G 9 81.22 44.14 38.13
CA PRO G 9 81.85 44.33 36.81
C PRO G 9 82.63 43.09 36.37
N ASP G 10 83.02 43.12 35.10
CA ASP G 10 83.72 41.99 34.49
C ASP G 10 84.57 42.52 33.34
N GLU G 11 85.65 41.81 33.03
CA GLU G 11 86.63 42.24 32.04
C GLU G 11 86.09 42.31 30.61
N PHE G 12 84.94 41.71 30.33
CA PHE G 12 84.35 41.83 28.99
C PHE G 12 83.83 43.24 28.75
N GLU G 13 82.89 43.69 29.58
CA GLU G 13 82.27 44.99 29.38
C GLU G 13 83.15 46.15 29.79
N SER G 14 84.29 45.88 30.45
CA SER G 14 85.24 46.95 30.72
C SER G 14 85.81 47.50 29.43
N GLY G 15 86.17 46.60 28.51
CA GLY G 15 86.62 47.02 27.19
C GLY G 15 85.52 47.70 26.39
N ILE G 16 84.28 47.30 26.61
CA ILE G 16 83.16 47.97 25.95
C ILE G 16 82.97 49.38 26.49
N SER G 17 83.14 49.56 27.80
CA SER G 17 83.04 50.89 28.39
C SER G 17 84.19 51.77 27.95
N GLN G 18 85.39 51.21 27.84
CA GLN G 18 86.51 52.00 27.35
C GLN G 18 86.35 52.33 25.87
N ALA G 19 85.73 51.44 25.11
CA ALA G 19 85.46 51.72 23.71
C ALA G 19 84.41 52.81 23.56
N LEU G 20 83.40 52.79 24.41
CA LEU G 20 82.41 53.86 24.41
C LEU G 20 82.98 55.17 24.95
N LEU G 21 84.05 55.10 25.75
CA LEU G 21 84.59 56.30 26.35
C LEU G 21 85.28 57.20 25.34
N GLU G 22 85.79 56.63 24.24
CA GLU G 22 86.40 57.48 23.22
C GLU G 22 85.36 58.25 22.41
N LEU G 23 84.09 57.85 22.49
CA LEU G 23 83.05 58.52 21.73
C LEU G 23 82.71 59.89 22.31
N GLU G 24 83.10 60.17 23.55
CA GLU G 24 83.01 61.50 24.11
C GLU G 24 84.23 62.35 23.81
N MET G 25 85.16 61.86 22.98
CA MET G 25 86.32 62.65 22.61
C MET G 25 86.72 62.54 21.14
N ASN G 26 86.03 61.75 20.32
CA ASN G 26 86.42 61.69 18.92
C ASN G 26 85.33 62.08 17.94
N SER G 27 84.06 61.87 18.28
CA SER G 27 82.98 61.95 17.31
C SER G 27 81.99 63.04 17.70
N ASP G 28 80.87 63.05 16.98
CA ASP G 28 79.80 64.02 17.16
C ASP G 28 78.73 63.53 18.13
N LEU G 29 79.02 62.51 18.92
CA LEU G 29 78.11 61.98 19.93
C LEU G 29 78.48 62.44 21.32
N LYS G 30 78.90 63.71 21.43
CA LYS G 30 79.32 64.25 22.71
C LYS G 30 78.14 64.42 23.65
N ALA G 31 77.08 65.08 23.20
CA ALA G 31 75.96 65.40 24.05
C ALA G 31 75.06 64.22 24.35
N GLN G 32 75.20 63.11 23.62
CA GLN G 32 74.37 61.95 23.84
C GLN G 32 74.95 61.00 24.88
N LEU G 33 76.23 60.68 24.76
CA LEU G 33 76.82 59.62 25.55
C LEU G 33 77.11 60.02 27.00
N ARG G 34 76.88 61.27 27.37
CA ARG G 34 77.06 61.65 28.77
C ARG G 34 75.89 61.17 29.63
N GLU G 35 74.70 61.08 29.05
CA GLU G 35 73.54 60.62 29.79
C GLU G 35 73.36 59.11 29.75
N LEU G 36 73.99 58.43 28.81
CA LEU G 36 73.73 57.02 28.57
C LEU G 36 74.76 56.13 29.24
N ASN G 37 74.37 54.88 29.44
CA ASN G 37 75.20 53.86 30.07
C ASN G 37 74.60 52.50 29.76
N ILE G 38 75.45 51.48 29.73
CA ILE G 38 75.00 50.12 29.50
C ILE G 38 74.96 49.38 30.82
N THR G 39 74.33 48.22 30.82
CA THR G 39 74.14 47.45 32.04
C THR G 39 74.76 46.06 32.01
N ALA G 40 74.98 45.48 30.83
CA ALA G 40 75.67 44.20 30.72
C ALA G 40 76.21 44.07 29.31
N ALA G 41 77.10 43.12 29.12
CA ALA G 41 77.62 42.79 27.80
C ALA G 41 78.03 41.33 27.80
N LYS G 42 77.79 40.66 26.69
CA LYS G 42 78.05 39.23 26.60
C LYS G 42 78.56 38.91 25.21
N GLU G 43 79.75 38.34 25.13
CA GLU G 43 80.34 37.93 23.87
C GLU G 43 80.09 36.44 23.68
N ILE G 44 79.39 36.09 22.59
CA ILE G 44 78.99 34.71 22.35
C ILE G 44 79.40 34.30 20.95
N GLU G 45 79.24 33.01 20.67
CA GLU G 45 79.58 32.42 19.39
C GLU G 45 78.32 32.12 18.60
N VAL G 46 78.39 32.31 17.29
CA VAL G 46 77.36 31.91 16.36
C VAL G 46 78.01 31.66 15.00
N GLY G 47 77.67 30.53 14.39
CA GLY G 47 78.09 30.29 13.02
C GLY G 47 79.35 29.49 12.83
N GLY G 48 79.88 28.89 13.90
CA GLY G 48 81.06 28.05 13.78
C GLY G 48 82.33 28.82 13.47
N GLY G 49 82.80 29.62 14.43
CA GLY G 49 83.99 30.43 14.27
C GLY G 49 83.72 31.92 14.39
N ARG G 50 82.60 32.39 13.86
CA ARG G 50 82.25 33.80 13.96
C ARG G 50 81.82 34.13 15.38
N LYS G 51 82.16 35.34 15.81
CA LYS G 51 81.84 35.80 17.15
C LYS G 51 80.93 37.01 17.05
N ALA G 52 80.09 37.19 18.07
CA ALA G 52 79.22 38.35 18.12
C ALA G 52 78.92 38.65 19.58
N ILE G 53 79.00 39.92 19.94
CA ILE G 53 78.80 40.34 21.31
C ILE G 53 77.53 41.17 21.39
N ILE G 54 76.71 40.85 22.39
CA ILE G 54 75.46 41.57 22.63
C ILE G 54 75.67 42.53 23.79
N ILE G 55 75.02 43.69 23.69
CA ILE G 55 75.20 44.76 24.68
C ILE G 55 73.84 45.14 25.22
N PHE G 56 73.70 45.11 26.55
CA PHE G 56 72.42 45.31 27.19
C PHE G 56 72.27 46.75 27.65
N VAL G 57 71.08 47.31 27.43
CA VAL G 57 70.78 48.71 27.69
C VAL G 57 69.65 48.77 28.73
N PRO G 58 69.63 49.74 29.63
CA PRO G 58 68.43 49.96 30.43
C PRO G 58 67.26 50.40 29.55
N VAL G 59 66.05 50.10 30.01
CA VAL G 59 64.86 50.29 29.18
C VAL G 59 64.56 51.75 28.86
N PRO G 60 64.48 52.69 29.81
CA PRO G 60 64.07 54.05 29.42
C PRO G 60 65.14 54.80 28.63
N GLN G 61 66.34 54.27 28.51
CA GLN G 61 67.36 54.86 27.66
C GLN G 61 67.42 54.20 26.29
N LEU G 62 66.60 53.18 26.03
CA LEU G 62 66.73 52.42 24.78
C LEU G 62 66.32 53.27 23.58
N LYS G 63 65.26 54.05 23.71
CA LYS G 63 64.80 54.90 22.61
C LYS G 63 65.83 55.95 22.26
N SER G 64 66.64 56.39 23.23
CA SER G 64 67.75 57.27 22.94
C SER G 64 68.94 56.55 22.34
N PHE G 65 69.00 55.22 22.46
CA PHE G 65 70.01 54.45 21.74
C PHE G 65 69.63 54.16 20.30
N GLN G 66 68.37 54.36 19.91
CA GLN G 66 67.98 54.04 18.55
C GLN G 66 68.48 55.08 17.56
N LYS G 67 68.47 56.36 17.97
CA LYS G 67 68.88 57.42 17.06
C LYS G 67 70.39 57.41 16.80
N ILE G 68 71.17 56.79 17.68
CA ILE G 68 72.60 56.69 17.48
C ILE G 68 73.04 55.23 17.35
N GLN G 69 72.11 54.32 17.07
CA GLN G 69 72.45 52.91 16.93
C GLN G 69 73.32 52.67 15.70
N VAL G 70 72.84 53.13 14.54
CA VAL G 70 73.46 52.78 13.27
C VAL G 70 74.83 53.44 13.13
N ARG G 71 75.07 54.54 13.84
CA ARG G 71 76.42 55.10 13.88
C ARG G 71 77.32 54.31 14.82
N LEU G 72 76.78 53.92 15.97
CA LEU G 72 77.61 53.27 16.98
C LEU G 72 77.99 51.86 16.56
N VAL G 73 77.15 51.20 15.76
CA VAL G 73 77.51 49.91 15.19
C VAL G 73 78.71 50.04 14.26
N ARG G 74 78.74 51.10 13.45
CA ARG G 74 79.89 51.35 12.59
C ARG G 74 81.13 51.67 13.39
N GLU G 75 81.01 52.59 14.36
CA GLU G 75 82.14 52.99 15.19
C GLU G 75 82.64 51.88 16.11
N LEU G 76 81.84 50.86 16.36
CA LEU G 76 82.23 49.79 17.25
C LEU G 76 82.69 48.54 16.52
N GLU G 77 82.11 48.25 15.35
CA GLU G 77 82.60 47.16 14.53
C GLU G 77 83.84 47.56 13.74
N LYS G 78 84.09 48.86 13.57
CA LYS G 78 85.34 49.27 12.93
C LYS G 78 86.53 49.09 13.86
N LYS G 79 86.34 49.28 15.17
CA LYS G 79 87.50 49.41 16.04
C LYS G 79 88.12 48.06 16.39
N PHE G 80 87.37 46.97 16.31
CA PHE G 80 87.97 45.64 16.38
C PHE G 80 87.52 44.82 15.18
N SER G 81 87.76 43.51 15.25
CA SER G 81 87.48 42.62 14.13
C SER G 81 85.98 42.44 13.92
N GLY G 82 85.64 41.60 12.94
CA GLY G 82 84.26 41.37 12.58
C GLY G 82 83.48 40.66 13.66
N LYS G 83 82.64 41.45 14.34
CA LYS G 83 81.83 40.95 15.46
C LYS G 83 80.57 41.79 15.48
N HIS G 84 79.43 41.18 15.21
CA HIS G 84 78.21 41.93 15.11
C HIS G 84 77.70 42.31 16.50
N VAL G 85 77.30 43.56 16.66
CA VAL G 85 76.78 44.06 17.92
C VAL G 85 75.31 44.42 17.74
N VAL G 86 74.53 44.08 18.77
CA VAL G 86 73.09 44.34 18.81
C VAL G 86 72.73 44.79 20.21
N PHE G 87 71.74 45.67 20.30
CA PHE G 87 71.36 46.30 21.56
C PHE G 87 70.02 45.75 22.01
N ILE G 88 70.00 45.07 23.14
CA ILE G 88 68.79 44.47 23.68
C ILE G 88 68.53 45.13 25.02
N ALA G 89 67.32 45.63 25.22
CA ALA G 89 66.98 46.26 26.48
C ALA G 89 66.91 45.24 27.61
N GLN G 90 67.01 45.71 28.84
CA GLN G 90 67.05 44.84 30.02
C GLN G 90 65.66 44.77 30.61
N ARG G 91 64.94 43.70 30.30
CA ARG G 91 63.56 43.54 30.76
C ARG G 91 63.46 42.43 31.78
N ARG G 92 62.91 42.75 32.95
CA ARG G 92 62.74 41.75 33.99
C ARG G 92 61.56 40.85 33.67
N ILE G 93 61.73 39.55 33.87
CA ILE G 93 60.66 38.58 33.73
C ILE G 93 60.11 38.32 35.13
N LEU G 94 58.88 38.67 35.35
CA LEU G 94 58.25 38.21 36.57
C LEU G 94 57.65 36.83 36.35
N PRO G 95 57.69 35.94 37.34
CA PRO G 95 57.24 34.58 37.11
C PRO G 95 55.73 34.49 37.16
N LYS G 96 55.20 33.48 36.50
CA LYS G 96 53.76 33.31 36.44
C LYS G 96 53.25 32.86 37.79
N PRO G 97 52.34 33.60 38.43
CA PRO G 97 51.94 33.28 39.81
C PRO G 97 51.13 32.00 39.89
N THR G 98 51.63 31.05 40.66
CA THR G 98 50.92 29.82 40.92
C THR G 98 49.91 30.05 42.04
N ARG G 99 49.33 28.99 42.55
CA ARG G 99 48.38 29.12 43.64
C ARG G 99 49.06 29.35 44.97
N LYS G 100 50.36 29.13 45.03
CA LYS G 100 51.17 29.40 46.20
C LYS G 100 52.19 30.48 45.85
N SER G 101 52.24 31.55 46.63
CA SER G 101 53.17 32.64 46.38
C SER G 101 53.38 33.44 47.67
N ARG G 102 54.37 34.32 47.62
CA ARG G 102 54.79 35.12 48.76
C ARG G 102 53.94 36.39 48.87
N THR G 103 54.17 37.15 49.94
CA THR G 103 53.41 38.39 50.19
C THR G 103 54.11 39.62 49.60
N LYS G 104 54.55 39.49 48.36
CA LYS G 104 55.15 40.58 47.61
C LYS G 104 54.20 41.18 46.59
N ASN G 105 53.44 40.33 45.89
CA ASN G 105 52.59 40.77 44.79
C ASN G 105 51.25 41.27 45.28
N LYS G 106 51.28 42.17 46.27
CA LYS G 106 50.05 42.82 46.69
C LYS G 106 49.53 43.76 45.60
N GLN G 107 50.44 44.24 44.76
CA GLN G 107 50.10 44.73 43.43
C GLN G 107 50.51 43.69 42.41
N LYS G 108 49.69 43.55 41.37
CA LYS G 108 49.79 42.45 40.43
C LYS G 108 50.85 42.71 39.39
N ARG G 109 51.23 41.64 38.69
CA ARG G 109 52.31 41.83 37.73
C ARG G 109 51.77 42.51 36.48
N PRO G 110 52.51 43.44 35.91
CA PRO G 110 52.09 44.06 34.67
C PRO G 110 52.29 43.08 33.54
N ARG G 111 51.46 43.21 32.52
CA ARG G 111 51.56 42.28 31.42
C ARG G 111 52.65 42.63 30.44
N SER G 112 53.38 43.72 30.69
CA SER G 112 54.60 43.98 29.95
C SER G 112 55.74 43.12 30.45
N ARG G 113 55.70 42.70 31.70
CA ARG G 113 56.72 41.83 32.27
C ARG G 113 56.31 40.37 32.21
N THR G 114 55.83 39.93 31.07
CA THR G 114 55.44 38.55 30.84
C THR G 114 56.36 37.96 29.78
N LEU G 115 56.50 36.64 29.80
CA LEU G 115 57.50 36.00 28.96
C LEU G 115 57.15 36.11 27.48
N THR G 116 55.86 36.09 27.13
CA THR G 116 55.52 36.29 25.73
C THR G 116 55.74 37.74 25.31
N ALA G 117 55.35 38.70 26.15
CA ALA G 117 55.49 40.10 25.77
C ALA G 117 56.91 40.62 25.89
N VAL G 118 57.83 39.85 26.45
CA VAL G 118 59.24 40.19 26.45
C VAL G 118 60.00 39.40 25.39
N HIS G 119 59.63 38.17 25.18
CA HIS G 119 60.23 37.38 24.12
C HIS G 119 59.83 37.82 22.74
N ASP G 120 59.04 38.85 22.49
CA ASP G 120 58.95 39.43 21.17
C ASP G 120 59.25 40.91 21.14
N ALA G 121 59.35 41.56 22.29
CA ALA G 121 59.95 42.88 22.33
C ALA G 121 61.47 42.79 22.30
N ILE G 122 62.02 41.64 22.66
CA ILE G 122 63.42 41.37 22.38
C ILE G 122 63.64 41.31 20.88
N LEU G 123 62.71 40.65 20.19
CA LEU G 123 62.82 40.44 18.75
C LEU G 123 62.66 41.72 17.95
N GLU G 124 62.00 42.74 18.51
CA GLU G 124 61.82 43.98 17.78
C GLU G 124 63.11 44.77 17.72
N ASP G 125 63.82 44.87 18.84
CA ASP G 125 65.03 45.67 18.90
C ASP G 125 66.30 44.84 18.76
N LEU G 126 66.16 43.56 18.46
CA LEU G 126 67.32 42.77 18.09
C LEU G 126 67.78 43.08 16.67
N VAL G 127 66.83 43.38 15.80
CA VAL G 127 67.06 43.39 14.36
C VAL G 127 66.91 44.83 13.90
N PHE G 128 67.24 45.79 14.80
CA PHE G 128 66.67 47.14 14.89
C PHE G 128 66.38 47.91 13.60
N PRO G 129 67.33 48.15 12.68
CA PRO G 129 67.05 49.13 11.60
C PRO G 129 65.99 48.67 10.62
N SER G 130 65.77 47.37 10.51
CA SER G 130 64.59 46.84 9.83
C SER G 130 63.57 46.44 10.87
N GLU G 131 62.31 46.51 10.49
CA GLU G 131 61.20 46.28 11.40
C GLU G 131 60.48 45.01 10.99
N ILE G 132 59.89 44.34 11.98
CA ILE G 132 59.12 43.15 11.70
C ILE G 132 57.81 43.55 11.03
N VAL G 133 57.50 42.91 9.91
CA VAL G 133 56.29 43.22 9.16
C VAL G 133 55.32 42.07 9.07
N GLY G 134 55.75 40.86 9.42
CA GLY G 134 54.85 39.72 9.50
C GLY G 134 55.52 38.72 10.41
N LYS G 135 54.80 37.64 10.71
CA LYS G 135 55.34 36.60 11.56
C LYS G 135 54.55 35.33 11.30
N ARG G 136 55.26 34.22 11.15
CA ARG G 136 54.61 32.94 10.92
C ARG G 136 55.33 31.88 11.71
N ILE G 137 54.63 31.27 12.65
CA ILE G 137 55.17 30.17 13.46
C ILE G 137 54.80 28.87 12.80
N ARG G 138 55.76 27.98 12.62
CA ARG G 138 55.46 26.67 12.07
C ARG G 138 55.74 25.57 13.06
N VAL G 139 54.78 24.67 13.23
CA VAL G 139 54.91 23.51 14.09
C VAL G 139 55.22 22.32 13.21
N LYS G 140 56.38 21.69 13.44
CA LYS G 140 56.87 20.58 12.64
C LYS G 140 56.25 19.26 13.09
N LEU G 141 56.67 18.18 12.44
CA LEU G 141 56.09 16.87 12.71
C LEU G 141 56.44 16.33 14.09
N ASP G 142 57.63 16.65 14.57
CA ASP G 142 58.04 16.22 15.90
C ASP G 142 57.56 17.16 17.00
N GLY G 143 56.76 18.15 16.67
CA GLY G 143 56.22 19.04 17.67
C GLY G 143 57.05 20.26 17.96
N SER G 144 58.22 20.40 17.36
CA SER G 144 59.03 21.58 17.58
C SER G 144 58.45 22.76 16.80
N ARG G 145 58.92 23.95 17.15
CA ARG G 145 58.48 25.16 16.48
C ARG G 145 59.63 25.81 15.74
N LEU G 146 59.28 26.72 14.85
CA LEU G 146 60.27 27.41 14.04
C LEU G 146 59.65 28.73 13.60
N ILE G 147 59.99 29.81 14.29
CA ILE G 147 59.41 31.10 13.95
C ILE G 147 60.03 31.58 12.66
N LYS G 148 59.22 32.12 11.77
CA LYS G 148 59.71 32.76 10.56
C LYS G 148 59.37 34.23 10.65
N VAL G 149 60.37 35.05 10.87
CA VAL G 149 60.19 36.48 11.03
C VAL G 149 60.42 37.15 9.69
N HIS G 150 59.43 37.88 9.22
CA HIS G 150 59.57 38.67 8.02
C HIS G 150 60.09 40.05 8.39
N LEU G 151 60.71 40.72 7.43
CA LEU G 151 61.38 41.98 7.70
C LEU G 151 61.09 42.97 6.58
N ASP G 152 61.61 44.18 6.73
CA ASP G 152 61.38 45.21 5.73
C ASP G 152 62.25 45.01 4.50
N LYS G 153 61.64 45.22 3.34
CA LYS G 153 62.35 45.11 2.09
C LYS G 153 63.27 46.31 1.87
N ALA G 154 62.86 47.49 2.34
CA ALA G 154 63.59 48.73 2.04
C ALA G 154 64.85 48.90 2.87
N GLN G 155 64.96 48.21 3.99
CA GLN G 155 66.14 48.28 4.84
C GLN G 155 66.92 46.98 4.78
N GLN G 156 67.03 46.40 3.58
CA GLN G 156 67.57 45.05 3.46
C GLN G 156 69.08 45.03 3.48
N ASN G 157 69.71 45.86 2.65
CA ASN G 157 71.12 45.69 2.30
C ASN G 157 72.09 46.06 3.42
N ASN G 158 71.62 46.60 4.54
CA ASN G 158 72.53 46.83 5.65
C ASN G 158 72.44 45.77 6.73
N VAL G 159 71.39 44.94 6.74
CA VAL G 159 71.24 43.92 7.78
C VAL G 159 71.08 42.54 7.16
N GLU G 160 71.34 42.43 5.86
CA GLU G 160 71.11 41.16 5.18
C GLU G 160 72.16 40.12 5.54
N HIS G 161 73.33 40.54 5.98
CA HIS G 161 74.41 39.62 6.30
C HIS G 161 74.38 39.17 7.76
N LYS G 162 73.65 39.87 8.62
CA LYS G 162 73.65 39.58 10.04
C LYS G 162 72.69 38.46 10.42
N VAL G 163 71.89 37.95 9.48
CA VAL G 163 70.74 37.12 9.82
C VAL G 163 71.08 35.71 10.26
N GLU G 164 72.36 35.35 10.28
CA GLU G 164 72.75 34.14 10.97
C GLU G 164 73.04 34.42 12.44
N THR G 165 73.60 35.60 12.73
CA THR G 165 73.91 35.96 14.11
C THR G 165 72.65 36.28 14.90
N PHE G 166 71.62 36.82 14.23
CA PHE G 166 70.34 37.06 14.87
C PHE G 166 69.73 35.77 15.38
N SER G 167 69.76 34.73 14.55
CA SER G 167 69.23 33.43 14.94
C SER G 167 69.99 32.85 16.12
N GLY G 168 71.31 33.05 16.16
CA GLY G 168 72.09 32.49 17.25
C GLY G 168 71.88 33.22 18.56
N VAL G 169 71.80 34.55 18.51
CA VAL G 169 71.55 35.27 19.76
C VAL G 169 70.12 35.07 20.23
N TYR G 170 69.17 34.85 19.32
CA TYR G 170 67.82 34.54 19.75
C TYR G 170 67.73 33.13 20.31
N LYS G 171 68.55 32.22 19.80
CA LYS G 171 68.59 30.89 20.39
C LYS G 171 69.20 30.92 21.78
N LYS G 172 70.20 31.76 21.99
CA LYS G 172 70.89 31.73 23.28
C LYS G 172 70.13 32.49 24.36
N LEU G 173 69.56 33.65 24.05
CA LEU G 173 68.96 34.43 25.13
C LEU G 173 67.45 34.23 25.25
N THR G 174 66.83 33.46 24.36
CA THR G 174 65.43 33.11 24.50
C THR G 174 65.20 31.61 24.55
N GLY G 175 65.82 30.86 23.66
CA GLY G 175 65.66 29.42 23.59
C GLY G 175 64.97 28.95 22.34
N LYS G 176 64.27 29.83 21.64
CA LYS G 176 63.50 29.47 20.47
C LYS G 176 64.33 29.62 19.21
N ASP G 177 64.00 28.81 18.20
CA ASP G 177 64.69 28.85 16.92
C ASP G 177 63.91 29.75 15.98
N VAL G 178 64.64 30.48 15.14
CA VAL G 178 64.02 31.51 14.32
C VAL G 178 64.75 31.59 12.97
N ASN G 179 64.01 31.97 11.94
CA ASN G 179 64.55 32.18 10.60
C ASN G 179 64.03 33.51 10.09
N PHE G 180 64.85 34.21 9.31
CA PHE G 180 64.54 35.57 8.89
C PHE G 180 64.33 35.61 7.39
N GLU G 181 63.26 36.26 6.96
CA GLU G 181 62.92 36.39 5.57
C GLU G 181 62.82 37.86 5.20
N PHE G 182 63.06 38.16 3.94
CA PHE G 182 62.83 39.50 3.40
C PHE G 182 61.84 39.34 2.26
N PRO G 183 60.56 39.62 2.48
CA PRO G 183 59.57 39.41 1.44
C PRO G 183 59.68 40.44 0.34
N GLU G 184 59.14 40.06 -0.81
CA GLU G 184 59.25 40.89 -2.01
C GLU G 184 58.26 42.04 -1.98
N PHE G 185 57.18 41.91 -1.22
CA PHE G 185 56.07 42.84 -1.32
C PHE G 185 55.28 42.75 -0.02
N GLN G 186 54.07 43.29 0.00
CA GLN G 186 53.15 43.05 1.11
C GLN G 186 52.68 41.60 1.14
N GLY H 1 -0.45 21.07 81.74
CA GLY H 1 -0.75 20.54 80.42
C GLY H 1 -0.04 21.31 79.35
N ILE H 2 0.86 22.16 79.80
CA ILE H 2 1.60 23.01 78.90
C ILE H 2 2.61 22.18 78.12
N SER H 3 2.92 22.63 76.91
CA SER H 3 3.85 21.92 76.06
C SER H 3 4.78 22.93 75.41
N ARG H 4 6.07 22.82 75.70
CA ARG H 4 7.04 23.78 75.18
C ARG H 4 7.81 23.24 73.99
N ASP H 5 7.12 22.50 73.13
CA ASP H 5 7.61 21.98 71.87
C ASP H 5 7.89 23.10 70.88
N ASN H 6 8.50 22.75 69.77
CA ASN H 6 8.72 23.70 68.71
C ASN H 6 7.84 23.44 67.50
N TRP H 7 7.10 22.34 67.49
CA TRP H 7 6.35 21.94 66.32
C TRP H 7 4.92 22.46 66.30
N HIS H 8 4.50 23.23 67.30
CA HIS H 8 3.19 23.85 67.26
C HIS H 8 3.23 25.24 66.66
N LYS H 9 4.35 25.61 66.05
CA LYS H 9 4.57 26.91 65.47
C LYS H 9 4.45 26.84 63.96
N ARG H 10 4.67 27.96 63.32
CA ARG H 10 4.75 27.97 61.87
C ARG H 10 6.21 27.86 61.46
N ARG H 11 6.42 27.54 60.19
CA ARG H 11 7.78 27.53 59.71
C ARG H 11 8.28 28.95 59.51
N LYS H 12 9.56 29.07 59.17
CA LYS H 12 10.13 30.38 58.93
C LYS H 12 9.53 31.03 57.69
N THR H 13 9.22 30.21 56.69
CA THR H 13 8.52 30.68 55.51
C THR H 13 7.08 31.09 55.81
N GLY H 14 6.49 30.59 56.88
CA GLY H 14 5.13 30.92 57.25
C GLY H 14 4.18 29.76 57.15
N GLY H 15 4.56 28.66 56.52
CA GLY H 15 3.67 27.53 56.41
C GLY H 15 3.48 26.83 57.74
N LYS H 16 2.27 26.34 57.98
CA LYS H 16 2.00 25.66 59.22
C LYS H 16 2.30 24.18 59.08
N ARG H 17 2.82 23.61 60.16
CA ARG H 17 3.20 22.20 60.18
C ARG H 17 1.99 21.36 60.53
N LYS H 18 1.78 20.31 59.80
CA LYS H 18 0.97 19.25 60.33
C LYS H 18 1.82 18.41 61.27
N PRO H 19 1.39 18.16 62.49
CA PRO H 19 2.25 17.53 63.48
C PRO H 19 2.41 16.05 63.25
N TYR H 20 3.52 15.50 63.72
CA TYR H 20 3.79 14.10 63.43
C TYR H 20 3.76 13.24 64.68
N HIS H 21 3.50 13.82 65.85
CA HIS H 21 3.16 13.03 67.02
C HIS H 21 2.29 13.84 67.98
N LYS H 22 1.77 13.14 68.97
CA LYS H 22 1.08 13.75 70.10
C LYS H 22 2.10 14.24 71.11
N LYS H 23 1.62 15.00 72.09
CA LYS H 23 2.50 15.61 73.07
C LYS H 23 3.19 14.55 73.93
N ARG H 24 4.51 14.56 73.90
CA ARG H 24 5.41 13.69 74.64
C ARG H 24 5.63 14.27 76.02
N LYS H 25 6.13 13.47 76.93
CA LYS H 25 6.20 13.94 78.30
C LYS H 25 7.38 14.88 78.51
N TYR H 26 8.50 14.63 77.85
CA TYR H 26 9.68 15.48 77.98
C TYR H 26 9.50 16.88 77.40
N GLU H 27 8.42 17.13 76.68
CA GLU H 27 8.07 18.45 76.19
C GLU H 27 7.25 19.24 77.18
N LEU H 28 7.21 18.85 78.46
CA LEU H 28 6.19 19.42 79.29
C LEU H 28 6.61 20.79 79.81
N GLY H 29 5.63 21.52 80.30
CA GLY H 29 5.88 22.73 81.05
C GLY H 29 4.95 22.74 82.22
N ARG H 30 5.35 23.44 83.27
CA ARG H 30 4.62 23.48 84.51
C ARG H 30 4.15 24.91 84.75
N PRO H 31 3.14 25.12 85.58
CA PRO H 31 2.66 26.49 85.76
C PRO H 31 3.63 27.34 86.54
N ALA H 32 3.62 28.62 86.22
CA ALA H 32 4.39 29.62 86.93
C ALA H 32 3.87 29.72 88.34
N ALA H 33 4.68 29.33 89.30
CA ALA H 33 4.33 29.60 90.68
C ALA H 33 5.10 30.84 91.09
N ASN H 34 4.39 31.96 91.08
CA ASN H 34 5.00 33.25 91.30
C ASN H 34 5.28 33.43 92.77
N THR H 35 6.52 33.78 93.09
CA THR H 35 6.97 33.88 94.47
C THR H 35 6.53 35.20 95.05
N LYS H 36 5.72 35.16 96.10
CA LYS H 36 5.25 36.37 96.74
C LYS H 36 6.01 36.57 98.05
N ILE H 37 5.73 37.68 98.69
CA ILE H 37 6.38 38.04 99.95
C ILE H 37 5.52 37.54 101.09
N GLY H 38 6.08 36.67 101.92
CA GLY H 38 5.37 36.12 103.04
C GLY H 38 6.30 35.18 103.78
N PRO H 39 5.85 34.60 104.88
CA PRO H 39 6.65 33.59 105.55
C PRO H 39 6.76 32.34 104.70
N ARG H 40 7.94 31.70 104.78
CA ARG H 40 8.44 30.76 103.78
C ARG H 40 7.50 29.60 103.51
N ARG H 41 7.28 29.30 102.23
CA ARG H 41 6.52 28.12 101.82
C ARG H 41 7.07 27.64 100.49
N ILE H 42 7.74 26.51 100.50
CA ILE H 42 8.30 25.87 99.31
C ILE H 42 7.59 24.53 99.10
N HIS H 43 7.42 24.17 97.84
CA HIS H 43 6.79 22.91 97.43
C HIS H 43 7.68 22.22 96.41
N THR H 44 8.31 21.09 96.77
CA THR H 44 9.23 20.43 95.85
C THR H 44 8.54 19.72 94.70
N VAL H 45 9.14 19.84 93.52
CA VAL H 45 8.67 19.19 92.31
C VAL H 45 9.61 18.02 92.00
N ARG H 46 9.11 17.03 91.29
CA ARG H 46 9.90 15.91 90.78
C ARG H 46 10.09 16.10 89.29
N VAL H 47 11.33 16.30 88.87
CA VAL H 47 11.68 16.61 87.49
C VAL H 47 12.42 15.40 86.90
N ARG H 48 12.84 15.48 85.62
CA ARG H 48 13.48 14.36 84.91
C ARG H 48 14.68 13.81 85.66
N GLY H 49 14.79 12.49 85.67
CA GLY H 49 15.86 11.84 86.36
C GLY H 49 15.61 11.59 87.81
N GLY H 50 14.46 12.01 88.31
CA GLY H 50 14.19 11.86 89.71
C GLY H 50 14.68 12.97 90.59
N ASN H 51 15.17 14.06 90.02
CA ASN H 51 15.75 15.15 90.77
C ASN H 51 14.67 16.04 91.37
N LYS H 52 15.11 17.10 92.04
CA LYS H 52 14.26 17.98 92.82
C LYS H 52 14.31 19.40 92.29
N LYS H 53 13.17 20.05 92.28
CA LYS H 53 13.08 21.46 91.99
C LYS H 53 12.33 22.11 93.14
N TYR H 54 12.86 23.18 93.68
CA TYR H 54 12.30 23.83 94.87
C TYR H 54 11.45 25.00 94.41
N ARG H 55 10.17 24.74 94.22
CA ARG H 55 9.22 25.72 93.70
C ARG H 55 8.71 26.54 94.88
N ALA H 56 9.25 27.73 95.05
CA ALA H 56 8.95 28.57 96.20
C ALA H 56 7.74 29.44 95.93
N LEU H 57 6.83 29.50 96.88
CA LEU H 57 5.62 30.28 96.74
C LEU H 57 5.61 31.52 97.61
N ARG H 58 6.26 31.49 98.76
CA ARG H 58 6.42 32.66 99.60
C ARG H 58 7.84 32.70 100.12
N LEU H 59 8.49 33.86 100.07
CA LEU H 59 9.82 34.00 100.60
C LEU H 59 9.91 35.31 101.38
N ASP H 60 10.72 35.32 102.42
CA ASP H 60 10.79 36.43 103.36
C ASP H 60 12.20 36.90 103.62
N VAL H 61 13.17 35.98 103.57
CA VAL H 61 14.58 36.30 103.72
C VAL H 61 15.31 35.80 102.49
N GLY H 62 16.57 36.22 102.38
CA GLY H 62 17.48 35.73 101.37
C GLY H 62 18.80 36.43 101.58
N ASN H 63 19.94 35.77 101.37
CA ASN H 63 21.21 36.41 101.65
C ASN H 63 21.68 37.16 100.41
N PHE H 64 22.13 38.39 100.62
CA PHE H 64 22.53 39.29 99.57
C PHE H 64 23.98 39.69 99.78
N SER H 65 24.58 40.26 98.76
CA SER H 65 26.01 40.53 98.78
C SER H 65 26.25 42.00 98.52
N TRP H 66 26.79 42.70 99.52
CA TRP H 66 27.39 44.00 99.29
C TRP H 66 28.70 43.78 98.56
N GLY H 67 28.74 44.14 97.28
CA GLY H 67 29.84 43.71 96.44
C GLY H 67 31.14 44.41 96.74
N SER H 68 31.11 45.72 96.93
CA SER H 68 32.33 46.50 97.09
C SER H 68 32.96 46.36 98.47
N GLU H 69 32.34 45.63 99.40
CA GLU H 69 32.89 45.44 100.72
C GLU H 69 33.14 43.98 101.06
N CYS H 70 32.76 43.05 100.19
CA CYS H 70 32.84 41.61 100.40
C CYS H 70 32.11 41.21 101.69
N CYS H 71 30.80 41.45 101.67
CA CYS H 71 29.96 41.27 102.84
C CYS H 71 28.67 40.61 102.39
N THR H 72 28.43 39.39 102.85
CA THR H 72 27.22 38.66 102.49
C THR H 72 26.45 38.35 103.75
N ARG H 73 25.29 38.98 103.92
CA ARG H 73 24.46 38.77 105.10
C ARG H 73 23.06 38.42 104.68
N LYS H 74 22.30 37.82 105.60
CA LYS H 74 20.94 37.39 105.34
C LYS H 74 19.99 38.46 105.84
N THR H 75 19.25 39.07 104.92
CA THR H 75 18.41 40.23 105.19
C THR H 75 16.95 39.84 105.16
N ARG H 76 16.09 40.85 105.24
CA ARG H 76 14.65 40.66 105.15
C ARG H 76 14.14 41.40 103.92
N ILE H 77 13.48 40.67 103.03
CA ILE H 77 12.93 41.27 101.83
C ILE H 77 11.69 42.06 102.19
N ILE H 78 11.66 43.33 101.78
CA ILE H 78 10.54 44.19 102.12
C ILE H 78 9.56 44.28 100.95
N ASP H 79 10.04 44.72 99.79
CA ASP H 79 9.12 45.21 98.78
C ASP H 79 9.65 44.89 97.39
N VAL H 80 8.84 45.21 96.40
CA VAL H 80 9.26 45.19 95.00
C VAL H 80 9.00 46.59 94.46
N VAL H 81 10.06 47.23 93.95
CA VAL H 81 9.92 48.63 93.58
C VAL H 81 9.89 48.81 92.07
N TYR H 82 10.47 47.87 91.33
CA TYR H 82 10.56 48.01 89.89
C TYR H 82 10.88 46.66 89.28
N ASN H 83 10.16 46.28 88.23
CA ASN H 83 10.45 45.07 87.49
C ASN H 83 10.47 45.42 86.01
N ALA H 84 11.56 45.08 85.35
CA ALA H 84 11.83 45.53 83.99
C ALA H 84 11.23 44.64 82.94
N SER H 85 10.41 43.67 83.32
CA SER H 85 9.65 42.93 82.32
C SER H 85 8.26 43.51 82.24
N ASN H 86 7.51 43.38 83.32
CA ASN H 86 6.12 43.81 83.39
C ASN H 86 5.95 44.56 84.68
N ASN H 87 5.13 45.60 84.66
CA ASN H 87 4.92 46.39 85.87
C ASN H 87 3.70 45.95 86.65
N GLU H 88 2.87 45.08 86.10
CA GLU H 88 1.83 44.43 86.89
C GLU H 88 2.42 43.43 87.87
N LEU H 89 3.65 42.99 87.64
CA LEU H 89 4.36 42.15 88.58
C LEU H 89 4.86 42.92 89.79
N VAL H 90 4.87 44.26 89.73
CA VAL H 90 5.26 45.05 90.90
C VAL H 90 4.06 45.25 91.83
N ARG H 91 2.89 45.50 91.27
CA ARG H 91 1.70 45.63 92.10
C ARG H 91 1.26 44.30 92.69
N THR H 92 1.67 43.19 92.10
CA THR H 92 1.41 41.87 92.63
C THR H 92 2.53 41.38 93.53
N LYS H 93 3.63 42.15 93.60
CA LYS H 93 4.76 41.92 94.50
C LYS H 93 5.44 40.58 94.25
N THR H 94 5.41 40.14 93.00
CA THR H 94 6.01 38.87 92.61
C THR H 94 7.52 38.99 92.58
N LEU H 95 8.21 38.07 93.24
CA LEU H 95 9.66 38.00 93.17
C LEU H 95 10.04 37.10 92.00
N VAL H 96 10.68 37.68 91.00
CA VAL H 96 11.24 36.91 89.91
C VAL H 96 12.73 37.18 89.93
N LYS H 97 13.45 36.70 88.94
CA LYS H 97 14.84 37.10 88.84
C LYS H 97 14.91 38.51 88.31
N ASN H 98 15.99 39.20 88.67
CA ASN H 98 16.32 40.56 88.18
C ASN H 98 15.24 41.58 88.52
N CYS H 99 14.48 41.35 89.57
CA CYS H 99 13.54 42.34 90.05
C CYS H 99 14.17 43.07 91.20
N ILE H 100 13.94 44.37 91.28
CA ILE H 100 14.63 45.21 92.25
C ILE H 100 13.81 45.21 93.54
N VAL H 101 14.43 44.81 94.64
CA VAL H 101 13.71 44.69 95.89
C VAL H 101 14.30 45.63 96.92
N LEU H 102 13.49 45.96 97.92
CA LEU H 102 13.96 46.66 99.10
C LEU H 102 14.30 45.64 100.17
N ILE H 103 15.49 45.74 100.74
CA ILE H 103 15.88 44.83 101.80
C ILE H 103 16.10 45.63 103.07
N ASP H 104 16.49 44.97 104.15
CA ASP H 104 16.74 45.64 105.42
C ASP H 104 18.24 45.73 105.66
N SER H 105 18.73 46.95 105.88
CA SER H 105 20.15 47.23 105.88
C SER H 105 20.86 46.91 107.17
N THR H 106 20.12 46.55 108.22
CA THR H 106 20.61 46.42 109.58
C THR H 106 21.74 45.38 109.76
N PRO H 107 21.74 44.21 109.09
CA PRO H 107 22.95 43.38 109.16
C PRO H 107 24.18 43.98 108.52
N TYR H 108 24.04 44.83 107.51
CA TYR H 108 25.22 45.46 106.93
C TYR H 108 25.69 46.63 107.77
N ARG H 109 24.77 47.32 108.43
CA ARG H 109 25.16 48.39 109.34
C ARG H 109 25.96 47.85 110.51
N GLN H 110 25.56 46.70 111.03
CA GLN H 110 26.31 46.08 112.11
C GLN H 110 27.66 45.57 111.64
N TRP H 111 27.78 45.22 110.37
CA TRP H 111 29.10 44.83 109.90
C TRP H 111 29.98 46.05 109.69
N TYR H 112 29.40 47.15 109.22
CA TYR H 112 30.20 48.34 108.92
C TYR H 112 30.77 48.96 110.19
N GLU H 113 29.95 49.06 111.23
CA GLU H 113 30.44 49.64 112.48
C GLU H 113 31.37 48.70 113.23
N SER H 114 31.32 47.40 112.93
CA SER H 114 32.26 46.47 113.54
C SER H 114 33.58 46.44 112.81
N HIS H 115 33.59 46.70 111.51
CA HIS H 115 34.81 46.60 110.72
C HIS H 115 35.54 47.92 110.59
N TYR H 116 34.84 49.04 110.63
CA TYR H 116 35.46 50.33 110.41
C TYR H 116 35.34 51.29 111.58
N ALA H 117 34.53 50.95 112.59
CA ALA H 117 34.29 51.77 113.78
C ALA H 117 33.76 53.16 113.44
N LEU H 118 32.97 53.26 112.38
CA LEU H 118 32.35 54.52 111.99
C LEU H 118 30.84 54.41 112.07
N PRO H 119 30.16 55.43 112.58
CA PRO H 119 28.70 55.40 112.60
C PRO H 119 28.14 55.59 111.19
N LEU H 120 27.33 54.63 110.76
CA LEU H 120 26.75 54.66 109.43
C LEU H 120 25.24 54.79 109.57
N GLY H 121 24.65 55.75 108.87
CA GLY H 121 23.22 55.91 108.86
C GLY H 121 22.64 56.53 110.10
N ARG H 122 23.46 57.02 111.02
CA ARG H 122 22.95 57.69 112.20
C ARG H 122 22.45 59.08 111.83
N LYS H 123 21.49 59.56 112.62
CA LYS H 123 21.02 60.92 112.45
C LYS H 123 22.07 61.91 112.97
N LYS H 124 21.83 63.19 112.69
CA LYS H 124 22.77 64.22 113.11
C LYS H 124 22.70 64.45 114.61
N GLY H 125 21.52 64.23 115.22
CA GLY H 125 21.40 64.32 116.67
C GLY H 125 22.20 63.27 117.40
N ALA H 126 22.37 62.09 116.78
CA ALA H 126 23.32 61.05 117.18
C ALA H 126 23.02 60.50 118.58
N LYS H 127 21.79 60.04 118.79
CA LYS H 127 21.46 59.32 120.01
C LYS H 127 22.09 57.94 119.94
N LEU H 128 23.18 57.75 120.70
CA LEU H 128 24.02 56.58 120.60
C LEU H 128 23.83 55.76 121.88
N THR H 129 23.18 54.61 121.75
CA THR H 129 22.87 53.79 122.91
C THR H 129 24.15 53.11 123.40
N PRO H 130 24.27 52.83 124.72
CA PRO H 130 25.53 52.30 125.25
C PRO H 130 25.90 50.89 124.77
N GLU H 131 24.95 50.13 124.22
CA GLU H 131 25.26 48.79 123.75
C GLU H 131 26.09 48.79 122.48
N GLU H 132 26.08 49.89 121.73
CA GLU H 132 26.96 50.08 120.58
C GLU H 132 27.99 51.18 120.81
N GLU H 133 27.94 51.84 121.97
CA GLU H 133 29.06 52.67 122.40
C GLU H 133 30.32 51.85 122.58
N GLU H 134 30.19 50.58 122.98
CA GLU H 134 31.35 49.74 123.20
C GLU H 134 31.94 49.23 121.90
N ILE H 135 31.23 49.33 120.78
CA ILE H 135 31.85 49.03 119.49
C ILE H 135 32.15 50.26 118.68
N LEU H 136 31.62 51.42 119.07
CA LEU H 136 32.00 52.67 118.41
C LEU H 136 33.06 53.44 119.19
N ASN H 137 33.19 53.20 120.49
CA ASN H 137 34.19 53.88 121.32
C ASN H 137 34.89 52.87 122.22
N LYS H 138 35.38 51.79 121.63
CA LYS H 138 36.00 50.71 122.36
C LYS H 138 37.37 51.13 122.93
N LYS H 139 37.91 50.26 123.79
CA LYS H 139 39.26 50.40 124.31
C LYS H 139 40.18 49.54 123.45
N ARG H 140 41.17 50.17 122.83
CA ARG H 140 42.03 49.52 121.85
C ARG H 140 43.40 49.27 122.43
N SER H 141 44.05 48.22 121.93
CA SER H 141 45.42 47.90 122.34
C SER H 141 46.40 48.74 121.52
N LYS H 142 47.70 48.47 121.68
CA LYS H 142 48.72 49.29 121.05
C LYS H 142 48.79 49.05 119.54
N LYS H 143 48.68 47.80 119.11
CA LYS H 143 48.73 47.49 117.69
C LYS H 143 47.37 47.59 117.01
N ILE H 144 46.30 47.62 117.79
CA ILE H 144 44.96 47.66 117.21
C ILE H 144 44.49 49.09 117.01
N GLN H 145 45.01 50.02 117.83
CA GLN H 145 44.68 51.43 117.67
C GLN H 145 45.24 52.00 116.37
N LYS H 146 46.31 51.42 115.83
CA LYS H 146 46.77 51.87 114.53
C LYS H 146 46.10 51.09 113.41
N LYS H 147 45.66 49.86 113.67
CA LYS H 147 45.02 49.06 112.64
C LYS H 147 43.65 49.60 112.29
N TYR H 148 42.89 50.04 113.28
CA TYR H 148 41.56 50.58 113.00
C TYR H 148 41.65 51.92 112.27
N ASP H 149 42.58 52.78 112.67
CA ASP H 149 42.78 54.03 111.95
C ASP H 149 43.40 53.81 110.57
N GLU H 150 44.12 52.71 110.38
CA GLU H 150 44.57 52.37 109.03
C GLU H 150 43.40 51.93 108.17
N ARG H 151 42.42 51.24 108.76
CA ARG H 151 41.21 50.92 108.02
C ARG H 151 40.35 52.15 107.75
N LYS H 152 40.42 53.15 108.63
CA LYS H 152 39.49 54.27 108.62
C LYS H 152 39.69 55.26 107.48
N LYS H 153 40.78 55.17 106.72
CA LYS H 153 41.00 56.18 105.69
C LYS H 153 40.15 55.90 104.44
N ASN H 154 40.14 54.66 103.96
CA ASN H 154 39.38 54.29 102.77
C ASN H 154 38.00 53.77 103.11
N ALA H 155 37.46 54.13 104.28
CA ALA H 155 36.14 53.69 104.69
C ALA H 155 35.09 54.72 104.29
N LYS H 156 35.13 55.10 103.04
CA LYS H 156 34.16 56.03 102.48
C LYS H 156 33.08 55.25 101.73
N ILE H 157 31.92 55.86 101.63
CA ILE H 157 30.75 55.25 101.01
C ILE H 157 30.17 56.27 100.04
N SER H 158 29.78 55.80 98.86
CA SER H 158 29.06 56.65 97.92
C SER H 158 27.75 57.14 98.53
N SER H 159 27.49 58.44 98.39
CA SER H 159 26.41 59.10 99.11
C SER H 159 25.02 58.66 98.67
N LEU H 160 24.90 57.98 97.54
CA LEU H 160 23.63 57.38 97.18
C LEU H 160 23.27 56.21 98.08
N LEU H 161 24.28 55.57 98.67
CA LEU H 161 24.02 54.47 99.59
C LEU H 161 23.62 54.99 100.97
N GLU H 162 24.21 56.09 101.42
CA GLU H 162 23.97 56.56 102.76
C GLU H 162 22.58 57.15 102.94
N GLU H 163 21.96 57.64 101.85
CA GLU H 163 20.56 58.03 101.96
C GLU H 163 19.65 56.83 102.15
N GLN H 164 20.04 55.67 101.62
CA GLN H 164 19.28 54.45 101.88
C GLN H 164 19.55 53.94 103.28
N PHE H 165 20.78 54.11 103.78
CA PHE H 165 21.10 53.75 105.15
C PHE H 165 20.41 54.66 106.17
N GLN H 166 20.06 55.89 105.77
CA GLN H 166 19.30 56.77 106.65
C GLN H 166 17.94 56.19 106.98
N GLN H 167 17.24 55.68 105.99
CA GLN H 167 15.90 55.13 106.18
C GLN H 167 15.92 53.64 106.47
N GLY H 168 17.07 52.99 106.34
CA GLY H 168 17.20 51.60 106.72
C GLY H 168 16.89 50.59 105.64
N LYS H 169 16.65 51.02 104.41
CA LYS H 169 16.20 50.14 103.34
C LYS H 169 17.14 50.28 102.16
N LEU H 170 17.89 49.24 101.86
CA LEU H 170 18.76 49.22 100.70
C LEU H 170 18.00 48.73 99.48
N LEU H 171 18.51 49.08 98.30
CA LEU H 171 18.00 48.55 97.05
C LEU H 171 18.83 47.35 96.67
N ALA H 172 18.17 46.26 96.32
CA ALA H 172 18.87 45.05 95.94
C ALA H 172 18.22 44.47 94.71
N CYS H 173 18.98 43.64 94.00
CA CYS H 173 18.54 43.04 92.76
C CYS H 173 18.72 41.54 92.87
N ILE H 174 17.65 40.79 92.63
CA ILE H 174 17.67 39.35 92.78
C ILE H 174 18.43 38.73 91.61
N ALA H 175 19.34 37.80 91.91
CA ALA H 175 20.16 37.18 90.90
C ALA H 175 19.96 35.68 90.79
N SER H 176 19.13 35.09 91.63
CA SER H 176 18.79 33.68 91.56
C SER H 176 17.33 33.54 91.21
N ARG H 177 16.98 32.40 90.63
CA ARG H 177 15.64 32.17 90.12
C ARG H 177 14.82 31.50 91.21
N PRO H 178 13.91 32.20 91.88
CA PRO H 178 13.30 31.62 93.08
C PRO H 178 12.32 30.52 92.79
N GLY H 179 11.75 30.44 91.61
CA GLY H 179 10.82 29.40 91.30
C GLY H 179 11.46 28.10 90.93
N GLN H 180 12.78 28.07 90.91
CA GLN H 180 13.55 26.89 90.55
C GLN H 180 14.55 26.47 91.59
N CYS H 181 14.95 27.35 92.47
CA CYS H 181 15.90 27.00 93.52
C CYS H 181 15.35 27.27 94.90
N GLY H 182 14.24 27.97 95.01
CA GLY H 182 13.60 28.21 96.27
C GLY H 182 14.24 29.27 97.11
N ARG H 183 15.27 29.94 96.62
CA ARG H 183 15.97 30.99 97.34
C ARG H 183 15.82 32.30 96.60
N ALA H 184 15.97 33.40 97.32
CA ALA H 184 16.00 34.72 96.71
C ALA H 184 17.28 35.41 97.14
N ASP H 185 18.37 35.10 96.46
CA ASP H 185 19.66 35.72 96.70
C ASP H 185 19.84 36.89 95.75
N GLY H 186 21.03 37.45 95.72
CA GLY H 186 21.24 38.57 94.82
C GLY H 186 22.41 39.41 95.28
N TYR H 187 22.29 40.71 95.05
CA TYR H 187 23.34 41.66 95.39
C TYR H 187 22.73 43.02 95.67
N VAL H 188 23.49 43.85 96.36
CA VAL H 188 23.10 45.22 96.65
C VAL H 188 23.46 46.10 95.47
N LEU H 189 22.57 47.02 95.09
CA LEU H 189 22.81 47.89 93.95
C LEU H 189 23.80 48.98 94.34
N GLU H 190 24.88 49.10 93.58
CA GLU H 190 25.93 50.07 93.86
C GLU H 190 26.28 50.87 92.61
N GLY H 191 26.42 52.18 92.77
CA GLY H 191 27.09 52.97 91.74
C GLY H 191 26.22 53.29 90.54
N LYS H 192 26.71 52.93 89.36
CA LYS H 192 26.04 53.29 88.11
C LYS H 192 24.75 52.51 87.93
N GLU H 193 24.72 51.25 88.36
CA GLU H 193 23.50 50.46 88.33
C GLU H 193 22.47 51.02 89.28
N LEU H 194 22.92 51.53 90.43
CA LEU H 194 22.02 52.15 91.39
C LEU H 194 21.43 53.42 90.83
N GLU H 195 22.25 54.29 90.25
CA GLU H 195 21.69 55.52 89.72
C GLU H 195 21.02 55.33 88.36
N PHE H 196 21.09 54.15 87.77
CA PHE H 196 20.20 53.84 86.65
C PHE H 196 18.82 53.45 87.15
N TYR H 197 18.76 52.49 88.06
CA TYR H 197 17.46 52.02 88.52
C TYR H 197 16.74 53.05 89.38
N LEU H 198 17.49 53.97 90.00
CA LEU H 198 16.86 55.04 90.77
C LEU H 198 16.07 55.97 89.87
N ARG H 199 16.68 56.41 88.77
CA ARG H 199 15.93 57.28 87.87
C ARG H 199 14.87 56.52 87.09
N LYS H 200 15.01 55.20 86.94
CA LYS H 200 13.91 54.43 86.37
C LYS H 200 12.70 54.40 87.31
N ILE H 201 12.92 54.21 88.61
CA ILE H 201 11.81 54.24 89.56
C ILE H 201 11.23 55.65 89.67
N LYS H 202 12.10 56.67 89.59
CA LYS H 202 11.63 58.05 89.70
C LYS H 202 10.77 58.44 88.50
N ALA H 203 11.21 58.09 87.30
CA ALA H 203 10.41 58.36 86.11
C ALA H 203 9.21 57.42 85.99
N ARG H 204 9.18 56.32 86.74
CA ARG H 204 8.05 55.41 86.68
C ARG H 204 6.77 56.07 87.18
N LYS H 205 6.87 56.89 88.23
CA LYS H 205 5.70 57.60 88.74
C LYS H 205 5.49 58.88 87.96
N PRO I 1 10.01 -11.97 62.61
CA PRO I 1 11.40 -12.42 62.68
C PRO I 1 11.50 -13.92 62.76
N VAL I 2 12.45 -14.47 62.01
CA VAL I 2 12.64 -15.89 61.81
C VAL I 2 14.12 -16.13 61.61
N ALA I 3 14.57 -17.35 61.87
CA ALA I 3 15.93 -17.73 61.53
C ALA I 3 15.98 -18.49 60.21
N ARG I 4 15.43 -17.89 59.16
CA ARG I 4 15.41 -18.51 57.84
C ARG I 4 16.11 -17.61 56.86
N SER I 5 16.67 -18.22 55.81
CA SER I 5 17.27 -17.50 54.71
C SER I 5 16.38 -17.61 53.49
N TRP I 6 16.06 -16.47 52.88
CA TRP I 6 15.23 -16.46 51.69
C TRP I 6 16.04 -16.20 50.44
N VAL I 7 17.33 -16.49 50.48
CA VAL I 7 18.23 -16.19 49.37
C VAL I 7 18.25 -17.38 48.43
N CYS I 8 17.60 -17.21 47.29
CA CYS I 8 17.47 -18.20 46.23
C CYS I 8 17.89 -17.54 44.94
N ARG I 9 17.95 -18.32 43.88
CA ARG I 9 18.45 -17.85 42.60
C ARG I 9 17.98 -18.80 41.52
N LYS I 10 17.43 -18.25 40.45
CA LYS I 10 17.06 -19.07 39.31
C LYS I 10 18.27 -19.43 38.49
N THR I 11 18.26 -20.63 37.92
CA THR I 11 19.44 -21.16 37.26
C THR I 11 19.27 -21.27 35.75
N TYR I 12 18.28 -20.60 35.16
CA TYR I 12 18.12 -20.66 33.71
C TYR I 12 17.43 -19.41 33.21
N VAL I 13 17.62 -19.12 31.93
CA VAL I 13 16.87 -18.10 31.20
C VAL I 13 16.29 -18.75 29.96
N THR I 14 15.06 -18.47 29.69
CA THR I 14 14.27 -18.80 28.52
C THR I 14 14.52 -17.79 27.41
N PRO I 15 14.43 -18.20 26.15
CA PRO I 15 14.80 -17.30 25.05
C PRO I 15 13.78 -16.22 24.77
N ARG I 16 14.22 -15.18 24.05
CA ARG I 16 13.33 -14.06 23.81
C ARG I 16 12.28 -14.41 22.78
N ARG I 17 12.59 -15.28 21.84
CA ARG I 17 11.66 -15.65 20.79
C ARG I 17 11.35 -17.12 20.92
N PRO I 18 10.10 -17.51 21.16
CA PRO I 18 9.81 -18.89 21.55
C PRO I 18 9.82 -19.88 20.42
N PHE I 19 9.37 -19.48 19.23
CA PHE I 19 9.20 -20.41 18.12
C PHE I 19 10.14 -19.98 17.04
N GLU I 20 11.37 -20.45 17.14
CA GLU I 20 12.42 -20.09 16.21
C GLU I 20 13.10 -21.38 15.77
N LYS I 21 12.91 -21.75 14.52
CA LYS I 21 13.63 -22.87 13.96
C LYS I 21 15.13 -22.55 13.89
N SER I 22 15.93 -23.61 14.00
CA SER I 22 17.39 -23.65 14.14
C SER I 22 17.90 -23.10 15.46
N ARG I 23 17.03 -22.57 16.31
CA ARG I 23 17.32 -22.62 17.74
C ARG I 23 16.77 -23.91 18.32
N LEU I 24 15.52 -24.21 17.99
CA LEU I 24 14.87 -25.48 18.31
C LEU I 24 15.68 -26.67 17.81
N ASP I 25 16.20 -26.59 16.59
CA ASP I 25 16.95 -27.69 15.99
C ASP I 25 18.27 -27.92 16.70
N GLN I 26 18.98 -26.85 17.01
CA GLN I 26 20.29 -26.99 17.64
C GLN I 26 20.17 -27.50 19.07
N GLU I 27 19.17 -27.02 19.80
CA GLU I 27 18.99 -27.54 21.15
C GLU I 27 18.46 -28.95 21.15
N LEU I 28 17.70 -29.36 20.14
CA LEU I 28 17.27 -30.75 20.09
C LEU I 28 18.43 -31.68 19.75
N LYS I 29 19.37 -31.21 18.93
CA LYS I 29 20.58 -31.99 18.69
C LYS I 29 21.43 -32.11 19.95
N LEU I 30 21.47 -31.07 20.77
CA LEU I 30 22.19 -31.16 22.04
C LEU I 30 21.43 -31.92 23.11
N ILE I 31 20.12 -32.09 22.97
CA ILE I 31 19.40 -32.93 23.89
C ILE I 31 19.63 -34.39 23.55
N GLY I 32 19.57 -34.73 22.26
CA GLY I 32 19.75 -36.10 21.84
C GLY I 32 21.18 -36.58 21.93
N GLU I 33 22.14 -35.68 21.76
CA GLU I 33 23.53 -36.11 21.82
C GLU I 33 23.97 -36.45 23.23
N TYR I 34 23.46 -35.74 24.23
CA TYR I 34 23.95 -35.89 25.60
C TYR I 34 22.93 -36.50 26.54
N GLY I 35 21.82 -37.01 26.04
CA GLY I 35 20.88 -37.75 26.85
C GLY I 35 20.10 -36.93 27.83
N LEU I 36 19.92 -35.64 27.58
CA LEU I 36 19.25 -34.76 28.52
C LEU I 36 17.74 -34.94 28.45
N ARG I 37 17.04 -34.37 29.43
CA ARG I 37 15.61 -34.61 29.57
C ARG I 37 14.77 -33.57 28.86
N ASN I 38 14.98 -32.31 29.14
CA ASN I 38 14.17 -31.28 28.52
C ASN I 38 15.05 -30.14 28.09
N LYS I 39 14.42 -29.08 27.59
CA LYS I 39 15.17 -27.93 27.11
C LYS I 39 15.84 -27.20 28.25
N ARG I 40 15.29 -27.31 29.44
CA ARG I 40 15.76 -26.55 30.58
C ARG I 40 17.13 -26.99 31.05
N GLU I 41 17.58 -28.18 30.66
CA GLU I 41 18.92 -28.62 30.93
C GLU I 41 19.93 -28.08 29.94
N VAL I 42 19.49 -27.52 28.83
CA VAL I 42 20.39 -26.82 27.93
C VAL I 42 20.44 -25.35 28.29
N TRP I 43 19.29 -24.81 28.67
CA TRP I 43 19.16 -23.43 29.09
C TRP I 43 19.85 -23.17 30.42
N ARG I 44 20.11 -24.22 31.19
CA ARG I 44 20.88 -24.11 32.40
C ARG I 44 22.36 -24.05 32.12
N VAL I 45 22.85 -24.84 31.16
CA VAL I 45 24.27 -24.82 30.83
C VAL I 45 24.58 -23.66 29.91
N LYS I 46 23.59 -23.12 29.21
CA LYS I 46 23.77 -21.85 28.53
C LYS I 46 23.87 -20.70 29.49
N PHE I 47 23.33 -20.86 30.68
CA PHE I 47 23.31 -19.77 31.63
C PHE I 47 24.60 -19.70 32.42
N THR I 48 25.19 -20.83 32.77
CA THR I 48 26.49 -20.77 33.43
C THR I 48 27.60 -20.39 32.47
N LEU I 49 27.45 -20.63 31.18
CA LEU I 49 28.42 -20.10 30.24
C LEU I 49 28.27 -18.59 30.09
N ALA I 50 27.04 -18.10 30.04
CA ALA I 50 26.83 -16.68 29.91
C ALA I 50 27.24 -15.90 31.15
N LYS I 51 27.36 -16.56 32.29
CA LYS I 51 27.91 -15.90 33.46
C LYS I 51 29.42 -15.84 33.41
N ILE I 52 30.05 -16.78 32.71
CA ILE I 52 31.51 -16.86 32.67
C ILE I 52 32.06 -15.96 31.58
N ARG I 53 31.35 -15.88 30.46
CA ARG I 53 31.70 -14.94 29.41
C ARG I 53 31.55 -13.51 29.89
N LYS I 54 30.49 -13.23 30.63
CA LYS I 54 30.20 -11.87 31.08
C LYS I 54 31.22 -11.40 32.10
N ALA I 55 31.64 -12.27 33.00
CA ALA I 55 32.61 -11.87 34.01
C ALA I 55 34.01 -11.73 33.41
N ALA I 56 34.35 -12.52 32.40
CA ALA I 56 35.60 -12.31 31.69
C ALA I 56 35.55 -11.06 30.81
N ARG I 57 34.40 -10.76 30.23
CA ARG I 57 34.24 -9.58 29.39
C ARG I 57 34.31 -8.31 30.21
N GLU I 58 33.94 -8.36 31.49
CA GLU I 58 34.19 -7.25 32.39
C GLU I 58 35.68 -7.13 32.73
N LEU I 59 36.33 -8.25 32.99
CA LEU I 59 37.74 -8.24 33.38
C LEU I 59 38.67 -7.87 32.24
N LEU I 60 38.19 -7.82 31.00
CA LEU I 60 39.03 -7.47 29.87
C LEU I 60 39.11 -5.99 29.63
N THR I 61 38.40 -5.18 30.38
CA THR I 61 38.55 -3.75 30.22
C THR I 61 39.59 -3.18 31.17
N LEU I 62 39.85 -3.86 32.28
CA LEU I 62 40.91 -3.43 33.16
C LEU I 62 42.25 -3.82 32.55
N ASP I 63 43.29 -3.08 32.87
CA ASP I 63 44.56 -3.33 32.21
C ASP I 63 45.28 -4.49 32.86
N GLU I 64 46.36 -4.93 32.22
CA GLU I 64 47.03 -6.17 32.58
C GLU I 64 47.67 -6.11 33.96
N LYS I 65 48.02 -4.92 34.42
CA LYS I 65 48.52 -4.74 35.78
C LYS I 65 47.44 -4.15 36.68
N ASP I 66 46.21 -4.61 36.56
CA ASP I 66 45.21 -4.27 37.54
C ASP I 66 45.29 -5.26 38.70
N PRO I 67 44.95 -4.84 39.92
CA PRO I 67 44.93 -5.80 41.02
C PRO I 67 43.78 -6.79 40.88
N ARG I 68 42.59 -6.27 40.60
CA ARG I 68 41.37 -7.06 40.57
C ARG I 68 41.37 -8.04 39.41
N ARG I 69 41.88 -7.62 38.26
CA ARG I 69 41.96 -8.49 37.09
C ARG I 69 42.95 -9.62 37.31
N LEU I 70 44.07 -9.32 37.95
CA LEU I 70 45.08 -10.35 38.19
C LEU I 70 44.63 -11.34 39.26
N PHE I 71 43.93 -10.87 40.28
CA PHE I 71 43.45 -11.83 41.27
C PHE I 71 42.26 -12.60 40.75
N GLU I 72 41.14 -11.91 40.51
CA GLU I 72 39.88 -12.53 40.19
C GLU I 72 39.89 -13.19 38.82
N GLY I 73 40.77 -12.74 37.91
CA GLY I 73 40.90 -13.40 36.63
C GLY I 73 41.70 -14.68 36.69
N ASN I 74 42.66 -14.77 37.59
CA ASN I 74 43.36 -16.04 37.75
C ASN I 74 42.53 -17.04 38.50
N ALA I 75 41.58 -16.60 39.31
CA ALA I 75 40.67 -17.49 39.99
C ALA I 75 39.51 -17.93 39.12
N LEU I 76 39.30 -17.28 37.99
CA LEU I 76 38.27 -17.75 37.07
C LEU I 76 38.81 -18.85 36.18
N LEU I 77 40.06 -18.71 35.74
CA LEU I 77 40.67 -19.74 34.91
C LEU I 77 40.99 -20.97 35.70
N ARG I 78 41.25 -20.83 37.00
CA ARG I 78 41.58 -21.96 37.84
C ARG I 78 40.41 -22.93 37.95
N ARG I 79 39.18 -22.41 38.07
CA ARG I 79 38.02 -23.28 38.11
C ARG I 79 37.77 -23.95 36.77
N LEU I 80 38.02 -23.26 35.68
CA LEU I 80 37.75 -23.84 34.37
C LEU I 80 38.80 -24.87 33.98
N VAL I 81 40.01 -24.75 34.50
CA VAL I 81 40.96 -25.85 34.38
C VAL I 81 40.57 -26.99 35.30
N ARG I 82 40.11 -26.66 36.51
CA ARG I 82 39.82 -27.66 37.54
C ARG I 82 38.69 -28.59 37.13
N ILE I 83 37.63 -28.06 36.50
CA ILE I 83 36.57 -28.94 36.04
C ILE I 83 36.85 -29.53 34.68
N GLY I 84 37.99 -29.24 34.08
CA GLY I 84 38.37 -29.91 32.87
C GLY I 84 37.80 -29.32 31.61
N VAL I 85 37.35 -28.08 31.63
CA VAL I 85 36.78 -27.48 30.44
C VAL I 85 37.89 -26.85 29.61
N LEU I 86 38.67 -25.97 30.23
CA LEU I 86 39.91 -25.50 29.63
C LEU I 86 41.03 -26.50 29.81
N ASP I 87 42.09 -26.28 29.06
CA ASP I 87 43.33 -27.01 29.24
C ASP I 87 44.27 -26.14 30.06
N GLU I 88 45.52 -26.57 30.17
CA GLU I 88 46.45 -25.84 31.02
C GLU I 88 47.25 -24.80 30.26
N GLY I 89 47.52 -25.02 28.98
CA GLY I 89 48.28 -24.05 28.23
C GLY I 89 47.48 -22.88 27.72
N LYS I 90 46.16 -22.95 27.84
CA LYS I 90 45.25 -21.93 27.34
C LYS I 90 44.71 -21.06 28.45
N MET I 91 45.54 -20.68 29.42
CA MET I 91 45.09 -19.92 30.57
C MET I 91 45.31 -18.42 30.41
N LYS I 92 45.23 -17.91 29.20
CA LYS I 92 44.97 -16.49 29.12
C LYS I 92 43.47 -16.27 29.25
N LEU I 93 43.08 -15.03 29.45
CA LEU I 93 41.69 -14.72 29.74
C LEU I 93 40.87 -14.58 28.47
N ASP I 94 41.41 -14.99 27.33
CA ASP I 94 40.78 -14.83 26.05
C ASP I 94 40.49 -16.14 25.36
N TYR I 95 40.90 -17.25 25.94
CA TYR I 95 40.38 -18.55 25.56
C TYR I 95 39.18 -18.94 26.39
N ILE I 96 38.76 -18.07 27.31
CA ILE I 96 37.44 -18.19 27.91
C ILE I 96 36.38 -17.90 26.88
N LEU I 97 36.59 -16.89 26.06
CA LEU I 97 35.59 -16.52 25.08
C LEU I 97 35.47 -17.53 23.95
N GLY I 98 36.40 -18.45 23.81
CA GLY I 98 36.28 -19.54 22.88
C GLY I 98 35.68 -20.81 23.44
N LEU I 99 35.08 -20.77 24.61
CA LEU I 99 34.42 -21.94 25.16
C LEU I 99 33.00 -22.03 24.62
N LYS I 100 32.43 -23.23 24.68
CA LYS I 100 31.11 -23.48 24.13
C LYS I 100 30.28 -24.29 25.12
N ILE I 101 29.04 -24.58 24.73
CA ILE I 101 28.13 -25.37 25.55
C ILE I 101 28.61 -26.82 25.64
N GLU I 102 29.19 -27.32 24.55
CA GLU I 102 29.52 -28.74 24.50
C GLU I 102 30.70 -29.07 25.39
N ASP I 103 31.60 -28.11 25.63
CA ASP I 103 32.70 -28.31 26.55
C ASP I 103 32.21 -28.52 27.97
N PHE I 104 31.13 -27.83 28.34
CA PHE I 104 30.56 -27.93 29.67
C PHE I 104 29.66 -29.14 29.80
N LEU I 105 29.07 -29.59 28.70
CA LEU I 105 28.22 -30.78 28.73
C LEU I 105 29.00 -32.07 28.64
N GLU I 106 30.25 -32.03 28.17
CA GLU I 106 31.07 -33.22 28.19
C GLU I 106 31.57 -33.58 29.58
N ARG I 107 31.43 -32.69 30.55
CA ARG I 107 31.94 -32.93 31.89
C ARG I 107 30.89 -33.38 32.89
N ARG I 108 29.64 -33.59 32.47
CA ARG I 108 28.64 -34.15 33.35
C ARG I 108 29.00 -35.59 33.71
N LEU I 109 28.42 -36.08 34.79
CA LEU I 109 28.69 -37.45 35.20
C LEU I 109 28.07 -38.45 34.25
N GLN I 110 26.98 -38.06 33.60
CA GLN I 110 26.28 -38.95 32.68
C GLN I 110 27.16 -39.30 31.49
N THR I 111 27.69 -38.28 30.81
CA THR I 111 28.53 -38.55 29.67
C THR I 111 29.85 -39.17 30.06
N GLN I 112 30.31 -38.97 31.30
CA GLN I 112 31.55 -39.60 31.70
C GLN I 112 31.36 -41.07 32.04
N VAL I 113 30.19 -41.44 32.55
CA VAL I 113 29.86 -42.85 32.71
C VAL I 113 29.76 -43.53 31.36
N PHE I 114 29.24 -42.80 30.37
CA PHE I 114 29.22 -43.34 29.01
C PHE I 114 30.62 -43.40 28.39
N LYS I 115 31.47 -42.41 28.67
CA LYS I 115 32.81 -42.37 28.06
C LYS I 115 33.72 -43.44 28.64
N LEU I 116 33.63 -43.69 29.94
CA LEU I 116 34.46 -44.72 30.55
C LEU I 116 34.03 -46.12 30.21
N GLY I 117 32.86 -46.31 29.61
CA GLY I 117 32.42 -47.63 29.24
C GLY I 117 31.63 -48.36 30.29
N LEU I 118 31.24 -47.69 31.37
CA LEU I 118 30.40 -48.35 32.35
C LEU I 118 28.97 -48.47 31.87
N ALA I 119 28.59 -47.73 30.85
CA ALA I 119 27.31 -47.89 30.20
C ALA I 119 27.55 -48.36 28.78
N LYS I 120 26.48 -48.45 28.00
CA LYS I 120 26.61 -48.73 26.59
C LYS I 120 25.80 -47.77 25.73
N SER I 121 25.15 -46.78 26.33
CA SER I 121 24.48 -45.70 25.62
C SER I 121 24.40 -44.51 26.56
N ILE I 122 24.03 -43.37 25.99
CA ILE I 122 23.97 -42.16 26.80
C ILE I 122 22.70 -42.16 27.64
N HIS I 123 21.71 -42.95 27.29
CA HIS I 123 20.53 -43.11 28.11
C HIS I 123 20.67 -44.25 29.09
N HIS I 124 21.59 -45.16 28.84
CA HIS I 124 21.95 -46.17 29.81
C HIS I 124 22.77 -45.58 30.95
N ALA I 125 23.42 -44.45 30.74
CA ALA I 125 24.15 -43.81 31.81
C ALA I 125 23.23 -43.07 32.76
N ARG I 126 22.16 -42.51 32.22
CA ARG I 126 21.18 -41.80 33.05
C ARG I 126 20.53 -42.73 34.04
N VAL I 127 20.16 -43.93 33.60
CA VAL I 127 19.52 -44.84 34.52
C VAL I 127 20.54 -45.39 35.50
N LEU I 128 21.74 -45.76 35.05
CA LEU I 128 22.72 -46.35 35.94
C LEU I 128 23.19 -45.37 37.01
N ILE I 129 23.19 -44.08 36.70
CA ILE I 129 23.43 -43.11 37.76
C ILE I 129 22.23 -43.02 38.67
N ARG I 130 21.04 -42.95 38.07
CA ARG I 130 19.84 -42.64 38.82
C ARG I 130 19.35 -43.83 39.64
N GLN I 131 19.64 -45.07 39.23
CA GLN I 131 19.31 -46.24 40.05
C GLN I 131 20.28 -46.45 41.20
N ARG I 132 21.23 -45.54 41.43
CA ARG I 132 22.30 -45.64 42.41
C ARG I 132 23.19 -46.86 42.17
N HIS I 133 23.84 -46.86 41.02
CA HIS I 133 24.88 -47.84 40.72
C HIS I 133 26.26 -47.21 40.58
N ILE I 134 26.37 -45.90 40.65
CA ILE I 134 27.60 -45.20 40.30
C ILE I 134 28.10 -44.44 41.51
N ARG I 135 29.36 -44.66 41.88
CA ARG I 135 29.99 -43.93 42.96
C ARG I 135 31.24 -43.22 42.48
N VAL I 136 31.58 -42.12 43.14
CA VAL I 136 32.77 -41.33 42.84
C VAL I 136 33.60 -41.29 44.11
N ARG I 137 34.66 -42.10 44.11
CA ARG I 137 35.75 -42.27 45.08
C ARG I 137 35.38 -42.89 46.41
N LYS I 138 34.18 -42.66 46.92
CA LYS I 138 33.63 -43.49 47.97
C LYS I 138 32.12 -43.40 47.92
N GLN I 139 31.62 -42.35 47.28
CA GLN I 139 30.31 -41.79 47.55
C GLN I 139 29.39 -42.05 46.38
N VAL I 140 28.27 -42.71 46.65
CA VAL I 140 27.25 -42.93 45.62
C VAL I 140 26.71 -41.59 45.18
N VAL I 141 26.82 -41.27 43.90
CA VAL I 141 26.27 -40.04 43.35
C VAL I 141 25.03 -40.38 42.56
N ASN I 142 23.95 -39.65 42.84
CA ASN I 142 22.61 -39.94 42.40
C ASN I 142 22.10 -38.90 41.41
N ILE I 143 22.98 -38.02 40.93
CA ILE I 143 22.62 -36.87 40.13
C ILE I 143 23.40 -36.91 38.83
N PRO I 144 22.72 -36.87 37.68
CA PRO I 144 23.45 -36.98 36.42
C PRO I 144 24.19 -35.72 36.05
N SER I 145 23.73 -34.55 36.47
CA SER I 145 24.45 -33.32 36.13
C SER I 145 25.49 -32.97 37.17
N PHE I 146 26.25 -33.96 37.61
CA PHE I 146 27.29 -33.78 38.60
C PHE I 146 28.55 -33.55 37.78
N ILE I 147 29.03 -32.31 37.75
CA ILE I 147 30.17 -31.99 36.90
C ILE I 147 31.43 -32.60 37.49
N VAL I 148 32.01 -33.54 36.75
CA VAL I 148 33.13 -34.32 37.24
C VAL I 148 34.39 -33.48 37.12
N ARG I 149 35.06 -33.29 38.23
CA ARG I 149 36.31 -32.56 38.22
C ARG I 149 37.40 -33.40 37.60
N LEU I 150 38.56 -32.79 37.42
CA LEU I 150 39.61 -33.46 36.68
C LEU I 150 40.28 -34.54 37.53
N ASP I 151 40.39 -34.32 38.83
CA ASP I 151 41.02 -35.32 39.68
C ASP I 151 40.09 -36.44 40.06
N SER I 152 38.77 -36.22 39.97
CA SER I 152 37.80 -37.25 40.28
C SER I 152 37.34 -38.01 39.06
N GLN I 153 38.05 -37.89 37.95
CA GLN I 153 37.73 -38.67 36.77
C GLN I 153 38.34 -40.04 36.80
N LYS I 154 39.43 -40.22 37.54
CA LYS I 154 40.04 -41.52 37.58
C LYS I 154 39.36 -42.46 38.56
N HIS I 155 38.46 -41.96 39.40
CA HIS I 155 37.76 -42.80 40.36
C HIS I 155 36.27 -42.68 40.11
N ILE I 156 35.77 -43.44 39.14
CA ILE I 156 34.35 -43.57 38.88
C ILE I 156 34.09 -45.05 38.66
N ASP I 157 33.22 -45.64 39.46
CA ASP I 157 33.15 -47.09 39.55
C ASP I 157 31.72 -47.50 39.87
N PHE I 158 31.55 -48.71 40.37
CA PHE I 158 30.25 -49.38 40.33
C PHE I 158 29.61 -49.64 41.69
N SER I 159 29.94 -48.86 42.73
CA SER I 159 29.10 -48.77 43.93
C SER I 159 28.84 -50.06 44.69
N LEU I 160 29.78 -50.49 45.55
CA LEU I 160 29.91 -51.82 46.14
C LEU I 160 28.66 -52.52 46.69
N ARG I 161 27.54 -51.81 46.83
CA ARG I 161 26.29 -52.49 47.15
C ARG I 161 25.50 -52.90 45.91
N SER I 162 25.96 -52.59 44.70
CA SER I 162 25.11 -52.76 43.53
C SER I 162 25.26 -54.15 42.94
N PRO I 163 24.26 -54.64 42.19
CA PRO I 163 24.40 -55.93 41.52
C PRO I 163 25.41 -55.95 40.41
N TYR I 164 25.91 -54.81 39.99
CA TYR I 164 26.81 -54.74 38.85
C TYR I 164 28.26 -54.82 39.29
N GLY I 165 28.61 -54.09 40.33
CA GLY I 165 29.94 -54.15 40.87
C GLY I 165 30.04 -54.98 42.13
N GLY I 166 29.14 -54.77 43.07
CA GLY I 166 29.25 -55.43 44.36
C GLY I 166 28.96 -56.92 44.30
N GLY I 167 27.69 -57.28 44.09
CA GLY I 167 27.40 -58.66 43.81
C GLY I 167 26.12 -59.24 44.35
N ARG I 168 25.54 -58.61 45.37
CA ARG I 168 24.26 -59.11 45.86
C ARG I 168 23.20 -58.76 44.84
N PRO I 169 22.51 -59.74 44.26
CA PRO I 169 21.64 -59.47 43.12
C PRO I 169 20.40 -58.70 43.52
N GLY I 170 19.69 -58.23 42.51
CA GLY I 170 18.60 -57.30 42.72
C GLY I 170 17.32 -57.94 43.18
N ARG I 171 16.22 -57.31 42.79
CA ARG I 171 14.89 -57.78 43.11
C ARG I 171 14.49 -58.91 42.20
N VAL I 172 14.88 -58.84 40.93
CA VAL I 172 14.37 -59.73 39.89
C VAL I 172 15.12 -61.05 39.88
N LYS I 173 16.45 -61.01 39.99
CA LYS I 173 17.24 -62.23 39.92
C LYS I 173 16.96 -63.14 41.10
N ARG I 174 16.70 -62.57 42.27
CA ARG I 174 16.48 -63.39 43.45
C ARG I 174 15.11 -64.04 43.41
N LYS I 175 14.11 -63.39 42.82
CA LYS I 175 12.81 -64.03 42.70
C LYS I 175 12.84 -65.16 41.68
N ASN I 176 13.59 -64.98 40.59
CA ASN I 176 13.77 -66.06 39.64
C ASN I 176 14.61 -67.19 40.22
N ALA I 177 15.49 -66.89 41.17
CA ALA I 177 16.18 -67.95 41.89
C ALA I 177 15.25 -68.66 42.86
N LYS I 178 14.27 -67.94 43.42
CA LYS I 178 13.26 -68.58 44.25
C LYS I 178 12.37 -69.50 43.42
N LYS I 179 12.12 -69.13 42.17
CA LYS I 179 11.32 -69.95 41.28
C LYS I 179 12.15 -70.97 40.51
N GLY I 180 13.34 -71.31 41.00
CA GLY I 180 14.21 -72.26 40.33
C GLY I 180 14.12 -73.67 40.87
N ASP J 1 -24.25 18.63 -86.58
CA ASP J 1 -24.12 17.20 -86.87
C ASP J 1 -24.78 16.34 -85.81
N ILE J 2 -24.79 16.81 -84.57
CA ILE J 2 -25.29 16.04 -83.44
C ILE J 2 -26.50 16.75 -82.89
N LYS J 3 -27.67 16.17 -83.08
CA LYS J 3 -28.93 16.70 -82.58
C LYS J 3 -29.47 15.80 -81.48
N LEU J 4 -29.88 16.41 -80.37
CA LEU J 4 -30.47 15.67 -79.27
C LEU J 4 -31.84 15.13 -79.67
N PHE J 5 -32.03 13.81 -79.49
CA PHE J 5 -33.14 13.03 -80.04
C PHE J 5 -33.25 13.20 -81.55
N GLY J 6 -32.13 13.40 -82.23
CA GLY J 6 -32.08 13.58 -83.66
C GLY J 6 -32.78 14.80 -84.23
N LYS J 7 -33.26 15.69 -83.40
CA LYS J 7 -34.00 16.82 -83.94
C LYS J 7 -33.53 18.17 -83.41
N TRP J 8 -33.17 18.26 -82.13
CA TRP J 8 -32.81 19.53 -81.52
C TRP J 8 -31.31 19.73 -81.53
N SER J 9 -30.85 20.79 -82.20
CA SER J 9 -29.43 21.09 -82.28
C SER J 9 -29.03 22.07 -81.18
N THR J 10 -27.72 22.25 -81.05
CA THR J 10 -27.13 22.92 -79.90
C THR J 10 -26.35 24.18 -80.24
N ASP J 11 -26.25 24.55 -81.50
CA ASP J 11 -25.36 25.64 -81.89
C ASP J 11 -25.87 27.02 -81.50
N ASP J 12 -27.17 27.19 -81.34
CA ASP J 12 -27.72 28.50 -81.00
C ASP J 12 -28.03 28.63 -79.52
N VAL J 13 -27.72 27.62 -78.72
CA VAL J 13 -27.92 27.72 -77.28
C VAL J 13 -26.86 28.64 -76.70
N GLN J 14 -27.27 29.57 -75.85
CA GLN J 14 -26.39 30.61 -75.33
C GLN J 14 -26.59 30.72 -73.83
N ILE J 15 -25.60 30.30 -73.07
CA ILE J 15 -25.62 30.48 -71.62
C ILE J 15 -25.39 31.95 -71.31
N ASN J 16 -26.18 32.48 -70.38
CA ASN J 16 -26.10 33.89 -70.05
C ASN J 16 -25.01 34.15 -69.03
N ASP J 17 -25.08 33.49 -67.88
CA ASP J 17 -24.24 33.82 -66.75
C ASP J 17 -22.82 33.28 -66.94
N ILE J 18 -21.85 34.06 -66.45
CA ILE J 18 -20.47 33.61 -66.45
C ILE J 18 -20.22 32.69 -65.26
N SER J 19 -21.06 32.78 -64.23
CA SER J 19 -20.94 31.94 -63.06
C SER J 19 -21.19 30.47 -63.37
N LEU J 20 -21.95 30.16 -64.41
CA LEU J 20 -22.33 28.79 -64.70
C LEU J 20 -21.77 28.27 -66.01
N GLN J 21 -20.84 28.99 -66.64
CA GLN J 21 -20.43 28.64 -67.99
C GLN J 21 -19.55 27.40 -67.99
N ASP J 22 -18.59 27.32 -67.07
CA ASP J 22 -17.70 26.18 -67.04
C ASP J 22 -18.34 24.92 -66.45
N TYR J 23 -19.52 25.04 -65.85
CA TYR J 23 -20.16 23.92 -65.20
C TYR J 23 -21.33 23.36 -65.99
N ILE J 24 -22.18 24.21 -66.55
CA ILE J 24 -23.29 23.72 -67.37
C ILE J 24 -22.73 23.23 -68.68
N ALA J 25 -23.04 21.99 -69.02
CA ALA J 25 -22.61 21.32 -70.23
C ALA J 25 -23.43 21.76 -71.43
N VAL J 26 -23.62 20.84 -72.38
CA VAL J 26 -23.46 21.01 -73.81
C VAL J 26 -23.71 22.38 -74.43
N LYS J 27 -22.69 22.84 -75.12
CA LYS J 27 -22.70 23.73 -76.27
C LYS J 27 -21.85 23.18 -77.40
N GLU J 28 -20.70 22.56 -77.10
CA GLU J 28 -19.69 22.29 -78.12
C GLU J 28 -19.44 20.82 -78.36
N LYS J 29 -18.98 20.07 -77.36
CA LYS J 29 -18.57 18.69 -77.57
C LYS J 29 -19.28 17.73 -76.63
N TYR J 30 -20.09 18.25 -75.71
CA TYR J 30 -21.01 17.44 -74.94
C TYR J 30 -22.34 17.23 -75.66
N ALA J 31 -22.38 17.46 -76.97
CA ALA J 31 -23.57 17.17 -77.77
C ALA J 31 -23.72 15.67 -77.95
N LYS J 32 -24.82 15.12 -77.46
CA LYS J 32 -25.09 13.71 -77.54
C LYS J 32 -26.41 13.45 -78.26
N TYR J 33 -26.52 12.25 -78.84
CA TYR J 33 -27.77 11.89 -79.48
C TYR J 33 -28.86 11.56 -78.47
N LEU J 34 -28.49 11.06 -77.30
CA LEU J 34 -29.46 10.70 -76.28
C LEU J 34 -28.92 11.03 -74.91
N PRO J 35 -29.79 11.30 -73.93
CA PRO J 35 -29.30 11.54 -72.56
C PRO J 35 -28.74 10.31 -71.88
N HIS J 36 -29.03 9.12 -72.38
CA HIS J 36 -28.50 7.91 -71.79
C HIS J 36 -27.06 7.71 -72.24
N SER J 37 -26.12 7.68 -71.29
CA SER J 37 -24.72 7.53 -71.65
C SER J 37 -24.06 6.40 -70.88
N ALA J 38 -24.51 6.18 -69.64
CA ALA J 38 -24.00 5.16 -68.71
C ALA J 38 -22.49 5.29 -68.50
N GLY J 39 -22.12 6.43 -67.92
CA GLY J 39 -20.72 6.74 -67.72
C GLY J 39 -20.38 7.00 -66.28
N ARG J 40 -19.11 6.83 -65.93
CA ARG J 40 -18.68 6.85 -64.54
C ARG J 40 -18.36 8.27 -64.10
N TYR J 41 -19.42 9.07 -63.99
CA TYR J 41 -19.26 10.45 -63.58
C TYR J 41 -19.05 10.62 -62.09
N ALA J 42 -19.51 9.67 -61.27
CA ALA J 42 -19.34 9.74 -59.84
C ALA J 42 -18.02 9.14 -59.36
N ALA J 43 -17.08 8.91 -60.26
CA ALA J 43 -15.83 8.29 -59.86
C ALA J 43 -14.87 9.25 -59.18
N LYS J 44 -15.06 10.55 -59.32
CA LYS J 44 -14.20 11.52 -58.66
C LYS J 44 -15.04 12.76 -58.41
N ARG J 45 -14.53 13.64 -57.54
CA ARG J 45 -15.12 14.95 -57.31
C ARG J 45 -14.96 15.81 -58.56
N PHE J 46 -15.96 16.66 -58.80
CA PHE J 46 -16.06 17.62 -59.91
C PHE J 46 -16.16 16.96 -61.28
N ARG J 47 -16.17 15.64 -61.36
CA ARG J 47 -16.24 14.96 -62.64
C ARG J 47 -17.61 15.11 -63.27
N LYS J 48 -18.65 15.25 -62.46
CA LYS J 48 -19.98 15.37 -62.99
C LYS J 48 -20.29 16.75 -63.54
N ALA J 49 -19.33 17.68 -63.50
CA ALA J 49 -19.47 18.91 -64.26
C ALA J 49 -19.36 18.64 -65.76
N GLN J 50 -18.60 17.62 -66.14
CA GLN J 50 -18.42 17.25 -67.53
C GLN J 50 -19.42 16.23 -68.00
N CYS J 51 -20.59 16.22 -67.44
CA CYS J 51 -21.61 15.37 -68.01
C CYS J 51 -22.75 16.22 -68.56
N PRO J 52 -23.36 15.81 -69.67
CA PRO J 52 -24.42 16.61 -70.28
C PRO J 52 -25.60 16.81 -69.36
N ILE J 53 -26.03 18.07 -69.21
CA ILE J 53 -27.00 18.40 -68.20
C ILE J 53 -28.39 17.87 -68.52
N VAL J 54 -28.61 17.42 -69.76
CA VAL J 54 -29.81 16.67 -70.05
C VAL J 54 -29.81 15.35 -69.29
N GLU J 55 -28.65 14.71 -69.18
CA GLU J 55 -28.53 13.50 -68.37
C GLU J 55 -28.67 13.82 -66.88
N ARG J 56 -28.27 15.02 -66.47
CA ARG J 56 -28.50 15.44 -65.09
C ARG J 56 -29.98 15.54 -64.78
N LEU J 57 -30.75 16.14 -65.70
CA LEU J 57 -32.18 16.29 -65.46
C LEU J 57 -32.90 14.94 -65.53
N THR J 58 -32.46 14.08 -66.44
CA THR J 58 -33.00 12.73 -66.53
C THR J 58 -32.74 11.96 -65.24
N ASN J 59 -31.52 12.04 -64.71
CA ASN J 59 -31.15 11.30 -63.52
C ASN J 59 -31.87 11.81 -62.28
N SER J 60 -32.09 13.11 -62.18
CA SER J 60 -32.85 13.57 -61.03
C SER J 60 -34.34 13.46 -61.23
N MET J 61 -34.80 13.06 -62.41
CA MET J 61 -36.24 12.86 -62.60
C MET J 61 -36.75 11.62 -61.88
N MET J 62 -35.91 10.62 -61.64
CA MET J 62 -36.38 9.33 -61.13
C MET J 62 -36.24 9.20 -59.63
N MET J 63 -36.48 10.25 -58.87
CA MET J 63 -35.98 10.30 -57.50
C MET J 63 -36.78 9.42 -56.56
N HIS J 64 -38.10 9.38 -56.70
CA HIS J 64 -38.85 8.73 -55.64
C HIS J 64 -38.82 7.21 -55.78
N GLY J 65 -39.28 6.53 -54.73
CA GLY J 65 -38.89 5.16 -54.51
C GLY J 65 -39.43 4.16 -55.51
N ARG J 66 -40.58 4.45 -56.12
CA ARG J 66 -41.15 3.52 -57.07
C ARG J 66 -40.59 3.68 -58.45
N ASN J 67 -39.67 4.62 -58.66
CA ASN J 67 -39.15 4.89 -59.99
C ASN J 67 -37.63 4.89 -59.99
N ASN J 68 -37.02 4.24 -59.02
CA ASN J 68 -35.62 4.51 -58.70
C ASN J 68 -34.63 3.93 -59.69
N GLY J 69 -35.03 3.00 -60.53
CA GLY J 69 -34.08 2.46 -61.47
C GLY J 69 -34.41 2.83 -62.88
N LYS J 70 -35.58 3.42 -63.08
CA LYS J 70 -36.17 3.52 -64.41
C LYS J 70 -35.55 4.69 -65.15
N LYS J 71 -34.57 4.40 -66.01
CA LYS J 71 -33.99 5.45 -66.82
C LYS J 71 -34.66 5.58 -68.18
N LEU J 72 -35.03 4.46 -68.79
CA LEU J 72 -35.78 4.51 -70.03
C LEU J 72 -37.17 5.08 -69.86
N MET J 73 -37.68 5.11 -68.63
CA MET J 73 -38.93 5.80 -68.35
C MET J 73 -38.73 7.30 -68.34
N THR J 74 -37.65 7.77 -67.72
CA THR J 74 -37.49 9.21 -67.57
C THR J 74 -36.93 9.87 -68.81
N VAL J 75 -36.23 9.13 -69.68
CA VAL J 75 -35.73 9.75 -70.90
C VAL J 75 -36.88 10.01 -71.86
N ARG J 76 -37.92 9.18 -71.86
CA ARG J 76 -39.04 9.52 -72.71
C ARG J 76 -39.91 10.59 -72.10
N ILE J 77 -39.87 10.76 -70.77
CA ILE J 77 -40.52 11.90 -70.14
C ILE J 77 -39.86 13.20 -70.59
N VAL J 78 -38.53 13.22 -70.64
CA VAL J 78 -37.81 14.41 -71.07
C VAL J 78 -37.98 14.64 -72.56
N LYS J 79 -38.00 13.57 -73.35
CA LYS J 79 -38.23 13.70 -74.79
C LYS J 79 -39.61 14.24 -75.10
N HIS J 80 -40.63 13.74 -74.40
CA HIS J 80 -41.98 14.26 -74.57
C HIS J 80 -42.14 15.65 -73.98
N ALA J 81 -41.32 16.02 -73.00
CA ALA J 81 -41.36 17.39 -72.52
C ALA J 81 -40.74 18.33 -73.53
N PHE J 82 -39.75 17.87 -74.29
CA PHE J 82 -39.10 18.76 -75.25
C PHE J 82 -39.92 18.98 -76.51
N GLU J 83 -41.11 18.37 -76.60
CA GLU J 83 -42.08 18.72 -77.61
C GLU J 83 -43.05 19.77 -77.11
N ILE J 84 -43.52 19.61 -75.87
CA ILE J 84 -44.47 20.53 -75.26
C ILE J 84 -43.83 21.88 -75.03
N ILE J 85 -42.54 21.90 -74.69
CA ILE J 85 -41.80 23.15 -74.54
C ILE J 85 -41.76 23.89 -75.88
N HIS J 86 -41.41 23.18 -76.94
CA HIS J 86 -41.30 23.79 -78.26
C HIS J 86 -42.65 24.24 -78.79
N LEU J 87 -43.73 23.55 -78.44
CA LEU J 87 -45.04 23.99 -78.86
C LEU J 87 -45.46 25.25 -78.10
N LEU J 88 -45.25 25.27 -76.79
CA LEU J 88 -45.70 26.39 -76.00
C LEU J 88 -44.78 27.60 -76.09
N THR J 89 -43.59 27.49 -76.68
CA THR J 89 -42.74 28.67 -76.85
C THR J 89 -42.40 28.94 -78.31
N GLY J 90 -41.95 27.95 -79.05
CA GLY J 90 -41.67 28.14 -80.47
C GLY J 90 -40.22 28.23 -80.84
N GLU J 91 -39.31 27.93 -79.93
CA GLU J 91 -37.88 28.08 -80.18
C GLU J 91 -37.18 26.76 -79.93
N ASN J 92 -35.86 26.81 -79.88
CA ASN J 92 -35.08 25.65 -79.47
C ASN J 92 -35.38 25.33 -78.01
N PRO J 93 -35.61 24.08 -77.65
CA PRO J 93 -35.94 23.74 -76.26
C PRO J 93 -34.74 23.44 -75.39
N LEU J 94 -33.51 23.72 -75.82
CA LEU J 94 -32.40 23.62 -74.90
C LEU J 94 -32.00 24.94 -74.30
N GLN J 95 -32.28 26.05 -75.00
CA GLN J 95 -32.01 27.37 -74.45
C GLN J 95 -32.90 27.65 -73.24
N VAL J 96 -34.12 27.11 -73.25
CA VAL J 96 -35.00 27.25 -72.10
C VAL J 96 -34.52 26.41 -70.93
N LEU J 97 -33.79 25.31 -71.18
CA LEU J 97 -33.28 24.51 -70.07
C LEU J 97 -32.17 25.25 -69.34
N VAL J 98 -31.25 25.87 -70.07
CA VAL J 98 -30.21 26.64 -69.41
C VAL J 98 -30.77 27.96 -68.86
N ASN J 99 -31.85 28.48 -69.44
CA ASN J 99 -32.52 29.61 -68.83
C ASN J 99 -33.20 29.23 -67.53
N ALA J 100 -33.65 27.99 -67.41
CA ALA J 100 -34.24 27.52 -66.16
C ALA J 100 -33.20 27.17 -65.11
N ILE J 101 -32.06 26.64 -65.51
CA ILE J 101 -31.02 26.29 -64.54
C ILE J 101 -30.27 27.54 -64.06
N ILE J 102 -30.13 28.54 -64.93
CA ILE J 102 -29.56 29.83 -64.53
C ILE J 102 -30.44 30.52 -63.51
N ASN J 103 -31.76 30.46 -63.72
CA ASN J 103 -32.67 31.26 -62.93
C ASN J 103 -33.02 30.62 -61.59
N SER J 104 -32.97 29.28 -61.49
CA SER J 104 -33.63 28.63 -60.36
C SER J 104 -32.74 28.47 -59.14
N GLY J 105 -31.43 28.39 -59.31
CA GLY J 105 -30.55 28.12 -58.18
C GLY J 105 -30.28 29.34 -57.33
N PRO J 106 -30.28 29.17 -56.01
CA PRO J 106 -30.06 30.32 -55.12
C PRO J 106 -28.61 30.76 -55.16
N ARG J 107 -28.38 31.97 -54.65
CA ARG J 107 -27.05 32.54 -54.64
C ARG J 107 -26.58 32.94 -53.25
N GLU J 108 -27.36 32.62 -52.22
CA GLU J 108 -26.98 32.91 -50.84
C GLU J 108 -27.79 31.98 -49.95
N ASP J 109 -27.12 31.01 -49.34
CA ASP J 109 -27.75 30.07 -48.43
C ASP J 109 -27.46 30.45 -46.98
N SER J 110 -28.09 29.71 -46.08
CA SER J 110 -27.88 29.87 -44.65
C SER J 110 -27.37 28.56 -44.07
N THR J 111 -26.31 28.63 -43.29
CA THR J 111 -25.71 27.44 -42.70
C THR J 111 -26.11 27.33 -41.24
N ARG J 112 -26.50 26.12 -40.85
CA ARG J 112 -27.16 25.88 -39.58
C ARG J 112 -26.14 25.72 -38.45
N ILE J 113 -26.26 26.57 -37.44
CA ILE J 113 -25.43 26.52 -36.24
C ILE J 113 -26.34 26.73 -35.04
N GLY J 114 -26.25 25.84 -34.05
CA GLY J 114 -27.00 26.00 -32.82
C GLY J 114 -26.82 24.83 -31.89
N ARG J 115 -27.78 24.63 -31.00
CA ARG J 115 -27.82 23.52 -30.05
C ARG J 115 -29.06 22.67 -30.36
N ALA J 116 -29.35 21.71 -29.48
CA ALA J 116 -30.42 20.74 -29.71
C ALA J 116 -31.77 21.43 -29.58
N GLY J 117 -32.29 21.92 -30.71
CA GLY J 117 -33.52 22.68 -30.73
C GLY J 117 -33.34 24.17 -30.92
N THR J 118 -32.11 24.69 -30.77
CA THR J 118 -31.82 26.11 -30.93
C THR J 118 -31.22 26.35 -32.31
N VAL J 119 -31.81 27.30 -33.04
CA VAL J 119 -31.43 27.57 -34.41
C VAL J 119 -31.03 29.04 -34.51
N ARG J 120 -29.75 29.28 -34.81
CA ARG J 120 -29.26 30.63 -35.04
C ARG J 120 -28.32 30.53 -36.26
N ARG J 121 -28.90 30.66 -37.45
CA ARG J 121 -28.17 30.40 -38.67
C ARG J 121 -27.34 31.61 -39.05
N GLN J 122 -26.74 31.58 -40.23
CA GLN J 122 -25.87 32.65 -40.71
C GLN J 122 -25.75 32.53 -42.21
N ALA J 123 -25.72 33.66 -42.90
CA ALA J 123 -25.73 33.66 -44.36
C ALA J 123 -24.32 33.49 -44.93
N VAL J 124 -24.20 32.63 -45.94
CA VAL J 124 -22.96 32.36 -46.62
C VAL J 124 -23.20 32.51 -48.13
N ASP J 125 -22.17 32.25 -48.91
CA ASP J 125 -22.31 32.29 -50.36
C ASP J 125 -22.90 30.98 -50.84
N VAL J 126 -22.99 30.81 -52.16
CA VAL J 126 -23.39 29.55 -52.78
C VAL J 126 -22.43 29.29 -53.92
N SER J 127 -21.77 28.14 -53.88
CA SER J 127 -20.91 27.77 -54.98
C SER J 127 -21.77 27.51 -56.21
N PRO J 128 -21.27 27.86 -57.39
CA PRO J 128 -22.09 27.69 -58.61
C PRO J 128 -22.35 26.24 -58.96
N LEU J 129 -21.49 25.31 -58.54
CA LEU J 129 -21.83 23.90 -58.73
C LEU J 129 -22.96 23.48 -57.84
N ARG J 130 -23.03 23.98 -56.61
CA ARG J 130 -24.21 23.74 -55.80
C ARG J 130 -25.41 24.49 -56.35
N ARG J 131 -25.19 25.57 -57.10
CA ARG J 131 -26.31 26.23 -57.75
C ARG J 131 -26.88 25.35 -58.87
N VAL J 132 -26.01 24.68 -59.63
CA VAL J 132 -26.48 23.77 -60.68
C VAL J 132 -27.12 22.54 -60.06
N ASN J 133 -26.56 22.04 -58.95
CA ASN J 133 -27.12 20.89 -58.25
C ASN J 133 -28.48 21.20 -57.66
N GLN J 134 -28.67 22.40 -57.14
CA GLN J 134 -29.94 22.77 -56.54
C GLN J 134 -30.91 23.41 -57.52
N ALA J 135 -30.46 23.75 -58.72
CA ALA J 135 -31.40 24.16 -59.76
C ALA J 135 -32.26 22.98 -60.18
N ILE J 136 -31.62 21.88 -60.57
CA ILE J 136 -32.31 20.73 -61.13
C ILE J 136 -33.15 20.02 -60.07
N TRP J 137 -32.73 20.06 -58.82
CA TRP J 137 -33.52 19.50 -57.74
C TRP J 137 -34.84 20.20 -57.55
N LEU J 138 -34.85 21.54 -57.52
CA LEU J 138 -36.09 22.30 -57.36
C LEU J 138 -37.01 22.17 -58.57
N LEU J 139 -36.44 22.15 -59.77
CA LEU J 139 -37.22 21.94 -60.99
C LEU J 139 -37.89 20.58 -60.97
N CYS J 140 -37.12 19.54 -60.64
CA CYS J 140 -37.65 18.19 -60.72
C CYS J 140 -38.65 17.91 -59.62
N THR J 141 -38.42 18.42 -58.41
CA THR J 141 -39.45 18.24 -57.38
C THR J 141 -40.64 19.16 -57.57
N GLY J 142 -40.52 20.23 -58.35
CA GLY J 142 -41.71 20.99 -58.66
C GLY J 142 -42.55 20.24 -59.67
N ALA J 143 -41.89 19.61 -60.63
CA ALA J 143 -42.61 18.77 -61.59
C ALA J 143 -43.22 17.56 -60.91
N ARG J 144 -42.53 17.02 -59.91
CA ARG J 144 -42.99 15.83 -59.20
C ARG J 144 -44.15 16.16 -58.28
N GLU J 145 -44.10 17.28 -57.58
CA GLU J 145 -45.09 17.58 -56.56
C GLU J 145 -46.39 18.10 -57.15
N ALA J 146 -46.34 18.73 -58.32
CA ALA J 146 -47.54 19.28 -58.93
C ALA J 146 -48.14 18.38 -60.00
N ALA J 147 -47.70 17.12 -60.08
CA ALA J 147 -48.29 16.15 -60.98
C ALA J 147 -48.81 14.93 -60.25
N PHE J 148 -48.93 15.01 -58.92
CA PHE J 148 -49.12 13.79 -58.13
C PHE J 148 -50.57 13.30 -58.17
N ARG J 149 -51.49 14.07 -57.61
CA ARG J 149 -52.90 13.73 -57.73
C ARG J 149 -53.51 14.79 -58.63
N ASN J 150 -53.38 14.58 -59.93
CA ASN J 150 -53.75 15.57 -60.92
C ASN J 150 -53.88 14.85 -62.26
N ILE J 151 -54.78 15.35 -63.11
CA ILE J 151 -54.98 14.77 -64.42
C ILE J 151 -53.79 15.06 -65.33
N LYS J 152 -53.04 16.11 -65.02
CA LYS J 152 -51.86 16.48 -65.80
C LYS J 152 -50.79 15.42 -65.70
N THR J 153 -50.19 15.08 -66.84
CA THR J 153 -49.14 14.07 -66.84
C THR J 153 -47.83 14.69 -66.39
N ILE J 154 -46.78 13.86 -66.34
CA ILE J 154 -45.51 14.37 -65.86
C ILE J 154 -44.81 15.17 -66.96
N ALA J 155 -45.09 14.85 -68.23
CA ALA J 155 -44.44 15.57 -69.30
C ALA J 155 -44.96 16.98 -69.44
N GLU J 156 -46.26 17.18 -69.22
CA GLU J 156 -46.80 18.53 -69.22
C GLU J 156 -46.38 19.28 -67.97
N CYS J 157 -46.40 18.61 -66.82
CA CYS J 157 -46.04 19.27 -65.58
C CYS J 157 -44.57 19.61 -65.50
N LEU J 158 -43.71 18.84 -66.17
CA LEU J 158 -42.31 19.24 -66.26
C LEU J 158 -42.16 20.44 -67.19
N ALA J 159 -42.83 20.42 -68.33
CA ALA J 159 -42.65 21.50 -69.31
C ALA J 159 -43.22 22.82 -68.82
N ASP J 160 -44.39 22.78 -68.20
CA ASP J 160 -45.03 23.99 -67.70
C ASP J 160 -44.36 24.55 -66.46
N GLU J 161 -43.35 23.88 -65.91
CA GLU J 161 -42.47 24.54 -64.96
C GLU J 161 -41.11 24.85 -65.55
N LEU J 162 -40.68 24.12 -66.55
CA LEU J 162 -39.40 24.38 -67.18
C LEU J 162 -39.45 25.65 -68.04
N ILE J 163 -40.63 26.07 -68.48
CA ILE J 163 -40.71 27.42 -69.06
C ILE J 163 -40.98 28.48 -68.00
N ASN J 164 -41.74 28.15 -66.96
CA ASN J 164 -42.04 29.14 -65.94
C ASN J 164 -40.82 29.48 -65.09
N ALA J 165 -39.83 28.60 -65.04
CA ALA J 165 -38.56 28.95 -64.42
C ALA J 165 -37.69 29.79 -65.34
N ALA J 166 -37.82 29.61 -66.66
CA ALA J 166 -37.07 30.44 -67.58
C ALA J 166 -37.61 31.86 -67.61
N LYS J 167 -38.93 32.01 -67.54
CA LYS J 167 -39.54 33.33 -67.50
C LYS J 167 -39.41 34.00 -66.14
N GLY J 168 -38.91 33.29 -65.13
CA GLY J 168 -38.76 33.88 -63.82
C GLY J 168 -40.05 34.12 -63.09
N SER J 169 -41.10 33.40 -63.45
CA SER J 169 -42.40 33.59 -62.82
C SER J 169 -42.38 33.03 -61.40
N SER J 170 -43.29 33.54 -60.58
CA SER J 170 -43.42 33.09 -59.21
C SER J 170 -44.60 32.13 -59.04
N ASN J 171 -45.12 31.59 -60.14
CA ASN J 171 -46.03 30.46 -60.04
C ASN J 171 -45.29 29.13 -60.09
N SER J 172 -44.08 29.12 -60.64
CA SER J 172 -43.26 27.92 -60.65
C SER J 172 -42.78 27.62 -59.24
N TYR J 173 -42.70 26.33 -58.92
CA TYR J 173 -42.25 25.91 -57.59
C TYR J 173 -40.79 26.24 -57.35
N ALA J 174 -39.98 26.28 -58.43
CA ALA J 174 -38.55 26.46 -58.28
C ALA J 174 -38.21 27.86 -57.80
N ILE J 175 -38.71 28.89 -58.48
CA ILE J 175 -38.41 30.26 -58.09
C ILE J 175 -39.11 30.62 -56.79
N LYS J 176 -40.16 29.90 -56.42
CA LYS J 176 -40.80 30.13 -55.13
C LYS J 176 -39.90 29.68 -53.99
N LYS J 177 -39.03 28.69 -54.23
CA LYS J 177 -38.12 28.25 -53.18
C LYS J 177 -36.83 29.05 -53.16
N LYS J 178 -36.37 29.51 -54.33
CA LYS J 178 -35.13 30.26 -54.40
C LYS J 178 -35.28 31.60 -53.69
N ASP J 179 -36.38 32.31 -53.93
CA ASP J 179 -36.55 33.63 -53.34
C ASP J 179 -36.80 33.52 -51.83
N GLU J 180 -37.35 32.41 -51.35
CA GLU J 180 -37.47 32.24 -49.91
C GLU J 180 -36.16 31.76 -49.29
N LEU J 181 -35.38 30.96 -50.02
CA LEU J 181 -34.07 30.56 -49.53
C LEU J 181 -33.09 31.72 -49.50
N GLU J 182 -33.35 32.77 -50.27
CA GLU J 182 -32.60 34.00 -50.12
C GLU J 182 -33.26 34.99 -49.17
N ARG J 183 -34.58 34.89 -48.98
CA ARG J 183 -35.28 35.78 -48.06
C ARG J 183 -34.93 35.46 -46.62
N VAL J 184 -34.90 34.17 -46.27
CA VAL J 184 -34.46 33.80 -44.93
C VAL J 184 -32.94 33.92 -44.79
N ALA J 185 -32.22 34.05 -45.91
CA ALA J 185 -30.78 34.27 -45.86
C ALA J 185 -30.44 35.73 -45.59
N LYS J 186 -31.15 36.65 -46.24
CA LYS J 186 -30.94 38.08 -46.00
C LYS J 186 -31.37 38.46 -44.60
N SER J 187 -32.34 37.72 -44.03
CA SER J 187 -32.87 37.99 -42.70
C SER J 187 -31.84 37.77 -41.59
N ASN J 188 -30.70 37.17 -41.89
CA ASN J 188 -29.59 37.09 -40.96
C ASN J 188 -28.40 37.91 -41.45
N ARG J 189 -27.91 37.60 -42.65
CA ARG J 189 -26.93 38.38 -43.42
C ARG J 189 -25.60 38.58 -42.73
N ALA K 1 22.51 55.56 78.47
CA ALA K 1 23.45 56.57 78.00
C ALA K 1 24.40 56.00 76.97
N ASP K 2 23.93 55.95 75.71
CA ASP K 2 24.56 55.41 74.51
C ASP K 2 24.69 53.90 74.53
N ILE K 3 24.32 53.27 75.65
CA ILE K 3 24.23 51.82 75.76
C ILE K 3 22.82 51.52 76.24
N GLN K 4 22.47 52.11 77.38
CA GLN K 4 21.26 51.76 78.12
C GLN K 4 20.05 52.35 77.42
N THR K 5 19.65 51.72 76.35
CA THR K 5 18.41 52.05 75.69
C THR K 5 17.26 51.16 76.14
N GLU K 6 17.54 50.11 76.89
CA GLU K 6 16.54 49.12 77.25
C GLU K 6 15.81 49.55 78.51
N ARG K 7 15.03 48.63 79.06
CA ARG K 7 14.31 48.85 80.31
C ARG K 7 14.99 48.20 81.50
N ALA K 8 15.94 47.31 81.26
CA ALA K 8 16.84 46.82 82.29
C ALA K 8 18.26 47.27 81.95
N TYR K 9 19.16 47.07 82.90
CA TYR K 9 20.48 47.68 82.84
C TYR K 9 21.43 46.79 82.06
N GLN K 10 21.90 47.28 80.93
CA GLN K 10 22.82 46.52 80.09
C GLN K 10 24.19 46.54 80.74
N LYS K 11 24.71 45.36 81.03
CA LYS K 11 25.91 45.22 81.81
C LYS K 11 26.59 43.95 81.34
N GLN K 12 27.89 44.05 81.09
CA GLN K 12 28.67 42.87 80.77
C GLN K 12 28.81 42.03 82.03
N PRO K 13 28.26 40.82 82.09
CA PRO K 13 27.99 40.20 83.39
C PRO K 13 29.20 39.61 84.09
N THR K 14 30.34 39.45 83.44
CA THR K 14 31.51 38.89 84.10
C THR K 14 32.33 39.95 84.82
N ILE K 15 32.28 41.19 84.35
CA ILE K 15 33.13 42.26 84.86
C ILE K 15 32.44 42.94 86.03
N PHE K 16 33.13 43.02 87.16
CA PHE K 16 32.63 43.76 88.31
C PHE K 16 32.96 45.23 88.11
N GLN K 17 31.93 46.09 88.10
CA GLN K 17 32.12 47.50 87.79
C GLN K 17 31.81 48.40 88.97
N ASN K 18 31.95 47.91 90.19
CA ASN K 18 31.74 48.72 91.37
C ASN K 18 32.83 48.48 92.39
N LYS K 19 34.06 48.39 91.93
CA LYS K 19 35.20 48.25 92.82
C LYS K 19 35.44 49.56 93.56
N LYS K 20 35.80 49.46 94.83
CA LYS K 20 36.13 50.64 95.61
C LYS K 20 37.52 51.14 95.25
N ARG K 21 37.63 52.45 95.07
CA ARG K 21 38.87 53.05 94.65
C ARG K 21 39.31 54.08 95.68
N VAL K 22 40.53 54.59 95.48
CA VAL K 22 41.09 55.62 96.33
C VAL K 22 41.21 56.88 95.50
N LEU K 23 41.73 57.96 96.10
CA LEU K 23 41.70 59.30 95.48
C LEU K 23 42.47 59.38 94.17
N LEU K 24 43.46 58.51 93.95
CA LEU K 24 44.12 58.45 92.66
C LEU K 24 43.32 57.65 91.63
N GLY K 25 42.22 57.02 92.03
CA GLY K 25 41.37 56.31 91.10
C GLY K 25 40.20 57.13 90.62
N GLU K 26 39.66 57.98 91.49
CA GLU K 26 38.54 58.83 91.10
C GLU K 26 39.02 60.05 90.32
N THR K 27 40.22 60.54 90.62
CA THR K 27 40.80 61.68 89.92
C THR K 27 41.52 61.27 88.65
N GLY K 28 42.06 60.05 88.60
CA GLY K 28 42.76 59.58 87.42
C GLY K 28 41.87 59.31 86.22
N LYS K 29 41.04 58.27 86.29
CA LYS K 29 40.32 57.83 85.11
C LYS K 29 39.17 56.92 85.54
N GLU K 30 38.03 57.07 84.87
CA GLU K 30 36.88 56.17 85.03
C GLU K 30 37.04 55.05 84.00
N LYS K 31 37.70 53.97 84.40
CA LYS K 31 38.11 52.92 83.47
C LYS K 31 37.22 51.69 83.66
N LEU K 32 36.44 51.38 82.63
CA LEU K 32 35.66 50.14 82.60
C LEU K 32 36.49 49.07 81.92
N PRO K 33 36.92 48.04 82.62
CA PRO K 33 37.59 46.93 81.93
C PRO K 33 36.57 46.14 81.14
N ARG K 34 36.98 45.66 79.98
CA ARG K 34 36.07 44.96 79.08
C ARG K 34 36.46 43.50 78.98
N TYR K 35 35.46 42.66 78.77
CA TYR K 35 35.67 41.23 78.59
C TYR K 35 35.69 40.92 77.11
N TYR K 36 36.78 40.34 76.65
CA TYR K 36 36.84 39.79 75.30
C TYR K 36 37.53 38.44 75.40
N LYS K 37 37.34 37.63 74.36
CA LYS K 37 37.92 36.30 74.34
C LYS K 37 38.31 35.97 72.93
N ASN K 38 39.16 34.96 72.78
CA ASN K 38 39.69 34.59 71.48
C ASN K 38 38.97 33.36 70.94
N ILE K 39 38.29 33.54 69.80
CA ILE K 39 37.73 32.43 69.05
C ILE K 39 38.87 31.61 68.46
N GLY K 40 38.82 30.31 68.66
CA GLY K 40 40.06 29.58 68.51
C GLY K 40 40.48 29.11 67.13
N LEU K 41 39.87 29.57 66.06
CA LEU K 41 40.16 29.00 64.75
C LEU K 41 40.78 30.03 63.84
N GLY K 42 41.60 30.90 64.40
CA GLY K 42 42.32 31.84 63.57
C GLY K 42 41.46 32.95 63.05
N PHE K 43 40.53 33.44 63.85
CA PHE K 43 39.79 34.65 63.53
C PHE K 43 40.28 35.71 64.49
N LYS K 44 40.76 36.81 63.96
CA LYS K 44 41.29 37.88 64.79
C LYS K 44 40.15 38.62 65.46
N THR K 45 40.27 38.84 66.75
CA THR K 45 39.32 39.67 67.43
C THR K 45 39.50 41.10 66.97
N PRO K 46 38.45 41.79 66.55
CA PRO K 46 38.61 43.16 66.07
C PRO K 46 38.96 44.10 67.20
N LYS K 47 39.55 45.25 66.84
CA LYS K 47 39.83 46.25 67.84
C LYS K 47 38.56 46.89 68.39
N GLU K 48 37.45 46.83 67.64
CA GLU K 48 36.18 47.29 68.16
C GLU K 48 35.66 46.36 69.25
N ALA K 49 36.05 45.08 69.23
CA ALA K 49 35.69 44.19 70.32
C ALA K 49 36.49 44.47 71.57
N ILE K 50 37.66 45.08 71.43
CA ILE K 50 38.51 45.38 72.57
C ILE K 50 38.40 46.84 73.02
N GLU K 51 37.81 47.70 72.20
CA GLU K 51 37.69 49.09 72.56
C GLU K 51 36.25 49.60 72.61
N GLY K 52 35.28 48.77 72.32
CA GLY K 52 33.91 49.24 72.18
C GLY K 52 33.23 49.48 73.51
N THR K 53 31.99 49.98 73.40
CA THR K 53 31.10 50.10 74.53
C THR K 53 29.81 49.34 74.32
N TYR K 54 29.68 48.59 73.24
CA TYR K 54 28.48 47.82 72.99
C TYR K 54 28.40 46.64 73.92
N ILE K 55 27.18 46.19 74.19
CA ILE K 55 26.93 45.06 75.06
C ILE K 55 26.03 44.09 74.31
N ASP K 56 26.49 42.87 74.17
CA ASP K 56 25.80 41.89 73.34
C ASP K 56 26.08 40.52 73.92
N LYS K 57 25.04 39.80 74.31
CA LYS K 57 25.28 38.52 74.95
C LYS K 57 25.47 37.40 73.94
N LYS K 58 25.24 37.66 72.66
CA LYS K 58 25.44 36.68 71.62
C LYS K 58 26.53 37.09 70.65
N CYS K 59 27.35 38.05 71.02
CA CYS K 59 28.51 38.35 70.23
C CYS K 59 29.57 37.27 70.45
N PRO K 60 30.22 36.79 69.41
CA PRO K 60 31.18 35.71 69.58
C PRO K 60 32.51 36.14 70.14
N PHE K 61 32.74 37.43 70.31
CA PHE K 61 33.98 37.93 70.87
C PHE K 61 33.83 38.48 72.26
N THR K 62 32.64 38.90 72.65
CA THR K 62 32.41 39.50 73.95
C THR K 62 31.30 38.85 74.76
N GLY K 63 30.44 38.05 74.14
CA GLY K 63 29.34 37.41 74.83
C GLY K 63 29.58 35.95 75.13
N ASN K 64 28.51 35.25 75.50
CA ASN K 64 28.59 33.87 75.98
C ASN K 64 28.28 32.84 74.90
N VAL K 65 28.93 32.86 73.75
CA VAL K 65 28.73 31.82 72.77
C VAL K 65 30.08 31.21 72.44
N SER K 66 30.08 29.93 72.11
CA SER K 66 31.29 29.25 71.68
C SER K 66 31.05 28.68 70.29
N ILE K 67 32.01 28.89 69.40
CA ILE K 67 31.85 28.54 68.00
C ILE K 67 32.37 27.14 67.80
N ARG K 68 31.48 26.24 67.40
CA ARG K 68 31.82 24.83 67.25
C ARG K 68 30.93 24.25 66.18
N GLY K 69 31.53 23.45 65.29
CA GLY K 69 30.80 22.83 64.21
C GLY K 69 31.34 23.26 62.86
N ARG K 70 30.43 23.53 61.94
CA ARG K 70 30.77 23.94 60.58
C ARG K 70 31.03 25.43 60.52
N ILE K 71 32.08 25.80 59.80
CA ILE K 71 32.37 27.19 59.48
C ILE K 71 32.06 27.38 58.01
N LEU K 72 31.18 28.34 57.69
CA LEU K 72 30.63 28.48 56.35
C LEU K 72 30.81 29.91 55.85
N SER K 73 30.12 30.26 54.77
CA SER K 73 30.23 31.58 54.17
C SER K 73 28.98 31.87 53.35
N GLY K 74 28.85 33.13 52.95
CA GLY K 74 27.67 33.60 52.22
C GLY K 74 27.81 35.08 52.02
N VAL K 75 26.90 35.65 51.22
CA VAL K 75 26.93 37.07 50.93
C VAL K 75 25.67 37.72 51.49
N VAL K 76 25.81 38.97 51.91
CA VAL K 76 24.76 39.67 52.64
C VAL K 76 23.67 40.14 51.68
N THR K 77 22.41 40.04 52.11
CA THR K 77 21.28 40.44 51.28
C THR K 77 20.34 41.45 51.94
N LYS K 78 20.08 41.35 53.23
CA LYS K 78 19.07 42.20 53.87
C LYS K 78 19.51 42.48 55.29
N MET K 79 19.77 43.74 55.62
CA MET K 79 20.11 44.10 56.98
C MET K 79 19.02 45.02 57.54
N LYS K 80 17.94 44.40 58.03
CA LYS K 80 16.73 45.14 58.39
C LYS K 80 16.19 44.73 59.75
N MET K 81 17.02 44.21 60.63
CA MET K 81 16.54 43.75 61.93
C MET K 81 17.39 44.41 62.99
N GLN K 82 17.29 43.95 64.22
CA GLN K 82 18.16 44.41 65.28
C GLN K 82 19.24 43.35 65.49
N ARG K 83 20.46 43.66 65.07
CA ARG K 83 21.69 42.89 65.25
C ARG K 83 21.74 41.60 64.45
N THR K 84 20.92 41.42 63.44
CA THR K 84 20.98 40.19 62.65
C THR K 84 20.63 40.46 61.20
N ILE K 85 21.30 39.73 60.30
CA ILE K 85 21.21 39.93 58.87
C ILE K 85 20.76 38.66 58.16
N VAL K 86 20.57 38.73 56.86
CA VAL K 86 20.14 37.61 56.05
C VAL K 86 21.18 37.42 54.97
N ILE K 87 21.84 36.27 54.96
CA ILE K 87 22.80 35.94 53.93
C ILE K 87 22.25 34.82 53.07
N ARG K 88 22.62 34.80 51.80
CA ARG K 88 22.20 33.72 50.94
C ARG K 88 23.42 32.96 50.46
N ARG K 89 23.33 31.65 50.53
CA ARG K 89 24.37 30.76 50.06
C ARG K 89 23.96 30.21 48.72
N ASP K 90 24.90 30.16 47.79
CA ASP K 90 24.63 29.72 46.43
C ASP K 90 25.42 28.47 46.14
N TYR K 91 24.76 27.51 45.51
CA TYR K 91 25.40 26.24 45.25
C TYR K 91 24.80 25.65 43.99
N LEU K 92 25.45 24.62 43.47
CA LEU K 92 25.00 23.91 42.29
C LEU K 92 24.62 22.49 42.70
N HIS K 93 23.42 22.06 42.32
CA HIS K 93 22.99 20.70 42.63
C HIS K 93 23.11 19.80 41.41
N TYR K 94 23.92 18.76 41.51
CA TYR K 94 24.10 17.81 40.43
C TYR K 94 22.89 16.93 40.24
N ILE K 95 22.28 16.98 39.05
CA ILE K 95 21.26 16.04 38.63
C ILE K 95 21.93 14.90 37.86
N ARG K 96 21.66 13.67 38.26
CA ARG K 96 22.47 12.56 37.78
C ARG K 96 22.09 12.12 36.38
N LYS K 97 20.80 12.14 36.05
CA LYS K 97 20.31 11.64 34.78
C LYS K 97 20.86 12.45 33.61
N TYR K 98 20.76 13.77 33.72
CA TYR K 98 21.13 14.73 32.70
C TYR K 98 22.60 15.09 32.73
N ASN K 99 23.33 14.66 33.77
CA ASN K 99 24.75 14.92 33.97
C ASN K 99 25.06 16.39 34.10
N ARG K 100 24.09 17.15 34.53
CA ARG K 100 24.16 18.59 34.57
C ARG K 100 23.82 19.06 35.97
N PHE K 101 24.06 20.33 36.21
CA PHE K 101 23.84 20.97 37.49
C PHE K 101 22.66 21.91 37.38
N GLU K 102 22.29 22.50 38.50
CA GLU K 102 21.27 23.54 38.49
C GLU K 102 21.58 24.51 39.61
N LYS K 103 21.28 25.78 39.36
CA LYS K 103 21.52 26.80 40.36
C LYS K 103 20.56 26.59 41.51
N ARG K 104 21.06 26.71 42.72
CA ARG K 104 20.23 26.59 43.91
C ARG K 104 20.70 27.60 44.94
N HIS K 105 19.84 27.89 45.90
CA HIS K 105 20.15 28.86 46.94
C HIS K 105 19.37 28.55 48.20
N LYS K 106 19.94 28.95 49.33
CA LYS K 106 19.31 28.85 50.63
C LYS K 106 19.71 30.08 51.42
N ASN K 107 18.78 30.59 52.23
CA ASN K 107 19.02 31.74 53.06
C ASN K 107 19.37 31.30 54.46
N MET K 108 20.07 32.17 55.18
CA MET K 108 20.35 31.98 56.58
C MET K 108 20.16 33.30 57.27
N SER K 109 19.37 33.32 58.33
CA SER K 109 19.43 34.42 59.27
C SER K 109 20.59 34.16 60.21
N VAL K 110 21.35 35.19 60.49
CA VAL K 110 22.64 35.04 61.13
C VAL K 110 22.90 36.29 61.95
N HIS K 111 23.50 36.11 63.12
CA HIS K 111 23.68 37.20 64.06
C HIS K 111 24.89 38.03 63.69
N LEU K 112 24.73 39.34 63.63
CA LEU K 112 25.82 40.25 63.31
C LEU K 112 26.14 41.06 64.54
N SER K 113 27.38 40.96 65.01
CA SER K 113 27.79 41.67 66.19
C SER K 113 27.93 43.16 65.88
N PRO K 114 27.89 44.03 66.89
CA PRO K 114 28.09 45.46 66.62
C PRO K 114 29.54 45.84 66.43
N CYS K 115 30.47 44.91 66.56
CA CYS K 115 31.84 45.20 66.20
C CYS K 115 32.05 45.24 64.71
N PHE K 116 31.16 44.61 63.94
CA PHE K 116 31.20 44.69 62.49
C PHE K 116 30.21 45.77 62.10
N ARG K 117 30.64 46.99 62.28
CA ARG K 117 29.87 48.14 61.82
C ARG K 117 30.43 48.60 60.50
N ASP K 118 29.60 49.32 59.75
CA ASP K 118 29.79 49.65 58.34
C ASP K 118 29.96 48.38 57.50
N VAL K 119 28.88 47.62 57.46
CA VAL K 119 28.74 46.47 56.58
C VAL K 119 27.65 46.82 55.57
N GLN K 120 28.00 46.78 54.29
CA GLN K 120 27.04 47.03 53.23
C GLN K 120 26.55 45.70 52.69
N ILE K 121 25.42 45.72 51.98
CA ILE K 121 24.92 44.46 51.45
C ILE K 121 25.75 44.05 50.24
N GLY K 122 25.86 42.74 50.03
CA GLY K 122 26.55 42.24 48.86
C GLY K 122 28.00 41.92 49.05
N ASP K 123 28.45 41.60 50.26
CA ASP K 123 29.82 41.21 50.49
C ASP K 123 29.89 39.89 51.24
N ILE K 124 31.00 39.18 51.06
CA ILE K 124 31.15 37.81 51.55
C ILE K 124 31.37 37.88 53.05
N VAL K 125 30.75 36.97 53.79
CA VAL K 125 30.93 36.95 55.24
C VAL K 125 31.06 35.51 55.71
N THR K 126 32.06 35.26 56.55
CA THR K 126 32.22 33.97 57.20
C THR K 126 31.26 33.86 58.39
N VAL K 127 30.64 32.71 58.53
CA VAL K 127 29.71 32.48 59.63
C VAL K 127 30.17 31.26 60.41
N GLY K 128 29.80 31.19 61.67
CA GLY K 128 30.24 30.10 62.50
C GLY K 128 29.15 29.51 63.36
N GLU K 129 29.11 28.20 63.49
CA GLU K 129 27.98 27.56 64.13
C GLU K 129 28.08 27.61 65.64
N CYS K 130 26.98 27.94 66.28
CA CYS K 130 26.87 27.95 67.72
C CYS K 130 25.53 27.33 68.08
N ARG K 131 25.14 27.45 69.34
CA ARG K 131 23.84 27.00 69.81
C ARG K 131 22.75 27.87 69.21
N PRO K 132 21.48 27.46 69.28
CA PRO K 132 20.40 28.35 68.83
C PRO K 132 20.35 29.64 69.61
N LEU K 133 20.42 30.75 68.87
CA LEU K 133 20.31 32.08 69.45
C LEU K 133 18.91 32.61 69.41
N SER K 134 18.13 32.24 68.40
CA SER K 134 16.70 32.47 68.41
C SER K 134 16.08 31.34 67.62
N LYS K 135 14.83 31.53 67.18
CA LYS K 135 14.08 30.47 66.53
C LYS K 135 14.72 30.05 65.22
N THR K 136 15.29 30.99 64.48
CA THR K 136 15.85 30.69 63.19
C THR K 136 17.35 30.94 63.09
N VAL K 137 17.99 31.46 64.12
CA VAL K 137 19.36 31.94 64.06
C VAL K 137 20.24 30.93 64.78
N ARG K 138 21.22 30.39 64.07
CA ARG K 138 22.18 29.49 64.69
C ARG K 138 23.61 29.74 64.26
N PHE K 139 23.88 30.77 63.49
CA PHE K 139 25.24 31.09 63.08
C PHE K 139 25.55 32.51 63.51
N ASN K 140 26.83 32.80 63.63
CA ASN K 140 27.29 34.07 64.14
C ASN K 140 28.34 34.58 63.17
N VAL K 141 28.31 35.88 62.89
CA VAL K 141 29.20 36.46 61.88
C VAL K 141 30.61 36.54 62.45
N LEU K 142 31.59 36.04 61.70
CA LEU K 142 32.97 35.93 62.21
C LEU K 142 33.97 36.87 61.55
N LYS K 143 33.95 37.03 60.23
CA LYS K 143 34.74 38.08 59.62
C LYS K 143 34.04 38.54 58.36
N VAL K 144 34.18 39.83 58.05
CA VAL K 144 33.50 40.44 56.93
C VAL K 144 34.55 40.93 55.95
N THR K 145 34.61 40.30 54.80
CA THR K 145 35.39 40.86 53.71
C THR K 145 34.46 41.60 52.77
N LYS K 146 35.00 42.62 52.12
CA LYS K 146 34.20 43.54 51.32
C LYS K 146 34.16 43.06 49.87
N ALA K 147 33.08 43.43 49.18
CA ALA K 147 32.92 43.09 47.78
C ALA K 147 33.97 43.78 46.94
N ALA K 148 34.28 43.19 45.79
CA ALA K 148 35.39 43.66 44.97
C ALA K 148 35.12 44.99 44.28
N GLY K 149 33.89 45.51 44.35
CA GLY K 149 33.56 46.80 43.81
C GLY K 149 33.69 47.94 44.81
N THR K 150 34.48 47.71 45.85
CA THR K 150 34.80 48.73 46.83
C THR K 150 36.14 49.37 46.40
N LYS K 151 36.75 50.15 47.29
CA LYS K 151 38.11 50.64 47.08
C LYS K 151 38.90 50.52 48.36
N MET L 1 -35.43 -62.70 -24.12
CA MET L 1 -35.07 -63.21 -25.44
C MET L 1 -34.99 -64.72 -25.46
N PRO L 2 -35.50 -65.35 -26.52
CA PRO L 2 -35.54 -66.81 -26.57
C PRO L 2 -34.18 -67.41 -26.88
N LYS L 3 -34.14 -68.75 -26.86
CA LYS L 3 -32.89 -69.49 -26.99
C LYS L 3 -32.30 -69.35 -28.38
N LYS L 4 -33.14 -69.37 -29.41
CA LYS L 4 -32.65 -69.26 -30.78
C LYS L 4 -32.19 -67.86 -31.13
N ASN L 5 -32.40 -66.88 -30.24
CA ASN L 5 -31.82 -65.55 -30.39
C ASN L 5 -30.52 -65.41 -29.62
N ARG L 6 -30.54 -65.73 -28.32
CA ARG L 6 -29.37 -65.57 -27.46
C ARG L 6 -28.26 -66.53 -27.84
N ILE L 7 -28.59 -67.71 -28.34
CA ILE L 7 -27.58 -68.60 -28.87
C ILE L 7 -27.00 -68.02 -30.15
N ALA L 8 -27.86 -67.63 -31.08
CA ALA L 8 -27.43 -67.23 -32.41
C ALA L 8 -26.67 -65.92 -32.43
N ILE L 9 -26.83 -65.09 -31.40
CA ILE L 9 -25.97 -63.93 -31.26
C ILE L 9 -24.57 -64.36 -30.85
N TYR L 10 -24.47 -65.35 -29.97
CA TYR L 10 -23.15 -65.81 -29.52
C TYR L 10 -22.41 -66.60 -30.57
N GLU L 11 -23.10 -67.09 -31.61
CA GLU L 11 -22.43 -67.92 -32.60
C GLU L 11 -21.45 -67.11 -33.44
N LEU L 12 -21.86 -65.93 -33.90
CA LEU L 12 -20.93 -65.20 -34.75
C LEU L 12 -19.95 -64.37 -33.95
N LEU L 13 -20.09 -64.32 -32.62
CA LEU L 13 -19.03 -63.75 -31.82
C LEU L 13 -17.78 -64.59 -31.81
N PHE L 14 -17.89 -65.91 -31.71
CA PHE L 14 -16.70 -66.74 -31.72
C PHE L 14 -16.07 -66.84 -33.10
N LYS L 15 -16.84 -66.55 -34.16
CA LYS L 15 -16.33 -66.75 -35.52
C LYS L 15 -15.22 -65.77 -35.87
N GLU L 16 -15.39 -64.49 -35.53
CA GLU L 16 -14.36 -63.51 -35.83
C GLU L 16 -13.99 -62.60 -34.67
N GLY L 17 -14.69 -62.69 -33.54
CA GLY L 17 -14.23 -62.00 -32.35
C GLY L 17 -14.71 -60.58 -32.19
N VAL L 18 -15.50 -60.06 -33.12
CA VAL L 18 -15.97 -58.67 -33.07
C VAL L 18 -17.44 -58.61 -33.46
N MET L 19 -18.13 -57.62 -32.91
CA MET L 19 -19.53 -57.41 -33.22
C MET L 19 -19.83 -55.92 -33.24
N VAL L 20 -20.55 -55.48 -34.26
CA VAL L 20 -20.98 -54.09 -34.40
C VAL L 20 -22.49 -54.03 -34.26
N ALA L 21 -22.98 -52.83 -34.01
CA ALA L 21 -24.41 -52.60 -33.83
C ALA L 21 -24.73 -51.20 -34.30
N LYS L 22 -25.84 -50.65 -33.85
CA LYS L 22 -26.27 -49.35 -34.34
C LYS L 22 -26.69 -48.38 -33.25
N LYS L 23 -26.90 -48.84 -32.02
CA LYS L 23 -27.70 -48.13 -31.02
C LYS L 23 -29.01 -47.69 -31.64
N ASP L 24 -29.75 -48.70 -32.04
CA ASP L 24 -31.04 -48.54 -32.66
C ASP L 24 -31.91 -49.62 -32.04
N VAL L 25 -32.62 -49.26 -30.97
CA VAL L 25 -33.55 -50.16 -30.31
C VAL L 25 -34.64 -50.60 -31.26
N HIS L 26 -35.16 -49.66 -32.03
CA HIS L 26 -36.35 -49.81 -32.84
C HIS L 26 -36.10 -50.47 -34.19
N MET L 27 -34.91 -50.99 -34.43
CA MET L 27 -34.63 -51.64 -35.70
C MET L 27 -35.32 -52.99 -35.73
N PRO L 28 -35.95 -53.36 -36.84
CA PRO L 28 -36.65 -54.66 -36.90
C PRO L 28 -35.74 -55.86 -36.75
N LYS L 29 -34.61 -55.89 -37.45
CA LYS L 29 -33.71 -57.02 -37.35
C LYS L 29 -32.28 -56.57 -37.62
N HIS L 30 -31.34 -57.25 -36.98
CA HIS L 30 -29.94 -56.96 -37.16
C HIS L 30 -29.48 -57.39 -38.55
N PRO L 31 -28.72 -56.56 -39.27
CA PRO L 31 -28.44 -56.87 -40.68
C PRO L 31 -27.45 -57.98 -40.90
N GLU L 32 -26.54 -58.25 -39.96
CA GLU L 32 -25.64 -59.37 -40.14
C GLU L 32 -26.38 -60.68 -39.92
N LEU L 33 -27.28 -60.72 -38.96
CA LEU L 33 -28.02 -61.94 -38.65
C LEU L 33 -29.40 -61.88 -39.28
N ALA L 34 -29.41 -61.91 -40.61
CA ALA L 34 -30.64 -62.15 -41.34
C ALA L 34 -30.98 -63.63 -41.27
N ASP L 35 -32.15 -63.97 -41.82
CA ASP L 35 -32.81 -65.29 -41.79
C ASP L 35 -32.96 -65.87 -40.37
N LYS L 36 -32.85 -65.04 -39.34
CA LYS L 36 -33.06 -65.42 -37.96
C LYS L 36 -34.10 -64.57 -37.27
N ASN L 37 -34.31 -63.35 -37.76
CA ASN L 37 -35.23 -62.36 -37.19
C ASN L 37 -34.90 -62.05 -35.74
N VAL L 38 -33.64 -61.71 -35.49
CA VAL L 38 -33.20 -61.20 -34.20
C VAL L 38 -33.16 -59.67 -34.29
N PRO L 39 -33.88 -58.96 -33.43
CA PRO L 39 -33.86 -57.50 -33.50
C PRO L 39 -32.52 -56.95 -33.02
N ASN L 40 -32.31 -55.66 -33.31
CA ASN L 40 -31.11 -55.02 -32.82
C ASN L 40 -31.14 -54.80 -31.32
N LEU L 41 -32.35 -54.73 -30.76
CA LEU L 41 -32.49 -54.58 -29.32
C LEU L 41 -31.99 -55.81 -28.60
N HIS L 42 -32.19 -56.99 -29.20
CA HIS L 42 -31.75 -58.24 -28.60
C HIS L 42 -30.24 -58.34 -28.55
N VAL L 43 -29.55 -58.08 -29.66
CA VAL L 43 -28.10 -58.14 -29.66
C VAL L 43 -27.50 -57.01 -28.81
N MET L 44 -28.16 -55.85 -28.78
CA MET L 44 -27.71 -54.75 -27.95
C MET L 44 -27.77 -55.09 -26.46
N LYS L 45 -28.88 -55.67 -26.02
CA LYS L 45 -28.97 -56.01 -24.60
C LYS L 45 -28.18 -57.25 -24.26
N ALA L 46 -27.94 -58.14 -25.22
CA ALA L 46 -27.07 -59.29 -24.97
C ALA L 46 -25.64 -58.84 -24.72
N MET L 47 -25.15 -57.89 -25.52
CA MET L 47 -23.79 -57.43 -25.28
C MET L 47 -23.71 -56.52 -24.07
N GLN L 48 -24.82 -55.86 -23.71
CA GLN L 48 -24.86 -55.13 -22.43
C GLN L 48 -24.75 -56.09 -21.27
N SER L 49 -25.32 -57.29 -21.40
CA SER L 49 -25.13 -58.32 -20.39
C SER L 49 -23.70 -58.83 -20.37
N LEU L 50 -23.09 -59.00 -21.56
CA LEU L 50 -21.75 -59.56 -21.62
C LEU L 50 -20.66 -58.58 -21.19
N LYS L 51 -20.90 -57.28 -21.31
CA LYS L 51 -19.89 -56.29 -20.98
C LYS L 51 -19.67 -56.17 -19.48
N SER L 52 -20.74 -56.30 -18.69
CA SER L 52 -20.62 -56.15 -17.26
C SER L 52 -19.89 -57.32 -16.62
N ARG L 53 -19.88 -58.47 -17.28
CA ARG L 53 -19.11 -59.60 -16.79
C ARG L 53 -17.64 -59.44 -17.13
N GLY L 54 -17.33 -58.87 -18.28
CA GLY L 54 -15.96 -58.64 -18.65
C GLY L 54 -15.50 -59.52 -19.79
N TYR L 55 -16.44 -60.16 -20.46
CA TYR L 55 -16.09 -61.03 -21.58
C TYR L 55 -15.82 -60.24 -22.85
N VAL L 56 -16.52 -59.13 -23.06
CA VAL L 56 -16.28 -58.31 -24.23
C VAL L 56 -15.66 -56.99 -23.81
N LYS L 57 -15.25 -56.18 -24.77
CA LYS L 57 -14.67 -54.87 -24.49
C LYS L 57 -15.38 -53.85 -25.35
N GLU L 58 -15.98 -52.85 -24.71
CA GLU L 58 -16.83 -51.94 -25.44
C GLU L 58 -16.06 -50.74 -25.95
N GLN L 59 -16.47 -50.25 -27.11
CA GLN L 59 -16.02 -48.98 -27.65
C GLN L 59 -17.19 -48.41 -28.42
N PHE L 60 -17.47 -47.12 -28.25
CA PHE L 60 -18.50 -46.46 -29.02
C PHE L 60 -17.85 -45.58 -30.08
N ALA L 61 -18.68 -44.95 -30.89
CA ALA L 61 -18.27 -44.15 -32.03
C ALA L 61 -19.30 -43.06 -32.22
N TRP L 62 -19.44 -42.58 -33.46
CA TRP L 62 -20.48 -41.64 -33.81
C TRP L 62 -21.86 -42.14 -33.41
N ARG L 63 -22.28 -43.25 -33.99
CA ARG L 63 -23.58 -43.80 -33.67
C ARG L 63 -23.52 -45.29 -33.35
N HIS L 64 -22.51 -46.01 -33.80
CA HIS L 64 -22.46 -47.46 -33.71
C HIS L 64 -21.76 -47.94 -32.45
N PHE L 65 -22.18 -49.12 -31.99
CA PHE L 65 -21.52 -49.85 -30.93
C PHE L 65 -20.42 -50.73 -31.48
N TYR L 66 -19.33 -50.86 -30.74
CA TYR L 66 -18.30 -51.82 -31.12
C TYR L 66 -17.94 -52.68 -29.93
N TRP L 67 -17.63 -53.94 -30.19
CA TRP L 67 -17.29 -54.91 -29.15
C TRP L 67 -16.21 -55.86 -29.64
N TYR L 68 -15.13 -55.96 -28.89
CA TYR L 68 -14.07 -56.95 -29.10
C TYR L 68 -14.23 -58.03 -28.05
N LEU L 69 -13.34 -59.03 -28.05
CA LEU L 69 -13.44 -60.15 -27.14
C LEU L 69 -12.17 -60.28 -26.31
N THR L 70 -12.32 -60.33 -25.00
CA THR L 70 -11.18 -60.51 -24.12
C THR L 70 -10.77 -61.98 -24.07
N ASN L 71 -9.67 -62.23 -23.35
CA ASN L 71 -9.13 -63.58 -23.29
C ASN L 71 -10.00 -64.49 -22.43
N GLU L 72 -10.58 -63.95 -21.35
CA GLU L 72 -11.47 -64.73 -20.52
C GLU L 72 -12.88 -64.78 -21.08
N GLY L 73 -13.13 -64.16 -22.23
CA GLY L 73 -14.41 -64.24 -22.87
C GLY L 73 -14.45 -65.32 -23.93
N ILE L 74 -13.27 -65.71 -24.43
CA ILE L 74 -13.19 -66.80 -25.39
C ILE L 74 -13.57 -68.11 -24.72
N GLN L 75 -13.15 -68.31 -23.48
CA GLN L 75 -13.50 -69.53 -22.77
C GLN L 75 -14.97 -69.56 -22.37
N TYR L 76 -15.57 -68.38 -22.16
CA TYR L 76 -16.98 -68.32 -21.82
C TYR L 76 -17.86 -68.69 -23.00
N LEU L 77 -17.35 -68.49 -24.22
CA LEU L 77 -18.06 -69.00 -25.38
C LEU L 77 -17.64 -70.42 -25.71
N ARG L 78 -16.45 -70.82 -25.28
CA ARG L 78 -15.96 -72.16 -25.58
C ARG L 78 -16.75 -73.23 -24.84
N ASP L 79 -17.24 -72.91 -23.63
CA ASP L 79 -18.00 -73.89 -22.88
C ASP L 79 -19.51 -73.70 -23.03
N TYR L 80 -19.97 -72.50 -23.41
CA TYR L 80 -21.39 -72.28 -23.58
C TYR L 80 -21.90 -72.97 -24.84
N LEU L 81 -21.03 -73.13 -25.84
CA LEU L 81 -21.41 -73.79 -27.09
C LEU L 81 -20.57 -75.04 -27.36
N HIS L 82 -19.70 -75.42 -26.42
CA HIS L 82 -18.97 -76.69 -26.41
C HIS L 82 -18.09 -76.87 -27.64
N LEU L 83 -17.07 -76.03 -27.72
CA LEU L 83 -16.18 -76.24 -28.85
C LEU L 83 -14.83 -76.74 -28.37
N PRO L 84 -14.15 -77.59 -29.16
CA PRO L 84 -12.79 -77.98 -28.82
C PRO L 84 -11.81 -76.91 -29.26
N PRO L 85 -10.65 -76.81 -28.60
CA PRO L 85 -9.65 -75.81 -29.01
C PRO L 85 -8.83 -76.21 -30.22
N GLU L 86 -9.14 -77.35 -30.84
CA GLU L 86 -8.40 -77.76 -32.04
C GLU L 86 -8.74 -76.88 -33.24
N ILE L 87 -9.92 -76.26 -33.22
CA ILE L 87 -10.22 -75.20 -34.17
C ILE L 87 -9.87 -73.87 -33.54
N VAL L 88 -9.68 -72.86 -34.39
CA VAL L 88 -9.24 -71.54 -33.95
C VAL L 88 -10.17 -70.50 -34.56
N PRO L 89 -10.47 -69.39 -33.88
CA PRO L 89 -11.08 -68.24 -34.56
C PRO L 89 -10.06 -67.49 -35.42
N ALA L 90 -10.42 -66.31 -35.92
CA ALA L 90 -9.55 -65.58 -36.84
C ALA L 90 -8.25 -64.99 -36.17
N THR L 91 -7.89 -65.37 -34.95
CA THR L 91 -6.70 -64.87 -34.29
C THR L 91 -5.42 -65.30 -35.01
N LEU L 92 -5.31 -66.59 -35.32
CA LEU L 92 -4.03 -67.14 -35.76
C LEU L 92 -4.15 -67.66 -37.18
N ARG L 93 -4.72 -66.85 -38.08
CA ARG L 93 -4.88 -67.26 -39.46
C ARG L 93 -3.83 -66.64 -40.38
N ARG L 94 -3.71 -65.32 -40.39
CA ARG L 94 -2.71 -64.66 -41.21
C ARG L 94 -1.49 -64.33 -40.37
N SER L 95 -0.31 -64.64 -40.92
CA SER L 95 1.00 -64.43 -40.28
C SER L 95 1.12 -65.05 -38.90
N GLY M 1 26.34 40.63 13.35
CA GLY M 1 25.05 41.18 12.97
C GLY M 1 24.57 42.27 13.90
N ARG M 2 24.16 43.40 13.32
CA ARG M 2 23.80 44.59 14.08
C ARG M 2 22.64 44.29 15.03
N MET M 3 22.67 44.97 16.18
CA MET M 3 21.85 44.62 17.32
C MET M 3 20.36 44.74 17.03
N HIS M 4 19.86 45.96 16.86
CA HIS M 4 18.44 46.21 16.68
C HIS M 4 18.09 46.48 15.23
N ALA M 5 18.74 45.79 14.31
CA ALA M 5 18.51 45.84 12.88
C ALA M 5 18.74 44.45 12.32
N PRO M 6 18.06 44.06 11.24
CA PRO M 6 18.29 42.74 10.67
C PRO M 6 19.47 42.68 9.71
N GLY M 7 20.28 43.73 9.63
CA GLY M 7 21.37 43.79 8.69
C GLY M 7 22.62 43.17 9.27
N LYS M 8 23.22 42.27 8.52
CA LYS M 8 24.47 41.64 8.89
C LYS M 8 25.60 42.24 8.07
N GLY M 9 25.97 43.48 8.38
CA GLY M 9 26.85 44.26 7.53
C GLY M 9 28.27 44.28 8.02
N LEU M 10 29.20 44.34 7.08
CA LEU M 10 30.64 44.23 7.35
C LEU M 10 31.31 45.49 6.83
N SER M 11 31.63 46.41 7.72
CA SER M 11 32.30 47.64 7.34
C SER M 11 32.95 48.20 8.57
N GLN M 12 34.27 48.27 8.57
CA GLN M 12 35.00 48.77 9.72
C GLN M 12 36.36 49.24 9.26
N SER M 13 37.25 49.46 10.21
CA SER M 13 38.62 49.86 9.95
C SER M 13 39.56 48.69 10.11
N ALA M 14 40.66 48.71 9.36
CA ALA M 14 41.63 47.62 9.34
C ALA M 14 42.99 48.14 9.74
N LEU M 15 43.35 47.96 11.01
CA LEU M 15 44.61 48.49 11.50
C LEU M 15 45.78 47.69 10.94
N PRO M 16 46.89 48.33 10.62
CA PRO M 16 48.00 47.60 10.03
C PRO M 16 48.79 46.83 11.08
N TYR M 17 49.66 45.96 10.56
CA TYR M 17 50.47 45.12 11.43
C TYR M 17 51.60 45.92 12.08
N ARG M 18 52.29 46.75 11.30
CA ARG M 18 53.42 47.50 11.82
C ARG M 18 52.91 48.55 12.80
N ARG M 19 53.17 48.32 14.08
CA ARG M 19 52.58 49.11 15.14
C ARG M 19 53.34 50.40 15.44
N SER M 20 54.44 50.67 14.75
CA SER M 20 55.29 51.76 15.12
C SER M 20 54.86 53.05 14.43
N VAL M 21 55.16 54.17 15.08
CA VAL M 21 55.00 55.48 14.47
C VAL M 21 55.91 55.57 13.27
N PRO M 22 55.46 56.06 12.12
CA PRO M 22 56.26 55.98 10.90
C PRO M 22 57.39 56.99 10.91
N THR M 23 58.11 57.02 9.79
CA THR M 23 59.35 57.76 9.73
C THR M 23 59.10 59.27 9.65
N TRP M 24 58.16 59.69 8.80
CA TRP M 24 58.02 61.10 8.47
C TRP M 24 57.42 61.92 9.60
N LEU M 25 56.80 61.30 10.59
CA LEU M 25 56.03 62.04 11.59
C LEU M 25 56.99 62.78 12.52
N LYS M 26 56.95 64.10 12.48
CA LYS M 26 57.86 64.93 13.25
C LYS M 26 57.22 65.49 14.50
N LEU M 27 56.20 64.83 15.04
CA LEU M 27 55.56 65.26 16.27
C LEU M 27 55.91 64.28 17.38
N THR M 28 56.44 64.79 18.47
CA THR M 28 56.68 63.96 19.63
C THR M 28 55.38 63.75 20.40
N SER M 29 55.44 62.90 21.42
CA SER M 29 54.23 62.56 22.18
C SER M 29 53.73 63.72 23.01
N ASP M 30 54.65 64.55 23.51
CA ASP M 30 54.26 65.74 24.25
C ASP M 30 53.58 66.76 23.35
N ASP M 31 54.03 66.88 22.10
CA ASP M 31 53.39 67.78 21.16
C ASP M 31 52.00 67.29 20.78
N VAL M 32 51.82 65.96 20.67
CA VAL M 32 50.51 65.42 20.38
C VAL M 32 49.56 65.63 21.56
N LYS M 33 50.04 65.44 22.79
CA LYS M 33 49.22 65.70 23.96
C LYS M 33 48.85 67.18 24.07
N GLU M 34 49.79 68.06 23.71
CA GLU M 34 49.49 69.49 23.70
C GLU M 34 48.47 69.84 22.63
N GLN M 35 48.49 69.14 21.50
CA GLN M 35 47.44 69.31 20.51
C GLN M 35 46.09 68.86 21.03
N ILE M 36 46.09 67.75 21.78
CA ILE M 36 44.85 67.15 22.24
C ILE M 36 44.19 68.04 23.30
N TYR M 37 45.01 68.70 24.12
CA TYR M 37 44.45 69.60 25.15
C TYR M 37 43.73 70.78 24.53
N LYS M 38 44.30 71.35 23.46
CA LYS M 38 43.63 72.45 22.77
C LYS M 38 42.38 71.99 22.04
N LEU M 39 42.46 70.83 21.37
CA LEU M 39 41.29 70.32 20.67
C LEU M 39 40.19 69.87 21.62
N ALA M 40 40.50 69.62 22.88
CA ALA M 40 39.47 69.34 23.87
C ALA M 40 38.96 70.60 24.54
N LYS M 41 39.80 71.63 24.66
CA LYS M 41 39.33 72.93 25.13
C LYS M 41 38.43 73.61 24.12
N LYS M 42 38.54 73.23 22.85
CA LYS M 42 37.57 73.63 21.83
C LYS M 42 36.21 72.96 22.01
N GLY M 43 36.10 71.95 22.87
CA GLY M 43 34.83 71.30 23.08
C GLY M 43 34.52 70.21 22.09
N LEU M 44 35.45 69.29 21.88
CA LEU M 44 35.23 68.15 20.99
C LEU M 44 35.27 66.87 21.79
N THR M 45 34.59 65.85 21.26
CA THR M 45 34.56 64.55 21.87
C THR M 45 35.89 63.85 21.64
N PRO M 46 36.20 62.79 22.39
CA PRO M 46 37.35 61.96 22.03
C PRO M 46 37.22 61.30 20.68
N SER M 47 36.00 61.11 20.18
CA SER M 47 35.81 60.52 18.87
C SER M 47 36.01 61.52 17.75
N GLN M 48 36.05 62.81 18.06
CA GLN M 48 36.28 63.84 17.07
C GLN M 48 37.73 64.30 17.06
N ILE M 49 38.42 64.20 18.19
CA ILE M 49 39.81 64.62 18.26
C ILE M 49 40.69 63.67 17.46
N GLY M 50 40.41 62.37 17.52
CA GLY M 50 41.17 61.40 16.75
C GLY M 50 41.00 61.52 15.26
N VAL M 51 39.93 62.16 14.81
CA VAL M 51 39.70 62.40 13.39
C VAL M 51 40.52 63.58 12.91
N ILE M 52 40.57 64.65 13.69
CA ILE M 52 41.26 65.87 13.27
C ILE M 52 42.76 65.63 13.19
N LEU M 53 43.32 64.85 14.10
CA LEU M 53 44.75 64.57 14.03
C LEU M 53 45.08 63.62 12.90
N ARG M 54 44.15 62.75 12.54
CA ARG M 54 44.40 61.84 11.43
C ARG M 54 44.35 62.57 10.10
N ASP M 55 43.35 63.45 9.92
CA ASP M 55 43.18 64.10 8.63
C ASP M 55 44.23 65.16 8.41
N SER M 56 44.43 66.03 9.38
CA SER M 56 45.26 67.21 9.19
C SER M 56 46.67 67.07 9.72
N HIS M 57 46.84 66.51 10.90
CA HIS M 57 48.15 66.47 11.54
C HIS M 57 48.90 65.17 11.29
N GLY M 58 48.32 64.24 10.54
CA GLY M 58 49.05 63.07 10.10
C GLY M 58 49.36 62.05 11.15
N VAL M 59 48.60 61.99 12.24
CA VAL M 59 48.82 61.02 13.31
C VAL M 59 47.87 59.86 13.09
N ALA M 60 48.43 58.67 12.89
CA ALA M 60 47.65 57.51 12.53
C ALA M 60 46.88 56.95 13.72
N GLN M 61 47.60 56.60 14.78
CA GLN M 61 47.00 56.19 16.04
C GLN M 61 47.68 56.96 17.14
N VAL M 62 46.89 57.58 18.01
CA VAL M 62 47.48 58.30 19.13
C VAL M 62 47.98 57.32 20.17
N ARG M 63 47.38 56.13 20.23
CA ARG M 63 47.88 55.04 21.07
C ARG M 63 49.26 54.56 20.63
N PHE M 64 49.61 54.75 19.37
CA PHE M 64 50.92 54.32 18.88
C PHE M 64 52.01 55.35 19.12
N VAL M 65 51.65 56.63 19.15
CA VAL M 65 52.64 57.67 19.39
C VAL M 65 52.82 57.87 20.88
N THR M 66 51.73 58.21 21.57
CA THR M 66 51.84 58.62 22.96
C THR M 66 51.96 57.44 23.92
N GLY M 67 51.62 56.24 23.49
CA GLY M 67 51.54 55.11 24.38
C GLY M 67 50.22 54.97 25.11
N ASN M 68 49.44 56.05 25.21
CA ASN M 68 48.14 56.02 25.82
C ASN M 68 47.11 56.43 24.79
N LYS M 69 45.85 56.09 25.04
CA LYS M 69 44.80 56.43 24.09
C LYS M 69 44.18 57.77 24.49
N ILE M 70 43.09 58.16 23.80
CA ILE M 70 42.62 59.54 23.91
C ILE M 70 41.96 59.79 25.25
N LEU M 71 41.05 58.89 25.67
CA LEU M 71 40.23 59.18 26.84
C LEU M 71 41.06 59.15 28.12
N ARG M 72 42.08 58.30 28.19
CA ARG M 72 42.93 58.30 29.36
C ARG M 72 43.92 59.45 29.39
N ILE M 73 43.98 60.24 28.32
CA ILE M 73 44.72 61.50 28.39
C ILE M 73 43.83 62.59 28.97
N LEU M 74 42.59 62.68 28.49
CA LEU M 74 41.69 63.72 28.95
C LEU M 74 41.25 63.49 30.39
N LYS M 75 41.03 62.24 30.77
CA LYS M 75 40.61 61.99 32.14
C LYS M 75 41.77 62.10 33.13
N SER M 76 43.00 62.15 32.65
CA SER M 76 44.15 62.38 33.52
C SER M 76 44.54 63.84 33.59
N LYS M 77 44.25 64.61 32.54
CA LYS M 77 44.40 66.06 32.64
C LYS M 77 43.20 66.68 33.36
N GLY M 78 42.02 66.11 33.21
CA GLY M 78 40.83 66.55 33.91
C GLY M 78 39.74 67.07 33.00
N LEU M 79 39.99 67.27 31.72
CA LEU M 79 39.04 67.90 30.83
C LEU M 79 38.08 66.89 30.20
N ALA M 80 37.45 66.06 31.02
CA ALA M 80 36.64 64.96 30.50
C ALA M 80 35.19 65.10 30.94
N PRO M 81 34.24 64.65 30.13
CA PRO M 81 32.83 64.74 30.51
C PRO M 81 32.46 63.67 31.52
N ASP M 82 31.36 63.93 32.23
CA ASP M 82 30.91 62.99 33.25
C ASP M 82 30.25 61.76 32.64
N LEU M 83 29.15 61.94 31.90
CA LEU M 83 28.61 60.79 31.21
C LEU M 83 29.37 60.58 29.92
N PRO M 84 29.63 59.32 29.53
CA PRO M 84 30.58 59.08 28.44
C PRO M 84 30.08 59.48 27.07
N GLU M 85 30.92 59.27 26.05
CA GLU M 85 30.67 59.85 24.74
C GLU M 85 29.45 59.20 24.08
N ASP M 86 29.41 57.87 24.03
CA ASP M 86 28.30 57.19 23.37
C ASP M 86 27.01 57.22 24.17
N LEU M 87 27.08 57.36 25.48
CA LEU M 87 25.83 57.48 26.22
C LEU M 87 25.23 58.85 26.04
N TYR M 88 26.07 59.86 25.81
CA TYR M 88 25.59 61.20 25.52
C TYR M 88 24.84 61.23 24.20
N HIS M 89 25.42 60.63 23.16
CA HIS M 89 24.83 60.66 21.83
C HIS M 89 23.58 59.81 21.72
N LEU M 90 23.35 58.90 22.65
CA LEU M 90 22.08 58.19 22.67
C LEU M 90 21.03 58.98 23.43
N ILE M 91 21.43 59.62 24.52
CA ILE M 91 20.53 60.44 25.31
C ILE M 91 20.12 61.67 24.52
N LYS M 92 21.07 62.27 23.81
CA LYS M 92 20.77 63.42 22.98
C LYS M 92 19.91 63.03 21.78
N LYS M 93 20.04 61.80 21.31
CA LYS M 93 19.20 61.35 20.21
C LYS M 93 17.80 61.00 20.68
N ALA M 94 17.69 60.43 21.88
CA ALA M 94 16.37 60.11 22.44
C ALA M 94 15.63 61.35 22.91
N VAL M 95 16.32 62.47 23.09
CA VAL M 95 15.61 63.72 23.34
C VAL M 95 14.91 64.18 22.08
N ALA M 96 15.63 64.22 20.96
CA ALA M 96 15.09 64.75 19.72
C ALA M 96 14.02 63.86 19.12
N VAL M 97 14.02 62.56 19.42
CA VAL M 97 12.89 61.75 19.04
C VAL M 97 11.71 62.06 19.93
N ARG M 98 11.95 62.22 21.23
CA ARG M 98 10.86 62.48 22.18
C ARG M 98 10.33 63.89 22.02
N LYS M 99 11.20 64.85 21.70
CA LYS M 99 10.75 66.22 21.48
C LYS M 99 9.90 66.33 20.22
N HIS M 100 10.31 65.65 19.15
CA HIS M 100 9.53 65.66 17.91
C HIS M 100 8.23 64.90 18.06
N LEU M 101 8.17 63.96 19.01
CA LEU M 101 7.01 63.10 19.14
C LEU M 101 5.82 63.80 19.75
N GLU M 102 6.02 64.85 20.55
CA GLU M 102 4.86 65.56 21.08
C GLU M 102 4.22 66.46 20.03
N ARG M 103 4.96 66.82 18.98
CA ARG M 103 4.34 67.54 17.87
C ARG M 103 3.46 66.63 17.05
N ASN M 104 3.94 65.44 16.71
CA ASN M 104 3.22 64.50 15.84
C ASN M 104 2.87 63.25 16.63
N ARG M 105 1.66 63.22 17.18
CA ARG M 105 1.26 62.09 18.02
C ARG M 105 1.03 60.83 17.21
N LYS M 106 0.59 60.95 15.97
CA LYS M 106 0.19 59.79 15.19
C LYS M 106 1.35 59.04 14.59
N ASP M 107 2.58 59.55 14.72
CA ASP M 107 3.75 58.91 14.16
C ASP M 107 4.10 57.65 14.93
N LYS M 108 3.61 56.51 14.46
CA LYS M 108 3.90 55.24 15.10
C LYS M 108 5.17 54.62 14.57
N ASP M 109 5.90 55.32 13.73
CA ASP M 109 7.24 54.87 13.38
C ASP M 109 8.23 55.26 14.45
N ALA M 110 8.31 56.54 14.78
CA ALA M 110 9.22 57.00 15.80
C ALA M 110 8.80 56.63 17.20
N LYS M 111 7.55 56.22 17.39
CA LYS M 111 7.17 55.61 18.66
C LYS M 111 7.81 54.25 18.82
N PHE M 112 7.92 53.49 17.74
CA PHE M 112 8.67 52.24 17.79
C PHE M 112 10.17 52.51 17.80
N ARG M 113 10.61 53.52 17.06
CA ARG M 113 12.02 53.86 17.00
C ARG M 113 12.52 54.52 18.28
N LEU M 114 11.63 54.97 19.15
CA LEU M 114 12.08 55.50 20.41
C LEU M 114 12.46 54.37 21.35
N ILE M 115 11.75 53.25 21.31
CA ILE M 115 12.01 52.16 22.25
C ILE M 115 13.35 51.48 21.94
N LEU M 116 13.77 51.49 20.67
CA LEU M 116 15.08 50.94 20.34
C LEU M 116 16.18 51.84 20.86
N ILE M 117 16.00 53.16 20.76
CA ILE M 117 16.94 54.08 21.37
C ILE M 117 16.83 54.02 22.88
N GLU M 118 15.64 53.72 23.40
CA GLU M 118 15.47 53.54 24.83
C GLU M 118 16.18 52.28 25.30
N SER M 119 15.99 51.18 24.60
CA SER M 119 16.54 49.91 25.04
C SER M 119 18.04 49.81 24.84
N ARG M 120 18.64 50.72 24.08
CA ARG M 120 20.09 50.78 24.00
C ARG M 120 20.69 51.60 25.12
N ILE M 121 19.92 52.51 25.71
CA ILE M 121 20.39 53.32 26.81
C ILE M 121 20.61 52.46 28.05
N HIS M 122 19.65 51.58 28.34
CA HIS M 122 19.75 50.74 29.52
C HIS M 122 20.78 49.64 29.35
N ARG M 123 21.13 49.28 28.11
CA ARG M 123 22.22 48.35 27.92
C ARG M 123 23.55 48.99 28.24
N LEU M 124 23.71 50.27 27.94
CA LEU M 124 24.93 50.99 28.27
C LEU M 124 24.99 51.49 29.70
N ALA M 125 23.87 51.94 30.26
CA ALA M 125 23.89 52.39 31.64
C ALA M 125 24.19 51.25 32.58
N ARG M 126 23.75 50.03 32.24
CA ARG M 126 24.09 48.87 33.04
C ARG M 126 25.57 48.59 33.01
N TYR M 127 26.18 48.72 31.84
CA TYR M 127 27.60 48.46 31.69
C TYR M 127 28.43 49.51 32.41
N TYR M 128 28.01 50.77 32.37
CA TYR M 128 28.77 51.81 33.03
C TYR M 128 28.57 51.79 34.53
N LYS M 129 27.41 51.34 34.99
CA LYS M 129 27.25 51.13 36.42
C LYS M 129 28.05 49.94 36.91
N THR M 130 28.26 48.95 36.05
CA THR M 130 29.09 47.82 36.45
C THR M 130 30.55 48.20 36.52
N LYS M 131 31.06 48.87 35.48
CA LYS M 131 32.44 49.32 35.51
C LYS M 131 32.66 50.57 36.35
N ARG M 132 31.62 51.08 37.00
CA ARG M 132 31.68 52.20 37.95
C ARG M 132 32.18 53.48 37.29
N VAL M 133 31.81 53.68 36.03
CA VAL M 133 32.01 54.97 35.39
C VAL M 133 30.83 55.88 35.69
N LEU M 134 29.67 55.33 35.95
CA LEU M 134 28.53 56.07 36.41
C LEU M 134 28.25 55.76 37.87
N PRO M 135 27.66 56.69 38.64
CA PRO M 135 27.30 56.37 40.01
C PRO M 135 26.19 55.34 40.06
N PRO M 136 26.12 54.53 41.11
CA PRO M 136 25.17 53.42 41.09
C PRO M 136 23.76 53.81 41.49
N ASN M 137 23.34 54.99 41.08
CA ASN M 137 21.94 55.38 41.22
C ASN M 137 21.51 56.17 40.01
N TRP M 138 22.37 56.30 39.00
CA TRP M 138 22.02 57.00 37.79
C TRP M 138 20.96 56.23 37.04
N LYS M 139 19.86 56.89 36.72
CA LYS M 139 18.80 56.27 35.95
C LYS M 139 18.30 57.26 34.91
N TYR M 140 17.97 56.73 33.73
CA TYR M 140 17.44 57.57 32.67
C TYR M 140 15.97 57.77 32.93
N GLU M 141 15.59 58.98 33.33
CA GLU M 141 14.20 59.37 33.43
C GLU M 141 13.85 60.25 32.25
N SER M 142 12.71 59.99 31.62
CA SER M 142 12.33 60.62 30.36
C SER M 142 12.02 62.10 30.48
N SER M 143 11.95 62.66 31.68
CA SER M 143 11.58 64.05 31.85
C SER M 143 12.78 64.95 32.15
N THR M 144 13.79 64.44 32.83
CA THR M 144 14.95 65.24 33.19
C THR M 144 15.99 65.32 32.09
N ALA M 145 15.83 64.56 31.01
CA ALA M 145 16.90 64.35 30.03
C ALA M 145 17.22 65.59 29.21
N SER M 146 16.42 66.63 29.28
CA SER M 146 16.77 67.87 28.59
C SER M 146 17.87 68.63 29.31
N ALA M 147 18.13 68.32 30.58
CA ALA M 147 19.17 68.97 31.35
C ALA M 147 20.35 68.04 31.63
N LEU M 148 20.33 66.82 31.12
CA LEU M 148 21.50 65.94 31.21
C LEU M 148 22.49 66.24 30.10
N VAL M 149 22.01 66.48 28.89
CA VAL M 149 22.89 66.81 27.78
C VAL M 149 23.35 68.26 27.89
N GLY N 1 -20.54 -103.08 -22.57
CA GLY N 1 -20.82 -103.92 -21.42
C GLY N 1 -19.86 -103.68 -20.28
N VAL N 2 -18.94 -102.74 -20.48
CA VAL N 2 -17.96 -102.39 -19.45
C VAL N 2 -18.51 -101.44 -18.40
N MET N 3 -19.73 -100.94 -18.59
CA MET N 3 -20.31 -99.94 -17.70
C MET N 3 -21.70 -100.39 -17.25
N ASP N 4 -22.10 -99.96 -16.06
CA ASP N 4 -23.34 -100.44 -15.47
C ASP N 4 -24.52 -99.62 -16.01
N VAL N 5 -25.72 -100.14 -15.79
CA VAL N 5 -26.94 -99.53 -16.30
C VAL N 5 -27.30 -98.29 -15.47
N ASN N 6 -27.08 -98.35 -14.15
CA ASN N 6 -27.46 -97.24 -13.28
C ASN N 6 -26.61 -96.00 -13.52
N THR N 7 -25.41 -96.18 -14.08
CA THR N 7 -24.58 -95.07 -14.52
C THR N 7 -24.60 -94.88 -16.02
N ALA N 8 -25.44 -95.63 -16.74
CA ALA N 8 -25.48 -95.51 -18.20
C ALA N 8 -26.13 -94.22 -18.65
N LEU N 9 -26.93 -93.57 -17.80
CA LEU N 9 -27.55 -92.30 -18.13
C LEU N 9 -26.56 -91.16 -18.24
N GLN N 10 -25.39 -91.28 -17.59
CA GLN N 10 -24.50 -90.13 -17.38
C GLN N 10 -23.94 -89.62 -18.70
N GLU N 11 -23.20 -90.47 -19.41
CA GLU N 11 -22.51 -90.03 -20.62
C GLU N 11 -23.47 -89.78 -21.76
N VAL N 12 -24.64 -90.43 -21.78
CA VAL N 12 -25.56 -90.17 -22.87
C VAL N 12 -26.31 -88.85 -22.64
N LEU N 13 -26.63 -88.51 -21.38
CA LEU N 13 -27.17 -87.18 -21.12
C LEU N 13 -26.11 -86.09 -21.27
N LYS N 14 -24.82 -86.42 -21.13
CA LYS N 14 -23.80 -85.44 -21.47
C LYS N 14 -23.67 -85.26 -22.98
N THR N 15 -23.64 -86.34 -23.75
CA THR N 15 -23.42 -86.18 -25.19
C THR N 15 -24.68 -85.74 -25.92
N ALA N 16 -25.85 -85.80 -25.29
CA ALA N 16 -27.05 -85.27 -25.91
C ALA N 16 -27.38 -83.85 -25.47
N LEU N 17 -26.70 -83.33 -24.44
CA LEU N 17 -26.91 -81.94 -24.04
C LEU N 17 -26.37 -80.98 -25.07
N ILE N 18 -25.35 -81.39 -25.84
CA ILE N 18 -24.77 -80.53 -26.86
C ILE N 18 -25.63 -80.39 -28.08
N HIS N 19 -26.74 -81.14 -28.16
CA HIS N 19 -27.69 -81.02 -29.26
C HIS N 19 -29.07 -80.59 -28.79
N ASP N 20 -29.21 -80.26 -27.50
CA ASP N 20 -30.46 -79.83 -26.85
C ASP N 20 -31.54 -80.91 -27.03
N GLY N 21 -31.22 -82.09 -26.52
CA GLY N 21 -32.15 -83.20 -26.64
C GLY N 21 -32.57 -83.79 -25.31
N LEU N 22 -32.74 -82.95 -24.29
CA LEU N 22 -33.13 -83.40 -22.96
C LEU N 22 -34.34 -82.60 -22.52
N ALA N 23 -35.47 -83.28 -22.38
CA ALA N 23 -36.72 -82.62 -22.01
C ALA N 23 -36.81 -82.59 -20.48
N ARG N 24 -36.17 -81.58 -19.89
CA ARG N 24 -36.44 -81.29 -18.49
C ARG N 24 -37.88 -80.84 -18.35
N GLY N 25 -38.53 -81.31 -17.31
CA GLY N 25 -39.96 -81.07 -17.14
C GLY N 25 -40.75 -82.37 -17.21
N ILE N 26 -42.06 -82.21 -17.05
CA ILE N 26 -43.00 -83.32 -17.11
C ILE N 26 -44.02 -83.14 -18.23
N ARG N 27 -44.65 -81.97 -18.30
CA ARG N 27 -45.69 -81.75 -19.30
C ARG N 27 -45.11 -81.66 -20.69
N GLU N 28 -44.09 -80.81 -20.88
CA GLU N 28 -43.45 -80.69 -22.18
C GLU N 28 -42.60 -81.91 -22.50
N ALA N 29 -42.18 -82.67 -21.48
CA ALA N 29 -41.52 -83.93 -21.76
C ALA N 29 -42.51 -84.97 -22.28
N ALA N 30 -43.71 -85.01 -21.71
CA ALA N 30 -44.73 -85.94 -22.19
C ALA N 30 -45.26 -85.54 -23.55
N LYS N 31 -45.34 -84.24 -23.81
CA LYS N 31 -45.77 -83.77 -25.12
C LYS N 31 -44.73 -84.01 -26.20
N ALA N 32 -43.47 -84.25 -25.84
CA ALA N 32 -42.49 -84.67 -26.82
C ALA N 32 -42.78 -86.07 -27.34
N LEU N 33 -43.40 -86.91 -26.50
CA LEU N 33 -43.81 -88.23 -26.95
C LEU N 33 -44.94 -88.15 -27.95
N ASP N 34 -45.82 -87.16 -27.82
CA ASP N 34 -46.88 -86.93 -28.77
C ASP N 34 -46.40 -86.29 -30.07
N LYS N 35 -45.12 -85.92 -30.14
CA LYS N 35 -44.49 -85.61 -31.42
C LYS N 35 -44.00 -86.86 -32.12
N ARG N 36 -44.05 -88.01 -31.45
CA ARG N 36 -43.71 -89.33 -32.00
C ARG N 36 -42.28 -89.38 -32.52
N GLN N 37 -41.36 -88.72 -31.83
CA GLN N 37 -39.95 -88.72 -32.20
C GLN N 37 -39.02 -88.96 -31.02
N ALA N 38 -39.51 -88.94 -29.79
CA ALA N 38 -38.67 -89.21 -28.64
C ALA N 38 -38.31 -90.68 -28.59
N HIS N 39 -37.21 -90.99 -27.91
CA HIS N 39 -36.64 -92.34 -27.97
C HIS N 39 -36.59 -93.05 -26.64
N LEU N 40 -36.52 -92.33 -25.52
CA LEU N 40 -36.40 -92.96 -24.22
C LEU N 40 -36.95 -92.03 -23.16
N CYS N 41 -37.46 -92.62 -22.08
CA CYS N 41 -37.91 -91.89 -20.90
C CYS N 41 -37.39 -92.58 -19.66
N VAL N 42 -37.15 -91.79 -18.61
CA VAL N 42 -36.67 -92.28 -17.32
C VAL N 42 -37.70 -91.92 -16.26
N LEU N 43 -38.16 -92.92 -15.52
CA LEU N 43 -39.03 -92.72 -14.37
C LEU N 43 -38.20 -92.87 -13.11
N ALA N 44 -38.32 -91.90 -12.21
CA ALA N 44 -37.74 -92.02 -10.88
C ALA N 44 -38.78 -92.59 -9.93
N SER N 45 -38.44 -93.71 -9.29
CA SER N 45 -39.38 -94.39 -8.41
C SER N 45 -39.66 -93.62 -7.14
N ASN N 46 -38.76 -92.74 -6.71
CA ASN N 46 -39.07 -91.83 -5.64
C ASN N 46 -40.06 -90.79 -6.16
N CYS N 47 -41.34 -91.05 -5.99
CA CYS N 47 -42.40 -90.28 -6.61
C CYS N 47 -43.29 -89.67 -5.54
N ASP N 48 -44.19 -88.79 -5.98
CA ASP N 48 -45.05 -88.04 -5.08
C ASP N 48 -46.53 -88.17 -5.42
N GLU N 49 -46.89 -88.64 -6.60
CA GLU N 49 -48.28 -88.70 -7.03
C GLU N 49 -48.58 -90.05 -7.66
N PRO N 50 -49.56 -90.81 -7.16
CA PRO N 50 -49.89 -92.09 -7.80
C PRO N 50 -50.56 -91.92 -9.17
N MET N 51 -51.21 -90.78 -9.40
CA MET N 51 -51.77 -90.50 -10.72
C MET N 51 -50.66 -90.25 -11.74
N TYR N 52 -49.50 -89.77 -11.28
CA TYR N 52 -48.45 -89.31 -12.17
C TYR N 52 -47.77 -90.47 -12.90
N VAL N 53 -47.55 -91.59 -12.21
CA VAL N 53 -46.82 -92.69 -12.84
C VAL N 53 -47.74 -93.51 -13.76
N LYS N 54 -49.03 -93.59 -13.44
CA LYS N 54 -49.91 -94.46 -14.19
C LYS N 54 -50.31 -93.85 -15.53
N LEU N 55 -50.11 -92.55 -15.71
CA LEU N 55 -50.31 -91.99 -17.04
C LEU N 55 -49.06 -92.15 -17.90
N VAL N 56 -47.88 -91.95 -17.32
CA VAL N 56 -46.67 -91.96 -18.13
C VAL N 56 -46.30 -93.40 -18.52
N GLU N 57 -46.55 -94.38 -17.64
CA GLU N 57 -46.33 -95.76 -18.03
C GLU N 57 -47.37 -96.25 -19.03
N ALA N 58 -48.53 -95.62 -19.08
CA ALA N 58 -49.48 -95.93 -20.14
C ALA N 58 -49.11 -95.28 -21.46
N LEU N 59 -48.50 -94.09 -21.41
CA LEU N 59 -48.09 -93.42 -22.64
C LEU N 59 -46.85 -94.03 -23.29
N CYS N 60 -45.82 -94.36 -22.50
CA CYS N 60 -44.58 -94.81 -23.11
C CYS N 60 -44.66 -96.25 -23.61
N ALA N 61 -45.52 -97.07 -23.00
CA ALA N 61 -45.57 -98.48 -23.36
C ALA N 61 -46.29 -98.70 -24.68
N GLU N 62 -47.43 -98.04 -24.87
CA GLU N 62 -48.24 -98.28 -26.06
C GLU N 62 -47.64 -97.66 -27.31
N HIS N 63 -46.71 -96.72 -27.15
CA HIS N 63 -46.03 -96.10 -28.28
C HIS N 63 -44.58 -96.56 -28.41
N GLN N 64 -44.26 -97.71 -27.80
CA GLN N 64 -42.97 -98.40 -27.91
C GLN N 64 -41.80 -97.53 -27.45
N ILE N 65 -41.82 -97.22 -26.15
CA ILE N 65 -40.71 -96.56 -25.47
C ILE N 65 -40.37 -97.37 -24.24
N ASN N 66 -39.11 -97.77 -24.11
CA ASN N 66 -38.64 -98.52 -22.96
C ASN N 66 -38.40 -97.59 -21.78
N LEU N 67 -37.82 -98.15 -20.72
CA LEU N 67 -37.71 -97.45 -19.45
C LEU N 67 -36.33 -97.72 -18.83
N ILE N 68 -35.78 -96.69 -18.22
CA ILE N 68 -34.60 -96.80 -17.38
C ILE N 68 -35.03 -96.49 -15.95
N LYS N 69 -34.80 -97.43 -15.04
CA LYS N 69 -35.24 -97.30 -13.66
C LYS N 69 -34.08 -96.78 -12.81
N VAL N 70 -34.12 -95.49 -12.49
CA VAL N 70 -33.28 -94.89 -11.46
C VAL N 70 -34.22 -94.49 -10.32
N ASP N 71 -33.69 -94.48 -9.10
CA ASP N 71 -34.57 -94.34 -7.94
C ASP N 71 -35.03 -92.90 -7.72
N ASP N 72 -34.10 -92.00 -7.42
CA ASP N 72 -34.42 -90.71 -6.83
C ASP N 72 -34.61 -89.65 -7.90
N ASN N 73 -35.56 -88.74 -7.65
CA ASN N 73 -35.92 -87.69 -8.61
C ASN N 73 -35.18 -86.39 -8.38
N LYS N 74 -34.73 -86.11 -7.16
CA LYS N 74 -33.81 -84.99 -6.98
C LYS N 74 -32.43 -85.33 -7.52
N LYS N 75 -32.13 -86.62 -7.64
CA LYS N 75 -30.86 -87.07 -8.18
C LYS N 75 -30.80 -86.87 -9.69
N LEU N 76 -31.92 -86.98 -10.39
CA LEU N 76 -31.96 -86.82 -11.84
C LEU N 76 -31.80 -85.39 -12.30
N GLY N 77 -31.93 -84.40 -11.41
CA GLY N 77 -31.71 -83.02 -11.79
C GLY N 77 -30.28 -82.67 -12.11
N GLU N 78 -29.34 -83.55 -11.76
CA GLU N 78 -27.93 -83.25 -12.00
C GLU N 78 -27.58 -83.45 -13.46
N TRP N 79 -27.84 -84.64 -13.99
CA TRP N 79 -27.40 -85.01 -15.33
C TRP N 79 -28.23 -84.36 -16.42
N VAL N 80 -29.40 -83.81 -16.10
CA VAL N 80 -30.11 -83.00 -17.09
C VAL N 80 -29.53 -81.60 -17.13
N GLY N 81 -28.81 -81.19 -16.08
CA GLY N 81 -28.28 -79.86 -16.00
C GLY N 81 -29.17 -78.87 -15.31
N LEU N 82 -30.17 -79.34 -14.57
CA LEU N 82 -31.12 -78.46 -13.90
C LEU N 82 -30.60 -77.99 -12.54
N CYS N 83 -29.35 -78.29 -12.20
CA CYS N 83 -28.76 -77.92 -10.93
C CYS N 83 -27.55 -77.03 -11.15
N LYS N 84 -27.45 -75.96 -10.36
CA LYS N 84 -26.38 -74.98 -10.52
C LYS N 84 -25.13 -75.46 -9.80
N ILE N 85 -23.99 -75.33 -10.47
CA ILE N 85 -22.74 -75.83 -9.92
C ILE N 85 -22.19 -74.81 -8.92
N ASP N 86 -21.35 -75.28 -8.00
CA ASP N 86 -20.61 -74.41 -7.10
C ASP N 86 -19.25 -74.08 -7.71
N ARG N 87 -18.35 -73.54 -6.91
CA ARG N 87 -17.11 -72.98 -7.43
C ARG N 87 -16.10 -74.08 -7.74
N GLU N 88 -16.16 -75.18 -6.99
CA GLU N 88 -15.22 -76.28 -7.18
C GLU N 88 -15.84 -77.50 -7.83
N GLY N 89 -17.14 -77.48 -8.11
CA GLY N 89 -17.76 -78.59 -8.82
C GLY N 89 -18.83 -79.32 -8.07
N LYS N 90 -19.53 -78.63 -7.18
CA LYS N 90 -20.61 -79.26 -6.43
C LYS N 90 -21.94 -78.63 -6.82
N PRO N 91 -23.02 -79.40 -6.85
CA PRO N 91 -24.34 -78.80 -7.09
C PRO N 91 -24.83 -78.01 -5.89
N ARG N 92 -24.43 -76.74 -5.78
CA ARG N 92 -24.83 -75.90 -4.65
C ARG N 92 -26.31 -75.59 -4.63
N LYS N 93 -27.01 -75.73 -5.77
CA LYS N 93 -28.44 -75.49 -5.86
C LYS N 93 -29.07 -76.71 -6.51
N VAL N 94 -29.75 -77.52 -5.71
CA VAL N 94 -30.31 -78.77 -6.17
C VAL N 94 -31.76 -78.55 -6.59
N VAL N 95 -32.04 -78.80 -7.87
CA VAL N 95 -33.37 -78.71 -8.45
C VAL N 95 -33.53 -79.95 -9.31
N GLY N 96 -34.31 -80.92 -8.83
CA GLY N 96 -34.42 -82.23 -9.45
C GLY N 96 -35.80 -82.48 -10.02
N CYS N 97 -35.83 -83.02 -11.24
CA CYS N 97 -37.07 -83.34 -11.92
C CYS N 97 -37.29 -84.85 -11.96
N SER N 98 -38.56 -85.24 -12.07
CA SER N 98 -38.96 -86.63 -12.00
C SER N 98 -39.24 -87.25 -13.35
N CYS N 99 -38.95 -86.56 -14.45
CA CYS N 99 -39.19 -87.11 -15.78
C CYS N 99 -38.16 -86.53 -16.74
N VAL N 100 -37.39 -87.42 -17.38
CA VAL N 100 -36.38 -87.03 -18.34
C VAL N 100 -36.64 -87.78 -19.64
N VAL N 101 -36.76 -87.04 -20.74
CA VAL N 101 -37.09 -87.60 -22.05
C VAL N 101 -36.05 -87.14 -23.05
N VAL N 102 -35.43 -88.08 -23.75
CA VAL N 102 -34.45 -87.76 -24.78
C VAL N 102 -35.16 -87.75 -26.13
N LYS N 103 -34.70 -86.88 -27.03
CA LYS N 103 -35.26 -86.80 -28.37
C LYS N 103 -34.31 -87.34 -29.42
N ASP N 104 -33.09 -86.82 -29.47
CA ASP N 104 -32.09 -87.24 -30.44
C ASP N 104 -30.82 -87.65 -29.71
N TYR N 105 -30.14 -88.67 -30.23
CA TYR N 105 -29.00 -89.25 -29.54
C TYR N 105 -27.73 -88.48 -29.87
N GLY N 106 -26.74 -88.62 -28.99
CA GLY N 106 -25.42 -88.12 -29.27
C GLY N 106 -24.68 -89.02 -30.24
N LYS N 107 -23.57 -88.50 -30.76
CA LYS N 107 -22.81 -89.20 -31.80
C LYS N 107 -21.66 -89.96 -31.12
N GLU N 108 -22.00 -91.14 -30.59
CA GLU N 108 -21.04 -91.97 -29.88
C GLU N 108 -21.49 -93.42 -29.95
N SER N 109 -20.72 -94.28 -29.28
CA SER N 109 -21.06 -95.69 -29.17
C SER N 109 -20.75 -96.26 -27.80
N GLN N 110 -20.25 -95.45 -26.86
CA GLN N 110 -19.94 -95.95 -25.53
C GLN N 110 -21.22 -96.17 -24.74
N ALA N 111 -22.24 -95.36 -25.01
CA ALA N 111 -23.57 -95.62 -24.47
C ALA N 111 -24.48 -96.37 -25.42
N LYS N 112 -24.22 -96.26 -26.72
CA LYS N 112 -25.07 -96.86 -27.76
C LYS N 112 -24.82 -98.35 -27.95
N ASP N 113 -24.03 -98.99 -27.09
CA ASP N 113 -24.02 -100.44 -27.01
C ASP N 113 -24.76 -100.91 -25.77
N VAL N 114 -24.53 -100.22 -24.64
CA VAL N 114 -25.10 -100.68 -23.38
C VAL N 114 -26.60 -100.40 -23.31
N ILE N 115 -27.07 -99.29 -23.89
CA ILE N 115 -28.51 -99.03 -23.86
C ILE N 115 -29.23 -99.99 -24.80
N GLU N 116 -28.55 -100.41 -25.87
CA GLU N 116 -29.14 -101.38 -26.79
C GLU N 116 -29.20 -102.77 -26.18
N GLU N 117 -28.15 -103.21 -25.50
CA GLU N 117 -28.23 -104.53 -24.87
C GLU N 117 -29.15 -104.53 -23.66
N TYR N 118 -29.35 -103.38 -23.01
CA TYR N 118 -30.43 -103.30 -22.04
C TYR N 118 -31.80 -103.28 -22.70
N PHE N 119 -31.88 -102.84 -23.96
CA PHE N 119 -33.17 -102.82 -24.64
C PHE N 119 -33.56 -104.22 -25.11
N LYS N 120 -32.64 -104.95 -25.76
CA LYS N 120 -33.01 -106.21 -26.41
C LYS N 120 -33.25 -107.35 -25.43
N CYS N 121 -32.85 -107.22 -24.17
CA CYS N 121 -32.98 -108.36 -23.26
C CYS N 121 -34.39 -108.51 -22.68
N LYS N 122 -35.19 -107.44 -22.68
CA LYS N 122 -36.53 -107.52 -22.12
C LYS N 122 -37.61 -107.77 -23.16
N LYS N 123 -37.24 -107.99 -24.42
CA LYS N 123 -38.22 -108.24 -25.47
C LYS N 123 -38.89 -109.59 -25.31
N LEU O 1 -29.18 75.34 -49.28
CA LEU O 1 -28.97 74.74 -47.97
C LEU O 1 -27.64 74.00 -47.94
N GLY O 2 -26.69 74.53 -47.17
CA GLY O 2 -25.38 73.93 -47.07
C GLY O 2 -24.27 74.96 -47.09
N PRO O 3 -23.03 74.52 -46.98
CA PRO O 3 -21.89 75.45 -47.04
C PRO O 3 -21.69 75.97 -48.45
N GLN O 4 -21.74 77.29 -48.60
CA GLN O 4 -21.63 77.95 -49.90
C GLN O 4 -20.16 78.04 -50.25
N VAL O 5 -19.61 76.92 -50.72
CA VAL O 5 -18.21 76.82 -51.10
C VAL O 5 -18.13 75.95 -52.34
N ALA O 6 -17.01 76.06 -53.05
CA ALA O 6 -16.77 75.20 -54.20
C ALA O 6 -16.55 73.76 -53.76
N GLU O 7 -16.90 72.83 -54.63
CA GLU O 7 -16.91 71.42 -54.27
C GLU O 7 -15.53 70.78 -54.31
N GLY O 8 -14.51 71.47 -54.83
CA GLY O 8 -13.15 70.96 -54.75
C GLY O 8 -12.62 70.98 -53.33
N GLU O 9 -13.05 71.95 -52.54
CA GLU O 9 -12.72 71.99 -51.13
C GLU O 9 -13.61 71.02 -50.38
N ASN O 10 -13.06 70.41 -49.33
CA ASN O 10 -13.76 69.39 -48.56
C ASN O 10 -14.09 69.93 -47.18
N VAL O 11 -15.39 70.03 -46.88
CA VAL O 11 -15.83 70.52 -45.58
C VAL O 11 -15.70 69.40 -44.57
N PHE O 12 -15.87 69.71 -43.29
CA PHE O 12 -15.56 68.78 -42.22
C PHE O 12 -16.66 68.76 -41.16
N GLY O 13 -17.15 67.56 -40.86
CA GLY O 13 -17.86 67.32 -39.62
C GLY O 13 -17.12 66.26 -38.83
N VAL O 14 -17.52 66.08 -37.57
CA VAL O 14 -16.88 65.09 -36.72
C VAL O 14 -17.92 64.08 -36.26
N CYS O 15 -17.59 62.80 -36.41
CA CYS O 15 -18.43 61.71 -35.95
C CYS O 15 -17.78 61.09 -34.71
N HIS O 16 -18.62 60.67 -33.77
CA HIS O 16 -18.15 60.08 -32.51
C HIS O 16 -18.74 58.69 -32.38
N ILE O 17 -18.03 57.71 -32.95
CA ILE O 17 -18.52 56.34 -33.02
C ILE O 17 -18.33 55.68 -31.66
N PHE O 18 -19.33 55.79 -30.81
CA PHE O 18 -19.26 55.23 -29.45
C PHE O 18 -19.57 53.75 -29.55
N ALA O 19 -18.52 52.95 -29.74
CA ALA O 19 -18.66 51.52 -29.93
C ALA O 19 -18.70 50.81 -28.58
N SER O 20 -19.77 50.08 -28.33
CA SER O 20 -19.86 49.27 -27.12
C SER O 20 -20.43 47.90 -27.46
N PHE O 21 -20.75 47.10 -26.44
CA PHE O 21 -21.35 45.80 -26.67
C PHE O 21 -22.86 45.78 -26.41
N ASN O 22 -23.39 46.79 -25.72
CA ASN O 22 -24.83 46.94 -25.66
C ASN O 22 -25.38 47.41 -27.00
N ASP O 23 -24.83 48.50 -27.55
CA ASP O 23 -25.11 48.94 -28.91
C ASP O 23 -23.96 49.78 -29.41
N THR O 24 -24.02 50.14 -30.69
CA THR O 24 -23.04 51.03 -31.31
C THR O 24 -23.74 52.30 -31.78
N PHE O 25 -23.11 53.44 -31.51
CA PHE O 25 -23.64 54.76 -31.83
C PHE O 25 -22.84 55.37 -32.97
N VAL O 26 -23.51 56.15 -33.82
CA VAL O 26 -22.85 57.02 -34.77
C VAL O 26 -23.49 58.39 -34.62
N HIS O 27 -22.73 59.35 -34.10
CA HIS O 27 -23.23 60.68 -33.77
C HIS O 27 -22.39 61.71 -34.48
N VAL O 28 -22.77 62.04 -35.71
CA VAL O 28 -22.08 63.08 -36.46
C VAL O 28 -22.38 64.44 -35.82
N THR O 29 -21.37 65.31 -35.80
CA THR O 29 -21.48 66.61 -35.15
C THR O 29 -20.58 67.58 -35.92
N ASP O 30 -20.90 68.87 -35.86
CA ASP O 30 -20.05 69.90 -36.43
C ASP O 30 -18.74 70.00 -35.66
N LEU O 31 -17.79 70.76 -36.21
CA LEU O 31 -16.44 70.87 -35.66
C LEU O 31 -16.41 71.51 -34.27
N SER O 32 -17.45 72.24 -33.89
CA SER O 32 -17.54 72.75 -32.52
C SER O 32 -17.82 71.64 -31.52
N GLY O 33 -18.67 70.69 -31.90
CA GLY O 33 -19.19 69.74 -30.95
C GLY O 33 -20.51 70.15 -30.33
N LYS O 34 -20.96 71.39 -30.57
CA LYS O 34 -22.14 71.88 -29.88
C LYS O 34 -23.43 71.55 -30.63
N GLU O 35 -23.56 72.03 -31.87
CA GLU O 35 -24.76 71.81 -32.66
C GLU O 35 -24.61 70.54 -33.47
N THR O 36 -25.21 69.45 -33.00
CA THR O 36 -25.09 68.17 -33.68
C THR O 36 -26.17 68.02 -34.74
N ILE O 37 -26.02 66.99 -35.55
CA ILE O 37 -26.85 66.84 -36.75
C ILE O 37 -27.80 65.68 -36.60
N CYS O 38 -27.27 64.46 -36.50
CA CYS O 38 -28.12 63.28 -36.49
C CYS O 38 -27.36 62.11 -35.88
N ARG O 39 -28.11 61.25 -35.19
CA ARG O 39 -27.53 60.21 -34.34
C ARG O 39 -28.16 58.87 -34.72
N VAL O 40 -27.63 58.24 -35.75
CA VAL O 40 -28.16 56.98 -36.27
C VAL O 40 -27.41 55.86 -35.55
N THR O 41 -28.07 55.24 -34.58
CA THR O 41 -27.40 54.21 -33.79
C THR O 41 -27.38 52.89 -34.56
N GLY O 42 -26.69 51.91 -33.99
CA GLY O 42 -26.73 50.58 -34.55
C GLY O 42 -27.99 49.83 -34.18
N GLY O 43 -28.62 50.20 -33.06
CA GLY O 43 -29.82 49.55 -32.60
C GLY O 43 -31.09 49.96 -33.31
N MET O 44 -31.05 51.05 -34.08
CA MET O 44 -32.24 51.51 -34.78
C MET O 44 -32.55 50.68 -36.03
N LYS O 45 -31.61 49.85 -36.48
CA LYS O 45 -31.81 49.13 -37.74
C LYS O 45 -32.57 47.82 -37.52
N VAL O 46 -32.02 46.93 -36.69
CA VAL O 46 -32.65 45.65 -36.42
C VAL O 46 -33.42 45.73 -35.11
N LYS O 47 -34.56 45.04 -35.05
CA LYS O 47 -35.36 44.98 -33.83
C LYS O 47 -35.09 43.67 -33.10
N ALA O 48 -33.90 43.60 -32.51
CA ALA O 48 -33.51 42.47 -31.69
C ALA O 48 -32.45 42.96 -30.71
N ASP O 49 -32.67 42.74 -29.42
CA ASP O 49 -31.71 43.18 -28.41
C ASP O 49 -30.45 42.33 -28.41
N ARG O 50 -30.50 41.12 -28.99
CA ARG O 50 -29.27 40.34 -29.16
C ARG O 50 -28.40 40.93 -30.25
N ASP O 51 -29.00 41.32 -31.38
CA ASP O 51 -28.27 41.83 -32.55
C ASP O 51 -28.04 43.33 -32.49
N GLU O 52 -28.03 43.91 -31.29
CA GLU O 52 -27.91 45.36 -31.16
C GLU O 52 -26.49 45.85 -31.37
N SER O 53 -25.51 44.96 -31.47
CA SER O 53 -24.11 45.34 -31.61
C SER O 53 -23.41 44.57 -32.72
N SER O 54 -24.16 43.94 -33.62
CA SER O 54 -23.55 43.09 -34.63
C SER O 54 -22.78 43.92 -35.64
N PRO O 55 -21.76 43.35 -36.28
CA PRO O 55 -21.02 44.09 -37.33
C PRO O 55 -21.87 44.43 -38.54
N TYR O 56 -22.99 43.75 -38.78
CA TYR O 56 -23.91 44.19 -39.80
C TYR O 56 -24.81 45.32 -39.31
N ALA O 57 -25.04 45.39 -38.00
CA ALA O 57 -25.87 46.46 -37.43
C ALA O 57 -25.19 47.81 -37.49
N ALA O 58 -23.87 47.85 -37.62
CA ALA O 58 -23.15 49.09 -37.87
C ALA O 58 -22.83 49.30 -39.34
N MET O 59 -23.00 48.27 -40.17
CA MET O 59 -22.98 48.46 -41.61
C MET O 59 -24.17 49.29 -42.07
N LEU O 60 -25.32 49.10 -41.43
CA LEU O 60 -26.51 49.88 -41.76
C LEU O 60 -26.66 51.12 -40.89
N ALA O 61 -25.94 51.20 -39.77
CA ALA O 61 -25.95 52.42 -38.97
C ALA O 61 -25.16 53.54 -39.62
N ALA O 62 -24.14 53.21 -40.41
CA ALA O 62 -23.32 54.20 -41.09
C ALA O 62 -23.61 54.24 -42.59
N GLN O 63 -24.78 53.76 -43.00
CA GLN O 63 -25.29 54.01 -44.34
C GLN O 63 -26.35 55.08 -44.36
N ASP O 64 -27.20 55.13 -43.34
CA ASP O 64 -28.23 56.17 -43.26
C ASP O 64 -27.68 57.48 -42.74
N VAL O 65 -26.63 57.42 -41.91
CA VAL O 65 -26.01 58.64 -41.42
C VAL O 65 -25.16 59.29 -42.49
N ALA O 66 -24.82 58.56 -43.56
CA ALA O 66 -24.15 59.12 -44.72
C ALA O 66 -25.12 59.67 -45.75
N GLN O 67 -26.41 59.74 -45.41
CA GLN O 67 -27.41 60.34 -46.26
C GLN O 67 -27.98 61.62 -45.70
N ARG O 68 -27.95 61.81 -44.38
CA ARG O 68 -28.44 63.05 -43.80
C ARG O 68 -27.43 64.18 -43.96
N CYS O 69 -26.14 63.87 -43.83
CA CYS O 69 -25.14 64.91 -44.02
C CYS O 69 -24.77 65.09 -45.49
N LYS O 70 -24.94 64.05 -46.31
CA LYS O 70 -24.85 64.26 -47.74
C LYS O 70 -26.03 65.07 -48.26
N GLU O 71 -27.16 65.06 -47.54
CA GLU O 71 -28.24 65.97 -47.82
C GLU O 71 -27.86 67.41 -47.49
N LEU O 72 -27.02 67.62 -46.47
CA LEU O 72 -26.57 68.95 -46.10
C LEU O 72 -25.19 69.28 -46.67
N GLY O 73 -24.61 68.40 -47.48
CA GLY O 73 -23.42 68.75 -48.24
C GLY O 73 -22.09 68.44 -47.60
N ILE O 74 -22.05 67.59 -46.58
CA ILE O 74 -20.78 67.26 -45.92
C ILE O 74 -20.11 66.13 -46.66
N THR O 75 -18.83 66.31 -46.99
CA THR O 75 -18.12 65.36 -47.83
C THR O 75 -16.98 64.63 -47.14
N ALA O 76 -16.44 65.15 -46.04
CA ALA O 76 -15.34 64.50 -45.35
C ALA O 76 -15.57 64.59 -43.85
N LEU O 77 -15.27 63.50 -43.15
CA LEU O 77 -15.64 63.37 -41.76
C LEU O 77 -14.41 63.25 -40.86
N HIS O 78 -14.60 63.61 -39.60
CA HIS O 78 -13.61 63.39 -38.56
C HIS O 78 -14.11 62.30 -37.61
N ILE O 79 -13.21 61.39 -37.26
CA ILE O 79 -13.59 60.13 -36.61
C ILE O 79 -12.95 60.09 -35.23
N LYS O 80 -13.79 60.00 -34.21
CA LYS O 80 -13.36 59.87 -32.81
C LYS O 80 -13.94 58.58 -32.26
N LEU O 81 -13.26 57.47 -32.48
CA LEU O 81 -13.75 56.19 -32.00
C LEU O 81 -13.54 56.08 -30.49
N ARG O 82 -14.56 55.59 -29.80
CA ARG O 82 -14.59 55.63 -28.34
C ARG O 82 -15.16 54.32 -27.82
N ALA O 83 -14.37 53.57 -27.07
CA ALA O 83 -14.92 52.49 -26.27
C ALA O 83 -15.41 53.03 -24.94
N THR O 84 -16.17 52.21 -24.21
CA THR O 84 -16.94 52.72 -23.08
C THR O 84 -16.08 53.16 -21.90
N GLY O 85 -14.86 52.63 -21.79
CA GLY O 85 -13.84 53.10 -20.86
C GLY O 85 -14.24 53.26 -19.40
N GLY O 86 -13.64 54.24 -18.72
CA GLY O 86 -14.00 54.53 -17.35
C GLY O 86 -13.54 53.43 -16.43
N ASN O 87 -14.48 52.63 -15.94
CA ASN O 87 -14.13 51.39 -15.28
C ASN O 87 -14.42 50.17 -16.13
N ARG O 88 -15.24 50.30 -17.17
CA ARG O 88 -15.59 49.18 -18.03
C ARG O 88 -14.51 49.01 -19.09
N THR O 89 -14.80 48.21 -20.11
CA THR O 89 -13.78 47.72 -21.04
C THR O 89 -13.29 48.85 -21.96
N LYS O 90 -11.97 48.98 -22.06
CA LYS O 90 -11.35 50.01 -22.89
C LYS O 90 -10.89 49.48 -24.24
N THR O 91 -11.34 48.28 -24.63
CA THR O 91 -11.20 47.68 -25.96
C THR O 91 -12.43 47.99 -26.77
N PRO O 92 -12.31 48.43 -28.02
CA PRO O 92 -13.48 48.85 -28.79
C PRO O 92 -14.44 47.70 -29.09
N GLY O 93 -15.70 48.06 -29.29
CA GLY O 93 -16.71 47.10 -29.65
C GLY O 93 -16.48 46.57 -31.04
N PRO O 94 -17.12 45.44 -31.37
CA PRO O 94 -16.91 44.86 -32.71
C PRO O 94 -17.59 45.66 -33.80
N GLY O 95 -18.59 46.47 -33.47
CA GLY O 95 -19.24 47.30 -34.45
C GLY O 95 -18.60 48.67 -34.55
N ALA O 96 -17.30 48.70 -34.84
CA ALA O 96 -16.57 49.96 -35.00
C ALA O 96 -15.95 50.07 -36.38
N GLN O 97 -15.16 49.07 -36.79
CA GLN O 97 -14.57 49.10 -38.12
C GLN O 97 -15.63 48.95 -39.19
N SER O 98 -16.71 48.23 -38.89
CA SER O 98 -17.80 48.12 -39.85
C SER O 98 -18.49 49.46 -40.04
N ALA O 99 -18.68 50.21 -38.96
CA ALA O 99 -19.21 51.57 -39.07
C ALA O 99 -18.22 52.54 -39.69
N LEU O 100 -16.93 52.21 -39.69
CA LEU O 100 -16.00 53.04 -40.45
C LEU O 100 -16.07 52.70 -41.93
N ARG O 101 -16.17 51.41 -42.24
CA ARG O 101 -16.14 50.97 -43.63
C ARG O 101 -17.42 51.33 -44.34
N ALA O 102 -18.54 51.37 -43.63
CA ALA O 102 -19.77 51.85 -44.22
C ALA O 102 -19.78 53.36 -44.41
N LEU O 103 -18.94 54.08 -43.66
CA LEU O 103 -18.80 55.51 -43.86
C LEU O 103 -17.80 55.84 -44.95
N ALA O 104 -16.85 54.95 -45.21
CA ALA O 104 -15.82 55.16 -46.21
C ALA O 104 -16.19 54.57 -47.56
N ARG O 105 -17.28 53.79 -47.64
CA ARG O 105 -17.75 53.26 -48.90
C ARG O 105 -19.01 53.96 -49.41
N SER O 106 -19.60 54.83 -48.60
CA SER O 106 -20.79 55.57 -49.00
C SER O 106 -20.47 56.91 -49.64
N GLY O 107 -19.31 57.02 -50.29
CA GLY O 107 -18.90 58.23 -50.95
C GLY O 107 -18.21 59.24 -50.07
N MET O 108 -18.39 59.16 -48.76
CA MET O 108 -17.83 60.13 -47.83
C MET O 108 -16.32 59.92 -47.69
N LYS O 109 -15.66 60.97 -47.23
CA LYS O 109 -14.21 60.95 -47.05
C LYS O 109 -13.88 61.06 -45.57
N ILE O 110 -12.63 60.80 -45.22
CA ILE O 110 -12.22 60.84 -43.82
C ILE O 110 -11.30 62.03 -43.59
N GLY O 111 -11.18 62.41 -42.33
CA GLY O 111 -10.19 63.39 -41.92
C GLY O 111 -9.16 62.76 -41.01
N ARG O 112 -9.31 62.99 -39.71
CA ARG O 112 -8.41 62.46 -38.71
C ARG O 112 -9.02 61.25 -38.03
N ILE O 113 -8.15 60.33 -37.60
CA ILE O 113 -8.54 59.19 -36.79
C ILE O 113 -7.93 59.40 -35.41
N GLU O 114 -8.75 59.28 -34.38
CA GLU O 114 -8.29 59.57 -33.04
C GLU O 114 -9.13 58.76 -32.05
N ASP O 115 -8.47 58.29 -30.99
CA ASP O 115 -9.10 57.41 -30.00
C ASP O 115 -9.28 58.21 -28.71
N VAL O 116 -10.46 58.81 -28.53
CA VAL O 116 -10.80 59.39 -27.25
C VAL O 116 -11.78 58.51 -26.49
N THR O 117 -11.26 57.60 -25.68
CA THR O 117 -12.10 56.89 -24.74
C THR O 117 -11.75 57.32 -23.33
N PRO O 118 -12.72 57.39 -22.42
CA PRO O 118 -12.41 57.84 -21.07
C PRO O 118 -11.59 56.84 -20.28
N ILE O 119 -10.31 57.12 -20.15
CA ILE O 119 -9.41 56.36 -19.27
C ILE O 119 -9.13 57.23 -18.05
N PRO O 120 -9.19 56.68 -16.85
CA PRO O 120 -8.87 57.49 -15.68
C PRO O 120 -7.41 57.38 -15.31
N SER O 121 -6.93 58.41 -14.61
CA SER O 121 -5.71 58.25 -13.83
C SER O 121 -5.91 57.12 -12.83
N ASP O 122 -6.86 57.28 -11.92
CA ASP O 122 -7.47 56.16 -11.20
C ASP O 122 -8.87 56.55 -10.77
N SER O 123 -9.74 55.56 -10.68
CA SER O 123 -11.17 55.79 -10.54
C SER O 123 -11.71 55.14 -9.27
N THR O 124 -13.04 55.11 -9.18
CA THR O 124 -13.74 54.52 -8.06
C THR O 124 -13.82 53.01 -8.16
N ARG O 125 -14.71 52.41 -7.38
CA ARG O 125 -14.82 50.97 -7.25
C ARG O 125 -15.51 50.36 -8.46
N ARG O 126 -15.00 49.22 -8.90
CA ARG O 126 -15.55 48.46 -10.02
C ARG O 126 -16.93 47.90 -9.64
N LYS O 127 -17.73 47.57 -10.67
CA LYS O 127 -19.12 47.18 -10.48
C LYS O 127 -19.26 45.86 -9.73
N GLY O 128 -18.43 44.88 -10.04
CA GLY O 128 -18.59 43.55 -9.46
C GLY O 128 -18.19 43.42 -8.00
N GLY O 129 -18.06 42.19 -7.53
CA GLY O 129 -17.59 41.95 -6.18
C GLY O 129 -16.10 41.75 -6.13
N ARG O 130 -15.62 41.36 -4.94
CA ARG O 130 -14.21 41.00 -4.80
C ARG O 130 -13.91 39.70 -5.52
N ARG O 131 -14.82 38.73 -5.45
CA ARG O 131 -14.65 37.47 -6.14
C ARG O 131 -15.08 37.54 -7.59
N GLY O 132 -15.81 38.57 -7.98
CA GLY O 132 -16.03 38.87 -9.39
C GLY O 132 -17.32 38.30 -9.91
N ARG O 133 -17.42 38.34 -11.24
CA ARG O 133 -18.57 37.80 -11.95
C ARG O 133 -18.47 36.28 -11.93
N ARG O 134 -19.12 35.66 -10.95
CA ARG O 134 -19.16 34.21 -10.90
C ARG O 134 -20.12 33.67 -11.95
N LEU O 135 -19.61 33.42 -13.15
CA LEU O 135 -20.42 32.89 -14.23
C LEU O 135 -19.58 32.09 -15.21
N PHE P 1 -86.53 -31.92 -43.74
CA PHE P 1 -85.10 -31.63 -43.76
C PHE P 1 -84.40 -32.33 -44.91
N THR P 2 -83.42 -31.66 -45.51
CA THR P 2 -82.68 -32.22 -46.63
C THR P 2 -81.21 -31.80 -46.54
N TYR P 3 -80.43 -32.23 -47.52
CA TYR P 3 -79.01 -31.91 -47.60
C TYR P 3 -78.58 -32.09 -49.05
N ARG P 4 -78.22 -31.00 -49.72
CA ARG P 4 -78.00 -30.95 -51.17
C ARG P 4 -79.18 -31.49 -51.96
N GLY P 5 -80.40 -31.25 -51.46
CA GLY P 5 -81.60 -31.64 -52.18
C GLY P 5 -81.98 -33.10 -52.07
N VAL P 6 -81.73 -33.74 -50.94
CA VAL P 6 -82.17 -35.11 -50.69
C VAL P 6 -82.32 -35.31 -49.18
N ASP P 7 -83.45 -35.90 -48.78
CA ASP P 7 -83.85 -36.05 -47.40
C ASP P 7 -82.99 -37.11 -46.70
N LEU P 8 -83.06 -37.15 -45.38
CA LEU P 8 -82.21 -38.02 -44.58
C LEU P 8 -82.53 -39.51 -44.79
N ASP P 9 -83.77 -39.82 -45.16
CA ASP P 9 -84.17 -41.22 -45.29
C ASP P 9 -83.49 -41.89 -46.48
N GLN P 10 -83.27 -41.16 -47.57
CA GLN P 10 -82.45 -41.71 -48.63
C GLN P 10 -80.98 -41.69 -48.29
N LEU P 11 -80.57 -40.83 -47.36
CA LEU P 11 -79.17 -40.83 -46.93
C LEU P 11 -78.86 -42.02 -46.05
N LEU P 12 -79.87 -42.56 -45.35
CA LEU P 12 -79.64 -43.74 -44.51
C LEU P 12 -79.33 -44.98 -45.34
N ASP P 13 -79.83 -45.05 -46.57
CA ASP P 13 -79.49 -46.15 -47.47
C ASP P 13 -78.78 -45.65 -48.72
N MET P 14 -78.22 -44.44 -48.68
CA MET P 14 -77.32 -44.00 -49.74
C MET P 14 -76.03 -44.79 -49.64
N SER P 15 -75.56 -45.29 -50.78
CA SER P 15 -74.42 -46.21 -50.77
C SER P 15 -73.13 -45.46 -50.48
N TYR P 16 -72.04 -46.22 -50.40
CA TYR P 16 -70.77 -45.67 -49.93
C TYR P 16 -70.13 -44.79 -51.00
N GLU P 17 -70.18 -45.22 -52.25
CA GLU P 17 -69.55 -44.47 -53.33
C GLU P 17 -70.48 -43.46 -53.96
N GLN P 18 -71.71 -43.34 -53.48
CA GLN P 18 -72.66 -42.37 -54.02
C GLN P 18 -72.92 -41.23 -53.07
N LEU P 19 -72.83 -41.49 -51.76
CA LEU P 19 -72.86 -40.42 -50.78
C LEU P 19 -71.63 -39.53 -50.90
N MET P 20 -70.53 -40.09 -51.41
CA MET P 20 -69.28 -39.34 -51.59
C MET P 20 -69.43 -38.20 -52.59
N GLN P 21 -70.39 -38.29 -53.50
CA GLN P 21 -70.61 -37.23 -54.47
C GLN P 21 -71.48 -36.10 -53.94
N LEU P 22 -71.89 -36.15 -52.67
CA LEU P 22 -72.61 -35.05 -52.06
C LEU P 22 -71.73 -34.21 -51.14
N TYR P 23 -70.61 -34.76 -50.69
CA TYR P 23 -69.77 -34.11 -49.71
C TYR P 23 -68.89 -33.04 -50.34
N SER P 24 -68.23 -32.28 -49.48
CA SER P 24 -67.22 -31.34 -49.92
C SER P 24 -65.90 -32.07 -50.09
N ALA P 25 -64.88 -31.35 -50.55
CA ALA P 25 -63.72 -31.99 -51.16
C ALA P 25 -62.81 -32.66 -50.14
N ARG P 26 -62.70 -32.11 -48.92
CA ARG P 26 -61.96 -32.79 -47.86
C ARG P 26 -62.63 -34.10 -47.52
N GLN P 27 -63.94 -34.08 -47.36
CA GLN P 27 -64.66 -35.27 -46.94
C GLN P 27 -64.80 -36.27 -48.08
N ARG P 28 -64.94 -35.79 -49.31
CA ARG P 28 -64.95 -36.69 -50.45
C ARG P 28 -63.60 -37.37 -50.63
N ARG P 29 -62.51 -36.62 -50.49
CA ARG P 29 -61.18 -37.21 -50.58
C ARG P 29 -60.92 -38.16 -49.42
N ARG P 30 -61.43 -37.82 -48.24
CA ARG P 30 -61.25 -38.69 -47.08
C ARG P 30 -61.98 -40.01 -47.26
N LEU P 31 -63.19 -39.99 -47.81
CA LEU P 31 -63.87 -41.24 -48.12
C LEU P 31 -63.25 -41.95 -49.32
N ASN P 32 -62.49 -41.24 -50.16
CA ASN P 32 -61.78 -41.93 -51.23
C ASN P 32 -60.56 -42.67 -50.71
N ARG P 33 -59.80 -42.04 -49.80
CA ARG P 33 -58.62 -42.71 -49.25
C ARG P 33 -58.97 -43.81 -48.27
N GLY P 34 -60.20 -43.85 -47.80
CA GLY P 34 -60.68 -44.94 -46.96
C GLY P 34 -60.83 -44.53 -45.51
N LEU P 35 -61.73 -45.21 -44.82
CA LEU P 35 -61.82 -45.12 -43.37
C LEU P 35 -61.06 -46.29 -42.77
N ARG P 36 -60.18 -45.99 -41.82
CA ARG P 36 -59.14 -46.92 -41.41
C ARG P 36 -59.69 -47.95 -40.43
N ARG P 37 -58.77 -48.70 -39.80
CA ARG P 37 -59.13 -49.85 -38.99
C ARG P 37 -59.77 -49.46 -37.67
N LYS P 38 -59.41 -48.30 -37.12
CA LYS P 38 -59.98 -47.83 -35.87
C LYS P 38 -61.12 -46.87 -36.09
N GLN P 39 -61.62 -46.77 -37.31
CA GLN P 39 -62.79 -45.99 -37.61
C GLN P 39 -63.98 -46.84 -38.05
N HIS P 40 -63.73 -48.04 -38.56
CA HIS P 40 -64.82 -49.01 -38.71
C HIS P 40 -65.32 -49.48 -37.35
N SER P 41 -64.42 -49.58 -36.36
CA SER P 41 -64.81 -50.06 -35.06
C SER P 41 -65.54 -49.01 -34.22
N LEU P 42 -65.60 -47.77 -34.67
CA LEU P 42 -66.43 -46.80 -33.99
C LEU P 42 -67.88 -46.89 -34.45
N LEU P 43 -68.09 -47.04 -35.75
CA LEU P 43 -69.44 -47.17 -36.28
C LEU P 43 -70.10 -48.45 -35.79
N LYS P 44 -69.31 -49.52 -35.64
CA LYS P 44 -69.81 -50.75 -35.05
C LYS P 44 -70.21 -50.54 -33.59
N ARG P 45 -69.48 -49.68 -32.88
CA ARG P 45 -69.84 -49.36 -31.51
C ARG P 45 -71.11 -48.54 -31.46
N LEU P 46 -71.35 -47.71 -32.46
CA LEU P 46 -72.57 -46.92 -32.46
C LEU P 46 -73.76 -47.73 -32.92
N ARG P 47 -73.55 -48.74 -33.77
CA ARG P 47 -74.61 -49.71 -34.05
C ARG P 47 -74.94 -50.52 -32.80
N LYS P 48 -73.91 -50.94 -32.07
CA LYS P 48 -74.11 -51.74 -30.87
C LYS P 48 -74.76 -50.93 -29.75
N ALA P 49 -74.57 -49.61 -29.77
CA ALA P 49 -75.30 -48.77 -28.84
C ALA P 49 -76.69 -48.42 -29.33
N LYS P 50 -76.95 -48.53 -30.64
CA LYS P 50 -78.25 -48.12 -31.16
C LYS P 50 -79.28 -49.23 -31.03
N LYS P 51 -78.97 -50.44 -31.50
CA LYS P 51 -79.98 -51.49 -31.52
C LYS P 51 -80.17 -52.16 -30.16
N GLU P 52 -79.38 -51.79 -29.16
CA GLU P 52 -79.67 -52.15 -27.77
C GLU P 52 -80.26 -50.98 -26.99
N ALA P 53 -80.39 -49.81 -27.60
CA ALA P 53 -81.05 -48.71 -26.93
C ALA P 53 -82.56 -48.96 -26.89
N PRO P 54 -83.26 -48.45 -25.87
CA PRO P 54 -84.71 -48.57 -25.85
C PRO P 54 -85.34 -47.72 -26.94
N PRO P 55 -86.53 -48.10 -27.43
CA PRO P 55 -87.08 -47.42 -28.62
C PRO P 55 -87.56 -46.00 -28.37
N MET P 56 -87.73 -45.58 -27.12
CA MET P 56 -88.05 -44.20 -26.80
C MET P 56 -86.87 -43.44 -26.23
N GLU P 57 -85.69 -44.07 -26.16
CA GLU P 57 -84.56 -43.55 -25.42
C GLU P 57 -83.35 -43.42 -26.35
N LYS P 58 -82.68 -42.27 -26.28
CA LYS P 58 -81.43 -42.11 -26.99
C LYS P 58 -80.35 -42.95 -26.31
N PRO P 59 -79.36 -43.44 -27.07
CA PRO P 59 -78.36 -44.34 -26.49
C PRO P 59 -77.45 -43.61 -25.52
N GLU P 60 -76.71 -44.41 -24.76
CA GLU P 60 -75.81 -43.87 -23.75
C GLU P 60 -74.64 -43.15 -24.40
N VAL P 61 -73.99 -42.30 -23.62
CA VAL P 61 -72.85 -41.55 -24.13
C VAL P 61 -71.67 -42.51 -24.29
N VAL P 62 -70.96 -42.38 -25.41
CA VAL P 62 -69.83 -43.24 -25.72
C VAL P 62 -68.60 -42.35 -25.91
N LYS P 63 -67.48 -42.79 -25.34
CA LYS P 63 -66.28 -41.98 -25.28
C LYS P 63 -65.36 -42.31 -26.44
N THR P 64 -64.79 -41.28 -27.04
CA THR P 64 -63.90 -41.41 -28.19
C THR P 64 -62.73 -40.45 -28.06
N HIS P 65 -61.65 -40.79 -28.75
CA HIS P 65 -60.60 -39.84 -29.07
C HIS P 65 -60.66 -39.39 -30.52
N LEU P 66 -61.48 -40.04 -31.35
CA LEU P 66 -61.48 -39.85 -32.80
C LEU P 66 -62.10 -38.51 -33.14
N ARG P 67 -61.28 -37.47 -33.06
CA ARG P 67 -61.72 -36.14 -33.45
C ARG P 67 -61.73 -35.94 -34.95
N ASP P 68 -61.19 -36.87 -35.72
CA ASP P 68 -61.15 -36.78 -37.16
C ASP P 68 -62.29 -37.53 -37.82
N MET P 69 -63.21 -38.07 -37.04
CA MET P 69 -64.30 -38.87 -37.58
C MET P 69 -65.31 -37.96 -38.26
N ILE P 70 -65.55 -38.21 -39.54
CA ILE P 70 -66.55 -37.46 -40.28
C ILE P 70 -67.93 -37.90 -39.81
N ILE P 71 -68.84 -36.94 -39.64
CA ILE P 71 -70.20 -37.23 -39.24
C ILE P 71 -70.96 -37.75 -40.47
N LEU P 72 -71.06 -39.07 -40.58
CA LEU P 72 -71.81 -39.68 -41.66
C LEU P 72 -73.31 -39.57 -41.37
N PRO P 73 -74.17 -39.63 -42.40
CA PRO P 73 -75.61 -39.58 -42.14
C PRO P 73 -76.17 -40.85 -41.54
N GLU P 74 -75.40 -41.93 -41.44
CA GLU P 74 -75.81 -43.08 -40.65
C GLU P 74 -75.34 -42.99 -39.21
N MET P 75 -74.97 -41.80 -38.76
CA MET P 75 -74.48 -41.59 -37.41
C MET P 75 -75.27 -40.51 -36.69
N VAL P 76 -76.50 -40.27 -37.10
CA VAL P 76 -77.31 -39.19 -36.55
C VAL P 76 -78.05 -39.68 -35.31
N GLY P 77 -78.12 -38.82 -34.30
CA GLY P 77 -78.85 -39.11 -33.09
C GLY P 77 -78.03 -39.70 -31.97
N SER P 78 -76.82 -40.17 -32.27
CA SER P 78 -76.02 -40.86 -31.26
C SER P 78 -75.41 -39.87 -30.28
N MET P 79 -75.17 -40.33 -29.06
CA MET P 79 -74.47 -39.55 -28.06
C MET P 79 -73.03 -40.01 -28.02
N VAL P 80 -72.15 -39.30 -28.72
CA VAL P 80 -70.73 -39.59 -28.71
C VAL P 80 -70.06 -38.58 -27.79
N GLY P 81 -68.94 -38.97 -27.20
CA GLY P 81 -68.19 -38.00 -26.45
C GLY P 81 -66.77 -37.86 -26.97
N VAL P 82 -66.48 -36.74 -27.63
CA VAL P 82 -65.16 -36.54 -28.23
C VAL P 82 -64.32 -35.69 -27.28
N TYR P 83 -63.06 -36.09 -27.13
CA TYR P 83 -62.17 -35.58 -26.10
C TYR P 83 -61.74 -34.16 -26.47
N ASN P 84 -61.26 -33.43 -25.48
CA ASN P 84 -60.79 -32.07 -25.71
C ASN P 84 -59.37 -31.87 -25.24
N GLY P 85 -58.67 -32.97 -24.97
CA GLY P 85 -57.37 -32.91 -24.35
C GLY P 85 -57.42 -33.12 -22.85
N LYS P 86 -58.53 -32.74 -22.23
CA LYS P 86 -58.72 -32.89 -20.79
C LYS P 86 -59.90 -33.81 -20.47
N THR P 87 -61.07 -33.52 -21.00
CA THR P 87 -62.30 -34.23 -20.66
C THR P 87 -62.95 -34.79 -21.92
N PHE P 88 -63.85 -35.75 -21.72
CA PHE P 88 -64.74 -36.20 -22.78
C PHE P 88 -66.00 -35.34 -22.73
N ASN P 89 -66.23 -34.56 -23.76
CA ASN P 89 -67.38 -33.67 -23.77
C ASN P 89 -68.53 -34.30 -24.51
N GLN P 90 -69.73 -34.15 -23.97
CA GLN P 90 -70.93 -34.81 -24.46
C GLN P 90 -71.43 -34.14 -25.73
N VAL P 91 -71.57 -34.91 -26.80
CA VAL P 91 -72.01 -34.42 -28.10
C VAL P 91 -73.24 -35.21 -28.50
N GLU P 92 -74.31 -34.50 -28.88
CA GLU P 92 -75.48 -35.12 -29.48
C GLU P 92 -75.55 -34.75 -30.95
N ILE P 93 -75.59 -35.76 -31.81
CA ILE P 93 -75.49 -35.57 -33.25
C ILE P 93 -76.86 -35.23 -33.80
N LYS P 94 -76.96 -34.09 -34.42
CA LYS P 94 -78.12 -33.59 -35.14
C LYS P 94 -77.92 -33.81 -36.64
N PRO P 95 -78.98 -33.85 -37.44
CA PRO P 95 -78.80 -34.11 -38.88
C PRO P 95 -78.24 -32.94 -39.67
N GLU P 96 -78.04 -31.77 -39.08
CA GLU P 96 -77.54 -30.63 -39.82
C GLU P 96 -76.03 -30.49 -39.73
N MET P 97 -75.34 -31.45 -39.12
CA MET P 97 -73.89 -31.37 -39.02
C MET P 97 -73.24 -32.58 -39.69
N ILE P 98 -73.76 -32.99 -40.84
CA ILE P 98 -73.40 -34.26 -41.45
C ILE P 98 -72.26 -34.10 -42.45
N GLY P 99 -71.49 -33.03 -42.37
CA GLY P 99 -70.33 -32.90 -43.22
C GLY P 99 -69.14 -32.36 -42.47
N HIS P 100 -69.22 -32.37 -41.16
CA HIS P 100 -68.22 -31.77 -40.31
C HIS P 100 -67.37 -32.86 -39.68
N TYR P 101 -66.34 -32.43 -38.97
CA TYR P 101 -65.52 -33.34 -38.21
C TYR P 101 -66.06 -33.45 -36.80
N LEU P 102 -65.78 -34.55 -36.14
CA LEU P 102 -66.26 -34.72 -34.78
C LEU P 102 -65.50 -33.83 -33.81
N GLY P 103 -64.31 -33.38 -34.18
CA GLY P 103 -63.46 -32.68 -33.27
C GLY P 103 -63.63 -31.18 -33.28
N GLU P 104 -64.70 -30.70 -33.88
CA GLU P 104 -65.02 -29.28 -33.78
C GLU P 104 -66.23 -29.04 -32.90
N PHE P 105 -66.48 -29.93 -31.94
CA PHE P 105 -67.57 -29.77 -31.01
C PHE P 105 -67.17 -29.89 -29.55
N SER P 106 -66.01 -30.46 -29.26
CA SER P 106 -65.35 -30.22 -27.99
C SER P 106 -64.33 -29.12 -28.22
N ILE P 107 -64.59 -27.94 -27.66
CA ILE P 107 -63.62 -26.86 -27.74
C ILE P 107 -62.39 -27.24 -26.93
N THR P 108 -61.22 -26.89 -27.45
CA THR P 108 -59.98 -27.33 -26.87
C THR P 108 -59.34 -26.31 -25.94
N TYR P 109 -60.07 -25.24 -25.61
CA TYR P 109 -59.48 -24.14 -24.87
C TYR P 109 -60.56 -23.36 -24.16
N LYS P 110 -60.13 -22.59 -23.16
CA LYS P 110 -61.04 -21.74 -22.41
C LYS P 110 -61.12 -20.39 -23.10
N PRO P 111 -62.31 -19.97 -23.55
CA PRO P 111 -62.43 -18.71 -24.30
C PRO P 111 -62.13 -17.51 -23.40
N VAL P 112 -61.23 -16.65 -23.88
CA VAL P 112 -60.43 -15.84 -22.98
C VAL P 112 -61.20 -14.59 -22.56
N LYS P 113 -61.27 -14.39 -21.25
CA LYS P 113 -61.75 -13.15 -20.66
C LYS P 113 -60.58 -12.53 -19.92
N HIS P 114 -60.25 -11.30 -20.24
CA HIS P 114 -58.99 -10.75 -19.77
C HIS P 114 -59.13 -10.18 -18.35
N GLY P 115 -57.97 -9.99 -17.72
CA GLY P 115 -57.88 -9.37 -16.42
C GLY P 115 -57.27 -7.99 -16.49
N ARG P 116 -56.74 -7.55 -15.37
CA ARG P 116 -56.05 -6.27 -15.39
C ARG P 116 -54.62 -6.47 -15.89
N PRO P 117 -54.10 -5.58 -16.72
CA PRO P 117 -52.73 -5.76 -17.21
C PRO P 117 -51.72 -5.47 -16.12
N GLY P 118 -50.70 -6.31 -16.04
CA GLY P 118 -49.61 -6.11 -15.12
C GLY P 118 -48.61 -5.13 -15.69
N ILE P 119 -47.34 -5.34 -15.36
CA ILE P 119 -46.28 -4.50 -15.90
C ILE P 119 -46.06 -4.94 -17.35
N GLY P 120 -46.46 -4.08 -18.28
CA GLY P 120 -46.48 -4.42 -19.70
C GLY P 120 -45.12 -4.67 -20.31
N GLN Q 1 -9.99 -12.37 -94.62
CA GLN Q 1 -11.00 -11.60 -95.34
C GLN Q 1 -12.21 -11.36 -94.46
N SER Q 2 -12.10 -11.73 -93.18
CA SER Q 2 -13.19 -11.62 -92.23
C SER Q 2 -12.66 -11.26 -90.85
N VAL Q 3 -13.51 -10.61 -90.06
CA VAL Q 3 -13.18 -10.14 -88.72
C VAL Q 3 -14.19 -10.71 -87.74
N GLN Q 4 -13.72 -11.07 -86.55
CA GLN Q 4 -14.60 -11.43 -85.44
C GLN Q 4 -14.06 -10.80 -84.16
N VAL Q 5 -14.77 -9.81 -83.64
CA VAL Q 5 -14.41 -9.16 -82.37
C VAL Q 5 -15.61 -9.28 -81.43
N PHE Q 6 -15.36 -9.01 -80.15
CA PHE Q 6 -16.43 -9.03 -79.17
C PHE Q 6 -16.57 -7.68 -78.49
N GLY Q 7 -17.81 -7.28 -78.24
CA GLY Q 7 -18.13 -6.17 -77.38
C GLY Q 7 -18.67 -6.70 -76.08
N ARG Q 8 -18.66 -5.86 -75.05
CA ARG Q 8 -18.92 -6.38 -73.72
C ARG Q 8 -19.38 -5.29 -72.78
N LYS Q 9 -20.49 -5.53 -72.10
CA LYS Q 9 -20.92 -4.78 -70.93
C LYS Q 9 -21.05 -5.83 -69.84
N LYS Q 10 -21.81 -5.50 -68.78
CA LYS Q 10 -21.91 -6.24 -67.52
C LYS Q 10 -21.91 -7.75 -67.63
N THR Q 11 -22.75 -8.30 -68.49
CA THR Q 11 -22.67 -9.72 -68.80
C THR Q 11 -22.78 -10.00 -70.29
N ALA Q 12 -23.30 -9.07 -71.07
CA ALA Q 12 -23.56 -9.30 -72.48
C ALA Q 12 -22.27 -9.44 -73.26
N THR Q 13 -22.31 -10.28 -74.29
CA THR Q 13 -21.19 -10.47 -75.20
C THR Q 13 -21.78 -10.45 -76.60
N ALA Q 14 -21.67 -9.32 -77.27
CA ALA Q 14 -22.04 -9.22 -78.67
C ALA Q 14 -20.80 -9.46 -79.49
N VAL Q 15 -20.87 -10.43 -80.40
CA VAL Q 15 -19.72 -10.79 -81.23
C VAL Q 15 -20.05 -10.47 -82.67
N ALA Q 16 -19.28 -9.55 -83.26
CA ALA Q 16 -19.58 -8.98 -84.55
C ALA Q 16 -18.75 -9.66 -85.62
N HIS Q 17 -19.40 -10.02 -86.72
CA HIS Q 17 -18.74 -10.65 -87.86
C HIS Q 17 -18.67 -9.64 -88.99
N CYS Q 18 -17.46 -9.28 -89.40
CA CYS Q 18 -17.24 -8.30 -90.46
C CYS Q 18 -16.51 -8.96 -91.61
N LYS Q 19 -17.20 -9.13 -92.74
CA LYS Q 19 -16.59 -9.55 -93.99
C LYS Q 19 -16.86 -8.48 -95.04
N ARG Q 20 -16.20 -8.63 -96.19
CA ARG Q 20 -16.36 -7.64 -97.25
C ARG Q 20 -17.73 -7.79 -97.91
N GLY Q 21 -18.57 -6.78 -97.75
CA GLY Q 21 -19.95 -6.83 -98.20
C GLY Q 21 -20.44 -5.51 -98.72
N ASN Q 22 -21.71 -5.23 -98.46
CA ASN Q 22 -22.39 -4.06 -99.02
C ASN Q 22 -22.89 -3.08 -97.98
N GLY Q 23 -23.18 -3.51 -96.76
CA GLY Q 23 -23.65 -2.58 -95.76
C GLY Q 23 -24.91 -2.99 -95.02
N LEU Q 24 -25.23 -4.28 -95.01
CA LEU Q 24 -26.39 -4.77 -94.26
C LEU Q 24 -25.92 -5.16 -92.87
N ILE Q 25 -26.14 -4.29 -91.90
CA ILE Q 25 -25.75 -4.54 -90.51
C ILE Q 25 -26.94 -5.19 -89.81
N LYS Q 26 -26.75 -6.42 -89.35
CA LYS Q 26 -27.85 -7.19 -88.80
C LYS Q 26 -27.52 -7.68 -87.40
N VAL Q 27 -28.46 -7.49 -86.48
CA VAL Q 27 -28.32 -7.99 -85.12
C VAL Q 27 -29.17 -9.25 -85.02
N ASN Q 28 -28.50 -10.40 -84.85
CA ASN Q 28 -29.13 -11.72 -84.71
C ASN Q 28 -30.04 -12.05 -85.90
N GLY Q 29 -29.72 -11.53 -87.08
CA GLY Q 29 -30.54 -11.71 -88.23
C GLY Q 29 -31.73 -10.78 -88.35
N ARG Q 30 -31.60 -9.53 -87.91
CA ARG Q 30 -32.67 -8.55 -88.08
C ARG Q 30 -32.04 -7.17 -88.13
N PRO Q 31 -32.70 -6.18 -88.74
CA PRO Q 31 -32.06 -4.87 -88.91
C PRO Q 31 -31.86 -4.12 -87.61
N LEU Q 32 -31.01 -3.10 -87.67
CA LEU Q 32 -30.73 -2.27 -86.50
C LEU Q 32 -31.94 -1.45 -86.09
N GLU Q 33 -32.85 -1.15 -87.01
CA GLU Q 33 -33.99 -0.33 -86.65
C GLU Q 33 -35.01 -1.12 -85.84
N MET Q 34 -35.18 -2.40 -86.15
CA MET Q 34 -36.21 -3.21 -85.50
C MET Q 34 -35.80 -3.71 -84.12
N ILE Q 35 -34.60 -3.37 -83.65
CA ILE Q 35 -34.12 -3.83 -82.34
C ILE Q 35 -34.97 -3.18 -81.26
N GLU Q 36 -35.49 -4.01 -80.36
CA GLU Q 36 -36.73 -3.68 -79.65
C GLU Q 36 -36.67 -2.46 -78.72
N PRO Q 37 -35.62 -2.21 -77.90
CA PRO Q 37 -35.64 -0.92 -77.21
C PRO Q 37 -35.30 0.14 -78.22
N ARG Q 38 -36.33 0.77 -78.77
CA ARG Q 38 -36.17 1.77 -79.79
C ARG Q 38 -35.98 3.15 -79.20
N THR Q 39 -36.11 3.26 -77.88
CA THR Q 39 -35.72 4.47 -77.20
C THR Q 39 -34.22 4.69 -77.30
N LEU Q 40 -33.45 3.61 -77.42
CA LEU Q 40 -32.01 3.69 -77.59
C LEU Q 40 -31.58 3.29 -79.00
N GLN Q 41 -32.44 3.61 -79.98
CA GLN Q 41 -32.09 3.37 -81.38
C GLN Q 41 -30.91 4.22 -81.80
N TYR Q 42 -30.86 5.47 -81.31
CA TYR Q 42 -29.71 6.31 -81.59
C TYR Q 42 -28.45 5.81 -80.91
N LYS Q 43 -28.60 5.22 -79.71
CA LYS Q 43 -27.46 4.58 -79.06
C LYS Q 43 -26.95 3.43 -79.89
N LEU Q 44 -27.84 2.72 -80.56
CA LEU Q 44 -27.41 1.65 -81.44
C LEU Q 44 -26.72 2.21 -82.69
N LEU Q 45 -27.23 3.32 -83.20
CA LEU Q 45 -26.82 3.84 -84.49
C LEU Q 45 -25.70 4.86 -84.41
N GLU Q 46 -25.15 5.11 -83.22
CA GLU Q 46 -24.04 6.05 -83.09
C GLU Q 46 -22.80 5.73 -83.94
N PRO Q 47 -22.26 4.51 -84.02
CA PRO Q 47 -21.07 4.32 -84.86
C PRO Q 47 -21.32 4.38 -86.36
N VAL Q 48 -22.56 4.44 -86.84
CA VAL Q 48 -22.82 4.66 -88.25
C VAL Q 48 -23.34 6.06 -88.52
N LEU Q 49 -24.01 6.70 -87.57
CA LEU Q 49 -24.38 8.09 -87.75
C LEU Q 49 -23.22 9.02 -87.48
N LEU Q 50 -22.16 8.54 -86.85
CA LEU Q 50 -20.93 9.33 -86.70
C LEU Q 50 -20.11 9.31 -87.99
N LEU Q 51 -19.61 8.14 -88.37
CA LEU Q 51 -18.62 8.00 -89.43
C LEU Q 51 -19.22 7.87 -90.81
N GLY Q 52 -20.52 8.06 -90.95
CA GLY Q 52 -21.17 8.02 -92.24
C GLY Q 52 -21.34 6.61 -92.79
N LYS Q 53 -22.26 6.49 -93.75
CA LYS Q 53 -22.52 5.19 -94.35
C LYS Q 53 -21.39 4.76 -95.28
N GLU Q 54 -20.60 5.71 -95.78
CA GLU Q 54 -19.60 5.37 -96.78
C GLU Q 54 -18.42 4.64 -96.17
N ARG Q 55 -18.16 4.83 -94.88
CA ARG Q 55 -17.12 4.06 -94.21
C ARG Q 55 -17.61 2.68 -93.81
N PHE Q 56 -18.91 2.41 -93.94
CA PHE Q 56 -19.48 1.09 -93.72
C PHE Q 56 -19.99 0.45 -94.99
N ALA Q 57 -19.77 1.07 -96.14
CA ALA Q 57 -20.35 0.57 -97.39
C ALA Q 57 -19.63 -0.67 -97.92
N GLY Q 58 -18.46 -1.00 -97.39
CA GLY Q 58 -17.74 -2.16 -97.84
C GLY Q 58 -17.82 -3.37 -96.95
N VAL Q 59 -18.52 -3.28 -95.83
CA VAL Q 59 -18.57 -4.38 -94.87
C VAL Q 59 -19.98 -4.94 -94.79
N ASP Q 60 -20.14 -6.01 -94.01
CA ASP Q 60 -21.43 -6.65 -93.81
C ASP Q 60 -21.42 -7.28 -92.44
N ILE Q 61 -22.24 -6.77 -91.53
CA ILE Q 61 -22.11 -7.03 -90.11
C ILE Q 61 -23.28 -7.88 -89.65
N ARG Q 62 -23.00 -9.10 -89.22
CA ARG Q 62 -24.00 -9.95 -88.58
C ARG Q 62 -23.62 -10.07 -87.11
N VAL Q 63 -24.28 -9.31 -86.26
CA VAL Q 63 -23.99 -9.33 -84.84
C VAL Q 63 -24.90 -10.34 -84.14
N ARG Q 64 -24.28 -11.29 -83.45
CA ARG Q 64 -24.97 -12.17 -82.50
C ARG Q 64 -24.75 -11.60 -81.11
N VAL Q 65 -25.67 -11.87 -80.20
CA VAL Q 65 -25.54 -11.34 -78.84
C VAL Q 65 -26.26 -12.26 -77.87
N LYS Q 66 -25.70 -12.43 -76.67
CA LYS Q 66 -26.36 -13.21 -75.63
C LYS Q 66 -25.83 -12.80 -74.26
N GLY Q 67 -26.70 -12.87 -73.27
CA GLY Q 67 -26.38 -12.48 -71.90
C GLY Q 67 -27.00 -11.15 -71.54
N GLY Q 68 -26.94 -10.84 -70.24
CA GLY Q 68 -27.28 -9.52 -69.76
C GLY Q 68 -28.75 -9.18 -69.89
N GLY Q 69 -29.02 -7.90 -70.12
CA GLY Q 69 -30.36 -7.40 -70.28
C GLY Q 69 -30.48 -6.62 -71.58
N HIS Q 70 -31.44 -5.72 -71.63
CA HIS Q 70 -31.66 -5.00 -72.88
C HIS Q 70 -30.71 -3.83 -73.03
N VAL Q 71 -30.56 -3.05 -71.96
CA VAL Q 71 -29.63 -1.92 -72.01
C VAL Q 71 -28.21 -2.43 -72.07
N ALA Q 72 -27.91 -3.52 -71.38
CA ALA Q 72 -26.55 -4.04 -71.43
C ALA Q 72 -26.22 -4.70 -72.74
N GLN Q 73 -27.20 -5.12 -73.50
CA GLN Q 73 -26.93 -5.67 -74.82
C GLN Q 73 -26.89 -4.60 -75.89
N ILE Q 74 -27.54 -3.48 -75.67
CA ILE Q 74 -27.34 -2.36 -76.59
C ILE Q 74 -25.91 -1.83 -76.50
N TYR Q 75 -25.41 -1.66 -75.29
CA TYR Q 75 -24.05 -1.16 -75.10
C TYR Q 75 -22.99 -2.19 -75.44
N ALA Q 76 -23.37 -3.43 -75.68
CA ALA Q 76 -22.45 -4.43 -76.17
C ALA Q 76 -22.45 -4.52 -77.68
N ILE Q 77 -23.58 -4.25 -78.31
CA ILE Q 77 -23.66 -4.29 -79.77
C ILE Q 77 -22.85 -3.15 -80.38
N ARG Q 78 -23.11 -1.93 -79.90
CA ARG Q 78 -22.44 -0.76 -80.44
C ARG Q 78 -20.96 -0.74 -80.12
N GLN Q 79 -20.52 -1.45 -79.09
CA GLN Q 79 -19.10 -1.57 -78.85
C GLN Q 79 -18.48 -2.53 -79.84
N SER Q 80 -19.19 -3.60 -80.20
CA SER Q 80 -18.60 -4.55 -81.11
C SER Q 80 -18.66 -4.10 -82.56
N ILE Q 81 -19.62 -3.24 -82.92
CA ILE Q 81 -19.62 -2.64 -84.27
C ILE Q 81 -18.38 -1.77 -84.46
N SER Q 82 -18.09 -0.94 -83.46
CA SER Q 82 -16.92 -0.09 -83.50
C SER Q 82 -15.63 -0.89 -83.49
N LYS Q 83 -15.52 -1.83 -82.55
CA LYS Q 83 -14.33 -2.66 -82.47
C LYS Q 83 -14.19 -3.60 -83.65
N ALA Q 84 -15.25 -3.84 -84.42
CA ALA Q 84 -15.13 -4.65 -85.61
C ALA Q 84 -14.67 -3.83 -86.80
N LEU Q 85 -15.21 -2.62 -86.95
CA LEU Q 85 -14.78 -1.76 -88.05
C LEU Q 85 -13.33 -1.34 -87.89
N VAL Q 86 -12.90 -1.07 -86.65
CA VAL Q 86 -11.52 -0.69 -86.41
C VAL Q 86 -10.58 -1.86 -86.71
N ALA Q 87 -10.97 -3.08 -86.37
CA ALA Q 87 -10.12 -4.21 -86.65
C ALA Q 87 -10.13 -4.57 -88.13
N TYR Q 88 -11.24 -4.31 -88.82
CA TYR Q 88 -11.24 -4.51 -90.28
C TYR Q 88 -10.34 -3.50 -90.97
N TYR Q 89 -10.40 -2.24 -90.56
CA TYR Q 89 -9.54 -1.24 -91.14
C TYR Q 89 -8.09 -1.44 -90.75
N GLN Q 90 -7.82 -2.15 -89.66
CA GLN Q 90 -6.43 -2.45 -89.36
C GLN Q 90 -5.95 -3.67 -90.14
N LYS Q 91 -6.81 -4.64 -90.37
CA LYS Q 91 -6.35 -5.87 -91.00
C LYS Q 91 -6.39 -5.82 -92.51
N TYR Q 92 -7.20 -4.95 -93.11
CA TYR Q 92 -7.31 -4.93 -94.56
C TYR Q 92 -7.30 -3.53 -95.15
N VAL Q 93 -7.12 -2.48 -94.34
CA VAL Q 93 -6.89 -1.13 -94.83
C VAL Q 93 -5.60 -0.72 -94.10
N ASP Q 94 -5.18 0.54 -94.20
CA ASP Q 94 -3.97 1.04 -93.57
C ASP Q 94 -4.20 1.43 -92.12
N GLU Q 95 -3.11 1.80 -91.44
CA GLU Q 95 -3.20 2.31 -90.07
C GLU Q 95 -3.71 3.73 -89.99
N ALA Q 96 -3.55 4.51 -91.05
CA ALA Q 96 -3.95 5.91 -91.02
C ALA Q 96 -5.47 6.05 -90.94
N SER Q 97 -6.19 5.27 -91.75
CA SER Q 97 -7.65 5.28 -91.69
C SER Q 97 -8.16 4.72 -90.38
N LYS Q 98 -7.44 3.76 -89.81
CA LYS Q 98 -7.78 3.27 -88.48
C LYS Q 98 -7.63 4.37 -87.44
N LYS Q 99 -6.59 5.20 -87.58
CA LYS Q 99 -6.43 6.33 -86.67
C LYS Q 99 -7.53 7.36 -86.86
N GLU Q 100 -7.89 7.66 -88.12
CA GLU Q 100 -8.92 8.66 -88.37
C GLU Q 100 -10.32 8.16 -88.01
N ILE Q 101 -10.51 6.85 -87.87
CA ILE Q 101 -11.75 6.34 -87.31
C ILE Q 101 -11.69 6.41 -85.78
N LYS Q 102 -10.57 5.97 -85.22
CA LYS Q 102 -10.42 5.78 -83.79
C LYS Q 102 -10.46 7.09 -83.05
N ASP Q 103 -9.99 8.17 -83.66
CA ASP Q 103 -10.03 9.44 -82.93
C ASP Q 103 -11.44 9.99 -82.84
N ILE Q 104 -12.28 9.74 -83.85
CA ILE Q 104 -13.67 10.21 -83.76
C ILE Q 104 -14.46 9.32 -82.81
N LEU Q 105 -14.20 8.01 -82.83
CA LEU Q 105 -14.88 7.09 -81.93
C LEU Q 105 -14.49 7.35 -80.47
N ILE Q 106 -13.22 7.66 -80.22
CA ILE Q 106 -12.79 7.99 -78.86
C ILE Q 106 -13.31 9.35 -78.45
N GLN Q 107 -13.34 10.31 -79.38
CA GLN Q 107 -13.80 11.66 -79.07
C GLN Q 107 -15.27 11.70 -78.73
N TYR Q 108 -16.08 10.81 -79.31
CA TYR Q 108 -17.47 10.77 -78.90
C TYR Q 108 -17.63 10.15 -77.52
N ASP Q 109 -17.20 8.90 -77.37
CA ASP Q 109 -17.32 8.19 -76.10
C ASP Q 109 -16.32 7.05 -76.07
N ARG Q 110 -15.52 6.97 -75.02
CA ARG Q 110 -14.46 5.97 -74.95
C ARG Q 110 -14.99 4.56 -74.79
N THR Q 111 -16.25 4.41 -74.34
CA THR Q 111 -16.86 3.10 -74.19
C THR Q 111 -17.31 2.49 -75.49
N LEU Q 112 -16.87 3.02 -76.63
CA LEU Q 112 -16.98 2.35 -77.91
C LEU Q 112 -15.73 1.56 -78.25
N LEU Q 113 -14.69 1.61 -77.45
CA LEU Q 113 -13.54 0.74 -77.71
C LEU Q 113 -13.04 0.05 -76.47
N VAL Q 114 -13.17 0.67 -75.31
CA VAL Q 114 -12.66 0.14 -74.05
C VAL Q 114 -13.84 -0.40 -73.26
N ALA Q 115 -13.72 -1.63 -72.77
CA ALA Q 115 -14.79 -2.26 -72.01
C ALA Q 115 -15.03 -1.54 -70.69
N ASP Q 116 -16.29 -1.53 -70.27
CA ASP Q 116 -16.64 -1.06 -68.95
C ASP Q 116 -16.45 -2.19 -67.95
N PRO Q 117 -15.54 -2.07 -66.99
CA PRO Q 117 -15.13 -3.22 -66.17
C PRO Q 117 -15.86 -3.40 -64.84
N ARG Q 118 -16.92 -2.67 -64.58
CA ARG Q 118 -17.61 -2.74 -63.30
C ARG Q 118 -18.70 -3.80 -63.35
N ARG Q 119 -18.69 -4.68 -62.35
CA ARG Q 119 -19.64 -5.76 -62.19
C ARG Q 119 -20.24 -5.69 -60.80
N CYS Q 120 -21.29 -6.46 -60.57
CA CYS Q 120 -22.05 -6.41 -59.33
C CYS Q 120 -21.24 -6.98 -58.17
N GLU Q 121 -21.20 -6.24 -57.06
CA GLU Q 121 -20.61 -6.74 -55.84
C GLU Q 121 -21.43 -7.89 -55.26
N SER Q 122 -20.86 -8.54 -54.27
CA SER Q 122 -21.50 -9.66 -53.62
C SER Q 122 -22.28 -9.21 -52.40
N LYS Q 123 -23.42 -9.86 -52.18
CA LYS Q 123 -24.21 -9.66 -50.98
C LYS Q 123 -23.44 -10.16 -49.78
N LYS Q 124 -23.63 -9.54 -48.63
CA LYS Q 124 -23.03 -10.03 -47.41
C LYS Q 124 -24.13 -10.30 -46.40
N PHE Q 125 -23.88 -11.25 -45.53
CA PHE Q 125 -24.79 -11.45 -44.42
C PHE Q 125 -24.77 -10.22 -43.55
N GLY Q 126 -25.88 -9.96 -42.91
CA GLY Q 126 -26.04 -8.77 -42.16
C GLY Q 126 -26.86 -7.72 -42.86
N GLY Q 127 -27.04 -7.84 -44.16
CA GLY Q 127 -27.87 -6.89 -44.85
C GLY Q 127 -28.51 -7.40 -46.10
N PRO Q 128 -29.28 -6.54 -46.76
CA PRO Q 128 -30.00 -6.94 -47.96
C PRO Q 128 -29.16 -6.98 -49.21
N GLY Q 129 -27.96 -6.44 -49.18
CA GLY Q 129 -27.14 -6.39 -50.37
C GLY Q 129 -25.71 -6.27 -50.04
N ALA Q 130 -24.96 -5.62 -50.92
CA ALA Q 130 -23.52 -5.52 -50.75
C ALA Q 130 -23.16 -4.56 -49.65
N ARG Q 131 -23.59 -3.32 -49.78
CA ARG Q 131 -23.28 -2.28 -48.82
C ARG Q 131 -24.35 -2.10 -47.75
N ALA Q 132 -25.63 -2.23 -48.09
CA ALA Q 132 -26.68 -1.91 -47.14
C ALA Q 132 -26.81 -2.96 -46.05
N ARG Q 133 -27.19 -2.50 -44.86
CA ARG Q 133 -27.29 -3.33 -43.67
C ARG Q 133 -28.73 -3.34 -43.18
N TYR Q 134 -29.07 -4.35 -42.39
CA TYR Q 134 -30.41 -4.44 -41.83
C TYR Q 134 -30.60 -3.39 -40.75
N GLN Q 135 -31.84 -2.99 -40.56
CA GLN Q 135 -32.17 -1.96 -39.60
C GLN Q 135 -32.02 -2.52 -38.20
N LYS Q 136 -31.39 -1.74 -37.34
CA LYS Q 136 -31.21 -2.18 -35.97
C LYS Q 136 -32.02 -1.32 -35.01
N SER Q 137 -32.23 -1.88 -33.84
CA SER Q 137 -33.12 -1.37 -32.83
C SER Q 137 -32.38 -1.27 -31.51
N TYR Q 138 -32.97 -0.59 -30.54
CA TYR Q 138 -32.30 -0.32 -29.30
C TYR Q 138 -33.17 -0.68 -28.10
N ARG Q 139 -32.48 -1.12 -27.04
CA ARG Q 139 -32.98 -1.44 -25.69
C ARG Q 139 -33.89 -2.67 -25.60
N GLY R 1 -2.99 5.24 -48.06
CA GLY R 1 -1.95 5.66 -48.98
C GLY R 1 -0.97 4.57 -49.34
N ARG R 2 0.16 4.93 -49.95
CA ARG R 2 1.07 3.93 -50.50
C ARG R 2 2.43 4.08 -49.83
N VAL R 3 2.55 3.52 -48.64
CA VAL R 3 3.79 3.52 -47.88
C VAL R 3 4.32 2.09 -47.88
N ARG R 4 5.63 1.95 -48.04
CA ARG R 4 6.27 0.66 -48.15
C ARG R 4 6.75 0.23 -46.77
N THR R 5 6.38 -0.97 -46.35
CA THR R 5 6.68 -1.40 -45.00
C THR R 5 8.14 -1.80 -44.90
N LYS R 6 8.56 -2.21 -43.69
CA LYS R 6 9.96 -2.52 -43.42
C LYS R 6 10.46 -3.70 -44.23
N THR R 7 9.58 -4.55 -44.72
CA THR R 7 10.00 -5.69 -45.51
C THR R 7 10.50 -5.27 -46.88
N VAL R 8 9.72 -4.43 -47.56
CA VAL R 8 10.11 -3.92 -48.88
C VAL R 8 11.36 -3.07 -48.77
N LYS R 9 11.42 -2.22 -47.75
CA LYS R 9 12.54 -1.29 -47.66
C LYS R 9 13.81 -1.98 -47.21
N LYS R 10 13.71 -2.92 -46.28
CA LYS R 10 14.88 -3.70 -45.87
C LYS R 10 15.43 -4.57 -47.01
N ALA R 11 14.53 -5.25 -47.73
CA ALA R 11 14.97 -6.07 -48.84
C ALA R 11 15.55 -5.24 -49.96
N ALA R 12 14.94 -4.08 -50.26
CA ALA R 12 15.44 -3.20 -51.30
C ALA R 12 16.80 -2.63 -50.93
N ARG R 13 17.01 -2.33 -49.66
CA ARG R 13 18.28 -1.75 -49.24
C ARG R 13 19.40 -2.76 -49.35
N VAL R 14 19.16 -4.01 -48.96
CA VAL R 14 20.20 -5.01 -49.10
C VAL R 14 20.45 -5.33 -50.57
N ILE R 15 19.41 -5.34 -51.40
CA ILE R 15 19.62 -5.72 -52.78
C ILE R 15 20.24 -4.57 -53.59
N ILE R 16 20.09 -3.33 -53.16
CA ILE R 16 20.91 -2.27 -53.73
C ILE R 16 22.37 -2.44 -53.31
N GLU R 17 22.59 -2.63 -51.99
CA GLU R 17 23.92 -2.66 -51.41
C GLU R 17 24.77 -3.79 -51.94
N LYS R 18 24.16 -4.89 -52.39
CA LYS R 18 24.95 -6.00 -52.91
C LYS R 18 25.03 -6.05 -54.43
N TYR R 19 24.05 -5.51 -55.15
CA TYR R 19 23.95 -5.71 -56.59
C TYR R 19 23.71 -4.40 -57.31
N TYR R 20 24.49 -3.38 -56.99
CA TYR R 20 24.30 -2.05 -57.57
C TYR R 20 24.69 -1.97 -59.04
N THR R 21 25.54 -2.89 -59.51
CA THR R 21 25.99 -2.81 -60.88
C THR R 21 24.90 -3.20 -61.87
N ARG R 22 24.03 -4.13 -61.48
CA ARG R 22 22.99 -4.57 -62.41
C ARG R 22 21.79 -3.65 -62.43
N LEU R 23 21.55 -2.90 -61.36
CA LEU R 23 20.34 -2.11 -61.27
C LEU R 23 20.51 -0.77 -61.97
N GLY R 24 19.48 -0.35 -62.68
CA GLY R 24 19.50 0.91 -63.38
C GLY R 24 18.27 1.73 -63.09
N ASN R 25 17.64 2.27 -64.12
CA ASN R 25 16.46 3.10 -63.94
C ASN R 25 15.18 2.45 -64.41
N ASP R 26 15.23 1.50 -65.33
CA ASP R 26 14.01 0.87 -65.81
C ASP R 26 13.47 -0.07 -64.73
N PHE R 27 12.19 0.11 -64.41
CA PHE R 27 11.54 -0.76 -63.44
C PHE R 27 11.44 -2.18 -63.95
N HIS R 28 11.36 -2.36 -65.26
CA HIS R 28 11.13 -3.68 -65.83
C HIS R 28 12.38 -4.54 -65.78
N THR R 29 13.52 -3.98 -66.17
CA THR R 29 14.75 -4.75 -66.03
C THR R 29 15.22 -4.81 -64.60
N ASN R 30 14.73 -3.92 -63.74
CA ASN R 30 14.95 -4.08 -62.31
C ASN R 30 14.15 -5.24 -61.78
N LYS R 31 12.94 -5.44 -62.29
CA LYS R 31 12.12 -6.56 -61.85
C LYS R 31 12.68 -7.88 -62.36
N ARG R 32 13.23 -7.88 -63.58
CA ARG R 32 13.84 -9.08 -64.13
C ARG R 32 15.15 -9.46 -63.45
N VAL R 33 15.76 -8.56 -62.68
CA VAL R 33 17.00 -8.93 -62.01
C VAL R 33 16.68 -9.14 -60.54
N CYS R 34 15.63 -8.49 -60.02
CA CYS R 34 15.25 -8.74 -58.64
C CYS R 34 14.56 -10.08 -58.45
N GLU R 35 14.11 -10.71 -59.53
CA GLU R 35 13.60 -12.07 -59.40
C GLU R 35 14.63 -13.12 -59.74
N GLU R 36 15.83 -12.71 -60.18
CA GLU R 36 16.92 -13.65 -60.36
C GLU R 36 17.94 -13.60 -59.24
N ILE R 37 18.08 -12.46 -58.57
CA ILE R 37 18.93 -12.37 -57.40
C ILE R 37 18.26 -13.01 -56.20
N ALA R 38 17.08 -12.52 -55.86
CA ALA R 38 16.42 -12.85 -54.62
C ALA R 38 15.38 -13.94 -54.84
N ILE R 39 15.00 -14.59 -53.75
CA ILE R 39 13.90 -15.54 -53.80
C ILE R 39 12.71 -14.93 -53.06
N ILE R 40 11.88 -14.22 -53.79
CA ILE R 40 10.74 -13.53 -53.24
C ILE R 40 9.51 -14.40 -53.45
N PRO R 41 8.71 -14.65 -52.42
CA PRO R 41 7.33 -15.11 -52.67
C PRO R 41 6.61 -14.07 -53.51
N SER R 42 5.80 -14.54 -54.43
CA SER R 42 5.80 -13.94 -55.75
C SER R 42 5.06 -12.62 -55.92
N LYS R 43 4.75 -12.32 -57.18
CA LYS R 43 4.81 -11.03 -57.86
C LYS R 43 4.45 -9.77 -57.09
N LYS R 44 3.35 -9.74 -56.34
CA LYS R 44 2.91 -8.48 -55.74
C LYS R 44 3.85 -7.95 -54.68
N LEU R 45 4.77 -8.77 -54.18
CA LEU R 45 5.90 -8.29 -53.40
C LEU R 45 7.12 -8.03 -54.28
N ARG R 46 7.28 -8.82 -55.34
CA ARG R 46 8.41 -8.68 -56.25
C ARG R 46 8.38 -7.36 -56.98
N ASN R 47 7.20 -6.87 -57.33
CA ASN R 47 7.06 -5.60 -58.00
C ASN R 47 7.11 -4.43 -57.04
N LYS R 48 7.05 -4.68 -55.74
CA LYS R 48 7.16 -3.60 -54.78
C LYS R 48 8.57 -3.37 -54.34
N ILE R 49 9.36 -4.44 -54.25
CA ILE R 49 10.80 -4.32 -54.04
C ILE R 49 11.44 -3.63 -55.24
N ALA R 50 11.10 -4.07 -56.44
CA ALA R 50 11.66 -3.53 -57.67
C ALA R 50 11.20 -2.12 -57.97
N GLY R 51 10.18 -1.62 -57.30
CA GLY R 51 9.75 -0.26 -57.51
C GLY R 51 10.44 0.68 -56.56
N TYR R 52 10.62 0.25 -55.31
CA TYR R 52 11.43 1.04 -54.40
C TYR R 52 12.89 1.03 -54.80
N VAL R 53 13.36 -0.05 -55.40
CA VAL R 53 14.71 -0.05 -55.98
C VAL R 53 14.78 0.93 -57.15
N THR R 54 13.74 1.02 -57.96
CA THR R 54 13.77 1.96 -59.06
C THR R 54 13.60 3.39 -58.60
N HIS R 55 13.04 3.60 -57.42
CA HIS R 55 13.00 4.93 -56.80
C HIS R 55 14.25 5.22 -56.00
N LEU R 56 14.99 4.19 -55.63
CA LEU R 56 16.19 4.28 -54.83
C LEU R 56 17.44 4.38 -55.66
N MET R 57 17.40 3.92 -56.91
CA MET R 57 18.53 4.07 -57.80
C MET R 57 18.61 5.47 -58.36
N LYS R 58 17.47 6.13 -58.54
CA LYS R 58 17.47 7.53 -58.93
C LYS R 58 17.95 8.42 -57.80
N ARG R 59 17.84 7.97 -56.56
CA ARG R 59 18.29 8.72 -55.40
C ARG R 59 19.79 8.61 -55.17
N ILE R 60 20.48 7.74 -55.89
CA ILE R 60 21.91 7.58 -55.70
C ILE R 60 22.72 8.48 -56.62
N GLN R 61 22.17 8.85 -57.79
CA GLN R 61 22.83 9.80 -58.68
C GLN R 61 22.96 11.17 -58.03
N ARG R 62 21.95 11.59 -57.29
CA ARG R 62 21.92 12.91 -56.70
C ARG R 62 22.73 13.02 -55.41
N GLY R 63 23.48 12.00 -55.05
CA GLY R 63 24.31 12.05 -53.87
C GLY R 63 24.19 10.79 -53.07
N PRO R 64 24.85 10.74 -51.92
CA PRO R 64 24.69 9.59 -51.02
C PRO R 64 23.32 9.59 -50.37
N VAL R 65 22.99 8.45 -49.78
CA VAL R 65 21.78 8.32 -48.99
C VAL R 65 22.16 7.71 -47.64
N ARG R 66 21.41 8.07 -46.60
CA ARG R 66 21.82 7.90 -45.21
C ARG R 66 21.75 6.46 -44.73
N GLY R 67 21.27 5.54 -45.54
CA GLY R 67 21.27 4.16 -45.14
C GLY R 67 22.45 3.45 -45.75
N ILE R 68 22.19 2.80 -46.89
CA ILE R 68 23.12 1.92 -47.55
C ILE R 68 24.41 2.58 -48.00
N SER R 69 25.41 1.75 -48.25
CA SER R 69 26.77 2.19 -48.55
C SER R 69 27.33 1.33 -49.68
N ILE R 70 27.60 1.96 -50.82
CA ILE R 70 27.98 1.26 -52.04
C ILE R 70 29.34 1.78 -52.51
N LYS R 71 30.15 0.88 -53.06
CA LYS R 71 31.56 1.15 -53.34
C LYS R 71 31.80 1.70 -54.73
N LEU R 72 31.08 2.75 -55.08
CA LEU R 72 31.42 3.62 -56.19
C LEU R 72 31.44 5.02 -55.62
N GLN R 73 30.62 5.24 -54.60
CA GLN R 73 30.68 6.48 -53.85
C GLN R 73 31.79 6.42 -52.80
N GLU R 74 31.90 5.30 -52.10
CA GLU R 74 32.81 5.15 -50.99
C GLU R 74 34.26 4.91 -51.41
N GLU R 75 34.53 4.90 -52.72
CA GLU R 75 35.88 5.15 -53.20
C GLU R 75 36.08 6.62 -53.58
N GLU R 76 35.02 7.28 -54.05
CA GLU R 76 35.13 8.69 -54.40
C GLU R 76 35.22 9.56 -53.15
N ARG R 77 34.52 9.18 -52.09
CA ARG R 77 34.69 9.90 -50.83
C ARG R 77 36.07 9.62 -50.24
N GLU R 78 36.60 8.42 -50.49
CA GLU R 78 37.94 8.09 -50.01
C GLU R 78 39.01 8.90 -50.73
N ARG R 79 38.88 9.06 -52.04
CA ARG R 79 39.79 9.92 -52.76
C ARG R 79 39.52 11.40 -52.54
N ARG R 80 38.34 11.74 -52.03
CA ARG R 80 38.08 13.11 -51.63
C ARG R 80 38.64 13.41 -50.26
N ASP R 81 38.80 12.40 -49.40
CA ASP R 81 39.32 12.62 -48.07
C ASP R 81 40.83 12.56 -48.00
N ASN R 82 41.49 11.88 -48.93
CA ASN R 82 42.94 11.91 -48.98
C ASN R 82 43.43 13.02 -49.90
N TYR R 83 42.93 14.24 -49.68
CA TYR R 83 43.22 15.37 -50.55
C TYR R 83 44.03 16.37 -49.76
N VAL R 84 45.29 16.54 -50.13
CA VAL R 84 46.12 17.61 -49.57
C VAL R 84 46.30 18.68 -50.65
N PRO R 85 46.29 19.95 -50.29
CA PRO R 85 46.62 21.00 -51.26
C PRO R 85 48.14 21.07 -51.44
N GLU R 86 48.56 21.92 -52.38
CA GLU R 86 49.98 22.03 -52.70
C GLU R 86 50.74 22.75 -51.59
N VAL R 87 50.36 23.99 -51.32
CA VAL R 87 50.92 24.77 -50.22
C VAL R 87 49.81 24.94 -49.19
N SER R 88 50.10 24.60 -47.94
CA SER R 88 49.09 24.53 -46.90
C SER R 88 48.50 25.89 -46.59
N ALA R 89 47.35 25.87 -45.91
CA ALA R 89 46.68 27.08 -45.48
C ALA R 89 47.28 27.63 -44.19
N LEU R 90 48.27 26.96 -43.61
CA LEU R 90 48.98 27.45 -42.45
C LEU R 90 50.32 28.05 -42.79
N ASP R 91 50.66 28.14 -44.07
CA ASP R 91 51.89 28.81 -44.51
C ASP R 91 51.51 30.21 -44.97
N GLN R 92 51.32 31.09 -44.01
CA GLN R 92 51.06 32.50 -44.27
C GLN R 92 52.26 33.31 -43.81
N GLU R 93 52.74 34.20 -44.67
CA GLU R 93 53.90 35.00 -44.33
C GLU R 93 53.55 36.11 -43.34
N ILE R 94 52.34 36.64 -43.43
CA ILE R 94 51.88 37.70 -42.54
C ILE R 94 50.72 37.10 -41.76
N ILE R 95 50.99 36.70 -40.52
CA ILE R 95 49.93 36.26 -39.62
C ILE R 95 49.69 37.36 -38.61
N GLU R 96 48.45 37.48 -38.17
CA GLU R 96 48.00 38.63 -37.41
C GLU R 96 47.87 38.25 -35.94
N VAL R 97 48.56 38.98 -35.07
CA VAL R 97 48.45 38.78 -33.64
C VAL R 97 47.93 40.07 -33.02
N ASP R 98 47.36 39.94 -31.82
CA ASP R 98 46.93 41.07 -31.01
C ASP R 98 48.15 41.69 -30.36
N PRO R 99 47.98 42.79 -29.61
CA PRO R 99 49.07 43.18 -28.70
C PRO R 99 49.33 42.15 -27.62
N ASP R 100 48.27 41.59 -27.03
CA ASP R 100 48.43 40.74 -25.86
C ASP R 100 48.93 39.35 -26.24
N THR R 101 48.70 38.92 -27.48
CA THR R 101 49.22 37.65 -27.94
C THR R 101 50.74 37.70 -28.02
N LYS R 102 51.29 38.80 -28.51
CA LYS R 102 52.73 39.01 -28.57
C LYS R 102 53.35 38.99 -27.18
N GLU R 103 52.61 39.44 -26.17
CA GLU R 103 53.10 39.38 -24.81
C GLU R 103 53.17 37.95 -24.30
N MET R 104 52.20 37.11 -24.69
CA MET R 104 52.27 35.70 -24.32
C MET R 104 53.43 35.00 -25.00
N LEU R 105 53.70 35.37 -26.26
CA LEU R 105 54.84 34.80 -26.96
C LEU R 105 56.15 35.28 -26.36
N LYS R 106 56.18 36.50 -25.85
CA LYS R 106 57.37 37.00 -25.17
C LYS R 106 57.58 36.29 -23.84
N LEU R 107 56.48 35.92 -23.16
CA LEU R 107 56.59 35.03 -22.02
C LEU R 107 57.14 33.68 -22.43
N LEU R 108 56.78 33.20 -23.62
CA LEU R 108 57.32 31.96 -24.16
C LEU R 108 58.59 32.18 -24.96
N ASP R 109 59.24 33.34 -24.78
CA ASP R 109 60.41 33.83 -25.52
C ASP R 109 60.33 33.63 -27.03
N PHE R 110 59.18 34.00 -27.59
CA PHE R 110 58.99 34.02 -29.04
C PHE R 110 58.71 35.44 -29.52
N GLY R 111 59.37 36.41 -28.91
CA GLY R 111 59.31 37.76 -29.41
C GLY R 111 60.22 38.02 -30.60
N SER R 112 61.11 37.09 -30.91
CA SER R 112 62.01 37.21 -32.04
C SER R 112 61.42 36.65 -33.33
N LEU R 113 60.14 36.25 -33.31
CA LEU R 113 59.49 35.77 -34.51
C LEU R 113 59.25 36.91 -35.47
N SER R 114 59.59 36.69 -36.74
CA SER R 114 59.57 37.77 -37.72
C SER R 114 58.27 37.85 -38.51
N ASN R 115 57.52 36.75 -38.62
CA ASN R 115 56.34 36.75 -39.46
C ASN R 115 55.15 37.45 -38.80
N LEU R 116 55.21 37.71 -37.51
CA LEU R 116 54.06 38.26 -36.80
C LEU R 116 53.90 39.74 -37.13
N GLN R 117 52.68 40.12 -37.48
CA GLN R 117 52.33 41.50 -37.78
C GLN R 117 51.21 41.88 -36.83
N VAL R 118 51.56 42.61 -35.76
CA VAL R 118 50.59 42.95 -34.73
C VAL R 118 49.58 43.95 -35.28
N THR R 119 48.30 43.65 -35.09
CA THR R 119 47.25 44.52 -35.55
C THR R 119 46.95 45.58 -34.51
N GLN R 120 46.27 46.62 -34.95
CA GLN R 120 45.76 47.61 -34.01
C GLN R 120 44.64 46.99 -33.21
N PRO R 121 44.66 47.05 -31.88
CA PRO R 121 43.58 46.47 -31.10
C PRO R 121 42.31 47.30 -31.24
N THR R 122 41.19 46.66 -30.89
CA THR R 122 39.89 47.29 -31.05
C THR R 122 39.71 48.41 -30.03
N VAL R 123 39.12 49.51 -30.49
CA VAL R 123 39.06 50.70 -29.65
C VAL R 123 37.98 50.57 -28.58
N GLY R 124 36.89 49.88 -28.86
CA GLY R 124 35.78 49.75 -27.92
C GLY R 124 35.76 48.39 -27.26
N MET R 125 35.38 48.36 -25.99
CA MET R 125 35.14 47.11 -25.28
C MET R 125 33.67 46.76 -25.36
N ASN R 126 33.27 46.36 -26.57
CA ASN R 126 31.87 46.11 -26.89
C ASN R 126 31.76 44.71 -27.49
N PHE R 127 31.42 43.73 -26.67
CA PHE R 127 31.27 42.36 -27.14
C PHE R 127 30.03 41.66 -26.65
N LYS R 128 29.44 42.08 -25.53
CA LYS R 128 28.27 41.40 -25.01
C LYS R 128 27.04 41.73 -25.83
N THR R 129 26.12 40.78 -25.90
CA THR R 129 24.88 40.99 -26.62
C THR R 129 23.97 41.93 -25.81
N PRO R 130 23.19 42.75 -26.50
CA PRO R 130 22.31 43.70 -25.79
C PRO R 130 21.13 43.02 -25.14
N ARG R 131 21.30 42.63 -23.88
CA ARG R 131 20.22 41.98 -23.15
C ARG R 131 19.02 42.90 -22.99
N GLY R 132 17.84 42.31 -22.88
CA GLY R 132 16.60 43.05 -22.91
C GLY R 132 16.12 43.28 -24.32
N LEU S 1 -70.84 8.40 -81.08
CA LEU S 1 -70.05 9.36 -80.31
C LEU S 1 -70.54 10.77 -80.60
N VAL S 2 -71.85 10.97 -80.38
CA VAL S 2 -72.50 12.25 -80.58
C VAL S 2 -73.10 12.57 -79.20
N ILE S 3 -73.79 13.70 -79.07
CA ILE S 3 -74.51 14.08 -77.86
C ILE S 3 -75.67 13.11 -77.60
N PRO S 4 -75.70 12.43 -76.46
CA PRO S 4 -76.87 11.60 -76.13
C PRO S 4 -78.00 12.43 -75.56
N GLU S 5 -79.21 11.90 -75.68
CA GLU S 5 -80.41 12.61 -75.26
C GLU S 5 -81.35 11.79 -74.38
N LYS S 6 -81.40 10.48 -74.56
CA LYS S 6 -82.27 9.62 -73.76
C LYS S 6 -81.39 8.96 -72.70
N PHE S 7 -80.92 9.78 -71.76
CA PHE S 7 -79.85 9.39 -70.84
C PHE S 7 -80.45 9.06 -69.48
N GLN S 8 -80.75 7.78 -69.27
CA GLN S 8 -81.20 7.29 -67.97
C GLN S 8 -80.02 7.35 -67.02
N HIS S 9 -80.01 8.40 -66.19
CA HIS S 9 -78.82 8.75 -65.43
C HIS S 9 -78.61 7.85 -64.22
N ILE S 10 -79.69 7.31 -63.67
CA ILE S 10 -79.65 6.36 -62.56
C ILE S 10 -80.47 5.15 -62.96
N LEU S 11 -79.87 3.98 -62.94
CA LEU S 11 -80.59 2.75 -63.21
C LEU S 11 -80.95 2.08 -61.89
N ARG S 12 -82.22 1.83 -61.69
CA ARG S 12 -82.71 1.21 -60.46
C ARG S 12 -82.95 -0.26 -60.77
N VAL S 13 -81.89 -1.06 -60.64
CA VAL S 13 -81.98 -2.50 -60.85
C VAL S 13 -81.69 -3.20 -59.54
N LEU S 14 -82.55 -4.17 -59.20
CA LEU S 14 -82.39 -5.08 -58.06
C LEU S 14 -82.26 -4.34 -56.73
N ASN S 15 -83.06 -3.28 -56.57
CA ASN S 15 -83.09 -2.41 -55.38
C ASN S 15 -81.75 -1.74 -55.11
N THR S 16 -81.00 -1.44 -56.17
CA THR S 16 -79.69 -0.80 -56.07
C THR S 16 -79.66 0.44 -56.94
N ASN S 17 -79.11 1.53 -56.39
CA ASN S 17 -79.02 2.80 -57.12
C ASN S 17 -77.66 2.84 -57.83
N ILE S 18 -77.56 2.16 -58.95
CA ILE S 18 -76.27 2.06 -59.62
C ILE S 18 -76.01 3.33 -60.41
N ASP S 19 -74.77 3.47 -60.84
CA ASP S 19 -74.35 4.58 -61.68
C ASP S 19 -74.96 4.44 -63.07
N GLY S 20 -74.96 5.54 -63.81
CA GLY S 20 -75.44 5.50 -65.17
C GLY S 20 -74.44 6.07 -66.13
N ARG S 21 -73.40 6.72 -65.60
CA ARG S 21 -72.39 7.35 -66.42
C ARG S 21 -71.05 6.63 -66.35
N ARG S 22 -70.93 5.55 -65.58
CA ARG S 22 -69.76 4.70 -65.66
C ARG S 22 -69.83 3.83 -66.91
N LYS S 23 -68.80 3.03 -67.12
CA LYS S 23 -68.84 2.09 -68.23
C LYS S 23 -69.86 1.00 -67.95
N ILE S 24 -70.32 0.36 -69.03
CA ILE S 24 -71.40 -0.61 -68.91
C ILE S 24 -70.96 -1.88 -68.21
N ALA S 25 -69.65 -2.13 -68.10
CA ALA S 25 -69.15 -3.32 -67.43
C ALA S 25 -68.84 -3.06 -65.96
N PHE S 26 -68.51 -1.83 -65.60
CA PHE S 26 -68.18 -1.50 -64.22
C PHE S 26 -69.29 -0.75 -63.52
N ALA S 27 -70.44 -0.62 -64.17
CA ALA S 27 -71.63 -0.13 -63.49
C ALA S 27 -72.39 -1.25 -62.79
N ILE S 28 -72.39 -2.44 -63.39
CA ILE S 28 -73.08 -3.57 -62.80
C ILE S 28 -72.34 -4.10 -61.59
N THR S 29 -71.06 -3.73 -61.45
CA THR S 29 -70.25 -4.14 -60.31
C THR S 29 -70.79 -3.59 -59.00
N ALA S 30 -71.49 -2.46 -59.04
CA ALA S 30 -71.95 -1.78 -57.84
C ALA S 30 -73.12 -2.48 -57.14
N ILE S 31 -73.53 -3.65 -57.59
CA ILE S 31 -74.50 -4.45 -56.86
C ILE S 31 -73.75 -5.60 -56.20
N LYS S 32 -74.30 -6.09 -55.10
CA LYS S 32 -73.64 -7.15 -54.36
C LYS S 32 -73.86 -8.48 -55.06
N GLY S 33 -72.79 -9.23 -55.24
CA GLY S 33 -72.86 -10.48 -55.95
C GLY S 33 -72.33 -10.43 -57.36
N VAL S 34 -72.07 -9.24 -57.89
CA VAL S 34 -71.44 -9.08 -59.20
C VAL S 34 -70.16 -8.30 -58.99
N GLY S 35 -69.04 -8.94 -59.28
CA GLY S 35 -67.75 -8.29 -59.29
C GLY S 35 -67.42 -7.82 -60.69
N ARG S 36 -66.15 -7.44 -60.87
CA ARG S 36 -65.72 -6.98 -62.17
C ARG S 36 -65.61 -8.11 -63.18
N ARG S 37 -65.62 -9.36 -62.71
CA ARG S 37 -65.39 -10.50 -63.56
C ARG S 37 -66.70 -11.07 -64.09
N TYR S 38 -67.74 -11.05 -63.26
CA TYR S 38 -69.03 -11.65 -63.60
C TYR S 38 -69.80 -10.80 -64.61
N ALA S 39 -69.74 -9.48 -64.44
CA ALA S 39 -70.44 -8.57 -65.33
C ALA S 39 -69.91 -8.65 -66.76
N HIS S 40 -68.61 -8.86 -66.92
CA HIS S 40 -68.04 -9.04 -68.25
C HIS S 40 -68.56 -10.28 -68.93
N VAL S 41 -68.74 -11.37 -68.19
CA VAL S 41 -69.24 -12.61 -68.79
C VAL S 41 -70.71 -12.50 -69.13
N VAL S 42 -71.51 -11.86 -68.28
CA VAL S 42 -72.93 -11.71 -68.65
C VAL S 42 -73.12 -10.69 -69.77
N LEU S 43 -72.23 -9.71 -69.89
CA LEU S 43 -72.34 -8.78 -71.00
C LEU S 43 -71.86 -9.39 -72.30
N ARG S 44 -70.86 -10.26 -72.25
CA ARG S 44 -70.47 -10.95 -73.47
C ARG S 44 -71.50 -12.00 -73.86
N LYS S 45 -72.21 -12.57 -72.89
CA LYS S 45 -73.29 -13.49 -73.22
C LYS S 45 -74.51 -12.76 -73.75
N ALA S 46 -74.68 -11.49 -73.39
CA ALA S 46 -75.78 -10.69 -73.91
C ALA S 46 -75.48 -10.07 -75.27
N ASP S 47 -74.25 -10.24 -75.78
CA ASP S 47 -73.81 -9.80 -77.10
C ASP S 47 -73.93 -8.28 -77.29
N ILE S 48 -73.46 -7.54 -76.28
CA ILE S 48 -73.44 -6.09 -76.32
C ILE S 48 -71.98 -5.64 -76.32
N ASP S 49 -71.69 -4.58 -77.07
CA ASP S 49 -70.37 -3.98 -77.02
C ASP S 49 -70.13 -3.34 -75.66
N LEU S 50 -68.87 -3.36 -75.23
CA LEU S 50 -68.51 -2.83 -73.92
C LEU S 50 -67.83 -1.48 -74.04
N THR S 51 -67.83 -0.88 -75.22
CA THR S 51 -67.36 0.50 -75.36
C THR S 51 -68.34 1.47 -74.73
N LYS S 52 -69.62 1.14 -74.76
CA LYS S 52 -70.68 2.06 -74.38
C LYS S 52 -70.75 2.21 -72.86
N ARG S 53 -71.35 3.31 -72.43
CA ARG S 53 -71.62 3.55 -71.03
C ARG S 53 -72.99 2.99 -70.67
N ALA S 54 -73.52 3.36 -69.51
CA ALA S 54 -74.75 2.76 -69.01
C ALA S 54 -76.00 3.53 -69.40
N GLY S 55 -75.88 4.73 -69.93
CA GLY S 55 -77.06 5.52 -70.17
C GLY S 55 -77.65 5.45 -71.55
N GLU S 56 -76.91 4.93 -72.53
CA GLU S 56 -77.41 4.86 -73.90
C GLU S 56 -78.01 3.50 -74.22
N LEU S 57 -78.18 2.66 -73.22
CA LEU S 57 -78.63 1.29 -73.44
C LEU S 57 -80.14 1.28 -73.63
N THR S 58 -80.60 0.64 -74.71
CA THR S 58 -82.03 0.50 -74.90
C THR S 58 -82.60 -0.53 -73.94
N GLU S 59 -83.89 -0.36 -73.61
CA GLU S 59 -84.51 -1.09 -72.51
C GLU S 59 -84.61 -2.59 -72.76
N ASP S 60 -84.58 -3.02 -74.02
CA ASP S 60 -84.44 -4.44 -74.34
C ASP S 60 -83.13 -4.97 -73.79
N GLU S 61 -82.03 -4.27 -74.06
CA GLU S 61 -80.76 -4.70 -73.53
C GLU S 61 -80.57 -4.32 -72.08
N VAL S 62 -81.47 -3.54 -71.49
CA VAL S 62 -81.45 -3.39 -70.04
C VAL S 62 -82.13 -4.57 -69.37
N GLU S 63 -83.26 -5.04 -69.90
CA GLU S 63 -83.92 -6.16 -69.23
C GLU S 63 -83.22 -7.48 -69.55
N ARG S 64 -82.61 -7.60 -70.73
CA ARG S 64 -82.02 -8.87 -71.10
C ARG S 64 -80.68 -9.13 -70.42
N VAL S 65 -80.11 -8.12 -69.77
CA VAL S 65 -78.94 -8.37 -68.92
C VAL S 65 -79.31 -8.59 -67.46
N ILE S 66 -80.54 -8.25 -67.06
CA ILE S 66 -80.98 -8.61 -65.72
C ILE S 66 -81.56 -10.02 -65.73
N THR S 67 -82.20 -10.43 -66.82
CA THR S 67 -82.77 -11.77 -66.85
C THR S 67 -81.74 -12.86 -67.01
N ILE S 68 -80.49 -12.52 -67.34
CA ILE S 68 -79.42 -13.51 -67.31
C ILE S 68 -78.68 -13.48 -65.99
N MET S 69 -79.16 -12.70 -65.01
CA MET S 69 -78.69 -12.78 -63.65
C MET S 69 -79.69 -13.47 -62.72
N GLN S 70 -80.90 -13.72 -63.18
CA GLN S 70 -81.85 -14.48 -62.41
C GLN S 70 -81.78 -15.97 -62.71
N ASN S 71 -81.29 -16.34 -63.90
CA ASN S 71 -81.04 -17.75 -64.23
C ASN S 71 -79.97 -17.82 -65.31
N PRO S 72 -78.69 -17.78 -64.92
CA PRO S 72 -77.61 -17.81 -65.92
C PRO S 72 -77.36 -19.15 -66.57
N ARG S 73 -77.87 -20.25 -66.00
CA ARG S 73 -77.49 -21.57 -66.49
C ARG S 73 -78.17 -21.93 -67.81
N GLN S 74 -79.18 -21.18 -68.25
CA GLN S 74 -79.72 -21.42 -69.58
C GLN S 74 -78.84 -20.86 -70.67
N TYR S 75 -77.88 -19.99 -70.32
CA TYR S 75 -77.08 -19.29 -71.31
C TYR S 75 -75.62 -19.73 -71.26
N LYS S 76 -75.37 -20.97 -70.85
CA LYS S 76 -74.09 -21.67 -70.90
C LYS S 76 -73.01 -21.02 -70.05
N ILE S 77 -73.38 -20.13 -69.13
CA ILE S 77 -72.45 -19.66 -68.10
C ILE S 77 -72.21 -20.86 -67.20
N PRO S 78 -70.96 -21.28 -67.04
CA PRO S 78 -70.70 -22.55 -66.36
C PRO S 78 -70.86 -22.40 -64.85
N ASP S 79 -70.70 -23.53 -64.17
CA ASP S 79 -71.00 -23.57 -62.74
C ASP S 79 -69.90 -22.95 -61.90
N TRP S 80 -68.68 -22.85 -62.41
CA TRP S 80 -67.58 -22.32 -61.62
C TRP S 80 -67.60 -20.81 -61.51
N PHE S 81 -68.56 -20.13 -62.13
CA PHE S 81 -68.75 -18.71 -61.92
C PHE S 81 -69.68 -18.36 -60.80
N LEU S 82 -70.43 -19.31 -60.28
CA LEU S 82 -71.59 -18.94 -59.51
C LEU S 82 -71.21 -18.71 -58.06
N ASN S 83 -72.00 -17.86 -57.39
CA ASN S 83 -71.72 -17.44 -56.03
C ASN S 83 -71.86 -18.59 -55.05
N ARG S 84 -72.89 -19.40 -55.21
CA ARG S 84 -73.06 -20.63 -54.43
C ARG S 84 -73.16 -21.77 -55.42
N GLN S 85 -72.15 -22.63 -55.46
CA GLN S 85 -72.17 -23.72 -56.42
C GLN S 85 -73.03 -24.88 -55.92
N LYS S 86 -72.60 -25.54 -54.87
CA LYS S 86 -73.30 -26.69 -54.34
C LYS S 86 -73.87 -26.27 -53.00
N ASP S 87 -75.14 -25.88 -53.00
CA ASP S 87 -75.76 -25.39 -51.78
C ASP S 87 -75.97 -26.54 -50.79
N VAL S 88 -76.01 -26.18 -49.51
CA VAL S 88 -76.08 -27.21 -48.48
C VAL S 88 -77.50 -27.73 -48.26
N LYS S 89 -78.52 -27.00 -48.71
CA LYS S 89 -79.90 -27.41 -48.49
C LYS S 89 -80.51 -28.06 -49.71
N ASP S 90 -80.56 -27.35 -50.83
CA ASP S 90 -81.15 -27.89 -52.05
C ASP S 90 -80.14 -28.38 -53.06
N GLY S 91 -78.87 -28.01 -52.93
CA GLY S 91 -77.84 -28.44 -53.86
C GLY S 91 -78.04 -27.87 -55.26
N LYS S 92 -78.30 -26.57 -55.33
CA LYS S 92 -78.65 -25.92 -56.58
C LYS S 92 -77.59 -24.89 -56.92
N TYR S 93 -77.36 -24.69 -58.21
CA TYR S 93 -76.29 -23.84 -58.68
C TYR S 93 -76.85 -22.47 -59.05
N SER S 94 -76.45 -21.45 -58.30
CA SER S 94 -77.06 -20.14 -58.44
C SER S 94 -76.03 -19.07 -58.15
N GLN S 95 -76.30 -17.87 -58.65
CA GLN S 95 -75.51 -16.68 -58.38
C GLN S 95 -76.36 -15.74 -57.54
N VAL S 96 -76.05 -15.65 -56.27
CA VAL S 96 -76.87 -14.90 -55.32
C VAL S 96 -76.60 -13.41 -55.51
N LEU S 97 -77.65 -12.63 -55.65
CA LEU S 97 -77.54 -11.20 -55.87
C LEU S 97 -77.84 -10.42 -54.59
N ALA S 98 -78.01 -9.10 -54.74
CA ALA S 98 -77.87 -8.17 -53.63
C ALA S 98 -78.96 -8.29 -52.58
N ASN S 99 -80.19 -8.64 -53.00
CA ASN S 99 -81.29 -8.72 -52.04
C ASN S 99 -81.13 -9.91 -51.11
N GLY S 100 -80.48 -10.97 -51.59
CA GLY S 100 -80.37 -12.21 -50.85
C GLY S 100 -78.98 -12.62 -50.46
N LEU S 101 -77.96 -11.78 -50.65
CA LEU S 101 -76.63 -12.16 -50.19
C LEU S 101 -76.53 -12.10 -48.67
N ASP S 102 -76.96 -10.99 -48.08
CA ASP S 102 -77.04 -10.92 -46.63
C ASP S 102 -78.04 -11.95 -46.10
N ASN S 103 -79.16 -12.11 -46.79
CA ASN S 103 -80.20 -13.05 -46.40
C ASN S 103 -79.80 -14.50 -46.65
N LYS S 104 -78.66 -14.74 -47.29
CA LYS S 104 -78.12 -16.08 -47.40
C LYS S 104 -76.95 -16.31 -46.46
N LEU S 105 -76.03 -15.37 -46.34
CA LEU S 105 -74.88 -15.60 -45.48
C LEU S 105 -75.25 -15.47 -44.01
N ARG S 106 -76.34 -14.77 -43.68
CA ARG S 106 -76.86 -14.83 -42.33
C ARG S 106 -77.33 -16.22 -41.97
N GLU S 107 -78.00 -16.89 -42.90
CA GLU S 107 -78.47 -18.25 -42.63
C GLU S 107 -77.32 -19.25 -42.68
N ASP S 108 -76.28 -18.95 -43.45
CA ASP S 108 -75.07 -19.75 -43.39
C ASP S 108 -74.36 -19.59 -42.06
N LEU S 109 -74.37 -18.38 -41.49
CA LEU S 109 -73.70 -18.16 -40.23
C LEU S 109 -74.48 -18.72 -39.06
N GLU S 110 -75.78 -18.42 -38.99
CA GLU S 110 -76.61 -18.93 -37.92
C GLU S 110 -76.94 -20.40 -38.07
N ARG S 111 -76.75 -20.98 -39.26
CA ARG S 111 -76.72 -22.43 -39.36
C ARG S 111 -75.57 -23.00 -38.55
N LEU S 112 -74.43 -22.34 -38.60
CA LEU S 112 -73.31 -22.76 -37.78
C LEU S 112 -73.45 -22.35 -36.32
N LYS S 113 -74.43 -21.52 -35.97
CA LYS S 113 -74.62 -21.16 -34.58
C LYS S 113 -75.70 -21.97 -33.88
N LYS S 114 -76.62 -22.58 -34.64
CA LYS S 114 -77.48 -23.58 -34.02
C LYS S 114 -76.70 -24.85 -33.74
N ILE S 115 -75.75 -25.18 -34.61
CA ILE S 115 -75.00 -26.42 -34.49
C ILE S 115 -74.02 -26.36 -33.34
N ARG S 116 -73.67 -25.16 -32.87
CA ARG S 116 -72.68 -24.92 -31.81
C ARG S 116 -71.33 -25.50 -32.24
N ALA S 117 -70.78 -24.89 -33.30
CA ALA S 117 -69.58 -25.35 -33.98
C ALA S 117 -68.38 -24.46 -33.66
N HIS S 118 -67.21 -24.88 -34.15
CA HIS S 118 -65.98 -24.14 -33.87
C HIS S 118 -65.83 -22.89 -34.70
N ARG S 119 -66.69 -22.70 -35.70
CA ARG S 119 -66.64 -21.57 -36.60
C ARG S 119 -67.80 -20.61 -36.38
N GLY S 120 -69.00 -21.14 -36.11
CA GLY S 120 -70.11 -20.27 -35.79
C GLY S 120 -69.98 -19.61 -34.44
N LEU S 121 -69.36 -20.29 -33.48
CA LEU S 121 -69.08 -19.67 -32.19
C LEU S 121 -67.98 -18.64 -32.33
N ARG S 122 -67.02 -18.92 -33.19
CA ARG S 122 -65.94 -18.00 -33.46
C ARG S 122 -66.47 -16.75 -34.16
N HIS S 123 -67.49 -16.91 -35.00
CA HIS S 123 -68.18 -15.75 -35.56
C HIS S 123 -68.99 -15.03 -34.50
N PHE S 124 -69.57 -15.77 -33.56
CA PHE S 124 -70.45 -15.18 -32.56
C PHE S 124 -69.69 -14.35 -31.55
N TRP S 125 -68.45 -14.73 -31.24
CA TRP S 125 -67.62 -13.87 -30.40
C TRP S 125 -67.01 -12.71 -31.17
N GLY S 126 -67.08 -12.74 -32.49
CA GLY S 126 -66.53 -11.66 -33.28
C GLY S 126 -65.04 -11.75 -33.52
N LEU S 127 -64.43 -12.89 -33.26
CA LEU S 127 -62.99 -13.03 -33.45
C LEU S 127 -62.71 -13.56 -34.84
N ARG S 128 -61.43 -13.83 -35.11
CA ARG S 128 -61.04 -14.24 -36.45
C ARG S 128 -61.28 -15.71 -36.64
N VAL S 129 -61.73 -16.08 -37.83
CA VAL S 129 -62.30 -17.39 -38.09
C VAL S 129 -61.33 -18.32 -38.79
N ARG S 130 -60.56 -17.82 -39.75
CA ARG S 130 -59.77 -18.66 -40.63
C ARG S 130 -58.42 -19.04 -40.06
N GLY S 131 -58.26 -19.06 -38.75
CA GLY S 131 -57.03 -19.56 -38.19
C GLY S 131 -55.88 -18.59 -38.21
N GLN S 132 -56.17 -17.30 -38.22
CA GLN S 132 -55.10 -16.34 -38.08
C GLN S 132 -54.63 -16.30 -36.64
N HIS S 133 -53.41 -15.79 -36.45
CA HIS S 133 -52.96 -15.43 -35.12
C HIS S 133 -53.77 -14.24 -34.62
N THR S 134 -53.91 -14.14 -33.31
CA THR S 134 -54.81 -13.13 -32.77
C THR S 134 -54.12 -12.29 -31.70
N LYS S 135 -52.83 -12.47 -31.48
CA LYS S 135 -52.14 -11.71 -30.44
C LYS S 135 -51.95 -10.26 -30.85
N THR S 136 -51.25 -10.03 -31.96
CA THR S 136 -50.76 -8.71 -32.27
C THR S 136 -51.62 -7.93 -33.26
N THR S 137 -52.52 -8.57 -33.95
CA THR S 137 -53.27 -7.91 -34.99
C THR S 137 -54.75 -7.84 -34.61
N GLY S 138 -55.53 -7.18 -35.45
CA GLY S 138 -56.96 -7.07 -35.22
C GLY S 138 -57.31 -6.15 -34.08
N ARG S 139 -56.38 -5.30 -33.66
CA ARG S 139 -56.61 -4.43 -32.52
C ARG S 139 -57.58 -3.29 -32.84
N ARG S 140 -57.79 -2.98 -34.11
CA ARG S 140 -58.64 -1.85 -34.47
C ARG S 140 -60.12 -2.17 -34.24
N GLY S 141 -60.80 -1.27 -33.53
CA GLY S 141 -62.19 -1.46 -33.22
C GLY S 141 -62.46 -2.38 -32.05
N ARG S 142 -61.44 -2.80 -31.32
CA ARG S 142 -61.62 -3.73 -30.22
C ARG S 142 -61.31 -3.06 -28.90
N THR S 143 -62.16 -3.32 -27.91
CA THR S 143 -61.96 -2.80 -26.56
C THR S 143 -62.48 -3.82 -25.57
N PRO T 1 -35.16 -7.71 -102.88
CA PRO T 1 -36.49 -7.74 -102.25
C PRO T 1 -36.84 -9.12 -101.69
N GLY T 2 -35.89 -9.72 -100.98
CA GLY T 2 -36.16 -10.94 -100.27
C GLY T 2 -36.59 -10.66 -98.84
N VAL T 3 -37.89 -10.77 -98.58
CA VAL T 3 -38.45 -10.44 -97.28
C VAL T 3 -38.65 -11.73 -96.49
N THR T 4 -38.32 -11.68 -95.20
CA THR T 4 -38.52 -12.76 -94.25
C THR T 4 -39.20 -12.12 -93.05
N VAL T 5 -39.64 -12.93 -92.07
CA VAL T 5 -40.39 -12.46 -90.92
C VAL T 5 -39.56 -11.52 -90.06
N LYS T 6 -38.25 -11.73 -90.01
CA LYS T 6 -37.40 -10.90 -89.15
C LYS T 6 -37.19 -9.48 -89.68
N ASP T 7 -37.58 -9.17 -90.90
CA ASP T 7 -37.29 -7.87 -91.47
C ASP T 7 -38.38 -6.83 -91.21
N VAL T 8 -39.20 -7.03 -90.17
CA VAL T 8 -40.30 -6.13 -89.87
C VAL T 8 -40.58 -6.26 -88.37
N ASN T 9 -41.08 -5.19 -87.76
CA ASN T 9 -41.37 -5.24 -86.33
C ASN T 9 -42.57 -6.14 -86.08
N GLN T 10 -42.47 -6.94 -85.03
CA GLN T 10 -43.41 -8.03 -84.85
C GLN T 10 -44.75 -7.57 -84.31
N GLN T 11 -44.81 -6.39 -83.68
CA GLN T 11 -46.05 -5.97 -83.03
C GLN T 11 -47.13 -5.65 -84.03
N GLU T 12 -46.77 -5.30 -85.26
CA GLU T 12 -47.73 -5.15 -86.35
C GLU T 12 -47.85 -6.43 -87.16
N PHE T 13 -46.80 -7.24 -87.21
CA PHE T 13 -46.84 -8.50 -87.91
C PHE T 13 -47.84 -9.47 -87.29
N VAL T 14 -47.93 -9.47 -85.96
CA VAL T 14 -48.91 -10.28 -85.27
C VAL T 14 -50.33 -9.80 -85.59
N ARG T 15 -50.55 -8.49 -85.70
CA ARG T 15 -51.86 -7.99 -86.08
C ARG T 15 -52.22 -8.39 -87.50
N ALA T 16 -51.24 -8.36 -88.40
CA ALA T 16 -51.46 -8.74 -89.78
C ALA T 16 -51.82 -10.22 -89.88
N LEU T 17 -51.05 -11.08 -89.20
CA LEU T 17 -51.33 -12.51 -89.23
C LEU T 17 -52.65 -12.85 -88.55
N ALA T 18 -53.04 -12.09 -87.53
CA ALA T 18 -54.33 -12.31 -86.90
C ALA T 18 -55.47 -11.92 -87.83
N ALA T 19 -55.28 -10.85 -88.61
CA ALA T 19 -56.28 -10.47 -89.60
C ALA T 19 -56.36 -11.49 -90.72
N PHE T 20 -55.24 -12.11 -91.08
CA PHE T 20 -55.28 -13.14 -92.11
C PHE T 20 -55.95 -14.42 -91.61
N LEU T 21 -55.67 -14.80 -90.37
CA LEU T 21 -56.30 -15.99 -89.82
C LEU T 21 -57.79 -15.79 -89.56
N LYS T 22 -58.19 -14.56 -89.21
CA LYS T 22 -59.60 -14.28 -89.02
C LYS T 22 -60.35 -14.33 -90.33
N LYS T 23 -59.76 -13.78 -91.39
CA LYS T 23 -60.42 -13.76 -92.69
C LYS T 23 -60.43 -15.12 -93.37
N SER T 24 -59.63 -16.08 -92.91
CA SER T 24 -59.65 -17.39 -93.53
C SER T 24 -60.90 -18.17 -93.17
N GLY T 25 -61.37 -18.03 -91.94
CA GLY T 25 -62.58 -18.70 -91.51
C GLY T 25 -62.43 -20.08 -90.93
N LYS T 26 -61.53 -20.89 -91.48
CA LYS T 26 -61.46 -22.30 -91.12
C LYS T 26 -60.50 -22.56 -89.95
N LEU T 27 -60.58 -21.68 -88.96
CA LEU T 27 -59.80 -21.81 -87.73
C LEU T 27 -60.75 -22.29 -86.65
N LYS T 28 -60.42 -23.42 -86.03
CA LYS T 28 -61.32 -24.06 -85.08
C LYS T 28 -61.32 -23.28 -83.77
N VAL T 29 -62.16 -22.26 -83.71
CA VAL T 29 -62.33 -21.47 -82.49
C VAL T 29 -63.07 -22.31 -81.45
N PRO T 30 -62.58 -22.41 -80.21
CA PRO T 30 -63.23 -23.26 -79.22
C PRO T 30 -64.51 -22.67 -78.68
N GLU T 31 -65.09 -23.34 -77.69
CA GLU T 31 -66.39 -22.97 -77.17
C GLU T 31 -66.29 -22.03 -75.99
N TRP T 32 -65.17 -22.07 -75.25
CA TRP T 32 -65.02 -21.29 -74.03
C TRP T 32 -64.21 -20.02 -74.25
N VAL T 33 -64.34 -19.38 -75.41
CA VAL T 33 -63.52 -18.22 -75.69
C VAL T 33 -64.01 -17.02 -74.90
N ASP T 34 -65.32 -16.84 -74.77
CA ASP T 34 -65.87 -15.66 -74.13
C ASP T 34 -66.04 -15.81 -72.63
N THR T 35 -65.25 -16.68 -71.98
CA THR T 35 -65.41 -16.86 -70.54
C THR T 35 -64.13 -16.99 -69.74
N VAL T 36 -62.97 -17.24 -70.34
CA VAL T 36 -61.81 -17.68 -69.58
C VAL T 36 -60.79 -16.57 -69.48
N LYS T 37 -59.90 -16.70 -68.49
CA LYS T 37 -58.67 -15.93 -68.42
C LYS T 37 -57.54 -16.77 -68.97
N LEU T 38 -56.56 -16.12 -69.57
CA LEU T 38 -55.51 -16.84 -70.27
C LEU T 38 -54.44 -17.39 -69.34
N ALA T 39 -54.49 -17.06 -68.06
CA ALA T 39 -53.60 -17.66 -67.08
C ALA T 39 -54.24 -17.54 -65.70
N LYS T 40 -53.58 -18.10 -64.72
CA LYS T 40 -54.06 -18.04 -63.35
C LYS T 40 -53.61 -16.79 -62.63
N HIS T 41 -52.91 -15.88 -63.30
CA HIS T 41 -52.45 -14.66 -62.67
C HIS T 41 -53.13 -13.42 -63.16
N LYS T 42 -53.66 -13.44 -64.37
CA LYS T 42 -54.37 -12.30 -64.89
C LYS T 42 -55.74 -12.24 -64.24
N GLU T 43 -56.09 -11.07 -63.71
CA GLU T 43 -57.28 -10.94 -62.90
C GLU T 43 -58.54 -10.65 -63.72
N LEU T 44 -58.44 -10.49 -65.02
CA LEU T 44 -59.62 -10.25 -65.84
C LEU T 44 -59.49 -11.00 -67.15
N ALA T 45 -60.61 -11.14 -67.83
CA ALA T 45 -60.67 -11.70 -69.16
C ALA T 45 -60.23 -10.66 -70.18
N PRO T 46 -59.60 -11.06 -71.28
CA PRO T 46 -59.01 -10.09 -72.20
C PRO T 46 -60.03 -9.23 -72.92
N TYR T 47 -59.57 -8.03 -73.31
CA TYR T 47 -60.48 -6.99 -73.79
C TYR T 47 -61.00 -7.31 -75.18
N ASP T 48 -60.10 -7.57 -76.11
CA ASP T 48 -60.48 -7.85 -77.48
C ASP T 48 -61.20 -9.19 -77.53
N GLU T 49 -62.46 -9.16 -77.96
CA GLU T 49 -63.25 -10.38 -77.97
C GLU T 49 -62.82 -11.35 -79.07
N ASN T 50 -61.96 -10.92 -79.99
CA ASN T 50 -61.31 -11.79 -80.95
C ASN T 50 -59.91 -12.15 -80.49
N TRP T 51 -59.72 -12.40 -79.19
CA TRP T 51 -58.38 -12.66 -78.67
C TRP T 51 -57.79 -13.95 -79.20
N PHE T 52 -58.63 -14.89 -79.66
CA PHE T 52 -58.09 -16.17 -80.08
C PHE T 52 -57.29 -16.06 -81.37
N TYR T 53 -57.63 -15.11 -82.22
CA TYR T 53 -56.90 -14.99 -83.47
C TYR T 53 -55.53 -14.37 -83.24
N THR T 54 -55.45 -13.38 -82.35
CA THR T 54 -54.16 -12.76 -82.04
C THR T 54 -53.25 -13.74 -81.32
N ARG T 55 -53.83 -14.59 -80.47
CA ARG T 55 -53.03 -15.58 -79.78
C ARG T 55 -52.58 -16.68 -80.72
N ALA T 56 -53.47 -17.14 -81.62
CA ALA T 56 -53.08 -18.15 -82.59
C ALA T 56 -52.13 -17.62 -83.62
N ALA T 57 -52.03 -16.30 -83.79
CA ALA T 57 -51.00 -15.76 -84.65
C ALA T 57 -49.64 -15.82 -83.98
N SER T 58 -49.54 -15.36 -82.74
CA SER T 58 -48.25 -15.24 -82.08
C SER T 58 -47.70 -16.57 -81.59
N THR T 59 -48.52 -17.61 -81.46
CA THR T 59 -47.96 -18.93 -81.21
C THR T 59 -47.22 -19.43 -82.43
N ALA T 60 -47.80 -19.18 -83.61
CA ALA T 60 -47.16 -19.61 -84.85
C ALA T 60 -45.88 -18.86 -85.11
N ARG T 61 -45.82 -17.60 -84.73
CA ARG T 61 -44.62 -16.81 -84.96
C ARG T 61 -43.51 -17.25 -84.02
N HIS T 62 -43.85 -17.67 -82.81
CA HIS T 62 -42.85 -18.26 -81.94
C HIS T 62 -42.46 -19.65 -82.39
N LEU T 63 -43.26 -20.29 -83.25
CA LEU T 63 -42.81 -21.51 -83.91
C LEU T 63 -41.98 -21.21 -85.14
N TYR T 64 -42.04 -19.98 -85.64
CA TYR T 64 -41.13 -19.58 -86.70
C TYR T 64 -39.74 -19.34 -86.15
N LEU T 65 -39.64 -18.61 -85.04
CA LEU T 65 -38.34 -18.17 -84.55
C LEU T 65 -37.57 -19.32 -83.91
N ARG T 66 -38.23 -20.19 -83.17
CA ARG T 66 -37.65 -21.48 -82.82
C ARG T 66 -38.76 -22.52 -82.71
N GLY T 67 -38.65 -23.58 -83.50
CA GLY T 67 -39.59 -24.68 -83.40
C GLY T 67 -39.22 -25.63 -82.29
N GLY T 68 -39.82 -26.81 -82.33
CA GLY T 68 -39.56 -27.80 -81.31
C GLY T 68 -40.20 -27.53 -79.98
N ALA T 69 -41.09 -26.54 -79.91
CA ALA T 69 -41.78 -26.21 -78.67
C ALA T 69 -43.09 -26.96 -78.59
N GLY T 70 -43.58 -27.11 -77.37
CA GLY T 70 -44.84 -27.75 -77.16
C GLY T 70 -45.71 -26.93 -76.26
N VAL T 71 -46.69 -27.56 -75.61
CA VAL T 71 -47.59 -26.84 -74.74
C VAL T 71 -46.89 -26.39 -73.46
N GLY T 72 -45.82 -27.06 -73.08
CA GLY T 72 -45.08 -26.63 -71.91
C GLY T 72 -44.21 -25.42 -72.15
N SER T 73 -43.62 -25.33 -73.34
CA SER T 73 -42.85 -24.13 -73.65
C SER T 73 -43.75 -22.95 -73.91
N MET T 74 -44.88 -23.16 -74.60
CA MET T 74 -45.85 -22.10 -74.83
C MET T 74 -46.50 -21.63 -73.53
N THR T 75 -46.46 -22.43 -72.48
CA THR T 75 -46.90 -21.98 -71.18
C THR T 75 -45.88 -21.02 -70.59
N LYS T 76 -44.60 -21.24 -70.86
CA LYS T 76 -43.52 -20.42 -70.33
C LYS T 76 -43.34 -19.14 -71.14
N ILE T 77 -43.71 -19.16 -72.42
CA ILE T 77 -43.73 -17.94 -73.20
C ILE T 77 -44.81 -17.01 -72.67
N TYR T 78 -46.03 -17.49 -72.57
CA TYR T 78 -47.13 -16.62 -72.19
C TYR T 78 -47.38 -16.64 -70.69
N GLY T 79 -46.31 -16.51 -69.92
CA GLY T 79 -46.41 -16.43 -68.48
C GLY T 79 -45.99 -15.05 -68.04
N GLY T 80 -46.53 -14.60 -66.92
CA GLY T 80 -46.25 -13.26 -66.47
C GLY T 80 -45.98 -13.16 -64.99
N ARG T 81 -46.36 -12.06 -64.38
CA ARG T 81 -46.12 -11.81 -62.98
C ARG T 81 -47.41 -11.91 -62.21
N GLN T 82 -47.45 -12.77 -61.21
CA GLN T 82 -48.64 -12.91 -60.39
C GLN T 82 -48.55 -12.00 -59.19
N ARG T 83 -49.33 -10.93 -59.19
CA ARG T 83 -49.51 -10.11 -58.01
C ARG T 83 -50.48 -10.84 -57.09
N ASN T 84 -50.00 -11.24 -55.91
CA ASN T 84 -50.79 -12.07 -55.00
C ASN T 84 -50.82 -11.47 -53.61
N GLY T 85 -51.80 -10.62 -53.34
CA GLY T 85 -52.14 -10.29 -51.98
C GLY T 85 -51.15 -9.38 -51.30
N VAL T 86 -50.90 -9.61 -50.02
CA VAL T 86 -49.82 -8.95 -49.33
C VAL T 86 -48.58 -9.83 -49.28
N MET T 87 -48.50 -10.79 -50.08
CA MET T 87 -47.26 -11.50 -50.30
C MET T 87 -46.63 -11.04 -51.61
N PRO T 88 -45.31 -11.08 -51.71
CA PRO T 88 -44.64 -10.58 -52.92
C PRO T 88 -44.97 -11.37 -54.18
N SER T 89 -44.79 -10.71 -55.32
CA SER T 89 -45.18 -11.26 -56.61
C SER T 89 -44.18 -12.32 -57.07
N HIS T 90 -44.64 -13.19 -57.95
CA HIS T 90 -43.84 -14.31 -58.41
C HIS T 90 -44.27 -14.64 -59.83
N PHE T 91 -43.33 -15.14 -60.64
CA PHE T 91 -43.62 -15.51 -62.01
C PHE T 91 -44.51 -16.73 -62.03
N SER T 92 -45.69 -16.61 -62.63
CA SER T 92 -46.60 -17.73 -62.78
C SER T 92 -46.71 -18.08 -64.25
N ARG T 93 -46.98 -19.34 -64.53
CA ARG T 93 -47.07 -19.79 -65.89
C ARG T 93 -48.45 -19.48 -66.47
N GLY T 94 -48.61 -19.78 -67.75
CA GLY T 94 -49.87 -19.59 -68.44
C GLY T 94 -50.75 -20.81 -68.34
N SER T 95 -51.65 -20.95 -69.30
CA SER T 95 -52.56 -22.07 -69.35
C SER T 95 -51.99 -23.18 -70.23
N LYS T 96 -52.51 -24.38 -70.04
CA LYS T 96 -52.07 -25.53 -70.82
C LYS T 96 -53.17 -26.06 -71.73
N SER T 97 -54.29 -25.37 -71.81
CA SER T 97 -55.30 -25.71 -72.81
C SER T 97 -55.64 -24.55 -73.71
N VAL T 98 -55.51 -23.32 -73.24
CA VAL T 98 -55.52 -22.17 -74.13
C VAL T 98 -54.30 -22.21 -75.03
N ALA T 99 -53.19 -22.72 -74.53
CA ALA T 99 -51.99 -22.93 -75.33
C ALA T 99 -51.98 -24.28 -76.01
N ARG T 100 -52.99 -25.11 -75.81
CA ARG T 100 -53.10 -26.37 -76.53
C ARG T 100 -54.20 -26.37 -77.57
N ARG T 101 -55.27 -25.61 -77.34
CA ARG T 101 -56.28 -25.48 -78.36
C ARG T 101 -55.94 -24.46 -79.42
N VAL T 102 -54.80 -23.78 -79.29
CA VAL T 102 -54.26 -23.03 -80.42
C VAL T 102 -53.36 -23.91 -81.26
N LEU T 103 -52.67 -24.86 -80.64
CA LEU T 103 -51.65 -25.64 -81.34
C LEU T 103 -52.28 -26.66 -82.27
N GLN T 104 -53.37 -27.29 -81.84
CA GLN T 104 -54.14 -28.13 -82.75
C GLN T 104 -55.29 -27.37 -83.39
N ALA T 105 -55.27 -26.05 -83.30
CA ALA T 105 -55.99 -25.23 -84.26
C ALA T 105 -55.13 -24.87 -85.45
N LEU T 106 -53.83 -24.67 -85.24
CA LEU T 106 -52.91 -24.49 -86.35
C LEU T 106 -52.74 -25.78 -87.14
N GLU T 107 -52.99 -26.93 -86.55
CA GLU T 107 -53.07 -28.16 -87.34
C GLU T 107 -54.33 -28.19 -88.19
N GLY T 108 -55.37 -27.48 -87.75
CA GLY T 108 -56.62 -27.41 -88.50
C GLY T 108 -56.50 -26.67 -89.81
N LEU T 109 -55.53 -25.77 -89.93
CA LEU T 109 -55.19 -25.15 -91.20
C LEU T 109 -53.96 -25.78 -91.82
N LYS T 110 -53.56 -26.95 -91.33
CA LYS T 110 -52.33 -27.70 -91.65
C LYS T 110 -51.09 -26.79 -91.79
N MET T 111 -50.96 -25.87 -90.84
CA MET T 111 -49.82 -24.96 -90.79
C MET T 111 -48.68 -25.45 -89.91
N VAL T 112 -48.94 -26.43 -89.03
CA VAL T 112 -47.90 -27.00 -88.19
C VAL T 112 -48.03 -28.52 -88.23
N GLU T 113 -47.01 -29.20 -87.70
CA GLU T 113 -47.07 -30.63 -87.49
C GLU T 113 -46.14 -31.00 -86.36
N LYS T 114 -46.40 -32.14 -85.73
CA LYS T 114 -45.60 -32.59 -84.61
C LYS T 114 -44.26 -33.10 -85.13
N ASP T 115 -43.18 -32.50 -84.68
CA ASP T 115 -41.87 -32.90 -85.16
C ASP T 115 -41.45 -34.22 -84.54
N GLN T 116 -40.38 -34.79 -85.07
CA GLN T 116 -39.90 -36.08 -84.62
C GLN T 116 -39.18 -35.99 -83.28
N ASP T 117 -38.78 -34.79 -82.88
CA ASP T 117 -38.15 -34.60 -81.58
C ASP T 117 -39.15 -34.45 -80.46
N GLY T 118 -40.40 -34.12 -80.76
CA GLY T 118 -41.45 -34.16 -79.75
C GLY T 118 -42.39 -32.98 -79.72
N GLY T 119 -41.91 -31.78 -80.00
CA GLY T 119 -42.79 -30.63 -79.90
C GLY T 119 -43.63 -30.40 -81.13
N ARG T 120 -43.70 -29.16 -81.60
CA ARG T 120 -44.41 -28.80 -82.81
C ARG T 120 -43.58 -27.78 -83.58
N LYS T 121 -43.57 -27.90 -84.90
CA LYS T 121 -42.85 -26.99 -85.77
C LYS T 121 -43.70 -26.65 -86.98
N LEU T 122 -43.15 -25.81 -87.85
CA LEU T 122 -43.89 -25.34 -89.01
C LEU T 122 -43.70 -26.28 -90.20
N THR T 123 -44.77 -26.41 -91.02
CA THR T 123 -44.62 -27.05 -92.31
C THR T 123 -44.18 -26.01 -93.34
N PRO T 124 -43.48 -26.44 -94.40
CA PRO T 124 -43.15 -25.50 -95.49
C PRO T 124 -44.34 -24.82 -96.12
N GLN T 125 -45.50 -25.48 -96.18
CA GLN T 125 -46.71 -24.81 -96.66
C GLN T 125 -47.15 -23.71 -95.71
N GLY T 126 -46.93 -23.91 -94.41
CA GLY T 126 -47.19 -22.87 -93.44
C GLY T 126 -46.08 -21.86 -93.32
N GLN T 127 -44.91 -22.13 -93.88
CA GLN T 127 -43.87 -21.13 -93.99
C GLN T 127 -44.07 -20.25 -95.21
N ARG T 128 -44.98 -20.63 -96.11
CA ARG T 128 -45.29 -19.79 -97.27
C ARG T 128 -46.00 -18.52 -96.84
N ASP T 129 -47.14 -18.66 -96.18
CA ASP T 129 -48.00 -17.50 -95.95
C ASP T 129 -47.46 -16.57 -94.90
N LEU T 130 -46.60 -17.05 -94.00
CA LEU T 130 -45.94 -16.15 -93.05
C LEU T 130 -45.02 -15.18 -93.79
N ASP T 131 -44.23 -15.69 -94.74
CA ASP T 131 -43.38 -14.81 -95.52
C ASP T 131 -44.19 -13.97 -96.50
N ARG T 132 -45.31 -14.51 -96.98
CA ARG T 132 -46.22 -13.74 -97.83
C ARG T 132 -46.74 -12.51 -97.09
N ILE T 133 -47.17 -12.70 -95.85
CA ILE T 133 -47.73 -11.58 -95.12
C ILE T 133 -46.63 -10.70 -94.53
N ALA T 134 -45.42 -11.24 -94.37
CA ALA T 134 -44.29 -10.39 -94.05
C ALA T 134 -43.98 -9.46 -95.20
N GLY T 135 -44.07 -9.95 -96.43
CA GLY T 135 -43.96 -9.08 -97.59
C GLY T 135 -45.11 -8.09 -97.67
N GLN T 136 -46.32 -8.54 -97.33
CA GLN T 136 -47.48 -7.66 -97.38
C GLN T 136 -47.46 -6.59 -96.30
N VAL T 137 -46.72 -6.79 -95.21
CA VAL T 137 -46.60 -5.74 -94.21
C VAL T 137 -45.32 -4.92 -94.41
N ALA T 138 -44.32 -5.47 -95.09
CA ALA T 138 -43.14 -4.70 -95.45
C ALA T 138 -43.34 -3.89 -96.71
N ALA T 139 -44.42 -4.14 -97.45
CA ALA T 139 -44.72 -3.37 -98.65
C ALA T 139 -45.85 -2.37 -98.44
N ALA T 140 -46.31 -2.18 -97.21
CA ALA T 140 -47.40 -1.25 -96.93
C ALA T 140 -47.06 -0.31 -95.78
N ASN T 141 -45.78 0.03 -95.62
CA ASN T 141 -45.41 0.98 -94.58
C ASN T 141 -44.54 2.07 -95.18
N LYS T 142 -43.77 1.72 -96.22
CA LYS T 142 -42.85 2.69 -96.81
C LYS T 142 -43.51 3.55 -97.88
N LYS T 143 -44.54 3.04 -98.53
CA LYS T 143 -45.23 3.80 -99.57
C LYS T 143 -46.27 4.75 -99.01
N HIS T 144 -46.79 4.47 -97.81
CA HIS T 144 -47.79 5.32 -97.19
C HIS T 144 -47.29 5.88 -95.87
N ILE U 1 -9.69 -49.29 -80.71
CA ILE U 1 -11.03 -49.10 -80.21
C ILE U 1 -11.32 -47.62 -80.03
N HIS U 2 -12.40 -47.17 -80.67
CA HIS U 2 -12.85 -45.79 -80.63
C HIS U 2 -13.37 -45.46 -79.23
N ARG U 3 -13.07 -44.24 -78.77
CA ARG U 3 -13.65 -43.64 -77.58
C ARG U 3 -13.36 -44.43 -76.30
N ILE U 4 -12.09 -44.53 -75.95
CA ILE U 4 -11.73 -44.90 -74.59
C ILE U 4 -11.57 -43.60 -73.82
N ARG U 5 -12.49 -43.37 -72.88
CA ARG U 5 -12.61 -42.07 -72.22
C ARG U 5 -12.23 -42.21 -70.76
N ILE U 6 -11.26 -41.42 -70.32
CA ILE U 6 -10.75 -41.47 -68.96
C ILE U 6 -11.27 -40.24 -68.23
N THR U 7 -12.04 -40.47 -67.17
CA THR U 7 -12.60 -39.39 -66.36
C THR U 7 -11.77 -39.22 -65.11
N LEU U 8 -11.31 -38.00 -64.86
CA LEU U 8 -10.40 -37.69 -63.76
C LEU U 8 -11.03 -36.59 -62.92
N THR U 9 -11.13 -36.82 -61.61
CA THR U 9 -11.74 -35.85 -60.70
C THR U 9 -10.95 -35.75 -59.41
N SER U 10 -10.82 -34.53 -58.90
CA SER U 10 -10.22 -34.30 -57.59
C SER U 10 -10.72 -32.98 -57.02
N ARG U 11 -10.49 -32.80 -55.72
CA ARG U 11 -10.83 -31.52 -55.10
C ARG U 11 -9.70 -30.51 -55.26
N ASN U 12 -8.45 -30.92 -55.09
CA ASN U 12 -7.37 -30.03 -55.45
C ASN U 12 -7.06 -30.14 -56.93
N VAL U 13 -6.27 -29.20 -57.44
CA VAL U 13 -6.09 -29.06 -58.88
C VAL U 13 -4.67 -29.40 -59.33
N LYS U 14 -3.64 -29.17 -58.49
CA LYS U 14 -2.27 -29.37 -58.96
C LYS U 14 -1.95 -30.84 -59.14
N SER U 15 -2.44 -31.69 -58.25
CA SER U 15 -2.22 -33.12 -58.40
C SER U 15 -3.01 -33.68 -59.57
N LEU U 16 -4.22 -33.19 -59.77
CA LEU U 16 -5.03 -33.64 -60.89
C LEU U 16 -4.41 -33.23 -62.22
N GLU U 17 -3.87 -32.02 -62.27
CA GLU U 17 -3.14 -31.55 -63.45
C GLU U 17 -1.86 -32.33 -63.68
N LYS U 18 -1.18 -32.74 -62.60
CA LYS U 18 0.01 -33.57 -62.75
C LYS U 18 -0.32 -34.94 -63.32
N VAL U 19 -1.37 -35.57 -62.80
CA VAL U 19 -1.76 -36.89 -63.30
C VAL U 19 -2.25 -36.81 -64.74
N CYS U 20 -2.96 -35.73 -65.07
CA CYS U 20 -3.46 -35.59 -66.43
C CYS U 20 -2.33 -35.36 -67.43
N ALA U 21 -1.32 -34.58 -67.03
CA ALA U 21 -0.17 -34.38 -67.91
C ALA U 21 0.65 -35.65 -68.06
N ASP U 22 0.80 -36.43 -66.99
CA ASP U 22 1.53 -37.69 -67.09
C ASP U 22 0.79 -38.70 -67.94
N LEU U 23 -0.53 -38.73 -67.86
CA LEU U 23 -1.31 -39.64 -68.69
C LEU U 23 -1.25 -39.27 -70.16
N ILE U 24 -1.35 -37.97 -70.49
CA ILE U 24 -1.28 -37.63 -71.92
C ILE U 24 0.14 -37.78 -72.44
N ARG U 25 1.15 -37.62 -71.58
CA ARG U 25 2.53 -37.84 -72.02
C ARG U 25 2.81 -39.32 -72.27
N GLY U 26 2.40 -40.17 -71.33
CA GLY U 26 2.56 -41.60 -71.48
C GLY U 26 1.69 -42.20 -72.56
N ALA U 27 0.63 -41.52 -72.97
CA ALA U 27 -0.13 -41.99 -74.12
C ALA U 27 0.43 -41.47 -75.43
N LYS U 28 0.94 -40.23 -75.44
CA LYS U 28 1.52 -39.68 -76.66
C LYS U 28 2.87 -40.33 -76.99
N GLU U 29 3.56 -40.90 -76.00
CA GLU U 29 4.82 -41.54 -76.32
C GLU U 29 4.63 -42.87 -77.04
N LYS U 30 3.45 -43.48 -76.93
CA LYS U 30 3.17 -44.72 -77.66
C LYS U 30 2.55 -44.46 -79.03
N ASN U 31 2.55 -43.20 -79.48
CA ASN U 31 2.03 -42.75 -80.77
C ASN U 31 0.55 -43.12 -80.92
N LEU U 32 -0.25 -42.50 -80.07
CA LEU U 32 -1.70 -42.66 -80.11
C LEU U 32 -2.36 -41.31 -80.40
N LYS U 33 -3.48 -41.37 -81.10
CA LYS U 33 -4.29 -40.19 -81.36
C LYS U 33 -4.99 -39.83 -80.06
N VAL U 34 -4.46 -38.82 -79.37
CA VAL U 34 -4.91 -38.45 -78.03
C VAL U 34 -5.59 -37.09 -78.13
N LYS U 35 -6.88 -37.05 -77.82
CA LYS U 35 -7.57 -35.78 -77.70
C LYS U 35 -7.13 -35.09 -76.42
N GLY U 36 -7.17 -33.76 -76.43
CA GLY U 36 -6.61 -32.96 -75.35
C GLY U 36 -7.39 -33.10 -74.06
N PRO U 37 -6.79 -32.66 -72.96
CA PRO U 37 -7.53 -32.68 -71.69
C PRO U 37 -8.60 -31.61 -71.66
N VAL U 38 -9.81 -32.00 -71.83
CA VAL U 38 -10.90 -31.04 -71.83
C VAL U 38 -11.26 -30.79 -70.38
N ARG U 39 -11.79 -29.62 -70.09
CA ARG U 39 -12.03 -29.21 -68.72
C ARG U 39 -13.50 -28.84 -68.56
N MET U 40 -14.26 -29.75 -68.00
CA MET U 40 -15.65 -29.47 -67.66
C MET U 40 -15.66 -28.43 -66.56
N PRO U 41 -16.71 -27.60 -66.48
CA PRO U 41 -16.72 -26.48 -65.54
C PRO U 41 -16.63 -26.91 -64.10
N THR U 42 -16.10 -26.01 -63.30
CA THR U 42 -15.82 -26.28 -61.90
C THR U 42 -17.09 -26.07 -61.10
N LYS U 43 -17.50 -27.08 -60.35
CA LYS U 43 -18.64 -26.97 -59.47
C LYS U 43 -18.13 -26.66 -58.07
N THR U 44 -18.76 -25.69 -57.43
CA THR U 44 -18.44 -25.31 -56.07
C THR U 44 -19.62 -25.70 -55.20
N LEU U 45 -19.34 -26.37 -54.08
CA LEU U 45 -20.36 -26.84 -53.16
C LEU U 45 -20.38 -25.89 -51.97
N ARG U 46 -21.38 -25.05 -51.89
CA ARG U 46 -21.46 -24.06 -50.82
C ARG U 46 -22.36 -24.57 -49.72
N ILE U 47 -21.92 -24.38 -48.47
CA ILE U 47 -22.74 -24.58 -47.29
C ILE U 47 -22.45 -23.42 -46.34
N THR U 48 -23.46 -22.62 -46.04
CA THR U 48 -23.30 -21.48 -45.16
C THR U 48 -24.04 -21.72 -43.86
N THR U 49 -23.30 -21.72 -42.76
CA THR U 49 -23.83 -21.99 -41.44
C THR U 49 -23.62 -20.78 -40.56
N ARG U 50 -24.49 -20.59 -39.58
CA ARG U 50 -24.21 -19.66 -38.49
C ARG U 50 -22.99 -20.13 -37.72
N LYS U 51 -22.17 -19.19 -37.25
CA LYS U 51 -20.96 -19.60 -36.52
C LYS U 51 -21.30 -20.09 -35.13
N THR U 52 -22.37 -19.65 -34.58
CA THR U 52 -22.66 -19.88 -33.19
C THR U 52 -23.22 -21.28 -32.98
N PRO U 53 -22.98 -21.87 -31.84
CA PRO U 53 -23.60 -23.18 -31.57
C PRO U 53 -24.97 -23.08 -30.93
N CYS U 54 -25.25 -21.95 -30.29
CA CYS U 54 -26.47 -21.76 -29.53
C CYS U 54 -27.46 -20.84 -30.19
N GLY U 55 -27.02 -19.74 -30.77
CA GLY U 55 -27.98 -18.79 -31.30
C GLY U 55 -28.08 -17.46 -30.58
N GLU U 56 -26.94 -16.85 -30.20
CA GLU U 56 -26.94 -15.72 -29.28
C GLU U 56 -26.49 -14.40 -29.89
N GLY U 57 -25.32 -14.32 -30.50
CA GLY U 57 -24.68 -13.03 -30.64
C GLY U 57 -25.07 -12.18 -31.83
N SER U 58 -24.12 -11.94 -32.73
CA SER U 58 -24.28 -10.99 -33.82
C SER U 58 -24.38 -11.59 -35.20
N LYS U 59 -25.01 -12.75 -35.34
CA LYS U 59 -25.55 -13.26 -36.61
C LYS U 59 -24.46 -13.48 -37.65
N THR U 60 -23.32 -13.98 -37.19
CA THR U 60 -22.16 -14.22 -38.01
C THR U 60 -22.27 -15.57 -38.68
N TRP U 61 -22.30 -15.58 -40.00
CA TRP U 61 -22.37 -16.79 -40.79
C TRP U 61 -21.00 -17.21 -41.27
N ASP U 62 -20.90 -18.49 -41.62
CA ASP U 62 -19.74 -19.11 -42.22
C ASP U 62 -19.98 -19.33 -43.70
N ARG U 63 -18.91 -19.59 -44.43
CA ARG U 63 -18.98 -19.80 -45.87
C ARG U 63 -17.98 -20.89 -46.22
N PHE U 64 -18.43 -22.14 -46.20
CA PHE U 64 -17.56 -23.25 -46.55
C PHE U 64 -17.73 -23.58 -48.02
N GLN U 65 -16.70 -24.16 -48.61
CA GLN U 65 -16.71 -24.48 -50.02
C GLN U 65 -15.89 -25.71 -50.27
N MET U 66 -16.41 -26.59 -51.10
CA MET U 66 -15.63 -27.67 -51.69
C MET U 66 -15.76 -27.53 -53.19
N ARG U 67 -14.62 -27.51 -53.88
CA ARG U 67 -14.57 -27.36 -55.33
C ARG U 67 -14.15 -28.67 -55.94
N ILE U 68 -14.86 -29.10 -56.97
CA ILE U 68 -14.58 -30.37 -57.63
C ILE U 68 -14.19 -30.07 -59.06
N HIS U 69 -12.99 -30.49 -59.44
CA HIS U 69 -12.42 -30.26 -60.75
C HIS U 69 -12.41 -31.55 -61.55
N LYS U 70 -12.81 -31.48 -62.82
CA LYS U 70 -13.09 -32.65 -63.62
C LYS U 70 -12.48 -32.47 -65.00
N ARG U 71 -11.76 -33.49 -65.46
CA ARG U 71 -11.18 -33.53 -66.79
C ARG U 71 -11.61 -34.80 -67.51
N LEU U 72 -11.49 -34.79 -68.82
CA LEU U 72 -11.62 -35.99 -69.63
C LEU U 72 -10.48 -36.03 -70.62
N ILE U 73 -9.92 -37.22 -70.83
CA ILE U 73 -8.97 -37.44 -71.91
C ILE U 73 -9.44 -38.66 -72.70
N ASP U 74 -9.53 -38.49 -74.02
CA ASP U 74 -10.12 -39.48 -74.90
C ASP U 74 -9.06 -40.09 -75.80
N LEU U 75 -9.14 -41.42 -75.97
CA LEU U 75 -8.12 -42.17 -76.69
C LEU U 75 -8.76 -43.05 -77.76
N HIS U 76 -8.21 -42.99 -78.97
CA HIS U 76 -8.58 -43.87 -80.07
C HIS U 76 -7.54 -44.98 -80.11
N SER U 77 -7.65 -45.92 -79.19
CA SER U 77 -6.59 -46.91 -79.01
C SER U 77 -7.23 -48.22 -78.60
N PRO U 78 -6.57 -49.35 -78.85
CA PRO U 78 -7.10 -50.63 -78.37
C PRO U 78 -7.00 -50.76 -76.86
N SER U 79 -7.79 -51.68 -76.33
CA SER U 79 -8.05 -51.76 -74.89
C SER U 79 -6.96 -52.49 -74.12
N GLU U 80 -6.11 -53.25 -74.78
CA GLU U 80 -5.14 -54.05 -74.05
C GLU U 80 -3.90 -53.27 -73.65
N ILE U 81 -3.80 -51.99 -74.02
CA ILE U 81 -2.61 -51.20 -73.70
C ILE U 81 -2.98 -50.11 -72.71
N VAL U 82 -4.26 -49.68 -72.73
CA VAL U 82 -4.67 -48.54 -71.92
C VAL U 82 -4.71 -48.89 -70.44
N LYS U 83 -4.88 -50.16 -70.09
CA LYS U 83 -4.96 -50.57 -68.70
C LYS U 83 -3.59 -50.74 -68.05
N GLN U 84 -2.54 -50.26 -68.70
CA GLN U 84 -1.19 -50.33 -68.16
C GLN U 84 -0.74 -48.99 -67.62
N ILE U 85 -0.89 -47.94 -68.42
CA ILE U 85 -0.37 -46.63 -68.06
C ILE U 85 -1.26 -45.91 -67.05
N THR U 86 -2.54 -46.29 -66.93
CA THR U 86 -3.38 -45.68 -65.92
C THR U 86 -3.18 -46.35 -64.57
N SER U 87 -2.78 -47.62 -64.57
CA SER U 87 -2.57 -48.36 -63.33
C SER U 87 -1.28 -47.98 -62.62
N ILE U 88 -0.39 -47.25 -63.27
CA ILE U 88 0.88 -46.86 -62.66
C ILE U 88 0.84 -45.45 -62.08
N SER U 89 -0.14 -44.65 -62.43
CA SER U 89 -0.24 -43.29 -61.90
C SER U 89 -1.03 -43.30 -60.59
N ILE U 90 -0.42 -43.95 -59.60
CA ILE U 90 -1.01 -44.10 -58.28
C ILE U 90 -0.74 -42.81 -57.53
N GLU U 91 -1.72 -41.91 -57.53
CA GLU U 91 -1.63 -40.67 -56.77
C GLU U 91 -2.92 -40.47 -55.98
N PRO U 92 -2.84 -39.95 -54.76
CA PRO U 92 -4.04 -39.83 -53.93
C PRO U 92 -4.92 -38.66 -54.35
N GLY U 93 -6.17 -38.72 -53.93
CA GLY U 93 -7.12 -37.66 -54.14
C GLY U 93 -7.76 -37.61 -55.52
N VAL U 94 -7.18 -38.27 -56.51
CA VAL U 94 -7.65 -38.22 -57.89
C VAL U 94 -8.31 -39.55 -58.21
N GLU U 95 -9.52 -39.50 -58.76
CA GLU U 95 -10.29 -40.71 -59.02
C GLU U 95 -10.51 -40.91 -60.51
N VAL U 96 -10.26 -42.13 -60.96
CA VAL U 96 -10.24 -42.49 -62.37
C VAL U 96 -11.46 -43.36 -62.67
N GLU U 97 -12.18 -43.02 -63.74
CA GLU U 97 -13.29 -43.82 -64.23
C GLU U 97 -13.09 -44.01 -65.73
N VAL U 98 -12.93 -45.26 -66.15
CA VAL U 98 -12.61 -45.59 -67.53
C VAL U 98 -13.84 -46.20 -68.18
N THR U 99 -14.24 -45.65 -69.32
CA THR U 99 -15.37 -46.14 -70.09
C THR U 99 -14.94 -46.40 -71.52
N ILE U 100 -15.60 -47.36 -72.15
CA ILE U 100 -15.20 -47.86 -73.47
C ILE U 100 -16.36 -47.62 -74.42
N ALA U 101 -16.24 -46.58 -75.24
CA ALA U 101 -17.24 -46.18 -76.25
C ALA U 101 -18.63 -45.93 -75.67
N VAL V 1 26.34 34.36 17.95
CA VAL V 1 27.72 34.79 18.03
C VAL V 1 28.62 33.61 18.28
N ARG V 2 29.93 33.81 18.20
CA ARG V 2 30.83 32.66 18.29
C ARG V 2 31.03 32.28 19.75
N MET V 3 30.11 31.47 20.24
CA MET V 3 30.44 30.59 21.34
C MET V 3 31.26 29.44 20.77
N ASN V 4 32.29 29.01 21.51
CA ASN V 4 33.12 27.84 21.20
C ASN V 4 33.97 27.89 19.94
N VAL V 5 35.09 28.59 19.99
CA VAL V 5 36.08 28.65 18.88
C VAL V 5 36.65 27.29 18.48
N LEU V 6 36.78 26.33 19.41
CA LEU V 6 37.26 24.99 19.03
C LEU V 6 36.23 24.21 18.25
N ALA V 7 34.96 24.59 18.33
CA ALA V 7 33.90 23.90 17.61
C ALA V 7 33.90 24.28 16.15
N ASP V 8 34.10 25.55 15.86
CA ASP V 8 34.10 26.04 14.50
C ASP V 8 35.40 25.76 13.79
N ALA V 9 36.45 25.51 14.51
CA ALA V 9 37.74 25.21 13.92
C ALA V 9 37.95 23.74 13.70
N LEU V 10 37.02 22.89 14.14
CA LEU V 10 37.07 21.47 13.83
C LEU V 10 36.08 21.08 12.77
N LYS V 11 34.95 21.76 12.70
CA LYS V 11 34.06 21.55 11.59
C LYS V 11 34.50 22.31 10.36
N SER V 12 35.48 23.18 10.48
CA SER V 12 36.13 23.72 9.30
C SER V 12 37.04 22.70 8.68
N ILE V 13 37.72 21.91 9.51
CA ILE V 13 38.61 20.88 9.02
C ILE V 13 37.92 19.55 8.90
N ASN V 14 36.69 19.43 9.36
CA ASN V 14 35.88 18.27 9.02
C ASN V 14 35.28 18.42 7.63
N ASN V 15 34.74 19.60 7.33
CA ASN V 15 34.07 19.85 6.07
C ASN V 15 35.01 19.90 4.88
N ALA V 16 36.30 19.99 5.11
CA ALA V 16 37.25 20.02 4.01
C ALA V 16 37.93 18.70 3.76
N GLU V 17 37.94 17.78 4.71
CA GLU V 17 38.30 16.41 4.39
C GLU V 17 37.22 15.74 3.56
N LYS V 18 35.96 16.10 3.78
CA LYS V 18 34.90 15.68 2.89
C LYS V 18 35.17 16.16 1.48
N ARG V 19 35.31 17.47 1.30
CA ARG V 19 35.45 18.06 -0.01
C ARG V 19 36.80 17.80 -0.66
N GLY V 20 37.71 17.09 0.00
CA GLY V 20 38.93 16.63 -0.61
C GLY V 20 40.07 17.61 -0.66
N LYS V 21 40.00 18.73 0.06
CA LYS V 21 41.01 19.76 0.02
C LYS V 21 42.30 19.29 0.68
N ARG V 22 43.40 20.01 0.42
CA ARG V 22 44.67 19.70 1.05
C ARG V 22 45.07 20.70 2.11
N GLN V 23 44.39 21.81 2.22
CA GLN V 23 44.70 22.80 3.24
C GLN V 23 43.43 23.47 3.73
N VAL V 24 43.40 23.78 5.02
CA VAL V 24 42.32 24.56 5.59
C VAL V 24 42.89 25.86 6.10
N LEU V 25 42.06 26.88 6.16
CA LEU V 25 42.30 28.03 7.00
C LEU V 25 41.33 27.93 8.15
N ILE V 26 41.82 28.13 9.37
CA ILE V 26 40.97 28.13 10.56
C ILE V 26 41.26 29.39 11.37
N ARG V 27 40.54 30.40 11.11
CA ARG V 27 40.62 31.53 12.00
C ARG V 27 39.42 31.54 12.94
N PRO V 28 39.53 32.07 14.16
CA PRO V 28 40.70 32.51 14.87
C PRO V 28 41.32 31.34 15.59
N CYS V 29 42.57 31.40 16.03
CA CYS V 29 43.12 30.33 16.82
C CYS V 29 43.26 30.76 18.26
N SER V 30 42.86 29.89 19.16
CA SER V 30 43.23 29.96 20.55
C SER V 30 44.41 29.04 20.76
N LYS V 31 44.82 28.83 21.98
CA LYS V 31 45.89 27.87 22.21
C LYS V 31 45.35 26.52 22.63
N VAL V 32 44.05 26.39 22.81
CA VAL V 32 43.44 25.08 22.93
C VAL V 32 43.32 24.42 21.57
N ILE V 33 43.27 25.21 20.51
CA ILE V 33 43.27 24.65 19.16
C ILE V 33 44.65 24.12 18.82
N VAL V 34 45.70 24.84 19.20
CA VAL V 34 47.05 24.40 18.88
C VAL V 34 47.45 23.19 19.70
N ARG V 35 46.93 23.04 20.91
CA ARG V 35 47.23 21.83 21.67
C ARG V 35 46.48 20.65 21.09
N PHE V 36 45.22 20.84 20.71
CA PHE V 36 44.42 19.78 20.11
C PHE V 36 44.99 19.38 18.76
N LEU V 37 45.43 20.35 17.96
CA LEU V 37 45.97 20.02 16.65
C LEU V 37 47.29 19.30 16.76
N THR V 38 48.06 19.56 17.80
CA THR V 38 49.34 18.89 17.99
C THR V 38 49.14 17.45 18.44
N VAL V 39 48.02 17.13 19.06
CA VAL V 39 47.77 15.75 19.43
C VAL V 39 47.37 14.94 18.21
N MET V 40 46.58 15.53 17.31
CA MET V 40 46.23 14.86 16.07
C MET V 40 47.44 14.67 15.17
N MET V 41 48.37 15.61 15.21
CA MET V 41 49.56 15.55 14.38
C MET V 41 50.53 14.49 14.86
N LYS V 42 50.60 14.30 16.17
CA LYS V 42 51.54 13.34 16.73
C LYS V 42 51.08 11.91 16.51
N HIS V 43 49.79 11.69 16.27
CA HIS V 43 49.28 10.39 15.90
C HIS V 43 49.07 10.28 14.41
N GLY V 44 49.71 11.14 13.63
CA GLY V 44 49.74 11.00 12.20
C GLY V 44 48.48 11.38 11.47
N TYR V 45 47.52 11.99 12.13
CA TYR V 45 46.28 12.28 11.44
C TYR V 45 46.35 13.55 10.62
N ILE V 46 47.30 14.44 10.87
CA ILE V 46 47.13 15.72 10.21
C ILE V 46 48.38 16.17 9.43
N GLY V 47 49.56 16.13 9.99
CA GLY V 47 50.64 16.78 9.28
C GLY V 47 50.86 18.22 9.70
N GLU V 48 51.72 18.91 8.99
CA GLU V 48 52.30 20.13 9.51
C GLU V 48 51.39 21.33 9.34
N PHE V 49 51.43 22.24 10.29
CA PHE V 49 50.55 23.39 10.26
C PHE V 49 51.32 24.63 10.67
N GLU V 50 50.82 25.79 10.25
CA GLU V 50 51.51 27.05 10.41
C GLU V 50 50.59 28.09 11.02
N ILE V 51 51.09 28.79 12.02
CA ILE V 51 50.30 29.73 12.80
C ILE V 51 50.61 31.13 12.28
N ILE V 52 49.63 31.75 11.67
CA ILE V 52 49.81 33.07 11.08
C ILE V 52 49.53 34.10 12.14
N ASP V 53 50.50 34.94 12.42
CA ASP V 53 50.40 35.91 13.49
C ASP V 53 50.07 37.28 12.91
N ASP V 54 48.79 37.60 12.88
CA ASP V 54 48.34 38.97 12.92
C ASP V 54 48.22 39.37 14.38
N HIS V 55 48.08 40.65 14.63
CA HIS V 55 48.14 41.07 16.01
C HIS V 55 46.85 40.80 16.79
N ARG V 56 45.83 40.26 16.15
CA ARG V 56 44.50 40.14 16.75
C ARG V 56 44.30 38.83 17.45
N ALA V 57 44.35 37.76 16.67
CA ALA V 57 44.12 36.38 17.04
C ALA V 57 44.53 35.63 15.80
N GLY V 58 45.35 34.62 15.94
CA GLY V 58 45.98 34.06 14.78
C GLY V 58 45.01 33.26 13.95
N LYS V 59 45.41 33.02 12.72
CA LYS V 59 44.80 32.01 11.89
C LYS V 59 45.78 30.86 11.76
N ILE V 60 45.28 29.68 11.44
CA ILE V 60 46.14 28.54 11.21
C ILE V 60 45.85 28.01 9.82
N VAL V 61 46.90 27.70 9.08
CA VAL V 61 46.80 26.91 7.85
C VAL V 61 47.32 25.53 8.18
N VAL V 62 46.49 24.52 7.96
CA VAL V 62 46.83 23.14 8.32
C VAL V 62 46.93 22.33 7.04
N ASN V 63 48.07 21.70 6.81
CA ASN V 63 48.18 20.76 5.70
C ASN V 63 47.53 19.46 6.09
N LEU V 64 46.67 18.94 5.23
CA LEU V 64 45.93 17.73 5.54
C LEU V 64 46.49 16.55 4.77
N THR V 65 46.69 15.44 5.47
CA THR V 65 46.75 14.14 4.84
C THR V 65 45.33 13.65 4.59
N GLY V 66 45.20 12.54 3.89
CA GLY V 66 43.86 12.05 3.69
C GLY V 66 43.47 10.98 4.68
N ARG V 67 43.83 11.16 5.95
CA ARG V 67 43.74 10.07 6.90
C ARG V 67 42.67 10.26 7.95
N LEU V 68 42.08 11.43 8.05
CA LEU V 68 41.12 11.74 9.09
C LEU V 68 39.73 11.41 8.59
N ASN V 69 39.03 10.53 9.30
CA ASN V 69 37.64 10.27 8.97
C ASN V 69 36.73 11.29 9.62
N LYS V 70 36.90 11.50 10.92
CA LYS V 70 36.00 12.35 11.66
C LYS V 70 36.81 13.08 12.73
N CYS V 71 36.42 14.33 12.97
CA CYS V 71 37.03 15.20 13.95
C CYS V 71 35.87 15.89 14.64
N GLY V 72 35.79 15.82 15.97
CA GLY V 72 34.60 16.24 16.67
C GLY V 72 34.90 16.95 17.97
N VAL V 73 33.89 17.67 18.46
CA VAL V 73 33.93 18.41 19.71
C VAL V 73 32.77 17.94 20.58
N ILE V 74 33.01 17.88 21.89
CA ILE V 74 31.98 17.59 22.86
C ILE V 74 31.60 18.90 23.55
N SER V 75 30.32 19.18 23.59
CA SER V 75 29.86 20.41 24.21
C SER V 75 28.66 20.11 25.09
N PRO V 76 28.70 20.41 26.38
CA PRO V 76 29.73 21.06 27.17
C PRO V 76 30.89 20.16 27.52
N ARG V 77 31.98 20.71 28.02
CA ARG V 77 33.13 19.92 28.40
C ARG V 77 32.80 19.23 29.72
N PHE V 78 32.16 18.08 29.61
CA PHE V 78 31.77 17.30 30.77
C PHE V 78 33.01 16.82 31.50
N ASP V 79 32.87 16.60 32.79
CA ASP V 79 33.98 16.07 33.56
C ASP V 79 33.98 14.56 33.50
N VAL V 80 35.16 13.99 33.36
CA VAL V 80 35.32 12.57 33.10
C VAL V 80 36.27 12.00 34.13
N GLN V 81 35.74 11.21 35.06
CA GLN V 81 36.61 10.47 35.93
C GLN V 81 37.19 9.30 35.17
N LEU V 82 38.32 8.79 35.66
CA LEU V 82 39.00 7.72 34.96
C LEU V 82 38.24 6.41 35.02
N LYS V 83 37.37 6.23 36.01
CA LYS V 83 36.51 5.05 36.08
C LYS V 83 35.29 5.17 35.19
N ASP V 84 35.11 6.31 34.52
CA ASP V 84 34.01 6.54 33.60
C ASP V 84 34.49 6.86 32.20
N LEU V 85 35.73 6.51 31.89
CA LEU V 85 36.28 6.77 30.57
C LEU V 85 35.90 5.69 29.58
N GLU V 86 35.57 4.49 30.06
CA GLU V 86 35.21 3.40 29.16
C GLU V 86 33.88 3.63 28.49
N LYS V 87 32.92 4.18 29.22
CA LYS V 87 31.65 4.53 28.61
C LYS V 87 31.81 5.61 27.56
N TRP V 88 32.71 6.55 27.80
CA TRP V 88 32.88 7.63 26.83
C TRP V 88 33.55 7.13 25.58
N GLN V 89 34.55 6.27 25.72
CA GLN V 89 35.23 5.78 24.53
C GLN V 89 34.53 4.59 23.92
N ASN V 90 33.39 4.20 24.46
CA ASN V 90 32.49 3.29 23.78
C ASN V 90 31.35 4.01 23.08
N ASN V 91 30.95 5.16 23.57
CA ASN V 91 29.94 5.95 22.86
C ASN V 91 30.53 6.73 21.71
N LEU V 92 31.81 7.07 21.76
CA LEU V 92 32.33 8.02 20.78
C LEU V 92 33.26 7.43 19.74
N LEU V 93 33.90 6.29 20.00
CA LEU V 93 34.95 5.77 19.14
C LEU V 93 34.47 4.60 18.33
N PRO V 94 35.02 4.34 17.12
CA PRO V 94 34.48 3.27 16.29
C PRO V 94 34.93 1.89 16.67
N SER V 95 36.07 1.73 17.34
CA SER V 95 36.57 0.41 17.69
C SER V 95 37.52 0.55 18.85
N ARG V 96 38.00 -0.58 19.34
CA ARG V 96 39.00 -0.64 20.40
C ARG V 96 40.42 -0.52 19.87
N GLN V 97 40.59 -0.33 18.57
CA GLN V 97 41.91 -0.36 17.95
C GLN V 97 42.43 0.99 17.52
N PHE V 98 41.55 1.93 17.20
CA PHE V 98 42.01 3.22 16.69
C PHE V 98 41.03 4.29 17.10
N GLY V 99 41.45 5.54 16.96
CA GLY V 99 40.63 6.63 17.41
C GLY V 99 40.97 7.08 18.81
N PHE V 100 40.90 8.37 19.08
CA PHE V 100 41.30 8.92 20.36
C PHE V 100 40.30 9.93 20.85
N ILE V 101 40.17 10.03 22.17
CA ILE V 101 39.39 11.07 22.83
C ILE V 101 40.36 12.03 23.46
N VAL V 102 40.20 13.31 23.19
CA VAL V 102 41.08 14.32 23.73
C VAL V 102 40.42 14.90 24.95
N LEU V 103 41.10 14.88 26.08
CA LEU V 103 40.56 15.50 27.27
C LEU V 103 41.63 16.40 27.88
N THR V 104 41.19 17.46 28.54
CA THR V 104 42.09 18.43 29.15
C THR V 104 42.25 18.12 30.64
N THR V 105 43.32 17.45 30.98
CA THR V 105 43.63 17.15 32.35
C THR V 105 44.57 18.22 32.89
N SER V 106 44.83 18.17 34.19
CA SER V 106 45.76 19.12 34.78
C SER V 106 47.21 18.81 34.45
N ALA V 107 47.49 17.68 33.84
CA ALA V 107 48.81 17.37 33.34
C ALA V 107 48.98 17.74 31.88
N GLY V 108 47.99 18.36 31.27
CA GLY V 108 48.07 18.79 29.90
C GLY V 108 46.98 18.21 29.05
N ILE V 109 46.72 18.82 27.89
CA ILE V 109 45.78 18.26 26.93
C ILE V 109 46.39 16.99 26.35
N MET V 110 45.67 15.87 26.47
CA MET V 110 46.23 14.58 26.13
C MET V 110 45.16 13.70 25.53
N ASP V 111 45.57 12.48 25.18
CA ASP V 111 44.69 11.43 24.68
C ASP V 111 43.90 10.81 25.81
N HIS V 112 43.22 9.72 25.51
CA HIS V 112 42.73 8.88 26.57
C HIS V 112 43.71 7.78 26.92
N GLU V 113 44.62 7.44 26.02
CA GLU V 113 45.61 6.44 26.34
C GLU V 113 46.75 7.02 27.15
N GLU V 114 47.02 8.31 26.98
CA GLU V 114 48.02 8.95 27.82
C GLU V 114 47.46 9.21 29.21
N ALA V 115 46.20 9.66 29.28
CA ALA V 115 45.55 9.95 30.54
C ALA V 115 45.32 8.72 31.38
N ARG V 116 45.33 7.54 30.78
CA ARG V 116 45.26 6.33 31.56
C ARG V 116 46.58 5.99 32.21
N ARG V 117 47.70 6.30 31.54
CA ARG V 117 49.00 6.00 32.10
C ARG V 117 49.32 6.94 33.26
N LYS V 118 49.21 8.23 33.02
CA LYS V 118 49.48 9.20 34.06
C LYS V 118 48.40 9.28 35.12
N HIS V 119 47.35 8.47 35.01
CA HIS V 119 46.32 8.24 36.02
C HIS V 119 45.61 9.53 36.35
N THR V 120 44.92 10.11 35.37
CA THR V 120 44.40 11.45 35.48
C THR V 120 43.01 11.48 34.88
N GLY V 121 42.09 12.21 35.52
CA GLY V 121 40.84 12.55 34.90
C GLY V 121 40.92 13.94 34.33
N GLY V 122 39.86 14.34 33.66
CA GLY V 122 39.85 15.68 33.13
C GLY V 122 38.49 16.07 32.63
N LYS V 123 38.44 16.96 31.66
CA LYS V 123 37.20 17.31 30.97
C LYS V 123 37.33 16.93 29.52
N ILE V 124 36.31 16.28 28.96
CA ILE V 124 36.41 15.81 27.58
C ILE V 124 36.33 16.98 26.61
N LEU V 125 37.31 17.08 25.72
CA LEU V 125 37.36 18.14 24.72
C LEU V 125 36.80 17.72 23.38
N GLY V 126 37.06 16.50 22.96
CA GLY V 126 36.65 16.07 21.65
C GLY V 126 37.31 14.76 21.28
N PHE V 127 37.15 14.39 20.02
CA PHE V 127 37.59 13.08 19.58
C PHE V 127 38.06 13.17 18.14
N PHE V 128 38.90 12.23 17.75
CA PHE V 128 39.22 12.10 16.34
C PHE V 128 39.50 10.65 16.01
N PHE V 129 39.12 10.26 14.81
CA PHE V 129 39.53 9.01 14.26
C PHE V 129 39.64 9.18 12.76
N GLY W 1 16.50 23.51 18.28
CA GLY W 1 17.48 22.68 18.93
C GLY W 1 17.24 22.59 20.40
N LYS W 2 17.94 21.68 21.07
CA LYS W 2 17.79 21.48 22.49
C LYS W 2 18.78 22.35 23.24
N CYS W 3 18.43 22.71 24.47
CA CYS W 3 19.40 23.37 25.32
C CYS W 3 20.50 22.39 25.70
N ARG W 4 21.70 22.91 25.83
CA ARG W 4 22.83 22.00 25.93
C ARG W 4 23.90 22.54 26.84
N GLY W 5 23.55 23.34 27.83
CA GLY W 5 24.55 23.90 28.70
C GLY W 5 24.95 22.90 29.75
N LEU W 6 25.64 23.38 30.76
CA LEU W 6 26.02 22.49 31.84
C LEU W 6 25.28 22.80 33.11
N ARG W 7 24.57 23.92 33.16
CA ARG W 7 23.75 24.29 34.29
C ARG W 7 22.29 24.28 33.92
N THR W 8 21.92 23.49 32.93
CA THR W 8 20.58 23.54 32.36
C THR W 8 19.73 22.35 32.76
N ALA W 9 20.03 21.69 33.87
CA ALA W 9 19.27 20.51 34.22
C ALA W 9 17.89 20.80 34.74
N ARG W 10 17.64 21.98 35.29
CA ARG W 10 16.27 22.32 35.67
C ARG W 10 15.38 22.61 34.47
N LYS W 11 15.91 23.27 33.45
CA LYS W 11 15.20 23.36 32.17
C LYS W 11 15.00 21.99 31.55
N LEU W 12 15.94 21.08 31.73
CA LEU W 12 15.77 19.78 31.12
C LEU W 12 14.83 18.91 31.91
N ARG W 13 14.92 18.89 33.24
CA ARG W 13 14.13 17.95 34.01
C ARG W 13 12.68 18.33 34.04
N SER W 14 12.37 19.60 33.87
CA SER W 14 11.02 20.09 34.01
C SER W 14 10.32 20.26 32.68
N HIS W 15 11.08 20.38 31.59
CA HIS W 15 10.47 20.28 30.28
C HIS W 15 9.94 18.88 30.05
N ARG W 16 10.69 17.86 30.50
CA ARG W 16 10.24 16.49 30.34
C ARG W 16 8.99 16.18 31.15
N ARG W 17 8.90 16.66 32.38
CA ARG W 17 7.74 16.26 33.14
C ARG W 17 6.49 17.09 32.82
N ASP W 18 6.59 18.09 31.97
CA ASP W 18 5.40 18.62 31.32
C ASP W 18 5.12 17.93 30.01
N GLN W 19 6.17 17.54 29.30
CA GLN W 19 6.00 16.84 28.05
C GLN W 19 5.59 15.41 28.24
N LYS W 20 5.79 14.87 29.44
CA LYS W 20 5.32 13.54 29.77
C LYS W 20 3.81 13.47 29.79
N TRP W 21 3.14 14.59 29.99
CA TRP W 21 1.70 14.63 30.14
C TRP W 21 0.95 14.51 28.84
N HIS W 22 1.59 14.74 27.71
CA HIS W 22 0.97 14.55 26.42
C HIS W 22 1.02 13.12 25.95
N ASP W 23 1.62 12.25 26.74
CA ASP W 23 1.66 10.82 26.51
C ASP W 23 0.41 10.19 27.09
N LYS W 24 -0.46 9.64 26.23
CA LYS W 24 -1.74 9.16 26.71
C LYS W 24 -1.62 7.88 27.53
N GLN W 25 -0.59 7.08 27.26
CA GLN W 25 -0.27 5.96 28.14
C GLN W 25 0.20 6.44 29.49
N TYR W 26 0.95 7.55 29.54
CA TYR W 26 1.35 8.13 30.82
C TYR W 26 0.16 8.70 31.55
N LYS W 27 -0.68 9.43 30.84
CA LYS W 27 -1.72 10.23 31.49
C LYS W 27 -2.81 9.34 32.04
N LYS W 28 -3.17 8.28 31.31
CA LYS W 28 -4.27 7.42 31.74
C LYS W 28 -3.91 6.58 32.96
N ALA W 29 -2.64 6.56 33.35
CA ALA W 29 -2.20 5.80 34.51
C ALA W 29 -1.68 6.68 35.64
N HIS W 30 -1.72 8.01 35.47
CA HIS W 30 -1.20 8.93 36.48
C HIS W 30 -2.14 10.04 36.81
N LEU W 31 -3.16 10.28 36.00
CA LEU W 31 -4.08 11.37 36.26
C LEU W 31 -5.11 11.00 37.31
N GLY W 32 -5.48 9.72 37.38
CA GLY W 32 -6.44 9.23 38.33
C GLY W 32 -7.87 9.34 37.87
N THR W 33 -8.14 10.00 36.76
CA THR W 33 -9.51 10.17 36.30
C THR W 33 -10.02 8.97 35.53
N ALA W 34 -9.15 8.06 35.11
CA ALA W 34 -9.55 6.87 34.41
C ALA W 34 -9.44 5.62 35.27
N LEU W 35 -9.07 5.77 36.54
CA LEU W 35 -9.20 4.69 37.51
C LEU W 35 -10.37 4.89 38.46
N LYS W 36 -10.90 6.10 38.56
CA LYS W 36 -12.23 6.20 39.11
C LYS W 36 -13.32 5.98 38.07
N ALA W 37 -12.96 5.94 36.78
CA ALA W 37 -13.94 5.63 35.75
C ALA W 37 -13.96 4.16 35.38
N ASN W 38 -12.89 3.44 35.69
CA ASN W 38 -12.82 2.00 35.52
C ASN W 38 -13.87 1.35 36.41
N PRO W 39 -14.65 0.37 35.91
CA PRO W 39 -15.64 -0.26 36.78
C PRO W 39 -15.04 -1.12 37.85
N PHE W 40 -13.83 -1.64 37.67
CA PHE W 40 -13.24 -2.47 38.71
C PHE W 40 -12.57 -1.61 39.76
N GLY W 41 -11.85 -0.59 39.35
CA GLY W 41 -11.01 0.12 40.28
C GLY W 41 -9.60 -0.41 40.34
N GLY W 42 -9.15 -1.10 39.30
CA GLY W 42 -7.78 -1.55 39.23
C GLY W 42 -7.60 -2.92 39.83
N ALA W 43 -8.56 -3.78 39.62
CA ALA W 43 -8.47 -5.19 39.99
C ALA W 43 -8.44 -6.02 38.72
N SER W 44 -7.90 -7.22 38.85
CA SER W 44 -7.82 -8.06 37.67
C SER W 44 -9.16 -8.70 37.36
N HIS W 45 -9.87 -9.09 38.40
CA HIS W 45 -11.17 -9.73 38.34
C HIS W 45 -12.11 -8.99 39.26
N ALA W 46 -13.39 -9.34 39.18
CA ALA W 46 -14.39 -8.87 40.13
C ALA W 46 -15.58 -9.81 40.06
N LYS W 47 -16.42 -9.75 41.08
CA LYS W 47 -17.62 -10.55 41.16
C LYS W 47 -18.85 -9.68 41.00
N GLY W 48 -19.95 -10.31 40.62
CA GLY W 48 -21.17 -9.58 40.40
C GLY W 48 -22.37 -10.49 40.45
N ILE W 49 -23.51 -9.94 40.02
CA ILE W 49 -24.79 -10.64 40.05
C ILE W 49 -25.48 -10.38 38.72
N VAL W 50 -25.84 -11.46 38.02
CA VAL W 50 -26.36 -11.38 36.67
C VAL W 50 -27.75 -10.76 36.70
N LEU W 51 -27.93 -9.68 35.95
CA LEU W 51 -29.25 -9.08 35.86
C LEU W 51 -30.07 -9.74 34.77
N GLU W 52 -29.54 -9.80 33.56
CA GLU W 52 -30.25 -10.42 32.45
C GLU W 52 -29.24 -10.85 31.40
N LYS W 53 -29.71 -11.62 30.44
CA LYS W 53 -28.91 -12.09 29.32
C LYS W 53 -29.27 -11.26 28.09
N VAL W 54 -28.56 -10.17 27.89
CA VAL W 54 -28.68 -9.40 26.66
C VAL W 54 -27.60 -9.89 25.69
N GLY W 55 -28.01 -10.21 24.47
CA GLY W 55 -27.09 -10.66 23.45
C GLY W 55 -26.93 -9.58 22.40
N VAL W 56 -25.68 -9.24 22.10
CA VAL W 56 -25.41 -8.03 21.35
C VAL W 56 -24.78 -8.41 20.01
N GLU W 57 -24.95 -7.54 19.03
CA GLU W 57 -24.67 -7.86 17.64
C GLU W 57 -23.23 -7.54 17.27
N ALA W 58 -22.68 -8.37 16.39
CA ALA W 58 -21.33 -8.19 15.87
C ALA W 58 -21.22 -6.92 15.05
N LYS W 59 -19.98 -6.47 14.86
CA LYS W 59 -19.71 -5.26 14.10
C LYS W 59 -19.70 -5.55 12.60
N GLN W 60 -19.13 -4.64 11.79
CA GLN W 60 -19.63 -4.45 10.42
C GLN W 60 -19.41 -5.62 9.47
N PRO W 61 -18.19 -6.05 9.13
CA PRO W 61 -18.06 -6.93 7.98
C PRO W 61 -18.37 -8.38 8.26
N ASN W 62 -18.71 -8.75 9.48
CA ASN W 62 -19.01 -10.13 9.80
C ASN W 62 -20.18 -10.18 10.76
N SER W 63 -21.06 -11.16 10.58
CA SER W 63 -22.36 -11.18 11.23
C SER W 63 -22.48 -12.40 12.12
N ALA W 64 -22.92 -12.16 13.35
CA ALA W 64 -23.35 -13.16 14.32
C ALA W 64 -24.03 -12.40 15.45
N ILE W 65 -24.39 -13.13 16.50
CA ILE W 65 -24.93 -12.55 17.72
C ILE W 65 -24.05 -13.02 18.87
N ARG W 66 -23.30 -12.09 19.44
CA ARG W 66 -22.49 -12.39 20.60
C ARG W 66 -23.37 -12.40 21.84
N LYS W 67 -23.40 -13.52 22.55
CA LYS W 67 -24.25 -13.63 23.73
C LYS W 67 -23.50 -13.08 24.92
N CYS W 68 -24.06 -12.05 25.53
CA CYS W 68 -23.43 -11.38 26.65
C CYS W 68 -24.33 -11.55 27.87
N VAL W 69 -23.95 -10.90 28.95
CA VAL W 69 -24.65 -11.00 30.22
C VAL W 69 -24.50 -9.66 30.92
N ARG W 70 -25.59 -9.10 31.41
CA ARG W 70 -25.59 -7.83 32.13
C ARG W 70 -25.31 -8.09 33.61
N VAL W 71 -24.16 -7.65 34.10
CA VAL W 71 -23.71 -7.93 35.47
C VAL W 71 -23.78 -6.63 36.25
N GLN W 72 -24.15 -6.72 37.53
CA GLN W 72 -24.10 -5.60 38.46
C GLN W 72 -23.11 -5.91 39.55
N LEU W 73 -22.04 -5.13 39.63
CA LEU W 73 -20.90 -5.48 40.44
C LEU W 73 -21.20 -5.31 41.92
N ILE W 74 -20.56 -6.16 42.73
CA ILE W 74 -20.87 -6.18 44.16
C ILE W 74 -20.22 -5.01 44.86
N LYS W 75 -18.94 -4.77 44.59
CA LYS W 75 -18.15 -3.91 45.45
C LYS W 75 -18.37 -2.43 45.22
N ASN W 76 -18.99 -2.03 44.12
CA ASN W 76 -19.33 -0.63 43.96
C ASN W 76 -20.68 -0.40 43.28
N GLY W 77 -21.45 -1.44 43.01
CA GLY W 77 -22.77 -1.26 42.46
C GLY W 77 -22.83 -0.99 40.98
N LYS W 78 -21.69 -0.90 40.30
CA LYS W 78 -21.66 -0.53 38.90
C LYS W 78 -22.16 -1.67 38.03
N LYS W 79 -22.55 -1.34 36.81
CA LYS W 79 -23.08 -2.31 35.87
C LYS W 79 -22.15 -2.49 34.69
N ILE W 80 -22.23 -3.67 34.09
CA ILE W 80 -21.21 -4.22 33.21
C ILE W 80 -21.86 -5.23 32.29
N THR W 81 -21.51 -5.17 31.02
CA THR W 81 -21.91 -6.19 30.06
C THR W 81 -20.68 -7.03 29.77
N ALA W 82 -20.72 -8.30 30.14
CA ALA W 82 -19.61 -9.22 29.95
C ALA W 82 -20.01 -10.33 29.00
N PHE W 83 -19.02 -10.85 28.29
CA PHE W 83 -19.25 -11.76 27.19
C PHE W 83 -19.07 -13.19 27.64
N VAL W 84 -20.05 -14.05 27.36
CA VAL W 84 -20.01 -15.44 27.77
C VAL W 84 -19.33 -16.24 26.65
N PRO W 85 -18.09 -16.69 26.83
CA PRO W 85 -17.24 -16.97 25.68
C PRO W 85 -17.59 -18.13 24.75
N ASN W 86 -17.59 -19.39 25.17
CA ASN W 86 -17.61 -20.47 24.20
C ASN W 86 -19.04 -20.76 23.75
N ASP W 87 -19.27 -21.88 23.04
CA ASP W 87 -20.62 -22.18 22.61
C ASP W 87 -21.36 -23.05 23.58
N GLY W 88 -22.65 -22.76 23.75
CA GLY W 88 -23.41 -23.43 24.76
C GLY W 88 -23.02 -23.04 26.15
N CYS W 89 -22.43 -21.87 26.32
CA CYS W 89 -21.99 -21.45 27.63
C CYS W 89 -22.93 -20.46 28.29
N LEU W 90 -23.90 -19.95 27.54
CA LEU W 90 -25.01 -19.26 28.18
C LEU W 90 -25.96 -20.24 28.85
N ASN W 91 -25.93 -21.51 28.45
CA ASN W 91 -26.81 -22.53 28.99
C ASN W 91 -26.34 -23.10 30.32
N PHE W 92 -25.29 -22.55 30.91
CA PHE W 92 -24.89 -22.86 32.27
C PHE W 92 -25.26 -21.76 33.23
N ILE W 93 -25.86 -20.69 32.74
CA ILE W 93 -26.15 -19.50 33.52
C ILE W 93 -27.65 -19.29 33.55
N GLU W 94 -28.19 -18.97 34.72
CA GLU W 94 -29.53 -18.44 34.86
C GLU W 94 -29.43 -17.01 35.36
N GLU W 95 -30.58 -16.41 35.64
CA GLU W 95 -30.53 -15.05 36.16
C GLU W 95 -30.13 -15.07 37.63
N ASN W 96 -29.74 -13.90 38.13
CA ASN W 96 -29.41 -13.65 39.53
C ASN W 96 -28.29 -14.55 40.06
N ASP W 97 -27.35 -14.92 39.19
CA ASP W 97 -26.25 -15.79 39.52
C ASP W 97 -24.99 -14.99 39.79
N GLU W 98 -24.08 -15.57 40.55
CA GLU W 98 -22.87 -14.88 40.96
C GLU W 98 -21.71 -15.26 40.05
N VAL W 99 -21.08 -14.26 39.45
CA VAL W 99 -20.21 -14.44 38.30
C VAL W 99 -18.92 -13.71 38.56
N LEU W 100 -17.79 -14.41 38.46
CA LEU W 100 -16.50 -13.76 38.45
C LEU W 100 -16.18 -13.31 37.04
N VAL W 101 -15.87 -12.03 36.88
CA VAL W 101 -15.69 -11.43 35.57
C VAL W 101 -14.24 -10.98 35.46
N ALA W 102 -13.63 -11.14 34.30
CA ALA W 102 -12.28 -10.71 34.03
C ALA W 102 -12.31 -9.52 33.08
N GLY W 103 -11.16 -9.13 32.61
CA GLY W 103 -11.10 -8.26 31.45
C GLY W 103 -11.09 -9.07 30.20
N PHE W 104 -11.21 -8.41 29.06
CA PHE W 104 -11.25 -9.20 27.85
C PHE W 104 -9.84 -9.44 27.33
N GLY W 105 -8.92 -8.50 27.55
CA GLY W 105 -7.53 -8.72 27.23
C GLY W 105 -6.84 -7.51 26.66
N ARG W 106 -7.60 -6.46 26.36
CA ARG W 106 -7.07 -5.24 25.79
C ARG W 106 -6.99 -4.12 26.78
N LYS W 107 -7.10 -4.43 28.06
CA LYS W 107 -6.92 -3.51 29.17
C LYS W 107 -7.88 -2.32 29.08
N GLY W 108 -9.16 -2.66 29.10
CA GLY W 108 -10.20 -1.66 29.14
C GLY W 108 -10.61 -1.14 27.79
N HIS W 109 -10.25 -1.82 26.71
CA HIS W 109 -10.80 -1.52 25.40
C HIS W 109 -11.51 -2.75 24.88
N ALA W 110 -12.40 -2.52 23.93
CA ALA W 110 -13.20 -3.60 23.39
C ALA W 110 -12.37 -4.47 22.48
N VAL W 111 -12.77 -5.72 22.35
CA VAL W 111 -12.04 -6.73 21.59
C VAL W 111 -12.86 -7.04 20.35
N GLY W 112 -12.18 -7.08 19.21
CA GLY W 112 -12.66 -6.58 17.94
C GLY W 112 -14.12 -6.60 17.52
N ASP W 113 -14.72 -7.77 17.48
CA ASP W 113 -16.02 -7.93 16.86
C ASP W 113 -17.14 -7.36 17.69
N ILE W 114 -17.00 -7.42 19.00
CA ILE W 114 -18.04 -7.08 19.95
C ILE W 114 -17.98 -5.58 20.20
N PRO W 115 -19.07 -4.87 20.17
CA PRO W 115 -19.00 -3.42 20.39
C PRO W 115 -19.14 -3.03 21.84
N GLY W 116 -18.14 -2.31 22.36
CA GLY W 116 -18.23 -1.75 23.69
C GLY W 116 -18.27 -2.74 24.83
N VAL W 117 -17.68 -3.92 24.64
CA VAL W 117 -17.67 -4.97 25.66
C VAL W 117 -16.21 -5.20 26.05
N ARG W 118 -15.92 -5.00 27.33
CA ARG W 118 -14.55 -5.02 27.83
C ARG W 118 -14.33 -6.08 28.88
N PHE W 119 -15.24 -7.04 29.05
CA PHE W 119 -15.14 -8.00 30.12
C PHE W 119 -15.64 -9.35 29.63
N LYS W 120 -15.23 -10.41 30.29
CA LYS W 120 -15.73 -11.73 29.95
C LYS W 120 -15.92 -12.55 31.22
N VAL W 121 -16.91 -13.42 31.19
CA VAL W 121 -17.24 -14.24 32.35
C VAL W 121 -16.15 -15.28 32.54
N VAL W 122 -15.75 -15.51 33.79
CA VAL W 122 -14.77 -16.53 34.12
C VAL W 122 -15.40 -17.71 34.83
N LYS W 123 -16.04 -17.48 35.97
CA LYS W 123 -16.68 -18.52 36.74
C LYS W 123 -18.13 -18.15 36.95
N VAL W 124 -19.00 -19.16 36.93
CA VAL W 124 -20.39 -18.98 37.33
C VAL W 124 -20.66 -19.91 38.49
N ALA W 125 -21.38 -19.40 39.49
CA ALA W 125 -21.86 -20.18 40.65
C ALA W 125 -20.73 -20.85 41.41
N ASN W 126 -19.56 -20.20 41.41
CA ASN W 126 -18.31 -20.64 42.03
C ASN W 126 -17.76 -21.91 41.37
N VAL W 127 -18.11 -22.21 40.12
CA VAL W 127 -17.43 -23.23 39.35
C VAL W 127 -16.99 -22.62 38.04
N SER W 128 -16.00 -23.22 37.42
CA SER W 128 -15.38 -22.61 36.26
C SER W 128 -16.13 -22.94 34.99
N LEU W 129 -16.08 -22.01 34.03
CA LEU W 129 -16.77 -22.24 32.76
C LEU W 129 -16.06 -23.29 31.94
N LEU W 130 -14.74 -23.33 32.00
CA LEU W 130 -13.97 -24.39 31.36
C LEU W 130 -14.21 -25.75 32.00
N ALA W 131 -14.66 -25.78 33.26
CA ALA W 131 -15.06 -27.01 33.90
C ALA W 131 -16.45 -27.45 33.48
N LEU W 132 -17.31 -26.50 33.14
CA LEU W 132 -18.64 -26.86 32.72
C LEU W 132 -18.71 -27.17 31.24
N TYR W 133 -18.02 -26.37 30.43
CA TYR W 133 -17.98 -26.57 28.99
C TYR W 133 -17.37 -27.92 28.64
N LYS W 134 -16.24 -28.24 29.23
CA LYS W 134 -15.59 -29.52 29.02
C LYS W 134 -16.17 -30.64 29.85
N GLY W 135 -17.25 -30.38 30.58
CA GLY W 135 -17.97 -31.41 31.29
C GLY W 135 -17.28 -32.00 32.48
N LYS W 136 -16.31 -31.28 33.04
CA LYS W 136 -15.57 -31.83 34.17
C LYS W 136 -16.37 -31.77 35.46
N LYS W 137 -17.32 -30.84 35.55
CA LYS W 137 -18.09 -30.61 36.76
C LYS W 137 -19.54 -30.38 36.39
N GLU W 138 -20.38 -30.22 37.41
CA GLU W 138 -21.82 -30.02 37.24
C GLU W 138 -22.22 -28.67 37.80
N ARG W 139 -23.20 -28.05 37.17
CA ARG W 139 -23.69 -26.74 37.59
C ARG W 139 -24.36 -26.85 38.95
N PRO W 140 -23.91 -26.12 39.96
CA PRO W 140 -24.54 -26.19 41.27
C PRO W 140 -25.69 -25.21 41.43
N ARG W 141 -26.77 -25.73 41.99
CA ARG W 141 -27.98 -24.93 42.12
C ARG W 141 -28.19 -24.61 43.57
N ASP X 1 31.73 -57.72 63.43
CA ASP X 1 32.99 -57.05 63.73
C ASP X 1 33.29 -56.00 62.68
N THR X 2 32.28 -55.67 61.86
CA THR X 2 32.48 -54.73 60.77
C THR X 2 32.34 -53.28 61.22
N VAL X 3 31.47 -53.00 62.19
CA VAL X 3 31.24 -51.65 62.69
C VAL X 3 32.49 -51.20 63.44
N THR X 4 33.11 -50.12 62.99
CA THR X 4 34.28 -49.56 63.65
C THR X 4 34.02 -48.11 64.03
N ILE X 5 34.69 -47.65 65.07
CA ILE X 5 34.52 -46.31 65.60
C ILE X 5 35.83 -45.55 65.42
N ARG X 6 35.73 -44.30 64.98
CA ARG X 6 36.86 -43.40 64.95
C ARG X 6 36.39 -42.04 65.44
N THR X 7 37.20 -41.40 66.28
CA THR X 7 36.84 -40.14 66.90
C THR X 7 37.79 -39.05 66.43
N ARG X 8 37.24 -38.02 65.79
CA ARG X 8 38.11 -37.02 65.17
C ARG X 8 38.55 -35.94 66.15
N LYS X 9 37.65 -35.07 66.58
CA LYS X 9 38.03 -33.80 67.19
C LYS X 9 37.97 -33.87 68.70
N PHE X 10 38.98 -34.51 69.30
CA PHE X 10 38.97 -34.83 70.72
C PHE X 10 39.45 -33.62 71.50
N MET X 11 38.80 -33.36 72.64
CA MET X 11 39.18 -32.23 73.48
C MET X 11 38.69 -32.49 74.89
N THR X 12 39.55 -32.24 75.87
CA THR X 12 39.20 -32.48 77.26
C THR X 12 38.81 -31.16 77.91
N ASN X 13 37.55 -31.05 78.31
CA ASN X 13 37.11 -29.93 79.12
C ASN X 13 37.47 -30.22 80.56
N ARG X 14 38.42 -29.48 81.11
CA ARG X 14 38.67 -29.62 82.52
C ARG X 14 37.72 -28.80 83.37
N LEU X 15 36.93 -27.92 82.76
CA LEU X 15 35.97 -27.12 83.52
C LEU X 15 34.54 -27.54 83.28
N LEU X 16 34.29 -28.56 82.47
CA LEU X 16 33.04 -29.28 82.54
C LEU X 16 33.24 -30.75 82.85
N GLN X 17 34.50 -31.16 83.03
CA GLN X 17 34.90 -32.50 83.45
C GLN X 17 34.42 -33.56 82.46
N ARG X 18 34.75 -33.38 81.20
CA ARG X 18 34.37 -34.35 80.19
C ARG X 18 35.38 -34.29 79.06
N LYS X 19 35.38 -35.34 78.25
CA LYS X 19 36.15 -35.39 77.02
C LYS X 19 35.16 -35.43 75.89
N GLN X 20 35.11 -34.37 75.11
CA GLN X 20 34.18 -34.30 74.01
C GLN X 20 34.89 -34.52 72.69
N MET X 21 34.24 -35.22 71.77
CA MET X 21 34.85 -35.57 70.50
C MET X 21 33.76 -35.73 69.45
N VAL X 22 34.17 -36.00 68.22
CA VAL X 22 33.26 -36.16 67.09
C VAL X 22 33.46 -37.56 66.55
N ILE X 23 32.39 -38.33 66.51
CA ILE X 23 32.47 -39.77 66.30
C ILE X 23 32.10 -40.09 64.86
N ASP X 24 33.01 -40.74 64.14
CA ASP X 24 32.75 -41.27 62.81
C ASP X 24 32.61 -42.78 62.91
N VAL X 25 31.48 -43.30 62.45
CA VAL X 25 31.18 -44.73 62.50
C VAL X 25 31.14 -45.26 61.07
N LEU X 26 31.73 -46.42 60.84
CA LEU X 26 31.80 -46.96 59.49
C LEU X 26 31.11 -48.32 59.46
N HIS X 27 29.80 -48.31 59.28
CA HIS X 27 29.07 -49.54 59.02
C HIS X 27 28.91 -49.68 57.51
N PRO X 28 29.47 -50.70 56.89
CA PRO X 28 29.44 -50.75 55.43
C PRO X 28 28.08 -51.14 54.86
N GLY X 29 27.35 -52.02 55.53
CA GLY X 29 26.19 -52.59 54.89
C GLY X 29 24.94 -52.67 55.74
N LYS X 30 25.03 -52.24 56.98
CA LYS X 30 23.91 -52.35 57.90
C LYS X 30 23.20 -51.00 58.01
N ALA X 31 22.24 -50.92 58.92
CA ALA X 31 21.53 -49.68 59.17
C ALA X 31 22.39 -48.79 60.07
N THR X 32 21.83 -47.67 60.50
CA THR X 32 22.51 -46.79 61.44
C THR X 32 22.61 -47.50 62.78
N VAL X 33 23.82 -47.60 63.33
CA VAL X 33 24.00 -48.41 64.52
C VAL X 33 23.38 -47.68 65.72
N PRO X 34 22.70 -48.38 66.62
CA PRO X 34 21.98 -47.71 67.70
C PRO X 34 22.93 -47.10 68.71
N LYS X 35 22.42 -46.11 69.44
CA LYS X 35 23.25 -45.38 70.40
C LYS X 35 23.61 -46.25 71.59
N THR X 36 22.80 -47.26 71.91
CA THR X 36 23.19 -48.20 72.94
C THR X 36 24.29 -49.13 72.46
N GLU X 37 24.41 -49.35 71.15
CA GLU X 37 25.46 -50.22 70.65
C GLU X 37 26.80 -49.52 70.63
N ILE X 38 26.81 -48.25 70.22
CA ILE X 38 28.07 -47.52 70.11
C ILE X 38 28.61 -47.15 71.48
N ARG X 39 27.75 -47.04 72.49
CA ARG X 39 28.23 -46.67 73.81
C ARG X 39 29.01 -47.80 74.47
N GLU X 40 28.83 -49.03 74.00
CA GLU X 40 29.69 -50.09 74.48
C GLU X 40 31.05 -50.05 73.78
N LYS X 41 31.04 -49.93 72.45
CA LYS X 41 32.28 -49.99 71.68
C LYS X 41 33.14 -48.76 71.92
N LEU X 42 32.54 -47.65 72.33
CA LEU X 42 33.30 -46.48 72.73
C LEU X 42 33.83 -46.60 74.15
N ALA X 43 33.07 -47.25 75.04
CA ALA X 43 33.54 -47.48 76.39
C ALA X 43 34.71 -48.45 76.42
N LYS X 44 34.74 -49.40 75.49
CA LYS X 44 35.91 -50.26 75.40
C LYS X 44 37.09 -49.54 74.77
N MET X 45 36.82 -48.55 73.92
CA MET X 45 37.90 -47.75 73.34
C MET X 45 38.55 -46.86 74.38
N TYR X 46 37.73 -46.24 75.24
CA TYR X 46 38.22 -45.28 76.22
C TYR X 46 38.23 -45.82 77.63
N LYS X 47 38.11 -47.15 77.79
CA LYS X 47 38.37 -47.87 79.03
C LYS X 47 37.46 -47.44 80.18
N THR X 48 36.22 -47.07 79.87
CA THR X 48 35.33 -46.58 80.91
C THR X 48 34.00 -47.31 80.95
N THR X 49 33.09 -46.83 81.74
CA THR X 49 31.85 -47.53 81.97
C THR X 49 30.75 -46.85 81.19
N PRO X 50 29.92 -47.57 80.42
CA PRO X 50 29.03 -46.91 79.45
C PRO X 50 27.85 -46.16 80.05
N ASP X 51 27.71 -46.06 81.36
CA ASP X 51 26.71 -45.17 81.93
C ASP X 51 27.22 -43.75 82.03
N VAL X 52 28.51 -43.55 81.73
CA VAL X 52 29.14 -42.25 81.83
C VAL X 52 29.19 -41.53 80.48
N ILE X 53 29.19 -42.26 79.39
CA ILE X 53 29.36 -41.65 78.09
C ILE X 53 27.99 -41.41 77.45
N PHE X 54 27.91 -40.35 76.66
CA PHE X 54 26.66 -39.85 76.10
C PHE X 54 26.90 -39.50 74.65
N VAL X 55 26.07 -40.00 73.76
CA VAL X 55 26.22 -39.77 72.33
C VAL X 55 24.93 -39.15 71.80
N PHE X 56 25.08 -38.25 70.83
CA PHE X 56 23.93 -37.53 70.29
C PHE X 56 24.27 -36.97 68.93
N GLY X 57 23.24 -36.76 68.13
CA GLY X 57 23.38 -36.09 66.85
C GLY X 57 23.88 -36.95 65.71
N PHE X 58 23.39 -38.16 65.57
CA PHE X 58 23.94 -39.11 64.60
C PHE X 58 23.26 -38.94 63.26
N ARG X 59 24.04 -38.57 62.25
CA ARG X 59 23.49 -38.28 60.93
C ARG X 59 24.18 -39.18 59.92
N THR X 60 23.41 -40.07 59.30
CA THR X 60 23.96 -40.98 58.32
C THR X 60 24.06 -40.27 56.98
N HIS X 61 25.20 -40.40 56.33
CA HIS X 61 25.41 -39.74 55.06
C HIS X 61 24.68 -40.47 53.95
N PHE X 62 24.72 -39.88 52.77
CA PHE X 62 24.08 -40.47 51.62
C PHE X 62 24.91 -41.63 51.10
N GLY X 63 24.24 -42.65 50.59
CA GLY X 63 24.94 -43.82 50.13
C GLY X 63 24.99 -44.89 51.20
N GLY X 64 25.38 -44.52 52.41
CA GLY X 64 25.09 -45.32 53.57
C GLY X 64 26.23 -46.06 54.22
N GLY X 65 27.41 -45.47 54.25
CA GLY X 65 28.55 -46.17 54.81
C GLY X 65 29.10 -45.54 56.06
N LYS X 66 28.92 -44.23 56.20
CA LYS X 66 29.45 -43.52 57.34
C LYS X 66 28.32 -42.89 58.12
N THR X 67 28.65 -42.42 59.32
CA THR X 67 27.71 -41.82 60.24
C THR X 67 28.50 -40.92 61.16
N THR X 68 28.11 -39.68 61.27
CA THR X 68 28.82 -38.71 62.09
C THR X 68 27.96 -38.33 63.27
N GLY X 69 28.58 -38.17 64.42
CA GLY X 69 27.85 -37.73 65.58
C GLY X 69 28.75 -36.96 66.51
N PHE X 70 28.26 -36.66 67.69
CA PHE X 70 29.06 -36.09 68.75
C PHE X 70 29.18 -37.12 69.85
N GLY X 71 29.88 -36.77 70.91
CA GLY X 71 29.98 -37.69 72.01
C GLY X 71 30.75 -37.11 73.15
N MET X 72 30.35 -37.38 74.39
CA MET X 72 31.07 -36.81 75.52
C MET X 72 31.16 -37.84 76.63
N ILE X 73 32.34 -37.93 77.22
CA ILE X 73 32.67 -38.94 78.20
C ILE X 73 32.96 -38.22 79.50
N TYR X 74 32.11 -38.40 80.50
CA TYR X 74 32.24 -37.62 81.70
C TYR X 74 33.23 -38.27 82.66
N ASP X 75 33.36 -37.66 83.84
CA ASP X 75 34.28 -38.17 84.84
C ASP X 75 33.60 -39.17 85.77
N SER X 76 32.35 -38.89 86.14
CA SER X 76 31.63 -39.78 87.04
C SER X 76 30.15 -39.67 86.72
N LEU X 77 29.30 -40.15 87.62
CA LEU X 77 27.87 -40.02 87.39
C LEU X 77 27.31 -38.73 87.97
N ASP X 78 27.91 -38.21 89.05
CA ASP X 78 27.40 -36.97 89.61
C ASP X 78 27.74 -35.78 88.72
N TYR X 79 28.94 -35.79 88.12
CA TYR X 79 29.28 -34.74 87.16
C TYR X 79 28.41 -34.86 85.91
N ALA X 80 28.13 -36.07 85.46
CA ALA X 80 27.21 -36.27 84.35
C ALA X 80 25.76 -36.16 84.76
N LYS X 81 25.47 -35.88 86.03
CA LYS X 81 24.13 -35.54 86.45
C LYS X 81 23.97 -34.04 86.66
N LYS X 82 25.06 -33.32 86.90
CA LYS X 82 25.01 -31.89 87.03
C LYS X 82 25.20 -31.18 85.69
N ASN X 83 26.20 -31.58 84.91
CA ASN X 83 26.59 -30.85 83.72
C ASN X 83 25.86 -31.28 82.48
N GLU X 84 24.90 -32.13 82.61
CA GLU X 84 24.27 -32.66 81.42
C GLU X 84 22.85 -32.14 81.27
N PRO X 85 22.40 -31.89 80.04
CA PRO X 85 21.00 -31.56 79.82
C PRO X 85 20.08 -32.68 80.25
N LYS X 86 18.89 -32.29 80.68
CA LYS X 86 17.97 -33.23 81.30
C LYS X 86 17.42 -34.21 80.29
N HIS X 87 17.25 -33.80 79.03
CA HIS X 87 16.68 -34.70 78.05
C HIS X 87 17.65 -35.78 77.62
N ARG X 88 18.95 -35.55 77.79
CA ARG X 88 19.95 -36.54 77.47
C ARG X 88 20.30 -37.39 78.68
N LEU X 89 19.74 -37.07 79.84
CA LEU X 89 19.69 -37.98 80.97
C LEU X 89 18.41 -38.76 81.02
N ALA X 90 17.33 -38.22 80.46
CA ALA X 90 16.06 -38.92 80.41
C ALA X 90 16.08 -40.08 79.43
N ARG X 91 17.05 -40.11 78.53
CA ARG X 91 17.24 -41.26 77.66
C ARG X 91 17.99 -42.38 78.34
N HIS X 92 18.47 -42.16 79.56
CA HIS X 92 19.14 -43.18 80.33
C HIS X 92 18.33 -43.61 81.53
N GLY X 93 17.10 -43.10 81.66
CA GLY X 93 16.25 -43.44 82.77
C GLY X 93 16.63 -42.78 84.07
N LEU X 94 17.32 -41.64 84.02
CA LEU X 94 17.83 -41.01 85.23
C LEU X 94 17.08 -39.75 85.63
N TYR X 95 16.38 -39.11 84.70
CA TYR X 95 15.52 -37.97 85.02
C TYR X 95 14.15 -38.24 84.41
N GLU X 96 13.10 -38.04 85.19
CA GLU X 96 11.73 -38.30 84.75
C GLU X 96 10.94 -37.01 84.82
N LYS X 97 10.62 -36.45 83.66
CA LYS X 97 9.79 -35.27 83.60
C LYS X 97 8.39 -35.59 84.07
N LYS X 98 7.69 -34.57 84.56
CA LYS X 98 6.34 -34.76 85.08
C LYS X 98 5.35 -34.86 83.92
N LYS X 99 4.06 -34.77 84.23
CA LYS X 99 3.02 -35.10 83.26
C LYS X 99 1.97 -34.00 83.16
N THR X 100 2.43 -32.76 83.02
CA THR X 100 1.53 -31.64 82.78
C THR X 100 1.66 -31.20 81.33
N SER X 101 0.53 -30.88 80.71
CA SER X 101 0.61 -30.18 79.45
C SER X 101 0.87 -28.71 79.73
N ARG X 102 1.30 -27.99 78.70
CA ARG X 102 1.66 -26.60 78.88
C ARG X 102 0.43 -25.73 79.06
N LYS X 103 -0.69 -26.14 78.45
CA LYS X 103 -1.93 -25.41 78.59
C LYS X 103 -2.61 -25.67 79.91
N GLN X 104 -2.31 -26.77 80.61
CA GLN X 104 -2.89 -26.97 81.93
C GLN X 104 -2.26 -26.01 82.93
N ARG X 105 -0.95 -25.83 82.83
CA ARG X 105 -0.23 -25.00 83.76
C ARG X 105 -0.57 -23.54 83.62
N LYS X 106 -0.85 -23.07 82.41
CA LYS X 106 -1.19 -21.67 82.22
C LYS X 106 -2.61 -21.37 82.68
N GLU X 107 -3.53 -22.33 82.53
CA GLU X 107 -4.86 -22.18 83.12
C GLU X 107 -4.80 -22.15 84.63
N ARG X 108 -4.07 -23.10 85.23
CA ARG X 108 -3.93 -23.12 86.67
C ARG X 108 -3.20 -21.89 87.18
N LYS X 109 -2.26 -21.35 86.40
CA LYS X 109 -1.57 -20.13 86.77
C LYS X 109 -2.49 -18.93 86.74
N ASN X 110 -3.27 -18.80 85.69
CA ASN X 110 -4.14 -17.64 85.52
C ASN X 110 -5.43 -17.76 86.30
N ARG X 111 -5.71 -18.88 86.94
CA ARG X 111 -6.87 -18.95 87.81
C ARG X 111 -6.58 -18.53 89.23
N MET X 112 -5.40 -18.82 89.74
CA MET X 112 -5.05 -18.32 91.06
C MET X 112 -4.59 -16.88 91.04
N LYS X 113 -4.51 -16.28 89.85
CA LYS X 113 -4.38 -14.84 89.76
C LYS X 113 -5.60 -14.13 90.29
N LYS X 114 -6.76 -14.80 90.27
CA LYS X 114 -8.01 -14.22 90.68
C LYS X 114 -8.32 -14.43 92.15
N VAL X 115 -7.36 -14.93 92.93
CA VAL X 115 -7.59 -15.41 94.29
C VAL X 115 -6.41 -15.02 95.17
N ARG X 116 -6.69 -14.39 96.31
CA ARG X 116 -5.73 -13.94 97.31
C ARG X 116 -5.36 -15.10 98.24
N GLY X 117 -4.80 -14.83 99.41
CA GLY X 117 -3.69 -15.58 99.99
C GLY X 117 -3.60 -17.09 100.01
N THR X 118 -4.32 -17.80 100.86
CA THR X 118 -4.00 -19.22 100.99
C THR X 118 -4.97 -20.10 100.23
N ALA X 119 -6.02 -19.52 99.65
CA ALA X 119 -6.83 -20.28 98.71
C ALA X 119 -6.20 -20.44 97.35
N LYS X 120 -4.97 -19.95 97.12
CA LYS X 120 -4.27 -20.24 95.89
C LYS X 120 -3.77 -21.68 95.85
N ALA X 121 -3.38 -22.24 96.98
CA ALA X 121 -2.98 -23.64 97.01
C ALA X 121 -4.17 -24.58 96.96
N ASN X 122 -5.38 -24.08 97.21
CA ASN X 122 -6.59 -24.87 97.08
C ASN X 122 -7.02 -25.04 95.64
N VAL X 123 -6.66 -24.12 94.76
CA VAL X 123 -7.23 -24.12 93.44
C VAL X 123 -6.48 -25.15 92.57
N GLY X 124 -7.10 -25.54 91.46
CA GLY X 124 -6.49 -26.47 90.54
C GLY X 124 -7.10 -27.86 90.55
N MET Y 1 44.37 -6.38 10.33
CA MET Y 1 45.28 -6.61 9.21
C MET Y 1 46.38 -7.58 9.60
N GLN Y 2 46.87 -7.48 10.83
CA GLN Y 2 47.81 -8.44 11.38
C GLN Y 2 47.34 -8.88 12.75
N ASN Y 3 47.64 -10.13 13.11
CA ASN Y 3 47.40 -10.59 14.48
C ASN Y 3 48.66 -10.39 15.31
N ASP Y 4 48.73 -11.02 16.48
CA ASP Y 4 49.96 -10.95 17.26
C ASP Y 4 51.08 -11.73 16.59
N ALA Y 5 50.73 -12.80 15.89
CA ALA Y 5 51.72 -13.65 15.22
C ALA Y 5 52.33 -13.00 13.99
N GLY Y 6 51.84 -11.83 13.57
CA GLY Y 6 52.39 -11.14 12.44
C GLY Y 6 51.85 -11.58 11.10
N GLU Y 7 51.01 -12.61 11.06
CA GLU Y 7 50.47 -13.05 9.79
C GLU Y 7 49.40 -12.08 9.33
N PHE Y 8 49.16 -12.05 8.02
CA PHE Y 8 48.27 -11.04 7.42
C PHE Y 8 46.89 -11.61 7.25
N VAL Y 9 45.92 -11.02 7.94
CA VAL Y 9 44.52 -11.42 7.84
C VAL Y 9 43.84 -10.39 6.96
N ASP Y 10 43.86 -10.63 5.66
CA ASP Y 10 43.20 -9.77 4.68
C ASP Y 10 42.85 -10.60 3.48
N LEU Y 11 41.71 -10.32 2.88
CA LEU Y 11 41.45 -10.82 1.55
C LEU Y 11 42.42 -10.20 0.56
N TYR Y 12 42.55 -8.88 0.62
CA TYR Y 12 43.43 -8.15 -0.28
C TYR Y 12 43.68 -6.80 0.36
N VAL Y 13 44.65 -6.07 -0.17
CA VAL Y 13 44.94 -4.73 0.30
C VAL Y 13 44.55 -3.74 -0.79
N PRO Y 14 43.51 -2.93 -0.61
CA PRO Y 14 43.02 -2.08 -1.68
C PRO Y 14 43.93 -0.89 -1.95
N ARG Y 15 43.86 -0.40 -3.17
CA ARG Y 15 44.65 0.74 -3.55
C ARG Y 15 43.91 2.03 -3.20
N LYS Y 16 44.63 2.98 -2.66
CA LYS Y 16 44.07 4.28 -2.33
C LYS Y 16 44.32 5.24 -3.47
N CYS Y 17 43.59 6.34 -3.48
CA CYS Y 17 43.73 7.30 -4.55
C CYS Y 17 45.04 8.06 -4.42
N SER Y 18 45.61 8.42 -5.56
CA SER Y 18 46.88 9.11 -5.55
C SER Y 18 46.76 10.57 -5.19
N ALA Y 19 45.56 11.13 -5.26
CA ALA Y 19 45.35 12.52 -4.92
C ALA Y 19 44.94 12.70 -3.46
N SER Y 20 43.98 11.91 -2.99
CA SER Y 20 43.30 12.23 -1.75
C SER Y 20 43.33 11.16 -0.70
N ASN Y 21 44.07 10.07 -0.90
CA ASN Y 21 44.21 8.97 0.06
C ASN Y 21 42.88 8.28 0.40
N ARG Y 22 41.83 8.47 -0.39
CA ARG Y 22 40.59 7.74 -0.18
C ARG Y 22 40.70 6.35 -0.75
N ILE Y 23 40.15 5.37 -0.04
CA ILE Y 23 40.20 3.99 -0.50
C ILE Y 23 39.29 3.82 -1.71
N ILE Y 24 39.86 3.35 -2.81
CA ILE Y 24 39.10 3.00 -3.99
C ILE Y 24 38.40 1.69 -3.73
N GLY Y 25 37.07 1.71 -3.73
CA GLY Y 25 36.30 0.54 -3.38
C GLY Y 25 36.35 -0.56 -4.42
N ALA Y 26 35.73 -1.69 -4.07
CA ALA Y 26 35.67 -2.82 -4.98
C ALA Y 26 34.74 -2.54 -6.14
N LYS Y 27 33.53 -2.09 -5.86
CA LYS Y 27 32.60 -1.71 -6.92
C LYS Y 27 32.53 -0.21 -7.11
N ASP Y 28 33.67 0.42 -7.34
CA ASP Y 28 33.78 1.84 -7.69
C ASP Y 28 34.30 1.85 -9.12
N HIS Y 29 33.39 1.83 -10.07
CA HIS Y 29 33.77 1.72 -11.46
C HIS Y 29 34.05 3.05 -12.13
N ALA Y 30 33.90 4.16 -11.45
CA ALA Y 30 34.28 5.45 -12.01
C ALA Y 30 35.70 5.79 -11.70
N SER Y 31 36.48 4.87 -11.17
CA SER Y 31 37.87 5.09 -10.80
C SER Y 31 38.79 4.75 -11.95
N ILE Y 32 40.03 5.22 -11.82
CA ILE Y 32 41.01 5.25 -12.88
C ILE Y 32 42.29 4.66 -12.32
N GLN Y 33 43.00 3.89 -13.13
CA GLN Y 33 44.43 3.71 -12.92
C GLN Y 33 45.10 4.03 -14.23
N MET Y 34 45.87 5.10 -14.25
CA MET Y 34 46.40 5.66 -15.48
C MET Y 34 47.90 5.53 -15.51
N ASN Y 35 48.43 5.01 -16.61
CA ASN Y 35 49.86 4.89 -16.82
C ASN Y 35 50.34 6.02 -17.71
N VAL Y 36 51.45 6.63 -17.31
CA VAL Y 36 52.08 7.69 -18.08
C VAL Y 36 53.53 7.28 -18.29
N ALA Y 37 53.91 7.11 -19.55
CA ALA Y 37 55.23 6.65 -19.94
C ALA Y 37 56.33 7.62 -19.52
N GLU Y 38 57.53 7.10 -19.41
CA GLU Y 38 58.72 7.91 -19.22
C GLU Y 38 59.54 7.89 -20.50
N VAL Y 39 60.05 9.03 -20.88
CA VAL Y 39 60.80 9.13 -22.11
C VAL Y 39 62.27 9.00 -21.81
N ASP Y 40 63.05 8.72 -22.84
CA ASP Y 40 64.49 8.74 -22.71
C ASP Y 40 64.98 10.17 -22.55
N LYS Y 41 66.09 10.34 -21.83
CA LYS Y 41 66.50 11.68 -21.43
C LYS Y 41 67.15 12.47 -22.54
N VAL Y 42 67.81 11.80 -23.50
CA VAL Y 42 68.60 12.50 -24.50
C VAL Y 42 67.99 12.44 -25.90
N THR Y 43 67.15 11.44 -26.19
CA THR Y 43 66.54 11.33 -27.51
C THR Y 43 65.03 11.49 -27.48
N GLY Y 44 64.41 11.30 -26.33
CA GLY Y 44 62.97 11.51 -26.21
C GLY Y 44 62.11 10.40 -26.75
N ARG Y 45 62.55 9.16 -26.65
CA ARG Y 45 61.76 8.01 -27.05
C ARG Y 45 61.31 7.24 -25.81
N PHE Y 46 60.35 6.35 -26.01
CA PHE Y 46 59.71 5.62 -24.92
C PHE Y 46 60.70 4.67 -24.25
N ASN Y 47 60.96 4.92 -22.95
CA ASN Y 47 61.97 4.17 -22.23
C ASN Y 47 61.52 2.75 -21.92
N GLY Y 48 60.25 2.57 -21.64
CA GLY Y 48 59.74 1.28 -21.24
C GLY Y 48 59.05 1.37 -19.90
N GLN Y 49 59.63 2.14 -18.99
CA GLN Y 49 59.11 2.29 -17.65
C GLN Y 49 58.14 3.45 -17.61
N PHE Y 50 57.15 3.37 -16.72
CA PHE Y 50 56.13 4.39 -16.67
C PHE Y 50 55.79 4.72 -15.22
N LYS Y 51 55.04 5.81 -15.07
CA LYS Y 51 54.51 6.26 -13.81
C LYS Y 51 53.03 5.90 -13.75
N THR Y 52 52.55 5.50 -12.58
CA THR Y 52 51.17 5.07 -12.41
C THR Y 52 50.44 5.99 -11.45
N TYR Y 53 49.23 6.41 -11.82
CA TYR Y 53 48.39 7.23 -10.97
C TYR Y 53 47.01 6.60 -10.88
N ALA Y 54 46.44 6.63 -9.69
CA ALA Y 54 45.09 6.13 -9.48
C ALA Y 54 44.22 7.28 -9.00
N ILE Y 55 43.03 7.40 -9.56
CA ILE Y 55 42.13 8.49 -9.21
C ILE Y 55 40.81 7.91 -8.77
N CYS Y 56 40.32 8.29 -7.59
CA CYS Y 56 39.07 7.75 -7.12
C CYS Y 56 37.93 8.41 -7.89
N GLY Y 57 36.77 7.75 -7.87
CA GLY Y 57 35.69 8.18 -8.71
C GLY Y 57 35.01 9.43 -8.25
N ALA Y 58 35.09 9.75 -6.98
CA ALA Y 58 34.44 10.94 -6.47
C ALA Y 58 35.21 12.19 -6.85
N ILE Y 59 36.54 12.13 -6.84
CA ILE Y 59 37.38 13.22 -7.34
C ILE Y 59 37.15 13.42 -8.82
N ARG Y 60 37.14 12.33 -9.57
CA ARG Y 60 36.94 12.40 -11.00
C ARG Y 60 35.55 12.90 -11.37
N ARG Y 61 34.54 12.58 -10.56
CA ARG Y 61 33.21 13.14 -10.74
C ARG Y 61 33.15 14.61 -10.38
N MET Y 62 33.96 15.05 -9.41
CA MET Y 62 34.08 16.47 -9.11
C MET Y 62 34.66 17.26 -10.26
N GLY Y 63 35.39 16.63 -11.16
CA GLY Y 63 36.10 17.34 -12.19
C GLY Y 63 37.50 17.71 -11.81
N GLU Y 64 37.94 17.31 -10.62
CA GLU Y 64 39.28 17.63 -10.13
C GLU Y 64 40.30 16.58 -10.53
N SER Y 65 40.02 15.83 -11.58
CA SER Y 65 40.94 14.82 -12.05
C SER Y 65 41.96 15.37 -13.02
N ASP Y 66 41.65 16.47 -13.70
CA ASP Y 66 42.64 17.09 -14.57
C ASP Y 66 43.74 17.72 -13.75
N ASP Y 67 43.39 18.54 -12.77
CA ASP Y 67 44.41 19.20 -11.99
C ASP Y 67 44.97 18.34 -10.89
N SER Y 68 44.54 17.09 -10.78
CA SER Y 68 45.25 16.19 -9.89
C SER Y 68 46.32 15.41 -10.61
N ILE Y 69 46.02 14.90 -11.81
CA ILE Y 69 47.01 14.21 -12.63
C ILE Y 69 48.13 15.15 -13.02
N LEU Y 70 47.79 16.41 -13.28
CA LEU Y 70 48.80 17.39 -13.64
C LEU Y 70 49.75 17.66 -12.48
N ARG Y 71 49.24 17.99 -11.30
CA ARG Y 71 50.14 18.28 -10.20
C ARG Y 71 50.71 17.03 -9.55
N LEU Y 72 50.27 15.86 -9.95
CA LEU Y 72 51.03 14.67 -9.61
C LEU Y 72 52.14 14.41 -10.61
N ALA Y 73 51.98 14.86 -11.84
CA ALA Y 73 53.06 14.77 -12.82
C ALA Y 73 54.11 15.84 -12.58
N LYS Y 74 53.71 16.97 -12.02
CA LYS Y 74 54.68 18.02 -11.72
C LYS Y 74 55.52 17.66 -10.51
N ALA Y 75 55.01 16.81 -9.62
CA ALA Y 75 55.84 16.37 -8.52
C ALA Y 75 56.74 15.21 -8.92
N ASP Y 76 56.32 14.40 -9.88
CA ASP Y 76 57.20 13.35 -10.40
C ASP Y 76 58.16 13.84 -11.44
N GLY Y 77 58.07 15.11 -11.84
CA GLY Y 77 58.99 15.65 -12.81
C GLY Y 77 58.73 15.22 -14.23
N ILE Y 78 57.48 15.17 -14.65
CA ILE Y 78 57.13 14.88 -16.04
C ILE Y 78 56.70 16.15 -16.77
N VAL Y 79 55.89 16.96 -16.12
CA VAL Y 79 55.58 18.30 -16.62
C VAL Y 79 56.66 19.23 -16.13
N SER Y 80 57.16 20.08 -17.02
CA SER Y 80 58.18 21.04 -16.64
C SER Y 80 57.61 22.07 -15.69
N LYS Y 81 58.48 22.63 -14.86
CA LYS Y 81 58.03 23.48 -13.77
C LYS Y 81 57.60 24.84 -14.31
N ASN Y 82 56.41 25.28 -13.87
CA ASN Y 82 55.63 26.35 -14.50
C ASN Y 82 55.44 26.09 -15.98
N ASP Z 1 -61.60 21.01 -54.66
CA ASP Z 1 -62.91 20.38 -54.54
C ASP Z 1 -62.95 19.19 -55.50
N LYS Z 2 -63.96 18.33 -55.33
CA LYS Z 2 -64.10 17.17 -56.19
C LYS Z 2 -64.47 17.61 -57.61
N LEU Z 3 -64.13 16.76 -58.56
CA LEU Z 3 -64.24 17.08 -59.98
C LEU Z 3 -65.49 16.43 -60.53
N ASN Z 4 -66.49 17.23 -60.86
CA ASN Z 4 -67.64 16.78 -61.61
C ASN Z 4 -67.38 17.06 -63.08
N ASN Z 5 -67.36 16.01 -63.89
CA ASN Z 5 -67.10 16.13 -65.31
C ASN Z 5 -68.25 15.47 -66.05
N LEU Z 6 -68.15 15.44 -67.37
CA LEU Z 6 -69.20 14.86 -68.21
C LEU Z 6 -68.62 13.71 -69.02
N VAL Z 7 -69.32 12.58 -69.01
CA VAL Z 7 -68.81 11.37 -69.63
C VAL Z 7 -69.06 11.40 -71.14
N LEU Z 8 -70.15 11.99 -71.56
CA LEU Z 8 -70.47 12.08 -72.99
C LEU Z 8 -70.56 13.54 -73.43
N PHE Z 9 -70.91 13.70 -74.70
CA PHE Z 9 -70.91 15.01 -75.33
C PHE Z 9 -72.10 15.83 -74.88
N ASP Z 10 -71.84 17.08 -74.54
CA ASP Z 10 -72.87 18.07 -74.23
C ASP Z 10 -73.10 18.93 -75.46
N LYS Z 11 -74.31 19.48 -75.57
CA LYS Z 11 -74.64 20.34 -76.71
C LYS Z 11 -73.79 21.60 -76.71
N ALA Z 12 -73.62 22.23 -75.56
CA ALA Z 12 -72.86 23.48 -75.51
C ALA Z 12 -71.37 23.24 -75.66
N THR Z 13 -70.84 22.22 -74.97
CA THR Z 13 -69.40 21.99 -74.99
C THR Z 13 -68.91 21.41 -76.31
N TYR Z 14 -69.81 20.85 -77.12
CA TYR Z 14 -69.39 20.41 -78.44
C TYR Z 14 -69.12 21.59 -79.36
N ASP Z 15 -69.74 22.74 -79.10
CA ASP Z 15 -69.35 23.95 -79.80
C ASP Z 15 -67.98 24.41 -79.36
N LYS Z 16 -67.65 24.25 -78.07
CA LYS Z 16 -66.33 24.62 -77.58
C LYS Z 16 -65.26 23.67 -78.12
N LEU Z 17 -65.63 22.43 -78.41
CA LEU Z 17 -64.64 21.47 -78.88
C LEU Z 17 -64.28 21.68 -80.34
N CYS Z 18 -65.13 22.32 -81.15
CA CYS Z 18 -64.91 22.28 -82.59
C CYS Z 18 -64.26 23.54 -83.17
N LYS Z 19 -64.00 24.58 -82.38
CA LYS Z 19 -63.51 25.80 -82.99
C LYS Z 19 -62.24 26.38 -82.37
N GLU Z 20 -62.05 26.31 -81.05
CA GLU Z 20 -60.80 26.79 -80.47
C GLU Z 20 -59.82 25.67 -80.13
N VAL Z 21 -60.27 24.42 -80.17
CA VAL Z 21 -59.33 23.29 -80.13
C VAL Z 21 -58.40 23.29 -81.34
N PRO Z 22 -58.82 23.64 -82.56
CA PRO Z 22 -57.83 23.96 -83.60
C PRO Z 22 -57.17 25.33 -83.46
N ASN Z 23 -57.27 26.00 -82.31
CA ASN Z 23 -56.64 27.30 -82.08
C ASN Z 23 -55.96 27.33 -80.73
N TYR Z 24 -55.13 26.33 -80.45
CA TYR Z 24 -54.44 26.23 -79.18
C TYR Z 24 -52.92 26.15 -79.27
N LYS Z 25 -52.36 25.59 -80.35
CA LYS Z 25 -50.96 25.23 -80.57
C LYS Z 25 -50.45 24.14 -79.63
N LEU Z 26 -51.28 23.62 -78.73
CA LEU Z 26 -50.94 22.49 -77.88
C LEU Z 26 -52.26 21.85 -77.46
N ILE Z 27 -52.54 20.67 -77.97
CA ILE Z 27 -53.76 19.96 -77.63
C ILE Z 27 -53.35 18.58 -77.14
N THR Z 28 -53.82 18.22 -75.96
CA THR Z 28 -53.29 17.08 -75.24
C THR Z 28 -54.38 16.67 -74.26
N PRO Z 29 -54.62 15.37 -74.08
CA PRO Z 29 -55.78 14.90 -73.30
C PRO Z 29 -55.87 15.37 -71.85
N ALA Z 30 -54.84 15.97 -71.28
CA ALA Z 30 -54.94 16.50 -69.93
C ALA Z 30 -55.07 18.01 -69.89
N VAL Z 31 -55.10 18.69 -71.03
CA VAL Z 31 -55.48 20.10 -71.03
C VAL Z 31 -56.93 20.28 -71.45
N VAL Z 32 -57.44 19.39 -72.31
CA VAL Z 32 -58.82 19.49 -72.74
C VAL Z 32 -59.75 19.07 -71.62
N SER Z 33 -59.33 18.13 -70.79
CA SER Z 33 -60.12 17.74 -69.64
C SER Z 33 -60.15 18.84 -68.58
N GLU Z 34 -59.11 19.67 -68.52
CA GLU Z 34 -59.07 20.72 -67.52
C GLU Z 34 -59.81 21.96 -68.01
N ARG Z 35 -59.71 22.27 -69.30
CA ARG Z 35 -60.34 23.49 -69.80
C ARG Z 35 -61.84 23.34 -69.95
N LEU Z 36 -62.29 22.34 -70.70
CA LEU Z 36 -63.71 22.19 -71.01
C LEU Z 36 -64.47 21.42 -69.94
N LYS Z 37 -63.78 20.97 -68.89
CA LYS Z 37 -64.35 20.21 -67.77
C LYS Z 37 -65.04 18.92 -68.24
N ILE Z 38 -64.23 18.01 -68.79
CA ILE Z 38 -64.68 16.71 -69.22
C ILE Z 38 -63.79 15.64 -68.58
N ARG Z 39 -64.18 14.38 -68.74
CA ARG Z 39 -63.33 13.30 -68.29
C ARG Z 39 -62.23 13.04 -69.32
N GLY Z 40 -61.30 12.17 -68.94
CA GLY Z 40 -60.15 11.92 -69.80
C GLY Z 40 -60.45 11.07 -71.01
N SER Z 41 -61.53 10.29 -70.98
CA SER Z 41 -61.82 9.42 -72.11
C SER Z 41 -62.46 10.18 -73.25
N LEU Z 42 -63.23 11.24 -72.95
CA LEU Z 42 -63.68 12.14 -74.00
C LEU Z 42 -62.53 12.89 -74.61
N ALA Z 43 -61.55 13.28 -73.80
CA ALA Z 43 -60.37 13.94 -74.33
C ALA Z 43 -59.52 12.97 -75.14
N ARG Z 44 -59.51 11.70 -74.76
CA ARG Z 44 -58.69 10.74 -75.49
C ARG Z 44 -59.35 10.32 -76.80
N ALA Z 45 -60.66 10.16 -76.81
CA ALA Z 45 -61.35 9.60 -77.98
C ALA Z 45 -61.97 10.66 -78.88
N ALA Z 46 -62.54 11.72 -78.30
CA ALA Z 46 -63.13 12.79 -79.09
C ALA Z 46 -62.09 13.57 -79.86
N LEU Z 47 -60.85 13.60 -79.36
CA LEU Z 47 -59.79 14.25 -80.10
C LEU Z 47 -59.35 13.42 -81.29
N GLN Z 48 -59.48 12.10 -81.20
CA GLN Z 48 -58.99 11.21 -82.25
C GLN Z 48 -59.89 11.20 -83.47
N GLU Z 49 -61.05 11.85 -83.42
CA GLU Z 49 -61.81 12.08 -84.65
C GLU Z 49 -61.34 13.34 -85.37
N LEU Z 50 -60.70 14.27 -84.66
CA LEU Z 50 -60.24 15.50 -85.28
C LEU Z 50 -59.00 15.27 -86.14
N LEU Z 51 -58.23 14.22 -85.85
CA LEU Z 51 -57.19 13.80 -86.77
C LEU Z 51 -57.79 13.33 -88.09
N SER Z 52 -58.90 12.62 -88.03
CA SER Z 52 -59.57 12.20 -89.25
C SER Z 52 -60.31 13.35 -89.93
N LYS Z 53 -60.63 14.40 -89.18
CA LYS Z 53 -61.21 15.61 -89.78
C LYS Z 53 -60.19 16.37 -90.60
N GLY Z 54 -58.90 16.13 -90.39
CA GLY Z 54 -57.90 16.88 -91.11
C GLY Z 54 -57.74 18.30 -90.64
N LEU Z 55 -58.14 18.58 -89.40
CA LEU Z 55 -58.08 19.94 -88.88
C LEU Z 55 -56.95 20.14 -87.88
N ILE Z 56 -56.40 19.07 -87.31
CA ILE Z 56 -55.41 19.15 -86.24
C ILE Z 56 -54.25 18.23 -86.58
N LYS Z 57 -53.03 18.77 -86.54
CA LYS Z 57 -51.85 17.96 -86.79
C LYS Z 57 -51.57 17.03 -85.62
N LEU Z 58 -50.98 15.89 -85.93
CA LEU Z 58 -50.56 14.93 -84.92
C LEU Z 58 -49.04 15.03 -84.77
N VAL Z 59 -48.59 15.40 -83.57
CA VAL Z 59 -47.17 15.56 -83.34
C VAL Z 59 -46.54 14.24 -82.91
N SER Z 60 -46.96 13.72 -81.75
CA SER Z 60 -46.39 12.50 -81.21
C SER Z 60 -47.47 11.68 -80.53
N LYS Z 61 -47.47 10.39 -80.80
CA LYS Z 61 -48.39 9.46 -80.16
C LYS Z 61 -47.57 8.47 -79.33
N HIS Z 62 -47.98 8.30 -78.09
CA HIS Z 62 -47.34 7.39 -77.16
C HIS Z 62 -48.44 6.81 -76.29
N ARG Z 63 -48.10 5.82 -75.47
CA ARG Z 63 -49.04 5.30 -74.49
C ARG Z 63 -49.49 6.38 -73.52
N ALA Z 64 -48.54 6.99 -72.82
CA ALA Z 64 -48.85 7.88 -71.71
C ALA Z 64 -48.89 9.34 -72.13
N GLN Z 65 -48.76 9.65 -73.41
CA GLN Z 65 -48.75 11.02 -73.86
C GLN Z 65 -49.26 11.09 -75.29
N VAL Z 66 -50.08 12.10 -75.56
CA VAL Z 66 -50.58 12.38 -76.90
C VAL Z 66 -50.50 13.89 -77.10
N ILE Z 67 -49.80 14.32 -78.14
CA ILE Z 67 -49.54 15.73 -78.37
C ILE Z 67 -50.12 16.10 -79.73
N TYR Z 68 -51.06 17.03 -79.73
CA TYR Z 68 -51.66 17.54 -80.96
C TYR Z 68 -51.38 19.03 -81.07
N THR Z 69 -51.09 19.47 -82.29
CA THR Z 69 -51.00 20.89 -82.58
C THR Z 69 -51.92 21.22 -83.75
N ARG Z 70 -52.22 22.51 -83.90
CA ARG Z 70 -53.05 22.96 -85.01
C ARG Z 70 -52.22 23.05 -86.28
N ASN Z 71 -52.91 23.01 -87.41
CA ASN Z 71 -52.24 23.14 -88.69
C ASN Z 71 -51.90 24.60 -88.95
N THR Z 72 -50.85 24.81 -89.75
CA THR Z 72 -50.30 26.12 -90.16
C THR Z 72 -49.91 27.01 -88.97
N PRO AA 1 41.12 25.05 -7.38
CA PRO AA 1 40.48 24.32 -6.29
C PRO AA 1 41.25 23.08 -5.89
N LEU AA 2 41.12 22.75 -4.61
CA LEU AA 2 41.50 21.49 -3.97
C LEU AA 2 43.01 21.33 -3.80
N ALA AA 3 43.82 22.19 -4.41
CA ALA AA 3 45.18 22.42 -3.91
C ALA AA 3 45.49 23.86 -4.29
N LYS AA 4 45.13 24.78 -3.41
CA LYS AA 4 45.57 26.15 -3.52
C LYS AA 4 46.84 26.27 -2.71
N ASP AA 5 47.28 27.50 -2.46
CA ASP AA 5 48.32 27.74 -1.48
C ASP AA 5 47.84 28.88 -0.61
N LEU AA 6 47.47 28.57 0.62
CA LEU AA 6 46.94 29.60 1.49
C LEU AA 6 48.02 30.33 2.25
N LEU AA 7 49.19 29.73 2.39
CA LEU AA 7 50.29 30.41 3.05
C LEU AA 7 50.85 31.52 2.18
N HIS AA 8 50.80 31.36 0.87
CA HIS AA 8 51.43 32.28 -0.08
C HIS AA 8 50.47 32.65 -1.18
N PRO AA 9 49.59 33.62 -0.95
CA PRO AA 9 48.75 34.11 -2.04
C PRO AA 9 49.54 35.03 -2.96
N SER AA 10 49.10 35.08 -4.21
CA SER AA 10 49.74 35.93 -5.19
C SER AA 10 49.47 37.39 -4.86
N PRO AA 11 50.37 38.30 -5.26
CA PRO AA 11 50.17 39.72 -4.91
C PRO AA 11 48.99 40.39 -5.59
N GLU AA 12 48.46 39.84 -6.68
CA GLU AA 12 47.19 40.34 -7.18
C GLU AA 12 46.03 39.70 -6.46
N GLU AA 13 46.21 38.46 -5.99
CA GLU AA 13 45.19 37.81 -5.19
C GLU AA 13 45.06 38.47 -3.83
N GLU AA 14 46.13 39.05 -3.31
CA GLU AA 14 46.04 39.79 -2.06
C GLU AA 14 45.28 41.08 -2.25
N LYS AA 15 45.55 41.80 -3.33
CA LYS AA 15 44.93 43.11 -3.53
C LYS AA 15 43.48 43.03 -3.98
N ARG AA 16 43.01 41.89 -4.45
CA ARG AA 16 41.61 41.80 -4.82
C ARG AA 16 40.72 41.78 -3.59
N LYS AA 17 41.15 41.09 -2.53
CA LYS AA 17 40.30 40.76 -1.41
C LYS AA 17 39.90 41.99 -0.59
N HIS AA 18 38.93 41.78 0.29
CA HIS AA 18 38.56 42.78 1.27
C HIS AA 18 39.72 43.03 2.21
N LYS AA 19 39.78 44.22 2.78
CA LYS AA 19 40.88 44.56 3.66
C LYS AA 19 40.81 43.83 4.99
N LYS AA 20 39.67 43.27 5.35
CA LYS AA 20 39.57 42.43 6.52
C LYS AA 20 39.60 40.96 6.19
N LYS AA 21 39.47 40.61 4.91
CA LYS AA 21 39.47 39.22 4.48
C LYS AA 21 40.79 38.79 3.88
N ARG AA 22 41.79 39.65 3.92
CA ARG AA 22 43.13 39.24 3.52
C ARG AA 22 43.72 38.30 4.56
N LEU AA 23 44.88 37.74 4.25
CA LEU AA 23 45.56 36.86 5.19
C LEU AA 23 45.97 37.60 6.45
N VAL AA 24 46.53 38.79 6.31
CA VAL AA 24 46.65 39.75 7.39
C VAL AA 24 45.96 41.03 6.96
N GLN AA 25 45.25 41.68 7.88
CA GLN AA 25 44.53 42.90 7.56
C GLN AA 25 45.45 44.02 7.15
N SER AA 26 45.36 44.40 5.93
CA SER AA 26 46.08 45.56 5.49
C SER AA 26 45.09 46.67 5.21
N PRO AA 27 45.37 47.90 5.60
CA PRO AA 27 44.45 48.98 5.27
C PRO AA 27 44.56 49.34 3.79
N ASN AA 28 43.46 49.88 3.27
CA ASN AA 28 43.39 50.30 1.88
C ASN AA 28 43.69 51.78 1.69
N SER AA 29 44.08 52.49 2.73
CA SER AA 29 44.29 53.92 2.67
C SER AA 29 45.76 54.25 2.85
N TYR AA 30 46.04 55.54 2.85
CA TYR AA 30 47.40 56.04 2.88
C TYR AA 30 47.36 57.48 3.35
N PHE AA 31 48.52 58.04 3.60
CA PHE AA 31 48.67 59.46 3.86
C PHE AA 31 49.38 60.07 2.67
N MET AA 32 48.73 61.01 2.01
CA MET AA 32 49.34 61.67 0.87
C MET AA 32 50.13 62.86 1.37
N ASP AA 33 50.67 63.67 0.44
CA ASP AA 33 51.41 64.87 0.82
C ASP AA 33 51.05 65.96 -0.18
N VAL AA 34 50.02 66.73 0.15
CA VAL AA 34 49.42 67.65 -0.80
C VAL AA 34 50.23 68.94 -0.85
N LYS AA 35 50.44 69.46 -2.04
CA LYS AA 35 51.11 70.74 -2.26
C LYS AA 35 50.12 71.66 -2.95
N CYS AA 36 49.71 72.71 -2.24
CA CYS AA 36 48.91 73.74 -2.87
C CYS AA 36 49.79 74.57 -3.80
N PRO AA 37 49.32 74.87 -5.01
CA PRO AA 37 50.19 75.62 -5.93
C PRO AA 37 50.36 77.08 -5.57
N GLY AA 38 49.31 77.72 -5.06
CA GLY AA 38 49.36 79.13 -4.68
C GLY AA 38 50.22 79.43 -3.46
N CYS AA 39 50.58 78.41 -2.70
CA CYS AA 39 51.42 78.56 -1.52
C CYS AA 39 52.64 77.65 -1.68
N TYR AA 40 53.39 77.51 -0.59
CA TYR AA 40 54.65 76.78 -0.61
C TYR AA 40 54.75 75.77 0.51
N LYS AA 41 53.65 75.45 1.17
CA LYS AA 41 53.69 74.61 2.36
C LYS AA 41 53.41 73.16 2.00
N ILE AA 42 53.53 72.30 3.02
CA ILE AA 42 53.36 70.86 2.89
C ILE AA 42 52.48 70.42 4.05
N THR AA 43 51.31 69.86 3.73
CA THR AA 43 50.33 69.48 4.74
C THR AA 43 49.94 68.04 4.52
N THR AA 44 50.25 67.19 5.48
CA THR AA 44 49.99 65.76 5.36
C THR AA 44 48.51 65.47 5.56
N VAL AA 45 47.88 64.87 4.56
CA VAL AA 45 46.44 64.65 4.53
C VAL AA 45 46.18 63.17 4.40
N PHE AA 46 45.26 62.66 5.20
CA PHE AA 46 44.76 61.30 5.03
C PHE AA 46 44.01 61.19 3.72
N SER AA 47 44.08 60.00 3.11
CA SER AA 47 43.45 59.82 1.81
C SER AA 47 41.94 59.82 1.93
N HIS AA 48 41.41 58.93 2.74
CA HIS AA 48 39.97 58.82 2.97
C HIS AA 48 39.55 59.77 4.09
N ALA AA 49 39.80 61.05 3.87
CA ALA AA 49 39.62 62.03 4.93
C ALA AA 49 38.20 62.57 4.96
N GLN AA 50 37.76 62.91 6.16
CA GLN AA 50 36.50 63.61 6.39
C GLN AA 50 36.80 65.11 6.41
N THR AA 51 35.93 65.91 7.04
CA THR AA 51 35.73 67.35 6.83
C THR AA 51 36.99 68.22 6.66
N VAL AA 52 36.82 69.31 5.90
CA VAL AA 52 37.83 69.80 4.99
C VAL AA 52 39.12 70.20 5.68
N VAL AA 53 40.21 70.11 4.92
CA VAL AA 53 41.55 70.33 5.42
C VAL AA 53 42.04 71.65 4.84
N LEU AA 54 42.15 72.65 5.70
CA LEU AA 54 42.57 73.98 5.27
C LEU AA 54 44.07 74.15 5.51
N CYS AA 55 44.70 74.88 4.61
CA CYS AA 55 46.09 75.27 4.83
C CYS AA 55 46.14 76.29 5.96
N VAL AA 56 47.25 76.28 6.70
CA VAL AA 56 47.40 77.25 7.79
C VAL AA 56 47.81 78.62 7.24
N GLY AA 57 48.63 78.64 6.20
CA GLY AA 57 49.11 79.90 5.66
C GLY AA 57 48.10 80.60 4.77
N CYS AA 58 47.75 80.00 3.63
CA CYS AA 58 46.87 80.68 2.69
C CYS AA 58 45.41 80.59 3.08
N SER AA 59 45.07 79.68 4.02
CA SER AA 59 43.72 79.53 4.59
C SER AA 59 42.67 79.23 3.53
N THR AA 60 43.05 78.48 2.50
CA THR AA 60 42.14 78.03 1.47
C THR AA 60 41.89 76.54 1.63
N VAL AA 61 41.00 76.01 0.80
CA VAL AA 61 40.68 74.60 0.86
C VAL AA 61 41.81 73.78 0.25
N LEU AA 62 41.87 72.53 0.63
CA LEU AA 62 42.67 71.54 -0.08
C LEU AA 62 41.82 70.40 -0.61
N CYS AA 63 41.00 69.80 0.24
CA CYS AA 63 40.23 68.64 -0.15
C CYS AA 63 38.87 68.67 0.53
N GLN AA 64 37.82 68.70 -0.26
CA GLN AA 64 36.51 68.51 0.31
C GLN AA 64 36.19 67.02 0.36
N PRO AA 65 35.48 66.55 1.38
CA PRO AA 65 35.28 65.12 1.54
C PRO AA 65 34.21 64.58 0.60
N THR AA 66 34.30 63.29 0.34
CA THR AA 66 33.35 62.60 -0.52
C THR AA 66 32.92 61.34 0.20
N GLY AA 67 32.33 60.40 -0.56
CA GLY AA 67 31.91 59.13 -0.04
C GLY AA 67 33.05 58.31 0.49
N GLY AA 68 33.95 57.89 -0.36
CA GLY AA 68 35.14 57.21 0.11
C GLY AA 68 36.40 58.03 0.22
N LYS AA 69 36.82 58.64 -0.88
CA LYS AA 69 38.12 59.27 -0.98
C LYS AA 69 37.96 60.78 -1.06
N ALA AA 70 38.74 61.49 -0.29
CA ALA AA 70 38.67 62.94 -0.31
C ALA AA 70 39.32 63.44 -1.58
N ARG AA 71 38.58 64.18 -2.40
CA ARG AA 71 39.09 64.69 -3.65
C ARG AA 71 39.84 65.99 -3.43
N LEU AA 72 41.03 66.08 -4.01
CA LEU AA 72 41.78 67.32 -3.93
C LEU AA 72 41.15 68.38 -4.80
N THR AA 73 41.52 69.62 -4.54
CA THR AA 73 41.08 70.72 -5.37
C THR AA 73 42.00 70.85 -6.58
N GLU AA 74 41.72 71.84 -7.44
CA GLU AA 74 42.46 71.96 -8.68
C GLU AA 74 43.82 72.59 -8.43
N GLY AA 75 44.86 72.01 -9.04
CA GLY AA 75 46.21 72.47 -8.85
C GLY AA 75 46.94 71.81 -7.71
N CYS AA 76 46.22 71.18 -6.79
CA CYS AA 76 46.82 70.53 -5.64
C CYS AA 76 47.40 69.19 -6.07
N SER AA 77 48.73 69.10 -6.14
CA SER AA 77 49.40 67.85 -6.45
C SER AA 77 49.86 67.18 -5.17
N PHE AA 78 50.10 65.87 -5.26
CA PHE AA 78 50.46 65.11 -4.08
C PHE AA 78 51.39 63.98 -4.45
N ARG AA 79 52.31 63.69 -3.52
CA ARG AA 79 53.26 62.60 -3.67
C ARG AA 79 53.11 61.69 -2.47
N ARG AA 80 52.83 60.43 -2.71
CA ARG AA 80 52.39 59.50 -1.68
C ARG AA 80 53.50 59.21 -0.70
N LYS AA 81 53.16 59.17 0.58
CA LYS AA 81 54.16 58.93 1.63
C LYS AA 81 54.60 57.48 1.62
N GLN AA 82 55.90 57.26 1.46
CA GLN AA 82 56.58 55.96 1.25
C GLN AA 82 55.83 54.90 0.44
N THR BA 1 1.18 19.46 -2.41
CA THR BA 1 2.56 19.89 -2.27
C THR BA 1 2.82 21.07 -3.17
N LYS BA 2 3.98 21.71 -3.00
CA LYS BA 2 4.32 22.93 -3.71
C LYS BA 2 4.48 22.66 -5.19
N LYS BA 3 3.53 23.15 -5.98
CA LYS BA 3 3.50 23.02 -7.42
C LYS BA 3 4.38 24.05 -8.12
N ARG BA 4 4.41 25.27 -7.60
CA ARG BA 4 5.25 26.33 -8.13
C ARG BA 4 6.33 26.65 -7.12
N ARG BA 5 7.41 27.25 -7.59
CA ARG BA 5 8.46 27.63 -6.66
C ARG BA 5 8.31 29.07 -6.23
N ASN BA 6 7.81 29.92 -7.12
CA ASN BA 6 7.48 31.29 -6.77
C ASN BA 6 6.01 31.44 -6.43
N ASN BA 7 5.34 30.33 -6.07
CA ASN BA 7 3.94 30.29 -5.63
C ASN BA 7 2.97 30.84 -6.67
N GLY BA 8 3.33 30.71 -7.95
CA GLY BA 8 2.56 31.29 -9.02
C GLY BA 8 2.55 32.80 -9.03
N ARG BA 9 3.60 33.43 -8.52
CA ARG BA 9 3.60 34.86 -8.26
C ARG BA 9 4.98 35.41 -8.56
N ALA BA 10 5.09 36.73 -8.59
CA ALA BA 10 6.37 37.40 -8.70
C ALA BA 10 6.74 38.15 -7.43
N LYS BA 11 6.03 37.92 -6.35
CA LYS BA 11 6.40 38.55 -5.08
C LYS BA 11 7.61 37.83 -4.53
N LYS BA 12 8.72 38.54 -4.40
CA LYS BA 12 9.95 37.99 -3.85
C LYS BA 12 10.56 39.08 -2.99
N GLY BA 13 10.17 39.13 -1.73
CA GLY BA 13 10.85 39.99 -0.79
C GLY BA 13 10.16 41.27 -0.42
N ARG BA 14 8.84 41.31 -0.52
CA ARG BA 14 8.01 42.37 0.04
C ARG BA 14 6.80 41.72 0.69
N GLY BA 15 6.09 42.49 1.47
CA GLY BA 15 4.98 41.92 2.19
C GLY BA 15 3.69 41.93 1.41
N HIS BA 16 3.25 43.10 1.02
CA HIS BA 16 1.98 43.25 0.36
C HIS BA 16 2.15 43.89 -1.01
N VAL BA 17 1.44 43.34 -1.97
CA VAL BA 17 1.38 43.85 -3.34
C VAL BA 17 -0.06 44.27 -3.60
N GLN BA 18 -0.24 45.39 -4.30
CA GLN BA 18 -1.54 46.03 -4.39
C GLN BA 18 -2.52 45.20 -5.21
N PRO BA 19 -3.83 45.27 -4.90
CA PRO BA 19 -4.81 44.51 -5.69
C PRO BA 19 -5.39 45.32 -6.84
N ILE BA 20 -5.46 44.72 -8.02
CA ILE BA 20 -6.15 45.31 -9.14
C ILE BA 20 -7.22 44.34 -9.62
N ARG BA 21 -8.13 44.85 -10.41
CA ARG BA 21 -9.26 44.05 -10.87
C ARG BA 21 -8.85 43.12 -12.01
N CYS BA 22 -9.82 42.37 -12.52
CA CYS BA 22 -9.71 41.68 -13.79
C CYS BA 22 -10.48 42.47 -14.84
N THR BA 23 -10.07 42.30 -16.09
CA THR BA 23 -10.72 43.05 -17.16
C THR BA 23 -12.07 42.44 -17.54
N ASN BA 24 -12.17 41.11 -17.54
CA ASN BA 24 -13.41 40.41 -17.88
C ASN BA 24 -14.21 40.07 -16.63
N CYS BA 25 -13.63 39.30 -15.72
CA CYS BA 25 -14.34 38.80 -14.55
C CYS BA 25 -14.53 39.86 -13.47
N ALA BA 26 -13.62 40.85 -13.44
CA ALA BA 26 -13.51 41.87 -12.38
C ALA BA 26 -13.30 41.23 -11.01
N ARG BA 27 -12.19 40.48 -10.90
CA ARG BA 27 -11.82 39.76 -9.69
C ARG BA 27 -10.52 40.32 -9.14
N CYS BA 28 -10.52 40.60 -7.84
CA CYS BA 28 -9.39 41.24 -7.17
C CYS BA 28 -8.28 40.22 -7.04
N VAL BA 29 -7.41 40.17 -8.04
CA VAL BA 29 -6.21 39.34 -7.98
C VAL BA 29 -5.04 40.31 -7.73
N PRO BA 30 -4.03 39.93 -6.96
CA PRO BA 30 -2.90 40.83 -6.74
C PRO BA 30 -2.12 41.12 -8.01
N LYS BA 31 -1.29 42.15 -7.94
CA LYS BA 31 -0.73 42.76 -9.14
C LYS BA 31 0.27 41.86 -9.84
N ASP BA 32 1.02 41.04 -9.09
CA ASP BA 32 1.98 40.14 -9.69
C ASP BA 32 1.42 38.74 -9.88
N LYS BA 33 0.10 38.59 -9.79
CA LYS BA 33 -0.58 37.35 -10.12
C LYS BA 33 -1.47 37.48 -11.34
N ALA BA 34 -1.77 38.70 -11.78
CA ALA BA 34 -2.59 38.90 -12.96
C ALA BA 34 -1.79 38.58 -14.20
N ILE BA 35 -2.40 37.83 -15.12
CA ILE BA 35 -1.76 37.60 -16.41
C ILE BA 35 -1.80 38.90 -17.19
N LYS BA 36 -0.64 39.37 -17.60
CA LYS BA 36 -0.54 40.66 -18.27
C LYS BA 36 -0.33 40.47 -19.76
N LYS BA 37 -0.80 41.44 -20.53
CA LYS BA 37 -0.73 41.34 -21.98
C LYS BA 37 -0.78 42.74 -22.57
N PHE BA 38 0.17 43.08 -23.42
CA PHE BA 38 0.20 44.36 -24.12
C PHE BA 38 -0.09 44.15 -25.59
N VAL BA 39 -1.14 44.79 -26.08
CA VAL BA 39 -1.60 44.64 -27.46
C VAL BA 39 -1.26 45.92 -28.23
N ILE BA 40 -0.70 45.75 -29.42
CA ILE BA 40 -0.45 46.86 -30.33
C ILE BA 40 -1.08 46.46 -31.66
N ARG BA 41 -2.35 46.83 -31.86
CA ARG BA 41 -3.06 46.56 -33.10
C ARG BA 41 -3.60 47.86 -33.65
N ASN BA 42 -4.02 47.83 -34.91
CA ASN BA 42 -4.55 49.02 -35.53
C ASN BA 42 -5.98 49.27 -35.08
N ILE BA 43 -6.39 50.54 -35.09
CA ILE BA 43 -7.68 50.89 -34.51
C ILE BA 43 -8.80 50.47 -35.45
N VAL BA 44 -8.56 50.44 -36.75
CA VAL BA 44 -9.48 49.93 -37.74
C VAL BA 44 -8.95 48.57 -38.20
N GLU BA 45 -9.83 47.57 -38.25
CA GLU BA 45 -9.43 46.22 -38.61
C GLU BA 45 -8.92 46.17 -40.05
N ALA BA 46 -8.02 45.22 -40.30
CA ALA BA 46 -7.18 45.21 -41.50
C ALA BA 46 -7.95 44.94 -42.79
N ALA BA 47 -9.22 44.55 -42.71
CA ALA BA 47 -10.03 44.45 -43.92
C ALA BA 47 -10.31 45.84 -44.50
N ALA BA 48 -10.52 46.82 -43.62
CA ALA BA 48 -10.82 48.18 -44.04
C ALA BA 48 -9.59 49.08 -44.04
N VAL BA 49 -8.42 48.53 -44.37
CA VAL BA 49 -7.23 49.36 -44.46
C VAL BA 49 -7.06 49.96 -45.86
N ARG BA 50 -7.67 49.34 -46.88
CA ARG BA 50 -7.66 49.95 -48.20
C ARG BA 50 -8.69 51.07 -48.28
N ASP BA 51 -9.91 50.82 -47.80
CA ASP BA 51 -11.01 51.76 -47.96
C ASP BA 51 -10.90 52.95 -47.02
N ILE BA 52 -10.09 52.86 -45.96
CA ILE BA 52 -9.80 54.06 -45.18
C ILE BA 52 -8.80 54.94 -45.93
N SER BA 53 -7.99 54.36 -46.81
CA SER BA 53 -6.95 55.10 -47.50
C SER BA 53 -7.45 55.77 -48.78
N GLU BA 54 -8.46 55.20 -49.44
CA GLU BA 54 -9.02 55.87 -50.62
C GLU BA 54 -9.83 57.09 -50.23
N ALA BA 55 -10.50 57.07 -49.09
CA ALA BA 55 -11.29 58.20 -48.61
C ALA BA 55 -10.46 59.21 -47.84
N SER BA 56 -9.14 59.09 -47.86
CA SER BA 56 -8.26 60.00 -47.14
C SER BA 56 -8.09 61.28 -47.93
N VAL BA 57 -8.49 62.41 -47.34
CA VAL BA 57 -8.19 63.70 -47.94
C VAL BA 57 -6.73 64.07 -47.73
N PHE BA 58 -6.04 63.41 -46.82
CA PHE BA 58 -4.62 63.59 -46.62
C PHE BA 58 -3.84 62.54 -47.40
N ASP BA 59 -2.60 62.87 -47.72
CA ASP BA 59 -1.72 61.99 -48.48
C ASP BA 59 -0.82 61.22 -47.53
N ALA BA 60 -0.79 59.89 -47.68
CA ALA BA 60 -0.01 58.96 -46.86
C ALA BA 60 -0.33 59.12 -45.37
N TYR BA 61 -1.63 59.17 -45.07
CA TYR BA 61 -2.08 59.39 -43.70
C TYR BA 61 -1.81 58.16 -42.85
N VAL BA 62 -1.17 58.37 -41.70
CA VAL BA 62 -0.77 57.26 -40.85
C VAL BA 62 -1.98 56.72 -40.11
N LEU BA 63 -1.87 55.46 -39.67
CA LEU BA 63 -2.97 54.78 -39.02
C LEU BA 63 -2.74 54.72 -37.53
N PRO BA 64 -3.58 55.35 -36.71
CA PRO BA 64 -3.40 55.30 -35.26
C PRO BA 64 -3.74 53.92 -34.71
N LYS BA 65 -3.27 53.66 -33.49
CA LYS BA 65 -3.34 52.32 -32.94
C LYS BA 65 -4.02 52.32 -31.59
N LEU BA 66 -4.36 51.12 -31.14
CA LEU BA 66 -4.91 50.89 -29.81
C LEU BA 66 -3.82 50.37 -28.91
N TYR BA 67 -3.69 50.99 -27.73
CA TYR BA 67 -2.70 50.61 -26.74
C TYR BA 67 -3.42 50.44 -25.41
N VAL BA 68 -3.93 49.24 -25.16
CA VAL BA 68 -4.47 48.93 -23.85
C VAL BA 68 -3.65 47.80 -23.25
N LYS BA 69 -3.53 47.83 -21.93
CA LYS BA 69 -2.81 46.79 -21.19
C LYS BA 69 -3.82 45.97 -20.41
N LEU BA 70 -3.76 44.66 -20.59
CA LEU BA 70 -4.80 43.76 -20.11
C LEU BA 70 -4.27 42.92 -18.95
N HIS BA 71 -4.96 42.98 -17.82
CA HIS BA 71 -4.61 42.20 -16.63
C HIS BA 71 -5.71 41.17 -16.42
N TYR BA 72 -5.57 40.02 -17.06
CA TYR BA 72 -6.53 38.94 -16.87
C TYR BA 72 -6.31 38.27 -15.52
N CYS BA 73 -7.38 37.69 -14.98
CA CYS BA 73 -7.23 36.88 -13.78
C CYS BA 73 -6.64 35.52 -14.13
N VAL BA 74 -6.52 34.64 -13.15
CA VAL BA 74 -5.96 33.32 -13.43
C VAL BA 74 -7.05 32.37 -13.90
N SER BA 75 -8.25 32.48 -13.31
CA SER BA 75 -9.37 31.60 -13.64
C SER BA 75 -9.82 31.81 -15.07
N CYS BA 76 -10.07 33.06 -15.46
CA CYS BA 76 -10.65 33.37 -16.76
C CYS BA 76 -9.63 33.60 -17.85
N ALA BA 77 -8.33 33.47 -17.56
CA ALA BA 77 -7.37 33.44 -18.65
C ALA BA 77 -7.35 32.08 -19.32
N ILE BA 78 -7.39 31.01 -18.53
CA ILE BA 78 -7.39 29.65 -19.08
C ILE BA 78 -8.74 29.35 -19.73
N HIS BA 79 -9.80 29.98 -19.26
CA HIS BA 79 -11.09 29.87 -19.93
C HIS BA 79 -11.05 30.54 -21.30
N SER BA 80 -10.41 31.69 -21.40
CA SER BA 80 -10.34 32.44 -22.64
C SER BA 80 -9.24 31.94 -23.56
N LYS BA 81 -8.50 30.90 -23.14
CA LYS BA 81 -7.44 30.24 -23.91
C LYS BA 81 -6.32 31.21 -24.30
N VAL BA 82 -6.07 32.20 -23.46
CA VAL BA 82 -4.90 33.06 -23.65
C VAL BA 82 -3.69 32.45 -22.96
N VAL BA 83 -3.91 31.64 -21.91
CA VAL BA 83 -2.83 30.94 -21.23
C VAL BA 83 -3.35 29.52 -20.98
N ARG BA 84 -2.44 28.57 -20.86
CA ARG BA 84 -2.79 27.17 -20.93
C ARG BA 84 -2.08 26.39 -19.83
N ASN BA 85 -2.39 25.11 -19.73
CA ASN BA 85 -1.65 24.20 -18.86
C ASN BA 85 -0.52 23.58 -19.66
N ARG BA 86 0.65 23.52 -19.05
CA ARG BA 86 1.82 22.96 -19.70
C ARG BA 86 2.27 21.71 -18.96
N SER BA 87 3.35 21.12 -19.42
CA SER BA 87 3.88 19.91 -18.82
C SER BA 87 4.59 20.25 -17.51
N ARG BA 88 5.02 19.23 -16.77
CA ARG BA 88 5.76 19.46 -15.53
C ARG BA 88 7.14 20.02 -15.79
N GLU BA 89 7.70 19.72 -16.95
CA GLU BA 89 9.03 20.20 -17.32
C GLU BA 89 8.98 21.42 -18.21
N ALA BA 90 7.91 21.62 -18.97
CA ALA BA 90 7.67 22.87 -19.66
C ALA BA 90 7.22 23.97 -18.73
N ARG BA 91 6.83 23.62 -17.50
CA ARG BA 91 6.43 24.60 -16.50
C ARG BA 91 7.60 25.46 -16.06
N LYS BA 92 8.81 24.92 -16.08
CA LYS BA 92 9.98 25.65 -15.61
C LYS BA 92 10.54 26.61 -16.64
N ASP BA 93 10.08 26.54 -17.90
CA ASP BA 93 10.62 27.34 -18.99
C ASP BA 93 9.76 28.57 -19.19
N ARG BA 94 10.24 29.70 -18.67
CA ARG BA 94 9.51 30.96 -18.67
C ARG BA 94 9.91 31.88 -19.81
N THR BA 95 10.26 31.32 -20.94
CA THR BA 95 10.57 32.19 -22.06
C THR BA 95 9.29 32.54 -22.84
N PRO BA 96 9.22 33.72 -23.44
CA PRO BA 96 8.03 34.08 -24.19
C PRO BA 96 7.94 33.27 -25.48
N PRO BA 97 6.72 33.05 -25.99
CA PRO BA 97 6.56 32.23 -27.19
C PRO BA 97 7.09 32.92 -28.43
N PRO BA 98 7.40 32.19 -29.50
CA PRO BA 98 7.91 32.82 -30.72
C PRO BA 98 6.83 33.54 -31.50
N ARG BA 99 6.57 34.80 -31.16
CA ARG BA 99 5.60 35.60 -31.89
C ARG BA 99 6.18 36.21 -33.16
N PHE BA 100 7.48 36.48 -33.18
CA PHE BA 100 8.10 37.07 -34.36
C PHE BA 100 8.10 36.06 -35.50
N ARG BA 101 7.51 36.44 -36.63
CA ARG BA 101 7.22 35.50 -37.69
C ARG BA 101 8.16 35.64 -38.88
N PRO CA 1 -25.20 46.78 -54.54
CA PRO CA 1 -25.53 46.05 -55.76
C PRO CA 1 -24.91 44.67 -55.80
N ILE CA 2 -25.26 43.87 -56.80
CA ILE CA 2 -24.68 42.55 -56.97
C ILE CA 2 -23.32 42.69 -57.63
N LYS CA 3 -22.37 41.83 -57.23
CA LYS CA 3 -21.02 41.89 -57.77
C LYS CA 3 -20.55 40.49 -58.14
N LEU CA 4 -19.90 40.39 -59.28
CA LEU CA 4 -19.41 39.12 -59.79
C LEU CA 4 -17.94 38.96 -59.43
N ALA CA 5 -17.52 37.74 -59.16
CA ALA CA 5 -16.20 37.53 -58.58
C ALA CA 5 -15.42 36.38 -59.20
N ARG CA 6 -14.32 35.99 -58.57
CA ARG CA 6 -13.47 34.91 -59.06
C ARG CA 6 -12.81 34.29 -57.82
N VAL CA 7 -12.08 33.20 -57.99
CA VAL CA 7 -11.39 32.51 -56.90
C VAL CA 7 -9.90 32.56 -57.17
N THR CA 8 -9.13 33.04 -56.19
CA THR CA 8 -7.67 33.03 -56.28
C THR CA 8 -7.09 31.76 -55.67
N LYS CA 9 -7.37 31.51 -54.40
CA LYS CA 9 -6.85 30.33 -53.73
C LYS CA 9 -7.79 29.96 -52.60
N VAL CA 10 -8.16 28.69 -52.55
CA VAL CA 10 -8.97 28.17 -51.46
C VAL CA 10 -8.12 28.02 -50.22
N LEU CA 11 -8.60 28.56 -49.10
CA LEU CA 11 -7.79 28.63 -47.89
C LEU CA 11 -7.97 27.40 -47.01
N GLY CA 12 -9.17 27.17 -46.54
CA GLY CA 12 -9.42 26.04 -45.67
C GLY CA 12 -10.91 25.89 -45.47
N ARG CA 13 -11.28 24.75 -44.93
CA ARG CA 13 -12.68 24.36 -44.87
C ARG CA 13 -13.18 24.48 -43.43
N THR CA 14 -13.97 25.50 -43.16
CA THR CA 14 -14.43 25.82 -41.82
C THR CA 14 -15.88 25.37 -41.64
N GLY CA 15 -16.48 25.80 -40.55
CA GLY CA 15 -17.89 25.57 -40.29
C GLY CA 15 -18.10 24.64 -39.10
N SER CA 16 -19.37 24.53 -38.72
CA SER CA 16 -19.75 23.71 -37.58
C SER CA 16 -19.49 22.23 -37.84
N GLN CA 17 -19.87 21.76 -39.02
CA GLN CA 17 -19.61 20.40 -39.44
C GLN CA 17 -18.70 20.36 -40.65
N GLY CA 18 -17.92 21.42 -40.88
CA GLY CA 18 -17.04 21.41 -42.04
C GLY CA 18 -17.75 21.57 -43.36
N GLN CA 19 -18.91 22.22 -43.35
CA GLN CA 19 -19.69 22.37 -44.57
C GLN CA 19 -19.31 23.58 -45.39
N CYS CA 20 -18.53 24.50 -44.84
CA CYS CA 20 -18.19 25.76 -45.50
C CYS CA 20 -16.73 25.74 -45.90
N THR CA 21 -16.46 26.00 -47.17
CA THR CA 21 -15.11 26.25 -47.61
C THR CA 21 -14.86 27.74 -47.51
N GLN CA 22 -13.66 28.13 -47.08
CA GLN CA 22 -13.29 29.53 -46.99
C GLN CA 22 -12.29 29.85 -48.07
N VAL CA 23 -12.54 30.91 -48.81
CA VAL CA 23 -11.94 31.10 -50.11
C VAL CA 23 -11.49 32.56 -50.26
N ARG CA 24 -10.34 32.75 -50.91
CA ARG CA 24 -9.77 34.08 -51.14
C ARG CA 24 -10.26 34.58 -52.48
N VAL CA 25 -11.08 35.61 -52.46
CA VAL CA 25 -11.93 35.98 -53.59
C VAL CA 25 -11.45 37.28 -54.22
N GLU CA 26 -11.09 37.21 -55.50
CA GLU CA 26 -10.81 38.37 -56.34
C GLU CA 26 -12.09 38.82 -57.02
N PHE CA 27 -12.13 40.09 -57.41
CA PHE CA 27 -13.24 40.59 -58.20
C PHE CA 27 -12.91 40.50 -59.69
N MET CA 28 -13.91 40.81 -60.50
CA MET CA 28 -13.76 40.76 -61.95
C MET CA 28 -13.65 42.12 -62.60
N ASP CA 29 -13.63 43.20 -61.81
CA ASP CA 29 -13.52 44.54 -62.35
C ASP CA 29 -12.08 45.03 -62.41
N ASP CA 30 -11.12 44.10 -62.59
CA ASP CA 30 -9.69 44.33 -62.47
C ASP CA 30 -9.31 44.93 -61.12
N THR CA 31 -10.03 44.54 -60.08
CA THR CA 31 -9.84 45.14 -58.77
C THR CA 31 -8.82 44.33 -57.99
N SER CA 32 -8.01 45.04 -57.20
CA SER CA 32 -7.07 44.41 -56.27
C SER CA 32 -7.71 44.08 -54.94
N ARG CA 33 -9.03 43.97 -54.87
CA ARG CA 33 -9.71 43.63 -53.63
C ARG CA 33 -9.77 42.11 -53.51
N SER CA 34 -8.94 41.56 -52.62
CA SER CA 34 -8.91 40.12 -52.38
C SER CA 34 -9.65 39.83 -51.07
N ILE CA 35 -10.97 39.85 -51.16
CA ILE CA 35 -11.83 39.59 -50.01
C ILE CA 35 -11.83 38.09 -49.70
N ILE CA 36 -12.09 37.74 -48.45
CA ILE CA 36 -12.24 36.35 -48.01
C ILE CA 36 -13.71 36.11 -47.71
N ARG CA 37 -14.26 35.02 -48.24
CA ARG CA 37 -15.69 34.77 -48.13
C ARG CA 37 -15.97 33.33 -47.69
N ASN CA 38 -17.22 33.11 -47.28
CA ASN CA 38 -17.71 31.82 -46.84
C ASN CA 38 -18.62 31.23 -47.91
N VAL CA 39 -18.17 30.18 -48.56
CA VAL CA 39 -18.93 29.56 -49.64
C VAL CA 39 -19.34 28.15 -49.22
N LYS CA 40 -20.58 27.80 -49.51
CA LYS CA 40 -21.20 26.53 -49.14
C LYS CA 40 -21.42 25.75 -50.42
N GLY CA 41 -20.77 24.60 -50.52
CA GLY CA 41 -20.80 23.83 -51.74
C GLY CA 41 -19.40 23.50 -52.21
N PRO CA 42 -19.30 22.70 -53.27
CA PRO CA 42 -17.98 22.26 -53.74
C PRO CA 42 -17.31 23.34 -54.57
N VAL CA 43 -16.09 23.74 -54.16
CA VAL CA 43 -15.33 24.79 -54.81
C VAL CA 43 -13.93 24.28 -55.13
N ARG CA 44 -13.43 24.59 -56.31
CA ARG CA 44 -12.03 24.46 -56.66
C ARG CA 44 -11.50 25.85 -57.02
N GLU CA 45 -10.19 25.91 -57.28
CA GLU CA 45 -9.56 27.18 -57.61
C GLU CA 45 -9.87 27.57 -59.04
N GLY CA 46 -10.38 28.77 -59.22
CA GLY CA 46 -10.69 29.23 -60.56
C GLY CA 46 -12.17 29.18 -60.82
N ASP CA 47 -12.96 29.39 -59.77
CA ASP CA 47 -14.39 29.47 -59.90
C ASP CA 47 -14.79 30.90 -60.21
N VAL CA 48 -16.09 31.12 -60.39
CA VAL CA 48 -16.65 32.45 -60.63
C VAL CA 48 -17.79 32.60 -59.63
N LEU CA 49 -17.50 33.13 -58.46
CA LEU CA 49 -18.52 33.31 -57.44
C LEU CA 49 -19.43 34.48 -57.80
N THR CA 50 -20.61 34.51 -57.17
CA THR CA 50 -21.56 35.59 -57.37
C THR CA 50 -22.13 36.00 -56.01
N LEU CA 51 -21.76 37.19 -55.55
CA LEU CA 51 -22.13 37.67 -54.23
C LEU CA 51 -23.28 38.65 -54.34
N LEU CA 52 -24.02 38.82 -53.25
CA LEU CA 52 -25.04 39.85 -53.22
C LEU CA 52 -24.56 41.09 -52.49
N GLU CA 53 -23.93 40.91 -51.32
CA GLU CA 53 -23.34 42.01 -50.58
C GLU CA 53 -21.84 41.83 -50.60
N SER CA 54 -21.15 42.63 -51.42
CA SER CA 54 -19.74 42.43 -51.68
C SER CA 54 -18.83 43.12 -50.69
N GLU CA 55 -19.32 43.45 -49.50
CA GLU CA 55 -18.49 44.06 -48.45
C GLU CA 55 -18.49 43.26 -47.17
N ARG CA 56 -18.90 42.00 -47.21
CA ARG CA 56 -18.93 41.19 -46.01
C ARG CA 56 -17.56 40.59 -45.75
N GLU CA 57 -17.37 40.07 -44.55
CA GLU CA 57 -16.09 39.56 -44.11
C GLU CA 57 -16.19 38.11 -43.67
N ALA CA 58 -15.07 37.40 -43.77
CA ALA CA 58 -15.00 36.01 -43.39
C ALA CA 58 -14.86 35.86 -41.89
N ARG CA 59 -15.79 35.15 -41.27
CA ARG CA 59 -15.70 34.71 -39.90
C ARG CA 59 -15.58 33.19 -39.88
N ARG CA 60 -15.65 32.62 -38.68
CA ARG CA 60 -15.70 31.16 -38.50
C ARG CA 60 -16.88 30.87 -37.60
N LEU CA 61 -17.83 30.09 -38.13
CA LEU CA 61 -19.16 29.95 -37.54
C LEU CA 61 -19.21 28.99 -36.36
N GLY DA 1 -30.13 -9.59 19.90
CA GLY DA 1 -30.75 -10.49 18.95
C GLY DA 1 -31.37 -11.70 19.61
N SER DA 2 -31.81 -12.68 18.81
CA SER DA 2 -32.48 -13.85 19.34
C SER DA 2 -31.46 -14.78 20.00
N LEU DA 3 -31.71 -15.12 21.25
CA LEU DA 3 -30.82 -15.93 22.05
C LEU DA 3 -31.12 -17.42 21.93
N ALA DA 4 -32.07 -17.80 21.07
CA ALA DA 4 -32.64 -19.14 21.12
C ALA DA 4 -31.67 -20.18 20.60
N ARG DA 5 -30.86 -19.83 19.61
CA ARG DA 5 -29.81 -20.71 19.15
C ARG DA 5 -28.60 -20.41 20.02
N ALA DA 6 -28.31 -21.28 20.97
CA ALA DA 6 -27.07 -21.15 21.71
C ALA DA 6 -26.59 -22.55 21.99
N GLY DA 7 -25.41 -22.89 21.54
CA GLY DA 7 -24.98 -24.27 21.58
C GLY DA 7 -25.65 -25.10 20.53
N LYS DA 8 -25.91 -24.50 19.36
CA LYS DA 8 -26.54 -25.23 18.27
C LYS DA 8 -25.61 -26.30 17.73
N VAL DA 9 -24.41 -25.90 17.30
CA VAL DA 9 -23.49 -26.82 16.67
C VAL DA 9 -22.81 -27.73 17.68
N ARG DA 10 -22.71 -27.30 18.94
CA ARG DA 10 -22.10 -28.12 19.97
C ARG DA 10 -22.96 -29.34 20.28
N GLY DA 11 -24.28 -29.18 20.22
CA GLY DA 11 -25.18 -30.27 20.49
C GLY DA 11 -25.62 -30.98 19.23
N GLN DA 12 -25.39 -30.35 18.07
CA GLN DA 12 -25.73 -30.98 16.80
C GLN DA 12 -24.68 -31.94 16.30
N THR DA 13 -23.47 -31.87 16.83
CA THR DA 13 -22.37 -32.64 16.25
C THR DA 13 -22.54 -34.12 16.53
N PRO DA 14 -22.33 -34.99 15.54
CA PRO DA 14 -22.31 -36.43 15.80
C PRO DA 14 -21.19 -36.80 16.75
N LYS DA 15 -21.54 -37.54 17.80
CA LYS DA 15 -20.63 -37.83 18.90
C LYS DA 15 -19.76 -39.02 18.52
N VAL DA 16 -18.54 -38.76 18.13
CA VAL DA 16 -17.57 -39.81 17.87
C VAL DA 16 -16.71 -39.96 19.11
N ALA DA 17 -16.46 -41.20 19.51
CA ALA DA 17 -15.69 -41.49 20.71
C ALA DA 17 -14.22 -41.67 20.37
N LYS DA 18 -13.37 -41.31 21.34
CA LYS DA 18 -11.93 -41.34 21.11
C LYS DA 18 -11.41 -42.77 21.11
N GLN DA 19 -10.54 -43.06 20.16
CA GLN DA 19 -10.01 -44.42 19.99
C GLN DA 19 -8.84 -44.66 20.92
N GLU DA 20 -8.82 -45.84 21.52
CA GLU DA 20 -7.79 -46.16 22.49
C GLU DA 20 -6.50 -46.53 21.78
N LYS DA 21 -5.43 -45.83 22.15
CA LYS DA 21 -4.08 -46.06 21.62
C LYS DA 21 -3.16 -46.26 22.82
N LYS DA 22 -1.88 -46.49 22.54
CA LYS DA 22 -0.96 -46.75 23.65
C LYS DA 22 -0.61 -45.46 24.38
N LYS DA 23 -0.11 -45.64 25.60
CA LYS DA 23 0.49 -44.54 26.35
C LYS DA 23 1.70 -44.04 25.60
N LYS DA 24 1.77 -42.71 25.42
CA LYS DA 24 2.58 -42.13 24.36
C LYS DA 24 4.07 -42.39 24.51
N LYS DA 25 4.72 -41.64 25.40
CA LYS DA 25 6.08 -41.68 25.93
C LYS DA 25 6.14 -40.43 26.78
N THR DA 26 7.14 -40.33 27.65
CA THR DA 26 7.24 -39.22 28.58
C THR DA 26 8.68 -38.84 28.84
N GLY DA 27 8.99 -37.57 28.67
CA GLY DA 27 10.23 -37.04 29.21
C GLY DA 27 11.41 -37.28 28.32
N ARG DA 28 12.45 -37.86 28.90
CA ARG DA 28 13.71 -37.99 28.20
C ARG DA 28 13.63 -38.98 27.06
N ALA DA 29 12.84 -40.03 27.22
CA ALA DA 29 12.63 -41.00 26.16
C ALA DA 29 11.76 -40.44 25.05
N LYS DA 30 10.89 -39.49 25.36
CA LYS DA 30 10.17 -38.79 24.31
C LYS DA 30 11.08 -37.88 23.53
N ARG DA 31 12.01 -37.21 24.20
CA ARG DA 31 12.94 -36.35 23.47
C ARG DA 31 13.90 -37.15 22.63
N ARG DA 32 14.30 -38.32 23.13
CA ARG DA 32 15.10 -39.25 22.33
C ARG DA 32 14.33 -39.75 21.12
N MET DA 33 13.03 -40.01 21.28
CA MET DA 33 12.23 -40.47 20.16
C MET DA 33 12.10 -39.41 19.09
N GLN DA 34 11.87 -38.16 19.47
CA GLN DA 34 11.75 -37.15 18.44
C GLN DA 34 13.09 -36.64 17.96
N TYR DA 35 14.18 -36.96 18.61
CA TYR DA 35 15.49 -36.72 18.01
C TYR DA 35 15.82 -37.80 17.01
N ASN DA 36 15.44 -39.03 17.30
CA ASN DA 36 15.64 -40.13 16.37
C ASN DA 36 14.74 -40.01 15.16
N ARG DA 37 13.61 -39.33 15.29
CA ARG DA 37 12.76 -39.16 14.13
C ARG DA 37 13.33 -38.15 13.16
N ARG DA 38 13.99 -37.11 13.67
CA ARG DA 38 14.35 -35.97 12.83
C ARG DA 38 15.80 -35.94 12.43
N PHE DA 39 16.72 -36.42 13.25
CA PHE DA 39 18.13 -36.12 12.98
C PHE DA 39 18.95 -37.36 12.64
N VAL DA 40 18.97 -38.36 13.48
CA VAL DA 40 19.65 -39.58 13.11
C VAL DA 40 18.67 -40.44 12.33
N ASN DA 41 19.15 -41.03 11.24
CA ASN DA 41 18.34 -41.72 10.23
C ASN DA 41 17.21 -40.83 9.74
N VAL DA 42 17.56 -39.61 9.39
CA VAL DA 42 16.72 -38.85 8.48
C VAL DA 42 16.80 -39.53 7.11
N VAL DA 43 15.70 -39.47 6.38
CA VAL DA 43 15.59 -40.29 5.18
C VAL DA 43 16.18 -39.57 3.97
N PRO DA 44 17.11 -40.21 3.23
CA PRO DA 44 17.45 -39.69 1.90
C PRO DA 44 16.30 -39.94 0.96
N THR DA 45 15.53 -38.88 0.71
CA THR DA 45 14.18 -39.08 0.18
C THR DA 45 13.72 -37.77 -0.47
N PHE DA 46 12.42 -37.63 -0.66
CA PHE DA 46 11.82 -36.44 -1.28
C PHE DA 46 11.99 -35.29 -0.29
N GLY DA 47 13.13 -34.61 -0.42
CA GLY DA 47 13.36 -33.40 0.33
C GLY DA 47 12.51 -32.25 -0.16
N LYS DA 48 12.54 -31.16 0.64
CA LYS DA 48 11.79 -29.91 0.54
C LYS DA 48 10.32 -30.10 0.88
N LYS DA 49 9.89 -31.34 1.10
CA LYS DA 49 8.59 -31.66 1.66
C LYS DA 49 8.64 -31.75 3.17
N LYS DA 50 9.53 -30.97 3.80
CA LYS DA 50 9.89 -31.14 5.21
C LYS DA 50 8.78 -30.58 6.11
N GLY DA 51 7.62 -31.16 5.94
CA GLY DA 51 6.39 -30.75 6.56
C GLY DA 51 5.74 -31.87 7.33
N PRO DA 52 6.37 -32.45 8.35
CA PRO DA 52 5.75 -33.57 9.09
C PRO DA 52 4.34 -33.23 9.56
N ASN DA 53 3.48 -34.24 9.54
CA ASN DA 53 2.01 -34.13 9.39
C ASN DA 53 1.64 -33.51 8.06
N ALA DA 54 2.28 -33.97 6.98
CA ALA DA 54 1.79 -33.65 5.63
C ALA DA 54 0.73 -34.65 5.25
N ASN DA 55 -0.49 -34.18 5.07
CA ASN DA 55 -1.50 -35.01 4.44
C ASN DA 55 -1.32 -34.93 2.94
N SER DA 56 -1.18 -36.11 2.32
CA SER DA 56 -0.72 -36.29 0.94
C SER DA 56 0.60 -35.55 0.70
N HIS EA 1 -49.15 -54.31 -27.35
CA HIS EA 1 -47.83 -53.70 -27.29
C HIS EA 1 -46.88 -54.35 -28.30
N GLN EA 2 -47.45 -54.82 -29.38
CA GLN EA 2 -46.68 -55.23 -30.54
C GLN EA 2 -47.12 -54.49 -31.80
N GLN EA 3 -48.41 -54.33 -31.99
CA GLN EA 3 -48.93 -53.42 -33.01
C GLN EA 3 -48.80 -51.98 -32.56
N LEU EA 4 -48.59 -51.78 -31.27
CA LEU EA 4 -48.17 -50.57 -30.61
C LEU EA 4 -46.67 -50.36 -30.75
N TYR EA 5 -46.03 -49.98 -29.66
CA TYR EA 5 -45.22 -48.80 -29.44
C TYR EA 5 -44.45 -48.19 -30.61
N TRP EA 6 -43.67 -48.90 -31.41
CA TRP EA 6 -43.07 -48.17 -32.53
C TRP EA 6 -44.00 -48.26 -33.74
N SER EA 7 -45.17 -47.64 -33.58
CA SER EA 7 -46.31 -47.87 -34.46
C SER EA 7 -46.59 -46.70 -35.39
N HIS EA 8 -46.55 -45.50 -34.83
CA HIS EA 8 -46.79 -44.20 -35.44
C HIS EA 8 -45.98 -44.03 -36.72
N PRO EA 9 -46.57 -43.50 -37.77
CA PRO EA 9 -45.88 -43.48 -39.07
C PRO EA 9 -44.81 -42.41 -39.13
N ARG EA 10 -43.55 -42.82 -39.06
CA ARG EA 10 -42.44 -41.88 -39.21
C ARG EA 10 -41.84 -42.02 -40.60
N LYS EA 11 -42.63 -41.63 -41.59
CA LYS EA 11 -42.23 -41.76 -42.98
C LYS EA 11 -41.75 -40.46 -43.59
N PHE EA 12 -41.84 -39.35 -42.86
CA PHE EA 12 -41.40 -38.05 -43.33
C PHE EA 12 -41.26 -37.15 -42.11
N GLY EA 13 -41.17 -35.87 -42.32
CA GLY EA 13 -41.34 -34.93 -41.25
C GLY EA 13 -40.08 -34.73 -40.46
N GLN EA 14 -40.17 -33.85 -39.47
CA GLN EA 14 -38.99 -33.37 -38.78
C GLN EA 14 -38.40 -34.46 -37.89
N GLY EA 15 -39.25 -35.27 -37.29
CA GLY EA 15 -38.81 -36.30 -36.39
C GLY EA 15 -38.80 -37.67 -37.01
N SER EA 16 -38.33 -37.77 -38.24
CA SER EA 16 -37.89 -39.03 -38.80
C SER EA 16 -36.45 -38.95 -39.26
N ARG EA 17 -35.83 -37.78 -39.16
CA ARG EA 17 -34.43 -37.58 -39.47
C ARG EA 17 -33.72 -37.09 -38.23
N SER EA 18 -32.52 -37.57 -38.04
CA SER EA 18 -31.68 -37.14 -36.94
C SER EA 18 -30.26 -37.06 -37.46
N CYS EA 19 -29.42 -36.34 -36.72
CA CYS EA 19 -28.02 -36.19 -37.08
C CYS EA 19 -27.32 -37.52 -37.05
N ARG EA 20 -26.30 -37.67 -37.85
CA ARG EA 20 -25.67 -38.97 -37.97
C ARG EA 20 -24.55 -39.18 -36.97
N VAL EA 21 -24.23 -38.18 -36.17
CA VAL EA 21 -23.22 -38.29 -35.12
C VAL EA 21 -23.78 -37.81 -33.77
N CYS EA 22 -24.69 -36.84 -33.80
CA CYS EA 22 -25.31 -36.37 -32.57
C CYS EA 22 -26.52 -37.20 -32.18
N SER EA 23 -27.17 -37.80 -33.17
CA SER EA 23 -28.54 -38.31 -33.10
C SER EA 23 -29.53 -37.24 -32.64
N ASN EA 24 -29.25 -35.99 -32.93
CA ASN EA 24 -30.11 -34.86 -32.59
C ASN EA 24 -30.90 -34.46 -33.82
N ARG EA 25 -32.06 -33.87 -33.61
CA ARG EA 25 -33.03 -33.68 -34.68
C ARG EA 25 -33.14 -32.24 -35.16
N HIS EA 26 -32.40 -31.29 -34.60
CA HIS EA 26 -32.60 -29.89 -34.90
C HIS EA 26 -31.40 -29.28 -35.57
N GLY EA 27 -31.65 -28.43 -36.56
CA GLY EA 27 -30.59 -27.76 -37.27
C GLY EA 27 -29.81 -28.73 -38.12
N LEU EA 28 -30.43 -29.25 -39.15
CA LEU EA 28 -29.93 -30.40 -39.86
C LEU EA 28 -29.57 -30.03 -41.29
N ILE EA 29 -28.43 -30.54 -41.76
CA ILE EA 29 -27.92 -30.19 -43.09
C ILE EA 29 -28.08 -31.44 -43.95
N ARG EA 30 -29.14 -31.48 -44.74
CA ARG EA 30 -29.42 -32.60 -45.62
C ARG EA 30 -28.81 -32.43 -47.00
N LYS EA 31 -28.23 -31.27 -47.28
CA LYS EA 31 -27.73 -30.94 -48.61
C LYS EA 31 -26.51 -31.76 -48.94
N TYR EA 32 -26.44 -32.24 -50.18
CA TYR EA 32 -25.42 -33.13 -50.73
C TYR EA 32 -25.33 -34.47 -50.02
N GLY EA 33 -26.31 -34.81 -49.19
CA GLY EA 33 -26.26 -36.04 -48.44
C GLY EA 33 -25.36 -36.00 -47.23
N LEU EA 34 -25.24 -34.85 -46.59
CA LEU EA 34 -24.43 -34.76 -45.39
C LEU EA 34 -25.14 -35.40 -44.21
N ASN EA 35 -26.35 -34.92 -43.91
CA ASN EA 35 -27.21 -35.39 -42.82
C ASN EA 35 -26.53 -35.26 -41.47
N MET EA 36 -25.89 -34.12 -41.25
CA MET EA 36 -25.25 -33.78 -39.99
C MET EA 36 -25.97 -32.62 -39.34
N CYS EA 37 -25.68 -32.40 -38.08
CA CYS EA 37 -26.19 -31.22 -37.38
C CYS EA 37 -25.44 -30.01 -37.90
N ARG EA 38 -26.00 -28.83 -37.67
CA ARG EA 38 -25.28 -27.64 -38.10
C ARG EA 38 -24.09 -27.36 -37.20
N GLN EA 39 -24.08 -27.95 -36.02
CA GLN EA 39 -22.98 -27.85 -35.08
C GLN EA 39 -21.93 -28.92 -35.30
N CYS EA 40 -22.34 -30.13 -35.63
CA CYS EA 40 -21.39 -31.20 -35.86
C CYS EA 40 -20.81 -31.17 -37.25
N PHE EA 41 -21.43 -30.45 -38.18
CA PHE EA 41 -20.79 -30.21 -39.45
C PHE EA 41 -19.59 -29.30 -39.28
N ARG EA 42 -19.74 -28.24 -38.48
CA ARG EA 42 -18.68 -27.28 -38.24
C ARG EA 42 -17.47 -27.88 -37.52
N GLN EA 43 -17.64 -28.97 -36.79
CA GLN EA 43 -16.50 -29.64 -36.18
C GLN EA 43 -15.70 -30.43 -37.18
N TYR EA 44 -16.39 -31.12 -38.08
CA TYR EA 44 -15.77 -32.07 -39.00
C TYR EA 44 -15.65 -31.52 -40.41
N ALA EA 45 -15.72 -30.20 -40.58
CA ALA EA 45 -15.78 -29.64 -41.92
C ALA EA 45 -14.48 -29.84 -42.67
N LYS EA 46 -13.36 -29.49 -42.05
CA LYS EA 46 -12.05 -29.65 -42.68
C LYS EA 46 -11.68 -31.12 -42.90
N ASP EA 47 -12.26 -32.05 -42.14
CA ASP EA 47 -12.05 -33.47 -42.41
C ASP EA 47 -12.79 -33.91 -43.66
N ILE EA 48 -14.00 -33.39 -43.88
CA ILE EA 48 -14.75 -33.71 -45.08
C ILE EA 48 -14.10 -33.07 -46.30
N GLY EA 49 -13.48 -31.92 -46.13
CA GLY EA 49 -12.83 -31.23 -47.22
C GLY EA 49 -13.44 -29.89 -47.56
N PHE EA 50 -14.49 -29.48 -46.85
CA PHE EA 50 -15.08 -28.17 -47.03
C PHE EA 50 -14.15 -27.14 -46.42
N ILE EA 51 -13.42 -26.48 -47.24
CA ILE EA 51 -12.49 -25.45 -46.78
C ILE EA 51 -13.18 -24.11 -46.88
N LYS EA 52 -12.87 -23.23 -45.94
CA LYS EA 52 -13.42 -21.88 -45.93
C LYS EA 52 -12.46 -20.99 -46.70
N LEU EA 53 -12.87 -20.62 -47.92
CA LEU EA 53 -12.04 -19.83 -48.83
C LEU EA 53 -12.32 -18.35 -48.74
N ASP EA 54 -13.56 -17.96 -49.02
CA ASP EA 54 -13.99 -16.59 -48.77
C ASP EA 54 -15.10 -16.62 -47.74
N LYS FA 1 -30.36 -37.81 7.43
CA LYS FA 1 -30.70 -36.39 7.37
C LYS FA 1 -30.65 -35.88 5.94
N LYS FA 2 -31.12 -34.64 5.76
CA LYS FA 2 -31.23 -33.95 4.47
C LYS FA 2 -32.11 -34.71 3.48
N ARG FA 3 -33.18 -35.32 3.99
CA ARG FA 3 -34.24 -35.92 3.17
C ARG FA 3 -35.46 -36.10 4.05
N LYS FA 4 -36.58 -36.45 3.42
CA LYS FA 4 -37.78 -36.90 4.10
C LYS FA 4 -38.26 -38.20 3.46
N LYS FA 5 -38.75 -39.12 4.29
CA LYS FA 5 -39.12 -40.45 3.79
C LYS FA 5 -40.40 -40.39 2.95
N LYS FA 6 -41.34 -39.55 3.38
CA LYS FA 6 -42.49 -39.07 2.63
C LYS FA 6 -43.61 -40.09 2.39
N SER FA 7 -43.33 -41.38 2.63
CA SER FA 7 -44.26 -42.51 2.59
C SER FA 7 -45.29 -42.50 1.46
N CYS FA 8 -44.90 -41.99 0.29
CA CYS FA 8 -45.82 -41.68 -0.79
C CYS FA 8 -45.71 -42.63 -1.97
N THR FA 9 -45.20 -43.84 -1.76
CA THR FA 9 -45.13 -44.83 -2.82
C THR FA 9 -46.45 -45.59 -2.91
N THR FA 10 -47.08 -45.56 -4.08
CA THR FA 10 -48.34 -46.24 -4.31
C THR FA 10 -48.19 -47.14 -5.53
N PRO FA 11 -47.68 -48.36 -5.34
CA PRO FA 11 -47.58 -49.31 -6.45
C PRO FA 11 -48.78 -50.22 -6.63
N LYS FA 12 -49.91 -49.92 -5.97
CA LYS FA 12 -51.04 -50.84 -5.89
C LYS FA 12 -51.80 -50.83 -7.22
N LYS FA 13 -51.20 -51.50 -8.21
CA LYS FA 13 -51.72 -51.58 -9.56
C LYS FA 13 -51.58 -53.03 -10.03
N ASN FA 14 -52.15 -53.93 -9.21
CA ASN FA 14 -51.90 -55.37 -9.18
C ASN FA 14 -51.85 -56.04 -10.55
N LYS FA 15 -50.83 -56.86 -10.74
CA LYS FA 15 -50.67 -57.65 -11.95
C LYS FA 15 -51.33 -59.01 -11.73
N HIS FA 16 -51.08 -59.97 -12.62
CA HIS FA 16 -51.68 -61.29 -12.52
C HIS FA 16 -50.74 -62.25 -11.81
N LYS FA 17 -51.25 -63.45 -11.58
CA LYS FA 17 -50.45 -64.59 -11.16
C LYS FA 17 -50.87 -65.79 -12.00
N ARG FA 18 -49.91 -66.63 -12.35
CA ARG FA 18 -50.16 -67.81 -13.18
C ARG FA 18 -50.65 -68.95 -12.29
N LYS FA 19 -51.97 -69.08 -12.18
CA LYS FA 19 -52.58 -70.15 -11.40
C LYS FA 19 -52.46 -71.45 -12.18
N LYS FA 20 -51.54 -72.31 -11.78
CA LYS FA 20 -51.43 -73.65 -12.35
C LYS FA 20 -51.78 -74.67 -11.28
N VAL FA 21 -52.69 -75.57 -11.61
CA VAL FA 21 -52.97 -76.72 -10.75
C VAL FA 21 -51.78 -77.68 -10.82
N LYS FA 22 -51.64 -78.51 -9.79
CA LYS FA 22 -50.50 -79.41 -9.66
C LYS FA 22 -50.50 -80.45 -10.78
N LEU FA 23 -49.58 -80.31 -11.73
CA LEU FA 23 -49.45 -81.18 -12.91
C LEU FA 23 -50.74 -81.20 -13.73
N ALA FA 24 -50.99 -80.07 -14.40
CA ALA FA 24 -52.17 -79.87 -15.25
C ALA FA 24 -52.35 -80.87 -16.39
N VAL FA 25 -51.36 -81.74 -16.64
CA VAL FA 25 -51.55 -82.90 -17.48
C VAL FA 25 -52.63 -83.85 -16.94
N LEU FA 26 -52.87 -83.86 -15.63
CA LEU FA 26 -53.99 -84.64 -15.11
C LEU FA 26 -55.32 -83.99 -15.46
N LYS FA 27 -55.35 -82.66 -15.57
CA LYS FA 27 -56.50 -82.00 -16.18
C LYS FA 27 -56.57 -82.32 -17.66
N TYR FA 28 -55.42 -82.56 -18.30
CA TYR FA 28 -55.37 -82.91 -19.70
C TYR FA 28 -55.68 -84.39 -19.96
N TYR FA 29 -55.11 -85.30 -19.18
CA TYR FA 29 -55.22 -86.72 -19.45
C TYR FA 29 -56.14 -87.44 -18.47
N LYS FA 30 -56.63 -88.60 -18.90
CA LYS FA 30 -57.38 -89.51 -18.04
C LYS FA 30 -57.21 -90.91 -18.63
N VAL FA 31 -56.59 -91.80 -17.87
CA VAL FA 31 -56.27 -93.14 -18.36
C VAL FA 31 -56.83 -94.18 -17.40
N ASP FA 32 -57.56 -95.15 -17.96
CA ASP FA 32 -58.05 -96.30 -17.22
C ASP FA 32 -56.97 -97.38 -17.23
N GLU FA 33 -57.06 -98.31 -16.27
CA GLU FA 33 -56.02 -99.32 -16.03
C GLU FA 33 -55.87 -100.31 -17.18
N ASN FA 34 -56.79 -100.36 -18.14
CA ASN FA 34 -56.55 -101.15 -19.34
C ASN FA 34 -55.54 -100.45 -20.26
N GLY FA 35 -55.51 -99.13 -20.24
CA GLY FA 35 -54.56 -98.37 -21.01
C GLY FA 35 -55.12 -97.44 -22.08
N LYS FA 36 -56.31 -96.86 -21.88
CA LYS FA 36 -56.89 -95.99 -22.89
C LYS FA 36 -56.45 -94.54 -22.68
N ILE FA 37 -56.16 -93.87 -23.77
CA ILE FA 37 -55.73 -92.46 -23.74
C ILE FA 37 -56.95 -91.63 -24.10
N SER FA 38 -57.63 -91.11 -23.07
CA SER FA 38 -58.82 -90.29 -23.29
C SER FA 38 -58.42 -88.82 -23.20
N ARG FA 39 -58.19 -88.21 -24.35
CA ARG FA 39 -57.92 -86.78 -24.40
C ARG FA 39 -59.24 -86.04 -24.21
N LEU FA 40 -59.41 -85.44 -23.03
CA LEU FA 40 -60.68 -84.81 -22.67
C LEU FA 40 -60.94 -83.50 -23.40
N ARG FA 41 -59.93 -82.92 -24.04
CA ARG FA 41 -60.08 -81.65 -24.72
C ARG FA 41 -59.68 -81.81 -26.17
N ARG FA 42 -60.04 -80.81 -26.98
CA ARG FA 42 -59.82 -80.89 -28.42
C ARG FA 42 -58.34 -80.70 -28.75
N GLU FA 43 -57.96 -81.23 -29.91
CA GLU FA 43 -56.62 -81.10 -30.45
C GLU FA 43 -56.67 -80.14 -31.63
N CYS FA 44 -55.73 -79.20 -31.68
CA CYS FA 44 -55.79 -78.14 -32.68
C CYS FA 44 -55.33 -78.66 -34.05
N PRO FA 45 -56.08 -78.38 -35.11
CA PRO FA 45 -55.71 -78.92 -36.44
C PRO FA 45 -54.72 -78.05 -37.20
N SER FA 46 -54.04 -77.13 -36.53
CA SER FA 46 -53.07 -76.29 -37.20
C SER FA 46 -51.82 -77.08 -37.60
N ASP FA 47 -51.04 -76.51 -38.49
CA ASP FA 47 -49.82 -77.15 -38.96
C ASP FA 47 -48.74 -77.08 -37.88
N GLU FA 48 -48.67 -75.96 -37.17
CA GLU FA 48 -47.61 -75.79 -36.17
C GLU FA 48 -47.90 -76.61 -34.92
N CYS FA 49 -49.16 -76.68 -34.51
CA CYS FA 49 -49.50 -77.30 -33.24
C CYS FA 49 -50.53 -78.41 -33.44
N GLY FA 50 -50.27 -79.30 -34.39
CA GLY FA 50 -51.16 -80.41 -34.65
C GLY FA 50 -50.72 -81.68 -33.93
N ALA FA 51 -51.72 -82.44 -33.45
CA ALA FA 51 -51.64 -83.81 -32.94
C ALA FA 51 -50.91 -83.97 -31.61
N GLY FA 52 -50.28 -82.92 -31.09
CA GLY FA 52 -49.65 -83.01 -29.79
C GLY FA 52 -50.04 -81.91 -28.82
N VAL FA 53 -50.43 -80.76 -29.35
CA VAL FA 53 -50.66 -79.57 -28.56
C VAL FA 53 -52.15 -79.34 -28.44
N PHE FA 54 -52.66 -79.42 -27.23
CA PHE FA 54 -54.10 -79.50 -26.99
C PHE FA 54 -54.69 -78.11 -26.79
N MET FA 55 -55.97 -78.01 -27.13
CA MET FA 55 -56.68 -76.75 -27.13
C MET FA 55 -57.20 -76.46 -25.73
N ALA FA 56 -58.06 -75.45 -25.63
CA ALA FA 56 -58.86 -75.19 -24.46
C ALA FA 56 -60.30 -75.55 -24.77
N SER FA 57 -61.06 -75.82 -23.72
CA SER FA 57 -62.50 -76.06 -23.83
C SER FA 57 -63.18 -75.13 -22.84
N HIS FA 58 -63.67 -74.01 -23.34
CA HIS FA 58 -64.32 -73.01 -22.51
C HIS FA 58 -65.79 -73.38 -22.34
N PHE FA 59 -66.57 -72.44 -21.80
CA PHE FA 59 -67.98 -72.71 -21.56
C PHE FA 59 -68.80 -72.73 -22.85
N ASP FA 60 -68.31 -72.12 -23.93
CA ASP FA 60 -69.07 -72.07 -25.16
C ASP FA 60 -68.23 -72.27 -26.41
N ARG FA 61 -66.94 -72.54 -26.28
CA ARG FA 61 -66.06 -72.53 -27.45
C ARG FA 61 -64.87 -73.44 -27.19
N HIS FA 62 -64.14 -73.73 -28.27
CA HIS FA 62 -62.80 -74.27 -28.20
C HIS FA 62 -61.82 -73.14 -28.45
N TYR FA 63 -60.59 -73.31 -28.00
CA TYR FA 63 -59.65 -72.20 -27.94
C TYR FA 63 -58.23 -72.72 -27.94
N CYS FA 64 -57.38 -72.16 -28.78
CA CYS FA 64 -55.99 -72.60 -28.81
C CYS FA 64 -55.11 -71.62 -28.05
N GLY FA 65 -53.86 -72.00 -27.86
CA GLY FA 65 -52.90 -71.15 -27.20
C GLY FA 65 -51.77 -70.75 -28.12
N LYS FA 66 -51.50 -71.60 -29.12
CA LYS FA 66 -50.44 -71.30 -30.08
C LYS FA 66 -50.94 -70.34 -31.15
N CYS FA 67 -52.00 -70.72 -31.87
CA CYS FA 67 -52.55 -69.89 -32.93
C CYS FA 67 -53.90 -69.29 -32.58
N CYS FA 68 -54.41 -69.54 -31.37
CA CYS FA 68 -55.64 -68.97 -30.81
C CYS FA 68 -56.87 -69.18 -31.70
N LEU FA 69 -56.94 -70.38 -32.31
CA LEU FA 69 -58.10 -70.75 -33.11
C LEU FA 69 -59.34 -70.89 -32.23
N THR FA 70 -60.50 -70.58 -32.80
CA THR FA 70 -61.73 -70.51 -32.05
C THR FA 70 -62.87 -71.19 -32.80
N TYR FA 71 -63.77 -71.80 -32.05
CA TYR FA 71 -64.93 -72.51 -32.57
C TYR FA 71 -66.17 -72.13 -31.76
N CYS FA 72 -67.25 -72.89 -31.97
CA CYS FA 72 -68.49 -72.69 -31.22
C CYS FA 72 -69.04 -74.03 -30.73
N THR GA 1 32.10 19.39 -92.34
CA THR GA 1 31.75 18.98 -93.69
C THR GA 1 30.41 18.24 -93.71
N GLU GA 2 30.44 16.97 -93.33
CA GLU GA 2 29.25 16.13 -93.31
C GLU GA 2 28.60 16.22 -91.94
N GLN GA 3 27.41 16.79 -91.89
CA GLN GA 3 26.68 17.01 -90.65
C GLN GA 3 25.51 16.03 -90.55
N MET GA 4 24.80 16.10 -89.43
CA MET GA 4 23.62 15.29 -89.18
C MET GA 4 22.48 16.22 -88.80
N THR GA 5 21.41 16.20 -89.59
CA THR GA 5 20.30 17.12 -89.40
C THR GA 5 18.99 16.36 -89.26
N LEU GA 6 18.00 17.04 -88.70
CA LEU GA 6 16.67 16.50 -88.47
C LEU GA 6 15.72 16.91 -89.59
N ARG GA 7 14.92 15.94 -90.06
CA ARG GA 7 13.82 16.25 -90.96
C ARG GA 7 12.47 15.95 -90.35
N GLY GA 8 12.39 15.02 -89.41
CA GLY GA 8 11.14 14.72 -88.77
C GLY GA 8 11.25 13.52 -87.86
N THR GA 9 10.14 13.21 -87.23
CA THR GA 9 10.03 12.09 -86.31
C THR GA 9 8.91 11.17 -86.80
N LEU GA 10 9.03 9.89 -86.48
CA LEU GA 10 8.07 8.88 -86.91
C LEU GA 10 7.25 8.48 -85.69
N LYS GA 11 6.19 9.22 -85.42
CA LYS GA 11 5.43 9.09 -84.18
C LYS GA 11 4.28 8.12 -84.39
N GLY GA 12 4.51 6.86 -84.05
CA GLY GA 12 3.46 5.88 -84.17
C GLY GA 12 3.41 4.83 -83.08
N HIS GA 13 4.30 4.91 -82.11
CA HIS GA 13 4.36 3.91 -81.06
C HIS GA 13 3.78 4.47 -79.77
N ASN GA 14 3.71 3.60 -78.75
CA ASN GA 14 3.33 3.99 -77.41
C ASN GA 14 4.35 3.61 -76.36
N GLY GA 15 5.20 2.62 -76.61
CA GLY GA 15 6.30 2.29 -75.73
C GLY GA 15 7.63 2.70 -76.31
N TRP GA 16 8.69 2.25 -75.65
CA TRP GA 16 10.04 2.55 -76.09
C TRP GA 16 10.33 1.83 -77.41
N VAL GA 17 10.92 2.54 -78.35
CA VAL GA 17 11.29 1.93 -79.62
C VAL GA 17 12.52 1.07 -79.36
N THR GA 18 12.32 -0.23 -79.23
CA THR GA 18 13.36 -1.09 -78.68
C THR GA 18 14.47 -1.37 -79.69
N GLN GA 19 14.11 -1.65 -80.94
CA GLN GA 19 15.12 -1.95 -81.95
C GLN GA 19 14.52 -1.68 -83.31
N ILE GA 20 15.33 -1.14 -84.22
CA ILE GA 20 14.90 -0.79 -85.57
C ILE GA 20 15.63 -1.69 -86.56
N ALA GA 21 14.92 -2.12 -87.60
CA ALA GA 21 15.50 -2.86 -88.71
C ALA GA 21 15.09 -2.21 -90.02
N THR GA 22 16.04 -2.09 -90.94
CA THR GA 22 15.80 -1.52 -92.26
C THR GA 22 16.27 -2.51 -93.32
N THR GA 23 15.74 -2.35 -94.53
CA THR GA 23 16.11 -3.24 -95.61
C THR GA 23 16.70 -2.47 -96.78
N PRO GA 24 17.72 -3.04 -97.45
CA PRO GA 24 18.26 -2.38 -98.64
C PRO GA 24 17.45 -2.65 -99.90
N GLN GA 25 16.69 -3.75 -99.93
CA GLN GA 25 15.89 -4.06 -101.12
C GLN GA 25 14.72 -3.12 -101.26
N PHE GA 26 14.14 -2.66 -100.16
CA PHE GA 26 13.05 -1.71 -100.20
C PHE GA 26 13.50 -0.40 -99.60
N PRO GA 27 13.50 0.70 -100.36
CA PRO GA 27 13.83 2.01 -99.81
C PRO GA 27 12.66 2.74 -99.16
N ASP GA 28 11.57 2.05 -98.86
CA ASP GA 28 10.38 2.73 -98.35
C ASP GA 28 9.81 2.15 -97.07
N MET GA 29 10.11 0.92 -96.70
CA MET GA 29 9.56 0.34 -95.48
C MET GA 29 10.64 0.25 -94.40
N ILE GA 30 10.29 0.68 -93.19
CA ILE GA 30 11.13 0.60 -92.01
C ILE GA 30 10.39 -0.25 -91.00
N LEU GA 31 11.11 -1.11 -90.29
CA LEU GA 31 10.50 -2.02 -89.33
C LEU GA 31 11.12 -1.75 -87.97
N SER GA 32 10.32 -1.28 -87.03
CA SER GA 32 10.81 -0.87 -85.72
C SER GA 32 10.04 -1.61 -84.64
N ALA GA 33 10.73 -2.52 -83.94
CA ALA GA 33 10.14 -3.19 -82.79
C ALA GA 33 9.94 -2.21 -81.64
N SER GA 34 9.07 -2.56 -80.71
CA SER GA 34 8.71 -1.62 -79.66
C SER GA 34 8.30 -2.34 -78.39
N ARG GA 35 8.09 -1.55 -77.35
CA ARG GA 35 7.67 -2.04 -76.04
C ARG GA 35 6.21 -1.74 -75.79
N ASP GA 36 5.41 -1.75 -76.85
CA ASP GA 36 3.96 -1.75 -76.75
C ASP GA 36 3.41 -2.94 -77.51
N LYS GA 37 4.22 -4.00 -77.58
CA LYS GA 37 3.97 -5.32 -78.13
C LYS GA 37 3.81 -5.36 -79.66
N THR GA 38 3.89 -4.23 -80.35
CA THR GA 38 3.63 -4.20 -81.78
C THR GA 38 4.88 -3.79 -82.55
N ILE GA 39 5.08 -4.43 -83.70
CA ILE GA 39 6.06 -4.02 -84.69
C ILE GA 39 5.32 -3.33 -85.82
N ILE GA 40 5.82 -2.18 -86.25
CA ILE GA 40 5.09 -1.32 -87.17
C ILE GA 40 5.83 -1.25 -88.49
N MET GA 41 5.15 -1.61 -89.57
CA MET GA 41 5.63 -1.31 -90.91
C MET GA 41 5.49 0.18 -91.18
N TRP GA 42 6.59 0.81 -91.57
CA TRP GA 42 6.57 2.22 -91.89
C TRP GA 42 6.49 2.43 -93.40
N LYS GA 43 6.14 3.65 -93.78
CA LYS GA 43 6.11 4.05 -95.19
C LYS GA 43 6.58 5.49 -95.25
N LEU GA 44 7.61 5.74 -96.07
CA LEU GA 44 8.34 7.00 -96.04
C LEU GA 44 7.88 7.88 -97.20
N THR GA 45 7.03 8.85 -96.89
CA THR GA 45 6.61 9.82 -97.91
C THR GA 45 7.65 10.91 -98.13
N ARG GA 46 8.43 11.22 -97.09
CA ARG GA 46 9.54 12.18 -97.12
C ARG GA 46 9.11 13.58 -97.54
N ASP GA 47 7.88 13.94 -97.23
CA ASP GA 47 7.40 15.29 -97.47
C ASP GA 47 7.66 16.13 -96.22
N GLU GA 48 7.05 17.31 -96.14
CA GLU GA 48 7.42 18.26 -95.10
C GLU GA 48 6.74 17.99 -93.76
N THR GA 49 5.55 17.43 -93.74
CA THR GA 49 4.82 17.25 -92.49
C THR GA 49 4.71 15.81 -92.02
N ASN GA 50 5.19 14.84 -92.79
CA ASN GA 50 5.27 13.46 -92.32
C ASN GA 50 6.42 12.77 -93.07
N TYR GA 51 7.53 12.52 -92.37
CA TYR GA 51 8.59 11.76 -93.00
C TYR GA 51 8.22 10.29 -93.11
N GLY GA 52 7.39 9.79 -92.22
CA GLY GA 52 7.00 8.40 -92.25
C GLY GA 52 5.62 8.13 -91.71
N ILE GA 53 4.88 7.25 -92.37
CA ILE GA 53 3.52 6.90 -91.94
C ILE GA 53 3.55 5.42 -91.59
N PRO GA 54 2.76 4.94 -90.64
CA PRO GA 54 2.67 3.50 -90.41
C PRO GA 54 1.77 2.83 -91.43
N GLN GA 55 2.08 1.58 -91.75
CA GLN GA 55 1.34 0.87 -92.77
C GLN GA 55 0.64 -0.38 -92.24
N ARG GA 56 1.35 -1.28 -91.58
CA ARG GA 56 0.75 -2.53 -91.11
C ARG GA 56 1.41 -2.94 -89.81
N ALA GA 57 0.70 -2.80 -88.70
CA ALA GA 57 1.21 -3.24 -87.41
C ALA GA 57 1.20 -4.75 -87.34
N LEU GA 58 2.24 -5.31 -86.74
CA LEU GA 58 2.39 -6.76 -86.61
C LEU GA 58 2.21 -7.13 -85.14
N ARG GA 59 1.09 -7.75 -84.81
CA ARG GA 59 0.71 -8.02 -83.43
C ARG GA 59 0.61 -9.52 -83.23
N GLY GA 60 1.54 -10.08 -82.49
CA GLY GA 60 1.41 -11.44 -82.05
C GLY GA 60 1.94 -11.65 -80.65
N HIS GA 61 2.53 -10.63 -80.06
CA HIS GA 61 3.32 -10.82 -78.86
C HIS GA 61 2.58 -10.32 -77.64
N SER GA 62 2.76 -11.02 -76.52
CA SER GA 62 2.06 -10.71 -75.29
C SER GA 62 2.95 -9.99 -74.28
N HIS GA 63 4.06 -9.41 -74.74
CA HIS GA 63 4.94 -8.63 -73.89
C HIS GA 63 5.76 -7.72 -74.80
N PHE GA 64 6.84 -7.17 -74.25
CA PHE GA 64 7.64 -6.19 -74.97
C PHE GA 64 8.44 -6.86 -76.07
N VAL GA 65 8.19 -6.46 -77.32
CA VAL GA 65 8.96 -6.99 -78.44
C VAL GA 65 10.35 -6.41 -78.40
N SER GA 66 11.37 -7.28 -78.42
CA SER GA 66 12.72 -6.78 -78.20
C SER GA 66 13.45 -6.48 -79.51
N ASP GA 67 13.61 -7.48 -80.36
CA ASP GA 67 14.54 -7.39 -81.50
C ASP GA 67 13.85 -7.88 -82.76
N VAL GA 68 13.83 -7.05 -83.79
CA VAL GA 68 13.23 -7.39 -85.07
C VAL GA 68 14.33 -7.41 -86.12
N VAL GA 69 14.14 -8.23 -87.15
CA VAL GA 69 15.09 -8.28 -88.27
C VAL GA 69 14.33 -8.64 -89.53
N ILE GA 70 14.76 -8.09 -90.66
CA ILE GA 70 14.13 -8.32 -91.94
C ILE GA 70 15.02 -9.28 -92.71
N SER GA 71 14.41 -10.07 -93.58
CA SER GA 71 15.15 -11.07 -94.35
C SER GA 71 15.99 -10.42 -95.44
N SER GA 72 16.63 -11.28 -96.24
CA SER GA 72 17.41 -10.80 -97.37
C SER GA 72 16.53 -10.26 -98.49
N ASP GA 73 15.26 -10.61 -98.48
CA ASP GA 73 14.27 -10.02 -99.36
C ASP GA 73 13.18 -9.37 -98.51
N GLY GA 74 12.48 -8.40 -99.09
CA GLY GA 74 11.51 -7.63 -98.34
C GLY GA 74 10.14 -8.28 -98.18
N GLN GA 75 10.11 -9.54 -97.77
CA GLN GA 75 8.85 -10.24 -97.54
C GLN GA 75 8.78 -11.06 -96.26
N PHE GA 76 9.91 -11.50 -95.71
CA PHE GA 76 9.94 -12.18 -94.42
C PHE GA 76 10.54 -11.27 -93.36
N ALA GA 77 10.07 -11.45 -92.13
CA ALA GA 77 10.66 -10.79 -90.96
C ALA GA 77 10.93 -11.84 -89.91
N LEU GA 78 11.50 -11.41 -88.80
CA LEU GA 78 11.73 -12.29 -87.66
C LEU GA 78 11.85 -11.42 -86.43
N SER GA 79 11.25 -11.87 -85.32
CA SER GA 79 11.26 -11.08 -84.12
C SER GA 79 11.20 -11.96 -82.89
N GLY GA 80 11.47 -11.35 -81.74
CA GLY GA 80 11.31 -12.00 -80.46
C GLY GA 80 10.79 -11.01 -79.44
N SER GA 81 10.48 -11.54 -78.25
CA SER GA 81 9.93 -10.71 -77.21
C SER GA 81 10.27 -11.32 -75.86
N TRP GA 82 9.72 -10.73 -74.80
CA TRP GA 82 10.03 -11.12 -73.44
C TRP GA 82 9.11 -12.20 -72.93
N ASP GA 83 8.40 -12.90 -73.81
CA ASP GA 83 7.55 -14.01 -73.40
C ASP GA 83 8.09 -15.35 -73.88
N GLY GA 84 9.35 -15.40 -74.29
CA GLY GA 84 9.96 -16.67 -74.65
C GLY GA 84 9.55 -17.20 -76.00
N THR GA 85 9.08 -16.35 -76.90
CA THR GA 85 8.62 -16.80 -78.20
C THR GA 85 9.35 -16.02 -79.28
N LEU GA 86 9.29 -16.57 -80.49
CA LEU GA 86 9.78 -15.92 -81.69
C LEU GA 86 8.73 -16.06 -82.78
N ARG GA 87 8.36 -14.97 -83.39
CA ARG GA 87 7.26 -14.93 -84.35
C ARG GA 87 7.84 -14.66 -85.73
N LEU GA 88 7.79 -15.66 -86.61
CA LEU GA 88 8.15 -15.45 -87.99
C LEU GA 88 6.98 -14.80 -88.71
N TRP GA 89 7.23 -13.68 -89.39
CA TRP GA 89 6.17 -12.86 -89.92
C TRP GA 89 6.01 -13.04 -91.43
N ASP GA 90 5.17 -12.19 -92.01
CA ASP GA 90 5.00 -12.09 -93.46
C ASP GA 90 4.68 -10.64 -93.74
N LEU GA 91 5.47 -10.01 -94.60
CA LEU GA 91 5.32 -8.57 -94.78
C LEU GA 91 4.20 -8.21 -95.73
N THR GA 92 3.80 -9.12 -96.62
CA THR GA 92 2.84 -8.79 -97.67
C THR GA 92 1.45 -8.56 -97.10
N THR GA 93 0.90 -9.55 -96.39
CA THR GA 93 -0.43 -9.43 -95.82
C THR GA 93 -0.41 -9.07 -94.34
N GLY GA 94 0.75 -9.05 -93.70
CA GLY GA 94 0.84 -8.61 -92.33
C GLY GA 94 0.27 -9.59 -91.33
N THR GA 95 0.89 -10.76 -91.20
CA THR GA 95 0.49 -11.74 -90.21
C THR GA 95 1.68 -12.60 -89.84
N THR GA 96 1.44 -13.60 -89.02
CA THR GA 96 2.45 -14.60 -88.69
C THR GA 96 2.28 -15.83 -89.56
N THR GA 97 3.36 -16.59 -89.69
CA THR GA 97 3.29 -17.87 -90.37
C THR GA 97 3.96 -18.98 -89.58
N ARG GA 98 4.97 -18.65 -88.78
CA ARG GA 98 5.66 -19.63 -87.96
C ARG GA 98 5.91 -19.03 -86.60
N ARG GA 99 5.97 -19.89 -85.59
CA ARG GA 99 6.09 -19.47 -84.20
C ARG GA 99 7.08 -20.38 -83.50
N PHE GA 100 8.13 -19.79 -82.97
CA PHE GA 100 9.26 -20.56 -82.45
C PHE GA 100 9.20 -20.55 -80.93
N VAL GA 101 8.72 -21.65 -80.35
CA VAL GA 101 8.67 -21.82 -78.90
C VAL GA 101 9.71 -22.85 -78.48
N GLY GA 102 10.15 -22.74 -77.24
CA GLY GA 102 11.20 -23.61 -76.74
C GLY GA 102 12.11 -22.93 -75.74
N HIS GA 103 11.94 -21.63 -75.55
CA HIS GA 103 12.67 -20.87 -74.56
C HIS GA 103 11.92 -20.84 -73.24
N THR GA 104 12.68 -20.72 -72.15
CA THR GA 104 12.08 -20.68 -70.82
C THR GA 104 12.27 -19.34 -70.12
N LYS GA 105 12.88 -18.36 -70.77
CA LYS GA 105 13.02 -17.01 -70.21
C LYS GA 105 12.77 -16.02 -71.33
N ASP GA 106 13.10 -14.76 -71.10
CA ASP GA 106 12.80 -13.70 -72.06
C ASP GA 106 13.80 -13.73 -73.22
N VAL GA 107 13.29 -13.87 -74.44
CA VAL GA 107 14.12 -13.86 -75.64
C VAL GA 107 14.60 -12.44 -75.87
N LEU GA 108 15.90 -12.22 -75.70
CA LEU GA 108 16.43 -10.88 -75.75
C LEU GA 108 16.75 -10.40 -77.16
N SER GA 109 17.26 -11.28 -78.03
CA SER GA 109 17.64 -10.85 -79.37
C SER GA 109 17.61 -12.05 -80.30
N VAL GA 110 17.42 -11.76 -81.59
CA VAL GA 110 17.35 -12.79 -82.61
C VAL GA 110 18.04 -12.30 -83.88
N ALA GA 111 18.99 -13.10 -84.38
CA ALA GA 111 19.77 -12.73 -85.55
C ALA GA 111 19.36 -13.58 -86.74
N PHE GA 112 19.50 -13.01 -87.93
CA PHE GA 112 19.06 -13.65 -89.16
C PHE GA 112 20.29 -13.94 -90.00
N SER GA 113 20.28 -15.07 -90.70
CA SER GA 113 21.44 -15.48 -91.48
C SER GA 113 21.36 -14.95 -92.91
N SER GA 114 22.53 -14.91 -93.57
CA SER GA 114 22.60 -14.41 -94.94
C SER GA 114 21.95 -15.39 -95.91
N ASP GA 115 22.12 -16.68 -95.67
CA ASP GA 115 21.46 -17.71 -96.47
C ASP GA 115 20.03 -17.97 -96.05
N ASN GA 116 19.52 -17.22 -95.07
CA ASN GA 116 18.11 -17.17 -94.66
C ASN GA 116 17.60 -18.51 -94.17
N ARG GA 117 18.48 -19.32 -93.59
CA ARG GA 117 18.08 -20.65 -93.12
C ARG GA 117 18.65 -21.01 -91.76
N GLN GA 118 19.48 -20.17 -91.16
CA GLN GA 118 20.04 -20.41 -89.84
C GLN GA 118 19.49 -19.35 -88.90
N ILE GA 119 18.67 -19.77 -87.94
CA ILE GA 119 18.01 -18.84 -87.04
C ILE GA 119 18.57 -19.06 -85.64
N VAL GA 120 19.14 -18.01 -85.06
CA VAL GA 120 19.77 -18.08 -83.76
C VAL GA 120 19.12 -17.03 -82.86
N SER GA 121 19.10 -17.32 -81.55
CA SER GA 121 18.45 -16.42 -80.61
C SER GA 121 19.07 -16.61 -79.23
N GLY GA 122 19.15 -15.52 -78.48
CA GLY GA 122 19.67 -15.53 -77.12
C GLY GA 122 18.62 -15.04 -76.15
N SER GA 123 18.55 -15.68 -74.99
CA SER GA 123 17.51 -15.41 -74.01
C SER GA 123 18.12 -15.11 -72.66
N ARG GA 124 17.26 -14.96 -71.67
CA ARG GA 124 17.67 -14.79 -70.29
C ARG GA 124 17.87 -16.11 -69.58
N ASP GA 125 17.76 -17.23 -70.30
CA ASP GA 125 17.94 -18.55 -69.72
C ASP GA 125 19.41 -18.96 -69.70
N LYS GA 126 20.31 -18.01 -69.98
CA LYS GA 126 21.75 -18.23 -70.15
C LYS GA 126 22.03 -19.28 -71.23
N THR GA 127 21.19 -19.27 -72.27
CA THR GA 127 21.25 -20.26 -73.34
C THR GA 127 21.08 -19.57 -74.69
N ILE GA 128 21.65 -20.19 -75.71
CA ILE GA 128 21.50 -19.74 -77.09
C ILE GA 128 20.78 -20.84 -77.87
N LYS GA 129 19.75 -20.47 -78.61
CA LYS GA 129 18.92 -21.42 -79.32
C LYS GA 129 19.11 -21.28 -80.83
N LEU GA 130 19.39 -22.39 -81.49
CA LEU GA 130 19.61 -22.41 -82.94
C LEU GA 130 18.45 -23.14 -83.59
N TRP GA 131 17.88 -22.54 -84.63
CA TRP GA 131 16.64 -23.01 -85.21
C TRP GA 131 16.80 -23.34 -86.69
N ASN GA 132 15.76 -23.94 -87.25
CA ASN GA 132 15.60 -24.09 -88.68
C ASN GA 132 14.94 -22.82 -89.22
N THR GA 133 14.45 -22.89 -90.45
CA THR GA 133 13.48 -21.91 -90.93
C THR GA 133 12.06 -22.35 -90.65
N LEU GA 134 11.88 -23.48 -89.98
CA LEU GA 134 10.55 -24.07 -89.77
C LEU GA 134 10.12 -24.02 -88.32
N GLY GA 135 10.99 -24.37 -87.39
CA GLY GA 135 10.59 -24.34 -85.99
C GLY GA 135 11.19 -25.37 -85.08
N VAL GA 136 11.70 -26.47 -85.63
CA VAL GA 136 12.43 -27.43 -84.79
C VAL GA 136 13.81 -26.86 -84.52
N CYS GA 137 14.20 -26.84 -83.25
CA CYS GA 137 15.54 -26.38 -82.91
C CYS GA 137 16.57 -27.41 -83.33
N LYS GA 138 17.73 -26.93 -83.77
CA LYS GA 138 18.78 -27.83 -84.21
C LYS GA 138 19.72 -28.17 -83.05
N TYR GA 139 20.29 -27.15 -82.41
CA TYR GA 139 21.14 -27.36 -81.25
C TYR GA 139 20.93 -26.23 -80.27
N THR GA 140 20.70 -26.59 -79.01
CA THR GA 140 20.64 -25.63 -77.93
C THR GA 140 21.96 -25.63 -77.17
N VAL GA 141 22.40 -24.44 -76.77
CA VAL GA 141 23.75 -24.25 -76.26
C VAL GA 141 23.76 -24.32 -74.74
N GLN GA 142 24.53 -25.26 -74.21
CA GLN GA 142 24.95 -25.24 -72.82
C GLN GA 142 26.43 -25.59 -72.74
N ASP GA 143 27.23 -24.91 -73.57
CA ASP GA 143 28.67 -25.12 -73.65
C ASP GA 143 29.42 -24.09 -72.80
N GLU GA 144 28.85 -23.78 -71.63
CA GLU GA 144 29.21 -22.63 -70.80
C GLU GA 144 29.13 -21.35 -71.63
N SER GA 145 27.89 -21.05 -72.03
CA SER GA 145 27.62 -19.86 -72.82
C SER GA 145 27.96 -18.60 -72.05
N HIS GA 146 27.23 -18.33 -70.98
CA HIS GA 146 27.54 -17.23 -70.08
C HIS GA 146 27.10 -17.67 -68.69
N SER GA 147 27.64 -17.00 -67.67
CA SER GA 147 27.20 -17.28 -66.31
C SER GA 147 25.89 -16.58 -66.00
N GLU GA 148 25.48 -15.64 -66.84
CA GLU GA 148 24.24 -14.90 -66.69
C GLU GA 148 23.68 -14.75 -68.09
N TRP GA 149 22.82 -13.75 -68.28
CA TRP GA 149 22.01 -13.59 -69.49
C TRP GA 149 22.86 -13.45 -70.75
N VAL GA 150 22.19 -13.57 -71.89
CA VAL GA 150 22.81 -13.39 -73.20
C VAL GA 150 22.10 -12.21 -73.83
N SER GA 151 22.74 -11.04 -73.83
CA SER GA 151 22.01 -9.83 -74.13
C SER GA 151 21.87 -9.57 -75.62
N CYS GA 152 22.84 -9.98 -76.43
CA CYS GA 152 22.74 -9.74 -77.86
C CYS GA 152 23.48 -10.81 -78.62
N VAL GA 153 22.86 -11.30 -79.70
CA VAL GA 153 23.41 -12.33 -80.57
C VAL GA 153 23.37 -11.78 -81.98
N ARG GA 154 24.47 -11.94 -82.72
CA ARG GA 154 24.56 -11.41 -84.08
C ARG GA 154 25.37 -12.35 -84.97
N PHE GA 155 24.87 -12.52 -86.19
CA PHE GA 155 25.61 -13.22 -87.23
C PHE GA 155 26.71 -12.34 -87.79
N SER GA 156 27.53 -12.95 -88.65
CA SER GA 156 28.61 -12.25 -89.35
C SER GA 156 28.33 -12.31 -90.85
N PRO GA 157 27.90 -11.22 -91.48
CA PRO GA 157 27.56 -11.27 -92.91
C PRO GA 157 28.79 -11.06 -93.80
N ASN GA 158 29.71 -12.02 -93.76
CA ASN GA 158 30.94 -11.92 -94.52
C ASN GA 158 30.92 -12.91 -95.68
N SER GA 159 31.68 -12.56 -96.73
CA SER GA 159 31.89 -13.48 -97.84
C SER GA 159 32.87 -14.59 -97.46
N SER GA 160 33.62 -14.41 -96.38
CA SER GA 160 34.56 -15.40 -95.88
C SER GA 160 33.85 -16.48 -95.08
N ASN GA 161 34.61 -17.26 -94.32
CA ASN GA 161 34.05 -18.22 -93.38
C ASN GA 161 33.19 -17.51 -92.37
N PRO GA 162 31.90 -17.83 -92.28
CA PRO GA 162 31.03 -17.13 -91.33
C PRO GA 162 31.30 -17.57 -89.90
N ILE GA 163 30.73 -16.80 -88.97
CA ILE GA 163 30.91 -17.03 -87.55
C ILE GA 163 29.68 -16.49 -86.84
N ILE GA 164 29.45 -16.97 -85.63
CA ILE GA 164 28.33 -16.53 -84.82
C ILE GA 164 28.86 -16.07 -83.45
N VAL GA 165 28.39 -14.91 -83.00
CA VAL GA 165 28.95 -14.26 -81.83
C VAL GA 165 27.81 -13.76 -80.97
N SER GA 166 28.04 -13.71 -79.66
CA SER GA 166 26.98 -13.37 -78.71
C SER GA 166 27.61 -12.85 -77.43
N CYS GA 167 27.27 -11.63 -77.06
CA CYS GA 167 27.75 -11.07 -75.80
C CYS GA 167 26.92 -11.58 -74.62
N GLY GA 168 27.02 -10.88 -73.51
CA GLY GA 168 26.23 -11.23 -72.35
C GLY GA 168 26.34 -10.22 -71.24
N TRP GA 169 25.71 -10.51 -70.11
CA TRP GA 169 25.82 -9.65 -68.95
C TRP GA 169 27.00 -10.00 -68.07
N ASP GA 170 27.75 -11.04 -68.41
CA ASP GA 170 28.96 -11.41 -67.66
C ASP GA 170 30.21 -10.87 -68.32
N LYS GA 171 30.11 -9.68 -68.92
CA LYS GA 171 31.21 -8.87 -69.42
C LYS GA 171 31.97 -9.54 -70.57
N LEU GA 172 31.43 -10.57 -71.18
CA LEU GA 172 32.17 -11.42 -72.10
C LEU GA 172 31.55 -11.38 -73.49
N VAL GA 173 32.41 -11.30 -74.50
CA VAL GA 173 32.00 -11.47 -75.89
C VAL GA 173 32.53 -12.83 -76.31
N LYS GA 174 31.65 -13.82 -76.37
CA LYS GA 174 32.05 -15.18 -76.72
C LYS GA 174 31.81 -15.41 -78.20
N VAL GA 175 32.79 -15.99 -78.86
CA VAL GA 175 32.74 -16.27 -80.29
C VAL GA 175 32.51 -17.76 -80.48
N TRP GA 176 31.57 -18.10 -81.35
CA TRP GA 176 31.13 -19.48 -81.52
C TRP GA 176 31.28 -19.88 -82.98
N ASN GA 177 31.66 -21.14 -83.19
CA ASN GA 177 31.78 -21.68 -84.53
C ASN GA 177 30.44 -22.30 -84.91
N LEU GA 178 29.78 -21.71 -85.91
CA LEU GA 178 28.46 -22.17 -86.30
C LEU GA 178 28.55 -23.52 -86.98
N ALA GA 179 27.47 -24.31 -86.85
CA ALA GA 179 27.30 -25.69 -87.30
C ALA GA 179 28.28 -26.67 -86.67
N ASN GA 180 29.09 -26.23 -85.70
CA ASN GA 180 29.94 -27.09 -84.92
C ASN GA 180 29.86 -26.83 -83.43
N CYS GA 181 29.20 -25.74 -83.02
CA CYS GA 181 28.84 -25.35 -81.64
C CYS GA 181 30.00 -25.48 -80.65
N LYS GA 182 31.02 -24.65 -80.88
CA LYS GA 182 32.20 -24.63 -80.03
C LYS GA 182 32.73 -23.22 -79.93
N LEU GA 183 33.37 -22.93 -78.79
CA LEU GA 183 33.96 -21.61 -78.58
C LEU GA 183 35.15 -21.38 -79.49
N LYS GA 184 35.41 -20.13 -79.78
CA LYS GA 184 36.60 -19.75 -80.53
C LYS GA 184 37.48 -18.75 -79.80
N THR GA 185 36.89 -17.73 -79.18
CA THR GA 185 37.67 -16.63 -78.63
C THR GA 185 36.87 -16.01 -77.49
N ASN GA 186 37.52 -15.79 -76.35
CA ASN GA 186 36.96 -15.00 -75.26
C ASN GA 186 37.64 -13.63 -75.24
N HIS GA 187 36.94 -12.66 -74.66
CA HIS GA 187 37.45 -11.28 -74.59
C HIS GA 187 37.16 -10.76 -73.18
N ILE GA 188 38.12 -10.94 -72.28
CA ILE GA 188 37.96 -10.51 -70.89
C ILE GA 188 38.50 -9.08 -70.84
N GLY GA 189 37.63 -8.13 -71.19
CA GLY GA 189 38.05 -6.74 -71.22
C GLY GA 189 37.06 -5.70 -70.78
N HIS GA 190 35.85 -6.10 -70.39
CA HIS GA 190 34.80 -5.13 -70.08
C HIS GA 190 34.54 -5.04 -68.59
N THR GA 191 34.35 -3.82 -68.12
CA THR GA 191 33.86 -3.58 -66.78
C THR GA 191 32.36 -3.35 -66.85
N GLY GA 192 31.61 -4.10 -66.06
CA GLY GA 192 30.16 -4.03 -66.14
C GLY GA 192 29.65 -4.80 -67.34
N TYR GA 193 28.33 -4.93 -67.41
CA TYR GA 193 27.69 -5.81 -68.38
C TYR GA 193 27.76 -5.21 -69.79
N LEU GA 194 27.14 -5.89 -70.74
CA LEU GA 194 27.07 -5.44 -72.12
C LEU GA 194 25.62 -5.27 -72.54
N ASN GA 195 25.43 -4.61 -73.67
CA ASN GA 195 24.09 -4.44 -74.22
C ASN GA 195 23.96 -4.91 -75.65
N THR GA 196 25.01 -4.78 -76.47
CA THR GA 196 24.86 -5.06 -77.88
C THR GA 196 26.15 -5.58 -78.47
N VAL GA 197 26.01 -6.14 -79.68
CA VAL GA 197 27.12 -6.51 -80.56
C VAL GA 197 26.69 -6.11 -81.96
N THR GA 198 27.55 -5.42 -82.69
CA THR GA 198 27.37 -5.28 -84.12
C THR GA 198 28.62 -5.76 -84.84
N VAL GA 199 28.44 -6.16 -86.09
CA VAL GA 199 29.51 -6.69 -86.91
C VAL GA 199 29.62 -5.81 -88.15
N SER GA 200 30.86 -5.42 -88.48
CA SER GA 200 31.10 -4.62 -89.66
C SER GA 200 30.75 -5.41 -90.93
N PRO GA 201 30.36 -4.73 -92.02
CA PRO GA 201 29.92 -5.46 -93.22
C PRO GA 201 31.00 -6.29 -93.89
N ASP GA 202 32.28 -5.99 -93.69
CA ASP GA 202 33.32 -6.87 -94.21
C ASP GA 202 33.40 -8.17 -93.41
N GLY GA 203 33.03 -8.12 -92.14
CA GLY GA 203 33.09 -9.30 -91.30
C GLY GA 203 34.42 -9.48 -90.60
N SER GA 204 35.03 -8.38 -90.14
CA SER GA 204 36.31 -8.47 -89.46
C SER GA 204 36.31 -7.74 -88.12
N LEU GA 205 35.50 -6.69 -88.01
CA LEU GA 205 35.53 -5.81 -86.84
C LEU GA 205 34.17 -5.86 -86.15
N CYS GA 206 34.13 -6.43 -84.96
CA CYS GA 206 32.92 -6.37 -84.16
C CYS GA 206 33.03 -5.28 -83.11
N ALA GA 207 31.90 -4.68 -82.78
CA ALA GA 207 31.82 -3.71 -81.70
C ALA GA 207 30.92 -4.26 -80.61
N SER GA 208 31.09 -3.73 -79.41
CA SER GA 208 30.46 -4.30 -78.22
C SER GA 208 30.48 -3.27 -77.11
N GLY GA 209 29.31 -2.84 -76.66
CA GLY GA 209 29.21 -1.82 -75.63
C GLY GA 209 28.33 -2.19 -74.46
N GLY GA 210 28.40 -1.42 -73.38
CA GLY GA 210 27.62 -1.75 -72.20
C GLY GA 210 27.58 -0.69 -71.13
N LYS GA 211 27.66 -1.10 -69.86
CA LYS GA 211 27.52 -0.17 -68.75
C LYS GA 211 28.74 0.70 -68.55
N ASP GA 212 29.89 0.28 -69.05
CA ASP GA 212 31.09 1.09 -68.95
C ASP GA 212 31.00 2.35 -69.80
N GLY GA 213 30.13 2.37 -70.80
CA GLY GA 213 29.98 3.51 -71.65
C GLY GA 213 31.02 3.61 -72.75
N GLN GA 214 32.00 2.72 -72.78
CA GLN GA 214 33.09 2.79 -73.74
C GLN GA 214 32.94 1.67 -74.75
N ALA GA 215 32.80 2.03 -76.02
CA ALA GA 215 32.68 1.07 -77.09
C ALA GA 215 34.02 0.39 -77.30
N MET GA 216 34.20 -0.77 -76.69
CA MET GA 216 35.42 -1.55 -76.81
C MET GA 216 35.21 -2.53 -77.96
N LEU GA 217 35.79 -2.22 -79.11
CA LEU GA 217 35.61 -3.04 -80.30
C LEU GA 217 36.74 -4.06 -80.43
N TRP GA 218 36.44 -5.19 -81.05
CA TRP GA 218 37.39 -6.27 -81.22
C TRP GA 218 37.53 -6.62 -82.70
N ASP GA 219 38.41 -7.57 -82.96
CA ASP GA 219 38.61 -8.10 -84.31
C ASP GA 219 38.14 -9.55 -84.36
N LEU GA 220 37.50 -9.91 -85.47
CA LEU GA 220 36.95 -11.24 -85.62
C LEU GA 220 37.94 -12.26 -86.15
N ASN GA 221 39.04 -11.83 -86.78
CA ASN GA 221 39.98 -12.77 -87.34
C ASN GA 221 41.10 -13.16 -86.38
N GLU GA 222 41.54 -12.22 -85.54
CA GLU GA 222 42.60 -12.50 -84.58
C GLU GA 222 42.31 -12.05 -83.16
N GLY GA 223 41.37 -11.14 -82.93
CA GLY GA 223 41.05 -10.76 -81.56
C GLY GA 223 41.98 -9.75 -80.93
N LYS GA 224 41.98 -8.54 -81.45
CA LYS GA 224 42.72 -7.42 -80.89
C LYS GA 224 41.72 -6.35 -80.50
N HIS GA 225 41.92 -5.76 -79.33
CA HIS GA 225 41.23 -4.52 -78.98
C HIS GA 225 41.86 -3.39 -79.78
N LEU GA 226 41.25 -3.06 -80.92
CA LEU GA 226 41.82 -2.04 -81.81
C LEU GA 226 41.66 -0.64 -81.23
N TYR GA 227 40.43 -0.18 -81.07
CA TYR GA 227 40.17 1.20 -80.69
C TYR GA 227 39.29 1.23 -79.46
N THR GA 228 39.68 2.06 -78.49
CA THR GA 228 38.91 2.27 -77.28
C THR GA 228 38.09 3.54 -77.49
N LEU GA 229 36.94 3.38 -78.13
CA LEU GA 229 36.03 4.50 -78.27
C LEU GA 229 35.47 4.87 -76.90
N ASP GA 230 35.36 6.17 -76.67
CA ASP GA 230 34.87 6.71 -75.40
C ASP GA 230 33.46 7.23 -75.57
N GLY GA 231 32.67 7.06 -74.52
CA GLY GA 231 31.34 7.63 -74.46
C GLY GA 231 31.06 8.14 -73.06
N GLY GA 232 29.83 8.61 -72.87
CA GLY GA 232 29.46 9.13 -71.59
C GLY GA 232 28.78 8.04 -70.79
N ASP GA 233 27.46 8.08 -70.74
CA ASP GA 233 26.70 7.03 -70.07
C ASP GA 233 26.57 5.80 -70.94
N ILE GA 234 25.58 4.96 -70.59
CA ILE GA 234 25.48 3.59 -71.07
C ILE GA 234 25.32 3.55 -72.59
N ILE GA 235 25.87 2.50 -73.20
CA ILE GA 235 25.71 2.27 -74.62
C ILE GA 235 24.49 1.40 -74.80
N ASN GA 236 23.40 1.97 -75.30
CA ASN GA 236 22.21 1.16 -75.53
C ASN GA 236 22.37 0.31 -76.78
N ALA GA 237 23.00 0.85 -77.82
CA ALA GA 237 23.11 0.12 -79.07
C ALA GA 237 24.36 0.55 -79.82
N LEU GA 238 24.76 -0.29 -80.78
CA LEU GA 238 25.88 -0.05 -81.66
C LEU GA 238 25.54 -0.61 -83.03
N CYS GA 239 25.93 0.11 -84.08
CA CYS GA 239 25.77 -0.38 -85.44
C CYS GA 239 26.84 0.24 -86.31
N PHE GA 240 27.17 -0.45 -87.39
CA PHE GA 240 28.23 -0.05 -88.30
C PHE GA 240 27.64 0.76 -89.44
N SER GA 241 28.48 1.02 -90.44
CA SER GA 241 28.07 1.77 -91.61
C SER GA 241 28.95 1.36 -92.78
N PRO GA 242 28.38 0.82 -93.86
CA PRO GA 242 29.21 0.25 -94.93
C PRO GA 242 29.90 1.28 -95.81
N ASN GA 243 29.20 2.36 -96.14
CA ASN GA 243 29.73 3.33 -97.09
C ASN GA 243 30.73 4.30 -96.46
N ARG GA 244 30.31 5.01 -95.41
CA ARG GA 244 31.13 6.05 -94.83
C ARG GA 244 32.21 5.51 -93.91
N TYR GA 245 32.15 4.22 -93.58
CA TYR GA 245 33.12 3.52 -92.72
C TYR GA 245 33.24 4.19 -91.35
N TRP GA 246 32.13 4.18 -90.64
CA TRP GA 246 32.02 4.80 -89.33
C TRP GA 246 31.60 3.75 -88.31
N LEU GA 247 31.33 4.21 -87.09
CA LEU GA 247 30.77 3.37 -86.04
C LEU GA 247 29.75 4.20 -85.28
N CYS GA 248 28.48 3.86 -85.44
CA CYS GA 248 27.41 4.57 -84.75
C CYS GA 248 27.33 4.06 -83.33
N ALA GA 249 27.70 4.90 -82.37
CA ALA GA 249 27.62 4.57 -80.96
C ALA GA 249 26.55 5.42 -80.30
N ALA GA 250 25.99 4.90 -79.21
CA ALA GA 250 24.86 5.52 -78.54
C ALA GA 250 25.30 6.04 -77.18
N THR GA 251 25.17 7.34 -76.98
CA THR GA 251 25.22 7.95 -75.65
C THR GA 251 23.85 7.71 -75.00
N GLY GA 252 23.64 8.22 -73.79
CA GLY GA 252 22.31 8.17 -73.24
C GLY GA 252 21.38 9.12 -73.98
N PRO GA 253 21.48 10.42 -73.71
CA PRO GA 253 20.56 11.35 -74.36
C PRO GA 253 20.94 11.69 -75.77
N SER GA 254 22.17 11.43 -76.19
CA SER GA 254 22.65 11.83 -77.50
C SER GA 254 23.15 10.62 -78.26
N ILE GA 255 23.69 10.87 -79.46
CA ILE GA 255 24.30 9.84 -80.30
C ILE GA 255 25.72 10.29 -80.62
N LYS GA 256 26.65 9.35 -80.59
CA LYS GA 256 28.05 9.62 -80.93
C LYS GA 256 28.39 8.83 -82.19
N ILE GA 257 28.50 9.52 -83.31
CA ILE GA 257 28.96 8.94 -84.57
C ILE GA 257 30.46 9.21 -84.67
N TRP GA 258 31.23 8.17 -84.97
CA TRP GA 258 32.68 8.24 -84.88
C TRP GA 258 33.33 7.88 -86.21
N ASP GA 259 34.35 8.65 -86.58
CA ASP GA 259 35.30 8.17 -87.56
C ASP GA 259 36.09 7.03 -86.91
N LEU GA 260 36.30 5.96 -87.66
CA LEU GA 260 36.92 4.80 -87.04
C LEU GA 260 38.44 4.89 -87.08
N GLU GA 261 39.02 4.99 -88.27
CA GLU GA 261 40.49 4.97 -88.39
C GLU GA 261 41.09 6.29 -87.93
N GLY GA 262 40.29 7.36 -87.93
CA GLY GA 262 40.77 8.64 -87.44
C GLY GA 262 40.53 8.84 -85.95
N LYS GA 263 39.50 8.19 -85.40
CA LYS GA 263 39.07 8.32 -84.01
C LYS GA 263 38.75 9.77 -83.64
N ILE GA 264 37.93 10.41 -84.47
CA ILE GA 264 37.37 11.72 -84.17
C ILE GA 264 35.87 11.59 -84.04
N ILE GA 265 35.33 12.04 -82.92
CA ILE GA 265 33.89 12.27 -82.82
C ILE GA 265 33.52 13.43 -83.75
N VAL GA 266 32.66 13.16 -84.72
CA VAL GA 266 32.39 14.11 -85.78
C VAL GA 266 31.13 14.94 -85.52
N ASP GA 267 30.06 14.32 -85.00
CA ASP GA 267 28.81 15.01 -84.73
C ASP GA 267 28.26 14.66 -83.36
N GLU GA 268 27.47 15.58 -82.82
CA GLU GA 268 26.61 15.31 -81.69
C GLU GA 268 25.16 15.44 -82.13
N LEU GA 269 24.30 14.56 -81.59
CA LEU GA 269 22.96 14.35 -82.14
C LEU GA 269 21.98 14.35 -80.97
N LYS GA 270 21.36 15.50 -80.70
CA LYS GA 270 20.45 15.63 -79.56
C LYS GA 270 19.54 16.83 -79.80
N GLN GA 271 18.46 16.89 -79.04
CA GLN GA 271 17.45 17.94 -79.20
C GLN GA 271 16.79 18.20 -77.84
N GLU GA 272 17.24 19.25 -77.15
CA GLU GA 272 16.65 19.69 -75.88
C GLU GA 272 16.71 21.22 -75.87
N VAL GA 273 15.58 21.86 -76.13
CA VAL GA 273 15.46 23.31 -75.96
C VAL GA 273 14.47 23.68 -74.86
N ILE GA 274 13.85 22.71 -74.22
CA ILE GA 274 12.90 22.97 -73.14
C ILE GA 274 13.64 23.14 -71.82
N SER GA 275 13.00 23.80 -70.86
CA SER GA 275 13.63 24.05 -69.57
C SER GA 275 12.74 23.76 -68.36
N THR GA 276 11.42 23.75 -68.51
CA THR GA 276 10.53 23.49 -67.38
C THR GA 276 10.36 22.01 -67.10
N SER GA 277 10.66 21.14 -68.07
CA SER GA 277 10.65 19.70 -67.89
C SER GA 277 12.04 19.10 -68.03
N SER GA 278 13.07 19.93 -68.06
CA SER GA 278 14.45 19.47 -68.08
C SER GA 278 15.02 19.27 -66.68
N LYS GA 279 14.20 19.42 -65.64
CA LYS GA 279 14.65 19.08 -64.30
C LYS GA 279 14.80 17.58 -64.10
N ALA GA 280 14.13 16.79 -64.94
CA ALA GA 280 14.24 15.34 -64.92
C ALA GA 280 15.33 14.90 -65.90
N GLU GA 281 15.34 13.63 -66.23
CA GLU GA 281 16.28 13.00 -67.16
C GLU GA 281 15.88 13.31 -68.61
N PRO GA 282 16.86 13.55 -69.47
CA PRO GA 282 16.60 13.59 -70.91
C PRO GA 282 16.44 12.19 -71.46
N PRO GA 283 15.70 12.01 -72.56
CA PRO GA 283 15.35 10.66 -73.01
C PRO GA 283 16.51 9.94 -73.66
N GLN GA 284 16.61 8.65 -73.36
CA GLN GA 284 17.72 7.87 -73.88
C GLN GA 284 17.50 7.53 -75.35
N CYS GA 285 18.56 7.05 -75.99
CA CYS GA 285 18.54 6.62 -77.38
C CYS GA 285 18.80 5.13 -77.42
N THR GA 286 17.74 4.35 -77.63
CA THR GA 286 17.80 2.92 -77.38
C THR GA 286 18.35 2.13 -78.55
N SER GA 287 18.04 2.52 -79.79
CA SER GA 287 18.48 1.74 -80.94
C SER GA 287 19.01 2.65 -82.04
N LEU GA 288 19.65 2.01 -83.01
CA LEU GA 288 20.29 2.69 -84.13
C LEU GA 288 20.01 1.93 -85.42
N ALA GA 289 19.84 2.65 -86.50
CA ALA GA 289 19.52 2.02 -87.78
C ALA GA 289 20.19 2.76 -88.93
N TRP GA 290 20.88 1.99 -89.77
CA TRP GA 290 21.58 2.52 -90.93
C TRP GA 290 20.99 1.90 -92.18
N SER GA 291 20.50 2.73 -93.09
CA SER GA 291 19.86 2.22 -94.31
C SER GA 291 20.88 1.86 -95.38
N ALA GA 292 20.39 1.69 -96.61
CA ALA GA 292 21.25 1.25 -97.71
C ALA GA 292 22.20 2.35 -98.15
N ASP GA 293 21.64 3.51 -98.51
CA ASP GA 293 22.46 4.61 -99.03
C ASP GA 293 23.32 5.26 -97.96
N GLY GA 294 22.92 5.17 -96.69
CA GLY GA 294 23.65 5.81 -95.62
C GLY GA 294 23.37 7.29 -95.46
N GLN GA 295 22.53 7.87 -96.32
CA GLN GA 295 22.11 9.25 -96.13
C GLN GA 295 21.20 9.38 -94.91
N THR GA 296 20.46 8.31 -94.60
CA THR GA 296 19.50 8.31 -93.51
C THR GA 296 20.03 7.50 -92.33
N LEU GA 297 19.84 8.02 -91.13
CA LEU GA 297 20.09 7.32 -89.89
C LEU GA 297 18.87 7.41 -88.99
N PHE GA 298 18.38 6.25 -88.56
CA PHE GA 298 17.20 6.17 -87.72
C PHE GA 298 17.62 5.77 -86.32
N ALA GA 299 16.98 6.37 -85.32
CA ALA GA 299 17.29 6.10 -83.93
C ALA GA 299 16.02 5.83 -83.15
N GLY GA 300 16.07 4.88 -82.23
CA GLY GA 300 14.93 4.54 -81.39
C GLY GA 300 15.04 5.20 -80.02
N TYR GA 301 14.01 5.94 -79.67
CA TYR GA 301 14.06 6.79 -78.49
C TYR GA 301 13.05 6.33 -77.45
N THR GA 302 12.96 7.11 -76.37
CA THR GA 302 12.16 6.81 -75.20
C THR GA 302 10.94 7.73 -75.11
N ASP GA 303 10.86 8.73 -75.97
CA ASP GA 303 9.61 9.47 -76.18
C ASP GA 303 8.69 8.82 -77.18
N ASN GA 304 8.82 7.50 -77.36
CA ASN GA 304 7.96 6.65 -78.19
C ASN GA 304 8.04 7.01 -79.68
N LEU GA 305 9.19 7.47 -80.15
CA LEU GA 305 9.27 7.96 -81.51
C LEU GA 305 10.65 7.70 -82.10
N VAL GA 306 10.72 7.78 -83.43
CA VAL GA 306 11.90 7.44 -84.20
C VAL GA 306 12.34 8.67 -84.98
N ARG GA 307 13.57 9.12 -84.74
CA ARG GA 307 14.09 10.33 -85.36
C ARG GA 307 14.99 9.97 -86.55
N VAL GA 308 14.89 10.78 -87.61
CA VAL GA 308 15.66 10.56 -88.83
C VAL GA 308 16.81 11.57 -88.88
N TRP GA 309 17.96 11.11 -89.36
CA TRP GA 309 19.15 11.94 -89.47
C TRP GA 309 19.64 11.96 -90.91
N GLN GA 310 19.93 13.15 -91.42
CA GLN GA 310 20.34 13.35 -92.81
C GLN GA 310 21.78 13.79 -92.87
N VAL GA 311 22.55 13.20 -93.78
CA VAL GA 311 23.97 13.51 -93.95
C VAL GA 311 24.08 14.61 -94.99
N THR GA 312 24.18 15.86 -94.53
CA THR GA 312 24.33 17.00 -95.42
C THR GA 312 25.81 17.12 -95.80
N ILE GA 313 26.12 16.79 -97.06
CA ILE GA 313 27.49 16.84 -97.55
C ILE GA 313 27.86 18.30 -97.79
N GLY GA 314 28.66 18.86 -96.89
CA GLY GA 314 29.11 20.22 -97.02
C GLY GA 314 30.62 20.34 -97.00
N ASP IA 152 2.88 -29.26 -6.53
CA ASP IA 152 3.68 -28.14 -7.03
C ASP IA 152 3.44 -26.84 -6.28
N PRO IA 153 4.43 -26.37 -5.55
CA PRO IA 153 4.23 -25.17 -4.73
C PRO IA 153 4.34 -23.90 -5.55
N TYR IA 154 5.08 -24.01 -6.66
CA TYR IA 154 5.24 -22.91 -7.59
C TYR IA 154 3.91 -22.52 -8.20
N GLU IA 155 3.19 -23.49 -8.76
CA GLU IA 155 1.91 -23.22 -9.40
C GLU IA 155 0.87 -22.84 -8.39
N ASP IA 156 0.83 -23.53 -7.24
CA ASP IA 156 -0.19 -23.23 -6.25
C ASP IA 156 0.03 -21.87 -5.62
N PHE IA 157 1.28 -21.40 -5.57
CA PHE IA 157 1.54 -20.04 -5.16
C PHE IA 157 1.17 -19.05 -6.24
N GLN IA 158 1.56 -19.32 -7.48
CA GLN IA 158 1.28 -18.40 -8.58
C GLN IA 158 -0.22 -18.27 -8.87
N GLU IA 159 -1.00 -19.27 -8.49
CA GLU IA 159 -2.44 -19.19 -8.64
C GLU IA 159 -3.08 -18.58 -7.41
N ASN IA 160 -2.73 -19.08 -6.22
CA ASN IA 160 -3.49 -18.77 -5.03
C ASN IA 160 -2.82 -17.73 -4.15
N TRP IA 161 -1.88 -16.94 -4.68
CA TRP IA 161 -1.29 -15.84 -3.92
C TRP IA 161 -2.29 -14.73 -3.60
N ASN IA 162 -3.42 -14.70 -4.29
CA ASN IA 162 -4.42 -13.68 -4.17
C ASN IA 162 -5.58 -14.09 -3.31
N THR IA 163 -5.75 -15.38 -3.07
CA THR IA 163 -6.95 -15.91 -2.48
C THR IA 163 -6.83 -15.91 -0.95
N LYS IA 164 -7.73 -16.63 -0.27
CA LYS IA 164 -7.64 -16.81 1.18
C LYS IA 164 -6.42 -17.65 1.55
N HIS IA 165 -5.96 -18.51 0.67
CA HIS IA 165 -4.89 -19.44 0.98
C HIS IA 165 -3.52 -18.89 0.65
N SER IA 166 -3.36 -17.57 0.63
CA SER IA 166 -2.10 -16.98 0.20
C SER IA 166 -1.00 -17.20 1.21
N SER IA 167 -1.33 -17.07 2.49
CA SER IA 167 -0.32 -17.20 3.52
C SER IA 167 0.18 -18.63 3.60
N GLY IA 168 -0.73 -19.59 3.43
CA GLY IA 168 -0.33 -20.99 3.42
C GLY IA 168 0.52 -21.37 2.23
N VAL IA 169 0.17 -20.90 1.04
CA VAL IA 169 0.99 -21.23 -0.11
C VAL IA 169 2.32 -20.50 -0.13
N THR IA 170 2.42 -19.33 0.51
CA THR IA 170 3.71 -18.68 0.66
C THR IA 170 4.59 -19.43 1.66
N ARG IA 171 3.99 -19.91 2.75
CA ARG IA 171 4.70 -20.78 3.70
C ARG IA 171 5.23 -22.03 3.00
N GLU IA 172 4.40 -22.66 2.19
CA GLU IA 172 4.81 -23.88 1.51
C GLU IA 172 5.86 -23.63 0.43
N LEU IA 173 5.80 -22.47 -0.23
CA LEU IA 173 6.79 -22.14 -1.25
C LEU IA 173 8.15 -21.83 -0.62
N MET IA 174 8.16 -21.13 0.50
CA MET IA 174 9.44 -20.92 1.18
C MET IA 174 10.00 -22.22 1.72
N ARG IA 175 9.12 -23.14 2.13
CA ARG IA 175 9.57 -24.47 2.55
C ARG IA 175 10.24 -25.23 1.42
N GLU IA 176 9.70 -25.10 0.21
CA GLU IA 176 10.29 -25.80 -0.92
C GLU IA 176 11.60 -25.16 -1.34
N LEU IA 177 11.65 -23.82 -1.35
CA LEU IA 177 12.82 -23.12 -1.86
C LEU IA 177 13.98 -23.22 -0.89
N ASN IA 178 13.72 -23.11 0.40
CA ASN IA 178 14.82 -23.00 1.33
C ASN IA 178 15.41 -24.36 1.69
N GLY IA 179 14.63 -25.22 2.34
CA GLY IA 179 14.89 -26.65 2.32
C GLY IA 179 16.04 -27.23 3.14
N GLY IA 180 15.84 -28.46 3.63
CA GLY IA 180 16.83 -29.12 4.44
C GLY IA 180 16.66 -30.64 4.46
N GLU JA 47 -15.24 13.37 45.52
CA GLU JA 47 -14.54 12.85 46.67
C GLU JA 47 -13.87 13.98 47.41
N LEU JA 48 -12.90 14.62 46.75
CA LEU JA 48 -12.35 15.89 47.18
C LEU JA 48 -11.62 15.91 48.53
N SER JA 49 -10.32 15.62 48.48
CA SER JA 49 -9.32 16.08 49.45
C SER JA 49 -9.13 15.32 50.76
N ARG JA 50 -9.03 13.99 50.69
CA ARG JA 50 -8.38 13.11 51.66
C ARG JA 50 -9.12 12.95 52.99
N VAL JA 51 -9.95 13.91 53.35
CA VAL JA 51 -10.76 13.84 54.53
C VAL JA 51 -12.22 13.63 54.18
N ASP JA 52 -12.67 14.23 53.10
CA ASP JA 52 -13.94 13.86 52.51
C ASP JA 52 -13.85 12.64 51.61
N GLN JA 53 -12.70 11.98 51.56
CA GLN JA 53 -12.63 10.62 51.03
C GLN JA 53 -12.61 9.60 52.15
N ARG JA 54 -11.95 9.91 53.26
CA ARG JA 54 -11.99 9.05 54.42
C ARG JA 54 -13.34 9.08 55.10
N HIS JA 55 -14.01 10.23 55.05
CA HIS JA 55 -15.38 10.28 55.52
C HIS JA 55 -16.31 9.49 54.61
N ARG JA 56 -16.15 9.67 53.30
CA ARG JA 56 -16.99 9.01 52.31
C ARG JA 56 -16.88 7.49 52.37
N ALA JA 57 -15.70 6.99 52.75
CA ALA JA 57 -15.57 5.56 53.01
C ALA JA 57 -16.27 5.15 54.29
N SER JA 58 -16.32 6.05 55.28
CA SER JA 58 -16.84 5.65 56.60
C SER JA 58 -18.34 5.52 56.57
N GLN JA 59 -19.02 6.38 55.80
CA GLN JA 59 -20.47 6.28 55.63
C GLN JA 59 -20.83 4.98 54.93
N LEU JA 60 -20.21 4.71 53.79
CA LEU JA 60 -20.49 3.48 53.05
C LEU JA 60 -20.00 2.24 53.77
N ARG JA 61 -18.99 2.35 54.63
CA ARG JA 61 -18.69 1.23 55.51
C ARG JA 61 -19.77 1.07 56.55
N LYS JA 62 -20.27 2.18 57.10
CA LYS JA 62 -21.33 2.10 58.08
C LYS JA 62 -22.64 1.66 57.45
N GLN JA 63 -22.87 2.07 56.20
CA GLN JA 63 -24.06 1.68 55.46
C GLN JA 63 -24.15 0.17 55.30
N LYS JA 64 -23.05 -0.46 54.85
CA LYS JA 64 -23.05 -1.90 54.64
C LYS JA 64 -23.04 -2.65 55.96
N LYS JA 65 -22.27 -2.17 56.95
CA LYS JA 65 -22.13 -2.91 58.21
C LYS JA 65 -23.39 -2.88 59.05
N GLU JA 66 -24.32 -1.97 58.78
CA GLU JA 66 -25.56 -1.96 59.54
C GLU JA 66 -26.67 -2.70 58.80
N ALA JA 67 -26.57 -2.81 57.48
CA ALA JA 67 -27.59 -3.54 56.73
C ALA JA 67 -27.42 -5.04 56.89
N VAL JA 68 -26.19 -5.51 57.13
CA VAL JA 68 -25.98 -6.94 57.34
C VAL JA 68 -26.46 -7.38 58.72
N LEU JA 69 -26.77 -6.44 59.61
CA LEU JA 69 -27.23 -6.78 60.94
C LEU JA 69 -28.74 -6.77 61.07
N ALA JA 70 -29.45 -6.14 60.11
CA ALA JA 70 -30.90 -6.03 60.16
C ALA JA 70 -31.62 -7.34 59.86
N GLU JA 71 -30.90 -8.38 59.43
CA GLU JA 71 -31.48 -9.69 59.24
C GLU JA 71 -30.77 -10.78 60.03
N LYS JA 72 -29.73 -10.44 60.81
CA LYS JA 72 -29.02 -11.46 61.56
C LYS JA 72 -29.87 -11.98 62.73
N ARG JA 73 -30.71 -11.11 63.31
CA ARG JA 73 -31.55 -11.48 64.44
C ARG JA 73 -32.81 -12.21 64.02
N GLN JA 74 -32.91 -12.59 62.75
CA GLN JA 74 -34.01 -13.42 62.26
C GLN JA 74 -33.95 -14.83 62.81
N LEU JA 75 -32.80 -15.26 63.32
CA LEU JA 75 -32.58 -16.66 63.69
C LEU JA 75 -31.88 -16.75 65.02
N GLY JA 76 -32.42 -17.60 65.89
CA GLY JA 76 -31.69 -18.18 67.03
C GLY JA 76 -31.17 -17.21 68.07
N GLY JA 77 -31.98 -16.24 68.48
CA GLY JA 77 -31.61 -15.29 69.50
C GLY JA 77 -31.77 -15.87 70.90
N LYS JA 78 -31.68 -14.98 71.89
CA LYS JA 78 -31.99 -15.42 73.25
C LYS JA 78 -33.48 -15.64 73.41
N ASP JA 79 -34.29 -14.81 72.75
CA ASP JA 79 -35.73 -15.06 72.66
C ASP JA 79 -36.02 -16.40 71.99
N GLY JA 80 -35.25 -16.74 70.96
CA GLY JA 80 -35.02 -18.10 70.58
C GLY JA 80 -36.13 -18.90 69.91
N PRO JA 81 -36.50 -18.56 68.67
CA PRO JA 81 -37.02 -19.59 67.80
C PRO JA 81 -35.91 -20.59 67.55
N PRO JA 82 -36.12 -21.86 67.89
CA PRO JA 82 -34.99 -22.77 68.14
C PRO JA 82 -34.18 -23.08 66.88
N HIS JA 83 -32.88 -23.26 67.08
CA HIS JA 83 -31.93 -23.39 65.99
C HIS JA 83 -32.09 -24.75 65.32
N GLN JA 84 -32.94 -24.81 64.30
CA GLN JA 84 -33.28 -26.08 63.66
C GLN JA 84 -32.10 -26.58 62.84
N VAL JA 85 -31.60 -27.75 63.19
CA VAL JA 85 -30.50 -28.37 62.47
C VAL JA 85 -30.98 -29.73 61.99
N LEU JA 86 -31.14 -29.87 60.68
CA LEU JA 86 -31.44 -31.16 60.08
C LEU JA 86 -30.13 -31.88 59.82
N VAL JA 87 -30.10 -33.17 60.14
CA VAL JA 87 -28.91 -33.97 59.92
C VAL JA 87 -29.27 -35.18 59.09
N VAL JA 88 -28.52 -35.41 58.02
CA VAL JA 88 -28.70 -36.58 57.16
C VAL JA 88 -27.34 -37.25 56.94
N PRO JA 89 -27.29 -38.57 56.87
CA PRO JA 89 -26.07 -39.22 56.37
C PRO JA 89 -26.19 -39.51 54.89
N LEU JA 90 -25.08 -39.37 54.19
CA LEU JA 90 -25.08 -39.68 52.76
C LEU JA 90 -24.87 -41.17 52.51
N HIS JA 91 -23.70 -41.68 52.87
CA HIS JA 91 -23.36 -43.07 52.63
C HIS JA 91 -24.16 -43.97 53.57
N SER JA 92 -24.76 -45.02 53.00
CA SER JA 92 -25.64 -45.88 53.79
C SER JA 92 -24.89 -46.76 54.78
N ARG JA 93 -23.55 -46.80 54.70
CA ARG JA 93 -22.78 -47.42 55.77
C ARG JA 93 -22.93 -46.67 57.08
N ILE JA 94 -23.07 -45.35 57.01
CA ILE JA 94 -23.21 -44.50 58.19
C ILE JA 94 -24.60 -44.71 58.78
N SER JA 95 -24.68 -45.43 59.89
CA SER JA 95 -25.91 -45.49 60.65
C SER JA 95 -26.07 -44.21 61.47
N LEU JA 96 -27.22 -43.58 61.36
CA LEU JA 96 -27.48 -42.31 62.02
C LEU JA 96 -27.58 -42.36 63.56
N PRO JA 97 -28.10 -43.43 64.20
CA PRO JA 97 -27.95 -43.50 65.67
C PRO JA 97 -26.51 -43.64 66.19
N GLU JA 98 -25.51 -43.83 65.33
CA GLU JA 98 -24.13 -43.89 65.81
C GLU JA 98 -23.65 -42.51 66.26
N ALA JA 99 -24.04 -41.46 65.56
CA ALA JA 99 -23.47 -40.14 65.79
C ALA JA 99 -24.31 -39.26 66.69
N MET JA 100 -25.65 -39.38 66.65
CA MET JA 100 -26.52 -38.48 67.39
C MET JA 100 -26.40 -38.67 68.89
N GLN JA 101 -26.06 -39.88 69.35
CA GLN JA 101 -25.86 -40.12 70.78
C GLN JA 101 -24.66 -39.36 71.30
N LEU JA 102 -23.67 -39.11 70.43
CA LEU JA 102 -22.42 -38.52 70.84
C LEU JA 102 -22.57 -37.01 71.05
N LEU JA 103 -23.43 -36.38 70.28
CA LEU JA 103 -23.68 -34.96 70.40
C LEU JA 103 -24.82 -34.62 71.35
N GLN JA 104 -25.34 -35.60 72.09
CA GLN JA 104 -26.43 -35.33 73.02
C GLN JA 104 -25.96 -34.51 74.22
N ASP JA 105 -25.00 -35.02 74.97
CA ASP JA 105 -24.44 -34.24 76.07
C ASP JA 105 -22.92 -34.29 76.05
N GLY JA 109 -25.29 -30.43 76.44
CA GLY JA 109 -25.87 -30.08 77.72
C GLY JA 109 -27.07 -30.94 78.10
N THR JA 110 -28.20 -30.30 78.35
CA THR JA 110 -29.40 -31.00 78.79
C THR JA 110 -30.20 -31.49 77.59
N VAL JA 111 -30.49 -32.79 77.59
CA VAL JA 111 -31.11 -33.47 76.46
C VAL JA 111 -32.60 -33.60 76.73
N HIS JA 112 -33.42 -33.23 75.75
CA HIS JA 112 -34.87 -33.36 75.85
C HIS JA 112 -35.34 -34.20 74.66
N LEU JA 113 -35.57 -35.48 74.91
CA LEU JA 113 -35.98 -36.43 73.87
C LEU JA 113 -37.48 -36.29 73.63
N ASN JA 114 -37.85 -35.40 72.72
CA ASN JA 114 -39.23 -35.34 72.25
C ASN JA 114 -39.46 -36.51 71.30
N GLU JA 115 -40.25 -37.49 71.73
CA GLU JA 115 -40.39 -38.75 71.02
C GLU JA 115 -41.26 -38.59 69.78
N LEU JA 116 -40.85 -39.28 68.71
CA LEU JA 116 -41.54 -39.29 67.43
C LEU JA 116 -41.85 -40.74 67.06
N GLY JA 117 -42.24 -40.95 65.80
CA GLY JA 117 -42.59 -42.27 65.31
C GLY JA 117 -41.43 -43.24 65.26
N ASN JA 118 -40.46 -43.00 64.39
CA ASN JA 118 -39.28 -43.86 64.29
C ASN JA 118 -37.99 -43.12 64.62
N THR JA 119 -37.76 -41.95 64.05
CA THR JA 119 -36.53 -41.20 64.26
C THR JA 119 -36.63 -40.38 65.54
N GLN JA 120 -35.49 -40.19 66.20
CA GLN JA 120 -35.45 -39.42 67.43
C GLN JA 120 -35.15 -37.97 67.08
N ASN JA 121 -36.14 -37.10 67.22
CA ASN JA 121 -36.05 -35.70 66.80
C ASN JA 121 -36.15 -34.85 68.06
N PHE JA 122 -35.00 -34.43 68.59
CA PHE JA 122 -34.92 -33.91 69.93
C PHE JA 122 -34.38 -32.48 69.92
N MET JA 123 -34.29 -31.91 71.13
CA MET JA 123 -33.87 -30.54 71.34
C MET JA 123 -32.74 -30.54 72.36
N LEU JA 124 -31.86 -29.54 72.25
CA LEU JA 124 -30.64 -29.50 73.05
C LEU JA 124 -30.46 -28.13 73.67
N LEU JA 125 -30.07 -28.12 74.95
CA LEU JA 125 -29.75 -26.92 75.68
C LEU JA 125 -28.42 -27.12 76.39
N CYS JA 126 -27.41 -26.35 76.00
CA CYS JA 126 -26.15 -26.28 76.73
C CYS JA 126 -25.88 -24.82 77.06
N PRO JA 127 -26.07 -24.41 78.32
CA PRO JA 127 -26.04 -22.98 78.65
C PRO JA 127 -24.65 -22.49 79.04
N ARG JA 128 -23.61 -23.27 78.74
CA ARG JA 128 -22.26 -22.72 78.85
C ARG JA 128 -21.95 -21.78 77.70
N LEU JA 129 -22.71 -21.90 76.60
CA LEU JA 129 -22.69 -20.98 75.48
C LEU JA 129 -24.05 -20.30 75.32
N LYS JA 130 -25.07 -20.76 76.07
CA LYS JA 130 -26.39 -20.13 76.21
C LYS JA 130 -27.12 -20.05 74.87
N HIS JA 131 -27.27 -21.19 74.21
CA HIS JA 131 -28.01 -21.22 72.95
C HIS JA 131 -28.92 -22.43 72.94
N ARG JA 132 -29.98 -22.34 72.13
CA ARG JA 132 -31.04 -23.34 72.07
C ARG JA 132 -30.98 -23.99 70.70
N TRP JA 133 -30.36 -25.17 70.64
CA TRP JA 133 -30.31 -25.92 69.39
C TRP JA 133 -31.54 -26.81 69.27
N PHE JA 134 -31.80 -27.25 68.04
CA PHE JA 134 -32.89 -28.18 67.76
C PHE JA 134 -32.43 -29.12 66.66
N PHE JA 135 -32.55 -30.42 66.90
CA PHE JA 135 -31.99 -31.43 66.01
C PHE JA 135 -33.09 -32.30 65.45
N THR JA 136 -33.23 -32.29 64.13
CA THR JA 136 -34.05 -33.24 63.39
C THR JA 136 -33.15 -34.09 62.51
N SER JA 137 -33.62 -35.30 62.18
CA SER JA 137 -32.78 -36.26 61.51
C SER JA 137 -33.58 -36.99 60.44
N ALA JA 138 -32.95 -37.27 59.30
CA ALA JA 138 -33.62 -37.94 58.19
C ALA JA 138 -32.66 -38.91 57.52
N ARG JA 139 -33.16 -39.60 56.51
CA ARG JA 139 -32.46 -40.70 55.86
C ARG JA 139 -32.20 -40.39 54.39
N PRO JA 140 -31.11 -40.90 53.82
CA PRO JA 140 -30.81 -40.58 52.41
C PRO JA 140 -31.74 -41.29 51.46
N GLY JA 141 -32.16 -40.57 50.42
CA GLY JA 141 -32.98 -41.12 49.37
C GLY JA 141 -34.47 -41.05 49.61
N ASP JA 142 -34.91 -40.92 50.86
CA ASP JA 142 -36.33 -40.85 51.16
C ASP JA 142 -36.80 -39.45 50.83
N LEU JA 143 -37.59 -39.32 49.76
CA LEU JA 143 -38.05 -38.02 49.30
C LEU JA 143 -39.09 -37.45 50.25
N HIS JA 144 -39.81 -38.31 50.97
CA HIS JA 144 -40.88 -37.82 51.83
C HIS JA 144 -40.32 -37.12 53.06
N VAL JA 145 -39.54 -37.85 53.87
CA VAL JA 145 -39.11 -37.33 55.17
C VAL JA 145 -37.97 -36.33 55.08
N VAL JA 146 -37.36 -36.16 53.92
CA VAL JA 146 -36.29 -35.18 53.78
C VAL JA 146 -36.88 -33.84 53.37
N LEU JA 147 -37.64 -33.86 52.27
CA LEU JA 147 -38.01 -32.64 51.57
C LEU JA 147 -39.04 -31.82 52.34
N ASP JA 148 -39.69 -32.40 53.34
CA ASP JA 148 -40.74 -31.72 54.06
C ASP JA 148 -40.23 -30.95 55.28
N MET JA 149 -39.08 -31.32 55.82
CA MET JA 149 -38.55 -30.61 56.98
C MET JA 149 -37.14 -30.07 56.75
N ALA JA 150 -36.53 -30.34 55.60
CA ALA JA 150 -35.39 -29.57 55.15
C ALA JA 150 -35.81 -28.36 54.35
N LYS JA 151 -37.11 -28.09 54.26
CA LYS JA 151 -37.58 -26.87 53.63
C LYS JA 151 -37.84 -25.77 54.64
N VAL JA 152 -38.20 -26.10 55.87
CA VAL JA 152 -38.34 -25.12 56.94
C VAL JA 152 -37.13 -25.08 57.85
N ALA JA 153 -36.09 -25.83 57.53
CA ALA JA 153 -34.92 -25.88 58.39
C ALA JA 153 -34.06 -24.65 58.16
N ASP JA 154 -33.30 -24.29 59.20
CA ASP JA 154 -32.31 -23.24 59.11
C ASP JA 154 -30.94 -23.78 58.75
N THR JA 155 -30.62 -25.01 59.14
CA THR JA 155 -29.31 -25.59 58.92
C THR JA 155 -29.44 -27.06 58.55
N ILE JA 156 -28.67 -27.48 57.55
CA ILE JA 156 -28.51 -28.87 57.18
C ILE JA 156 -27.12 -29.32 57.57
N LEU JA 157 -27.01 -30.48 58.20
CA LEU JA 157 -25.73 -31.02 58.62
C LEU JA 157 -25.52 -32.33 57.89
N PHE JA 158 -24.63 -32.34 56.91
CA PHE JA 158 -24.33 -33.55 56.16
C PHE JA 158 -23.29 -34.39 56.90
N LEU JA 159 -23.46 -35.70 56.86
CA LEU JA 159 -22.51 -36.64 57.46
C LEU JA 159 -21.93 -37.50 56.35
N LEU JA 160 -20.68 -37.26 56.01
CA LEU JA 160 -20.01 -37.97 54.94
C LEU JA 160 -19.21 -39.14 55.51
N ASP JA 161 -19.02 -40.15 54.68
CA ASP JA 161 -18.23 -41.27 55.15
C ASP JA 161 -16.75 -40.99 54.89
N PRO JA 162 -15.86 -41.61 55.67
CA PRO JA 162 -14.42 -41.41 55.41
C PRO JA 162 -13.95 -42.05 54.11
N LEU JA 163 -14.50 -43.21 53.75
CA LEU JA 163 -13.99 -44.02 52.66
C LEU JA 163 -14.20 -43.37 51.31
N GLU JA 164 -15.47 -43.22 50.93
CA GLU JA 164 -15.88 -42.59 49.70
C GLU JA 164 -16.58 -41.28 50.03
N GLY JA 165 -17.17 -40.65 49.02
CA GLY JA 165 -17.91 -39.43 49.27
C GLY JA 165 -19.32 -39.71 49.71
N TRP JA 166 -20.01 -40.52 48.90
CA TRP JA 166 -21.42 -40.82 49.06
C TRP JA 166 -21.72 -42.01 48.18
N ASP JA 167 -22.73 -42.77 48.55
CA ASP JA 167 -23.21 -43.83 47.69
C ASP JA 167 -24.12 -43.24 46.62
N SER JA 168 -24.74 -44.12 45.82
CA SER JA 168 -25.55 -43.65 44.70
C SER JA 168 -26.88 -43.06 45.16
N THR JA 169 -27.44 -43.58 46.25
CA THR JA 169 -28.77 -43.13 46.67
C THR JA 169 -28.73 -41.80 47.40
N GLY JA 170 -27.64 -41.49 48.08
CA GLY JA 170 -27.53 -40.19 48.73
C GLY JA 170 -27.35 -39.08 47.72
N ASP JA 171 -26.76 -39.39 46.57
CA ASP JA 171 -26.61 -38.42 45.49
C ASP JA 171 -27.95 -38.00 44.91
N TYR JA 172 -28.96 -38.85 45.06
CA TYR JA 172 -30.31 -38.52 44.58
C TYR JA 172 -30.92 -37.40 45.41
N CYS JA 173 -31.03 -37.61 46.72
CA CYS JA 173 -31.61 -36.58 47.58
C CYS JA 173 -30.70 -35.38 47.74
N LEU JA 174 -29.41 -35.52 47.42
CA LEU JA 174 -28.53 -34.37 47.35
C LEU JA 174 -28.90 -33.47 46.18
N SER JA 175 -29.38 -34.06 45.09
CA SER JA 175 -29.72 -33.26 43.92
C SER JA 175 -31.01 -32.48 44.13
N CYS JA 176 -31.96 -33.08 44.84
CA CYS JA 176 -33.23 -32.40 45.09
C CYS JA 176 -33.06 -31.28 46.10
N LEU JA 177 -32.12 -31.43 47.03
CA LEU JA 177 -31.94 -30.41 48.06
C LEU JA 177 -31.26 -29.17 47.49
N PHE JA 178 -30.35 -29.36 46.54
CA PHE JA 178 -29.69 -28.22 45.91
C PHE JA 178 -30.67 -27.39 45.09
N ALA JA 179 -31.62 -28.05 44.45
CA ALA JA 179 -32.60 -27.35 43.64
C ALA JA 179 -33.77 -26.82 44.43
N GLN JA 180 -34.02 -27.37 45.63
CA GLN JA 180 -35.09 -26.86 46.46
C GLN JA 180 -34.74 -25.53 47.10
N GLY JA 181 -33.45 -25.22 47.22
CA GLY JA 181 -33.03 -24.07 47.98
C GLY JA 181 -32.30 -24.53 49.22
N LEU JA 182 -30.98 -24.47 49.19
CA LEU JA 182 -30.20 -24.97 50.29
C LEU JA 182 -30.13 -23.95 51.42
N PRO JA 183 -30.44 -24.33 52.66
CA PRO JA 183 -30.05 -23.50 53.80
C PRO JA 183 -28.56 -23.59 54.08
N THR JA 184 -28.15 -23.05 55.22
CA THR JA 184 -26.77 -23.19 55.66
C THR JA 184 -26.41 -24.65 55.85
N TYR JA 185 -25.30 -25.06 55.25
CA TYR JA 185 -24.90 -26.46 55.23
C TYR JA 185 -23.47 -26.59 55.72
N THR JA 186 -23.18 -27.73 56.33
CA THR JA 186 -21.83 -28.02 56.81
C THR JA 186 -21.55 -29.50 56.60
N LEU JA 187 -20.39 -29.79 56.02
CA LEU JA 187 -19.94 -31.16 55.92
C LEU JA 187 -19.52 -31.69 57.28
N ALA JA 188 -19.56 -33.01 57.42
CA ALA JA 188 -19.04 -33.67 58.60
C ALA JA 188 -18.74 -35.12 58.26
N VAL JA 189 -17.82 -35.71 59.00
CA VAL JA 189 -17.40 -37.09 58.81
C VAL JA 189 -17.28 -37.76 60.17
N GLN JA 190 -17.33 -39.09 60.15
CA GLN JA 190 -17.49 -39.87 61.38
C GLN JA 190 -16.34 -40.82 61.71
N GLY JA 191 -15.66 -41.39 60.71
CA GLY JA 191 -14.73 -42.47 60.98
C GLY JA 191 -13.29 -42.18 60.62
N ILE JA 192 -12.82 -40.98 60.94
CA ILE JA 192 -11.46 -40.59 60.59
C ILE JA 192 -10.45 -41.13 61.60
N SER JA 193 -10.69 -40.85 62.87
CA SER JA 193 -9.80 -41.31 63.93
C SER JA 193 -10.00 -42.78 64.27
N GLY JA 194 -11.03 -43.42 63.73
CA GLY JA 194 -11.20 -44.85 63.82
C GLY JA 194 -10.29 -45.64 62.91
N LEU JA 195 -9.57 -44.96 62.05
CA LEU JA 195 -8.49 -45.39 61.21
C LEU JA 195 -7.16 -45.16 61.94
N PRO JA 196 -6.06 -45.82 61.51
CA PRO JA 196 -4.79 -45.67 62.22
C PRO JA 196 -4.23 -44.25 62.17
N LEU JA 197 -3.21 -44.03 63.02
CA LEU JA 197 -2.64 -42.71 63.27
C LEU JA 197 -1.89 -42.13 62.08
N LYS JA 198 -1.63 -42.92 61.04
CA LYS JA 198 -1.16 -42.37 59.79
C LYS JA 198 -2.28 -42.28 58.75
N LYS JA 199 -3.20 -43.23 58.76
CA LYS JA 199 -4.20 -43.40 57.72
C LYS JA 199 -5.41 -42.46 57.87
N GLN JA 200 -5.30 -41.44 58.73
CA GLN JA 200 -6.33 -40.43 58.90
C GLN JA 200 -5.94 -39.09 58.31
N ILE JA 201 -4.64 -38.81 58.18
CA ILE JA 201 -4.20 -37.61 57.47
C ILE JA 201 -4.28 -37.78 55.96
N ASP JA 202 -4.45 -39.00 55.48
CA ASP JA 202 -4.73 -39.19 54.07
C ASP JA 202 -6.22 -39.19 53.79
N THR JA 203 -7.02 -39.70 54.72
CA THR JA 203 -8.43 -39.96 54.46
C THR JA 203 -9.23 -38.68 54.31
N ARG JA 204 -8.87 -37.62 55.06
CA ARG JA 204 -9.45 -36.31 54.76
C ARG JA 204 -8.95 -35.79 53.41
N LYS JA 205 -7.72 -36.14 53.04
CA LYS JA 205 -7.12 -35.66 51.79
C LYS JA 205 -7.52 -36.51 50.60
N LYS JA 206 -7.82 -37.79 50.80
CA LYS JA 206 -8.34 -38.57 49.69
C LYS JA 206 -9.83 -38.39 49.51
N LEU JA 207 -10.49 -37.68 50.42
CA LEU JA 207 -11.90 -37.38 50.31
C LEU JA 207 -12.16 -36.00 49.70
N SER JA 208 -11.45 -34.98 50.18
CA SER JA 208 -11.88 -33.59 50.02
C SER JA 208 -11.73 -33.06 48.59
N LYS JA 209 -11.15 -33.82 47.68
CA LYS JA 209 -11.21 -33.45 46.26
C LYS JA 209 -12.31 -34.21 45.54
N ALA JA 210 -12.72 -35.36 46.09
CA ALA JA 210 -13.84 -36.14 45.59
C ALA JA 210 -15.18 -35.62 46.09
N VAL JA 211 -15.19 -34.46 46.75
CA VAL JA 211 -16.42 -33.79 47.15
C VAL JA 211 -16.67 -32.54 46.33
N GLU JA 212 -15.65 -32.02 45.66
CA GLU JA 212 -15.71 -30.67 45.11
C GLU JA 212 -16.51 -30.57 43.83
N LYS JA 213 -16.74 -31.68 43.14
CA LYS JA 213 -17.62 -31.66 41.98
C LYS JA 213 -19.08 -31.53 42.38
N ARG JA 214 -19.40 -31.75 43.65
CA ARG JA 214 -20.63 -31.34 44.29
C ARG JA 214 -20.44 -30.11 45.17
N PHE JA 215 -19.44 -30.14 46.05
CA PHE JA 215 -19.26 -29.12 47.09
C PHE JA 215 -17.93 -28.42 46.90
N PRO JA 216 -17.90 -27.27 46.20
CA PRO JA 216 -16.64 -26.73 45.67
C PRO JA 216 -15.57 -26.36 46.69
N HIS JA 217 -15.97 -25.79 47.83
CA HIS JA 217 -15.02 -25.57 48.92
C HIS JA 217 -15.77 -25.51 50.23
N ASP JA 218 -15.25 -26.22 51.22
CA ASP JA 218 -15.70 -26.32 52.60
C ASP JA 218 -14.67 -27.14 53.36
N LYS JA 219 -14.41 -26.76 54.61
CA LYS JA 219 -13.65 -27.63 55.49
C LYS JA 219 -14.55 -28.76 55.99
N LEU JA 220 -13.93 -29.79 56.55
CA LEU JA 220 -14.66 -30.97 57.02
C LEU JA 220 -14.42 -31.12 58.52
N LEU JA 221 -15.45 -30.88 59.31
CA LEU JA 221 -15.37 -31.06 60.75
C LEU JA 221 -15.70 -32.50 61.08
N LEU JA 222 -14.73 -33.22 61.64
CA LEU JA 222 -14.97 -34.63 61.89
C LEU JA 222 -15.77 -34.81 63.17
N LEU JA 223 -16.32 -36.02 63.35
CA LEU JA 223 -17.09 -36.38 64.53
C LEU JA 223 -16.54 -37.69 65.09
N ASP JA 224 -15.81 -37.59 66.19
CA ASP JA 224 -15.41 -38.77 66.97
C ASP JA 224 -15.76 -38.61 68.44
N THR JA 225 -15.60 -37.42 69.00
CA THR JA 225 -15.88 -37.11 70.39
C THR JA 225 -16.96 -36.04 70.48
N GLN JA 226 -17.36 -35.70 71.71
CA GLN JA 226 -18.14 -34.50 71.94
C GLN JA 226 -17.27 -33.27 72.10
N GLN JA 227 -15.99 -33.44 72.43
CA GLN JA 227 -15.03 -32.36 72.33
C GLN JA 227 -14.62 -32.09 70.89
N GLU JA 228 -14.90 -33.03 69.98
CA GLU JA 228 -14.89 -32.75 68.57
C GLU JA 228 -16.19 -32.08 68.14
N ALA JA 229 -17.31 -32.51 68.73
CA ALA JA 229 -18.61 -31.92 68.47
C ALA JA 229 -18.79 -30.58 69.15
N GLY JA 230 -18.01 -30.31 70.19
CA GLY JA 230 -18.05 -28.98 70.80
C GLY JA 230 -17.53 -27.90 69.88
N MET JA 231 -16.58 -28.25 69.03
CA MET JA 231 -16.14 -27.35 67.97
C MET JA 231 -17.10 -27.34 66.79
N LEU JA 232 -18.07 -28.25 66.76
CA LEU JA 232 -19.04 -28.23 65.68
C LEU JA 232 -20.15 -27.24 65.96
N LEU JA 233 -20.66 -27.21 67.19
CA LEU JA 233 -21.76 -26.33 67.53
C LEU JA 233 -21.35 -24.88 67.51
N ARG JA 234 -20.08 -24.58 67.77
CA ARG JA 234 -19.60 -23.22 67.58
C ARG JA 234 -19.56 -22.86 66.10
N GLN JA 235 -19.01 -23.76 65.29
CA GLN JA 235 -18.99 -23.59 63.83
C GLN JA 235 -20.39 -23.54 63.26
N LEU JA 236 -21.30 -24.29 63.85
CA LEU JA 236 -22.71 -24.23 63.50
C LEU JA 236 -23.31 -22.88 63.88
N ALA JA 237 -22.86 -22.32 64.99
CA ALA JA 237 -23.45 -21.08 65.50
C ALA JA 237 -23.02 -19.87 64.68
N ASN JA 238 -21.75 -19.83 64.28
CA ASN JA 238 -21.20 -18.66 63.61
C ASN JA 238 -20.94 -19.03 62.15
N GLN JA 239 -21.97 -18.95 61.35
CA GLN JA 239 -21.94 -19.18 59.92
C GLN JA 239 -22.27 -17.88 59.22
N LYS JA 240 -22.36 -17.93 57.92
CA LYS JA 240 -23.06 -16.92 57.15
C LYS JA 240 -24.42 -17.49 56.82
N GLN JA 241 -25.46 -16.81 57.29
CA GLN JA 241 -26.82 -17.34 57.18
C GLN JA 241 -27.32 -17.16 55.75
N GLN JA 242 -27.37 -18.26 55.01
CA GLN JA 242 -28.04 -18.29 53.72
C GLN JA 242 -29.53 -18.06 53.93
N HIS JA 243 -30.06 -17.02 53.29
CA HIS JA 243 -31.45 -16.65 53.44
C HIS JA 243 -32.24 -17.25 52.29
N LEU JA 244 -33.10 -18.23 52.62
CA LEU JA 244 -34.05 -18.80 51.69
C LEU JA 244 -35.05 -17.72 51.30
N ALA JA 245 -35.07 -17.33 50.02
CA ALA JA 245 -35.86 -16.19 49.60
C ALA JA 245 -37.36 -16.48 49.58
N PHE JA 246 -37.75 -17.74 49.70
CA PHE JA 246 -39.18 -18.06 49.74
C PHE JA 246 -39.78 -17.77 51.10
N ARG JA 247 -39.12 -18.25 52.16
CA ARG JA 247 -39.76 -18.33 53.47
C ARG JA 247 -39.83 -17.01 54.20
N ASP JA 248 -39.04 -16.01 53.80
CA ASP JA 248 -39.03 -14.73 54.51
C ASP JA 248 -40.12 -13.77 54.03
N ARG JA 249 -41.19 -14.29 53.45
CA ARG JA 249 -42.42 -13.54 53.25
C ARG JA 249 -43.65 -14.22 53.82
N ARG JA 250 -43.62 -15.52 54.06
CA ARG JA 250 -44.74 -16.28 54.60
C ARG JA 250 -44.39 -16.79 55.99
N ALA JA 251 -45.43 -17.05 56.78
CA ALA JA 251 -45.28 -17.48 58.16
C ALA JA 251 -45.48 -19.00 58.22
N TYR JA 252 -44.42 -19.71 58.59
CA TYR JA 252 -44.42 -21.17 58.59
C TYR JA 252 -44.21 -21.69 60.01
N LEU JA 253 -44.21 -23.01 60.13
CA LEU JA 253 -44.23 -23.66 61.43
C LEU JA 253 -43.74 -25.10 61.27
N PHE JA 254 -43.22 -25.66 62.36
CA PHE JA 254 -42.81 -27.05 62.41
C PHE JA 254 -43.57 -27.77 63.52
N ALA JA 255 -43.94 -29.03 63.26
CA ALA JA 255 -44.75 -29.82 64.17
C ALA JA 255 -43.89 -30.39 65.29
N HIS JA 256 -44.22 -30.04 66.53
CA HIS JA 256 -43.58 -30.64 67.69
C HIS JA 256 -44.42 -31.72 68.35
N ALA JA 257 -45.74 -31.53 68.39
CA ALA JA 257 -46.65 -32.53 68.94
C ALA JA 257 -48.02 -32.32 68.31
N VAL JA 258 -48.53 -33.36 67.65
CA VAL JA 258 -49.82 -33.31 66.97
C VAL JA 258 -50.84 -34.06 67.82
N ASP JA 259 -51.96 -33.41 68.07
CA ASP JA 259 -53.07 -33.98 68.84
C ASP JA 259 -54.34 -33.87 68.01
N PHE JA 260 -55.23 -34.84 68.17
CA PHE JA 260 -56.43 -34.91 67.35
C PHE JA 260 -57.62 -35.40 68.15
N VAL JA 261 -58.78 -34.80 67.90
CA VAL JA 261 -60.07 -35.32 68.33
C VAL JA 261 -61.07 -35.02 67.21
N PRO JA 262 -61.81 -36.00 66.72
CA PRO JA 262 -62.71 -35.76 65.60
C PRO JA 262 -64.02 -35.13 66.05
N SER JA 263 -64.60 -34.33 65.15
CA SER JA 263 -65.95 -33.84 65.37
C SER JA 263 -66.96 -34.97 65.26
N GLU JA 264 -66.94 -35.69 64.14
CA GLU JA 264 -67.70 -36.91 63.96
C GLU JA 264 -66.75 -38.01 63.49
N GLU JA 265 -67.10 -39.25 63.80
CA GLU JA 265 -66.25 -40.38 63.46
C GLU JA 265 -66.70 -41.07 62.17
N ASN JA 266 -67.98 -40.97 61.82
CA ASN JA 266 -68.49 -41.66 60.64
C ASN JA 266 -67.99 -41.04 59.35
N ASN JA 267 -67.81 -39.72 59.33
CA ASN JA 267 -67.31 -39.04 58.14
C ASN JA 267 -65.78 -39.03 58.05
N LEU JA 268 -65.09 -39.49 59.10
CA LEU JA 268 -63.63 -39.65 59.16
C LEU JA 268 -62.91 -38.33 58.92
N VAL JA 269 -63.38 -37.28 59.59
CA VAL JA 269 -62.78 -35.95 59.46
C VAL JA 269 -63.06 -35.20 60.76
N GLY JA 270 -62.07 -34.45 61.23
CA GLY JA 270 -62.19 -33.74 62.48
C GLY JA 270 -61.28 -32.53 62.57
N THR JA 271 -60.85 -32.20 63.79
CA THR JA 271 -60.11 -31.00 64.08
C THR JA 271 -58.82 -31.34 64.82
N LEU JA 272 -57.72 -30.71 64.42
CA LEU JA 272 -56.40 -31.02 64.94
C LEU JA 272 -55.97 -30.01 65.99
N LYS JA 273 -55.14 -30.47 66.92
CA LYS JA 273 -54.43 -29.60 67.86
C LYS JA 273 -52.95 -29.70 67.51
N ILE JA 274 -52.52 -28.89 66.56
CA ILE JA 274 -51.14 -28.87 66.12
C ILE JA 274 -50.37 -27.86 66.96
N SER JA 275 -49.20 -28.27 67.45
CA SER JA 275 -48.37 -27.44 68.32
C SER JA 275 -46.98 -27.32 67.74
N GLY JA 276 -46.41 -26.12 67.84
CA GLY JA 276 -45.07 -25.89 67.36
C GLY JA 276 -44.77 -24.41 67.31
N TYR JA 277 -43.48 -24.11 67.13
CA TYR JA 277 -43.01 -22.74 67.11
C TYR JA 277 -43.40 -22.06 65.80
N VAL JA 278 -43.65 -20.76 65.88
CA VAL JA 278 -43.85 -19.94 64.70
C VAL JA 278 -42.49 -19.37 64.29
N ARG JA 279 -42.19 -19.45 62.98
CA ARG JA 279 -40.84 -19.19 62.50
C ARG JA 279 -40.79 -18.32 61.25
N GLY JA 280 -41.88 -17.64 60.89
CA GLY JA 280 -41.88 -16.90 59.64
C GLY JA 280 -41.98 -15.41 59.79
N GLN JA 281 -43.15 -14.87 59.49
CA GLN JA 281 -43.53 -13.50 59.74
C GLN JA 281 -44.61 -13.50 60.82
N THR JA 282 -45.19 -12.34 61.08
CA THR JA 282 -46.30 -12.23 62.01
C THR JA 282 -47.53 -12.98 61.48
N LEU JA 283 -47.88 -14.06 62.16
CA LEU JA 283 -48.89 -15.01 61.67
C LEU JA 283 -50.27 -14.39 61.89
N ASN JA 284 -50.88 -13.91 60.81
CA ASN JA 284 -52.23 -13.38 60.87
C ASN JA 284 -53.23 -14.52 61.03
N VAL JA 285 -54.37 -14.20 61.65
CA VAL JA 285 -55.36 -15.23 61.95
C VAL JA 285 -56.34 -15.42 60.78
N ASN JA 286 -56.57 -14.40 59.98
CA ASN JA 286 -57.54 -14.47 58.88
C ASN JA 286 -56.93 -14.95 57.57
N ARG JA 287 -55.72 -15.49 57.60
CA ARG JA 287 -55.12 -16.07 56.41
C ARG JA 287 -55.40 -17.57 56.36
N LEU JA 288 -55.19 -18.16 55.19
CA LEU JA 288 -55.45 -19.57 54.99
C LEU JA 288 -54.28 -20.39 55.53
N LEU JA 289 -54.40 -21.71 55.44
CA LEU JA 289 -53.39 -22.59 56.00
C LEU JA 289 -53.22 -23.81 55.11
N HIS JA 290 -52.01 -24.02 54.62
CA HIS JA 290 -51.71 -25.15 53.73
C HIS JA 290 -50.81 -26.14 54.45
N ILE JA 291 -51.35 -27.30 54.80
CA ILE JA 291 -50.52 -28.45 55.09
C ILE JA 291 -49.87 -28.89 53.78
N VAL JA 292 -48.56 -29.15 53.82
CA VAL JA 292 -47.78 -29.38 52.60
C VAL JA 292 -48.16 -30.65 51.85
N GLY JA 293 -48.86 -31.58 52.47
CA GLY JA 293 -49.18 -32.81 51.78
C GLY JA 293 -50.65 -33.13 51.72
N TYR JA 294 -51.49 -32.29 52.34
CA TYR JA 294 -52.90 -32.63 52.45
C TYR JA 294 -53.82 -31.44 52.14
N GLY JA 295 -53.46 -30.60 51.19
CA GLY JA 295 -54.37 -29.60 50.70
C GLY JA 295 -54.50 -28.38 51.60
N ASP JA 296 -55.37 -27.47 51.17
CA ASP JA 296 -55.57 -26.19 51.83
C ASP JA 296 -56.94 -26.13 52.48
N PHE JA 297 -57.01 -25.41 53.60
CA PHE JA 297 -58.22 -25.30 54.41
C PHE JA 297 -58.07 -24.08 55.32
N GLN JA 298 -59.15 -23.75 56.02
CA GLN JA 298 -59.17 -22.63 56.94
C GLN JA 298 -59.28 -23.11 58.38
N MET JA 299 -58.44 -22.57 59.24
CA MET JA 299 -58.45 -22.83 60.66
C MET JA 299 -59.44 -21.90 61.37
N LYS JA 300 -59.72 -22.20 62.64
CA LYS JA 300 -60.71 -21.43 63.37
C LYS JA 300 -60.23 -20.85 64.69
N GLN JA 301 -59.10 -21.30 65.24
CA GLN JA 301 -58.68 -20.80 66.54
C GLN JA 301 -57.17 -20.96 66.72
N ILE JA 302 -56.52 -19.87 67.14
CA ILE JA 302 -55.14 -19.91 67.60
C ILE JA 302 -55.12 -19.55 69.09
N ASP JA 303 -54.08 -20.02 69.76
CA ASP JA 303 -53.88 -19.81 71.19
C ASP JA 303 -52.44 -20.16 71.55
N ALA JA 304 -51.88 -19.38 72.46
CA ALA JA 304 -50.47 -19.54 72.81
C ALA JA 304 -50.34 -20.18 74.19
N PRO JA 305 -49.97 -21.47 74.28
CA PRO JA 305 -49.70 -22.06 75.59
C PRO JA 305 -48.31 -21.71 76.09
N GLY JA 306 -47.93 -22.26 77.24
CA GLY JA 306 -46.59 -22.04 77.74
C GLY JA 306 -45.55 -22.76 76.91
N ASP JA 307 -44.36 -22.19 76.87
CA ASP JA 307 -43.27 -22.78 76.11
C ASP JA 307 -42.78 -24.03 76.83
N PRO JA 308 -42.88 -25.21 76.22
CA PRO JA 308 -42.43 -26.43 76.90
C PRO JA 308 -40.92 -26.50 77.05
N PHE JA 309 -40.18 -25.81 76.20
CA PHE JA 309 -38.72 -25.77 76.27
C PHE JA 309 -38.25 -24.33 76.21
N PRO JA 310 -38.13 -23.66 77.35
CA PRO JA 310 -37.47 -22.36 77.38
C PRO JA 310 -35.96 -22.52 77.48
N LEU JA 311 -35.27 -21.42 77.14
CA LEU JA 311 -33.82 -21.39 77.26
C LEU JA 311 -33.40 -21.38 78.73
N ASN JA 312 -33.81 -20.35 79.46
CA ASN JA 312 -33.54 -20.23 80.89
C ASN JA 312 -34.85 -20.18 81.65
N PRO JA 313 -35.19 -21.17 82.48
CA PRO JA 313 -36.46 -21.23 83.21
C PRO JA 313 -36.59 -20.15 84.28
N LYS JA 342 -52.38 -20.81 77.30
CA LYS JA 342 -53.75 -21.06 77.75
C LYS JA 342 -54.63 -19.84 77.50
N VAL JA 343 -54.00 -18.72 77.17
CA VAL JA 343 -54.71 -17.46 76.94
C VAL JA 343 -55.16 -17.41 75.49
N LEU JA 344 -56.44 -17.15 75.26
CA LEU JA 344 -57.01 -17.02 73.93
C LEU JA 344 -56.93 -15.56 73.49
N MET JA 345 -56.39 -15.32 72.30
CA MET JA 345 -56.22 -13.93 71.89
C MET JA 345 -56.83 -13.59 70.53
N LYS JA 346 -56.87 -14.52 69.57
CA LYS JA 346 -57.46 -14.26 68.26
C LYS JA 346 -58.52 -15.28 67.94
N ALA JA 347 -59.57 -14.83 67.25
CA ALA JA 347 -60.63 -15.69 66.75
C ALA JA 347 -60.96 -15.29 65.32
N ASP JA 348 -61.43 -16.24 64.53
CA ASP JA 348 -61.69 -16.00 63.13
C ASP JA 348 -63.11 -15.50 62.92
N PRO JA 349 -63.31 -14.31 62.36
CA PRO JA 349 -64.67 -13.89 61.98
C PRO JA 349 -65.04 -14.36 60.59
N GLY JA 350 -66.23 -14.00 60.13
CA GLY JA 350 -66.62 -14.32 58.77
C GLY JA 350 -66.48 -13.14 57.84
N ARG JA 351 -66.30 -11.95 58.41
CA ARG JA 351 -66.28 -10.74 57.60
C ARG JA 351 -64.93 -10.54 56.91
N GLN JA 352 -63.85 -11.01 57.53
CA GLN JA 352 -62.51 -10.82 56.97
C GLN JA 352 -62.00 -12.07 56.28
N GLU JA 353 -62.46 -13.25 56.69
CA GLU JA 353 -61.97 -14.50 56.14
C GLU JA 353 -62.38 -14.67 54.69
N SER JA 354 -61.41 -14.95 53.83
CA SER JA 354 -61.66 -15.12 52.41
C SER JA 354 -62.15 -16.53 52.10
N LEU JA 355 -63.01 -16.64 51.10
CA LEU JA 355 -63.72 -17.88 50.81
C LEU JA 355 -62.82 -18.85 50.02
N GLN JA 356 -63.02 -20.13 50.27
CA GLN JA 356 -62.19 -21.20 49.72
C GLN JA 356 -62.85 -21.79 48.49
N ALA JA 357 -62.50 -21.25 47.31
CA ALA JA 357 -62.92 -21.83 46.04
C ALA JA 357 -61.86 -21.49 45.01
N GLU JA 358 -61.33 -22.52 44.36
CA GLU JA 358 -60.28 -22.32 43.38
C GLU JA 358 -60.79 -21.71 42.08
N VAL JA 359 -62.07 -21.87 41.77
CA VAL JA 359 -62.63 -21.40 40.51
C VAL JA 359 -63.65 -20.30 40.81
N ILE JA 360 -64.09 -19.64 39.76
CA ILE JA 360 -65.18 -18.66 39.88
C ILE JA 360 -66.49 -19.41 40.07
N PRO JA 361 -67.34 -19.03 41.03
CA PRO JA 361 -68.62 -19.74 41.18
C PRO JA 361 -69.59 -19.45 40.04
N ASP JA 362 -69.64 -18.23 39.56
CA ASP JA 362 -70.55 -17.89 38.47
C ASP JA 362 -69.90 -18.23 37.13
N PRO JA 363 -70.54 -19.07 36.31
CA PRO JA 363 -70.02 -19.41 34.97
C PRO JA 363 -70.29 -18.33 33.94
N ASP JA 464 -46.82 -55.25 29.55
CA ASP JA 464 -45.46 -54.84 29.89
C ASP JA 464 -44.62 -54.63 28.63
N GLU JA 465 -44.83 -55.48 27.63
CA GLU JA 465 -44.10 -55.38 26.38
C GLU JA 465 -44.76 -54.42 25.41
N GLU JA 466 -46.07 -54.15 25.59
CA GLU JA 466 -46.74 -53.14 24.78
C GLU JA 466 -46.26 -51.73 25.16
N ALA JA 467 -45.95 -51.52 26.44
CA ALA JA 467 -45.31 -50.27 26.82
C ALA JA 467 -43.84 -50.25 26.42
N GLU JA 468 -43.22 -51.43 26.33
CA GLU JA 468 -41.88 -51.51 25.74
C GLU JA 468 -41.95 -51.20 24.25
N ALA JA 469 -43.04 -51.61 23.60
CA ALA JA 469 -43.31 -51.16 22.23
C ALA JA 469 -43.58 -49.66 22.17
N LYS JA 470 -44.10 -49.07 23.25
CA LYS JA 470 -44.14 -47.62 23.35
C LYS JA 470 -42.79 -47.05 23.72
N MET JA 471 -41.94 -47.84 24.39
CA MET JA 471 -40.65 -47.35 24.85
C MET JA 471 -39.64 -47.28 23.71
N LEU JA 472 -39.61 -48.31 22.86
CA LEU JA 472 -38.66 -48.35 21.75
C LEU JA 472 -39.00 -47.30 20.69
N GLU JA 473 -40.28 -47.00 20.50
CA GLU JA 473 -40.65 -45.92 19.60
C GLU JA 473 -40.44 -44.55 20.25
N LYS JA 474 -40.43 -44.48 21.58
CA LYS JA 474 -40.11 -43.22 22.23
C LYS JA 474 -38.61 -42.96 22.29
N TYR JA 475 -37.79 -43.98 22.08
CA TYR JA 475 -36.40 -43.70 21.71
C TYR JA 475 -36.26 -43.35 20.24
N LYS JA 476 -37.35 -43.39 19.47
CA LYS JA 476 -37.33 -43.05 18.06
C LYS JA 476 -38.19 -41.86 17.70
N GLN JA 477 -39.42 -41.78 18.19
CA GLN JA 477 -40.27 -40.62 17.92
C GLN JA 477 -39.74 -39.36 18.61
N GLU JA 478 -39.00 -39.53 19.71
CA GLU JA 478 -38.17 -38.43 20.18
C GLU JA 478 -37.10 -38.08 19.15
N ARG JA 479 -36.44 -39.08 18.58
CA ARG JA 479 -35.36 -38.82 17.66
C ARG JA 479 -35.81 -38.41 16.27
N LEU JA 480 -37.11 -38.35 16.02
CA LEU JA 480 -37.58 -37.61 14.85
C LEU JA 480 -37.66 -36.11 15.11
N GLU JA 481 -37.32 -35.65 16.31
CA GLU JA 481 -37.37 -34.23 16.63
C GLU JA 481 -36.00 -33.57 16.70
N GLU JA 482 -34.94 -34.31 17.02
CA GLU JA 482 -33.61 -33.72 17.08
C GLU JA 482 -32.87 -33.76 15.76
N MET JA 483 -33.45 -34.34 14.71
CA MET JA 483 -32.92 -34.17 13.36
C MET JA 483 -33.90 -33.50 12.42
N PHE JA 484 -35.21 -33.67 12.63
CA PHE JA 484 -36.22 -32.99 11.86
C PHE JA 484 -37.03 -32.11 12.80
N PRO JA 485 -37.23 -30.83 12.51
CA PRO JA 485 -37.96 -29.97 13.44
C PRO JA 485 -39.43 -30.34 13.63
N ASP JA 486 -40.23 -30.31 12.57
CA ASP JA 486 -41.59 -30.82 12.66
C ASP JA 486 -41.99 -31.49 11.34
N GLU JA 487 -41.12 -32.35 10.82
CA GLU JA 487 -41.37 -32.99 9.53
C GLU JA 487 -42.51 -33.98 9.67
N VAL JA 488 -43.71 -33.56 9.27
CA VAL JA 488 -44.90 -34.39 9.29
C VAL JA 488 -45.16 -34.88 7.88
N ASP JA 489 -46.08 -35.82 7.75
CA ASP JA 489 -46.52 -36.28 6.44
C ASP JA 489 -47.78 -35.52 6.04
N THR JA 490 -47.81 -35.06 4.79
CA THR JA 490 -48.98 -34.34 4.32
C THR JA 490 -50.13 -35.33 4.07
N PRO JA 491 -51.37 -34.93 4.33
CA PRO JA 491 -52.49 -35.86 4.20
C PRO JA 491 -52.85 -36.11 2.73
N ARG JA 492 -52.84 -37.39 2.33
CA ARG JA 492 -53.19 -37.76 0.97
C ARG JA 492 -54.68 -37.98 0.78
N ASP JA 493 -55.41 -38.32 1.84
CA ASP JA 493 -56.83 -38.66 1.72
C ASP JA 493 -57.73 -37.44 1.89
N VAL JA 494 -57.63 -36.77 3.04
CA VAL JA 494 -58.50 -35.67 3.39
C VAL JA 494 -57.89 -34.37 2.86
N ALA JA 495 -58.74 -33.42 2.50
CA ALA JA 495 -58.28 -32.17 1.90
C ALA JA 495 -57.49 -31.32 2.89
N ALA JA 496 -56.64 -30.47 2.35
CA ALA JA 496 -55.71 -29.68 3.16
C ALA JA 496 -56.39 -28.56 3.92
N ARG JA 497 -57.53 -28.07 3.43
CA ARG JA 497 -58.31 -27.08 4.17
C ARG JA 497 -59.15 -27.70 5.28
N ILE JA 498 -59.07 -29.02 5.46
CA ILE JA 498 -59.82 -29.72 6.48
C ILE JA 498 -58.90 -30.27 7.56
N ARG JA 499 -57.79 -30.89 7.17
CA ARG JA 499 -56.85 -31.44 8.13
C ARG JA 499 -56.11 -30.34 8.87
N PHE JA 500 -55.69 -29.30 8.15
CA PHE JA 500 -54.99 -28.19 8.77
C PHE JA 500 -55.83 -26.94 8.66
N GLN JA 501 -57.12 -27.06 8.97
CA GLN JA 501 -58.04 -25.92 8.94
C GLN JA 501 -57.66 -24.91 10.02
N LYS JA 502 -57.40 -25.40 11.22
CA LYS JA 502 -57.35 -24.54 12.41
C LYS JA 502 -56.11 -23.66 12.45
N TYR JA 503 -55.09 -23.95 11.66
CA TYR JA 503 -53.81 -23.28 11.79
C TYR JA 503 -53.83 -21.96 11.03
N ARG JA 504 -52.68 -21.28 11.03
CA ARG JA 504 -52.48 -20.07 10.26
C ARG JA 504 -51.00 -19.93 9.97
N GLY JA 505 -50.68 -19.03 9.04
CA GLY JA 505 -49.30 -18.76 8.67
C GLY JA 505 -48.92 -17.35 9.10
N LEU JA 506 -47.76 -17.26 9.75
CA LEU JA 506 -47.25 -15.98 10.23
C LEU JA 506 -46.18 -15.47 9.29
N LYS JA 507 -46.25 -14.16 8.98
CA LYS JA 507 -45.25 -13.55 8.12
C LYS JA 507 -43.91 -13.45 8.83
N SER JA 508 -43.92 -13.18 10.12
CA SER JA 508 -42.71 -13.14 10.93
C SER JA 508 -43.08 -13.60 12.33
N PHE JA 509 -42.40 -14.62 12.83
CA PHE JA 509 -42.81 -15.28 14.06
C PHE JA 509 -42.73 -14.40 15.29
N ARG JA 510 -41.93 -13.34 15.25
CA ARG JA 510 -41.78 -12.47 16.41
C ARG JA 510 -42.49 -11.12 16.26
N THR JA 511 -42.57 -10.57 15.05
CA THR JA 511 -43.15 -9.25 14.84
C THR JA 511 -44.53 -9.31 14.20
N SER JA 512 -45.29 -10.36 14.43
CA SER JA 512 -46.63 -10.44 13.92
C SER JA 512 -47.65 -10.02 14.97
N PRO JA 513 -48.80 -9.48 14.57
CA PRO JA 513 -49.87 -9.25 15.53
C PRO JA 513 -50.61 -10.53 15.87
N TRP JA 514 -51.06 -10.63 17.11
CA TRP JA 514 -51.86 -11.76 17.54
C TRP JA 514 -52.78 -11.30 18.66
N ASP JA 515 -54.07 -11.52 18.49
CA ASP JA 515 -55.04 -11.17 19.51
C ASP JA 515 -54.93 -12.21 20.62
N PRO JA 516 -54.59 -11.81 21.86
CA PRO JA 516 -54.37 -12.81 22.91
C PRO JA 516 -55.64 -13.41 23.49
N LYS JA 517 -56.81 -12.99 23.04
CA LYS JA 517 -58.08 -13.46 23.58
C LYS JA 517 -59.07 -13.75 22.47
N GLU JA 518 -58.56 -14.26 21.35
CA GLU JA 518 -59.42 -14.50 20.19
C GLU JA 518 -60.31 -15.71 20.40
N ASN JA 519 -59.75 -16.83 20.84
CA ASN JA 519 -60.47 -18.08 21.07
C ASN JA 519 -60.15 -18.54 22.48
N LEU JA 520 -60.88 -18.04 23.45
CA LEU JA 520 -60.71 -18.52 24.80
C LEU JA 520 -61.41 -19.86 24.95
N PRO JA 521 -60.73 -20.87 25.50
CA PRO JA 521 -61.42 -22.13 25.81
C PRO JA 521 -62.32 -21.96 27.02
N GLN JA 522 -63.16 -22.96 27.25
CA GLN JA 522 -64.07 -22.91 28.39
C GLN JA 522 -63.36 -23.14 29.71
N ASP JA 523 -62.12 -23.64 29.70
CA ASP JA 523 -61.33 -23.71 30.91
C ASP JA 523 -60.78 -22.36 31.33
N TYR JA 524 -60.63 -21.43 30.39
CA TYR JA 524 -60.14 -20.10 30.73
C TYR JA 524 -61.23 -19.20 31.31
N ALA JA 525 -62.48 -19.64 31.29
CA ALA JA 525 -63.53 -19.00 32.07
C ALA JA 525 -63.59 -19.54 33.50
N ARG JA 526 -62.57 -20.30 33.91
CA ARG JA 526 -62.52 -20.92 35.22
C ARG JA 526 -61.23 -20.57 35.94
N ILE JA 527 -60.51 -19.54 35.49
CA ILE JA 527 -59.25 -19.11 36.07
C ILE JA 527 -59.32 -17.63 36.37
N PHE JA 528 -58.35 -17.16 37.12
CA PHE JA 528 -58.36 -15.81 37.67
C PHE JA 528 -57.29 -14.95 37.02
N GLN JA 529 -57.61 -13.68 36.81
CA GLN JA 529 -56.77 -12.74 36.09
C GLN JA 529 -56.17 -11.70 37.02
N PHE JA 530 -55.19 -10.97 36.49
CA PHE JA 530 -54.53 -9.88 37.20
C PHE JA 530 -54.57 -8.63 36.34
N GLN JA 531 -54.65 -7.48 36.98
CA GLN JA 531 -54.57 -6.24 36.21
C GLN JA 531 -53.13 -5.90 35.84
N ASN JA 532 -52.19 -6.13 36.76
CA ASN JA 532 -50.76 -5.93 36.50
C ASN JA 532 -50.04 -6.74 37.57
N PHE JA 533 -49.33 -7.80 37.16
CA PHE JA 533 -48.85 -8.78 38.13
C PHE JA 533 -47.70 -8.25 38.97
N THR JA 534 -46.79 -7.48 38.37
CA THR JA 534 -45.66 -6.99 39.14
C THR JA 534 -46.09 -5.92 40.13
N ASN JA 535 -46.95 -5.01 39.70
CA ASN JA 535 -47.38 -3.94 40.59
C ASN JA 535 -48.38 -4.40 41.63
N THR JA 536 -49.06 -5.52 41.42
CA THR JA 536 -49.80 -6.13 42.51
C THR JA 536 -48.93 -7.05 43.34
N ARG JA 537 -47.72 -7.37 42.88
CA ARG JA 537 -46.80 -8.10 43.71
C ARG JA 537 -46.07 -7.17 44.67
N LYS JA 538 -45.68 -5.98 44.19
CA LYS JA 538 -44.96 -5.05 45.05
C LYS JA 538 -45.86 -4.46 46.13
N SER JA 539 -47.17 -4.47 45.93
CA SER JA 539 -48.09 -3.99 46.95
C SER JA 539 -48.42 -5.07 47.97
N ILE JA 540 -48.32 -6.34 47.59
CA ILE JA 540 -48.50 -7.42 48.54
C ILE JA 540 -47.15 -7.83 49.14
N PHE JA 541 -46.04 -7.38 48.56
CA PHE JA 541 -44.75 -7.54 49.19
C PHE JA 541 -44.51 -6.50 50.27
N LYS JA 542 -45.05 -5.30 50.10
CA LYS JA 542 -44.78 -4.23 51.05
C LYS JA 542 -45.56 -4.42 52.35
N GLU JA 543 -46.77 -4.97 52.26
CA GLU JA 543 -47.65 -5.02 53.42
C GLU JA 543 -47.21 -6.05 54.46
N VAL JA 544 -46.46 -7.08 54.06
CA VAL JA 544 -46.00 -8.04 55.05
C VAL JA 544 -44.79 -7.47 55.80
N GLU JA 545 -44.01 -6.61 55.16
CA GLU JA 545 -42.79 -6.09 55.77
C GLU JA 545 -42.96 -4.66 56.28
N GLU JA 546 -43.39 -3.73 55.42
CA GLU JA 546 -43.50 -2.34 55.82
C GLU JA 546 -44.76 -2.02 56.61
N LYS JA 547 -45.66 -2.98 56.77
CA LYS JA 547 -46.89 -2.80 57.54
C LYS JA 547 -46.95 -3.90 58.58
N GLU JA 548 -47.35 -3.53 59.80
CA GLU JA 548 -47.47 -4.46 60.91
C GLU JA 548 -48.93 -4.83 61.11
N VAL JA 549 -49.23 -6.12 61.07
CA VAL JA 549 -50.58 -6.61 61.27
C VAL JA 549 -50.71 -7.10 62.71
N GLU JA 550 -51.95 -7.37 63.13
CA GLU JA 550 -52.25 -7.74 64.50
C GLU JA 550 -52.06 -9.23 64.78
N GLY JA 551 -51.33 -9.94 63.93
CA GLY JA 551 -51.10 -11.35 64.15
C GLY JA 551 -50.08 -11.60 65.25
N ALA JA 552 -49.92 -12.89 65.57
CA ALA JA 552 -48.95 -13.28 66.59
C ALA JA 552 -47.53 -13.17 66.03
N GLU JA 553 -46.63 -12.61 66.84
CA GLU JA 553 -45.27 -12.37 66.39
C GLU JA 553 -44.46 -13.67 66.47
N VAL JA 554 -43.31 -13.67 65.80
CA VAL JA 554 -42.46 -14.84 65.67
C VAL JA 554 -41.76 -15.17 66.99
N GLY JA 555 -41.19 -16.37 67.06
CA GLY JA 555 -40.48 -16.83 68.23
C GLY JA 555 -41.35 -17.41 69.31
N TRP JA 556 -42.67 -17.27 69.20
CA TRP JA 556 -43.58 -17.74 70.23
C TRP JA 556 -43.76 -19.25 70.11
N TYR JA 557 -44.47 -19.82 71.06
CA TYR JA 557 -44.93 -21.20 70.97
C TYR JA 557 -46.45 -21.16 70.89
N VAL JA 558 -46.99 -21.25 69.69
CA VAL JA 558 -48.43 -21.12 69.45
C VAL JA 558 -48.95 -22.46 68.96
N THR JA 559 -49.87 -23.04 69.72
CA THR JA 559 -50.62 -24.18 69.21
C THR JA 559 -51.86 -23.68 68.47
N LEU JA 560 -52.55 -24.59 67.78
CA LEU JA 560 -53.48 -24.16 66.74
C LEU JA 560 -54.62 -25.16 66.60
N HIS JA 561 -55.83 -24.64 66.50
CA HIS JA 561 -57.03 -25.42 66.23
C HIS JA 561 -57.48 -25.14 64.80
N VAL JA 562 -57.47 -26.18 63.97
CA VAL JA 562 -57.96 -26.09 62.60
C VAL JA 562 -59.38 -26.61 62.56
N SER JA 563 -60.09 -26.29 61.47
CA SER JA 563 -61.51 -26.62 61.41
C SER JA 563 -61.75 -28.06 60.94
N GLU JA 564 -61.38 -28.38 59.70
CA GLU JA 564 -61.84 -29.62 59.09
C GLU JA 564 -60.71 -30.25 58.29
N VAL JA 565 -59.98 -31.17 58.93
CA VAL JA 565 -58.91 -31.94 58.30
C VAL JA 565 -59.20 -33.41 58.58
N PRO JA 566 -59.10 -34.30 57.58
CA PRO JA 566 -59.42 -35.71 57.82
C PRO JA 566 -58.43 -36.40 58.75
N VAL JA 567 -58.84 -37.58 59.22
CA VAL JA 567 -58.10 -38.29 60.27
C VAL JA 567 -56.80 -38.89 59.75
N SER JA 568 -56.62 -38.97 58.43
CA SER JA 568 -55.46 -39.63 57.83
C SER JA 568 -54.15 -38.90 58.10
N VAL JA 569 -54.21 -37.63 58.51
CA VAL JA 569 -53.00 -36.85 58.78
C VAL JA 569 -52.42 -37.16 60.15
N VAL JA 570 -53.08 -37.97 60.95
CA VAL JA 570 -52.76 -38.12 62.36
C VAL JA 570 -51.84 -39.30 62.61
N GLU JA 571 -52.23 -40.48 62.15
CA GLU JA 571 -51.46 -41.69 62.42
C GLU JA 571 -50.17 -41.76 61.63
N CYS JA 572 -50.08 -41.03 60.51
CA CYS JA 572 -48.81 -40.98 59.78
C CYS JA 572 -47.78 -40.16 60.55
N PHE JA 573 -48.24 -39.18 61.33
CA PHE JA 573 -47.35 -38.52 62.27
C PHE JA 573 -46.87 -39.48 63.34
N ARG JA 574 -47.71 -40.44 63.72
CA ARG JA 574 -47.28 -41.50 64.64
C ARG JA 574 -46.37 -42.50 63.96
N GLN JA 575 -46.30 -42.51 62.63
CA GLN JA 575 -45.26 -43.28 61.94
C GLN JA 575 -43.92 -42.55 61.96
N GLY JA 576 -43.94 -41.21 61.92
CA GLY JA 576 -42.70 -40.48 62.06
C GLY JA 576 -42.57 -39.24 61.21
N THR JA 577 -43.41 -39.09 60.19
CA THR JA 577 -43.23 -37.90 59.35
C THR JA 577 -43.87 -36.69 60.02
N PRO JA 578 -43.24 -35.52 59.90
CA PRO JA 578 -43.83 -34.30 60.45
C PRO JA 578 -44.74 -33.60 59.44
N LEU JA 579 -45.65 -32.80 59.98
CA LEU JA 579 -46.63 -32.09 59.17
C LEU JA 579 -46.35 -30.60 59.25
N ILE JA 580 -46.17 -29.98 58.09
CA ILE JA 580 -45.76 -28.59 58.00
C ILE JA 580 -46.92 -27.77 57.47
N ALA JA 581 -47.25 -26.69 58.15
CA ALA JA 581 -48.32 -25.80 57.76
C ALA JA 581 -47.78 -24.38 57.68
N PHE JA 582 -48.19 -23.63 56.67
CA PHE JA 582 -47.73 -22.26 56.52
C PHE JA 582 -48.84 -21.39 55.97
N SER JA 583 -48.80 -20.11 56.32
CA SER JA 583 -49.84 -19.18 55.91
C SER JA 583 -49.66 -18.79 54.44
N LEU JA 584 -50.72 -18.26 53.86
CA LEU JA 584 -50.74 -17.88 52.45
C LEU JA 584 -50.99 -16.38 52.32
N LEU JA 585 -50.45 -15.80 51.26
CA LEU JA 585 -50.77 -14.43 50.92
C LEU JA 585 -52.19 -14.35 50.36
N PRO JA 586 -52.78 -13.16 50.31
CA PRO JA 586 -54.02 -12.99 49.55
C PRO JA 586 -53.86 -13.35 48.08
N HIS JA 587 -54.93 -13.90 47.51
CA HIS JA 587 -54.98 -14.45 46.16
C HIS JA 587 -53.91 -15.52 45.95
N GLU JA 588 -53.96 -16.54 46.80
CA GLU JA 588 -53.07 -17.69 46.66
C GLU JA 588 -53.83 -19.01 46.79
N GLN JA 589 -55.14 -18.99 46.61
CA GLN JA 589 -55.98 -20.17 46.75
C GLN JA 589 -56.77 -20.48 45.50
N LYS JA 590 -56.78 -19.58 44.53
CA LYS JA 590 -57.61 -19.71 43.33
C LYS JA 590 -56.79 -20.41 42.24
N MET JA 591 -57.29 -20.36 41.00
CA MET JA 591 -56.64 -21.02 39.88
C MET JA 591 -56.20 -20.00 38.85
N SER JA 592 -55.02 -20.22 38.29
CA SER JA 592 -54.53 -19.44 37.16
C SER JA 592 -53.60 -20.32 36.33
N VAL JA 593 -52.83 -19.68 35.45
CA VAL JA 593 -51.97 -20.40 34.51
C VAL JA 593 -50.53 -20.06 34.87
N LEU JA 594 -49.84 -21.02 35.48
CA LEU JA 594 -48.48 -20.82 35.96
C LEU JA 594 -47.46 -21.18 34.87
N ASN JA 595 -46.48 -20.29 34.69
CA ASN JA 595 -45.35 -20.52 33.80
C ASN JA 595 -44.11 -20.68 34.67
N MET JA 596 -43.30 -21.69 34.35
CA MET JA 596 -42.19 -22.02 35.23
C MET JA 596 -41.03 -22.60 34.41
N VAL JA 597 -39.84 -22.09 34.67
CA VAL JA 597 -38.65 -22.46 33.90
C VAL JA 597 -38.11 -23.77 34.43
N VAL JA 598 -37.91 -24.73 33.55
CA VAL JA 598 -37.28 -25.98 33.94
C VAL JA 598 -36.00 -26.18 33.12
N ARG JA 599 -35.05 -26.89 33.72
CA ARG JA 599 -33.91 -27.46 33.04
C ARG JA 599 -33.94 -28.94 33.30
N ARG JA 600 -33.78 -29.74 32.27
CA ARG JA 600 -33.86 -31.18 32.44
C ARG JA 600 -32.62 -31.70 33.15
N ASP JA 601 -32.84 -32.43 34.22
CA ASP JA 601 -31.74 -32.98 35.00
C ASP JA 601 -31.10 -34.13 34.22
N PRO JA 602 -29.78 -34.10 34.00
CA PRO JA 602 -29.14 -35.14 33.20
C PRO JA 602 -28.94 -36.46 33.93
N GLY JA 603 -29.41 -36.59 35.18
CA GLY JA 603 -29.39 -37.88 35.84
C GLY JA 603 -30.35 -38.88 35.22
N ASN JA 604 -31.38 -38.39 34.53
CA ASN JA 604 -32.33 -39.24 33.84
C ASN JA 604 -32.14 -39.13 32.34
N THR JA 605 -32.39 -40.25 31.65
CA THR JA 605 -32.18 -40.35 30.22
C THR JA 605 -33.45 -40.66 29.45
N GLU JA 606 -34.61 -40.68 30.10
CA GLU JA 606 -35.84 -41.10 29.47
C GLU JA 606 -36.57 -39.91 28.83
N PRO JA 607 -37.18 -40.11 27.68
CA PRO JA 607 -37.91 -39.03 27.03
C PRO JA 607 -39.28 -38.79 27.63
N VAL JA 608 -39.73 -37.55 27.52
CA VAL JA 608 -40.99 -37.08 28.10
C VAL JA 608 -41.80 -36.40 27.01
N LYS JA 609 -43.05 -36.81 26.85
CA LYS JA 609 -43.92 -36.17 25.88
C LYS JA 609 -44.35 -34.78 26.37
N ALA JA 610 -45.01 -34.04 25.49
CA ALA JA 610 -45.39 -32.67 25.82
C ALA JA 610 -46.60 -32.59 26.73
N LYS JA 611 -47.31 -33.69 26.94
CA LYS JA 611 -48.52 -33.70 27.76
C LYS JA 611 -48.53 -34.92 28.69
N GLU JA 612 -47.42 -35.14 29.40
CA GLU JA 612 -47.31 -36.26 30.31
C GLU JA 612 -47.87 -35.90 31.69
N GLU JA 613 -47.81 -36.87 32.61
CA GLU JA 613 -48.23 -36.66 33.99
C GLU JA 613 -46.99 -36.69 34.88
N LEU JA 614 -46.74 -35.59 35.59
CA LEU JA 614 -45.50 -35.40 36.31
C LEU JA 614 -45.78 -34.83 37.69
N ILE JA 615 -44.91 -35.20 38.64
CA ILE JA 615 -45.03 -34.77 40.03
C ILE JA 615 -44.33 -33.42 40.16
N PHE JA 616 -45.09 -32.41 40.59
CA PHE JA 616 -44.58 -31.05 40.70
C PHE JA 616 -44.38 -30.67 42.16
N HIS JA 617 -43.24 -30.06 42.45
CA HIS JA 617 -42.95 -29.49 43.76
C HIS JA 617 -42.64 -28.02 43.52
N CYS JA 618 -43.68 -27.19 43.48
CA CYS JA 618 -43.49 -25.79 43.13
C CYS JA 618 -43.68 -24.95 44.39
N GLY JA 619 -42.59 -24.78 45.12
CA GLY JA 619 -42.54 -23.87 46.26
C GLY JA 619 -43.42 -24.24 47.42
N PHE JA 620 -43.08 -25.33 48.12
CA PHE JA 620 -43.71 -25.93 49.29
C PHE JA 620 -45.01 -26.65 48.94
N ARG JA 621 -45.43 -26.67 47.68
CA ARG JA 621 -46.59 -27.43 47.23
C ARG JA 621 -46.14 -28.76 46.67
N ARG JA 622 -47.10 -29.68 46.54
CA ARG JA 622 -46.87 -30.99 45.93
C ARG JA 622 -48.13 -31.39 45.18
N PHE JA 623 -48.04 -31.50 43.86
CA PHE JA 623 -49.19 -31.91 43.07
C PHE JA 623 -48.73 -32.54 41.76
N ARG JA 624 -49.62 -33.37 41.20
CA ARG JA 624 -49.45 -33.89 39.85
C ARG JA 624 -50.13 -32.95 38.87
N ALA JA 625 -49.62 -32.96 37.63
CA ALA JA 625 -50.08 -31.99 36.64
C ALA JA 625 -49.81 -32.54 35.25
N SER JA 626 -50.19 -31.75 34.24
CA SER JA 626 -49.89 -32.07 32.84
C SER JA 626 -49.50 -30.77 32.14
N PRO JA 627 -48.21 -30.49 32.02
CA PRO JA 627 -47.77 -29.17 31.56
C PRO JA 627 -47.74 -29.03 30.06
N LEU JA 628 -47.24 -27.90 29.58
CA LEU JA 628 -46.94 -27.68 28.17
C LEU JA 628 -45.51 -27.17 28.10
N PHE JA 629 -44.61 -27.96 27.53
CA PHE JA 629 -43.23 -27.53 27.39
C PHE JA 629 -43.15 -26.43 26.34
N SER JA 630 -42.37 -25.40 26.61
CA SER JA 630 -42.26 -24.29 25.68
C SER JA 630 -40.84 -23.74 25.71
N GLN JA 631 -40.57 -22.81 24.80
CA GLN JA 631 -39.25 -22.21 24.68
C GLN JA 631 -39.18 -20.91 25.45
N HIS JA 632 -37.96 -20.56 25.85
CA HIS JA 632 -37.72 -19.45 26.78
C HIS JA 632 -37.17 -18.25 26.01
N THR JA 633 -38.07 -17.44 25.46
CA THR JA 633 -37.72 -16.21 24.77
C THR JA 633 -38.36 -15.01 25.47
N ALA JA 634 -38.09 -13.83 24.91
CA ALA JA 634 -38.63 -12.59 25.42
C ALA JA 634 -39.80 -12.07 24.61
N ALA JA 635 -39.96 -12.54 23.37
CA ALA JA 635 -41.10 -12.14 22.57
C ALA JA 635 -42.38 -12.79 23.10
N ASP JA 636 -43.51 -12.30 22.59
CA ASP JA 636 -44.80 -12.71 23.15
C ASP JA 636 -45.17 -14.13 22.72
N LYS JA 637 -44.95 -14.48 21.46
CA LYS JA 637 -45.21 -15.84 21.02
C LYS JA 637 -44.13 -16.79 21.55
N HIS JA 638 -44.51 -18.06 21.68
CA HIS JA 638 -43.58 -19.08 22.12
C HIS JA 638 -43.93 -20.39 21.41
N LYS JA 639 -42.93 -21.04 20.84
CA LYS JA 639 -43.16 -22.24 20.03
C LYS JA 639 -43.08 -23.48 20.91
N LEU JA 640 -44.07 -24.35 20.78
CA LEU JA 640 -44.12 -25.58 21.56
C LEU JA 640 -42.99 -26.53 21.18
N GLN JA 641 -42.27 -27.01 22.18
CA GLN JA 641 -41.32 -28.10 22.00
C GLN JA 641 -42.04 -29.38 22.43
N ARG JA 642 -42.23 -30.30 21.48
CA ARG JA 642 -43.07 -31.46 21.72
C ARG JA 642 -42.46 -32.47 22.68
N PHE JA 643 -41.20 -32.33 23.06
CA PHE JA 643 -40.58 -33.26 23.98
C PHE JA 643 -39.68 -32.49 24.93
N LEU JA 644 -38.82 -33.21 25.63
CA LEU JA 644 -37.89 -32.60 26.58
C LEU JA 644 -36.47 -32.73 26.06
N THR JA 645 -35.77 -31.62 25.95
CA THR JA 645 -34.37 -31.61 25.57
C THR JA 645 -33.48 -31.47 26.80
N ALA JA 646 -32.20 -31.81 26.62
CA ALA JA 646 -31.27 -31.91 27.74
C ALA JA 646 -30.39 -30.68 27.92
N ASP JA 647 -30.49 -29.69 27.04
CA ASP JA 647 -29.60 -28.55 27.15
C ASP JA 647 -30.30 -27.20 27.10
N MET JA 648 -31.35 -27.07 26.30
CA MET JA 648 -32.14 -25.85 26.29
C MET JA 648 -33.02 -25.79 27.53
N ALA JA 649 -33.10 -24.61 28.14
CA ALA JA 649 -34.00 -24.42 29.27
C ALA JA 649 -35.42 -24.20 28.75
N LEU JA 650 -36.34 -25.04 29.20
CA LEU JA 650 -37.72 -25.00 28.73
C LEU JA 650 -38.64 -24.46 29.82
N VAL JA 651 -39.84 -24.09 29.40
CA VAL JA 651 -40.85 -23.55 30.30
C VAL JA 651 -42.04 -24.49 30.31
N ALA JA 652 -42.42 -24.96 31.49
CA ALA JA 652 -43.66 -25.71 31.66
C ALA JA 652 -44.81 -24.74 31.90
N THR JA 653 -46.00 -25.14 31.47
CA THR JA 653 -47.18 -24.27 31.58
C THR JA 653 -48.39 -25.13 31.92
N VAL JA 654 -49.04 -24.84 33.04
CA VAL JA 654 -50.08 -25.72 33.55
C VAL JA 654 -51.01 -24.90 34.45
N TYR JA 655 -52.24 -25.38 34.62
CA TYR JA 655 -53.14 -24.84 35.63
C TYR JA 655 -52.71 -25.34 37.00
N ALA JA 656 -52.59 -24.41 37.95
CA ALA JA 656 -52.16 -24.73 39.30
C ALA JA 656 -52.61 -23.60 40.22
N PRO JA 657 -52.65 -23.82 41.53
CA PRO JA 657 -52.91 -22.70 42.44
C PRO JA 657 -51.77 -21.68 42.43
N ILE JA 658 -52.15 -20.43 42.65
CA ILE JA 658 -51.22 -19.31 42.50
C ILE JA 658 -50.22 -19.31 43.65
N THR JA 659 -48.94 -19.41 43.31
CA THR JA 659 -47.86 -19.19 44.26
C THR JA 659 -47.05 -17.99 43.78
N PHE JA 660 -46.89 -17.00 44.64
CA PHE JA 660 -46.18 -15.79 44.26
C PHE JA 660 -44.68 -16.08 44.10
N PRO JA 661 -44.04 -15.51 43.09
CA PRO JA 661 -42.62 -15.80 42.86
C PRO JA 661 -41.77 -15.10 43.90
N PRO JA 662 -40.59 -15.65 44.22
CA PRO JA 662 -39.92 -16.81 43.66
C PRO JA 662 -40.30 -18.13 44.32
N ALA JA 663 -40.08 -19.23 43.63
CA ALA JA 663 -40.40 -20.55 44.15
C ALA JA 663 -39.55 -21.58 43.43
N SER JA 664 -38.91 -22.45 44.19
CA SER JA 664 -38.07 -23.50 43.61
C SER JA 664 -38.92 -24.67 43.14
N VAL JA 665 -38.57 -25.20 41.97
CA VAL JA 665 -39.38 -26.20 41.29
C VAL JA 665 -38.62 -27.51 41.22
N LEU JA 666 -39.33 -28.61 41.43
CA LEU JA 666 -38.82 -29.95 41.16
C LEU JA 666 -39.85 -30.71 40.35
N LEU JA 667 -39.38 -31.62 39.49
CA LEU JA 667 -40.24 -32.42 38.64
C LEU JA 667 -39.83 -33.87 38.73
N PHE JA 668 -40.80 -34.74 39.01
CA PHE JA 668 -40.52 -36.16 39.17
C PHE JA 668 -41.43 -36.99 38.28
N LYS JA 669 -41.09 -38.27 38.15
CA LYS JA 669 -41.86 -39.21 37.34
C LYS JA 669 -41.64 -40.62 37.87
N GLN JA 670 -42.73 -41.34 38.09
CA GLN JA 670 -42.66 -42.73 38.57
C GLN JA 670 -42.17 -43.62 37.44
N LYS JA 671 -40.97 -44.17 37.58
CA LYS JA 671 -40.51 -45.13 36.58
C LYS JA 671 -41.14 -46.51 36.80
N SER JA 672 -41.02 -47.06 38.00
CA SER JA 672 -41.59 -48.34 38.39
C SER JA 672 -41.54 -48.44 39.91
N ASN JA 673 -42.50 -49.19 40.46
CA ASN JA 673 -42.65 -49.43 41.91
C ASN JA 673 -42.82 -48.13 42.69
N GLY JA 674 -43.36 -47.09 42.06
CA GLY JA 674 -43.51 -45.82 42.72
C GLY JA 674 -42.23 -45.04 42.97
N MET JA 675 -41.09 -45.51 42.44
CA MET JA 675 -39.84 -44.79 42.59
C MET JA 675 -39.88 -43.52 41.75
N HIS JA 676 -39.68 -42.38 42.39
CA HIS JA 676 -39.80 -41.08 41.72
C HIS JA 676 -38.46 -40.73 41.11
N SER JA 677 -38.42 -40.61 39.80
CA SER JA 677 -37.21 -40.28 39.06
C SER JA 677 -37.15 -38.77 38.88
N LEU JA 678 -36.11 -38.15 39.43
CA LEU JA 678 -35.94 -36.71 39.28
C LEU JA 678 -35.47 -36.40 37.87
N ILE JA 679 -36.26 -35.62 37.13
CA ILE JA 679 -35.94 -35.35 35.74
C ILE JA 679 -35.73 -33.87 35.44
N ALA JA 680 -36.30 -32.95 36.21
CA ALA JA 680 -36.17 -31.54 35.88
C ALA JA 680 -36.18 -30.69 37.13
N THR JA 681 -35.30 -29.70 37.15
CA THR JA 681 -35.22 -28.70 38.21
C THR JA 681 -35.44 -27.33 37.57
N GLY JA 682 -35.64 -26.32 38.39
CA GLY JA 682 -35.74 -24.98 37.88
C GLY JA 682 -36.47 -24.05 38.84
N HIS JA 683 -36.78 -22.86 38.34
CA HIS JA 683 -37.46 -21.86 39.14
C HIS JA 683 -38.75 -21.39 38.48
N LEU JA 684 -39.37 -20.35 39.02
CA LEU JA 684 -40.70 -19.95 38.60
C LEU JA 684 -40.64 -18.66 37.79
N MET JA 685 -41.39 -18.64 36.69
CA MET JA 685 -41.63 -17.44 35.91
C MET JA 685 -42.94 -16.79 36.37
N SER JA 686 -43.43 -15.83 35.60
CA SER JA 686 -44.68 -15.17 35.95
C SER JA 686 -45.87 -16.08 35.66
N VAL JA 687 -46.75 -16.22 36.66
CA VAL JA 687 -48.04 -16.87 36.47
C VAL JA 687 -49.00 -15.91 35.77
N ASP JA 688 -49.40 -16.27 34.55
CA ASP JA 688 -50.34 -15.48 33.76
C ASP JA 688 -50.88 -16.37 32.65
N PRO JA 689 -52.11 -16.14 32.20
CA PRO JA 689 -52.60 -16.83 31.00
C PRO JA 689 -52.22 -16.14 29.71
N ASP JA 690 -51.58 -14.97 29.77
CA ASP JA 690 -51.28 -14.20 28.57
C ASP JA 690 -50.06 -14.71 27.81
N ARG JA 691 -49.41 -15.75 28.31
CA ARG JA 691 -48.29 -16.33 27.58
C ARG JA 691 -48.82 -17.15 26.41
N MET JA 692 -48.44 -16.75 25.20
CA MET JA 692 -48.86 -17.42 23.99
C MET JA 692 -47.92 -18.58 23.70
N VAL JA 693 -48.37 -19.81 23.97
CA VAL JA 693 -47.64 -21.00 23.53
C VAL JA 693 -48.28 -21.46 22.23
N ILE JA 694 -47.44 -21.74 21.23
CA ILE JA 694 -47.88 -21.95 19.86
C ILE JA 694 -47.43 -23.32 19.40
N LYS JA 695 -48.37 -24.13 18.92
CA LYS JA 695 -48.03 -25.40 18.29
C LYS JA 695 -47.84 -25.17 16.80
N ARG JA 696 -46.70 -25.61 16.29
CA ARG JA 696 -46.40 -25.49 14.86
C ARG JA 696 -46.74 -26.78 14.14
N VAL JA 697 -46.83 -26.69 12.81
CA VAL JA 697 -46.77 -27.86 11.96
C VAL JA 697 -46.14 -27.46 10.62
N VAL JA 698 -45.12 -28.22 10.22
CA VAL JA 698 -44.32 -27.89 9.05
C VAL JA 698 -44.77 -28.79 7.90
N LEU JA 699 -45.16 -28.18 6.78
CA LEU JA 699 -45.59 -28.89 5.59
C LEU JA 699 -44.44 -28.96 4.60
N SER JA 700 -43.88 -30.14 4.42
CA SER JA 700 -42.70 -30.32 3.58
C SER JA 700 -43.12 -30.68 2.16
N GLY JA 701 -42.45 -30.07 1.18
CA GLY JA 701 -42.69 -30.38 -0.21
C GLY JA 701 -41.41 -30.77 -0.91
N HIS JA 702 -41.42 -30.73 -2.24
CA HIS JA 702 -40.21 -30.98 -2.99
C HIS JA 702 -40.26 -30.31 -4.35
N PRO JA 703 -39.30 -29.45 -4.68
CA PRO JA 703 -39.29 -28.87 -6.03
C PRO JA 703 -38.60 -29.79 -7.03
N PHE JA 704 -39.24 -30.08 -8.16
CA PHE JA 704 -38.67 -31.04 -9.09
C PHE JA 704 -38.44 -30.52 -10.50
N LYS JA 705 -39.03 -29.38 -10.85
CA LYS JA 705 -38.64 -28.63 -12.04
C LYS JA 705 -38.24 -27.24 -11.57
N ILE JA 706 -36.98 -26.89 -11.73
CA ILE JA 706 -36.48 -25.59 -11.36
C ILE JA 706 -36.22 -24.80 -12.63
N PHE JA 707 -36.48 -23.52 -12.58
CA PHE JA 707 -36.17 -22.64 -13.69
C PHE JA 707 -35.33 -21.48 -13.20
N THR JA 708 -35.16 -20.49 -14.06
CA THR JA 708 -34.60 -19.21 -13.67
C THR JA 708 -35.62 -18.48 -12.79
N LYS JA 709 -35.41 -18.57 -11.47
CA LYS JA 709 -36.19 -17.90 -10.42
C LYS JA 709 -37.66 -18.30 -10.41
N MET JA 710 -37.99 -19.51 -10.86
CA MET JA 710 -39.30 -20.12 -10.69
C MET JA 710 -39.09 -21.57 -10.30
N ALA JA 711 -40.16 -22.21 -9.84
CA ALA JA 711 -39.99 -23.54 -9.27
C ALA JA 711 -41.31 -24.31 -9.31
N VAL JA 712 -41.23 -25.59 -9.63
CA VAL JA 712 -42.38 -26.47 -9.65
C VAL JA 712 -42.24 -27.48 -8.53
N VAL JA 713 -43.10 -27.34 -7.52
CA VAL JA 713 -42.97 -28.05 -6.25
C VAL JA 713 -43.95 -29.20 -6.23
N ARG JA 714 -43.41 -30.41 -6.34
CA ARG JA 714 -44.14 -31.65 -6.19
C ARG JA 714 -44.44 -31.89 -4.72
N TYR JA 715 -45.53 -32.63 -4.46
CA TYR JA 715 -45.81 -33.33 -3.19
C TYR JA 715 -46.24 -32.47 -1.99
N MET JA 716 -46.09 -31.14 -2.04
CA MET JA 716 -46.48 -30.33 -0.88
C MET JA 716 -47.99 -30.29 -0.69
N PHE JA 717 -48.73 -30.07 -1.76
CA PHE JA 717 -50.17 -30.26 -1.72
C PHE JA 717 -50.56 -31.32 -2.72
N PHE JA 718 -51.83 -31.70 -2.69
CA PHE JA 718 -52.34 -32.69 -3.62
C PHE JA 718 -53.50 -32.20 -4.45
N ASN JA 719 -54.40 -31.43 -3.87
CA ASN JA 719 -55.48 -30.81 -4.62
C ASN JA 719 -54.94 -29.59 -5.36
N ARG JA 720 -55.77 -29.06 -6.25
CA ARG JA 720 -55.42 -27.81 -6.91
C ARG JA 720 -55.96 -26.61 -6.15
N GLU JA 721 -57.08 -26.79 -5.45
CA GLU JA 721 -57.81 -25.67 -4.89
C GLU JA 721 -57.16 -25.11 -3.62
N ASP JA 722 -56.54 -25.95 -2.80
CA ASP JA 722 -55.93 -25.50 -1.57
C ASP JA 722 -54.65 -24.71 -1.80
N VAL JA 723 -54.08 -24.75 -3.00
CA VAL JA 723 -52.94 -23.91 -3.33
C VAL JA 723 -53.34 -22.44 -3.28
N LEU JA 724 -54.57 -22.12 -3.69
CA LEU JA 724 -55.08 -20.77 -3.52
C LEU JA 724 -55.47 -20.49 -2.08
N TRP JA 725 -55.68 -21.51 -1.26
CA TRP JA 725 -55.95 -21.33 0.16
C TRP JA 725 -54.69 -20.91 0.91
N PHE JA 726 -53.59 -21.61 0.66
CA PHE JA 726 -52.32 -21.36 1.32
C PHE JA 726 -51.40 -20.46 0.50
N LYS JA 727 -51.93 -19.79 -0.51
CA LYS JA 727 -51.14 -18.84 -1.30
C LYS JA 727 -50.58 -17.67 -0.49
N PRO JA 728 -51.33 -16.95 0.38
CA PRO JA 728 -50.68 -15.85 1.11
C PRO JA 728 -49.72 -16.30 2.19
N VAL JA 729 -49.70 -17.57 2.56
CA VAL JA 729 -48.77 -18.04 3.57
C VAL JA 729 -47.38 -18.16 2.94
N GLU JA 730 -46.41 -17.46 3.52
CA GLU JA 730 -45.07 -17.35 2.96
C GLU JA 730 -44.36 -18.68 3.03
N LEU JA 731 -43.39 -18.87 2.13
CA LEU JA 731 -42.63 -20.10 2.03
C LEU JA 731 -41.18 -19.87 2.44
N ARG JA 732 -40.53 -20.96 2.85
CA ARG JA 732 -39.12 -20.96 3.17
C ARG JA 732 -38.51 -22.25 2.67
N THR JA 733 -37.19 -22.27 2.53
CA THR JA 733 -36.50 -23.50 2.16
C THR JA 733 -35.57 -23.91 3.28
N LYS JA 734 -34.96 -25.07 3.11
CA LYS JA 734 -34.00 -25.55 4.09
C LYS JA 734 -32.63 -24.92 3.92
N TRP JA 735 -32.42 -24.10 2.89
CA TRP JA 735 -31.15 -23.45 2.65
C TRP JA 735 -31.26 -21.94 2.80
N GLY JA 736 -32.30 -21.46 3.46
CA GLY JA 736 -32.43 -20.08 3.82
C GLY JA 736 -33.22 -19.23 2.85
N ARG JA 737 -33.60 -19.78 1.69
CA ARG JA 737 -34.27 -18.99 0.69
C ARG JA 737 -35.70 -18.69 1.11
N ARG JA 738 -36.07 -17.42 1.00
CA ARG JA 738 -37.46 -17.02 1.16
C ARG JA 738 -38.18 -17.16 -0.17
N GLY JA 739 -39.48 -17.42 -0.10
CA GLY JA 739 -40.27 -17.49 -1.31
C GLY JA 739 -41.74 -17.45 -0.99
N HIS JA 740 -42.55 -17.53 -2.04
CA HIS JA 740 -43.98 -17.55 -1.88
C HIS JA 740 -44.59 -18.29 -3.06
N ILE JA 741 -45.82 -18.76 -2.87
CA ILE JA 741 -46.55 -19.45 -3.92
C ILE JA 741 -47.05 -18.42 -4.93
N LYS JA 742 -46.76 -18.67 -6.21
CA LYS JA 742 -47.11 -17.75 -7.29
C LYS JA 742 -48.39 -18.16 -7.99
N GLU JA 743 -48.40 -19.34 -8.60
CA GLU JA 743 -49.59 -19.91 -9.23
C GLU JA 743 -49.55 -21.41 -9.02
N PRO JA 744 -50.67 -22.10 -9.21
CA PRO JA 744 -50.60 -23.54 -9.46
C PRO JA 744 -50.57 -23.85 -10.95
N LEU JA 745 -49.96 -24.98 -11.30
CA LEU JA 745 -49.94 -25.39 -12.70
C LEU JA 745 -50.50 -26.79 -12.91
N GLY JA 746 -50.43 -27.65 -11.93
CA GLY JA 746 -51.03 -28.96 -12.08
C GLY JA 746 -52.47 -29.00 -11.63
N THR JA 747 -53.26 -29.84 -12.30
CA THR JA 747 -54.52 -30.30 -11.71
C THR JA 747 -54.23 -31.24 -10.55
N HIS JA 748 -53.17 -32.03 -10.66
CA HIS JA 748 -52.58 -32.65 -9.48
C HIS JA 748 -51.91 -31.59 -8.60
N GLY JA 749 -51.34 -32.04 -7.50
CA GLY JA 749 -50.76 -31.10 -6.57
C GLY JA 749 -49.39 -30.57 -6.93
N HIS JA 750 -49.31 -29.73 -7.95
CA HIS JA 750 -48.10 -29.00 -8.27
C HIS JA 750 -48.38 -27.51 -8.26
N MET JA 751 -47.31 -26.71 -8.22
CA MET JA 751 -47.47 -25.28 -8.06
C MET JA 751 -46.25 -24.56 -8.61
N LYS JA 752 -46.44 -23.28 -8.91
CA LYS JA 752 -45.37 -22.39 -9.34
C LYS JA 752 -45.06 -21.43 -8.19
N CYS JA 753 -43.79 -21.24 -7.88
CA CYS JA 753 -43.41 -20.43 -6.74
C CYS JA 753 -42.22 -19.55 -7.11
N SER JA 754 -42.38 -18.24 -6.96
CA SER JA 754 -41.26 -17.35 -7.16
C SER JA 754 -40.34 -17.40 -5.94
N PHE JA 755 -39.06 -17.11 -6.16
CA PHE JA 755 -38.08 -17.14 -5.09
C PHE JA 755 -37.10 -15.99 -5.28
N ASP JA 756 -36.18 -15.86 -4.32
CA ASP JA 756 -35.25 -14.73 -4.29
C ASP JA 756 -33.84 -15.10 -4.77
N GLY JA 757 -33.28 -16.19 -4.25
CA GLY JA 757 -32.13 -16.80 -4.86
C GLY JA 757 -32.56 -17.82 -5.89
N LYS JA 758 -31.58 -18.42 -6.54
CA LYS JA 758 -31.88 -19.58 -7.37
C LYS JA 758 -31.88 -20.82 -6.48
N LEU JA 759 -32.95 -21.61 -6.58
CA LEU JA 759 -33.06 -22.82 -5.80
C LEU JA 759 -31.98 -23.81 -6.18
N LYS JA 760 -31.54 -24.60 -5.22
CA LYS JA 760 -30.59 -25.65 -5.50
C LYS JA 760 -31.32 -26.96 -5.72
N SER JA 761 -30.63 -27.89 -6.36
CA SER JA 761 -31.19 -29.20 -6.61
C SER JA 761 -31.31 -30.01 -5.33
N GLN JA 762 -30.56 -29.66 -4.27
CA GLN JA 762 -30.58 -30.39 -3.03
C GLN JA 762 -31.70 -29.93 -2.09
N ASP JA 763 -32.47 -28.92 -2.47
CA ASP JA 763 -33.35 -28.24 -1.52
C ASP JA 763 -34.56 -29.07 -1.16
N THR JA 764 -35.33 -28.53 -0.22
CA THR JA 764 -36.61 -29.08 0.20
C THR JA 764 -37.42 -27.90 0.71
N VAL JA 765 -38.30 -27.35 -0.12
CA VAL JA 765 -39.07 -26.19 0.28
C VAL JA 765 -40.21 -26.64 1.17
N LEU JA 766 -40.43 -25.88 2.25
CA LEU JA 766 -41.40 -26.27 3.25
C LEU JA 766 -42.00 -25.04 3.90
N MET JA 767 -43.28 -25.15 4.25
CA MET JA 767 -44.00 -24.03 4.84
C MET JA 767 -44.38 -24.34 6.28
N ASN JA 768 -44.62 -23.27 7.03
CA ASN JA 768 -44.88 -23.34 8.45
C ASN JA 768 -46.31 -22.95 8.72
N LEU JA 769 -47.03 -23.78 9.46
CA LEU JA 769 -48.38 -23.46 9.91
C LEU JA 769 -48.39 -23.40 11.43
N TYR JA 770 -49.12 -22.42 11.96
CA TYR JA 770 -49.09 -22.12 13.39
C TYR JA 770 -50.50 -21.98 13.93
N LYS JA 771 -50.67 -22.39 15.18
CA LYS JA 771 -51.92 -22.21 15.91
C LYS JA 771 -51.62 -22.16 17.40
N ARG JA 772 -52.57 -21.60 18.16
CA ARG JA 772 -52.45 -21.55 19.60
C ARG JA 772 -52.77 -22.90 20.21
N VAL JA 773 -52.27 -23.12 21.42
CA VAL JA 773 -52.50 -24.37 22.14
C VAL JA 773 -52.69 -24.05 23.61
N PHE JA 774 -53.53 -24.84 24.28
CA PHE JA 774 -53.83 -24.66 25.70
C PHE JA 774 -53.61 -25.97 26.44
N PRO JA 775 -53.14 -25.91 27.69
CA PRO JA 775 -52.87 -27.14 28.43
C PRO JA 775 -54.14 -27.81 28.91
N LYS JA 776 -53.96 -28.99 29.48
CA LYS JA 776 -55.08 -29.77 29.99
C LYS JA 776 -55.31 -29.44 31.47
N TRP JA 777 -56.55 -29.66 31.91
CA TRP JA 777 -56.91 -29.48 33.32
C TRP JA 777 -56.94 -30.86 33.99
N THR JA 778 -55.75 -31.33 34.35
CA THR JA 778 -55.60 -32.59 35.07
C THR JA 778 -55.02 -32.37 36.46
N TYR JA 779 -55.43 -31.29 37.12
CA TYR JA 779 -54.87 -30.95 38.42
C TYR JA 779 -55.43 -31.87 39.50
N ASP JA 780 -54.54 -32.32 40.39
CA ASP JA 780 -54.93 -33.08 41.55
C ASP JA 780 -53.98 -32.72 42.68
N PRO JA 781 -54.49 -32.37 43.86
CA PRO JA 781 -53.61 -32.09 44.99
C PRO JA 781 -53.02 -33.34 45.63
N TYR JA 782 -53.49 -34.52 45.29
CA TYR JA 782 -52.98 -35.74 45.91
C TYR JA 782 -51.76 -36.25 45.18
N VAL JA 783 -50.70 -36.52 45.94
CA VAL JA 783 -49.50 -37.17 45.41
C VAL JA 783 -49.31 -38.49 46.17
N PRO JA 784 -49.00 -39.59 45.49
CA PRO JA 784 -48.64 -40.81 46.22
C PRO JA 784 -47.33 -40.65 46.95
N GLU JA 785 -47.26 -41.22 48.14
CA GLU JA 785 -46.04 -41.18 48.93
C GLU JA 785 -44.99 -42.08 48.29
N PRO JA 786 -43.82 -41.56 47.94
CA PRO JA 786 -42.82 -42.38 47.26
C PRO JA 786 -42.19 -43.40 48.21
N VAL JA 787 -41.58 -44.41 47.60
CA VAL JA 787 -40.90 -45.48 48.32
C VAL JA 787 -39.49 -44.99 48.64
N PRO JA 788 -38.71 -45.70 49.47
CA PRO JA 788 -37.26 -45.41 49.55
C PRO JA 788 -36.58 -45.60 48.22
N TRP JA 789 -36.04 -44.50 47.69
CA TRP JA 789 -35.49 -44.47 46.35
C TRP JA 789 -34.15 -45.20 46.32
N LEU JA 790 -34.09 -46.30 45.58
CA LEU JA 790 -32.88 -47.07 45.38
C LEU JA 790 -32.55 -47.14 43.90
N LYS JA 791 -31.56 -47.96 43.55
CA LYS JA 791 -31.21 -48.18 42.16
C LYS JA 791 -31.90 -49.43 41.62
N SER JA 792 -31.64 -49.73 40.36
CA SER JA 792 -32.21 -50.89 39.71
C SER JA 792 -31.12 -51.88 39.31
ZN ZN KA . -11.17 37.11 -14.48
ZN ZN LA . -25.29 -33.33 -34.63
ZN ZN MA . -47.94 -74.77 -31.52
#